data_6NJN
#
_entry.id   6NJN
#
loop_
_entity.id
_entity.type
_entity.pdbx_description
1 polymer 'Glutamate receptor 1'
2 polymer 'Glutamate receptor 2'
3 polymer 'Glutamate receptor 3'
4 polymer "A'-C' auxiliary proteins"
5 polymer 'Voltage-dependent calcium channel gamma-2 subunit'
6 polymer '11B8 scFv'
7 polymer '15F1 Fab light chain'
8 polymer '15F1 Fab heavy chain'
9 polymer '5B2 Fab'
10 branched beta-D-mannopyranose-(1-4)-2-acetamido-2-deoxy-beta-D-glucopyranose-(1-4)-2-acetamido-2-deoxy-beta-D-glucopyranose
11 branched 2-acetamido-2-deoxy-beta-D-glucopyranose-(1-4)-2-acetamido-2-deoxy-beta-D-glucopyranose
12 non-polymer '{[7-morpholin-4-yl-2,3-dioxo-6-(trifluoromethyl)-3,4-dihydroquinoxalin-1(2H)-yl]methyl}phosphonic acid'
13 non-polymer 2-acetamido-2-deoxy-beta-D-glucopyranose
#
loop_
_entity_poly.entity_id
_entity_poly.type
_entity_poly.pdbx_seq_one_letter_code
_entity_poly.pdbx_strand_id
1 'polypeptide(L)'
;MPYIFAFFCTGFLGAVVGANFPNNIQIGGLFPNQQSQEHAAFRFALSQLTEPPKLLPQIDIVNISDSFEMTYRFCSQFSK
GVYAIFGFYERRTVNMLTSFCGALHVCFITPSFPVDTSNQFVLQLRPELQEALISIIDHYKWQTFVYIYDADRGLSVLQR
VLDTAAEKNWQVTAVNILTTTEEGYRMLFQDLEKKKERLVVVDCESERLNAILGQIVKLEKNGIGYHYILANLGFMDIDL
NKFKESGANVTGFQLVNYTDTIPARIMQQWRTSDSRDHTRVDWKRPKYTSALTYDGVKVMAEAFQSLRRQRIDISRRGNA
GDCLANPAVPWGQGIDIQRALQQVRFEGLTGNVQFNEKGRRTNYTLHVIEMKHDGIRKIGYWNEDDKFVPAATDAQAGGD
NSSVQNRTYIVTTILEDPYVMLKKNANQFEGNDRYEGYCVELAAEIAKHVGYSYRLEIVSDGKYGARDPDTKAWNGMVGE
LVYGRADVAVAPLTITLVREEVIDFSKPFMSLGISIMIKKPQKSKPGVFSFLDPLAYEIWMCIVFAYIGVSVVLFLVSRF
SPYEWHSEEFEEGRDQTTSDQSNEFGIFNSLWFSLGAFMQQGCDISPRSLSGRIVGGVWWFFTLIIISSYTANLAAFLTV
ERMVSPIESAEDLAKQTEIAYGTLEAGSTKEFFRRSKIAVFEKMWTYMKSAEPSVFVRTTEEGMIRVRKSKGKYAYLLES
TMNEYIEQRKPCDTMKVGGNLDSKGYGIATPKGSALGAPVNLAVLKLAEQGALDKLKAKWWYDKGECGSKDSGSKDKTSA
LSLSNVAGVFYILIGGLGLAMLVALIEFCYKSRSESKRMKGFCLIPQQSINEAIRTSTLPRNSGAGASGGGGSGENGRVV
SQDFPKSMQSIPCMSHSSGMPLGATGL
;
A
2 'polypeptide(L)'
;MQKIMHISVLLSPVLWGLIFGVSSNSIQIGGLFPRGADQEYSAFRVGMVQFSTSEFRLTPHIDNLEVANSFAVTNAFCSQ
FSRGVYAIFGFYDKKSVNTITSFCGTLHVSFITPSFPTDGTHPFVIQMRPDLKGALLSLIEYYQWDKFAYLYDSDRGLST
LQAVLDSAAEKKWQVTAINVGNINNDKKDETYRSLFQDLELKKERRVILDCERDKVNDIVDQVITIGKHVKGYHYIIANL
GFTDGDLLKIQFGGANVSGFQIVDYDDSLVSKFIERWSTLEEKEYPGAHTATIKYTSALTYDAVQVMTEAFRNLRKQRIE
ISRRGNAGDCLANPAVPWGQGVEIERALKQVQVEGLSGNIKFDQNGKRINYTINIMELKTNGPRKIGYWSEVDKMVVTLT
ELPSGNDTSGLENKTVVVTTILESPYVMMKKNHEMLEGNERYEGYCVDLAAEIAKHCGFKYKLTIVGDGKYGARDADTKI
WNGMVGELVYGKADIAIAPLTITLVREEVIDFSKPFMSLGISIMIKKPQKSKPGVFSFLDPLAYEIWMCIVFAYIGVSVV
LFLVSRFSPYEWHTEEFEDGRETQSSESTNEFGIFNSLWFSLGAFMRQGCDISPRSLSGRIVGGVWWFFTLIIISSYTAN
LAAFLTVERMVSPIESAEDLSKQTEIAYGTLDSGSTKEFFRRSKIAVFDKMWTYMRSAEPSVFVRTTAEGVARVRKSKGK
YAYLLESTMNEYIEQRKPCDTMKVGGNLDSKGYGIATPKGSSLGAAVNLAVLKLAEQGALDKLKNKWWYDKGECGAKDSG
SKEKTSALSLSNVAGVFYILVGGLGLAMLVALIEFCYKSRAEAKRMKVAKNPQNINPSSSQNSQNFATYKEGYNVYGIES
VKI
;
B,D
3 'polypeptide(L)'
;MGQSVLRAVFFLVLGLLGHSHGGFPNTISIGGLFMRNTVQEHSAFRFAVQLYNTNQNTTEKPFHLNYHVDHLDSSNSFSV
TNAFCSQFSRGVYAIFGFYDQMSMNTLTSFCGALHTSFVTPSFPTDADVQFVIQMRPALKGAILSLLSYYKWEKFVYLYD
TERGFSVLQAIMEAAVQNNWQVTARSVGNIKDVQEFRRIIEEMDRRQEKRYLIDCEVERINTILEQVVILGKHSRGYHYM
LANLGFTDILLERVMHGGANITGFQIVNNENPMVQQFIQRWVRLDEREFPEAKNAPLKYTSALTHDAILVIAEAFRYLRR
QRVDVSRRGSAGDCLANPAVPWSQGIDIERALKMVQVQGMTGNIQFDTYGRRTNYTIDVYEMKVSGSRKAGYWNEYERFV
PFSDQQISNDSSSSENRTIVVTTILESPYVMYKKNHEQLEGNERYEGYCVDLAYEIAKHVRIKYKLSIVGDGKYGARDPE
TKIWNGMVGELVYGRADIAVAPLTITLVREEVIDFSKPFMSLGISIMIKKPQKSKPGVFSFLDPLAYEIWMCIVFAYIGV
SVVLFLVSRFSPYEWHLEDNNEEPRDPQSPPDPPNEFGIFNSLWFSLGAFMQQGCDISPRSLSGRIVGGVWWFFTLIIIS
SYTANLAAFLTVERMVSPIESAEDLAKQTEIAYGTLDSGSTKEFFRRSKIAVYEKMWSYMKSAEPSVFTKTTADGVARVR
KSKGKFAFLLESTMNEYIEQRKPCDTMKVGGNLDSKGYGVATPKGSALGTPVNLAVLKLSEQGILDKLKNKWWYDKGECG
AKDSGSKDKTSALSLSNVAGVFYILVGGLGLAMMVALIEFCYKSRAESKRMKLTKNTQNFKPAPATNTQNYATYREGYNV
YGTESVKI
;
C
4 'polypeptide(L)'
;(UNK)(UNK)(UNK)(UNK)(UNK)(UNK)(UNK)(UNK)(UNK)(UNK)(UNK)(UNK)(UNK)(UNK)(UNK)(UNK)
(UNK)(UNK)(UNK)(UNK)(UNK)(UNK)(UNK)(UNK)(UNK)(UNK)(UNK)(UNK)(UNK)(UNK)(UNK)(UNK)
(UNK)(UNK)(UNK)(UNK)(UNK)(UNK)(UNK)(UNK)(UNK)(UNK)(UNK)(UNK)(UNK)(UNK)(UNK)(UNK)
(UNK)(UNK)(UNK)(UNK)(UNK)(UNK)(UNK)(UNK)(UNK)(UNK)(UNK)(UNK)(UNK)(UNK)(UNK)(UNK)
(UNK)(UNK)(UNK)(UNK)(UNK)(UNK)(UNK)(UNK)(UNK)(UNK)(UNK)(UNK)(UNK)(UNK)(UNK)(UNK)
(UNK)(UNK)(UNK)(UNK)(UNK)(UNK)(UNK)(UNK)(UNK)(UNK)(UNK)(UNK)(UNK)(UNK)(UNK)(UNK)
(UNK)(UNK)(UNK)(UNK)(UNK)(UNK)(UNK)(UNK)(UNK)(UNK)(UNK)(UNK)(UNK)(UNK)(UNK)(UNK)
(UNK)(UNK)(UNK)(UNK)(UNK)(UNK)(UNK)(UNK)(UNK)(UNK)(UNK)(UNK)(UNK)(UNK)(UNK)(UNK)
(UNK)(UNK)(UNK)(UNK)(UNK)(UNK)(UNK)(UNK)(UNK)(UNK)(UNK)(UNK)(UNK)(UNK)(UNK)(UNK)
(UNK)(UNK)(UNK)(UNK)(UNK)(UNK)(UNK)(UNK)(UNK)
;
E,G
5 'polypeptide(L)'
;MGLFDRGVQMLLTTVGAFAAFSLMTIAVGTDYWLYSRGVCKTKSVSENETSKKNEEVMTHSGLWRTCCLEGNFKGLCKQI
DHFPEDADYEADTAEYFLRAVRASSIFPILSVILLFMGGLCIAASEFYKTRHNIILSAGIFFVSAGLSNIIGIIVYISAN
AGDPSKSDSKKNSYSYGWSFYFGALSFIIAEMVGVLAVHMFIDRHKQLRATARATDYLQASAITRIPSYRYRYQRRSRSS
SRSTEPSHSRDASPVGVKGFNTLPSTEISMYTLSRDPLKAATTPTATYNSDRDNSFLQVHNCIQKDSKDSLHANTANRRT
TPV
;
F,H
6 'polypeptide(L)'
;EVKLLESGGGLVQPGGSLKLSCAASGFDFSEYWMSWVRQAPGKGLEWIGEINPDSSSIDYTPSLKDKIIISRDNAKKTLY
LQLSKVRSEDTALYYCARPRGNYVVMDYWGQGTSVTVSSSGGGGSGGGGSGGGGNIVLTQSPASLAVSLGQRATISCRAS
ESVDSYGSSFVHWYQQKPGQPPKLLIFLASKLESGVPARFSGSGSRTDFTLTIDPVEADDAATYYCQQTNEDPYTFGGGT
KLEIKRASNWSHPQFEK
;
I
7 'polypeptide(L)'
;MEIQMTQTTSSLSASLGDRVTISCRASQDISNYLSWYQQKPDGTVKLLIYYTSRLHSGVPSRFSGSGSGIDYSLTINNLE
QEDFATYFCQQGNTLPLTFGAGTKLELKRADAAPTVSIFPPSSEQLTSGGASVVCFLNNFYPKDINVKWKIDGSERQNGV
LNSWTDQDSKDSTYSMSSTLTLTKDEYERHNSYTCEATHKTSTSPIVKSFNRNECSNWSHPQFEK
;
J,N
8 'polypeptide(L)'
;MVSAIVLYVLLAAAAHSAFAMQAQLKESGPGLVAPSQSLSITCTVSGFSLTNYGVHWVRQPPGKGLEWLGVIWAGGSTNY
NSALMSRVSISKDNSKSQVFLKMNSLQTDDTVMYYCAREDYDYDWHFDVWGAGTTVTVSSAKTTPPSVYPLAPGSAAQTN
SMVTLGCLVKGYFPEPVTVTWNSGSLSSGVHTFPAVLQSDLYTLSSSVTVPSSTWPSETVTCNVAHPASSTKVDKKLEVL
FQGPGSGSADTITIRGYVRDNR
;
K,O
9 'polypeptide(L)'
;(UNK)(UNK)(UNK)(UNK)(UNK)(UNK)(UNK)(UNK)(UNK)(UNK)(UNK)(UNK)(UNK)(UNK)(UNK)(UNK)
(UNK)(UNK)(UNK)(UNK)(UNK)(UNK)(UNK)(UNK)(UNK)(UNK)(UNK)(UNK)(UNK)(UNK)(UNK)(UNK)
(UNK)(UNK)(UNK)(UNK)(UNK)(UNK)(UNK)(UNK)(UNK)(UNK)(UNK)(UNK)(UNK)(UNK)(UNK)(UNK)
(UNK)(UNK)(UNK)(UNK)(UNK)(UNK)(UNK)(UNK)(UNK)(UNK)(UNK)(UNK)(UNK)(UNK)(UNK)(UNK)
(UNK)(UNK)(UNK)(UNK)(UNK)(UNK)(UNK)(UNK)(UNK)(UNK)(UNK)(UNK)(UNK)(UNK)(UNK)(UNK)
(UNK)(UNK)(UNK)(UNK)(UNK)(UNK)(UNK)(UNK)(UNK)(UNK)(UNK)(UNK)(UNK)(UNK)(UNK)(UNK)
(UNK)(UNK)(UNK)(UNK)(UNK)(UNK)(UNK)(UNK)(UNK)(UNK)(UNK)(UNK)(UNK)(UNK)(UNK)(UNK)
(UNK)(UNK)(UNK)(UNK)(UNK)(UNK)(UNK)(UNK)(UNK)(UNK)(UNK)(UNK)(UNK)(UNK)(UNK)(UNK)
(UNK)(UNK)(UNK)(UNK)(UNK)(UNK)(UNK)(UNK)(UNK)(UNK)(UNK)(UNK)(UNK)(UNK)(UNK)(UNK)
(UNK)(UNK)(UNK)(UNK)(UNK)(UNK)(UNK)(UNK)(UNK)(UNK)(UNK)(UNK)(UNK)(UNK)(UNK)(UNK)
(UNK)(UNK)(UNK)(UNK)(UNK)(UNK)(UNK)(UNK)(UNK)(UNK)(UNK)(UNK)(UNK)(UNK)(UNK)(UNK)
(UNK)(UNK)(UNK)(UNK)(UNK)(UNK)(UNK)(UNK)(UNK)(UNK)(UNK)(UNK)(UNK)(UNK)(UNK)(UNK)
(UNK)(UNK)(UNK)(UNK)(UNK)(UNK)(UNK)(UNK)(UNK)(UNK)(UNK)(UNK)(UNK)(UNK)(UNK)(UNK)
(UNK)(UNK)(UNK)(UNK)(UNK)(UNK)(UNK)(UNK)(UNK)(UNK)(UNK)(UNK)(UNK)(UNK)(UNK)(UNK)
;
L,M
#
loop_
_chem_comp.id
_chem_comp.type
_chem_comp.name
_chem_comp.formula
BMA D-saccharide, beta linking beta-D-mannopyranose 'C6 H12 O6'
NAG D-saccharide, beta linking 2-acetamido-2-deoxy-beta-D-glucopyranose 'C8 H15 N O6'
ZK1 non-polymer '{[7-morpholin-4-yl-2,3-dioxo-6-(trifluoromethyl)-3,4-dihydroquinoxalin-1(2H)-yl]methyl}phosphonic acid' 'C14 H15 F3 N3 O6 P'
#
# COMPACT_ATOMS: atom_id res chain seq x y z
N ALA A 19 -50.50 30.31 -62.87
CA ALA A 19 -49.15 30.06 -63.33
C ALA A 19 -48.12 30.10 -62.22
N ASN A 20 -48.59 30.06 -60.98
CA ASN A 20 -47.69 30.08 -59.84
C ASN A 20 -47.00 28.74 -59.64
N PHE A 21 -47.64 27.64 -60.05
CA PHE A 21 -47.07 26.32 -59.89
C PHE A 21 -47.63 25.41 -60.98
N PRO A 22 -46.78 24.69 -61.71
CA PRO A 22 -47.29 23.79 -62.74
C PRO A 22 -47.95 22.57 -62.13
N ASN A 23 -48.83 21.95 -62.92
CA ASN A 23 -49.58 20.79 -62.44
C ASN A 23 -48.73 19.54 -62.37
N ASN A 24 -47.69 19.45 -63.19
CA ASN A 24 -46.82 18.27 -63.22
C ASN A 24 -45.50 18.61 -62.53
N ILE A 25 -45.27 18.00 -61.37
CA ILE A 25 -44.00 18.14 -60.64
C ILE A 25 -43.26 16.82 -60.77
N GLN A 26 -42.06 16.87 -61.33
CA GLN A 26 -41.29 15.67 -61.58
C GLN A 26 -40.63 15.18 -60.31
N ILE A 27 -40.81 13.91 -59.99
CA ILE A 27 -40.25 13.29 -58.80
C ILE A 27 -39.37 12.13 -59.23
N GLY A 28 -38.08 12.23 -58.94
CA GLY A 28 -37.18 11.14 -59.22
C GLY A 28 -37.24 10.04 -58.18
N GLY A 29 -36.96 8.82 -58.62
CA GLY A 29 -37.01 7.68 -57.74
C GLY A 29 -35.95 6.64 -58.05
N LEU A 30 -35.43 5.98 -57.03
CA LEU A 30 -34.38 4.98 -57.18
C LEU A 30 -34.83 3.70 -56.50
N PHE A 31 -34.74 2.57 -57.22
CA PHE A 31 -35.22 1.31 -56.67
C PHE A 31 -34.28 0.17 -56.99
N PRO A 32 -34.05 -0.75 -56.05
CA PRO A 32 -33.14 -1.88 -56.32
C PRO A 32 -33.74 -2.96 -57.20
N ASN A 33 -35.03 -3.21 -57.06
CA ASN A 33 -35.68 -4.32 -57.74
C ASN A 33 -36.53 -3.81 -58.90
N GLN A 34 -36.83 -4.73 -59.82
CA GLN A 34 -37.69 -4.44 -60.96
C GLN A 34 -39.16 -4.63 -60.62
N GLN A 35 -39.52 -5.81 -60.11
CA GLN A 35 -40.88 -6.12 -59.70
C GLN A 35 -40.84 -6.53 -58.24
N SER A 36 -41.36 -5.68 -57.36
CA SER A 36 -41.37 -5.96 -55.93
C SER A 36 -42.57 -5.28 -55.30
N GLN A 37 -42.68 -5.44 -53.98
CA GLN A 37 -43.78 -4.86 -53.22
C GLN A 37 -43.68 -3.34 -53.13
N GLU A 38 -42.45 -2.83 -53.11
CA GLU A 38 -42.24 -1.39 -52.96
C GLU A 38 -42.69 -0.62 -54.19
N HIS A 39 -42.58 -1.22 -55.37
CA HIS A 39 -43.09 -0.59 -56.59
C HIS A 39 -44.61 -0.43 -56.53
N ALA A 40 -45.32 -1.47 -56.09
CA ALA A 40 -46.77 -1.40 -55.98
C ALA A 40 -47.20 -0.43 -54.90
N ALA A 41 -46.45 -0.39 -53.78
CA ALA A 41 -46.75 0.56 -52.72
C ALA A 41 -46.53 2.00 -53.17
N PHE A 42 -45.46 2.24 -53.92
CA PHE A 42 -45.17 3.58 -54.43
C PHE A 42 -46.20 4.00 -55.48
N ARG A 43 -46.64 3.06 -56.33
CA ARG A 43 -47.63 3.40 -57.35
C ARG A 43 -49.00 3.63 -56.74
N PHE A 44 -49.36 2.87 -55.69
CA PHE A 44 -50.61 3.14 -54.99
C PHE A 44 -50.54 4.46 -54.24
N ALA A 45 -49.38 4.78 -53.66
CA ALA A 45 -49.25 6.04 -52.94
C ALA A 45 -49.29 7.24 -53.88
N LEU A 46 -48.88 7.04 -55.14
CA LEU A 46 -49.10 8.09 -56.13
C LEU A 46 -50.49 8.06 -56.74
N SER A 47 -51.22 6.94 -56.58
CA SER A 47 -52.53 6.82 -57.20
C SER A 47 -53.59 7.67 -56.52
N GLN A 48 -53.40 8.02 -55.25
CA GLN A 48 -54.38 8.83 -54.53
C GLN A 48 -54.30 10.31 -54.85
N LEU A 49 -53.35 10.72 -55.69
CA LEU A 49 -53.14 12.13 -55.99
C LEU A 49 -54.25 12.65 -56.90
N THR A 50 -55.21 13.36 -56.32
CA THR A 50 -56.26 14.03 -57.07
C THR A 50 -56.17 15.53 -57.02
N GLU A 51 -55.64 16.10 -55.94
CA GLU A 51 -55.47 17.53 -55.81
C GLU A 51 -54.20 17.99 -56.53
N PRO A 52 -54.21 19.19 -57.12
CA PRO A 52 -53.01 19.67 -57.79
C PRO A 52 -51.93 20.04 -56.79
N PRO A 53 -50.64 19.93 -57.16
CA PRO A 53 -50.13 19.43 -58.45
C PRO A 53 -49.99 17.91 -58.48
N LYS A 54 -49.90 17.35 -59.68
CA LYS A 54 -49.73 15.91 -59.86
C LYS A 54 -48.23 15.59 -59.91
N LEU A 55 -47.83 14.56 -59.19
CA LEU A 55 -46.43 14.15 -59.12
C LEU A 55 -46.16 13.12 -60.21
N LEU A 56 -45.30 13.47 -61.17
CA LEU A 56 -44.94 12.57 -62.25
C LEU A 56 -43.74 11.75 -61.82
N PRO A 57 -43.86 10.43 -61.71
CA PRO A 57 -42.70 9.62 -61.29
C PRO A 57 -41.71 9.41 -62.42
N GLN A 58 -40.43 9.42 -62.04
CA GLN A 58 -39.32 9.10 -62.94
C GLN A 58 -38.43 8.13 -62.17
N ILE A 59 -38.71 6.84 -62.32
CA ILE A 59 -38.07 5.82 -61.50
C ILE A 59 -36.90 5.22 -62.26
N ASP A 60 -35.91 4.74 -61.51
CA ASP A 60 -34.73 4.10 -62.05
C ASP A 60 -34.50 2.79 -61.30
N ILE A 61 -34.62 1.67 -62.02
CA ILE A 61 -34.33 0.35 -61.49
C ILE A 61 -32.82 0.17 -61.61
N VAL A 62 -32.10 0.41 -60.51
CA VAL A 62 -30.65 0.48 -60.53
C VAL A 62 -30.11 -0.33 -59.35
N ASN A 63 -28.93 -0.92 -59.55
CA ASN A 63 -28.17 -1.50 -58.45
C ASN A 63 -27.81 -0.40 -57.45
N ILE A 64 -27.74 -0.78 -56.18
CA ILE A 64 -27.56 0.20 -55.11
C ILE A 64 -26.12 0.13 -54.62
N SER A 65 -25.53 -1.07 -54.70
CA SER A 65 -24.19 -1.30 -54.20
C SER A 65 -23.08 -0.68 -55.04
N ASP A 66 -23.38 -0.17 -56.24
CA ASP A 66 -22.40 0.50 -57.07
C ASP A 66 -22.66 2.00 -56.99
N SER A 67 -21.72 2.73 -56.39
CA SER A 67 -21.89 4.18 -56.23
C SER A 67 -21.73 4.93 -57.54
N PHE A 68 -21.06 4.33 -58.55
CA PHE A 68 -21.00 4.95 -59.87
C PHE A 68 -22.38 5.01 -60.50
N GLU A 69 -23.12 3.90 -60.45
CA GLU A 69 -24.45 3.86 -61.06
C GLU A 69 -25.44 4.72 -60.28
N MET A 70 -25.33 4.72 -58.95
CA MET A 70 -26.16 5.59 -58.13
C MET A 70 -25.87 7.06 -58.40
N THR A 71 -24.59 7.41 -58.55
CA THR A 71 -24.21 8.78 -58.86
C THR A 71 -24.69 9.19 -60.25
N TYR A 72 -24.62 8.27 -61.22
CA TYR A 72 -25.06 8.59 -62.56
C TYR A 72 -26.58 8.74 -62.65
N ARG A 73 -27.33 7.90 -61.94
CA ARG A 73 -28.79 8.06 -61.93
C ARG A 73 -29.19 9.32 -61.16
N PHE A 74 -28.46 9.67 -60.11
CA PHE A 74 -28.70 10.91 -59.38
C PHE A 74 -28.47 12.12 -60.26
N CYS A 75 -27.36 12.12 -61.02
CA CYS A 75 -27.07 13.24 -61.91
C CYS A 75 -28.00 13.28 -63.11
N SER A 76 -28.47 12.12 -63.58
CA SER A 76 -29.42 12.10 -64.69
C SER A 76 -30.78 12.64 -64.25
N GLN A 77 -31.22 12.29 -63.04
CA GLN A 77 -32.47 12.85 -62.53
C GLN A 77 -32.32 14.33 -62.21
N PHE A 78 -31.13 14.77 -61.77
CA PHE A 78 -30.93 16.19 -61.49
C PHE A 78 -30.87 17.01 -62.77
N SER A 79 -30.26 16.47 -63.82
CA SER A 79 -30.25 17.15 -65.11
C SER A 79 -31.59 17.06 -65.82
N LYS A 80 -32.40 16.07 -65.51
CA LYS A 80 -33.71 15.96 -66.13
C LYS A 80 -34.72 16.94 -65.53
N GLY A 81 -34.50 17.37 -64.30
CA GLY A 81 -35.32 18.41 -63.72
C GLY A 81 -36.27 17.99 -62.62
N VAL A 82 -35.83 17.07 -61.76
CA VAL A 82 -36.62 16.67 -60.60
C VAL A 82 -36.46 17.72 -59.52
N TYR A 83 -37.31 17.65 -58.49
CA TYR A 83 -37.22 18.57 -57.36
C TYR A 83 -37.06 17.87 -56.02
N ALA A 84 -37.48 16.61 -55.91
CA ALA A 84 -37.30 15.83 -54.69
C ALA A 84 -37.18 14.37 -55.08
N ILE A 85 -36.23 13.67 -54.47
CA ILE A 85 -35.92 12.29 -54.84
C ILE A 85 -36.26 11.39 -53.66
N PHE A 86 -37.04 10.35 -53.94
CA PHE A 86 -37.43 9.34 -52.95
C PHE A 86 -36.79 8.02 -53.35
N GLY A 87 -36.03 7.43 -52.43
CA GLY A 87 -35.36 6.19 -52.78
C GLY A 87 -34.84 5.43 -51.59
N PHE A 88 -33.81 4.63 -51.84
CA PHE A 88 -33.17 3.80 -50.84
C PHE A 88 -31.66 3.92 -50.98
N TYR A 89 -30.94 3.39 -50.00
CA TYR A 89 -29.49 3.34 -50.09
C TYR A 89 -29.01 2.11 -49.33
N GLU A 90 -27.68 1.97 -49.23
CA GLU A 90 -27.05 0.80 -48.64
C GLU A 90 -25.82 1.31 -47.90
N ARG A 91 -25.11 0.39 -47.22
CA ARG A 91 -23.90 0.72 -46.47
C ARG A 91 -22.82 1.34 -47.35
N ARG A 92 -22.72 0.90 -48.60
CA ARG A 92 -21.78 1.47 -49.54
C ARG A 92 -22.26 2.79 -50.14
N THR A 93 -23.46 3.27 -49.78
CA THR A 93 -23.97 4.56 -50.21
C THR A 93 -24.58 5.32 -49.03
N VAL A 94 -23.91 5.30 -47.88
CA VAL A 94 -24.45 6.03 -46.72
C VAL A 94 -24.07 7.52 -46.77
N ASN A 95 -22.86 7.84 -47.24
CA ASN A 95 -22.34 9.18 -47.13
C ASN A 95 -22.13 9.87 -48.48
N MET A 96 -22.19 9.12 -49.58
CA MET A 96 -22.11 9.73 -50.91
C MET A 96 -23.36 10.55 -51.21
N LEU A 97 -24.54 9.97 -50.94
CA LEU A 97 -25.78 10.70 -51.16
C LEU A 97 -25.94 11.86 -50.20
N THR A 98 -25.47 11.71 -48.96
CA THR A 98 -25.50 12.82 -48.01
C THR A 98 -24.64 13.98 -48.51
N SER A 99 -23.50 13.66 -49.10
CA SER A 99 -22.60 14.70 -49.62
C SER A 99 -23.19 15.40 -50.84
N PHE A 100 -23.72 14.63 -51.81
CA PHE A 100 -24.34 15.24 -52.98
C PHE A 100 -25.59 16.04 -52.63
N CYS A 101 -26.39 15.58 -51.67
CA CYS A 101 -27.59 16.32 -51.29
C CYS A 101 -27.25 17.56 -50.45
N GLY A 102 -26.20 17.50 -49.63
CA GLY A 102 -25.75 18.71 -48.96
C GLY A 102 -25.09 19.71 -49.88
N ALA A 103 -24.52 19.24 -50.99
CA ALA A 103 -23.93 20.14 -51.97
C ALA A 103 -24.97 20.79 -52.86
N LEU A 104 -25.83 19.98 -53.50
CA LEU A 104 -26.78 20.49 -54.46
C LEU A 104 -28.07 21.02 -53.83
N HIS A 105 -28.20 20.90 -52.51
CA HIS A 105 -29.35 21.39 -51.73
C HIS A 105 -30.67 20.78 -52.20
N VAL A 106 -30.62 19.49 -52.54
CA VAL A 106 -31.79 18.75 -53.01
C VAL A 106 -32.11 17.69 -51.97
N CYS A 107 -33.35 17.69 -51.48
CA CYS A 107 -33.74 16.78 -50.41
C CYS A 107 -33.91 15.37 -50.94
N PHE A 108 -33.55 14.39 -50.10
CA PHE A 108 -33.68 12.97 -50.42
C PHE A 108 -34.43 12.29 -49.29
N ILE A 109 -35.49 11.57 -49.64
CA ILE A 109 -36.37 10.94 -48.66
C ILE A 109 -36.20 9.43 -48.78
N THR A 110 -35.95 8.76 -47.65
CA THR A 110 -35.66 7.34 -47.69
C THR A 110 -36.25 6.57 -46.51
N PRO A 111 -36.79 5.38 -46.76
CA PRO A 111 -37.16 4.46 -45.68
C PRO A 111 -36.05 3.53 -45.21
N SER A 112 -34.79 3.79 -45.57
CA SER A 112 -33.71 2.85 -45.29
C SER A 112 -33.25 2.98 -43.84
N PHE A 113 -32.13 2.36 -43.53
CA PHE A 113 -31.63 2.34 -42.15
C PHE A 113 -31.07 3.70 -41.77
N PRO A 114 -31.46 4.25 -40.62
CA PRO A 114 -30.95 5.56 -40.22
C PRO A 114 -29.50 5.50 -39.77
N VAL A 115 -28.70 6.44 -40.27
CA VAL A 115 -27.32 6.56 -39.89
C VAL A 115 -27.18 7.68 -38.87
N ASP A 116 -26.01 7.74 -38.23
CA ASP A 116 -25.78 8.75 -37.20
C ASP A 116 -25.51 10.12 -37.80
N THR A 117 -24.54 10.22 -38.70
CA THR A 117 -24.13 11.49 -39.29
C THR A 117 -24.98 11.74 -40.54
N SER A 118 -25.74 12.84 -40.51
CA SER A 118 -26.56 13.24 -41.64
C SER A 118 -26.73 14.75 -41.58
N ASN A 119 -27.66 15.27 -42.40
CA ASN A 119 -27.97 16.69 -42.39
C ASN A 119 -29.48 16.92 -42.53
N GLN A 120 -29.88 18.17 -42.77
CA GLN A 120 -31.29 18.50 -42.89
C GLN A 120 -31.93 18.04 -44.19
N PHE A 121 -31.12 17.65 -45.18
CA PHE A 121 -31.65 17.27 -46.49
C PHE A 121 -31.97 15.79 -46.60
N VAL A 122 -31.45 14.97 -45.70
CA VAL A 122 -31.72 13.53 -45.71
C VAL A 122 -32.86 13.26 -44.74
N LEU A 123 -34.01 12.87 -45.28
CA LEU A 123 -35.19 12.56 -44.47
C LEU A 123 -35.29 11.06 -44.29
N GLN A 124 -34.89 10.60 -43.10
CA GLN A 124 -34.87 9.18 -42.76
C GLN A 124 -36.23 8.80 -42.20
N LEU A 125 -37.01 8.03 -42.96
CA LEU A 125 -38.37 7.68 -42.54
C LEU A 125 -38.38 6.63 -41.46
N ARG A 126 -37.36 5.78 -41.40
CA ARG A 126 -37.31 4.75 -40.37
C ARG A 126 -36.88 5.37 -39.04
N PRO A 127 -37.63 5.16 -37.96
CA PRO A 127 -37.26 5.74 -36.67
C PRO A 127 -36.06 5.03 -36.05
N GLU A 128 -35.62 5.56 -34.92
CA GLU A 128 -34.48 4.99 -34.21
C GLU A 128 -34.88 3.68 -33.53
N LEU A 129 -33.86 2.88 -33.20
CA LEU A 129 -34.08 1.56 -32.63
C LEU A 129 -33.23 1.26 -31.42
N GLN A 130 -32.08 1.92 -31.23
CA GLN A 130 -31.15 1.53 -30.18
C GLN A 130 -31.64 1.95 -28.80
N GLU A 131 -32.33 3.09 -28.68
CA GLU A 131 -32.76 3.55 -27.37
C GLU A 131 -33.92 2.72 -26.84
N ALA A 132 -34.77 2.20 -27.75
CA ALA A 132 -35.79 1.25 -27.34
C ALA A 132 -35.17 -0.06 -26.87
N LEU A 133 -34.06 -0.48 -27.49
CA LEU A 133 -33.36 -1.67 -27.03
C LEU A 133 -32.75 -1.46 -25.65
N ILE A 134 -32.20 -0.26 -25.41
CA ILE A 134 -31.70 0.10 -24.09
C ILE A 134 -32.84 0.09 -23.07
N SER A 135 -34.03 0.55 -23.48
CA SER A 135 -35.19 0.55 -22.59
C SER A 135 -35.64 -0.87 -22.27
N ILE A 136 -35.60 -1.78 -23.24
CA ILE A 136 -36.01 -3.16 -22.99
C ILE A 136 -35.00 -3.87 -22.10
N ILE A 137 -33.69 -3.66 -22.34
CA ILE A 137 -32.68 -4.29 -21.50
C ILE A 137 -32.68 -3.69 -20.08
N ASP A 138 -33.03 -2.41 -19.96
CA ASP A 138 -33.21 -1.82 -18.64
C ASP A 138 -34.46 -2.36 -17.95
N HIS A 139 -35.48 -2.70 -18.74
CA HIS A 139 -36.67 -3.33 -18.17
C HIS A 139 -36.37 -4.72 -17.64
N TYR A 140 -35.54 -5.48 -18.37
CA TYR A 140 -35.22 -6.84 -17.95
C TYR A 140 -33.95 -6.95 -17.11
N LYS A 141 -33.15 -5.88 -17.04
CA LYS A 141 -31.98 -5.76 -16.15
C LYS A 141 -30.94 -6.84 -16.42
N TRP A 142 -30.37 -6.80 -17.62
CA TRP A 142 -29.38 -7.78 -18.02
C TRP A 142 -27.96 -7.31 -17.69
N GLN A 143 -27.07 -8.28 -17.55
CA GLN A 143 -25.65 -8.02 -17.37
C GLN A 143 -24.79 -8.64 -18.47
N THR A 144 -25.00 -9.91 -18.78
CA THR A 144 -24.21 -10.63 -19.77
C THR A 144 -25.12 -11.09 -20.90
N PHE A 145 -24.86 -10.63 -22.12
CA PHE A 145 -25.63 -11.08 -23.27
C PHE A 145 -24.80 -11.01 -24.54
N VAL A 146 -25.37 -11.57 -25.61
CA VAL A 146 -24.69 -11.69 -26.89
C VAL A 146 -25.49 -10.91 -27.93
N TYR A 147 -24.83 -9.95 -28.57
CA TYR A 147 -25.44 -9.10 -29.58
C TYR A 147 -24.90 -9.52 -30.94
N ILE A 148 -25.77 -10.08 -31.76
CA ILE A 148 -25.43 -10.41 -33.15
C ILE A 148 -25.86 -9.25 -34.03
N TYR A 149 -24.92 -8.73 -34.81
CA TYR A 149 -25.15 -7.56 -35.64
C TYR A 149 -24.96 -7.91 -37.10
N ASP A 150 -25.75 -7.25 -37.95
CA ASP A 150 -25.53 -7.34 -39.39
C ASP A 150 -24.29 -6.53 -39.76
N ALA A 151 -23.58 -7.02 -40.77
CA ALA A 151 -22.40 -6.32 -41.27
C ALA A 151 -22.76 -5.11 -42.11
N ASP A 152 -24.01 -4.98 -42.54
CA ASP A 152 -24.41 -3.88 -43.40
C ASP A 152 -25.00 -2.70 -42.63
N ARG A 153 -25.50 -2.93 -41.42
CA ARG A 153 -26.08 -1.82 -40.66
C ARG A 153 -25.71 -1.82 -39.17
N GLY A 154 -24.95 -2.80 -38.68
CA GLY A 154 -24.58 -2.82 -37.28
C GLY A 154 -23.35 -1.99 -36.96
N LEU A 155 -23.44 -0.68 -37.16
CA LEU A 155 -22.32 0.20 -36.85
C LEU A 155 -22.79 1.37 -35.99
N SER A 156 -24.06 1.76 -36.15
CA SER A 156 -24.62 2.85 -35.36
C SER A 156 -25.33 2.35 -34.11
N VAL A 157 -26.03 1.22 -34.21
CA VAL A 157 -26.70 0.66 -33.05
C VAL A 157 -25.70 0.00 -32.11
N LEU A 158 -24.74 -0.74 -32.68
CA LEU A 158 -23.69 -1.40 -31.91
C LEU A 158 -22.83 -0.41 -31.14
N GLN A 159 -22.64 0.79 -31.70
CA GLN A 159 -21.92 1.86 -31.00
C GLN A 159 -22.62 2.25 -29.70
N ARG A 160 -23.93 2.49 -29.78
CA ARG A 160 -24.68 2.91 -28.60
C ARG A 160 -24.83 1.75 -27.61
N VAL A 161 -24.90 0.51 -28.12
CA VAL A 161 -24.97 -0.66 -27.23
C VAL A 161 -23.67 -0.82 -26.47
N LEU A 162 -22.53 -0.66 -27.13
CA LEU A 162 -21.25 -0.76 -26.43
C LEU A 162 -21.02 0.42 -25.48
N ASP A 163 -21.52 1.61 -25.81
CA ASP A 163 -21.42 2.74 -24.90
C ASP A 163 -22.27 2.51 -23.65
N THR A 164 -23.48 1.98 -23.82
CA THR A 164 -24.33 1.67 -22.68
C THR A 164 -23.77 0.52 -21.85
N ALA A 165 -23.09 -0.43 -22.50
CA ALA A 165 -22.43 -1.52 -21.78
C ALA A 165 -21.26 -1.01 -20.96
N ALA A 166 -20.51 -0.04 -21.51
CA ALA A 166 -19.43 0.58 -20.75
C ALA A 166 -19.97 1.44 -19.60
N GLU A 167 -21.15 2.04 -19.78
CA GLU A 167 -21.70 2.90 -18.74
C GLU A 167 -22.32 2.09 -17.60
N LYS A 168 -23.06 1.03 -17.92
CA LYS A 168 -23.80 0.28 -16.93
C LYS A 168 -23.16 -1.06 -16.57
N ASN A 169 -21.88 -1.25 -16.96
CA ASN A 169 -21.06 -2.40 -16.60
C ASN A 169 -21.68 -3.73 -17.07
N TRP A 170 -21.79 -3.85 -18.38
CA TRP A 170 -22.38 -5.04 -19.00
C TRP A 170 -21.29 -5.86 -19.70
N GLN A 171 -21.66 -7.07 -20.11
CA GLN A 171 -20.77 -7.98 -20.81
C GLN A 171 -21.45 -8.38 -22.12
N VAL A 172 -21.12 -7.67 -23.19
CA VAL A 172 -21.74 -7.88 -24.50
C VAL A 172 -20.74 -8.62 -25.39
N THR A 173 -21.19 -9.73 -25.96
CA THR A 173 -20.40 -10.48 -26.93
C THR A 173 -20.91 -10.15 -28.32
N ALA A 174 -20.10 -9.45 -29.11
CA ALA A 174 -20.49 -9.01 -30.44
C ALA A 174 -20.20 -10.09 -31.47
N VAL A 175 -21.19 -10.44 -32.27
CA VAL A 175 -21.07 -11.49 -33.27
C VAL A 175 -21.45 -10.92 -34.64
N ASN A 176 -20.51 -10.98 -35.57
CA ASN A 176 -20.80 -10.57 -36.93
C ASN A 176 -21.43 -11.72 -37.71
N ILE A 177 -22.11 -11.38 -38.80
CA ILE A 177 -22.82 -12.34 -39.63
C ILE A 177 -22.04 -12.68 -40.88
N LEU A 178 -21.52 -11.67 -41.58
CA LEU A 178 -20.95 -11.89 -42.90
C LEU A 178 -19.59 -12.58 -42.83
N THR A 179 -18.73 -12.17 -41.90
CA THR A 179 -17.38 -12.72 -41.84
C THR A 179 -17.32 -14.07 -41.12
N THR A 180 -18.40 -14.51 -40.50
CA THR A 180 -18.43 -15.78 -39.78
C THR A 180 -19.11 -16.85 -40.62
N THR A 181 -18.40 -17.95 -40.84
CA THR A 181 -18.95 -19.09 -41.56
C THR A 181 -19.77 -19.96 -40.61
N GLU A 182 -20.37 -21.03 -41.16
CA GLU A 182 -21.29 -21.86 -40.39
C GLU A 182 -20.58 -22.65 -39.31
N GLU A 183 -19.32 -23.02 -39.53
CA GLU A 183 -18.53 -23.62 -38.46
C GLU A 183 -18.24 -22.62 -37.35
N GLY A 184 -18.12 -21.33 -37.70
CA GLY A 184 -18.04 -20.29 -36.70
C GLY A 184 -19.30 -20.18 -35.87
N TYR A 185 -20.47 -20.34 -36.53
CA TYR A 185 -21.74 -20.36 -35.80
C TYR A 185 -21.82 -21.57 -34.87
N ARG A 186 -21.34 -22.73 -35.34
CA ARG A 186 -21.33 -23.93 -34.53
C ARG A 186 -20.43 -23.75 -33.30
N MET A 187 -19.26 -23.14 -33.49
CA MET A 187 -18.35 -22.94 -32.36
C MET A 187 -18.88 -21.90 -31.38
N LEU A 188 -19.55 -20.85 -31.87
CA LEU A 188 -20.04 -19.83 -30.95
C LEU A 188 -21.23 -20.32 -30.16
N PHE A 189 -22.13 -21.09 -30.78
CA PHE A 189 -23.20 -21.67 -29.98
C PHE A 189 -22.73 -22.82 -29.11
N GLN A 190 -21.64 -23.50 -29.49
CA GLN A 190 -21.02 -24.47 -28.60
C GLN A 190 -20.40 -23.79 -27.37
N ASP A 191 -19.90 -22.57 -27.55
CA ASP A 191 -19.45 -21.80 -26.39
C ASP A 191 -20.62 -21.29 -25.57
N LEU A 192 -21.74 -20.96 -26.22
CA LEU A 192 -22.87 -20.39 -25.49
C LEU A 192 -23.70 -21.44 -24.77
N GLU A 193 -23.61 -22.70 -25.17
CA GLU A 193 -24.38 -23.75 -24.50
C GLU A 193 -23.73 -24.26 -23.21
N LYS A 194 -22.74 -23.53 -22.66
CA LYS A 194 -22.04 -23.93 -21.46
C LYS A 194 -22.49 -23.17 -20.21
N LYS A 195 -23.50 -22.31 -20.32
CA LYS A 195 -23.96 -21.51 -19.19
C LYS A 195 -25.46 -21.64 -19.04
N LYS A 196 -25.97 -21.10 -17.93
CA LYS A 196 -27.36 -21.31 -17.53
C LYS A 196 -28.34 -20.51 -18.39
N GLU A 197 -28.23 -19.19 -18.37
CA GLU A 197 -29.13 -18.32 -19.12
C GLU A 197 -28.44 -17.87 -20.40
N ARG A 198 -29.22 -17.77 -21.48
CA ARG A 198 -28.68 -17.54 -22.82
C ARG A 198 -29.45 -16.37 -23.42
N LEU A 199 -28.92 -15.17 -23.26
CA LEU A 199 -29.59 -13.93 -23.67
C LEU A 199 -28.97 -13.44 -24.98
N VAL A 200 -29.76 -13.42 -26.04
CA VAL A 200 -29.28 -13.13 -27.38
C VAL A 200 -30.16 -12.03 -28.00
N VAL A 201 -29.53 -10.99 -28.52
CA VAL A 201 -30.20 -9.92 -29.24
C VAL A 201 -29.65 -9.88 -30.66
N VAL A 202 -30.52 -10.10 -31.65
CA VAL A 202 -30.13 -10.19 -33.05
C VAL A 202 -30.67 -8.96 -33.77
N ASP A 203 -29.82 -8.30 -34.55
CA ASP A 203 -30.21 -7.12 -35.33
C ASP A 203 -29.71 -7.29 -36.77
N CYS A 204 -30.62 -7.63 -37.67
CA CYS A 204 -30.32 -7.71 -39.10
C CYS A 204 -31.62 -7.51 -39.87
N GLU A 205 -31.48 -7.32 -41.18
CA GLU A 205 -32.64 -7.12 -42.04
C GLU A 205 -33.38 -8.43 -42.24
N SER A 206 -34.68 -8.31 -42.58
CA SER A 206 -35.60 -9.44 -42.57
C SER A 206 -35.29 -10.45 -43.67
N GLU A 207 -34.81 -9.99 -44.82
CA GLU A 207 -34.42 -10.90 -45.89
C GLU A 207 -33.17 -11.70 -45.52
N ARG A 208 -32.33 -11.14 -44.65
CA ARG A 208 -31.25 -11.92 -44.07
C ARG A 208 -31.71 -12.67 -42.83
N LEU A 209 -32.68 -12.11 -42.09
CA LEU A 209 -33.15 -12.72 -40.85
C LEU A 209 -33.90 -14.02 -41.11
N ASN A 210 -34.52 -14.17 -42.29
CA ASN A 210 -35.17 -15.43 -42.63
C ASN A 210 -34.15 -16.55 -42.77
N ALA A 211 -33.03 -16.29 -43.45
CA ALA A 211 -31.98 -17.29 -43.59
C ALA A 211 -31.26 -17.54 -42.26
N ILE A 212 -31.08 -16.50 -41.45
CA ILE A 212 -30.44 -16.66 -40.15
C ILE A 212 -31.31 -17.51 -39.22
N LEU A 213 -32.62 -17.23 -39.16
CA LEU A 213 -33.50 -18.03 -38.32
C LEU A 213 -33.72 -19.42 -38.89
N GLY A 214 -33.59 -19.60 -40.20
CA GLY A 214 -33.54 -20.95 -40.75
C GLY A 214 -32.30 -21.70 -40.34
N GLN A 215 -31.18 -21.00 -40.17
CA GLN A 215 -29.98 -21.62 -39.63
C GLN A 215 -30.12 -21.95 -38.15
N ILE A 216 -30.85 -21.11 -37.39
CA ILE A 216 -30.91 -21.28 -35.94
C ILE A 216 -31.85 -22.42 -35.55
N VAL A 217 -32.98 -22.57 -36.24
CA VAL A 217 -33.99 -23.55 -35.85
C VAL A 217 -33.58 -25.00 -36.05
N LYS A 218 -32.44 -25.27 -36.67
CA LYS A 218 -31.84 -26.59 -36.69
C LYS A 218 -30.95 -26.83 -35.47
N LEU A 219 -30.92 -25.90 -34.52
CA LEU A 219 -30.06 -25.98 -33.36
C LEU A 219 -30.75 -25.66 -32.04
N GLU A 220 -31.88 -24.95 -32.06
CA GLU A 220 -32.60 -24.54 -30.86
C GLU A 220 -33.75 -25.49 -30.53
N LYS A 221 -33.55 -26.79 -30.79
CA LYS A 221 -34.61 -27.78 -30.60
C LYS A 221 -34.94 -27.97 -29.12
N ASN A 222 -34.01 -27.65 -28.22
CA ASN A 222 -34.33 -27.66 -26.79
C ASN A 222 -35.14 -26.43 -26.42
N GLY A 223 -34.59 -25.23 -26.66
CA GLY A 223 -35.30 -23.99 -26.42
C GLY A 223 -35.34 -23.53 -24.98
N ILE A 224 -34.70 -24.24 -24.06
CA ILE A 224 -34.72 -23.88 -22.65
C ILE A 224 -33.61 -22.86 -22.37
N GLY A 225 -33.99 -21.69 -21.90
CA GLY A 225 -33.04 -20.64 -21.55
C GLY A 225 -32.67 -19.70 -22.67
N TYR A 226 -33.21 -19.91 -23.88
CA TYR A 226 -32.86 -19.09 -25.03
C TYR A 226 -33.82 -17.90 -25.09
N HIS A 227 -33.34 -16.72 -24.67
CA HIS A 227 -34.15 -15.52 -24.71
C HIS A 227 -33.66 -14.62 -25.84
N TYR A 228 -34.42 -14.57 -26.92
CA TYR A 228 -34.06 -13.80 -28.10
C TYR A 228 -34.81 -12.48 -28.13
N ILE A 229 -34.15 -11.46 -28.67
CA ILE A 229 -34.79 -10.19 -29.02
C ILE A 229 -34.41 -9.87 -30.46
N LEU A 230 -35.39 -9.89 -31.35
CA LEU A 230 -35.18 -9.54 -32.75
C LEU A 230 -35.46 -8.05 -32.92
N ALA A 231 -34.39 -7.26 -32.98
CA ALA A 231 -34.52 -5.81 -33.09
C ALA A 231 -34.93 -5.44 -34.51
N ASN A 232 -36.23 -5.43 -34.76
CA ASN A 232 -36.76 -5.18 -36.10
C ASN A 232 -38.19 -4.66 -35.95
N LEU A 233 -38.56 -3.71 -36.80
CA LEU A 233 -39.90 -3.13 -36.76
C LEU A 233 -40.94 -3.97 -37.47
N GLY A 234 -40.55 -5.13 -38.01
CA GLY A 234 -41.45 -6.01 -38.74
C GLY A 234 -41.66 -7.34 -38.06
N PHE A 235 -41.89 -7.31 -36.73
CA PHE A 235 -41.99 -8.53 -35.95
C PHE A 235 -43.20 -9.38 -36.34
N MET A 236 -44.28 -8.75 -36.80
CA MET A 236 -45.40 -9.52 -37.34
C MET A 236 -45.10 -10.07 -38.72
N ASP A 237 -44.10 -9.55 -39.41
CA ASP A 237 -43.73 -10.01 -40.74
C ASP A 237 -42.71 -11.14 -40.72
N ILE A 238 -42.10 -11.40 -39.56
CA ILE A 238 -41.11 -12.47 -39.45
C ILE A 238 -41.82 -13.81 -39.49
N ASP A 239 -41.27 -14.75 -40.27
CA ASP A 239 -41.83 -16.09 -40.34
C ASP A 239 -41.55 -16.82 -39.04
N LEU A 240 -42.49 -16.75 -38.11
CA LEU A 240 -42.36 -17.34 -36.79
C LEU A 240 -42.88 -18.76 -36.71
N ASN A 241 -43.34 -19.32 -37.84
CA ASN A 241 -43.89 -20.68 -37.86
C ASN A 241 -42.81 -21.75 -37.66
N LYS A 242 -41.54 -21.39 -37.80
CA LYS A 242 -40.45 -22.28 -37.43
C LYS A 242 -40.22 -22.34 -35.92
N PHE A 243 -40.86 -21.44 -35.16
CA PHE A 243 -40.76 -21.43 -33.70
C PHE A 243 -41.89 -22.20 -33.03
N LYS A 244 -42.60 -23.04 -33.76
CA LYS A 244 -43.67 -23.84 -33.19
C LYS A 244 -43.08 -24.99 -32.37
N GLU A 245 -43.70 -25.25 -31.22
CA GLU A 245 -43.29 -26.28 -30.26
C GLU A 245 -41.84 -26.08 -29.79
N SER A 246 -41.46 -24.83 -29.59
CA SER A 246 -40.13 -24.48 -29.13
C SER A 246 -40.23 -23.52 -27.94
N GLY A 247 -39.11 -23.36 -27.23
CA GLY A 247 -39.06 -22.48 -26.10
C GLY A 247 -38.66 -21.06 -26.47
N ALA A 248 -39.36 -20.50 -27.45
CA ALA A 248 -39.01 -19.18 -27.97
C ALA A 248 -39.46 -18.09 -27.01
N ASN A 249 -38.49 -17.40 -26.40
CA ASN A 249 -38.74 -16.22 -25.58
C ASN A 249 -38.65 -14.95 -26.42
N VAL A 250 -38.88 -15.07 -27.73
CA VAL A 250 -38.62 -14.01 -28.71
C VAL A 250 -39.55 -12.81 -28.48
N THR A 251 -38.95 -11.63 -28.35
CA THR A 251 -39.67 -10.39 -28.12
C THR A 251 -39.24 -9.36 -29.16
N GLY A 252 -40.20 -8.75 -29.84
CA GLY A 252 -39.90 -7.83 -30.92
C GLY A 252 -40.63 -6.51 -30.76
N PHE A 253 -40.34 -5.59 -31.69
CA PHE A 253 -40.95 -4.28 -31.74
C PHE A 253 -41.93 -4.21 -32.90
N GLN A 254 -42.88 -3.29 -32.81
CA GLN A 254 -43.89 -3.12 -33.86
C GLN A 254 -44.31 -1.67 -34.00
N LEU A 255 -44.18 -1.14 -35.20
CA LEU A 255 -44.56 0.25 -35.48
C LEU A 255 -45.99 0.31 -36.00
N VAL A 256 -46.35 -0.70 -36.79
CA VAL A 256 -47.67 -0.81 -37.38
C VAL A 256 -48.18 -2.24 -37.21
N ASN A 257 -49.12 -2.44 -36.30
CA ASN A 257 -49.68 -3.77 -36.06
C ASN A 257 -50.96 -3.97 -36.88
N TYR A 258 -51.32 -2.93 -37.63
CA TYR A 258 -52.49 -2.90 -38.53
C TYR A 258 -53.84 -3.26 -37.90
N THR A 259 -54.30 -2.45 -36.95
CA THR A 259 -55.61 -2.64 -36.30
C THR A 259 -56.26 -1.29 -35.96
N ASP A 260 -55.46 -0.22 -35.95
CA ASP A 260 -55.97 1.10 -35.61
C ASP A 260 -56.80 1.64 -36.77
N THR A 261 -57.71 2.57 -36.45
CA THR A 261 -58.82 2.93 -37.33
C THR A 261 -58.35 3.58 -38.63
N ILE A 262 -57.43 4.54 -38.55
CA ILE A 262 -56.88 5.17 -39.74
C ILE A 262 -55.94 4.22 -40.50
N PRO A 263 -55.04 3.44 -39.86
CA PRO A 263 -54.31 2.41 -40.65
C PRO A 263 -55.21 1.32 -41.23
N ALA A 264 -56.27 0.89 -40.53
CA ALA A 264 -57.16 -0.10 -41.13
C ALA A 264 -58.00 0.52 -42.24
N ARG A 265 -58.25 1.83 -42.18
CA ARG A 265 -58.90 2.53 -43.28
C ARG A 265 -58.00 2.56 -44.51
N ILE A 266 -56.71 2.81 -44.32
CA ILE A 266 -55.74 2.77 -45.42
C ILE A 266 -55.63 1.34 -45.98
N MET A 267 -55.67 0.34 -45.08
CA MET A 267 -55.70 -1.07 -45.48
C MET A 267 -56.91 -1.36 -46.36
N GLN A 268 -58.09 -0.90 -45.95
CA GLN A 268 -59.30 -1.09 -46.72
C GLN A 268 -59.24 -0.35 -48.06
N GLN A 269 -58.61 0.82 -48.08
CA GLN A 269 -58.45 1.57 -49.33
C GLN A 269 -57.58 0.83 -50.34
N TRP A 270 -56.44 0.27 -49.91
CA TRP A 270 -55.65 -0.42 -50.91
C TRP A 270 -56.17 -1.82 -51.21
N ARG A 271 -56.95 -2.44 -50.30
CA ARG A 271 -57.65 -3.67 -50.68
C ARG A 271 -58.74 -3.40 -51.72
N THR A 272 -59.45 -2.28 -51.61
CA THR A 272 -60.42 -1.92 -52.64
C THR A 272 -59.73 -1.57 -53.96
N SER A 273 -58.59 -0.87 -53.91
CA SER A 273 -57.88 -0.55 -55.14
C SER A 273 -57.28 -1.80 -55.78
N ASP A 274 -56.95 -2.82 -54.98
CA ASP A 274 -56.65 -4.14 -55.52
C ASP A 274 -57.88 -4.73 -56.22
N SER A 275 -59.03 -4.73 -55.53
CA SER A 275 -60.19 -5.45 -56.01
C SER A 275 -60.93 -4.74 -57.15
N ARG A 276 -60.57 -3.50 -57.47
CA ARG A 276 -61.25 -2.81 -58.58
C ARG A 276 -60.85 -3.40 -59.93
N ASP A 277 -59.59 -3.26 -60.33
CA ASP A 277 -59.12 -3.95 -61.53
C ASP A 277 -57.99 -4.92 -61.23
N HIS A 278 -56.82 -4.44 -60.81
CA HIS A 278 -55.55 -5.17 -60.73
C HIS A 278 -54.52 -4.24 -60.10
N THR A 279 -53.48 -4.84 -59.52
CA THR A 279 -52.25 -4.15 -59.15
C THR A 279 -51.07 -5.06 -59.50
N ARG A 280 -49.89 -4.69 -58.98
CA ARG A 280 -48.65 -5.44 -59.16
C ARG A 280 -48.55 -6.61 -58.17
N VAL A 281 -47.33 -7.08 -57.97
CA VAL A 281 -46.91 -8.25 -57.17
C VAL A 281 -47.62 -8.31 -55.82
N ASP A 282 -47.96 -9.52 -55.38
CA ASP A 282 -49.04 -9.77 -54.43
C ASP A 282 -48.70 -9.43 -52.98
N TRP A 283 -49.51 -9.93 -52.06
CA TRP A 283 -49.64 -9.40 -50.71
C TRP A 283 -49.84 -10.56 -49.75
N LYS A 284 -50.40 -10.25 -48.57
CA LYS A 284 -50.68 -11.08 -47.38
C LYS A 284 -49.42 -11.36 -46.58
N ARG A 285 -48.25 -10.94 -47.04
CA ARG A 285 -47.02 -10.91 -46.23
C ARG A 285 -46.48 -9.49 -46.38
N PRO A 286 -46.97 -8.54 -45.57
CA PRO A 286 -46.61 -7.13 -45.79
C PRO A 286 -45.20 -6.80 -45.35
N LYS A 287 -44.80 -5.55 -45.53
CA LYS A 287 -43.50 -5.06 -45.07
C LYS A 287 -43.66 -3.67 -44.50
N TYR A 288 -42.90 -3.38 -43.45
CA TYR A 288 -42.91 -2.05 -42.86
C TYR A 288 -42.26 -1.02 -43.79
N THR A 289 -41.38 -1.46 -44.69
CA THR A 289 -40.78 -0.56 -45.67
C THR A 289 -41.82 -0.03 -46.64
N SER A 290 -42.83 -0.83 -46.97
CA SER A 290 -43.92 -0.34 -47.84
C SER A 290 -44.79 0.67 -47.11
N ALA A 291 -44.99 0.48 -45.80
CA ALA A 291 -45.72 1.46 -45.00
C ALA A 291 -44.96 2.77 -44.90
N LEU A 292 -43.64 2.70 -44.71
CA LEU A 292 -42.81 3.89 -44.72
C LEU A 292 -42.80 4.56 -46.09
N THR A 293 -42.86 3.77 -47.17
CA THR A 293 -42.94 4.31 -48.52
C THR A 293 -44.24 5.10 -48.72
N TYR A 294 -45.36 4.50 -48.32
CA TYR A 294 -46.67 5.17 -48.43
C TYR A 294 -46.71 6.45 -47.61
N ASP A 295 -46.19 6.40 -46.38
CA ASP A 295 -46.21 7.59 -45.54
C ASP A 295 -45.24 8.66 -46.03
N GLY A 296 -44.12 8.26 -46.64
CA GLY A 296 -43.20 9.25 -47.18
C GLY A 296 -43.74 9.94 -48.42
N VAL A 297 -44.44 9.19 -49.27
CA VAL A 297 -45.09 9.82 -50.42
C VAL A 297 -46.24 10.71 -49.94
N LYS A 298 -46.90 10.34 -48.84
CA LYS A 298 -47.93 11.22 -48.27
C LYS A 298 -47.30 12.50 -47.69
N VAL A 299 -46.11 12.38 -47.10
CA VAL A 299 -45.35 13.55 -46.64
C VAL A 299 -45.03 14.48 -47.82
N MET A 300 -44.56 13.89 -48.92
CA MET A 300 -44.22 14.69 -50.10
C MET A 300 -45.45 15.35 -50.70
N ALA A 301 -46.59 14.64 -50.71
CA ALA A 301 -47.83 15.21 -51.23
C ALA A 301 -48.31 16.36 -50.37
N GLU A 302 -48.28 16.20 -49.04
CA GLU A 302 -48.65 17.31 -48.15
C GLU A 302 -47.69 18.47 -48.24
N ALA A 303 -46.41 18.20 -48.52
CA ALA A 303 -45.44 19.28 -48.65
C ALA A 303 -45.66 20.07 -49.93
N PHE A 304 -45.95 19.40 -51.05
CA PHE A 304 -46.26 20.14 -52.27
C PHE A 304 -47.61 20.84 -52.20
N GLN A 305 -48.58 20.29 -51.44
CA GLN A 305 -49.81 21.03 -51.20
C GLN A 305 -49.58 22.26 -50.32
N SER A 306 -48.63 22.17 -49.38
CA SER A 306 -48.27 23.35 -48.58
C SER A 306 -47.53 24.38 -49.41
N LEU A 307 -46.70 23.93 -50.37
CA LEU A 307 -46.07 24.86 -51.29
C LEU A 307 -47.07 25.52 -52.22
N ARG A 308 -48.15 24.80 -52.57
CA ARG A 308 -49.17 25.40 -53.41
C ARG A 308 -50.01 26.40 -52.63
N ARG A 309 -50.42 26.07 -51.41
CA ARG A 309 -51.30 26.96 -50.66
C ARG A 309 -50.57 28.11 -49.98
N GLN A 310 -49.24 28.15 -50.03
CA GLN A 310 -48.49 29.32 -49.57
C GLN A 310 -48.09 30.25 -50.72
N ARG A 311 -48.48 29.91 -51.95
CA ARG A 311 -48.29 30.74 -53.15
C ARG A 311 -46.81 31.05 -53.41
N ILE A 312 -45.96 30.06 -53.24
CA ILE A 312 -44.53 30.19 -53.48
C ILE A 312 -44.21 29.45 -54.78
N ASP A 313 -43.69 30.19 -55.76
CA ASP A 313 -43.38 29.61 -57.05
C ASP A 313 -42.09 28.79 -56.99
N ILE A 314 -42.01 27.78 -57.85
CA ILE A 314 -40.82 26.94 -58.00
C ILE A 314 -40.38 27.08 -59.45
N SER A 315 -39.38 27.91 -59.69
CA SER A 315 -38.88 28.13 -61.04
C SER A 315 -37.75 27.15 -61.35
N ARG A 316 -37.36 27.13 -62.62
CA ARG A 316 -36.31 26.22 -63.08
C ARG A 316 -35.63 26.81 -64.30
N ARG A 317 -34.31 26.59 -64.39
CA ARG A 317 -33.52 27.00 -65.54
C ARG A 317 -32.63 25.83 -66.00
N GLY A 318 -33.05 24.61 -65.70
CA GLY A 318 -32.26 23.43 -66.01
C GLY A 318 -32.31 23.00 -67.45
N ASN A 319 -31.74 23.81 -68.35
CA ASN A 319 -31.60 23.43 -69.76
C ASN A 319 -30.34 22.60 -69.91
N ALA A 320 -30.49 21.30 -69.60
CA ALA A 320 -29.41 20.32 -69.49
C ALA A 320 -28.33 20.80 -68.52
N GLY A 321 -28.73 21.00 -67.28
CA GLY A 321 -27.83 21.51 -66.27
C GLY A 321 -26.82 20.46 -65.84
N ASP A 322 -25.58 20.91 -65.62
CA ASP A 322 -24.51 20.00 -65.25
C ASP A 322 -24.64 19.57 -63.79
N CYS A 323 -24.56 18.27 -63.55
CA CYS A 323 -24.56 17.75 -62.19
C CYS A 323 -23.27 18.09 -61.46
N LEU A 324 -22.14 17.95 -62.15
CA LEU A 324 -20.82 18.20 -61.58
C LEU A 324 -20.24 19.45 -62.23
N ALA A 325 -20.13 20.53 -61.45
CA ALA A 325 -19.63 21.79 -61.94
C ALA A 325 -18.58 22.32 -60.98
N ASN A 326 -17.77 23.25 -61.47
CA ASN A 326 -16.71 23.82 -60.65
C ASN A 326 -16.78 25.34 -60.74
N PRO A 327 -17.16 26.04 -59.66
CA PRO A 327 -17.54 25.49 -58.36
C PRO A 327 -18.99 25.02 -58.28
N ALA A 328 -19.46 24.76 -57.07
CA ALA A 328 -20.83 24.29 -56.88
C ALA A 328 -21.81 25.44 -57.05
N VAL A 329 -22.95 25.15 -57.68
CA VAL A 329 -24.02 26.13 -57.85
C VAL A 329 -25.19 25.69 -56.99
N PRO A 330 -25.41 26.33 -55.83
CA PRO A 330 -26.53 25.92 -54.97
C PRO A 330 -27.87 26.36 -55.53
N TRP A 331 -28.79 25.42 -55.65
CA TRP A 331 -30.16 25.73 -56.06
C TRP A 331 -30.90 26.28 -54.84
N GLY A 332 -31.03 27.61 -54.79
CA GLY A 332 -31.48 28.31 -53.60
C GLY A 332 -32.94 28.13 -53.24
N GLN A 333 -33.75 27.59 -54.16
CA GLN A 333 -35.16 27.37 -53.87
C GLN A 333 -35.39 26.16 -52.97
N GLY A 334 -34.44 25.22 -52.93
CA GLY A 334 -34.60 23.96 -52.21
C GLY A 334 -34.79 24.10 -50.71
N ILE A 335 -34.26 25.17 -50.12
CA ILE A 335 -34.46 25.43 -48.69
C ILE A 335 -35.93 25.68 -48.38
N ASP A 336 -36.68 26.23 -49.36
CA ASP A 336 -38.13 26.35 -49.20
C ASP A 336 -38.78 24.98 -49.14
N ILE A 337 -38.30 24.06 -49.98
CA ILE A 337 -38.71 22.65 -49.89
C ILE A 337 -38.28 22.07 -48.55
N GLN A 338 -37.14 22.53 -48.03
CA GLN A 338 -36.71 22.12 -46.70
C GLN A 338 -37.63 22.67 -45.61
N ARG A 339 -38.29 23.80 -45.89
CA ARG A 339 -39.28 24.28 -44.94
C ARG A 339 -40.66 23.71 -45.23
N ALA A 340 -40.79 22.95 -46.33
CA ALA A 340 -42.07 22.32 -46.63
C ALA A 340 -42.10 20.89 -46.14
N LEU A 341 -41.01 20.14 -46.35
CA LEU A 341 -40.96 18.74 -45.94
C LEU A 341 -40.81 18.59 -44.44
N GLN A 342 -40.21 19.58 -43.76
CA GLN A 342 -39.97 19.46 -42.33
C GLN A 342 -41.24 19.69 -41.52
N GLN A 343 -42.16 20.51 -42.02
CA GLN A 343 -43.35 20.90 -41.27
C GLN A 343 -44.55 20.01 -41.59
N VAL A 344 -44.31 18.74 -41.93
CA VAL A 344 -45.38 17.80 -42.21
C VAL A 344 -45.75 17.10 -40.91
N ARG A 345 -47.05 17.02 -40.63
CA ARG A 345 -47.55 16.61 -39.32
C ARG A 345 -48.88 15.90 -39.50
N PHE A 346 -48.91 14.57 -39.38
CA PHE A 346 -50.19 13.88 -39.50
C PHE A 346 -50.14 12.56 -38.74
N GLU A 347 -51.21 11.78 -38.89
CA GLU A 347 -51.36 10.46 -38.29
C GLU A 347 -51.63 9.49 -39.43
N GLY A 348 -50.56 8.86 -39.94
CA GLY A 348 -50.66 7.97 -41.06
C GLY A 348 -50.49 6.52 -40.68
N LEU A 349 -50.09 5.71 -41.66
CA LEU A 349 -50.05 4.26 -41.52
C LEU A 349 -49.00 3.82 -40.50
N THR A 350 -47.91 4.58 -40.35
CA THR A 350 -46.91 4.33 -39.33
C THR A 350 -47.15 5.18 -38.07
N GLY A 351 -48.39 5.58 -37.83
CA GLY A 351 -48.71 6.33 -36.62
C GLY A 351 -48.45 7.81 -36.76
N ASN A 352 -47.95 8.44 -35.70
CA ASN A 352 -47.71 9.88 -35.71
C ASN A 352 -46.50 10.18 -36.58
N VAL A 353 -46.75 10.77 -37.75
CA VAL A 353 -45.71 11.12 -38.70
C VAL A 353 -45.36 12.59 -38.48
N GLN A 354 -44.08 12.83 -38.16
CA GLN A 354 -43.52 14.12 -37.76
C GLN A 354 -42.00 14.10 -37.83
N PHE A 355 -41.39 15.13 -38.41
CA PHE A 355 -39.95 15.24 -38.51
C PHE A 355 -39.42 16.24 -37.49
N ASN A 356 -38.15 16.07 -37.12
CA ASN A 356 -37.47 16.99 -36.23
C ASN A 356 -36.75 18.06 -37.04
N GLU A 357 -35.89 18.83 -36.38
CA GLU A 357 -35.10 19.85 -37.06
C GLU A 357 -33.91 19.27 -37.82
N LYS A 358 -33.54 18.02 -37.55
CA LYS A 358 -32.39 17.40 -38.19
C LYS A 358 -32.79 16.42 -39.29
N GLY A 359 -34.06 16.10 -39.43
CA GLY A 359 -34.51 15.21 -40.48
C GLY A 359 -34.79 13.78 -40.06
N ARG A 360 -35.02 13.53 -38.78
CA ARG A 360 -35.33 12.20 -38.28
C ARG A 360 -36.72 12.19 -37.66
N ARG A 361 -37.15 11.00 -37.25
CA ARG A 361 -38.48 10.84 -36.70
C ARG A 361 -38.52 11.25 -35.24
N THR A 362 -39.45 12.14 -34.90
CA THR A 362 -39.75 12.51 -33.53
C THR A 362 -41.25 12.37 -33.33
N ASN A 363 -41.66 12.32 -32.05
CA ASN A 363 -43.02 11.96 -31.61
C ASN A 363 -43.51 10.65 -32.24
N TYR A 364 -42.84 9.56 -31.89
CA TYR A 364 -43.26 8.26 -32.39
C TYR A 364 -43.37 7.26 -31.24
N THR A 365 -44.08 6.17 -31.51
CA THR A 365 -44.44 5.19 -30.50
C THR A 365 -44.21 3.80 -31.06
N LEU A 366 -43.48 2.96 -30.33
CA LEU A 366 -43.17 1.60 -30.74
C LEU A 366 -43.71 0.63 -29.70
N HIS A 367 -44.52 -0.31 -30.16
CA HIS A 367 -45.10 -1.32 -29.27
C HIS A 367 -44.12 -2.46 -29.07
N VAL A 368 -44.23 -3.14 -27.94
CA VAL A 368 -43.34 -4.25 -27.61
C VAL A 368 -44.19 -5.50 -27.47
N ILE A 369 -43.89 -6.51 -28.28
CA ILE A 369 -44.72 -7.72 -28.36
C ILE A 369 -43.85 -8.93 -28.04
N GLU A 370 -44.28 -9.70 -27.04
CA GLU A 370 -43.63 -10.96 -26.66
C GLU A 370 -44.49 -12.12 -27.14
N MET A 371 -43.82 -13.17 -27.63
CA MET A 371 -44.53 -14.36 -28.12
C MET A 371 -43.89 -15.61 -27.56
N LYS A 372 -44.71 -16.46 -26.93
CA LYS A 372 -44.27 -17.79 -26.52
C LYS A 372 -45.48 -18.70 -26.43
N HIS A 373 -45.41 -19.85 -27.12
CA HIS A 373 -46.42 -20.91 -27.10
C HIS A 373 -47.80 -20.39 -27.53
N ASP A 374 -47.81 -19.75 -28.71
CA ASP A 374 -49.00 -19.14 -29.33
C ASP A 374 -49.62 -18.07 -28.42
N GLY A 375 -48.80 -17.40 -27.62
CA GLY A 375 -49.27 -16.29 -26.82
C GLY A 375 -48.83 -14.95 -27.38
N ILE A 376 -49.74 -14.26 -28.06
CA ILE A 376 -49.44 -12.96 -28.65
C ILE A 376 -49.82 -11.93 -27.60
N ARG A 377 -48.83 -11.48 -26.82
CA ARG A 377 -49.07 -10.58 -25.71
C ARG A 377 -48.38 -9.24 -25.97
N LYS A 378 -49.06 -8.18 -25.55
CA LYS A 378 -48.58 -6.81 -25.70
C LYS A 378 -48.06 -6.35 -24.35
N ILE A 379 -46.74 -6.15 -24.26
CA ILE A 379 -46.14 -5.72 -23.00
C ILE A 379 -46.46 -4.26 -22.72
N GLY A 380 -46.10 -3.39 -23.66
CA GLY A 380 -46.36 -1.97 -23.52
C GLY A 380 -45.87 -1.19 -24.73
N TYR A 381 -45.59 0.09 -24.56
CA TYR A 381 -45.09 0.89 -25.66
C TYR A 381 -43.95 1.79 -25.21
N TRP A 382 -43.35 2.43 -26.20
CA TRP A 382 -42.10 3.18 -26.04
C TRP A 382 -42.20 4.48 -26.82
N ASN A 383 -41.71 5.56 -26.23
CA ASN A 383 -41.71 6.87 -26.87
C ASN A 383 -40.50 7.66 -26.38
N GLU A 384 -40.52 8.99 -26.56
CA GLU A 384 -39.39 9.84 -26.24
C GLU A 384 -39.62 10.78 -25.07
N ASP A 385 -40.82 10.78 -24.47
CA ASP A 385 -41.11 11.69 -23.37
C ASP A 385 -41.50 10.97 -22.09
N ASP A 386 -42.11 9.80 -22.20
CA ASP A 386 -42.57 8.98 -21.09
C ASP A 386 -41.98 7.60 -21.23
N LYS A 387 -40.65 7.56 -21.37
CA LYS A 387 -39.87 6.74 -22.31
C LYS A 387 -40.43 5.35 -22.59
N PHE A 388 -40.55 4.50 -21.58
CA PHE A 388 -41.07 3.16 -21.79
C PHE A 388 -42.11 2.86 -20.72
N VAL A 389 -43.32 2.49 -21.14
CA VAL A 389 -44.35 2.12 -20.19
C VAL A 389 -44.90 0.74 -20.53
N PRO A 390 -45.24 -0.07 -19.53
CA PRO A 390 -45.90 -1.36 -19.81
C PRO A 390 -47.41 -1.21 -19.90
N ALA A 391 -48.10 -2.33 -20.09
CA ALA A 391 -49.56 -2.33 -20.15
C ALA A 391 -50.15 -3.51 -19.40
N ARG A 407 -53.28 -25.23 -2.52
CA ARG A 407 -52.11 -25.49 -3.35
C ARG A 407 -51.50 -26.86 -3.04
N THR A 408 -50.18 -26.92 -3.05
CA THR A 408 -49.48 -28.17 -2.78
C THR A 408 -48.27 -27.91 -1.88
N TYR A 409 -47.45 -28.93 -1.65
CA TYR A 409 -46.29 -28.75 -0.79
C TYR A 409 -45.58 -30.08 -0.60
N ILE A 410 -44.29 -30.12 -0.95
CA ILE A 410 -43.50 -31.34 -0.86
C ILE A 410 -42.81 -31.37 0.50
N VAL A 411 -43.01 -32.45 1.24
CA VAL A 411 -42.37 -32.66 2.53
C VAL A 411 -41.43 -33.85 2.38
N THR A 412 -40.14 -33.61 2.60
CA THR A 412 -39.14 -34.66 2.45
C THR A 412 -38.53 -35.04 3.79
N THR A 413 -38.02 -36.27 3.86
CA THR A 413 -37.36 -36.79 5.05
C THR A 413 -36.51 -37.99 4.65
N ILE A 414 -35.93 -38.66 5.64
CA ILE A 414 -35.12 -39.85 5.44
C ILE A 414 -35.54 -40.88 6.49
N LEU A 415 -35.43 -42.15 6.10
CA LEU A 415 -35.80 -43.28 6.98
C LEU A 415 -34.80 -43.38 8.11
N GLU A 416 -35.16 -42.82 9.28
CA GLU A 416 -34.33 -42.92 10.47
C GLU A 416 -35.21 -43.19 11.68
N ASP A 417 -34.71 -44.05 12.57
CA ASP A 417 -35.40 -44.45 13.79
C ASP A 417 -35.06 -43.49 14.92
N PRO A 418 -36.04 -43.14 15.78
CA PRO A 418 -37.45 -43.48 15.69
C PRO A 418 -38.26 -42.41 14.97
N TYR A 419 -37.57 -41.57 14.20
CA TYR A 419 -38.22 -40.43 13.58
C TYR A 419 -39.15 -40.86 12.44
N VAL A 420 -38.61 -41.61 11.49
CA VAL A 420 -39.38 -42.11 10.36
C VAL A 420 -39.27 -43.63 10.37
N MET A 421 -40.38 -44.30 10.61
CA MET A 421 -40.41 -45.75 10.71
C MET A 421 -41.47 -46.33 9.78
N LEU A 422 -41.16 -47.49 9.21
CA LEU A 422 -42.12 -48.23 8.42
C LEU A 422 -43.18 -48.83 9.31
N LYS A 423 -44.42 -48.83 8.84
CA LYS A 423 -45.50 -49.44 9.60
C LYS A 423 -45.48 -50.96 9.45
N LYS A 424 -46.34 -51.63 10.20
CA LYS A 424 -46.46 -53.08 10.08
C LYS A 424 -47.13 -53.47 8.77
N ASN A 425 -48.30 -52.90 8.49
CA ASN A 425 -49.01 -53.12 7.23
C ASN A 425 -48.71 -52.00 6.24
N ALA A 426 -47.41 -51.82 5.95
CA ALA A 426 -46.98 -50.78 5.04
C ALA A 426 -47.40 -51.06 3.60
N ASN A 427 -47.43 -52.34 3.20
CA ASN A 427 -47.94 -52.71 1.90
C ASN A 427 -49.46 -52.63 1.83
N GLN A 428 -50.13 -52.67 2.97
CA GLN A 428 -51.57 -52.52 3.05
C GLN A 428 -52.00 -51.08 3.28
N PHE A 429 -51.04 -50.14 3.25
CA PHE A 429 -51.33 -48.73 3.45
C PHE A 429 -50.93 -47.96 2.20
N GLU A 430 -51.45 -46.73 2.10
CA GLU A 430 -51.17 -45.87 0.96
C GLU A 430 -51.17 -44.43 1.41
N GLY A 431 -50.58 -43.57 0.59
CA GLY A 431 -50.53 -42.14 0.89
C GLY A 431 -49.50 -41.79 1.93
N ASN A 432 -49.80 -40.80 2.76
CA ASN A 432 -48.87 -40.34 3.78
C ASN A 432 -48.92 -41.18 5.05
N ASP A 433 -49.93 -42.04 5.21
CA ASP A 433 -50.07 -42.82 6.43
C ASP A 433 -49.24 -44.10 6.44
N ARG A 434 -48.40 -44.31 5.42
CA ARG A 434 -47.55 -45.50 5.39
C ARG A 434 -46.41 -45.43 6.40
N TYR A 435 -46.08 -44.25 6.90
CA TYR A 435 -44.98 -44.06 7.82
C TYR A 435 -45.48 -43.62 9.18
N GLU A 436 -44.59 -43.66 10.16
CA GLU A 436 -44.94 -43.33 11.54
C GLU A 436 -43.67 -42.97 12.30
N GLY A 437 -43.85 -42.21 13.37
CA GLY A 437 -42.75 -41.84 14.23
C GLY A 437 -42.91 -40.41 14.73
N TYR A 438 -41.77 -39.80 15.04
CA TYR A 438 -41.77 -38.46 15.64
C TYR A 438 -42.04 -37.38 14.60
N CYS A 439 -41.29 -37.39 13.50
CA CYS A 439 -41.40 -36.32 12.52
C CYS A 439 -42.69 -36.43 11.71
N VAL A 440 -43.28 -37.63 11.65
CA VAL A 440 -44.56 -37.79 10.97
C VAL A 440 -45.66 -37.05 11.71
N GLU A 441 -45.78 -37.29 13.02
CA GLU A 441 -46.76 -36.57 13.82
C GLU A 441 -46.38 -35.11 14.00
N LEU A 442 -45.08 -34.79 13.90
CA LEU A 442 -44.65 -33.40 13.90
C LEU A 442 -45.16 -32.66 12.68
N ALA A 443 -45.01 -33.24 11.49
CA ALA A 443 -45.55 -32.64 10.28
C ALA A 443 -47.06 -32.64 10.29
N ALA A 444 -47.69 -33.61 10.94
CA ALA A 444 -49.14 -33.60 11.11
C ALA A 444 -49.59 -32.43 11.97
N GLU A 445 -48.84 -32.13 13.05
CA GLU A 445 -49.18 -30.99 13.89
C GLU A 445 -48.91 -29.67 13.18
N ILE A 446 -47.86 -29.60 12.36
CA ILE A 446 -47.59 -28.39 11.58
C ILE A 446 -48.70 -28.17 10.56
N ALA A 447 -49.15 -29.24 9.90
CA ALA A 447 -50.26 -29.12 8.95
C ALA A 447 -51.57 -28.83 9.65
N LYS A 448 -51.70 -29.21 10.93
CA LYS A 448 -52.90 -28.85 11.69
C LYS A 448 -52.88 -27.37 12.05
N HIS A 449 -51.75 -26.86 12.52
CA HIS A 449 -51.66 -25.46 12.92
C HIS A 449 -51.52 -24.49 11.74
N VAL A 450 -51.25 -24.99 10.54
CA VAL A 450 -51.19 -24.13 9.36
C VAL A 450 -52.38 -24.36 8.42
N GLY A 451 -52.74 -25.61 8.13
CA GLY A 451 -53.86 -25.89 7.26
C GLY A 451 -53.52 -25.92 5.78
N TYR A 452 -52.63 -26.83 5.39
CA TYR A 452 -52.23 -26.96 4.00
C TYR A 452 -52.16 -28.43 3.63
N SER A 453 -52.16 -28.70 2.33
CA SER A 453 -51.97 -30.04 1.83
C SER A 453 -50.49 -30.33 1.61
N TYR A 454 -50.06 -31.52 2.02
CA TYR A 454 -48.66 -31.89 1.97
C TYR A 454 -48.52 -33.26 1.32
N ARG A 455 -47.27 -33.69 1.18
CA ARG A 455 -46.96 -35.00 0.63
C ARG A 455 -45.61 -35.45 1.18
N LEU A 456 -45.60 -36.59 1.87
CA LEU A 456 -44.37 -37.10 2.47
C LEU A 456 -43.51 -37.73 1.39
N GLU A 457 -42.26 -37.31 1.30
CA GLU A 457 -41.33 -37.77 0.27
C GLU A 457 -40.10 -38.38 0.91
N ILE A 458 -39.53 -39.37 0.25
CA ILE A 458 -38.33 -40.05 0.69
C ILE A 458 -37.16 -39.63 -0.19
N VAL A 459 -36.03 -39.28 0.43
CA VAL A 459 -34.87 -38.84 -0.31
C VAL A 459 -34.27 -40.02 -1.06
N SER A 460 -33.61 -39.74 -2.18
CA SER A 460 -33.11 -40.81 -3.05
C SER A 460 -31.73 -41.28 -2.61
N ASP A 461 -30.78 -40.37 -2.45
CA ASP A 461 -29.40 -40.75 -2.22
C ASP A 461 -29.12 -41.26 -0.82
N GLY A 462 -30.02 -41.01 0.14
CA GLY A 462 -29.77 -41.42 1.50
C GLY A 462 -28.76 -40.58 2.24
N LYS A 463 -28.38 -39.43 1.70
CA LYS A 463 -27.44 -38.53 2.34
C LYS A 463 -28.19 -37.37 2.97
N TYR A 464 -27.62 -36.85 4.06
CA TYR A 464 -28.27 -35.74 4.77
C TYR A 464 -28.03 -34.42 4.04
N GLY A 465 -26.77 -34.00 3.94
CA GLY A 465 -26.41 -32.82 3.20
C GLY A 465 -24.92 -32.58 3.22
N ALA A 466 -24.32 -32.34 2.05
CA ALA A 466 -22.89 -32.10 1.95
C ALA A 466 -22.63 -31.30 0.68
N ARG A 467 -21.59 -30.47 0.74
CA ARG A 467 -21.17 -29.65 -0.39
C ARG A 467 -19.80 -30.14 -0.84
N ASP A 468 -19.77 -30.83 -1.97
CA ASP A 468 -18.51 -31.22 -2.57
C ASP A 468 -17.81 -29.99 -3.12
N PRO A 469 -16.64 -29.61 -2.58
CA PRO A 469 -16.01 -28.35 -3.02
C PRO A 469 -15.42 -28.43 -4.41
N ASP A 470 -15.21 -29.63 -4.95
CA ASP A 470 -14.76 -29.76 -6.33
C ASP A 470 -15.87 -29.41 -7.30
N THR A 471 -17.08 -29.91 -7.06
CA THR A 471 -18.21 -29.66 -7.96
C THR A 471 -19.01 -28.42 -7.55
N LYS A 472 -18.84 -27.94 -6.32
CA LYS A 472 -19.60 -26.83 -5.74
C LYS A 472 -21.11 -27.10 -5.80
N ALA A 473 -21.52 -28.30 -5.40
CA ALA A 473 -22.91 -28.73 -5.48
C ALA A 473 -23.30 -29.41 -4.18
N TRP A 474 -24.42 -28.97 -3.60
CA TRP A 474 -24.97 -29.64 -2.43
C TRP A 474 -25.72 -30.90 -2.83
N ASN A 475 -25.74 -31.88 -1.94
CA ASN A 475 -26.50 -33.10 -2.17
C ASN A 475 -27.53 -33.32 -1.05
N GLY A 476 -28.38 -34.32 -1.24
CA GLY A 476 -29.34 -34.67 -0.22
C GLY A 476 -30.52 -33.72 -0.20
N MET A 477 -31.13 -33.58 0.97
CA MET A 477 -32.30 -32.72 1.12
C MET A 477 -31.93 -31.25 1.04
N VAL A 478 -30.67 -30.91 1.35
CA VAL A 478 -30.16 -29.57 1.11
C VAL A 478 -30.18 -29.26 -0.39
N GLY A 479 -29.71 -30.20 -1.21
CA GLY A 479 -29.79 -30.04 -2.65
C GLY A 479 -31.21 -30.09 -3.18
N GLU A 480 -32.11 -30.78 -2.46
CA GLU A 480 -33.52 -30.76 -2.82
C GLU A 480 -34.13 -29.39 -2.58
N LEU A 481 -33.75 -28.73 -1.49
CA LEU A 481 -34.29 -27.40 -1.19
C LEU A 481 -33.67 -26.32 -2.06
N VAL A 482 -32.37 -26.44 -2.37
CA VAL A 482 -31.71 -25.44 -3.20
C VAL A 482 -32.18 -25.53 -4.64
N TYR A 483 -32.18 -26.73 -5.21
CA TYR A 483 -32.59 -26.93 -6.59
C TYR A 483 -34.10 -27.12 -6.74
N GLY A 484 -34.87 -26.88 -5.69
CA GLY A 484 -36.31 -26.90 -5.80
C GLY A 484 -36.94 -28.26 -5.93
N ARG A 485 -36.23 -29.34 -5.60
CA ARG A 485 -36.81 -30.67 -5.66
C ARG A 485 -37.77 -30.93 -4.52
N ALA A 486 -37.71 -30.16 -3.44
CA ALA A 486 -38.62 -30.27 -2.32
C ALA A 486 -39.02 -28.88 -1.86
N ASP A 487 -40.05 -28.82 -1.02
CA ASP A 487 -40.56 -27.55 -0.51
C ASP A 487 -40.18 -27.29 0.94
N VAL A 488 -40.56 -28.19 1.87
CA VAL A 488 -40.23 -28.04 3.28
C VAL A 488 -39.61 -29.34 3.75
N ALA A 489 -38.42 -29.25 4.34
CA ALA A 489 -37.69 -30.42 4.82
C ALA A 489 -37.90 -30.53 6.32
N VAL A 490 -38.59 -31.59 6.73
CA VAL A 490 -38.79 -31.91 8.14
C VAL A 490 -37.97 -33.17 8.42
N ALA A 491 -36.79 -32.98 9.00
CA ALA A 491 -35.87 -34.07 9.26
C ALA A 491 -34.89 -33.63 10.34
N PRO A 492 -34.32 -34.57 11.09
CA PRO A 492 -33.26 -34.20 12.04
C PRO A 492 -31.97 -33.83 11.32
N LEU A 493 -31.88 -32.58 10.86
CA LEU A 493 -30.70 -32.05 10.20
C LEU A 493 -29.99 -31.09 11.13
N THR A 494 -28.67 -31.25 11.26
CA THR A 494 -27.88 -30.41 12.14
C THR A 494 -27.69 -29.03 11.50
N ILE A 495 -28.05 -27.99 12.24
CA ILE A 495 -27.96 -26.61 11.74
C ILE A 495 -26.52 -26.13 11.92
N THR A 496 -25.83 -25.91 10.81
CA THR A 496 -24.46 -25.45 10.82
C THR A 496 -24.36 -24.07 10.17
N LEU A 497 -23.13 -23.56 10.10
CA LEU A 497 -22.90 -22.26 9.50
C LEU A 497 -23.02 -22.30 7.98
N VAL A 498 -22.54 -23.37 7.37
CA VAL A 498 -22.56 -23.46 5.91
C VAL A 498 -23.95 -23.75 5.36
N ARG A 499 -24.87 -24.20 6.19
CA ARG A 499 -26.23 -24.50 5.75
C ARG A 499 -27.16 -23.30 5.88
N GLU A 500 -26.82 -22.35 6.74
CA GLU A 500 -27.66 -21.17 6.92
C GLU A 500 -27.60 -20.25 5.70
N GLU A 501 -26.45 -20.19 5.03
CA GLU A 501 -26.28 -19.27 3.92
C GLU A 501 -27.04 -19.69 2.67
N VAL A 502 -27.45 -20.95 2.57
CA VAL A 502 -28.13 -21.47 1.41
C VAL A 502 -29.62 -21.68 1.67
N ILE A 503 -29.99 -22.11 2.88
CA ILE A 503 -31.39 -22.33 3.24
C ILE A 503 -31.61 -21.78 4.65
N ASP A 504 -32.87 -21.47 4.94
CA ASP A 504 -33.26 -20.91 6.22
C ASP A 504 -33.59 -22.01 7.22
N PHE A 505 -33.73 -21.63 8.47
CA PHE A 505 -34.05 -22.57 9.54
C PHE A 505 -34.99 -21.92 10.55
N SER A 506 -35.75 -22.76 11.23
CA SER A 506 -36.63 -22.30 12.31
C SER A 506 -35.85 -22.32 13.62
N LYS A 507 -36.53 -22.05 14.72
CA LYS A 507 -35.88 -22.15 16.02
C LYS A 507 -35.71 -23.61 16.41
N PRO A 508 -34.66 -23.96 17.15
CA PRO A 508 -34.43 -25.36 17.53
C PRO A 508 -35.48 -25.84 18.51
N PHE A 509 -36.10 -26.97 18.17
CA PHE A 509 -37.14 -27.56 19.01
C PHE A 509 -36.60 -28.62 19.96
N MET A 510 -35.47 -29.24 19.65
CA MET A 510 -34.92 -30.30 20.50
C MET A 510 -33.42 -30.11 20.61
N SER A 511 -32.95 -29.78 21.81
CA SER A 511 -31.53 -29.62 22.07
C SER A 511 -30.90 -30.97 22.35
N LEU A 512 -29.63 -31.10 21.96
CA LEU A 512 -28.90 -32.35 22.15
C LEU A 512 -27.41 -32.05 22.16
N GLY A 513 -26.64 -33.08 22.51
CA GLY A 513 -25.20 -32.95 22.55
C GLY A 513 -24.53 -34.30 22.48
N ILE A 514 -23.23 -34.30 22.76
CA ILE A 514 -22.43 -35.51 22.73
C ILE A 514 -22.42 -36.14 24.12
N SER A 515 -22.77 -37.43 24.17
CA SER A 515 -22.86 -38.16 25.43
C SER A 515 -21.95 -39.39 25.37
N ILE A 516 -21.94 -40.13 26.47
CA ILE A 516 -21.06 -41.28 26.65
C ILE A 516 -21.94 -42.53 26.78
N MET A 517 -21.63 -43.55 25.99
CA MET A 517 -22.30 -44.84 26.05
C MET A 517 -21.37 -45.87 26.69
N ILE A 518 -21.86 -46.54 27.73
CA ILE A 518 -21.11 -47.57 28.43
C ILE A 518 -21.86 -48.89 28.33
N LYS A 519 -21.27 -49.92 28.93
CA LYS A 519 -21.84 -51.26 28.92
C LYS A 519 -22.91 -51.48 29.97
N LYS A 520 -23.14 -50.49 30.85
CA LYS A 520 -24.16 -50.47 31.91
C LYS A 520 -24.02 -51.65 32.84
N PRO A 521 -23.00 -51.68 33.71
CA PRO A 521 -22.76 -52.87 34.53
C PRO A 521 -23.81 -53.04 35.62
N GLN A 522 -24.28 -54.28 35.76
CA GLN A 522 -25.30 -54.62 36.75
C GLN A 522 -24.64 -55.23 37.99
N LYS A 523 -25.48 -55.63 38.95
CA LYS A 523 -25.01 -56.25 40.19
C LYS A 523 -24.84 -57.75 39.98
N SER A 524 -23.85 -58.11 39.19
CA SER A 524 -23.56 -59.50 38.85
C SER A 524 -22.65 -60.10 39.92
N LYS A 525 -23.24 -60.35 41.08
CA LYS A 525 -22.51 -60.92 42.21
C LYS A 525 -22.91 -62.37 42.39
N PRO A 526 -21.98 -63.31 42.34
CA PRO A 526 -22.32 -64.72 42.59
C PRO A 526 -22.51 -64.98 44.08
N GLY A 527 -22.85 -66.23 44.40
CA GLY A 527 -23.29 -66.59 45.73
C GLY A 527 -22.23 -67.25 46.59
N VAL A 528 -22.26 -68.59 46.64
CA VAL A 528 -21.31 -69.36 47.45
C VAL A 528 -19.89 -69.16 46.94
N PHE A 529 -19.72 -68.93 45.64
CA PHE A 529 -18.42 -68.61 45.06
C PHE A 529 -17.85 -67.29 45.58
N SER A 530 -18.71 -66.37 46.02
CA SER A 530 -18.21 -65.10 46.57
C SER A 530 -17.65 -65.27 47.98
N PHE A 531 -18.00 -66.35 48.68
CA PHE A 531 -17.54 -66.54 50.04
C PHE A 531 -16.04 -66.89 50.10
N LEU A 532 -15.62 -67.85 49.29
CA LEU A 532 -14.22 -68.28 49.28
C LEU A 532 -13.35 -67.41 48.37
N ASP A 533 -13.81 -66.20 48.05
CA ASP A 533 -13.01 -65.24 47.29
C ASP A 533 -11.70 -64.82 47.96
N PRO A 534 -11.68 -64.22 49.17
CA PRO A 534 -10.58 -63.30 49.50
C PRO A 534 -9.22 -63.94 49.74
N LEU A 535 -9.16 -65.19 50.19
CA LEU A 535 -7.84 -65.78 50.37
C LEU A 535 -7.43 -66.58 49.15
N ALA A 536 -8.16 -67.67 48.87
CA ALA A 536 -7.90 -68.60 47.77
C ALA A 536 -9.00 -69.64 47.69
N TYR A 537 -8.89 -70.55 46.73
CA TYR A 537 -9.64 -71.80 46.74
C TYR A 537 -8.75 -73.00 46.93
N GLU A 538 -7.46 -72.79 47.22
CA GLU A 538 -6.49 -73.87 47.36
C GLU A 538 -5.70 -73.82 48.65
N ILE A 539 -5.60 -72.67 49.31
CA ILE A 539 -4.89 -72.60 50.58
C ILE A 539 -5.72 -73.26 51.68
N TRP A 540 -7.05 -73.21 51.54
CA TRP A 540 -7.96 -73.81 52.52
C TRP A 540 -7.79 -75.31 52.62
N MET A 541 -7.46 -75.98 51.52
CA MET A 541 -7.21 -77.42 51.56
C MET A 541 -5.95 -77.73 52.37
N CYS A 542 -4.90 -76.93 52.21
CA CYS A 542 -3.71 -77.08 53.02
C CYS A 542 -3.98 -76.76 54.49
N ILE A 543 -4.91 -75.83 54.75
CA ILE A 543 -5.30 -75.52 56.12
C ILE A 543 -6.00 -76.71 56.76
N VAL A 544 -6.93 -77.34 56.04
CA VAL A 544 -7.62 -78.53 56.56
C VAL A 544 -6.64 -79.70 56.71
N PHE A 545 -5.66 -79.81 55.82
CA PHE A 545 -4.67 -80.88 55.92
C PHE A 545 -3.76 -80.67 57.12
N ALA A 546 -3.34 -79.43 57.38
CA ALA A 546 -2.58 -79.14 58.58
C ALA A 546 -3.43 -79.31 59.84
N TYR A 547 -4.73 -79.05 59.75
CA TYR A 547 -5.66 -79.30 60.85
C TYR A 547 -5.70 -80.78 61.23
N ILE A 548 -5.91 -81.64 60.24
CA ILE A 548 -5.99 -83.07 60.55
C ILE A 548 -4.61 -83.62 60.91
N GLY A 549 -3.54 -83.00 60.40
CA GLY A 549 -2.20 -83.42 60.79
C GLY A 549 -1.88 -83.08 62.24
N VAL A 550 -2.26 -81.88 62.68
CA VAL A 550 -2.05 -81.49 64.06
C VAL A 550 -2.95 -82.32 64.99
N SER A 551 -4.13 -82.72 64.51
CA SER A 551 -4.95 -83.63 65.31
C SER A 551 -4.30 -85.01 65.42
N VAL A 552 -3.65 -85.47 64.35
CA VAL A 552 -2.87 -86.70 64.42
C VAL A 552 -1.70 -86.57 65.39
N VAL A 553 -1.07 -85.39 65.43
CA VAL A 553 0.02 -85.13 66.37
C VAL A 553 -0.49 -85.17 67.81
N LEU A 554 -1.66 -84.59 68.06
CA LEU A 554 -2.23 -84.58 69.41
C LEU A 554 -2.64 -85.98 69.85
N PHE A 555 -3.30 -86.73 68.97
CA PHE A 555 -3.70 -88.10 69.29
C PHE A 555 -2.50 -89.03 69.41
N LEU A 556 -1.41 -88.73 68.71
CA LEU A 556 -0.15 -89.45 68.91
C LEU A 556 0.41 -89.20 70.30
N VAL A 557 0.72 -87.94 70.59
CA VAL A 557 1.53 -87.62 71.76
C VAL A 557 0.73 -87.75 73.05
N SER A 558 -0.58 -87.47 73.01
CA SER A 558 -1.41 -87.56 74.20
C SER A 558 -1.60 -88.99 74.68
N ARG A 559 -1.69 -89.95 73.75
CA ARG A 559 -1.80 -91.36 74.11
C ARG A 559 -0.44 -92.04 74.25
N PHE A 560 0.65 -91.28 74.19
CA PHE A 560 2.00 -91.82 74.19
C PHE A 560 2.69 -91.72 75.54
N SER A 561 2.33 -90.74 76.36
CA SER A 561 2.91 -90.58 77.68
C SER A 561 2.42 -91.67 78.64
N SER A 582 -5.83 -90.22 79.90
CA SER A 582 -5.78 -88.81 80.26
C SER A 582 -7.08 -88.11 79.87
N ASN A 583 -6.96 -86.89 79.35
CA ASN A 583 -8.14 -86.14 78.93
C ASN A 583 -8.33 -86.19 77.42
N GLU A 584 -7.24 -86.19 76.66
CA GLU A 584 -7.28 -86.32 75.21
C GLU A 584 -6.97 -87.73 74.75
N PHE A 585 -7.40 -88.74 75.51
CA PHE A 585 -7.12 -90.13 75.17
C PHE A 585 -7.85 -90.58 73.92
N GLY A 586 -9.04 -90.04 73.66
CA GLY A 586 -9.82 -90.40 72.51
C GLY A 586 -9.45 -89.60 71.28
N ILE A 587 -9.85 -90.11 70.11
CA ILE A 587 -9.60 -89.41 68.87
C ILE A 587 -10.48 -88.17 68.75
N PHE A 588 -11.69 -88.21 69.33
CA PHE A 588 -12.57 -87.06 69.26
C PHE A 588 -12.12 -85.94 70.18
N ASN A 589 -11.55 -86.28 71.35
CA ASN A 589 -11.03 -85.25 72.24
C ASN A 589 -9.85 -84.52 71.62
N SER A 590 -8.97 -85.27 70.95
CA SER A 590 -7.83 -84.66 70.26
C SER A 590 -8.28 -83.82 69.08
N LEU A 591 -9.26 -84.32 68.31
CA LEU A 591 -9.76 -83.56 67.17
C LEU A 591 -10.53 -82.32 67.62
N TRP A 592 -11.22 -82.42 68.76
CA TRP A 592 -11.99 -81.29 69.27
C TRP A 592 -11.08 -80.22 69.85
N PHE A 593 -10.00 -80.63 70.52
CA PHE A 593 -9.03 -79.63 70.97
C PHE A 593 -8.27 -79.04 69.80
N SER A 594 -8.06 -79.82 68.73
CA SER A 594 -7.48 -79.26 67.51
C SER A 594 -8.41 -78.23 66.87
N LEU A 595 -9.72 -78.48 66.92
CA LEU A 595 -10.67 -77.52 66.40
C LEU A 595 -10.74 -76.27 67.26
N GLY A 596 -10.67 -76.45 68.59
CA GLY A 596 -10.65 -75.31 69.49
C GLY A 596 -9.38 -74.48 69.38
N ALA A 597 -8.25 -75.14 69.09
CA ALA A 597 -7.02 -74.40 68.86
C ALA A 597 -7.00 -73.78 67.47
N PHE A 598 -7.78 -74.32 66.53
CA PHE A 598 -7.91 -73.65 65.24
C PHE A 598 -8.81 -72.43 65.33
N MET A 599 -9.83 -72.47 66.17
CA MET A 599 -10.68 -71.32 66.35
C MET A 599 -10.20 -70.50 67.55
N GLN A 600 -11.00 -69.54 67.99
CA GLN A 600 -10.62 -68.66 69.09
C GLN A 600 -11.04 -69.22 70.44
N GLN A 601 -12.34 -69.49 70.60
CA GLN A 601 -12.90 -69.78 71.91
C GLN A 601 -12.64 -71.22 72.34
N GLY A 602 -13.34 -71.62 73.38
CA GLY A 602 -13.27 -72.98 73.91
C GLY A 602 -13.51 -73.02 75.41
N ASP A 604 -11.72 -75.69 75.48
CA ASP A 604 -12.61 -76.51 76.28
C ASP A 604 -11.85 -77.27 77.36
N ILE A 605 -11.05 -78.24 76.93
CA ILE A 605 -10.24 -79.06 77.82
C ILE A 605 -8.80 -78.60 77.73
N SER A 606 -8.23 -78.24 78.87
CA SER A 606 -6.88 -77.69 78.91
C SER A 606 -5.88 -78.81 79.17
N PRO A 607 -4.90 -79.03 78.30
CA PRO A 607 -3.85 -80.01 78.58
C PRO A 607 -2.89 -79.51 79.65
N ARG A 608 -2.10 -80.43 80.19
CA ARG A 608 -1.13 -80.13 81.23
C ARG A 608 0.30 -80.46 80.83
N SER A 609 0.49 -81.15 79.72
CA SER A 609 1.83 -81.57 79.32
C SER A 609 2.59 -80.41 78.65
N LEU A 610 3.91 -80.55 78.64
CA LEU A 610 4.76 -79.62 77.88
C LEU A 610 4.54 -79.76 76.39
N SER A 611 4.44 -81.01 75.92
CA SER A 611 4.41 -81.29 74.49
C SER A 611 3.09 -80.86 73.85
N GLY A 612 1.97 -81.18 74.50
CA GLY A 612 0.69 -80.79 73.96
C GLY A 612 0.49 -79.28 73.98
N ARG A 613 1.00 -78.63 75.02
CA ARG A 613 0.91 -77.17 75.11
C ARG A 613 1.78 -76.50 74.06
N ILE A 614 2.95 -77.06 73.75
CA ILE A 614 3.77 -76.41 72.74
C ILE A 614 3.25 -76.72 71.33
N VAL A 615 2.59 -77.87 71.13
CA VAL A 615 1.90 -78.12 69.87
C VAL A 615 0.75 -77.13 69.69
N GLY A 616 0.00 -76.86 70.75
CA GLY A 616 -1.04 -75.85 70.68
C GLY A 616 -0.51 -74.46 70.42
N GLY A 617 0.63 -74.13 71.04
CA GLY A 617 1.23 -72.82 70.82
C GLY A 617 1.77 -72.64 69.42
N VAL A 618 2.23 -73.73 68.79
CA VAL A 618 2.65 -73.63 67.40
C VAL A 618 1.45 -73.54 66.46
N TRP A 619 0.46 -74.40 66.65
CA TRP A 619 -0.72 -74.47 65.78
C TRP A 619 -1.66 -73.28 65.93
N TRP A 620 -1.62 -72.57 67.05
CA TRP A 620 -2.67 -71.66 67.46
C TRP A 620 -2.39 -70.20 67.14
N PHE A 621 -1.18 -69.72 67.38
CA PHE A 621 -0.79 -68.39 66.89
C PHE A 621 -0.75 -68.35 65.37
N PHE A 622 -0.41 -69.48 64.75
CA PHE A 622 -0.55 -69.76 63.32
C PHE A 622 -1.90 -69.36 62.75
N THR A 623 -2.96 -70.01 63.22
CA THR A 623 -4.29 -69.71 62.73
C THR A 623 -4.82 -68.39 63.24
N LEU A 624 -4.30 -67.88 64.36
CA LEU A 624 -4.59 -66.51 64.79
C LEU A 624 -4.19 -65.50 63.71
N ILE A 625 -2.93 -65.59 63.26
CA ILE A 625 -2.44 -64.66 62.23
C ILE A 625 -3.16 -64.92 60.90
N ILE A 626 -3.54 -66.17 60.63
CA ILE A 626 -4.22 -66.47 59.37
C ILE A 626 -5.62 -65.87 59.33
N ILE A 627 -6.40 -66.02 60.40
CA ILE A 627 -7.74 -65.44 60.38
C ILE A 627 -7.68 -63.92 60.55
N SER A 628 -6.60 -63.40 61.14
CA SER A 628 -6.37 -61.96 61.11
C SER A 628 -6.15 -61.47 59.69
N SER A 629 -5.40 -62.24 58.90
CA SER A 629 -5.19 -61.91 57.49
C SER A 629 -6.48 -62.05 56.69
N TYR A 630 -7.33 -63.01 57.06
CA TYR A 630 -8.64 -63.15 56.43
C TYR A 630 -9.51 -61.92 56.67
N THR A 631 -9.56 -61.47 57.93
CA THR A 631 -10.30 -60.25 58.28
C THR A 631 -9.74 -59.03 57.56
N ALA A 632 -8.42 -58.93 57.49
CA ALA A 632 -7.78 -57.78 56.85
C ALA A 632 -8.03 -57.76 55.35
N ASN A 633 -7.96 -58.91 54.69
CA ASN A 633 -8.18 -58.95 53.25
C ASN A 633 -9.66 -58.75 52.91
N LEU A 634 -10.56 -59.22 53.77
CA LEU A 634 -11.98 -58.98 53.53
C LEU A 634 -12.32 -57.50 53.69
N ALA A 635 -11.71 -56.85 54.70
CA ALA A 635 -11.90 -55.41 54.86
C ALA A 635 -11.27 -54.64 53.70
N ALA A 636 -10.15 -55.12 53.19
CA ALA A 636 -9.51 -54.48 52.04
C ALA A 636 -10.37 -54.60 50.79
N PHE A 637 -10.98 -55.76 50.56
CA PHE A 637 -11.83 -55.91 49.38
C PHE A 637 -13.13 -55.13 49.52
N LEU A 638 -13.66 -55.01 50.74
CA LEU A 638 -14.82 -54.14 50.91
C LEU A 638 -14.46 -52.67 50.77
N THR A 639 -13.21 -52.31 51.06
CA THR A 639 -12.75 -50.95 50.76
C THR A 639 -12.63 -50.75 49.24
N VAL A 640 -12.18 -51.78 48.53
CA VAL A 640 -12.12 -51.75 47.07
C VAL A 640 -13.53 -51.63 46.47
N GLU A 641 -14.52 -52.24 47.11
CA GLU A 641 -15.88 -52.23 46.58
C GLU A 641 -16.50 -50.83 46.59
N ARG A 642 -16.12 -49.99 47.55
CA ARG A 642 -16.61 -48.62 47.60
C ARG A 642 -15.62 -47.63 47.00
N MET A 643 -14.77 -48.06 46.08
CA MET A 643 -13.87 -47.15 45.38
C MET A 643 -14.56 -46.42 44.24
N VAL A 644 -13.74 -45.81 43.36
CA VAL A 644 -14.09 -44.83 42.33
C VAL A 644 -15.33 -45.20 41.51
N SER A 645 -16.29 -44.28 41.47
CA SER A 645 -17.53 -44.45 40.72
C SER A 645 -17.25 -44.51 39.22
N PRO A 646 -18.20 -45.05 38.41
CA PRO A 646 -18.02 -45.05 36.96
C PRO A 646 -17.99 -43.67 36.31
N ILE A 647 -17.80 -43.67 34.99
CA ILE A 647 -17.48 -42.45 34.25
C ILE A 647 -18.68 -41.53 34.19
N GLU A 648 -18.45 -40.25 34.47
CA GLU A 648 -19.51 -39.24 34.40
C GLU A 648 -19.07 -37.97 33.70
N SER A 649 -17.83 -37.89 33.21
CA SER A 649 -17.34 -36.69 32.56
C SER A 649 -16.24 -37.04 31.59
N ALA A 650 -15.88 -36.08 30.74
CA ALA A 650 -14.76 -36.25 29.83
C ALA A 650 -13.44 -36.18 30.58
N GLU A 651 -13.40 -35.47 31.70
CA GLU A 651 -12.23 -35.48 32.57
C GLU A 651 -11.99 -36.84 33.18
N ASP A 652 -13.05 -37.62 33.41
CA ASP A 652 -12.90 -39.00 33.83
C ASP A 652 -12.33 -39.86 32.69
N LEU A 653 -12.67 -39.53 31.44
CA LEU A 653 -12.08 -40.25 30.31
C LEU A 653 -10.61 -39.91 30.15
N ALA A 654 -10.23 -38.66 30.40
CA ALA A 654 -8.84 -38.27 30.32
C ALA A 654 -8.01 -38.81 31.47
N LYS A 655 -8.62 -39.02 32.64
CA LYS A 655 -7.88 -39.44 33.82
C LYS A 655 -7.51 -40.92 33.80
N GLN A 656 -8.09 -41.72 32.91
CA GLN A 656 -7.82 -43.14 32.86
C GLN A 656 -7.20 -43.51 31.52
N THR A 657 -6.74 -44.75 31.44
CA THR A 657 -6.18 -45.28 30.20
C THR A 657 -6.63 -46.70 29.91
N GLU A 658 -7.42 -47.33 30.79
CA GLU A 658 -7.79 -48.73 30.57
C GLU A 658 -8.96 -48.85 29.61
N ILE A 659 -10.04 -48.10 29.84
CA ILE A 659 -11.23 -48.17 29.01
C ILE A 659 -11.04 -47.24 27.82
N ALA A 660 -10.89 -47.82 26.64
CA ALA A 660 -10.74 -47.01 25.44
C ALA A 660 -12.08 -46.45 25.00
N TYR A 661 -12.03 -45.51 24.07
CA TYR A 661 -13.23 -44.82 23.59
C TYR A 661 -12.98 -44.30 22.19
N GLY A 662 -14.04 -44.23 21.40
CA GLY A 662 -13.94 -43.77 20.03
C GLY A 662 -15.25 -43.20 19.54
N THR A 663 -15.20 -42.61 18.35
CA THR A 663 -16.35 -42.02 17.69
C THR A 663 -16.53 -42.69 16.31
N LEU A 664 -17.46 -42.15 15.53
CA LEU A 664 -17.67 -42.62 14.17
C LEU A 664 -16.54 -42.12 13.28
N GLU A 665 -16.20 -42.92 12.27
CA GLU A 665 -15.05 -42.62 11.42
C GLU A 665 -15.29 -41.44 10.49
N ALA A 666 -16.54 -41.08 10.23
CA ALA A 666 -16.83 -39.98 9.31
C ALA A 666 -18.02 -39.20 9.83
N GLY A 667 -17.91 -37.87 9.80
CA GLY A 667 -18.97 -37.00 10.25
C GLY A 667 -18.49 -35.77 10.98
N SER A 668 -19.41 -34.93 11.43
CA SER A 668 -19.05 -33.74 12.19
C SER A 668 -18.63 -34.04 13.62
N THR A 669 -18.86 -35.26 14.09
CA THR A 669 -18.38 -35.65 15.42
C THR A 669 -16.86 -35.69 15.46
N LYS A 670 -16.23 -36.34 14.47
CA LYS A 670 -14.79 -36.36 14.39
C LYS A 670 -14.22 -34.99 14.05
N GLU A 671 -14.97 -34.19 13.28
CA GLU A 671 -14.53 -32.83 12.98
C GLU A 671 -14.65 -31.92 14.20
N PHE A 672 -15.51 -32.29 15.15
CA PHE A 672 -15.61 -31.52 16.39
C PHE A 672 -14.36 -31.69 17.25
N PHE A 673 -13.89 -32.94 17.39
CA PHE A 673 -12.68 -33.17 18.18
C PHE A 673 -11.43 -32.77 17.41
N ARG A 674 -11.46 -32.84 16.08
CA ARG A 674 -10.29 -32.46 15.30
C ARG A 674 -10.08 -30.95 15.30
N ARG A 675 -11.17 -30.18 15.32
CA ARG A 675 -11.09 -28.73 15.34
C ARG A 675 -11.29 -28.15 16.73
N SER A 676 -11.20 -28.96 17.77
CA SER A 676 -11.38 -28.47 19.13
C SER A 676 -10.13 -27.73 19.60
N LYS A 677 -10.34 -26.71 20.42
CA LYS A 677 -9.26 -25.93 21.00
C LYS A 677 -9.02 -26.25 22.47
N ILE A 678 -9.95 -26.94 23.12
CA ILE A 678 -9.77 -27.34 24.52
C ILE A 678 -8.78 -28.49 24.58
N ALA A 679 -7.81 -28.37 25.50
CA ALA A 679 -6.70 -29.34 25.56
C ALA A 679 -7.17 -30.71 26.03
N VAL A 680 -8.29 -30.78 26.76
CA VAL A 680 -8.86 -32.06 27.15
C VAL A 680 -9.37 -32.81 25.93
N PHE A 681 -10.20 -32.14 25.12
CA PHE A 681 -10.69 -32.74 23.90
C PHE A 681 -9.57 -32.89 22.86
N GLU A 682 -8.55 -32.04 22.93
CA GLU A 682 -7.38 -32.20 22.08
C GLU A 682 -6.61 -33.48 22.43
N LYS A 683 -6.50 -33.78 23.73
CA LYS A 683 -5.87 -35.03 24.14
C LYS A 683 -6.75 -36.23 23.77
N MET A 684 -8.07 -36.04 23.81
CA MET A 684 -8.99 -37.08 23.35
C MET A 684 -8.79 -37.40 21.86
N TRP A 685 -8.74 -36.36 21.03
CA TRP A 685 -8.50 -36.56 19.60
C TRP A 685 -7.09 -37.05 19.32
N THR A 686 -6.13 -36.70 20.17
CA THR A 686 -4.77 -37.21 20.01
C THR A 686 -4.71 -38.69 20.32
N TYR A 687 -5.43 -39.14 21.35
CA TYR A 687 -5.48 -40.56 21.67
C TYR A 687 -6.25 -41.34 20.62
N MET A 688 -7.35 -40.79 20.12
CA MET A 688 -8.15 -41.52 19.12
C MET A 688 -7.49 -41.52 17.75
N LYS A 689 -6.70 -40.50 17.43
CA LYS A 689 -6.00 -40.45 16.15
C LYS A 689 -4.73 -41.29 16.16
N SER A 690 -4.21 -41.64 17.33
CA SER A 690 -3.02 -42.46 17.46
C SER A 690 -3.30 -43.80 18.13
N ALA A 691 -4.55 -44.26 18.08
CA ALA A 691 -4.94 -45.49 18.75
C ALA A 691 -4.47 -46.71 17.98
N GLU A 692 -4.09 -47.75 18.73
CA GLU A 692 -3.66 -49.02 18.17
C GLU A 692 -4.39 -50.15 18.87
N PRO A 693 -5.38 -50.81 18.23
CA PRO A 693 -5.87 -50.60 16.86
C PRO A 693 -6.84 -49.42 16.74
N SER A 694 -7.50 -49.31 15.60
CA SER A 694 -8.37 -48.18 15.34
C SER A 694 -9.67 -48.30 16.14
N VAL A 695 -10.04 -47.21 16.83
CA VAL A 695 -11.26 -47.19 17.62
C VAL A 695 -12.47 -46.75 16.81
N PHE A 696 -12.26 -46.26 15.59
CA PHE A 696 -13.37 -45.74 14.80
C PHE A 696 -14.12 -46.88 14.13
N VAL A 697 -15.44 -46.70 14.01
CA VAL A 697 -16.30 -47.70 13.40
C VAL A 697 -16.94 -47.11 12.15
N ARG A 698 -17.49 -48.01 11.33
CA ARG A 698 -18.08 -47.58 10.07
C ARG A 698 -19.54 -47.16 10.24
N THR A 699 -20.32 -47.97 10.96
CA THR A 699 -21.73 -47.72 11.17
C THR A 699 -22.03 -47.63 12.66
N THR A 700 -23.30 -47.32 12.97
CA THR A 700 -23.74 -47.26 14.36
C THR A 700 -23.78 -48.66 14.98
N GLU A 701 -24.21 -49.66 14.20
CA GLU A 701 -24.28 -51.03 14.70
C GLU A 701 -22.89 -51.62 14.93
N GLU A 702 -21.89 -51.14 14.18
CA GLU A 702 -20.52 -51.57 14.43
C GLU A 702 -20.03 -51.07 15.79
N GLY A 703 -20.38 -49.83 16.14
CA GLY A 703 -20.10 -49.33 17.48
C GLY A 703 -20.91 -50.06 18.55
N MET A 704 -22.13 -50.48 18.22
CA MET A 704 -22.93 -51.28 19.13
C MET A 704 -22.27 -52.62 19.43
N ILE A 705 -21.74 -53.28 18.39
CA ILE A 705 -21.02 -54.53 18.57
C ILE A 705 -19.72 -54.30 19.34
N ARG A 706 -19.04 -53.18 19.09
CA ARG A 706 -17.79 -52.89 19.79
C ARG A 706 -18.03 -52.58 21.27
N VAL A 707 -19.20 -52.03 21.60
CA VAL A 707 -19.52 -51.79 23.00
C VAL A 707 -19.99 -53.07 23.68
N ARG A 708 -20.94 -53.78 23.06
CA ARG A 708 -21.56 -54.94 23.69
C ARG A 708 -20.62 -56.13 23.84
N LYS A 709 -19.52 -56.19 23.08
CA LYS A 709 -18.55 -57.27 23.19
C LYS A 709 -17.32 -56.85 23.98
N SER A 710 -17.39 -55.77 24.76
CA SER A 710 -16.25 -55.26 25.49
C SER A 710 -16.32 -55.49 26.98
N LYS A 711 -17.53 -55.74 27.52
CA LYS A 711 -17.78 -55.97 28.95
C LYS A 711 -17.27 -54.81 29.82
N GLY A 712 -17.48 -53.59 29.34
CA GLY A 712 -17.08 -52.42 30.08
C GLY A 712 -15.66 -51.97 29.85
N LYS A 713 -15.00 -52.46 28.80
CA LYS A 713 -13.62 -52.07 28.50
C LYS A 713 -13.52 -51.09 27.34
N TYR A 714 -14.63 -50.76 26.70
CA TYR A 714 -14.62 -49.83 25.57
C TYR A 714 -15.93 -49.08 25.52
N ALA A 715 -15.86 -47.78 25.25
CA ALA A 715 -17.02 -46.91 25.19
C ALA A 715 -17.14 -46.29 23.80
N TYR A 716 -18.28 -45.62 23.58
CA TYR A 716 -18.57 -44.96 22.31
C TYR A 716 -19.25 -43.63 22.56
N LEU A 717 -18.89 -42.64 21.74
CA LEU A 717 -19.43 -41.30 21.82
C LEU A 717 -20.39 -41.06 20.66
N LEU A 718 -21.53 -40.44 20.94
CA LEU A 718 -22.57 -40.23 19.93
C LEU A 718 -23.47 -39.09 20.39
N GLU A 719 -24.49 -38.81 19.61
CA GLU A 719 -25.49 -37.80 19.97
C GLU A 719 -26.34 -38.29 21.14
N SER A 720 -26.84 -37.34 21.92
CA SER A 720 -27.53 -37.69 23.16
C SER A 720 -28.91 -38.29 22.91
N THR A 721 -29.62 -37.84 21.87
CA THR A 721 -30.95 -38.35 21.59
C THR A 721 -30.90 -39.80 21.12
N MET A 722 -29.97 -40.10 20.21
CA MET A 722 -29.77 -41.48 19.76
C MET A 722 -29.28 -42.37 20.89
N ASN A 723 -28.44 -41.81 21.77
CA ASN A 723 -27.95 -42.58 22.92
C ASN A 723 -29.08 -42.91 23.88
N GLU A 724 -29.95 -41.95 24.16
CA GLU A 724 -31.09 -42.22 25.05
C GLU A 724 -32.11 -43.15 24.39
N TYR A 725 -32.23 -43.09 23.05
CA TYR A 725 -33.14 -44.01 22.38
C TYR A 725 -32.61 -45.44 22.40
N ILE A 726 -31.30 -45.62 22.20
CA ILE A 726 -30.69 -46.94 22.34
C ILE A 726 -30.77 -47.43 23.78
N GLU A 727 -30.65 -46.50 24.74
CA GLU A 727 -30.93 -46.80 26.16
C GLU A 727 -32.37 -47.26 26.37
N GLN A 728 -33.31 -46.75 25.57
CA GLN A 728 -34.69 -47.19 25.64
C GLN A 728 -35.02 -48.30 24.65
N ARG A 729 -34.05 -49.16 24.33
CA ARG A 729 -34.30 -50.35 23.52
C ARG A 729 -33.73 -51.58 24.20
N LYS A 730 -34.27 -52.74 23.82
CA LYS A 730 -33.80 -54.01 24.32
C LYS A 730 -32.38 -54.28 23.81
N PRO A 731 -31.56 -55.04 24.56
CA PRO A 731 -31.74 -55.69 25.87
C PRO A 731 -31.56 -54.79 27.09
N CYS A 732 -31.75 -53.46 26.92
CA CYS A 732 -31.68 -52.47 27.99
C CYS A 732 -30.32 -52.48 28.69
N ASP A 733 -29.26 -52.66 27.90
CA ASP A 733 -27.92 -52.87 28.43
C ASP A 733 -26.99 -51.67 28.18
N THR A 734 -27.56 -50.52 27.84
CA THR A 734 -26.79 -49.28 27.66
C THR A 734 -27.40 -48.19 28.52
N MET A 735 -26.60 -47.15 28.79
CA MET A 735 -27.08 -45.99 29.52
C MET A 735 -26.23 -44.78 29.15
N LYS A 736 -26.84 -43.60 29.25
CA LYS A 736 -26.18 -42.34 28.91
C LYS A 736 -25.80 -41.62 30.20
N VAL A 737 -24.53 -41.26 30.31
CA VAL A 737 -24.00 -40.60 31.50
C VAL A 737 -23.42 -39.25 31.10
N GLY A 738 -23.33 -38.36 32.07
CA GLY A 738 -22.70 -37.07 31.88
C GLY A 738 -23.60 -36.08 31.14
N GLY A 739 -23.16 -34.81 31.17
CA GLY A 739 -23.84 -33.77 30.45
C GLY A 739 -23.43 -33.71 28.99
N ASN A 740 -24.08 -32.82 28.25
CA ASN A 740 -23.77 -32.66 26.85
C ASN A 740 -22.50 -31.86 26.66
N LEU A 741 -21.71 -32.23 25.65
CA LEU A 741 -20.44 -31.56 25.40
C LEU A 741 -20.57 -30.32 24.52
N ASP A 742 -21.61 -30.25 23.69
CA ASP A 742 -21.84 -29.07 22.86
C ASP A 742 -23.33 -28.75 22.85
N SER A 743 -23.66 -27.59 22.30
CA SER A 743 -25.04 -27.11 22.24
C SER A 743 -25.53 -27.27 20.81
N LYS A 744 -26.05 -28.45 20.50
CA LYS A 744 -26.60 -28.76 19.20
C LYS A 744 -28.12 -28.81 19.29
N GLY A 745 -28.77 -28.61 18.14
CA GLY A 745 -30.22 -28.61 18.09
C GLY A 745 -30.75 -28.76 16.68
N TYR A 746 -31.87 -29.46 16.52
CA TYR A 746 -32.48 -29.62 15.22
C TYR A 746 -33.59 -28.60 15.02
N GLY A 747 -33.73 -28.12 13.77
CA GLY A 747 -34.79 -27.20 13.43
C GLY A 747 -35.42 -27.59 12.10
N ILE A 748 -36.57 -26.98 11.83
CA ILE A 748 -37.28 -27.24 10.58
C ILE A 748 -36.62 -26.46 9.45
N ALA A 749 -36.33 -27.14 8.35
CA ALA A 749 -35.59 -26.56 7.24
C ALA A 749 -36.56 -26.01 6.19
N THR A 750 -36.19 -24.88 5.59
CA THR A 750 -36.89 -24.24 4.51
C THR A 750 -35.89 -23.44 3.67
N PRO A 751 -36.13 -23.31 2.37
CA PRO A 751 -35.21 -22.54 1.54
C PRO A 751 -35.25 -21.04 1.85
N LYS A 752 -34.18 -20.36 1.45
CA LYS A 752 -34.09 -18.92 1.66
C LYS A 752 -35.04 -18.19 0.73
N GLY A 753 -35.70 -17.17 1.25
CA GLY A 753 -36.68 -16.44 0.46
C GLY A 753 -38.04 -17.10 0.41
N SER A 754 -38.33 -18.01 1.33
CA SER A 754 -39.64 -18.65 1.39
C SER A 754 -40.52 -17.92 2.39
N ALA A 755 -41.79 -17.74 2.01
CA ALA A 755 -42.73 -17.01 2.85
C ALA A 755 -43.32 -17.86 3.97
N LEU A 756 -43.22 -19.19 3.85
CA LEU A 756 -43.83 -20.06 4.85
C LEU A 756 -42.94 -20.29 6.06
N GLY A 757 -41.66 -19.91 5.98
CA GLY A 757 -40.72 -20.27 7.03
C GLY A 757 -40.99 -19.58 8.35
N ALA A 758 -41.39 -18.32 8.29
CA ALA A 758 -41.73 -17.59 9.52
C ALA A 758 -43.02 -18.10 10.17
N PRO A 759 -44.13 -18.39 9.47
CA PRO A 759 -45.25 -19.04 10.18
C PRO A 759 -44.97 -20.47 10.62
N VAL A 760 -44.10 -21.20 9.92
CA VAL A 760 -43.68 -22.51 10.41
C VAL A 760 -42.90 -22.38 11.71
N ASN A 761 -42.03 -21.37 11.80
CA ASN A 761 -41.28 -21.15 13.04
C ASN A 761 -42.20 -20.67 14.16
N LEU A 762 -43.24 -19.91 13.80
CA LEU A 762 -44.27 -19.53 14.78
C LEU A 762 -45.00 -20.75 15.31
N ALA A 763 -45.32 -21.70 14.42
CA ALA A 763 -45.96 -22.94 14.86
C ALA A 763 -45.04 -23.79 15.72
N VAL A 764 -43.73 -23.76 15.42
CA VAL A 764 -42.76 -24.49 16.23
C VAL A 764 -42.66 -23.89 17.62
N LEU A 765 -42.63 -22.56 17.72
CA LEU A 765 -42.61 -21.91 19.02
C LEU A 765 -43.92 -22.12 19.78
N LYS A 766 -45.04 -22.21 19.06
CA LYS A 766 -46.31 -22.50 19.69
C LYS A 766 -46.36 -23.92 20.25
N LEU A 767 -45.80 -24.89 19.50
CA LEU A 767 -45.74 -26.25 19.99
C LEU A 767 -44.73 -26.40 21.13
N ALA A 768 -43.70 -25.55 21.15
CA ALA A 768 -42.74 -25.61 22.24
C ALA A 768 -43.30 -25.01 23.53
N GLU A 769 -44.05 -23.92 23.43
CA GLU A 769 -44.61 -23.33 24.64
C GLU A 769 -45.78 -24.13 25.19
N GLN A 770 -46.50 -24.85 24.34
CA GLN A 770 -47.60 -25.68 24.82
C GLN A 770 -47.11 -27.03 25.35
N GLY A 771 -45.84 -27.36 25.17
CA GLY A 771 -45.31 -28.59 25.72
C GLY A 771 -45.70 -29.85 25.00
N ALA A 772 -46.27 -29.74 23.79
CA ALA A 772 -46.63 -30.92 23.03
C ALA A 772 -45.41 -31.64 22.47
N LEU A 773 -44.30 -30.90 22.32
CA LEU A 773 -43.04 -31.52 21.93
C LEU A 773 -42.54 -32.45 23.03
N ASP A 774 -42.67 -32.03 24.30
CA ASP A 774 -42.33 -32.91 25.41
C ASP A 774 -43.30 -34.10 25.50
N LYS A 775 -44.55 -33.91 25.08
CA LYS A 775 -45.51 -35.00 25.03
C LYS A 775 -45.10 -36.04 23.99
N LEU A 776 -44.69 -35.58 22.81
CA LEU A 776 -44.21 -36.51 21.80
C LEU A 776 -42.88 -37.14 22.19
N LYS A 777 -42.06 -36.42 22.97
CA LYS A 777 -40.81 -36.98 23.47
C LYS A 777 -41.06 -38.09 24.48
N ALA A 778 -42.05 -37.89 25.35
CA ALA A 778 -42.44 -38.94 26.29
C ALA A 778 -43.11 -40.11 25.56
N LYS A 779 -43.80 -39.82 24.46
CA LYS A 779 -44.48 -40.88 23.73
C LYS A 779 -43.50 -41.77 22.98
N TRP A 780 -42.58 -41.17 22.21
CA TRP A 780 -41.75 -41.92 21.29
C TRP A 780 -40.40 -42.34 21.85
N TRP A 781 -40.09 -41.99 23.09
CA TRP A 781 -38.90 -42.50 23.77
C TRP A 781 -39.22 -43.34 25.00
N TYR A 782 -40.14 -42.88 25.85
CA TYR A 782 -40.44 -43.62 27.06
C TYR A 782 -41.51 -44.69 26.86
N ASP A 783 -42.62 -44.34 26.20
CA ASP A 783 -43.72 -45.29 26.07
C ASP A 783 -43.46 -46.33 24.98
N LYS A 784 -42.90 -45.89 23.84
CA LYS A 784 -42.69 -46.80 22.73
C LYS A 784 -41.55 -47.78 22.99
N GLY A 785 -40.59 -47.40 23.83
CA GLY A 785 -39.42 -48.23 24.05
C GLY A 785 -39.73 -49.48 24.86
N GLU A 786 -38.78 -50.42 24.79
CA GLU A 786 -38.93 -51.74 25.40
C GLU A 786 -38.17 -51.86 26.72
N CYS A 787 -37.91 -50.73 27.38
CA CYS A 787 -37.25 -50.72 28.69
C CYS A 787 -38.24 -50.14 29.69
N GLY A 788 -38.18 -50.62 30.92
CA GLY A 788 -39.03 -50.13 31.98
C GLY A 788 -38.68 -48.72 32.42
N SER A 789 -39.56 -48.09 33.20
CA SER A 789 -39.32 -46.75 33.70
C SER A 789 -38.17 -46.74 34.70
N LYS A 790 -37.04 -46.16 34.29
CA LYS A 790 -35.83 -46.19 35.10
C LYS A 790 -35.00 -44.93 34.88
N ASP A 791 -33.83 -45.01 35.51
CA ASP A 791 -32.82 -43.98 35.63
C ASP A 791 -32.27 -44.17 37.05
N SER A 792 -33.16 -44.52 38.00
CA SER A 792 -32.82 -45.31 39.19
C SER A 792 -33.92 -46.35 39.51
N GLY A 793 -33.80 -47.05 40.65
CA GLY A 793 -34.70 -48.19 40.94
C GLY A 793 -34.80 -48.64 42.41
N SER A 794 -35.56 -49.72 42.64
CA SER A 794 -35.78 -50.30 43.96
C SER A 794 -34.56 -50.14 44.85
N LYS A 795 -33.99 -48.92 44.85
CA LYS A 795 -32.81 -48.53 45.63
C LYS A 795 -31.61 -49.44 45.33
N ASP A 796 -31.17 -49.36 44.07
CA ASP A 796 -30.06 -50.17 43.56
C ASP A 796 -28.70 -49.70 44.04
N LYS A 797 -28.63 -48.58 44.75
CA LYS A 797 -27.38 -48.11 45.36
C LYS A 797 -27.07 -49.02 46.54
N THR A 798 -26.03 -49.83 46.36
CA THR A 798 -25.63 -50.81 47.37
C THR A 798 -25.06 -50.12 48.60
N SER A 799 -25.85 -50.04 49.67
CA SER A 799 -25.41 -49.34 50.86
C SER A 799 -24.49 -50.21 51.71
N ALA A 800 -25.00 -51.33 52.21
CA ALA A 800 -24.27 -52.08 53.21
C ALA A 800 -23.44 -53.23 52.64
N LEU A 801 -24.10 -54.24 52.05
CA LEU A 801 -23.45 -55.46 51.60
C LEU A 801 -24.44 -56.29 50.81
N SER A 802 -23.93 -57.00 49.80
CA SER A 802 -24.71 -58.03 49.14
C SER A 802 -24.97 -59.19 50.10
N LEU A 803 -26.17 -59.75 50.00
CA LEU A 803 -26.60 -60.81 50.89
C LEU A 803 -26.16 -62.19 50.41
N SER A 804 -25.42 -62.25 49.30
CA SER A 804 -25.06 -63.53 48.69
C SER A 804 -24.06 -64.30 49.55
N ASN A 805 -23.13 -63.57 50.18
CA ASN A 805 -22.22 -64.20 51.14
C ASN A 805 -22.98 -64.74 52.33
N VAL A 806 -23.92 -63.95 52.85
CA VAL A 806 -24.73 -64.35 53.99
C VAL A 806 -25.62 -65.54 53.62
N ALA A 807 -26.15 -65.55 52.39
CA ALA A 807 -27.00 -66.65 51.95
C ALA A 807 -26.19 -67.94 51.77
N GLY A 808 -24.95 -67.83 51.26
CA GLY A 808 -24.14 -69.02 51.09
C GLY A 808 -23.67 -69.60 52.42
N VAL A 809 -23.34 -68.74 53.38
CA VAL A 809 -22.92 -69.27 54.67
C VAL A 809 -24.13 -69.79 55.45
N PHE A 810 -25.32 -69.21 55.22
CA PHE A 810 -26.57 -69.82 55.68
C PHE A 810 -26.76 -71.21 55.09
N TYR A 811 -26.45 -71.37 53.80
CA TYR A 811 -26.64 -72.66 53.14
C TYR A 811 -25.69 -73.72 53.69
N ILE A 812 -24.43 -73.35 53.93
CA ILE A 812 -23.50 -74.33 54.47
C ILE A 812 -23.83 -74.61 55.95
N LEU A 813 -24.43 -73.64 56.66
CA LEU A 813 -24.88 -73.89 58.02
C LEU A 813 -26.04 -74.88 58.05
N ILE A 814 -27.01 -74.71 57.13
CA ILE A 814 -28.14 -75.63 57.04
C ILE A 814 -27.67 -77.02 56.64
N GLY A 815 -26.70 -77.10 55.73
CA GLY A 815 -26.18 -78.39 55.31
C GLY A 815 -25.46 -79.13 56.42
N GLY A 816 -24.58 -78.43 57.15
CA GLY A 816 -23.91 -79.03 58.29
C GLY A 816 -24.86 -79.37 59.42
N LEU A 817 -25.89 -78.55 59.62
CA LEU A 817 -26.90 -78.81 60.64
C LEU A 817 -27.68 -80.08 60.34
N GLY A 818 -28.14 -80.21 59.10
CA GLY A 818 -28.89 -81.41 58.71
C GLY A 818 -28.03 -82.66 58.71
N LEU A 819 -26.77 -82.54 58.29
CA LEU A 819 -25.87 -83.68 58.27
C LEU A 819 -25.56 -84.17 59.69
N ALA A 820 -25.25 -83.24 60.60
CA ALA A 820 -24.97 -83.63 61.98
C ALA A 820 -26.23 -84.13 62.68
N MET A 821 -27.40 -83.60 62.32
CA MET A 821 -28.65 -84.08 62.90
C MET A 821 -28.96 -85.51 62.46
N LEU A 822 -28.77 -85.82 61.17
CA LEU A 822 -29.03 -87.18 60.73
C LEU A 822 -27.99 -88.16 61.25
N VAL A 823 -26.73 -87.73 61.38
CA VAL A 823 -25.70 -88.60 61.96
C VAL A 823 -26.00 -88.88 63.43
N ALA A 824 -26.43 -87.86 64.18
CA ALA A 824 -26.81 -88.06 65.58
C ALA A 824 -28.02 -88.98 65.70
N LEU A 825 -28.98 -88.84 64.78
CA LEU A 825 -30.17 -89.69 64.78
C LEU A 825 -29.82 -91.15 64.50
N ILE A 826 -28.96 -91.40 63.51
CA ILE A 826 -28.64 -92.78 63.18
C ILE A 826 -27.74 -93.42 64.24
N GLU A 827 -26.83 -92.65 64.86
CA GLU A 827 -25.99 -93.24 65.88
C GLU A 827 -26.78 -93.50 67.16
N PHE A 828 -27.78 -92.65 67.45
CA PHE A 828 -28.66 -92.92 68.59
C PHE A 828 -29.55 -94.13 68.32
N CYS A 829 -30.02 -94.28 67.07
CA CYS A 829 -30.86 -95.42 66.72
C CYS A 829 -30.06 -96.73 66.83
N TYR A 830 -28.81 -96.72 66.34
CA TYR A 830 -27.97 -97.91 66.39
C TYR A 830 -27.59 -98.25 67.84
N LYS A 831 -27.25 -97.23 68.64
CA LYS A 831 -26.86 -97.47 70.02
C LYS A 831 -28.05 -97.96 70.86
N SER A 832 -29.23 -97.39 70.61
CA SER A 832 -30.42 -97.80 71.35
C SER A 832 -30.85 -99.21 70.97
N ARG A 833 -30.72 -99.55 69.68
CA ARG A 833 -31.06 -100.90 69.22
C ARG A 833 -30.09 -101.93 69.79
N SER A 834 -28.80 -101.58 69.82
CA SER A 834 -27.80 -102.50 70.37
C SER A 834 -27.95 -102.67 71.88
N GLU A 835 -28.30 -101.59 72.58
CA GLU A 835 -28.48 -101.66 74.02
C GLU A 835 -29.77 -102.40 74.38
N SER A 836 -30.79 -102.30 73.53
CA SER A 836 -32.05 -103.00 73.80
C SER A 836 -31.94 -104.47 73.44
N LYS A 837 -31.14 -104.80 72.42
CA LYS A 837 -30.97 -106.20 72.03
C LYS A 837 -30.03 -106.93 72.96
N ARG A 838 -28.93 -106.28 73.36
CA ARG A 838 -27.94 -106.94 74.20
C ARG A 838 -28.36 -106.96 75.67
N MET A 839 -28.71 -105.81 76.23
CA MET A 839 -29.09 -105.73 77.64
C MET A 839 -30.60 -105.86 77.81
N SER B 26 6.09 11.10 -71.83
CA SER B 26 5.49 11.85 -70.73
C SER B 26 4.22 11.19 -70.25
N ILE B 27 4.20 10.83 -68.97
CA ILE B 27 3.06 10.15 -68.35
C ILE B 27 2.32 11.17 -67.49
N GLN B 28 1.05 11.38 -67.78
CA GLN B 28 0.22 12.30 -67.01
C GLN B 28 -0.57 11.52 -65.97
N ILE B 29 -0.42 11.89 -64.71
CA ILE B 29 -1.15 11.29 -63.61
C ILE B 29 -1.88 12.39 -62.84
N GLY B 30 -2.81 11.98 -61.99
CA GLY B 30 -3.58 12.90 -61.18
C GLY B 30 -3.23 12.74 -59.71
N GLY B 31 -3.26 13.86 -58.99
CA GLY B 31 -2.92 13.85 -57.58
C GLY B 31 -3.91 14.63 -56.73
N LEU B 32 -4.54 13.95 -55.78
CA LEU B 32 -5.53 14.55 -54.90
C LEU B 32 -4.95 14.67 -53.51
N PHE B 33 -5.03 15.85 -52.91
CA PHE B 33 -4.50 16.02 -51.58
C PHE B 33 -5.46 16.80 -50.69
N PRO B 34 -5.61 16.40 -49.43
CA PRO B 34 -6.53 17.12 -48.54
C PRO B 34 -6.00 18.50 -48.17
N ARG B 35 -6.94 19.37 -47.82
CA ARG B 35 -6.60 20.72 -47.38
C ARG B 35 -6.00 20.66 -45.98
N GLY B 36 -4.67 20.71 -45.92
CA GLY B 36 -3.97 20.62 -44.65
C GLY B 36 -2.81 19.65 -44.69
N ALA B 37 -2.66 18.94 -45.81
CA ALA B 37 -1.57 17.98 -45.99
C ALA B 37 -0.36 18.73 -46.52
N ASP B 38 0.47 19.23 -45.61
CA ASP B 38 1.65 20.00 -45.97
C ASP B 38 2.90 19.13 -46.02
N GLN B 39 3.04 18.24 -45.03
CA GLN B 39 4.21 17.38 -44.97
C GLN B 39 4.16 16.29 -46.04
N GLU B 40 2.96 15.79 -46.35
CA GLU B 40 2.81 14.75 -47.35
C GLU B 40 3.11 15.25 -48.74
N TYR B 41 2.65 16.46 -49.07
CA TYR B 41 2.96 17.05 -50.37
C TYR B 41 4.43 17.43 -50.47
N SER B 42 5.06 17.80 -49.34
CA SER B 42 6.49 18.06 -49.33
C SER B 42 7.29 16.80 -49.61
N ALA B 43 6.91 15.69 -48.97
CA ALA B 43 7.57 14.41 -49.24
C ALA B 43 7.28 13.92 -50.65
N PHE B 44 6.11 14.26 -51.19
CA PHE B 44 5.80 13.96 -52.59
C PHE B 44 6.71 14.73 -53.54
N ARG B 45 6.97 16.00 -53.23
CA ARG B 45 7.91 16.79 -54.02
C ARG B 45 9.33 16.23 -53.94
N VAL B 46 9.74 15.81 -52.75
CA VAL B 46 11.06 15.20 -52.57
C VAL B 46 11.17 13.90 -53.34
N GLY B 47 10.10 13.10 -53.35
CA GLY B 47 10.10 11.87 -54.12
C GLY B 47 10.07 12.09 -55.63
N MET B 48 9.40 13.14 -56.09
CA MET B 48 9.38 13.43 -57.52
C MET B 48 10.72 13.97 -58.00
N VAL B 49 11.40 14.76 -57.16
CA VAL B 49 12.74 15.22 -57.54
C VAL B 49 13.74 14.07 -57.46
N GLN B 50 13.60 13.21 -56.46
CA GLN B 50 14.59 12.17 -56.21
C GLN B 50 14.50 11.03 -57.23
N PHE B 51 13.28 10.62 -57.59
CA PHE B 51 13.10 9.46 -58.46
C PHE B 51 12.81 9.85 -59.91
N SER B 52 13.41 10.94 -60.40
CA SER B 52 13.30 11.27 -61.81
C SER B 52 14.16 10.32 -62.63
N THR B 53 13.56 9.76 -63.68
CA THR B 53 14.23 8.78 -64.54
C THR B 53 14.74 9.46 -65.80
N SER B 54 15.28 8.65 -66.72
CA SER B 54 15.82 9.13 -67.99
C SER B 54 14.94 8.82 -69.17
N GLU B 55 14.20 7.71 -69.12
CA GLU B 55 13.39 7.27 -70.26
C GLU B 55 12.11 8.06 -70.44
N PHE B 56 11.60 8.69 -69.39
CA PHE B 56 10.31 9.37 -69.43
C PHE B 56 10.28 10.42 -68.32
N ARG B 57 9.10 11.00 -68.10
CA ARG B 57 8.91 12.00 -67.06
C ARG B 57 7.44 12.02 -66.67
N LEU B 58 7.16 11.97 -65.37
CA LEU B 58 5.80 12.03 -64.88
C LEU B 58 5.31 13.47 -64.83
N THR B 59 4.00 13.65 -64.92
CA THR B 59 3.42 14.98 -64.81
C THR B 59 2.18 14.92 -63.92
N PRO B 60 2.32 15.16 -62.62
CA PRO B 60 1.16 15.11 -61.72
C PRO B 60 0.28 16.34 -61.86
N HIS B 61 -1.02 16.11 -61.85
CA HIS B 61 -2.01 17.18 -61.80
C HIS B 61 -2.54 17.29 -60.38
N ILE B 62 -2.09 18.30 -59.65
CA ILE B 62 -2.33 18.42 -58.21
C ILE B 62 -3.69 19.08 -58.00
N ASP B 63 -4.55 18.41 -57.23
CA ASP B 63 -5.88 18.93 -56.88
C ASP B 63 -5.97 18.97 -55.37
N ASN B 64 -5.81 20.18 -54.80
CA ASN B 64 -5.85 20.37 -53.36
C ASN B 64 -7.28 20.71 -52.95
N LEU B 65 -8.10 19.68 -52.81
CA LEU B 65 -9.50 19.81 -52.44
C LEU B 65 -9.75 19.08 -51.12
N GLU B 66 -11.01 19.04 -50.71
CA GLU B 66 -11.37 18.39 -49.47
C GLU B 66 -11.33 16.87 -49.62
N VAL B 67 -11.40 16.18 -48.49
CA VAL B 67 -11.38 14.73 -48.48
C VAL B 67 -12.65 14.13 -47.87
N ALA B 68 -13.36 14.85 -47.00
CA ALA B 68 -14.58 14.31 -46.42
C ALA B 68 -15.79 14.54 -47.30
N ASN B 69 -15.85 15.67 -48.00
CA ASN B 69 -16.95 15.99 -48.90
C ASN B 69 -16.76 15.18 -50.19
N SER B 70 -17.65 14.20 -50.43
CA SER B 70 -17.53 13.36 -51.60
C SER B 70 -17.89 14.08 -52.89
N PHE B 71 -18.57 15.22 -52.81
CA PHE B 71 -18.88 16.01 -53.99
C PHE B 71 -17.62 16.61 -54.60
N ALA B 72 -16.76 17.20 -53.77
CA ALA B 72 -15.49 17.74 -54.26
C ALA B 72 -14.54 16.64 -54.71
N VAL B 73 -14.58 15.48 -54.04
CA VAL B 73 -13.77 14.34 -54.45
C VAL B 73 -14.21 13.83 -55.82
N THR B 74 -15.53 13.79 -56.06
CA THR B 74 -16.05 13.37 -57.35
C THR B 74 -15.73 14.39 -58.44
N ASN B 75 -15.76 15.68 -58.10
CA ASN B 75 -15.39 16.72 -59.05
C ASN B 75 -13.92 16.65 -59.43
N ALA B 76 -13.04 16.43 -58.44
CA ALA B 76 -11.62 16.27 -58.72
C ALA B 76 -11.33 15.00 -59.50
N PHE B 77 -12.11 13.93 -59.23
CA PHE B 77 -11.96 12.68 -59.97
C PHE B 77 -12.34 12.85 -61.44
N CYS B 78 -13.46 13.53 -61.70
CA CYS B 78 -13.87 13.74 -63.09
C CYS B 78 -12.99 14.77 -63.78
N SER B 79 -12.41 15.71 -63.03
CA SER B 79 -11.48 16.67 -63.63
C SER B 79 -10.16 16.00 -64.00
N GLN B 80 -9.71 15.05 -63.17
CA GLN B 80 -8.51 14.29 -63.54
C GLN B 80 -8.80 13.28 -64.65
N PHE B 81 -10.02 12.77 -64.72
CA PHE B 81 -10.38 11.82 -65.77
C PHE B 81 -10.58 12.53 -67.10
N SER B 82 -10.96 13.82 -67.07
CA SER B 82 -11.09 14.59 -68.30
C SER B 82 -9.73 14.87 -68.94
N ARG B 83 -8.65 14.89 -68.16
CA ARG B 83 -7.32 15.05 -68.70
C ARG B 83 -6.76 13.75 -69.28
N GLY B 84 -7.41 12.61 -69.03
CA GLY B 84 -6.94 11.34 -69.55
C GLY B 84 -5.67 10.86 -68.87
N VAL B 85 -5.76 10.57 -67.58
CA VAL B 85 -4.60 10.15 -66.80
C VAL B 85 -4.55 8.63 -66.77
N TYR B 86 -3.37 8.11 -66.42
CA TYR B 86 -3.16 6.67 -66.35
C TYR B 86 -3.23 6.13 -64.94
N ALA B 87 -3.01 6.97 -63.93
CA ALA B 87 -3.09 6.56 -62.54
C ALA B 87 -3.45 7.76 -61.69
N ILE B 88 -4.10 7.51 -60.55
CA ILE B 88 -4.54 8.57 -59.65
C ILE B 88 -4.01 8.26 -58.26
N PHE B 89 -3.27 9.21 -57.69
CA PHE B 89 -2.75 9.11 -56.34
C PHE B 89 -3.53 10.04 -55.43
N GLY B 90 -3.72 9.61 -54.19
CA GLY B 90 -4.41 10.46 -53.24
C GLY B 90 -4.91 9.68 -52.05
N PHE B 91 -5.42 10.44 -51.08
CA PHE B 91 -6.01 9.90 -49.86
C PHE B 91 -7.51 9.69 -50.05
N TYR B 92 -8.14 9.12 -49.03
CA TYR B 92 -9.60 9.04 -48.97
C TYR B 92 -10.04 8.94 -47.53
N ASP B 93 -11.24 9.44 -47.26
CA ASP B 93 -11.85 9.40 -45.95
C ASP B 93 -12.70 8.13 -45.82
N LYS B 94 -13.04 7.78 -44.57
CA LYS B 94 -13.94 6.66 -44.32
C LYS B 94 -15.35 6.92 -44.82
N LYS B 95 -15.74 8.18 -44.97
CA LYS B 95 -17.02 8.53 -45.57
C LYS B 95 -16.97 8.57 -47.08
N SER B 96 -15.82 8.25 -47.69
CA SER B 96 -15.68 8.30 -49.14
C SER B 96 -14.89 7.12 -49.69
N VAL B 97 -14.72 6.05 -48.91
CA VAL B 97 -13.95 4.90 -49.38
C VAL B 97 -14.71 4.12 -50.44
N ASN B 98 -16.03 3.96 -50.26
CA ASN B 98 -16.83 3.22 -51.23
C ASN B 98 -16.99 4.00 -52.52
N THR B 99 -16.98 5.33 -52.43
CA THR B 99 -17.02 6.16 -53.63
C THR B 99 -15.76 5.97 -54.47
N ILE B 100 -14.60 5.94 -53.81
CA ILE B 100 -13.34 5.75 -54.51
C ILE B 100 -13.25 4.35 -55.11
N THR B 101 -13.67 3.33 -54.36
CA THR B 101 -13.60 1.96 -54.89
C THR B 101 -14.56 1.76 -56.05
N SER B 102 -15.74 2.40 -56.00
CA SER B 102 -16.71 2.26 -57.09
C SER B 102 -16.25 2.98 -58.35
N PHE B 103 -15.84 4.26 -58.21
CA PHE B 103 -15.38 5.03 -59.36
C PHE B 103 -14.07 4.51 -59.93
N CYS B 104 -13.24 3.82 -59.14
CA CYS B 104 -12.02 3.26 -59.69
C CYS B 104 -12.18 1.81 -60.16
N GLY B 105 -13.24 1.12 -59.74
CA GLY B 105 -13.50 -0.20 -60.24
C GLY B 105 -14.31 -0.20 -61.51
N THR B 106 -15.16 0.81 -61.69
CA THR B 106 -15.94 0.88 -62.92
C THR B 106 -15.08 1.33 -64.09
N LEU B 107 -14.37 2.44 -63.95
CA LEU B 107 -13.55 2.97 -65.03
C LEU B 107 -12.23 2.25 -65.19
N HIS B 108 -11.92 1.29 -64.32
CA HIS B 108 -10.73 0.42 -64.40
C HIS B 108 -9.43 1.24 -64.37
N VAL B 109 -9.39 2.24 -63.52
CA VAL B 109 -8.23 3.10 -63.34
C VAL B 109 -7.64 2.82 -61.96
N SER B 110 -6.34 2.54 -61.92
CA SER B 110 -5.67 2.19 -60.67
C SER B 110 -5.59 3.40 -59.75
N PHE B 111 -5.68 3.13 -58.45
CA PHE B 111 -5.67 4.17 -57.42
C PHE B 111 -4.67 3.77 -56.34
N ILE B 112 -3.56 4.50 -56.27
CA ILE B 112 -2.53 4.24 -55.28
C ILE B 112 -2.77 5.16 -54.08
N THR B 113 -2.80 4.57 -52.88
CA THR B 113 -3.13 5.33 -51.69
C THR B 113 -2.30 4.91 -50.48
N PRO B 114 -1.89 5.88 -49.66
CA PRO B 114 -1.31 5.58 -48.34
C PRO B 114 -2.32 5.52 -47.20
N SER B 115 -3.62 5.49 -47.49
CA SER B 115 -4.63 5.59 -46.44
C SER B 115 -4.87 4.21 -45.81
N PHE B 116 -5.94 4.13 -45.02
CA PHE B 116 -6.22 2.93 -44.24
C PHE B 116 -6.70 1.79 -45.15
N PRO B 117 -6.44 0.54 -44.77
CA PRO B 117 -6.89 -0.58 -45.60
C PRO B 117 -8.40 -0.77 -45.56
N THR B 118 -8.91 -1.38 -46.62
CA THR B 118 -10.34 -1.58 -46.80
C THR B 118 -10.77 -2.97 -46.36
N ASP B 119 -12.08 -3.18 -46.32
CA ASP B 119 -12.67 -4.47 -45.98
C ASP B 119 -13.14 -5.14 -47.26
N GLY B 120 -12.23 -5.85 -47.91
CA GLY B 120 -12.56 -6.54 -49.14
C GLY B 120 -11.47 -6.46 -50.18
N THR B 121 -11.63 -7.21 -51.27
CA THR B 121 -10.66 -7.26 -52.35
C THR B 121 -11.17 -6.38 -53.48
N HIS B 122 -10.90 -5.10 -53.39
CA HIS B 122 -11.38 -4.18 -54.41
C HIS B 122 -10.35 -4.08 -55.54
N PRO B 123 -10.77 -4.23 -56.79
CA PRO B 123 -9.83 -4.07 -57.91
C PRO B 123 -9.40 -2.61 -58.08
N PHE B 124 -8.21 -2.44 -58.64
CA PHE B 124 -7.60 -1.15 -58.97
C PHE B 124 -7.43 -0.25 -57.74
N VAL B 125 -7.22 -0.86 -56.57
CA VAL B 125 -6.96 -0.14 -55.33
C VAL B 125 -5.65 -0.71 -54.78
N ILE B 126 -4.57 0.06 -54.89
CA ILE B 126 -3.27 -0.32 -54.34
C ILE B 126 -3.05 0.51 -53.09
N GLN B 127 -2.72 -0.17 -51.99
CA GLN B 127 -2.63 0.47 -50.69
C GLN B 127 -1.20 0.39 -50.14
N MET B 128 -0.83 1.40 -49.36
CA MET B 128 0.51 1.47 -48.79
C MET B 128 0.55 1.13 -47.30
N ARG B 129 -0.59 1.09 -46.62
CA ARG B 129 -0.59 0.82 -45.19
C ARG B 129 -0.83 -0.67 -44.96
N PRO B 130 0.06 -1.36 -44.26
CA PRO B 130 -0.20 -2.78 -43.96
C PRO B 130 -1.23 -2.96 -42.85
N ASP B 131 -1.46 -4.22 -42.46
CA ASP B 131 -2.46 -4.51 -41.44
C ASP B 131 -1.96 -4.07 -40.07
N LEU B 132 -2.86 -3.42 -39.32
CA LEU B 132 -2.60 -3.10 -37.93
C LEU B 132 -3.33 -4.02 -36.96
N LYS B 133 -4.39 -4.70 -37.42
CA LYS B 133 -5.20 -5.54 -36.54
C LYS B 133 -4.45 -6.79 -36.12
N GLY B 134 -3.79 -7.47 -37.06
CA GLY B 134 -3.10 -8.71 -36.73
C GLY B 134 -1.90 -8.49 -35.83
N ALA B 135 -1.18 -7.37 -36.04
CA ALA B 135 -0.07 -7.02 -35.16
C ALA B 135 -0.54 -6.73 -33.74
N LEU B 136 -1.70 -6.07 -33.62
CA LEU B 136 -2.25 -5.76 -32.30
C LEU B 136 -2.74 -7.02 -31.59
N LEU B 137 -3.33 -7.96 -32.34
CA LEU B 137 -3.75 -9.22 -31.75
C LEU B 137 -2.55 -10.06 -31.33
N SER B 138 -1.48 -10.03 -32.14
CA SER B 138 -0.24 -10.71 -31.75
C SER B 138 0.40 -10.06 -30.54
N LEU B 139 0.27 -8.74 -30.40
CA LEU B 139 0.84 -8.06 -29.23
C LEU B 139 0.06 -8.38 -27.97
N ILE B 140 -1.26 -8.49 -28.07
CA ILE B 140 -2.07 -8.90 -26.92
C ILE B 140 -1.79 -10.35 -26.54
N GLU B 141 -1.68 -11.23 -27.55
CA GLU B 141 -1.38 -12.64 -27.27
C GLU B 141 0.05 -12.83 -26.77
N TYR B 142 0.96 -11.89 -27.05
CA TYR B 142 2.28 -11.94 -26.46
C TYR B 142 2.27 -11.40 -25.03
N TYR B 143 1.44 -10.40 -24.75
CA TYR B 143 1.38 -9.82 -23.42
C TYR B 143 0.46 -10.57 -22.47
N GLN B 144 -0.29 -11.57 -22.98
CA GLN B 144 -1.11 -12.50 -22.17
C GLN B 144 -2.19 -11.76 -21.37
N TRP B 145 -3.13 -11.17 -22.10
CA TRP B 145 -4.14 -10.31 -21.51
C TRP B 145 -5.52 -10.94 -21.58
N ASP B 146 -6.41 -10.45 -20.70
CA ASP B 146 -7.81 -10.87 -20.70
C ASP B 146 -8.82 -9.74 -20.52
N LYS B 147 -8.44 -8.59 -19.96
CA LYS B 147 -9.39 -7.52 -19.69
C LYS B 147 -8.71 -6.17 -19.92
N PHE B 148 -9.29 -5.37 -20.82
CA PHE B 148 -8.73 -4.06 -21.13
C PHE B 148 -9.82 -3.19 -21.74
N ALA B 149 -9.49 -1.91 -21.89
CA ALA B 149 -10.35 -0.96 -22.59
C ALA B 149 -9.74 -0.63 -23.94
N TYR B 150 -10.59 -0.20 -24.88
CA TYR B 150 -10.21 0.03 -26.27
C TYR B 150 -10.88 1.34 -26.71
N LEU B 151 -10.14 2.43 -26.61
CA LEU B 151 -10.64 3.74 -27.02
C LEU B 151 -10.28 3.95 -28.48
N TYR B 152 -11.27 3.90 -29.36
CA TYR B 152 -11.03 3.96 -30.79
C TYR B 152 -11.65 5.22 -31.40
N ASP B 153 -11.35 5.41 -32.69
CA ASP B 153 -11.87 6.51 -33.48
C ASP B 153 -12.50 5.94 -34.74
N SER B 154 -13.59 6.56 -35.19
CA SER B 154 -14.39 6.04 -36.30
C SER B 154 -14.10 6.75 -37.61
N ASP B 155 -12.85 7.14 -37.86
CA ASP B 155 -12.49 7.85 -39.08
C ASP B 155 -11.71 6.99 -40.07
N ARG B 156 -11.42 5.73 -39.73
CA ARG B 156 -10.70 4.82 -40.63
C ARG B 156 -11.43 3.49 -40.72
N GLY B 157 -12.75 3.52 -40.72
CA GLY B 157 -13.51 2.29 -40.73
C GLY B 157 -13.59 1.65 -39.35
N LEU B 158 -14.16 0.46 -39.33
CA LEU B 158 -14.35 -0.30 -38.09
C LEU B 158 -13.78 -1.70 -38.23
N SER B 159 -12.65 -1.83 -38.93
CA SER B 159 -12.08 -3.15 -39.20
C SER B 159 -11.43 -3.73 -37.96
N THR B 160 -10.57 -2.93 -37.31
CA THR B 160 -9.85 -3.41 -36.13
C THR B 160 -10.78 -3.66 -34.96
N LEU B 161 -11.88 -2.89 -34.86
CA LEU B 161 -12.86 -3.11 -33.80
C LEU B 161 -13.56 -4.45 -33.96
N GLN B 162 -14.00 -4.76 -35.18
CA GLN B 162 -14.61 -6.06 -35.45
C GLN B 162 -13.60 -7.21 -35.27
N ALA B 163 -12.33 -6.96 -35.60
CA ALA B 163 -11.30 -7.97 -35.42
C ALA B 163 -11.07 -8.28 -33.94
N VAL B 164 -10.98 -7.24 -33.10
CA VAL B 164 -10.71 -7.50 -31.69
C VAL B 164 -11.97 -8.00 -30.99
N LEU B 165 -13.17 -7.67 -31.50
CA LEU B 165 -14.37 -8.26 -30.91
C LEU B 165 -14.53 -9.73 -31.28
N ASP B 166 -14.14 -10.10 -32.51
CA ASP B 166 -14.14 -11.51 -32.88
C ASP B 166 -13.10 -12.28 -32.10
N SER B 167 -11.93 -11.67 -31.85
CA SER B 167 -10.91 -12.35 -31.05
C SER B 167 -11.29 -12.40 -29.58
N ALA B 168 -12.07 -11.44 -29.10
CA ALA B 168 -12.56 -11.50 -27.73
C ALA B 168 -13.65 -12.55 -27.58
N ALA B 169 -14.46 -12.75 -28.62
CA ALA B 169 -15.44 -13.83 -28.59
C ALA B 169 -14.78 -15.19 -28.72
N GLU B 170 -13.64 -15.26 -29.43
CA GLU B 170 -12.97 -16.54 -29.62
C GLU B 170 -12.03 -16.90 -28.47
N LYS B 171 -11.55 -15.90 -27.73
CA LYS B 171 -10.55 -16.14 -26.69
C LYS B 171 -11.06 -15.79 -25.29
N LYS B 172 -12.34 -15.41 -25.16
CA LYS B 172 -13.01 -15.08 -23.90
C LYS B 172 -12.30 -13.96 -23.16
N TRP B 173 -12.31 -12.79 -23.78
CA TRP B 173 -11.70 -11.58 -23.24
C TRP B 173 -12.76 -10.68 -22.63
N GLN B 174 -12.29 -9.56 -22.05
CA GLN B 174 -13.16 -8.54 -21.48
C GLN B 174 -12.73 -7.19 -22.06
N VAL B 175 -13.32 -6.83 -23.20
CA VAL B 175 -12.96 -5.64 -23.95
C VAL B 175 -14.03 -4.58 -23.70
N THR B 176 -13.61 -3.42 -23.19
CA THR B 176 -14.51 -2.28 -23.02
C THR B 176 -14.23 -1.33 -24.17
N ALA B 177 -15.00 -1.48 -25.25
CA ALA B 177 -14.74 -0.77 -26.50
C ALA B 177 -15.57 0.50 -26.55
N ILE B 178 -14.90 1.65 -26.57
CA ILE B 178 -15.54 2.96 -26.50
C ILE B 178 -15.01 3.82 -27.65
N ASN B 179 -15.92 4.45 -28.39
CA ASN B 179 -15.55 5.44 -29.38
C ASN B 179 -15.34 6.79 -28.72
N VAL B 180 -14.47 7.60 -29.32
CA VAL B 180 -14.10 8.88 -28.73
C VAL B 180 -14.27 9.96 -29.80
N GLY B 181 -14.52 9.53 -31.03
CA GLY B 181 -14.60 10.47 -32.15
C GLY B 181 -15.87 11.29 -32.22
N ASN B 182 -16.87 10.98 -31.38
CA ASN B 182 -18.13 11.71 -31.38
C ASN B 182 -18.14 12.87 -30.39
N ILE B 183 -16.97 13.36 -29.98
CA ILE B 183 -16.86 14.44 -29.02
C ILE B 183 -16.26 15.66 -29.71
N ASN B 184 -16.92 16.80 -29.59
CA ASN B 184 -16.45 18.03 -30.22
C ASN B 184 -15.20 18.57 -29.52
N ASN B 185 -14.57 19.53 -30.18
CA ASN B 185 -13.37 20.18 -29.65
C ASN B 185 -13.69 21.34 -28.73
N ASP B 186 -14.97 21.65 -28.51
CA ASP B 186 -15.36 22.79 -27.68
C ASP B 186 -15.73 22.40 -26.26
N LYS B 187 -16.04 21.13 -26.01
CA LYS B 187 -16.41 20.68 -24.67
C LYS B 187 -15.69 19.39 -24.33
N LYS B 188 -14.44 19.25 -24.78
CA LYS B 188 -13.66 18.04 -24.54
C LYS B 188 -12.83 18.16 -23.26
N ASP B 189 -13.47 18.54 -22.17
CA ASP B 189 -12.82 18.58 -20.87
C ASP B 189 -13.62 17.84 -19.80
N GLU B 190 -14.94 17.95 -19.83
CA GLU B 190 -15.78 17.20 -18.91
C GLU B 190 -16.18 15.84 -19.46
N THR B 191 -16.23 15.71 -20.79
CA THR B 191 -16.54 14.44 -21.41
C THR B 191 -15.42 13.43 -21.20
N TYR B 192 -14.16 13.87 -21.37
CA TYR B 192 -13.03 12.99 -21.13
C TYR B 192 -12.88 12.66 -19.64
N ARG B 193 -13.22 13.61 -18.77
CA ARG B 193 -13.18 13.36 -17.34
C ARG B 193 -14.24 12.34 -16.93
N SER B 194 -15.44 12.45 -17.49
CA SER B 194 -16.47 11.45 -17.23
C SER B 194 -16.12 10.10 -17.83
N LEU B 195 -15.42 10.09 -18.98
CA LEU B 195 -15.02 8.85 -19.61
C LEU B 195 -13.98 8.10 -18.78
N PHE B 196 -12.94 8.81 -18.33
CA PHE B 196 -11.95 8.16 -17.50
C PHE B 196 -12.40 7.99 -16.05
N GLN B 197 -13.52 8.62 -15.65
CA GLN B 197 -14.12 8.26 -14.38
C GLN B 197 -14.95 6.99 -14.49
N ASP B 198 -15.60 6.79 -15.63
CA ASP B 198 -16.35 5.55 -15.85
C ASP B 198 -15.42 4.38 -16.12
N LEU B 199 -14.21 4.64 -16.64
CA LEU B 199 -13.23 3.58 -16.79
C LEU B 199 -12.65 3.12 -15.46
N GLU B 200 -12.74 3.92 -14.41
CA GLU B 200 -12.31 3.52 -13.08
C GLU B 200 -13.36 2.72 -12.34
N LEU B 201 -14.55 2.53 -12.93
CA LEU B 201 -15.58 1.73 -12.28
C LEU B 201 -15.21 0.25 -12.31
N LYS B 202 -14.67 -0.22 -13.44
CA LYS B 202 -14.14 -1.57 -13.54
C LYS B 202 -12.67 -1.66 -13.15
N LYS B 203 -12.09 -0.53 -12.71
CA LYS B 203 -10.67 -0.39 -12.36
C LYS B 203 -9.76 -0.83 -13.50
N GLU B 204 -9.96 -0.20 -14.65
CA GLU B 204 -9.23 -0.55 -15.86
C GLU B 204 -7.81 -0.03 -15.78
N ARG B 205 -6.85 -0.95 -15.66
CA ARG B 205 -5.44 -0.61 -15.62
C ARG B 205 -4.78 -0.57 -16.99
N ARG B 206 -5.56 -0.63 -18.06
CA ARG B 206 -5.03 -0.96 -19.38
C ARG B 206 -5.96 -0.47 -20.47
N VAL B 207 -5.46 0.44 -21.31
CA VAL B 207 -6.23 1.08 -22.37
C VAL B 207 -5.42 1.04 -23.66
N ILE B 208 -6.02 0.54 -24.74
CA ILE B 208 -5.44 0.61 -26.08
C ILE B 208 -6.09 1.75 -26.84
N LEU B 209 -5.27 2.67 -27.32
CA LEU B 209 -5.73 3.86 -28.04
C LEU B 209 -5.56 3.63 -29.54
N ASP B 210 -6.64 3.85 -30.29
CA ASP B 210 -6.63 3.76 -31.75
C ASP B 210 -7.22 5.05 -32.29
N CYS B 211 -6.37 6.07 -32.45
CA CYS B 211 -6.82 7.37 -32.92
C CYS B 211 -5.82 7.90 -33.95
N GLU B 212 -6.16 9.04 -34.55
CA GLU B 212 -5.34 9.65 -35.57
C GLU B 212 -4.21 10.45 -34.92
N ARG B 213 -3.40 11.11 -35.74
CA ARG B 213 -2.20 11.81 -35.27
C ARG B 213 -2.51 13.05 -34.44
N ASP B 214 -3.76 13.53 -34.44
CA ASP B 214 -4.14 14.68 -33.63
C ASP B 214 -4.92 14.29 -32.38
N LYS B 215 -5.74 13.26 -32.47
CA LYS B 215 -6.55 12.86 -31.31
C LYS B 215 -5.71 12.14 -30.25
N VAL B 216 -4.64 11.45 -30.67
CA VAL B 216 -3.75 10.79 -29.72
C VAL B 216 -3.09 11.80 -28.81
N ASN B 217 -2.60 12.91 -29.38
CA ASN B 217 -1.95 13.95 -28.58
C ASN B 217 -2.93 14.60 -27.62
N ASP B 218 -4.18 14.80 -28.05
CA ASP B 218 -5.19 15.40 -27.17
C ASP B 218 -5.56 14.47 -26.03
N ILE B 219 -5.70 13.17 -26.31
CA ILE B 219 -6.04 12.21 -25.26
C ILE B 219 -4.89 12.05 -24.27
N VAL B 220 -3.64 12.04 -24.77
CA VAL B 220 -2.49 11.94 -23.88
C VAL B 220 -2.34 13.20 -23.03
N ASP B 221 -2.63 14.38 -23.61
CA ASP B 221 -2.59 15.62 -22.84
C ASP B 221 -3.67 15.65 -21.76
N GLN B 222 -4.86 15.13 -22.07
CA GLN B 222 -5.90 15.11 -21.05
C GLN B 222 -5.63 14.07 -19.97
N VAL B 223 -4.98 12.96 -20.33
CA VAL B 223 -4.57 11.95 -19.34
C VAL B 223 -3.50 12.53 -18.41
N ILE B 224 -2.55 13.28 -18.98
CA ILE B 224 -1.52 13.95 -18.18
C ILE B 224 -2.15 15.02 -17.29
N THR B 225 -3.19 15.69 -17.79
CA THR B 225 -3.90 16.69 -16.98
C THR B 225 -4.63 16.04 -15.80
N ILE B 226 -5.32 14.92 -16.04
CA ILE B 226 -6.00 14.22 -14.95
C ILE B 226 -5.07 13.27 -14.20
N GLY B 227 -3.84 13.06 -14.68
CA GLY B 227 -2.86 12.29 -13.96
C GLY B 227 -3.10 10.79 -13.97
N LYS B 228 -3.02 10.17 -15.14
CA LYS B 228 -3.19 8.73 -15.28
C LYS B 228 -2.09 8.15 -16.16
N HIS B 229 -0.85 8.57 -15.91
CA HIS B 229 0.30 8.07 -16.65
C HIS B 229 1.42 7.62 -15.74
N VAL B 230 1.14 7.37 -14.47
CA VAL B 230 2.13 6.89 -13.51
C VAL B 230 2.29 5.39 -13.69
N LYS B 231 3.30 4.82 -13.04
CA LYS B 231 3.52 3.38 -13.10
C LYS B 231 2.38 2.64 -12.41
N GLY B 232 1.71 1.78 -13.18
CA GLY B 232 0.53 1.08 -12.71
C GLY B 232 -0.48 0.92 -13.82
N TYR B 233 -0.31 1.70 -14.89
CA TYR B 233 -1.17 1.66 -16.05
C TYR B 233 -0.37 1.20 -17.26
N HIS B 234 -1.07 1.02 -18.38
CA HIS B 234 -0.43 0.60 -19.62
C HIS B 234 -1.17 1.21 -20.81
N TYR B 235 -0.44 1.51 -21.87
CA TYR B 235 -1.01 2.13 -23.05
C TYR B 235 -0.36 1.56 -24.31
N ILE B 236 -1.16 1.47 -25.38
CA ILE B 236 -0.69 1.07 -26.69
C ILE B 236 -1.21 2.06 -27.71
N ILE B 237 -0.31 2.69 -28.46
CA ILE B 237 -0.68 3.66 -29.47
C ILE B 237 -0.79 2.90 -30.80
N ALA B 238 -2.03 2.56 -31.17
CA ALA B 238 -2.27 1.72 -32.35
C ALA B 238 -2.19 2.58 -33.61
N ASN B 239 -0.97 2.80 -34.08
CA ASN B 239 -0.73 3.46 -35.35
C ASN B 239 0.60 2.99 -35.91
N LEU B 240 0.88 3.42 -37.14
CA LEU B 240 2.19 3.14 -37.73
C LEU B 240 3.23 4.17 -37.32
N GLY B 241 2.82 5.41 -37.14
CA GLY B 241 3.71 6.45 -36.68
C GLY B 241 3.74 6.62 -35.18
N PHE B 242 4.35 5.65 -34.49
CA PHE B 242 4.42 5.71 -33.03
C PHE B 242 5.33 6.84 -32.55
N THR B 243 6.36 7.18 -33.31
CA THR B 243 7.24 8.30 -32.98
C THR B 243 6.73 9.62 -33.51
N ASP B 244 5.59 9.64 -34.20
CA ASP B 244 5.08 10.89 -34.75
C ASP B 244 4.48 11.77 -33.68
N GLY B 245 3.83 11.18 -32.66
CA GLY B 245 3.33 11.95 -31.55
C GLY B 245 4.42 12.41 -30.63
N ASP B 246 4.04 13.28 -29.69
CA ASP B 246 4.97 13.80 -28.69
C ASP B 246 5.06 12.82 -27.54
N LEU B 247 6.23 12.20 -27.39
CA LEU B 247 6.44 11.21 -26.34
C LEU B 247 7.40 11.68 -25.26
N LEU B 248 7.83 12.94 -25.30
CA LEU B 248 8.61 13.49 -24.19
C LEU B 248 7.73 13.76 -22.97
N LYS B 249 6.41 13.87 -23.16
CA LYS B 249 5.50 14.18 -22.09
C LYS B 249 5.02 12.95 -21.32
N ILE B 250 5.22 11.75 -21.86
CA ILE B 250 4.89 10.52 -21.15
C ILE B 250 6.11 9.62 -21.05
N GLN B 251 7.30 10.23 -21.13
CA GLN B 251 8.54 9.47 -21.01
C GLN B 251 8.91 9.21 -19.57
N PHE B 252 8.78 10.21 -18.70
CA PHE B 252 9.11 10.08 -17.30
C PHE B 252 7.91 9.69 -16.44
N GLY B 253 6.83 9.19 -17.05
CA GLY B 253 5.63 8.92 -16.28
C GLY B 253 5.73 7.64 -15.47
N GLY B 254 6.19 6.57 -16.10
CA GLY B 254 6.34 5.28 -15.46
C GLY B 254 5.50 4.18 -16.05
N ALA B 255 4.38 4.51 -16.69
CA ALA B 255 3.56 3.50 -17.36
C ALA B 255 4.24 3.15 -18.68
N ASN B 256 4.59 1.88 -18.86
CA ASN B 256 5.25 1.47 -20.08
C ASN B 256 4.29 1.45 -21.27
N VAL B 257 4.68 2.18 -22.32
CA VAL B 257 3.82 2.44 -23.47
C VAL B 257 4.38 1.70 -24.67
N SER B 258 3.52 0.96 -25.35
CA SER B 258 3.89 0.20 -26.53
C SER B 258 3.27 0.81 -27.78
N GLY B 259 3.83 0.44 -28.92
CA GLY B 259 3.30 0.92 -30.19
C GLY B 259 4.00 0.21 -31.33
N PHE B 260 3.60 0.58 -32.55
CA PHE B 260 4.10 -0.05 -33.76
C PHE B 260 4.76 1.00 -34.65
N GLN B 261 5.88 0.64 -35.25
CA GLN B 261 6.63 1.54 -36.10
C GLN B 261 6.91 0.88 -37.44
N ILE B 262 6.70 1.64 -38.52
CA ILE B 262 6.99 1.18 -39.86
C ILE B 262 8.27 1.81 -40.43
N VAL B 263 8.70 2.96 -39.92
CA VAL B 263 9.89 3.64 -40.40
C VAL B 263 11.01 3.35 -39.41
N ASP B 264 11.86 2.39 -39.75
CA ASP B 264 12.99 2.03 -38.90
C ASP B 264 14.13 3.00 -39.19
N TYR B 265 14.47 3.83 -38.20
CA TYR B 265 15.51 4.84 -38.38
C TYR B 265 16.92 4.26 -38.33
N ASP B 266 17.07 2.98 -38.01
CA ASP B 266 18.39 2.36 -37.99
C ASP B 266 18.88 1.93 -39.36
N ASP B 267 18.03 1.99 -40.38
CA ASP B 267 18.45 1.62 -41.73
C ASP B 267 19.32 2.73 -42.33
N SER B 268 20.17 2.32 -43.28
CA SER B 268 21.07 3.28 -43.92
C SER B 268 20.32 4.21 -44.88
N LEU B 269 19.37 3.67 -45.63
CA LEU B 269 18.58 4.47 -46.55
C LEU B 269 17.68 5.45 -45.79
N VAL B 270 17.12 5.00 -44.67
CA VAL B 270 16.26 5.87 -43.87
C VAL B 270 17.07 6.96 -43.20
N SER B 271 18.29 6.63 -42.73
CA SER B 271 19.15 7.63 -42.12
C SER B 271 19.64 8.65 -43.14
N LYS B 272 19.92 8.20 -44.37
CA LYS B 272 20.28 9.13 -45.44
C LYS B 272 19.10 10.01 -45.84
N PHE B 273 17.88 9.46 -45.79
CA PHE B 273 16.70 10.26 -46.11
C PHE B 273 16.41 11.29 -45.02
N ILE B 274 16.68 10.94 -43.76
CA ILE B 274 16.53 11.93 -42.68
C ILE B 274 17.62 12.98 -42.78
N GLU B 275 18.85 12.60 -43.13
CA GLU B 275 19.93 13.55 -43.31
C GLU B 275 19.70 14.48 -44.49
N ARG B 276 19.01 14.03 -45.53
CA ARG B 276 18.59 14.88 -46.62
C ARG B 276 17.27 15.59 -46.35
N TRP B 277 16.56 15.20 -45.29
CA TRP B 277 15.24 15.75 -44.98
C TRP B 277 15.31 16.91 -44.00
N SER B 278 16.08 16.76 -42.92
CA SER B 278 16.13 17.77 -41.88
C SER B 278 16.87 19.03 -42.31
N THR B 279 17.68 18.96 -43.35
CA THR B 279 18.41 20.12 -43.85
C THR B 279 17.60 20.96 -44.83
N LEU B 280 16.33 20.60 -45.07
CA LEU B 280 15.52 21.33 -46.02
C LEU B 280 14.93 22.59 -45.39
N GLU B 281 14.53 23.51 -46.25
CA GLU B 281 13.98 24.79 -45.79
C GLU B 281 12.53 24.62 -45.39
N GLU B 282 12.15 25.28 -44.29
CA GLU B 282 10.76 25.23 -43.82
C GLU B 282 9.84 26.01 -44.75
N LYS B 283 10.31 27.13 -45.29
CA LYS B 283 9.49 27.92 -46.20
C LYS B 283 9.37 27.25 -47.56
N GLU B 284 10.43 26.60 -48.03
CA GLU B 284 10.36 25.91 -49.33
C GLU B 284 9.58 24.61 -49.22
N TYR B 285 9.70 23.91 -48.09
CA TYR B 285 8.96 22.68 -47.83
C TYR B 285 8.35 22.77 -46.44
N PRO B 286 7.03 22.97 -46.34
CA PRO B 286 6.41 23.09 -45.01
C PRO B 286 6.35 21.76 -44.29
N GLY B 287 6.69 21.79 -43.01
CA GLY B 287 6.69 20.59 -42.20
C GLY B 287 7.80 19.61 -42.51
N ALA B 288 8.95 20.12 -42.96
CA ALA B 288 10.07 19.26 -43.32
C ALA B 288 11.31 19.45 -42.44
N HIS B 289 11.32 20.45 -41.57
CA HIS B 289 12.47 20.69 -40.69
C HIS B 289 12.24 19.98 -39.36
N THR B 290 12.16 18.65 -39.43
CA THR B 290 11.99 17.79 -38.27
C THR B 290 13.06 16.71 -38.29
N ALA B 291 13.30 16.14 -37.10
CA ALA B 291 14.20 14.99 -37.02
C ALA B 291 13.51 13.70 -37.41
N THR B 292 12.18 13.65 -37.35
CA THR B 292 11.38 12.50 -37.74
C THR B 292 10.53 12.88 -38.95
N ILE B 293 9.67 11.93 -39.35
CA ILE B 293 8.75 12.15 -40.46
C ILE B 293 7.51 11.31 -40.21
N LYS B 294 6.36 11.83 -40.61
CA LYS B 294 5.09 11.11 -40.47
C LYS B 294 5.08 9.88 -41.37
N TYR B 295 4.26 8.91 -40.99
CA TYR B 295 4.23 7.64 -41.71
C TYR B 295 3.52 7.77 -43.05
N THR B 296 2.54 8.68 -43.15
CA THR B 296 1.87 8.92 -44.42
C THR B 296 2.81 9.55 -45.44
N SER B 297 3.70 10.43 -44.99
CA SER B 297 4.69 11.03 -45.88
C SER B 297 5.70 10.00 -46.37
N ALA B 298 6.09 9.08 -45.48
CA ALA B 298 7.00 8.01 -45.88
C ALA B 298 6.34 7.03 -46.85
N LEU B 299 5.05 6.74 -46.65
CA LEU B 299 4.35 5.88 -47.59
C LEU B 299 4.12 6.59 -48.92
N THR B 300 3.97 7.91 -48.92
CA THR B 300 3.92 8.68 -50.16
C THR B 300 5.26 8.60 -50.90
N TYR B 301 6.36 8.76 -50.17
CA TYR B 301 7.70 8.66 -50.76
C TYR B 301 7.97 7.25 -51.29
N ASP B 302 7.41 6.23 -50.65
CA ASP B 302 7.56 4.87 -51.15
C ASP B 302 6.67 4.62 -52.37
N ALA B 303 5.46 5.21 -52.38
CA ALA B 303 4.54 5.01 -53.50
C ALA B 303 5.04 5.70 -54.76
N VAL B 304 5.77 6.82 -54.62
CA VAL B 304 6.42 7.44 -55.77
C VAL B 304 7.44 6.50 -56.38
N GLN B 305 8.22 5.81 -55.54
CA GLN B 305 9.19 4.83 -56.01
C GLN B 305 8.50 3.64 -56.68
N VAL B 306 7.37 3.19 -56.12
CA VAL B 306 6.63 2.08 -56.70
C VAL B 306 6.08 2.44 -58.08
N MET B 307 5.49 3.64 -58.20
CA MET B 307 4.96 4.07 -59.50
C MET B 307 6.07 4.30 -60.52
N THR B 308 7.22 4.81 -60.06
CA THR B 308 8.35 5.02 -60.96
C THR B 308 8.91 3.68 -61.45
N GLU B 309 8.98 2.69 -60.56
CA GLU B 309 9.48 1.38 -60.95
C GLU B 309 8.51 0.67 -61.90
N ALA B 310 7.20 0.84 -61.67
CA ALA B 310 6.22 0.23 -62.56
C ALA B 310 6.22 0.87 -63.93
N PHE B 311 6.31 2.21 -64.00
CA PHE B 311 6.37 2.88 -65.29
C PHE B 311 7.69 2.60 -66.00
N ARG B 312 8.77 2.38 -65.25
CA ARG B 312 10.03 1.97 -65.85
C ARG B 312 9.96 0.54 -66.38
N ASN B 313 9.19 -0.33 -65.70
CA ASN B 313 8.97 -1.67 -66.22
C ASN B 313 8.11 -1.66 -67.48
N LEU B 314 7.16 -0.72 -67.58
CA LEU B 314 6.44 -0.54 -68.84
C LEU B 314 7.33 0.02 -69.94
N ARG B 315 8.24 0.92 -69.60
CA ARG B 315 9.16 1.44 -70.60
C ARG B 315 10.19 0.40 -71.02
N LYS B 316 10.47 -0.57 -70.15
CA LYS B 316 11.42 -1.62 -70.47
C LYS B 316 10.78 -2.80 -71.20
N GLN B 317 9.48 -3.04 -70.99
CA GLN B 317 8.79 -4.13 -71.66
C GLN B 317 8.29 -3.75 -73.06
N ARG B 318 8.49 -2.48 -73.46
CA ARG B 318 8.10 -1.95 -74.77
C ARG B 318 6.61 -2.12 -75.04
N ILE B 319 5.80 -1.67 -74.08
CA ILE B 319 4.35 -1.74 -74.18
C ILE B 319 3.82 -0.34 -74.47
N GLU B 320 3.18 -0.18 -75.62
CA GLU B 320 2.70 1.13 -76.06
C GLU B 320 1.26 1.31 -75.63
N ILE B 321 1.04 2.14 -74.61
CA ILE B 321 -0.30 2.49 -74.14
C ILE B 321 -0.57 3.98 -74.31
N SER B 322 0.19 4.65 -75.17
CA SER B 322 0.14 6.10 -75.28
C SER B 322 -1.16 6.56 -75.93
N ARG B 323 -1.73 7.63 -75.36
CA ARG B 323 -2.99 8.19 -75.84
C ARG B 323 -2.93 9.69 -75.62
N ARG B 324 -4.11 10.33 -75.69
CA ARG B 324 -4.19 11.78 -75.51
C ARG B 324 -5.19 12.11 -74.40
N GLY B 325 -5.51 13.39 -74.26
CA GLY B 325 -6.45 13.82 -73.25
C GLY B 325 -7.89 13.84 -73.74
N ASN B 326 -8.31 12.75 -74.38
CA ASN B 326 -9.66 12.61 -74.92
C ASN B 326 -10.31 11.34 -74.39
N ALA B 327 -10.19 11.13 -73.08
CA ALA B 327 -10.84 9.98 -72.44
C ALA B 327 -12.34 10.15 -72.30
N GLY B 328 -12.85 11.37 -72.46
CA GLY B 328 -14.28 11.60 -72.40
C GLY B 328 -14.76 12.03 -71.03
N ASP B 329 -16.07 12.07 -70.90
CA ASP B 329 -16.71 12.44 -69.65
C ASP B 329 -16.73 11.23 -68.71
N CYS B 330 -16.65 11.51 -67.40
CA CYS B 330 -16.71 10.46 -66.40
C CYS B 330 -18.08 9.82 -66.28
N LEU B 331 -19.13 10.48 -66.77
CA LEU B 331 -20.49 9.99 -66.70
C LEU B 331 -20.98 9.44 -68.04
N ALA B 332 -20.12 8.73 -68.77
CA ALA B 332 -20.53 8.11 -70.02
C ALA B 332 -21.42 6.90 -69.76
N ASN B 333 -22.44 6.74 -70.58
CA ASN B 333 -23.37 5.62 -70.46
C ASN B 333 -23.43 4.86 -71.78
N PRO B 334 -22.94 3.61 -71.84
CA PRO B 334 -22.17 2.93 -70.80
C PRO B 334 -20.71 3.37 -70.78
N ALA B 335 -20.14 3.52 -69.59
CA ALA B 335 -18.74 3.91 -69.45
C ALA B 335 -17.86 2.75 -69.88
N VAL B 336 -17.34 2.82 -71.10
CA VAL B 336 -16.59 1.70 -71.65
C VAL B 336 -15.15 1.76 -71.12
N PRO B 337 -14.60 0.64 -70.64
CA PRO B 337 -13.20 0.64 -70.20
C PRO B 337 -12.24 0.56 -71.37
N TRP B 338 -10.97 0.79 -71.07
CA TRP B 338 -9.89 0.54 -72.00
C TRP B 338 -8.99 -0.53 -71.39
N GLY B 339 -8.75 -1.61 -72.14
CA GLY B 339 -8.20 -2.83 -71.58
C GLY B 339 -6.75 -2.76 -71.17
N GLN B 340 -5.99 -1.83 -71.73
CA GLN B 340 -4.56 -1.71 -71.41
C GLN B 340 -4.31 -1.21 -70.00
N GLY B 341 -5.32 -0.66 -69.32
CA GLY B 341 -5.20 -0.37 -67.91
C GLY B 341 -5.23 -1.61 -67.04
N VAL B 342 -5.84 -2.69 -67.53
CA VAL B 342 -5.92 -3.94 -66.78
C VAL B 342 -4.53 -4.55 -66.60
N GLU B 343 -3.65 -4.36 -67.58
CA GLU B 343 -2.26 -4.75 -67.41
C GLU B 343 -1.54 -3.87 -66.39
N ILE B 344 -1.96 -2.60 -66.26
CA ILE B 344 -1.24 -1.65 -65.43
C ILE B 344 -1.34 -2.04 -63.95
N GLU B 345 -2.54 -2.40 -63.50
CA GLU B 345 -2.70 -3.00 -62.17
C GLU B 345 -1.92 -4.30 -62.07
N ARG B 346 -1.93 -5.11 -63.14
CA ARG B 346 -1.09 -6.30 -63.19
C ARG B 346 0.38 -5.96 -63.23
N ALA B 347 0.74 -4.75 -63.67
CA ALA B 347 2.10 -4.27 -63.51
C ALA B 347 2.36 -3.89 -62.05
N LEU B 348 1.36 -3.28 -61.39
CA LEU B 348 1.55 -2.81 -60.03
C LEU B 348 1.68 -3.96 -59.05
N LYS B 349 1.05 -5.09 -59.32
CA LYS B 349 1.25 -6.29 -58.51
C LYS B 349 2.61 -6.92 -58.78
N GLN B 350 3.27 -6.56 -59.88
CA GLN B 350 4.59 -7.11 -60.21
C GLN B 350 5.73 -6.24 -59.71
N VAL B 351 5.50 -5.42 -58.69
CA VAL B 351 6.51 -4.52 -58.14
C VAL B 351 6.92 -5.02 -56.76
N GLN B 352 8.22 -5.26 -56.59
CA GLN B 352 8.79 -5.64 -55.29
C GLN B 352 10.10 -4.88 -55.12
N VAL B 353 10.06 -3.80 -54.33
CA VAL B 353 11.17 -2.87 -54.20
C VAL B 353 11.51 -2.71 -52.73
N GLU B 354 12.46 -1.81 -52.45
CA GLU B 354 12.89 -1.51 -51.09
C GLU B 354 12.80 -0.01 -50.87
N GLY B 355 11.97 0.40 -49.92
CA GLY B 355 11.80 1.79 -49.60
C GLY B 355 11.83 2.07 -48.11
N LEU B 356 11.23 3.19 -47.68
CA LEU B 356 11.22 3.55 -46.27
C LEU B 356 10.37 2.62 -45.43
N SER B 357 9.41 1.91 -46.03
CA SER B 357 8.67 0.86 -45.35
C SER B 357 9.34 -0.50 -45.49
N GLY B 358 10.60 -0.53 -45.88
CA GLY B 358 11.29 -1.81 -46.02
C GLY B 358 10.94 -2.47 -47.32
N ASN B 359 10.61 -3.76 -47.26
CA ASN B 359 10.25 -4.50 -48.47
C ASN B 359 8.85 -4.12 -48.92
N ILE B 360 8.66 -4.00 -50.22
CA ILE B 360 7.37 -3.71 -50.82
C ILE B 360 7.08 -4.81 -51.83
N LYS B 361 6.11 -5.67 -51.50
CA LYS B 361 5.64 -6.72 -52.37
C LYS B 361 4.13 -6.81 -52.24
N PHE B 362 3.46 -7.06 -53.35
CA PHE B 362 2.01 -6.98 -53.43
C PHE B 362 1.42 -8.32 -53.84
N ASP B 363 0.12 -8.49 -53.59
CA ASP B 363 -0.61 -9.67 -54.00
C ASP B 363 -1.39 -9.36 -55.29
N GLN B 364 -2.23 -10.31 -55.71
CA GLN B 364 -3.08 -10.08 -56.88
C GLN B 364 -4.22 -9.13 -56.59
N ASN B 365 -4.59 -8.95 -55.32
CA ASN B 365 -5.68 -8.06 -54.97
C ASN B 365 -5.21 -6.61 -54.89
N GLY B 366 -4.11 -6.36 -54.17
CA GLY B 366 -3.62 -5.01 -54.01
C GLY B 366 -3.08 -4.75 -52.62
N LYS B 367 -3.22 -5.73 -51.73
CA LYS B 367 -2.69 -5.62 -50.39
C LYS B 367 -1.18 -5.80 -50.38
N ARG B 368 -0.57 -5.54 -49.23
CA ARG B 368 0.88 -5.65 -49.07
C ARG B 368 1.22 -6.98 -48.44
N ILE B 369 2.22 -7.65 -49.01
CA ILE B 369 2.74 -8.89 -48.46
C ILE B 369 4.24 -8.71 -48.21
N ASN B 370 4.76 -9.58 -47.32
CA ASN B 370 6.17 -9.65 -46.94
C ASN B 370 6.67 -8.31 -46.38
N TYR B 371 5.95 -7.82 -45.38
CA TYR B 371 6.27 -6.57 -44.71
C TYR B 371 6.77 -6.86 -43.30
N THR B 372 7.32 -5.83 -42.66
CA THR B 372 7.92 -5.97 -41.34
C THR B 372 7.62 -4.72 -40.54
N ILE B 373 7.02 -4.90 -39.36
CA ILE B 373 6.66 -3.79 -38.48
C ILE B 373 7.39 -3.98 -37.15
N ASN B 374 8.12 -2.95 -36.72
CA ASN B 374 8.82 -3.03 -35.45
C ASN B 374 7.87 -2.74 -34.30
N ILE B 375 8.10 -3.38 -33.17
CA ILE B 375 7.30 -3.16 -31.97
C ILE B 375 8.13 -2.32 -31.01
N MET B 376 7.71 -1.08 -30.79
CA MET B 376 8.46 -0.15 -29.97
C MET B 376 7.87 -0.10 -28.56
N GLU B 377 8.73 -0.25 -27.57
CA GLU B 377 8.40 0.03 -26.19
C GLU B 377 9.12 1.28 -25.74
N LEU B 378 8.50 2.03 -24.83
CA LEU B 378 9.10 3.26 -24.34
C LEU B 378 9.93 2.99 -23.10
N LYS B 379 11.21 3.33 -23.15
CA LYS B 379 12.10 3.24 -22.02
C LYS B 379 12.30 4.63 -21.42
N THR B 380 13.22 4.73 -20.44
CA THR B 380 13.48 6.02 -19.82
C THR B 380 14.27 6.93 -20.77
N ASN B 381 15.30 6.38 -21.41
CA ASN B 381 16.10 7.15 -22.35
C ASN B 381 15.40 7.45 -23.66
N GLY B 382 14.26 6.81 -23.93
CA GLY B 382 13.52 7.05 -25.14
C GLY B 382 12.92 5.78 -25.69
N PRO B 383 12.50 5.81 -26.96
CA PRO B 383 11.92 4.61 -27.56
C PRO B 383 12.98 3.57 -27.90
N ARG B 384 12.69 2.31 -27.58
CA ARG B 384 13.62 1.22 -27.80
C ARG B 384 12.87 0.05 -28.42
N LYS B 385 13.44 -0.52 -29.48
CA LYS B 385 12.83 -1.64 -30.17
C LYS B 385 13.02 -2.93 -29.40
N ILE B 386 11.98 -3.76 -29.40
CA ILE B 386 12.04 -5.07 -28.75
C ILE B 386 11.92 -6.23 -29.73
N GLY B 387 11.52 -5.97 -30.97
CA GLY B 387 11.37 -7.03 -31.93
C GLY B 387 10.59 -6.55 -33.13
N TYR B 388 10.37 -7.48 -34.06
CA TYR B 388 9.67 -7.20 -35.30
C TYR B 388 8.53 -8.20 -35.48
N TRP B 389 7.67 -7.90 -36.45
CA TRP B 389 6.52 -8.73 -36.76
C TRP B 389 6.29 -8.76 -38.25
N SER B 390 5.97 -9.94 -38.77
CA SER B 390 5.60 -10.10 -40.17
C SER B 390 4.32 -10.92 -40.26
N GLU B 391 3.80 -11.13 -41.47
CA GLU B 391 2.60 -11.93 -41.64
C GLU B 391 2.90 -13.41 -41.88
N VAL B 392 4.11 -13.75 -42.33
CA VAL B 392 4.46 -15.14 -42.53
C VAL B 392 4.95 -15.79 -41.24
N ASP B 393 5.30 -15.00 -40.23
CA ASP B 393 5.78 -15.50 -38.96
C ASP B 393 5.00 -14.85 -37.84
N LYS B 394 5.36 -15.23 -36.61
CA LYS B 394 4.78 -14.62 -35.42
C LYS B 394 5.66 -13.46 -34.98
N MET B 395 5.41 -12.94 -33.78
CA MET B 395 6.23 -11.85 -33.23
C MET B 395 7.58 -12.40 -32.81
N VAL B 396 8.63 -11.99 -33.52
CA VAL B 396 9.99 -12.43 -33.25
C VAL B 396 10.64 -11.44 -32.30
N VAL B 397 11.19 -11.95 -31.20
CA VAL B 397 11.82 -11.10 -30.19
C VAL B 397 13.19 -10.61 -30.67
N THR B 398 13.75 -9.69 -29.91
CA THR B 398 15.10 -9.17 -30.16
C THR B 398 15.72 -8.86 -28.80
N LEU B 399 16.64 -9.71 -28.37
CA LEU B 399 17.30 -9.53 -27.08
C LEU B 399 18.79 -9.23 -27.27
N VAL B 416 17.75 -22.29 2.15
CA VAL B 416 18.69 -22.42 3.26
C VAL B 416 18.79 -23.88 3.70
N VAL B 417 20.01 -24.42 3.65
CA VAL B 417 20.25 -25.81 3.99
C VAL B 417 20.17 -25.97 5.51
N VAL B 418 19.16 -26.70 5.97
CA VAL B 418 18.96 -26.98 7.39
C VAL B 418 19.21 -28.46 7.61
N THR B 419 20.28 -28.77 8.34
CA THR B 419 20.64 -30.16 8.57
C THR B 419 20.19 -30.64 9.95
N THR B 420 19.89 -31.94 10.02
CA THR B 420 19.47 -32.59 11.25
C THR B 420 19.72 -34.10 11.09
N ILE B 421 19.31 -34.86 12.11
CA ILE B 421 19.46 -36.30 12.10
C ILE B 421 18.17 -36.90 12.65
N LEU B 422 17.86 -38.11 12.21
CA LEU B 422 16.62 -38.80 12.59
C LEU B 422 16.74 -39.26 14.04
N GLU B 423 16.20 -38.46 14.96
CA GLU B 423 16.15 -38.81 16.37
C GLU B 423 14.77 -38.50 16.92
N SER B 424 14.17 -39.47 17.58
CA SER B 424 12.87 -39.29 18.20
C SER B 424 13.01 -38.57 19.54
N PRO B 425 12.10 -37.66 19.89
CA PRO B 425 10.96 -37.18 19.10
C PRO B 425 11.29 -35.91 18.33
N TYR B 426 12.58 -35.65 18.15
CA TYR B 426 13.00 -34.40 17.53
C TYR B 426 12.72 -34.39 16.03
N VAL B 427 13.23 -35.40 15.32
CA VAL B 427 12.94 -35.57 13.89
C VAL B 427 12.55 -37.03 13.70
N MET B 428 11.31 -37.24 13.25
CA MET B 428 10.77 -38.57 13.04
C MET B 428 10.19 -38.68 11.63
N MET B 429 10.12 -39.92 11.15
CA MET B 429 9.55 -40.16 9.84
C MET B 429 8.03 -40.07 9.90
N LYS B 430 7.42 -39.65 8.79
CA LYS B 430 5.98 -39.59 8.71
C LYS B 430 5.41 -40.98 8.40
N LYS B 431 4.08 -41.07 8.40
CA LYS B 431 3.42 -42.33 8.08
C LYS B 431 3.55 -42.63 6.59
N ASN B 432 3.04 -41.76 5.73
CA ASN B 432 3.19 -41.90 4.29
C ASN B 432 4.38 -41.06 3.79
N HIS B 433 5.56 -41.40 4.31
CA HIS B 433 6.77 -40.65 3.96
C HIS B 433 7.19 -40.88 2.52
N GLU B 434 6.90 -42.05 1.96
CA GLU B 434 7.21 -42.31 0.56
C GLU B 434 6.26 -41.59 -0.39
N MET B 435 5.05 -41.28 0.07
CA MET B 435 4.05 -40.62 -0.75
C MET B 435 4.10 -39.10 -0.63
N LEU B 436 5.09 -38.55 0.08
CA LEU B 436 5.25 -37.12 0.22
C LEU B 436 6.60 -36.69 -0.30
N GLU B 437 6.77 -35.36 -0.42
CA GLU B 437 8.01 -34.80 -0.91
C GLU B 437 8.29 -33.50 -0.18
N GLY B 438 9.55 -33.08 -0.21
CA GLY B 438 9.95 -31.83 0.39
C GLY B 438 10.07 -31.86 1.90
N ASN B 439 9.71 -30.77 2.55
CA ASN B 439 9.83 -30.63 3.99
C ASN B 439 8.72 -31.33 4.76
N GLU B 440 7.65 -31.75 4.08
CA GLU B 440 6.53 -32.42 4.73
C GLU B 440 6.82 -33.90 5.00
N ARG B 441 7.95 -34.41 4.55
CA ARG B 441 8.30 -35.81 4.78
C ARG B 441 8.70 -36.07 6.22
N TYR B 442 9.14 -35.04 6.95
CA TYR B 442 9.67 -35.19 8.30
C TYR B 442 8.80 -34.43 9.29
N GLU B 443 8.85 -34.86 10.54
CA GLU B 443 8.05 -34.25 11.60
C GLU B 443 8.71 -34.52 12.93
N GLY B 444 8.34 -33.72 13.93
CA GLY B 444 8.83 -33.88 15.27
C GLY B 444 9.03 -32.53 15.94
N TYR B 445 9.93 -32.52 16.93
CA TYR B 445 10.16 -31.31 17.70
C TYR B 445 10.97 -30.29 16.91
N CYS B 446 12.10 -30.72 16.34
CA CYS B 446 12.99 -29.79 15.65
C CYS B 446 12.41 -29.32 14.32
N VAL B 447 11.49 -30.10 13.74
CA VAL B 447 10.83 -29.68 12.51
C VAL B 447 9.90 -28.50 12.79
N ASP B 448 9.08 -28.61 13.84
CA ASP B 448 8.24 -27.48 14.24
C ASP B 448 9.06 -26.33 14.78
N LEU B 449 10.23 -26.63 15.37
CA LEU B 449 11.13 -25.58 15.82
C LEU B 449 11.68 -24.77 14.65
N ALA B 450 12.13 -25.45 13.60
CA ALA B 450 12.59 -24.78 12.39
C ALA B 450 11.45 -24.05 11.69
N ALA B 451 10.22 -24.59 11.79
CA ALA B 451 9.06 -23.89 11.24
C ALA B 451 8.81 -22.58 11.98
N GLU B 452 8.94 -22.59 13.31
CA GLU B 452 8.77 -21.37 14.09
C GLU B 452 9.91 -20.38 13.83
N ILE B 453 11.13 -20.87 13.62
CA ILE B 453 12.25 -19.98 13.30
C ILE B 453 12.05 -19.33 11.93
N ALA B 454 11.61 -20.10 10.94
CA ALA B 454 11.35 -19.54 9.62
C ALA B 454 10.12 -18.64 9.62
N LYS B 455 9.18 -18.87 10.55
CA LYS B 455 8.01 -18.00 10.65
C LYS B 455 8.37 -16.65 11.28
N HIS B 456 9.17 -16.68 12.35
CA HIS B 456 9.55 -15.44 13.02
C HIS B 456 10.83 -14.83 12.49
N CYS B 457 11.39 -15.39 11.41
CA CYS B 457 12.53 -14.77 10.74
C CYS B 457 12.30 -14.52 9.26
N GLY B 458 11.35 -15.22 8.64
CA GLY B 458 10.97 -14.95 7.27
C GLY B 458 12.00 -15.34 6.22
N PHE B 459 12.24 -16.64 6.07
CA PHE B 459 13.17 -17.13 5.06
C PHE B 459 12.78 -18.54 4.66
N LYS B 460 13.06 -18.89 3.41
CA LYS B 460 12.84 -20.24 2.92
C LYS B 460 13.97 -21.15 3.38
N TYR B 461 13.64 -22.38 3.74
CA TYR B 461 14.59 -23.31 4.30
C TYR B 461 14.57 -24.60 3.50
N LYS B 462 15.46 -25.52 3.88
CA LYS B 462 15.53 -26.84 3.25
C LYS B 462 15.99 -27.83 4.30
N LEU B 463 15.08 -28.69 4.74
CA LEU B 463 15.40 -29.70 5.74
C LEU B 463 16.22 -30.82 5.10
N THR B 464 17.48 -30.92 5.49
CA THR B 464 18.40 -31.90 4.93
C THR B 464 18.84 -32.88 6.00
N ILE B 465 19.28 -34.05 5.55
CA ILE B 465 19.74 -35.12 6.43
C ILE B 465 21.24 -35.25 6.27
N VAL B 466 21.96 -35.36 7.40
CA VAL B 466 23.40 -35.54 7.36
C VAL B 466 23.73 -36.93 6.81
N GLY B 467 24.80 -37.02 6.03
CA GLY B 467 25.13 -38.24 5.32
C GLY B 467 25.73 -39.33 6.18
N ASP B 468 26.81 -39.02 6.89
CA ASP B 468 27.53 -40.03 7.65
C ASP B 468 26.81 -40.47 8.93
N GLY B 469 25.78 -39.77 9.35
CA GLY B 469 25.05 -40.16 10.54
C GLY B 469 25.75 -39.91 11.85
N LYS B 470 26.80 -39.08 11.84
CA LYS B 470 27.54 -38.76 13.05
C LYS B 470 27.20 -37.35 13.50
N TYR B 471 27.40 -37.09 14.78
CA TYR B 471 27.05 -35.79 15.35
C TYR B 471 28.15 -34.77 15.09
N GLY B 472 29.34 -35.01 15.63
CA GLY B 472 30.47 -34.15 15.37
C GLY B 472 31.70 -34.55 16.15
N ALA B 473 32.85 -34.65 15.47
CA ALA B 473 34.09 -35.05 16.10
C ALA B 473 35.26 -34.58 15.24
N ARG B 474 36.40 -34.36 15.89
CA ARG B 474 37.62 -33.93 15.23
C ARG B 474 38.72 -34.94 15.56
N ASP B 475 39.31 -35.52 14.52
CA ASP B 475 40.43 -36.43 14.72
C ASP B 475 41.67 -35.65 15.14
N ALA B 476 42.50 -36.27 15.96
CA ALA B 476 43.78 -35.67 16.31
C ALA B 476 44.77 -35.77 15.16
N ASP B 477 44.55 -36.69 14.24
CA ASP B 477 45.46 -36.88 13.11
C ASP B 477 45.17 -35.89 11.99
N THR B 478 43.92 -35.88 11.49
CA THR B 478 43.57 -35.09 10.33
C THR B 478 43.11 -33.68 10.68
N LYS B 479 42.68 -33.46 11.93
CA LYS B 479 42.11 -32.18 12.40
C LYS B 479 40.93 -31.75 11.55
N ILE B 480 40.05 -32.70 11.23
CA ILE B 480 38.90 -32.47 10.38
C ILE B 480 37.64 -32.83 11.15
N TRP B 481 36.73 -31.86 11.28
CA TRP B 481 35.45 -32.10 11.91
C TRP B 481 34.53 -32.85 10.96
N ASN B 482 33.77 -33.79 11.52
CA ASN B 482 32.82 -34.58 10.73
C ASN B 482 31.39 -34.27 11.17
N GLY B 483 30.43 -34.86 10.46
CA GLY B 483 29.04 -34.69 10.80
C GLY B 483 28.52 -33.32 10.42
N MET B 484 27.50 -32.87 11.16
CA MET B 484 26.92 -31.55 10.92
C MET B 484 27.88 -30.43 11.29
N VAL B 485 28.80 -30.69 12.22
CA VAL B 485 29.86 -29.75 12.54
C VAL B 485 30.76 -29.52 11.32
N GLY B 486 31.16 -30.61 10.66
CA GLY B 486 31.92 -30.48 9.43
C GLY B 486 31.11 -29.90 8.28
N GLU B 487 29.79 -30.12 8.29
CA GLU B 487 28.94 -29.51 7.27
C GLU B 487 28.84 -28.01 7.45
N LEU B 488 28.88 -27.54 8.70
CA LEU B 488 28.87 -26.10 8.94
C LEU B 488 30.25 -25.48 8.71
N VAL B 489 31.32 -26.23 9.01
CA VAL B 489 32.66 -25.70 8.79
C VAL B 489 33.00 -25.68 7.30
N TYR B 490 32.84 -26.82 6.62
CA TYR B 490 33.23 -26.94 5.23
C TYR B 490 32.13 -26.52 4.26
N GLY B 491 31.12 -25.80 4.74
CA GLY B 491 30.13 -25.20 3.87
C GLY B 491 29.11 -26.15 3.28
N LYS B 492 29.03 -27.38 3.78
CA LYS B 492 28.04 -28.31 3.26
C LYS B 492 26.64 -28.03 3.79
N ALA B 493 26.53 -27.24 4.85
CA ALA B 493 25.25 -26.82 5.40
C ALA B 493 25.29 -25.33 5.70
N ASP B 494 24.11 -24.78 5.98
CA ASP B 494 23.96 -23.38 6.36
C ASP B 494 23.69 -23.18 7.84
N ILE B 495 22.76 -23.93 8.41
CA ILE B 495 22.42 -23.84 9.82
C ILE B 495 21.99 -25.23 10.28
N ALA B 496 22.32 -25.56 11.53
CA ALA B 496 22.00 -26.86 12.11
C ALA B 496 20.98 -26.65 13.22
N ILE B 497 19.79 -27.22 13.04
CA ILE B 497 18.75 -27.22 14.07
C ILE B 497 18.57 -28.68 14.48
N ALA B 498 19.29 -29.09 15.51
CA ALA B 498 19.36 -30.47 15.95
C ALA B 498 19.91 -30.49 17.37
N PRO B 499 19.63 -31.55 18.14
CA PRO B 499 20.24 -31.64 19.48
C PRO B 499 21.73 -31.93 19.43
N LEU B 500 22.52 -30.88 19.24
CA LEU B 500 23.98 -30.96 19.26
C LEU B 500 24.47 -30.35 20.57
N THR B 501 25.37 -31.05 21.24
CA THR B 501 25.82 -30.65 22.58
C THR B 501 26.76 -29.45 22.49
N ILE B 502 26.44 -28.39 23.24
CA ILE B 502 27.24 -27.18 23.26
C ILE B 502 28.48 -27.44 24.13
N THR B 503 29.64 -27.51 23.49
CA THR B 503 30.91 -27.68 24.20
C THR B 503 31.84 -26.51 23.88
N LEU B 504 32.98 -26.49 24.57
CA LEU B 504 33.97 -25.45 24.34
C LEU B 504 34.72 -25.68 23.03
N VAL B 505 35.01 -26.94 22.71
CA VAL B 505 35.76 -27.25 21.50
C VAL B 505 34.93 -27.04 20.25
N ARG B 506 33.60 -27.00 20.37
CA ARG B 506 32.75 -26.64 19.24
C ARG B 506 32.55 -25.14 19.14
N GLU B 507 32.74 -24.42 20.24
CA GLU B 507 32.68 -22.96 20.21
C GLU B 507 33.87 -22.37 19.47
N GLU B 508 35.01 -23.07 19.49
CA GLU B 508 36.24 -22.55 18.90
C GLU B 508 36.20 -22.49 17.38
N VAL B 509 35.27 -23.20 16.74
CA VAL B 509 35.18 -23.22 15.29
C VAL B 509 33.89 -22.58 14.79
N ILE B 510 32.76 -22.80 15.48
CA ILE B 510 31.48 -22.24 15.07
C ILE B 510 30.83 -21.57 16.28
N ASP B 511 29.76 -20.84 16.01
CA ASP B 511 29.06 -20.08 17.03
C ASP B 511 27.79 -20.80 17.47
N PHE B 512 27.25 -20.37 18.60
CA PHE B 512 26.07 -20.97 19.18
C PHE B 512 25.15 -19.90 19.76
N SER B 513 23.87 -20.24 19.86
CA SER B 513 22.87 -19.33 20.38
C SER B 513 22.59 -19.65 21.85
N LYS B 514 21.61 -18.97 22.44
CA LYS B 514 21.20 -19.27 23.79
C LYS B 514 20.45 -20.61 23.83
N PRO B 515 20.57 -21.36 24.92
CA PRO B 515 19.94 -22.68 24.99
C PRO B 515 18.42 -22.59 25.06
N PHE B 516 17.75 -23.41 24.25
CA PHE B 516 16.30 -23.47 24.25
C PHE B 516 15.76 -24.46 25.28
N MET B 517 16.55 -25.48 25.64
CA MET B 517 16.09 -26.49 26.58
C MET B 517 17.28 -26.97 27.38
N SER B 518 17.22 -26.80 28.69
CA SER B 518 18.27 -27.28 29.59
C SER B 518 17.97 -28.71 30.04
N LEU B 519 19.03 -29.45 30.33
CA LEU B 519 18.91 -30.85 30.69
C LEU B 519 20.12 -31.26 31.51
N GLY B 520 20.13 -32.52 31.94
CA GLY B 520 21.23 -33.05 32.71
C GLY B 520 21.26 -34.55 32.65
N ILE B 521 22.13 -35.14 33.46
CA ILE B 521 22.24 -36.59 33.54
C ILE B 521 21.33 -37.09 34.65
N SER B 522 20.43 -38.01 34.29
CA SER B 522 19.45 -38.55 35.23
C SER B 522 19.65 -40.05 35.39
N ILE B 523 18.80 -40.63 36.25
CA ILE B 523 18.87 -42.04 36.59
C ILE B 523 17.69 -42.75 35.93
N MET B 524 17.99 -43.74 35.11
CA MET B 524 16.97 -44.59 34.50
C MET B 524 16.93 -45.92 35.23
N ILE B 525 15.82 -46.19 35.91
CA ILE B 525 15.53 -47.49 36.48
C ILE B 525 14.15 -47.92 36.03
N LYS B 526 13.85 -49.21 36.22
CA LYS B 526 12.53 -49.71 35.91
C LYS B 526 11.54 -49.28 36.99
N LYS B 527 10.26 -49.34 36.64
CA LYS B 527 9.20 -49.03 37.61
C LYS B 527 9.12 -50.16 38.63
N PRO B 528 9.18 -49.86 39.93
CA PRO B 528 9.14 -50.94 40.93
C PRO B 528 7.76 -51.57 41.05
N GLN B 529 7.63 -52.77 40.52
CA GLN B 529 6.39 -53.53 40.57
C GLN B 529 6.35 -54.36 41.85
N LYS B 530 5.31 -55.17 41.97
CA LYS B 530 5.16 -56.03 43.14
C LYS B 530 6.13 -57.20 43.09
N SER B 531 6.78 -57.46 44.22
CA SER B 531 7.70 -58.58 44.33
C SER B 531 7.18 -59.53 45.40
N LYS B 532 7.50 -60.81 45.25
CA LYS B 532 7.05 -61.85 46.17
C LYS B 532 7.74 -61.70 47.51
N PRO B 533 7.03 -61.33 48.59
CA PRO B 533 7.70 -61.01 49.85
C PRO B 533 8.22 -62.21 50.62
N GLY B 534 7.43 -63.28 50.71
CA GLY B 534 7.86 -64.49 51.38
C GLY B 534 7.71 -64.49 52.89
N VAL B 535 8.70 -65.09 53.56
CA VAL B 535 8.67 -65.36 55.00
C VAL B 535 8.61 -64.07 55.80
N PHE B 536 9.15 -62.98 55.23
CA PHE B 536 9.13 -61.66 55.87
C PHE B 536 7.71 -61.11 56.02
N SER B 537 6.71 -61.68 55.37
CA SER B 537 5.33 -61.27 55.60
C SER B 537 4.74 -61.87 56.87
N PHE B 538 5.48 -62.72 57.60
CA PHE B 538 4.94 -63.23 58.85
C PHE B 538 4.89 -62.15 59.93
N LEU B 539 5.88 -61.26 59.95
CA LEU B 539 5.88 -60.13 60.87
C LEU B 539 6.08 -58.81 60.15
N ASP B 540 5.52 -58.66 58.94
CA ASP B 540 5.73 -57.45 58.15
C ASP B 540 5.12 -56.18 58.75
N PRO B 541 3.82 -56.10 59.11
CA PRO B 541 3.31 -54.79 59.53
C PRO B 541 3.71 -54.40 60.94
N LEU B 542 3.79 -53.08 61.15
CA LEU B 542 3.75 -52.36 62.42
C LEU B 542 5.01 -52.50 63.27
N ALA B 543 5.91 -53.42 62.92
CA ALA B 543 7.04 -53.73 63.80
C ALA B 543 8.14 -54.51 63.10
N TYR B 544 9.38 -54.18 63.40
CA TYR B 544 10.53 -55.01 63.06
C TYR B 544 11.26 -55.54 64.27
N GLU B 545 11.17 -54.84 65.40
CA GLU B 545 11.87 -55.22 66.61
C GLU B 545 10.95 -55.26 67.82
N ILE B 546 9.74 -54.71 67.71
CA ILE B 546 8.82 -54.65 68.84
C ILE B 546 8.28 -56.01 69.24
N TRP B 547 8.35 -57.01 68.35
CA TRP B 547 7.92 -58.36 68.70
C TRP B 547 8.83 -58.97 69.76
N MET B 548 10.11 -58.64 69.71
CA MET B 548 11.03 -59.08 70.77
C MET B 548 10.69 -58.41 72.09
N CYS B 549 10.22 -57.15 72.04
CA CYS B 549 9.75 -56.49 73.25
C CYS B 549 8.49 -57.15 73.78
N ILE B 550 7.63 -57.64 72.88
CA ILE B 550 6.43 -58.35 73.30
C ILE B 550 6.80 -59.68 73.96
N VAL B 551 7.78 -60.39 73.41
CA VAL B 551 8.22 -61.66 73.99
C VAL B 551 8.90 -61.43 75.35
N PHE B 552 9.68 -60.34 75.47
CA PHE B 552 10.33 -60.04 76.73
C PHE B 552 9.32 -59.64 77.80
N ALA B 553 8.29 -58.87 77.41
CA ALA B 553 7.21 -58.55 78.33
C ALA B 553 6.39 -59.80 78.69
N TYR B 554 6.28 -60.74 77.75
CA TYR B 554 5.61 -62.01 78.01
C TYR B 554 6.33 -62.81 79.08
N ILE B 555 7.66 -62.92 78.96
CA ILE B 555 8.45 -63.64 79.95
C ILE B 555 8.43 -62.90 81.29
N GLY B 556 8.45 -61.56 81.26
CA GLY B 556 8.44 -60.81 82.51
C GLY B 556 7.13 -60.92 83.26
N VAL B 557 6.01 -60.80 82.54
CA VAL B 557 4.69 -60.95 83.15
C VAL B 557 4.47 -62.40 83.61
N SER B 558 5.08 -63.36 82.91
CA SER B 558 5.03 -64.76 83.35
C SER B 558 5.77 -64.94 84.67
N VAL B 559 6.96 -64.33 84.80
CA VAL B 559 7.73 -64.42 86.03
C VAL B 559 7.00 -63.74 87.19
N VAL B 560 6.38 -62.59 86.92
CA VAL B 560 5.63 -61.88 87.96
C VAL B 560 4.38 -62.67 88.38
N LEU B 561 3.68 -63.26 87.42
CA LEU B 561 2.47 -64.03 87.74
C LEU B 561 2.82 -65.30 88.50
N PHE B 562 3.94 -65.95 88.17
CA PHE B 562 4.37 -67.10 88.95
C PHE B 562 4.86 -66.69 90.34
N LEU B 563 5.50 -65.53 90.46
CA LEU B 563 5.99 -65.08 91.75
C LEU B 563 4.83 -64.70 92.67
N VAL B 564 3.73 -64.22 92.09
CA VAL B 564 2.52 -64.02 92.88
C VAL B 564 1.88 -65.36 93.22
N SER B 565 1.81 -66.26 92.23
CA SER B 565 1.11 -67.53 92.41
C SER B 565 1.86 -68.51 93.30
N ARG B 566 3.18 -68.40 93.40
CA ARG B 566 3.99 -69.33 94.19
C ARG B 566 4.58 -68.64 95.41
N PHE B 567 3.83 -67.71 96.00
CA PHE B 567 4.23 -67.08 97.26
C PHE B 567 3.05 -66.86 98.20
N SER B 568 1.98 -67.63 98.06
CA SER B 568 0.82 -67.48 98.95
C SER B 568 1.02 -68.03 100.37
N PRO B 569 1.76 -69.16 100.60
CA PRO B 569 1.98 -69.37 102.04
C PRO B 569 3.15 -68.57 102.59
N ASN B 590 -3.15 -74.44 93.27
CA ASN B 590 -3.83 -74.96 92.08
C ASN B 590 -3.30 -74.27 90.83
N GLU B 591 -3.21 -72.94 90.88
CA GLU B 591 -2.70 -72.15 89.78
C GLU B 591 -1.18 -72.04 89.78
N PHE B 592 -0.49 -72.75 90.67
CA PHE B 592 0.95 -72.70 90.73
C PHE B 592 1.57 -73.48 89.57
N GLY B 593 2.88 -73.36 89.45
CA GLY B 593 3.60 -73.99 88.36
C GLY B 593 4.18 -72.96 87.41
N ILE B 594 5.49 -73.02 87.19
CA ILE B 594 6.15 -72.04 86.32
C ILE B 594 5.76 -72.28 84.86
N PHE B 595 5.65 -73.53 84.43
CA PHE B 595 5.15 -73.79 83.10
C PHE B 595 3.64 -73.60 83.04
N ASN B 596 2.94 -73.82 84.16
CA ASN B 596 1.51 -73.54 84.21
C ASN B 596 1.25 -72.04 84.09
N SER B 597 2.03 -71.22 84.79
CA SER B 597 1.89 -69.77 84.69
C SER B 597 2.31 -69.27 83.31
N LEU B 598 3.35 -69.89 82.73
CA LEU B 598 3.79 -69.51 81.39
C LEU B 598 2.74 -69.86 80.34
N TRP B 599 2.12 -71.04 80.47
CA TRP B 599 1.10 -71.43 79.51
C TRP B 599 -0.19 -70.67 79.72
N PHE B 600 -0.47 -70.21 80.95
CA PHE B 600 -1.62 -69.35 81.14
C PHE B 600 -1.38 -67.95 80.61
N SER B 601 -0.13 -67.46 80.67
CA SER B 601 0.20 -66.21 80.01
C SER B 601 0.11 -66.34 78.49
N LEU B 602 0.47 -67.51 77.97
CA LEU B 602 0.30 -67.78 76.54
C LEU B 602 -1.18 -67.83 76.17
N GLY B 603 -2.01 -68.46 77.00
CA GLY B 603 -3.44 -68.45 76.81
C GLY B 603 -4.07 -67.09 76.98
N ALA B 604 -3.43 -66.21 77.74
CA ALA B 604 -3.83 -64.82 77.83
C ALA B 604 -3.42 -64.02 76.60
N PHE B 605 -2.31 -64.39 75.95
CA PHE B 605 -1.80 -63.63 74.81
C PHE B 605 -2.74 -63.70 73.62
N MET B 606 -2.96 -64.89 73.10
CA MET B 606 -4.01 -65.09 72.11
C MET B 606 -5.29 -65.46 72.87
N ARG B 607 -6.29 -66.00 72.18
CA ARG B 607 -7.63 -65.99 72.76
C ARG B 607 -7.80 -67.04 73.85
N GLN B 608 -7.72 -68.32 73.48
CA GLN B 608 -7.96 -69.40 74.44
C GLN B 608 -6.85 -69.55 75.47
N ILE B 612 -9.08 -72.45 83.31
CA ILE B 612 -8.31 -72.18 84.52
C ILE B 612 -8.25 -70.66 84.73
N SER B 613 -8.24 -70.22 85.99
CA SER B 613 -8.19 -68.80 86.33
C SER B 613 -7.61 -68.63 87.72
N PRO B 614 -6.72 -67.66 87.91
CA PRO B 614 -6.18 -67.42 89.25
C PRO B 614 -7.20 -66.75 90.14
N ARG B 615 -7.14 -67.07 91.43
CA ARG B 615 -8.04 -66.49 92.42
C ARG B 615 -7.29 -65.86 93.59
N SER B 616 -6.07 -65.39 93.37
CA SER B 616 -5.27 -64.77 94.42
C SER B 616 -5.56 -63.29 94.58
N LEU B 617 -6.46 -62.73 93.73
CA LEU B 617 -6.97 -61.36 93.75
C LEU B 617 -5.92 -60.26 93.66
N SER B 618 -4.68 -60.61 93.35
CA SER B 618 -3.63 -59.64 93.10
C SER B 618 -2.91 -59.88 91.79
N GLY B 619 -2.66 -61.15 91.45
CA GLY B 619 -2.17 -61.48 90.12
C GLY B 619 -3.24 -61.42 89.05
N ARG B 620 -4.50 -61.39 89.46
CA ARG B 620 -5.60 -61.19 88.52
C ARG B 620 -5.54 -59.80 87.89
N ILE B 621 -5.04 -58.81 88.63
CA ILE B 621 -4.83 -57.47 88.07
C ILE B 621 -3.77 -57.51 86.99
N VAL B 622 -2.68 -58.25 87.24
CA VAL B 622 -1.62 -58.46 86.25
C VAL B 622 -2.18 -59.15 85.01
N GLY B 623 -3.00 -60.19 85.21
CA GLY B 623 -3.59 -60.89 84.08
C GLY B 623 -4.55 -60.03 83.28
N GLY B 624 -5.33 -59.19 83.96
CA GLY B 624 -6.25 -58.32 83.25
C GLY B 624 -5.55 -57.23 82.47
N VAL B 625 -4.47 -56.67 83.03
CA VAL B 625 -3.78 -55.60 82.31
C VAL B 625 -2.96 -56.18 81.16
N TRP B 626 -2.39 -57.38 81.32
CA TRP B 626 -1.74 -58.07 80.21
C TRP B 626 -2.74 -58.47 79.13
N TRP B 627 -3.95 -58.79 79.54
CA TRP B 627 -4.97 -59.29 78.64
C TRP B 627 -5.57 -58.16 77.80
N PHE B 628 -5.83 -57.01 78.44
CA PHE B 628 -6.16 -55.79 77.69
C PHE B 628 -5.01 -55.34 76.80
N PHE B 629 -3.77 -55.49 77.29
CA PHE B 629 -2.57 -55.14 76.54
C PHE B 629 -2.46 -55.92 75.23
N THR B 630 -2.54 -57.24 75.31
CA THR B 630 -2.47 -58.04 74.09
C THR B 630 -3.74 -57.92 73.24
N LEU B 631 -4.88 -57.55 73.83
CA LEU B 631 -6.06 -57.29 73.00
C LEU B 631 -5.87 -56.04 72.16
N ILE B 632 -5.29 -54.99 72.74
CA ILE B 632 -4.95 -53.79 71.98
C ILE B 632 -3.89 -54.10 70.92
N ILE B 633 -2.96 -55.01 71.26
CA ILE B 633 -1.92 -55.41 70.30
C ILE B 633 -2.54 -56.11 69.08
N ILE B 634 -3.41 -57.09 69.32
CA ILE B 634 -3.96 -57.83 68.18
C ILE B 634 -4.95 -56.98 67.41
N SER B 635 -5.61 -56.02 68.07
CA SER B 635 -6.47 -55.08 67.36
C SER B 635 -5.65 -54.17 66.45
N SER B 636 -4.54 -53.64 66.97
CA SER B 636 -3.68 -52.79 66.16
C SER B 636 -2.99 -53.57 65.04
N TYR B 637 -2.70 -54.85 65.28
CA TYR B 637 -2.11 -55.70 64.24
C TYR B 637 -3.11 -55.95 63.12
N THR B 638 -4.35 -56.22 63.48
CA THR B 638 -5.42 -56.37 62.48
C THR B 638 -5.63 -55.09 61.70
N ALA B 639 -5.59 -53.95 62.39
CA ALA B 639 -5.79 -52.65 61.76
C ALA B 639 -4.66 -52.33 60.78
N ASN B 640 -3.41 -52.56 61.18
CA ASN B 640 -2.30 -52.22 60.30
C ASN B 640 -2.17 -53.23 59.16
N LEU B 641 -2.55 -54.49 59.39
CA LEU B 641 -2.53 -55.45 58.29
C LEU B 641 -3.61 -55.12 57.27
N ALA B 642 -4.77 -54.63 57.73
CA ALA B 642 -5.78 -54.11 56.81
C ALA B 642 -5.28 -52.86 56.10
N ALA B 643 -4.46 -52.04 56.78
CA ALA B 643 -3.91 -50.84 56.16
C ALA B 643 -2.92 -51.18 55.05
N PHE B 644 -2.10 -52.22 55.27
CA PHE B 644 -1.19 -52.65 54.21
C PHE B 644 -1.93 -53.34 53.07
N LEU B 645 -2.97 -54.11 53.38
CA LEU B 645 -3.72 -54.74 52.30
C LEU B 645 -4.67 -53.78 51.60
N THR B 646 -4.87 -52.58 52.13
CA THR B 646 -5.80 -51.63 51.52
C THR B 646 -5.15 -50.81 50.41
N VAL B 647 -4.10 -50.05 50.74
CA VAL B 647 -3.55 -49.09 49.79
C VAL B 647 -2.63 -49.78 48.79
N GLU B 648 -1.58 -50.43 49.30
CA GLU B 648 -0.55 -51.13 48.51
C GLU B 648 0.11 -50.21 47.49
N ARG B 649 0.71 -49.13 48.01
CA ARG B 649 1.46 -48.18 47.21
C ARG B 649 2.94 -48.41 47.50
N MET B 650 3.58 -49.26 46.70
CA MET B 650 5.00 -49.53 46.86
C MET B 650 5.84 -48.35 46.41
N VAL B 651 7.02 -48.22 46.99
CA VAL B 651 7.92 -47.12 46.69
C VAL B 651 9.20 -47.67 46.10
N SER B 652 10.00 -46.78 45.53
CA SER B 652 11.28 -47.12 44.90
C SER B 652 12.39 -47.15 45.94
N PRO B 653 13.33 -48.09 45.83
CA PRO B 653 14.43 -48.12 46.82
C PRO B 653 15.47 -47.04 46.59
N ILE B 654 15.70 -46.65 45.35
CA ILE B 654 16.75 -45.69 45.02
C ILE B 654 16.10 -44.34 44.73
N GLU B 655 16.59 -43.29 45.41
CA GLU B 655 16.04 -41.95 45.29
C GLU B 655 17.02 -40.97 44.67
N SER B 656 18.22 -40.86 45.22
CA SER B 656 19.20 -39.87 44.79
C SER B 656 20.41 -40.54 44.16
N ALA B 657 21.35 -39.72 43.72
CA ALA B 657 22.60 -40.23 43.16
C ALA B 657 23.52 -40.79 44.22
N GLU B 658 23.43 -40.28 45.45
CA GLU B 658 24.22 -40.80 46.56
C GLU B 658 23.74 -42.18 46.99
N ASP B 659 22.52 -42.56 46.62
CA ASP B 659 22.02 -43.90 46.91
C ASP B 659 22.78 -44.96 46.12
N LEU B 660 23.31 -44.60 44.94
CA LEU B 660 24.13 -45.53 44.18
C LEU B 660 25.46 -45.79 44.86
N SER B 661 26.04 -44.76 45.48
CA SER B 661 27.26 -44.94 46.25
C SER B 661 27.01 -45.56 47.60
N LYS B 662 25.78 -45.47 48.12
CA LYS B 662 25.46 -46.01 49.43
C LYS B 662 25.30 -47.53 49.43
N GLN B 663 25.08 -48.15 48.28
CA GLN B 663 24.91 -49.58 48.19
C GLN B 663 25.82 -50.14 47.10
N THR B 664 25.87 -51.46 47.02
CA THR B 664 26.62 -52.13 45.96
C THR B 664 25.90 -53.33 45.36
N GLU B 665 24.72 -53.69 45.86
CA GLU B 665 24.02 -54.87 45.35
C GLU B 665 23.39 -54.58 43.99
N ILE B 666 22.78 -53.40 43.84
CA ILE B 666 22.17 -53.01 42.57
C ILE B 666 23.20 -52.24 41.78
N ALA B 667 23.67 -52.84 40.69
CA ALA B 667 24.71 -52.22 39.88
C ALA B 667 24.13 -51.15 38.97
N TYR B 668 25.02 -50.38 38.35
CA TYR B 668 24.62 -49.28 37.48
C TYR B 668 25.75 -48.99 36.51
N GLY B 669 25.40 -48.62 35.29
CA GLY B 669 26.41 -48.36 34.27
C GLY B 669 25.96 -47.30 33.29
N THR B 670 26.90 -46.88 32.45
CA THR B 670 26.65 -45.92 31.38
C THR B 670 26.99 -46.58 30.04
N LEU B 671 26.95 -45.77 28.98
CA LEU B 671 27.34 -46.24 27.66
C LEU B 671 28.85 -46.38 27.61
N ASP B 672 29.34 -47.27 26.74
CA ASP B 672 30.76 -47.60 26.68
C ASP B 672 31.62 -46.43 26.18
N SER B 673 31.04 -45.50 25.43
CA SER B 673 31.80 -44.36 24.92
C SER B 673 30.89 -43.13 24.89
N GLY B 674 31.49 -41.97 25.14
CA GLY B 674 30.75 -40.73 25.12
C GLY B 674 31.23 -39.74 26.15
N SER B 675 30.78 -38.48 26.04
CA SER B 675 31.15 -37.43 26.98
C SER B 675 30.51 -37.63 28.36
N THR B 676 29.45 -38.43 28.44
CA THR B 676 28.88 -38.77 29.75
C THR B 676 29.87 -39.58 30.56
N LYS B 677 30.55 -40.55 29.93
CA LYS B 677 31.60 -41.28 30.61
C LYS B 677 32.83 -40.41 30.86
N GLU B 678 33.08 -39.42 30.00
CA GLU B 678 34.17 -38.49 30.22
C GLU B 678 33.90 -37.58 31.40
N PHE B 679 32.63 -37.32 31.70
CA PHE B 679 32.26 -36.56 32.88
C PHE B 679 32.63 -37.31 34.16
N PHE B 680 32.42 -38.62 34.18
CA PHE B 680 32.84 -39.41 35.34
C PHE B 680 34.34 -39.62 35.35
N ARG B 681 34.98 -39.63 34.18
CA ARG B 681 36.42 -39.83 34.13
C ARG B 681 37.19 -38.60 34.60
N ARG B 682 36.72 -37.40 34.25
CA ARG B 682 37.40 -36.17 34.61
C ARG B 682 36.75 -35.45 35.79
N SER B 683 36.01 -36.15 36.63
CA SER B 683 35.30 -35.51 37.73
C SER B 683 36.25 -35.14 38.86
N LYS B 684 35.85 -34.17 39.66
CA LYS B 684 36.60 -33.74 40.83
C LYS B 684 35.86 -34.03 42.13
N ILE B 685 34.61 -34.46 42.06
CA ILE B 685 33.84 -34.80 43.25
C ILE B 685 34.15 -36.24 43.65
N ALA B 686 34.39 -36.47 44.94
CA ALA B 686 34.76 -37.80 45.42
C ALA B 686 33.60 -38.79 45.31
N VAL B 687 32.36 -38.30 45.28
CA VAL B 687 31.21 -39.18 45.09
C VAL B 687 31.22 -39.75 43.67
N PHE B 688 31.37 -38.88 42.67
CA PHE B 688 31.44 -39.35 41.30
C PHE B 688 32.76 -40.07 41.01
N ASP B 689 33.80 -39.76 41.78
CA ASP B 689 35.05 -40.52 41.68
C ASP B 689 34.85 -41.94 42.18
N LYS B 690 34.10 -42.11 43.27
CA LYS B 690 33.77 -43.45 43.75
C LYS B 690 32.85 -44.18 42.78
N MET B 691 31.96 -43.43 42.12
CA MET B 691 31.11 -44.03 41.08
C MET B 691 31.95 -44.53 39.89
N TRP B 692 32.93 -43.74 39.46
CA TRP B 692 33.81 -44.16 38.38
C TRP B 692 34.73 -45.31 38.81
N THR B 693 35.12 -45.34 40.08
CA THR B 693 35.91 -46.45 40.59
C THR B 693 35.09 -47.74 40.62
N TYR B 694 33.81 -47.63 40.96
CA TYR B 694 32.92 -48.79 40.94
C TYR B 694 32.66 -49.27 39.52
N MET B 695 32.39 -48.34 38.60
CA MET B 695 32.06 -48.74 37.23
C MET B 695 33.28 -49.05 36.39
N ARG B 696 34.49 -48.73 36.87
CA ARG B 696 35.70 -49.06 36.12
C ARG B 696 36.19 -50.46 36.41
N SER B 697 35.96 -50.98 37.62
CA SER B 697 36.33 -52.34 37.98
C SER B 697 35.10 -53.24 38.10
N ALA B 698 34.08 -52.99 37.29
CA ALA B 698 32.83 -53.72 37.40
C ALA B 698 32.97 -55.12 36.80
N GLU B 699 32.43 -56.10 37.50
CA GLU B 699 32.42 -57.49 37.04
C GLU B 699 30.97 -57.96 36.99
N PRO B 700 30.40 -58.26 35.80
CA PRO B 700 31.03 -58.15 34.48
C PRO B 700 30.98 -56.73 33.90
N SER B 701 31.14 -56.62 32.59
CA SER B 701 31.12 -55.33 31.92
C SER B 701 29.71 -54.75 31.92
N VAL B 702 29.51 -53.65 32.64
CA VAL B 702 28.22 -53.00 32.70
C VAL B 702 27.98 -52.06 31.53
N PHE B 703 29.01 -51.74 30.75
CA PHE B 703 28.88 -50.84 29.63
C PHE B 703 28.23 -51.56 28.46
N VAL B 704 27.30 -50.87 27.79
CA VAL B 704 26.54 -51.43 26.70
C VAL B 704 26.99 -50.79 25.39
N ARG B 705 26.66 -51.46 24.29
CA ARG B 705 27.06 -50.98 22.97
C ARG B 705 26.17 -49.82 22.52
N THR B 706 24.86 -50.01 22.52
CA THR B 706 23.92 -49.01 22.07
C THR B 706 23.02 -48.58 23.24
N THR B 707 22.19 -47.58 22.98
CA THR B 707 21.25 -47.10 23.98
C THR B 707 20.15 -48.13 24.22
N ALA B 708 19.63 -48.74 23.15
CA ALA B 708 18.61 -49.77 23.29
C ALA B 708 19.16 -51.02 23.95
N GLU B 709 20.48 -51.26 23.83
CA GLU B 709 21.11 -52.34 24.58
C GLU B 709 21.05 -52.06 26.08
N GLY B 710 21.26 -50.82 26.49
CA GLY B 710 21.13 -50.47 27.89
C GLY B 710 19.70 -50.53 28.36
N VAL B 711 18.75 -50.16 27.49
CA VAL B 711 17.33 -50.26 27.82
C VAL B 711 16.93 -51.71 28.03
N ALA B 712 17.37 -52.61 27.16
CA ALA B 712 17.07 -54.03 27.33
C ALA B 712 17.81 -54.64 28.51
N ARG B 713 18.99 -54.11 28.85
CA ARG B 713 19.72 -54.60 30.02
C ARG B 713 19.02 -54.19 31.31
N VAL B 714 18.41 -53.00 31.32
CA VAL B 714 17.60 -52.61 32.47
C VAL B 714 16.31 -53.43 32.51
N ARG B 715 15.68 -53.64 31.35
CA ARG B 715 14.43 -54.40 31.28
C ARG B 715 14.60 -55.88 31.59
N LYS B 716 15.81 -56.42 31.50
CA LYS B 716 16.07 -57.82 31.82
C LYS B 716 16.78 -57.99 33.15
N SER B 717 16.71 -56.99 34.03
CA SER B 717 17.42 -57.04 35.30
C SER B 717 16.50 -57.19 36.51
N LYS B 718 15.21 -56.84 36.36
CA LYS B 718 14.18 -56.94 37.41
C LYS B 718 14.57 -56.17 38.67
N GLY B 719 15.18 -55.00 38.48
CA GLY B 719 15.57 -54.16 39.59
C GLY B 719 16.95 -54.43 40.15
N LYS B 720 17.89 -54.89 39.33
CA LYS B 720 19.25 -55.15 39.77
C LYS B 720 20.30 -54.32 39.04
N TYR B 721 19.91 -53.59 38.00
CA TYR B 721 20.86 -52.82 37.20
C TYR B 721 20.20 -51.53 36.73
N ALA B 722 20.97 -50.45 36.77
CA ALA B 722 20.51 -49.13 36.37
C ALA B 722 21.38 -48.56 35.26
N TYR B 723 20.82 -47.55 34.57
CA TYR B 723 21.50 -46.90 33.46
C TYR B 723 21.41 -45.39 33.60
N LEU B 724 22.47 -44.71 33.20
CA LEU B 724 22.58 -43.26 33.31
C LEU B 724 22.69 -42.68 31.90
N LEU B 725 21.97 -41.58 31.66
CA LEU B 725 21.93 -40.94 30.35
C LEU B 725 21.39 -39.52 30.53
N GLU B 726 21.19 -38.84 29.39
CA GLU B 726 20.57 -37.52 29.41
C GLU B 726 19.11 -37.60 29.84
N SER B 727 18.64 -36.51 30.44
CA SER B 727 17.31 -36.50 31.06
C SER B 727 16.18 -36.48 30.03
N THR B 728 16.40 -35.85 28.88
CA THR B 728 15.35 -35.76 27.88
C THR B 728 15.08 -37.12 27.24
N MET B 729 16.14 -37.85 26.89
CA MET B 729 15.98 -39.20 26.35
C MET B 729 15.43 -40.14 27.41
N ASN B 730 15.80 -39.93 28.68
CA ASN B 730 15.27 -40.72 29.77
C ASN B 730 13.76 -40.53 29.92
N GLU B 731 13.31 -39.28 29.90
CA GLU B 731 11.88 -39.00 29.99
C GLU B 731 11.13 -39.47 28.75
N TYR B 732 11.79 -39.44 27.58
CA TYR B 732 11.13 -39.92 26.36
C TYR B 732 10.94 -41.43 26.40
N ILE B 733 11.95 -42.17 26.85
CA ILE B 733 11.81 -43.62 27.03
C ILE B 733 10.81 -43.93 28.14
N GLU B 734 10.73 -43.06 29.15
CA GLU B 734 9.71 -43.20 30.19
C GLU B 734 8.30 -43.00 29.62
N GLN B 735 8.16 -42.18 28.58
CA GLN B 735 6.87 -41.93 27.96
C GLN B 735 6.60 -42.84 26.76
N ARG B 736 7.17 -44.05 26.74
CA ARG B 736 6.90 -45.01 25.69
C ARG B 736 6.52 -46.36 26.27
N LYS B 737 5.88 -47.18 25.43
CA LYS B 737 5.47 -48.52 25.83
C LYS B 737 6.69 -49.40 26.07
N PRO B 738 6.58 -50.40 26.98
CA PRO B 738 5.46 -50.85 27.82
C PRO B 738 5.22 -50.04 29.10
N CYS B 739 5.74 -48.81 29.18
CA CYS B 739 5.55 -47.89 30.31
C CYS B 739 6.04 -48.52 31.62
N ASP B 740 7.22 -49.14 31.57
CA ASP B 740 7.72 -49.93 32.68
C ASP B 740 8.95 -49.34 33.36
N THR B 741 9.39 -48.15 32.99
CA THR B 741 10.53 -47.50 33.61
C THR B 741 10.12 -46.14 34.15
N MET B 742 10.97 -45.57 34.99
CA MET B 742 10.74 -44.24 35.54
C MET B 742 12.07 -43.58 35.89
N LYS B 743 12.07 -42.26 35.91
CA LYS B 743 13.26 -41.48 36.23
C LYS B 743 13.09 -40.82 37.59
N VAL B 744 14.12 -40.92 38.42
CA VAL B 744 14.13 -40.30 39.74
C VAL B 744 15.36 -39.41 39.84
N GLY B 745 15.32 -38.51 40.82
CA GLY B 745 16.45 -37.65 41.12
C GLY B 745 16.56 -36.47 40.17
N GLY B 746 17.26 -35.44 40.64
CA GLY B 746 17.49 -34.26 39.85
C GLY B 746 18.63 -34.43 38.88
N ASN B 747 18.87 -33.38 38.08
CA ASN B 747 19.93 -33.41 37.10
C ASN B 747 21.28 -33.25 37.78
N LEU B 748 22.27 -34.01 37.32
CA LEU B 748 23.58 -34.01 37.94
C LEU B 748 24.52 -32.95 37.38
N ASP B 749 24.27 -32.48 36.16
CA ASP B 749 25.13 -31.50 35.53
C ASP B 749 24.30 -30.52 34.71
N SER B 750 24.97 -29.50 34.18
CA SER B 750 24.33 -28.43 33.44
C SER B 750 24.56 -28.66 31.95
N LYS B 751 23.59 -29.28 31.30
CA LYS B 751 23.62 -29.51 29.86
C LYS B 751 22.53 -28.70 29.18
N GLY B 752 22.77 -28.38 27.91
CA GLY B 752 21.81 -27.59 27.15
C GLY B 752 22.10 -27.59 25.66
N TYR B 753 21.05 -27.75 24.86
CA TYR B 753 21.19 -27.72 23.41
C TYR B 753 20.86 -26.32 22.88
N GLY B 754 21.53 -25.94 21.80
CA GLY B 754 21.30 -24.65 21.19
C GLY B 754 21.49 -24.72 19.69
N ILE B 755 21.04 -23.66 19.02
CA ILE B 755 21.14 -23.60 17.57
C ILE B 755 22.56 -23.21 17.18
N ALA B 756 23.13 -23.96 16.25
CA ALA B 756 24.51 -23.75 15.81
C ALA B 756 24.54 -22.98 14.50
N THR B 757 25.46 -22.03 14.42
CA THR B 757 25.74 -21.27 13.22
C THR B 757 27.24 -21.15 13.03
N PRO B 758 27.73 -21.06 11.79
CA PRO B 758 29.16 -20.83 11.58
C PRO B 758 29.59 -19.45 12.05
N LYS B 759 30.88 -19.33 12.33
CA LYS B 759 31.42 -18.08 12.85
C LYS B 759 31.48 -17.02 11.75
N GLY B 760 31.06 -15.80 12.09
CA GLY B 760 31.02 -14.73 11.11
C GLY B 760 29.80 -14.73 10.24
N SER B 761 28.72 -15.38 10.68
CA SER B 761 27.48 -15.43 9.92
C SER B 761 26.61 -14.21 10.22
N SER B 762 25.67 -13.95 9.31
CA SER B 762 24.79 -12.79 9.46
C SER B 762 23.48 -13.12 10.15
N LEU B 763 23.06 -14.39 10.16
CA LEU B 763 21.76 -14.76 10.67
C LEU B 763 21.76 -15.17 12.14
N GLY B 764 22.93 -15.23 12.77
CA GLY B 764 23.03 -15.79 14.12
C GLY B 764 22.33 -14.94 15.16
N ALA B 765 22.47 -13.63 15.06
CA ALA B 765 21.77 -12.74 15.99
C ALA B 765 20.25 -12.72 15.81
N ALA B 766 19.65 -12.68 14.59
CA ALA B 766 18.19 -12.84 14.52
C ALA B 766 17.71 -14.24 14.91
N VAL B 767 18.52 -15.28 14.68
CA VAL B 767 18.16 -16.60 15.18
C VAL B 767 18.13 -16.63 16.71
N ASN B 768 19.11 -15.96 17.35
CA ASN B 768 19.14 -15.92 18.80
C ASN B 768 17.98 -15.10 19.36
N LEU B 769 17.62 -14.00 18.68
CA LEU B 769 16.46 -13.22 19.11
C LEU B 769 15.16 -14.01 18.93
N ALA B 770 15.08 -14.83 17.88
CA ALA B 770 13.89 -15.67 17.70
C ALA B 770 13.83 -16.78 18.76
N VAL B 771 14.98 -17.31 19.15
CA VAL B 771 15.02 -18.31 20.23
C VAL B 771 14.58 -17.70 21.54
N LEU B 772 15.02 -16.46 21.82
CA LEU B 772 14.58 -15.79 23.04
C LEU B 772 13.09 -15.44 23.00
N LYS B 773 12.58 -15.11 21.82
CA LYS B 773 11.15 -14.83 21.69
C LYS B 773 10.31 -16.10 21.88
N LEU B 774 10.79 -17.23 21.37
CA LEU B 774 10.09 -18.50 21.59
C LEU B 774 10.22 -18.96 23.03
N ALA B 775 11.30 -18.57 23.72
CA ALA B 775 11.45 -18.96 25.11
C ALA B 775 10.54 -18.14 26.02
N GLU B 776 10.41 -16.84 25.74
CA GLU B 776 9.59 -15.99 26.61
C GLU B 776 8.10 -16.24 26.42
N GLN B 777 7.68 -16.66 25.23
CA GLN B 777 6.26 -16.93 24.99
C GLN B 777 5.82 -18.28 25.50
N GLY B 778 6.74 -19.12 25.95
CA GLY B 778 6.36 -20.43 26.45
C GLY B 778 5.96 -21.44 25.39
N ALA B 779 6.26 -21.14 24.13
CA ALA B 779 5.93 -22.07 23.05
C ALA B 779 6.84 -23.29 23.07
N LEU B 780 8.06 -23.14 23.60
CA LEU B 780 8.96 -24.28 23.77
C LEU B 780 8.39 -25.25 24.78
N ASP B 781 7.80 -24.74 25.87
CA ASP B 781 7.14 -25.60 26.84
C ASP B 781 5.89 -26.25 26.25
N LYS B 782 5.21 -25.55 25.35
CA LYS B 782 4.03 -26.11 24.69
C LYS B 782 4.44 -27.27 23.78
N LEU B 783 5.51 -27.10 23.02
CA LEU B 783 5.98 -28.20 22.18
C LEU B 783 6.60 -29.33 23.01
N LYS B 784 7.14 -29.00 24.18
CA LYS B 784 7.67 -30.04 25.06
C LYS B 784 6.55 -30.88 25.66
N ASN B 785 5.44 -30.24 26.02
CA ASN B 785 4.27 -30.99 26.45
C ASN B 785 3.63 -31.74 25.30
N LYS B 786 3.75 -31.22 24.08
CA LYS B 786 3.11 -31.86 22.94
C LYS B 786 3.85 -33.11 22.50
N TRP B 787 5.18 -33.03 22.37
CA TRP B 787 5.94 -34.11 21.76
C TRP B 787 6.53 -35.08 22.77
N TRP B 788 6.39 -34.83 24.07
CA TRP B 788 6.77 -35.80 25.09
C TRP B 788 5.59 -36.30 25.90
N TYR B 789 4.78 -35.40 26.46
CA TYR B 789 3.67 -35.84 27.30
C TYR B 789 2.42 -36.16 26.50
N ASP B 790 2.13 -35.40 25.45
CA ASP B 790 0.92 -35.64 24.68
C ASP B 790 1.13 -36.69 23.59
N LYS B 791 2.30 -36.68 22.96
CA LYS B 791 2.59 -37.65 21.90
C LYS B 791 2.83 -39.04 22.48
N GLY B 792 3.29 -39.14 23.72
CA GLY B 792 3.68 -40.40 24.30
C GLY B 792 2.52 -41.33 24.57
N GLU B 793 2.87 -42.57 24.94
CA GLU B 793 1.91 -43.66 25.10
C GLU B 793 1.72 -44.04 26.56
N CYS B 794 2.14 -43.20 27.49
CA CYS B 794 2.09 -43.51 28.92
C CYS B 794 1.23 -42.46 29.63
N GLY B 795 0.06 -42.88 30.10
CA GLY B 795 -0.75 -42.02 30.94
C GLY B 795 -0.14 -41.85 32.31
N ALA B 796 0.14 -40.60 32.69
CA ALA B 796 0.80 -40.34 33.97
C ALA B 796 -0.19 -40.15 35.10
N LYS B 797 -1.16 -41.06 35.21
CA LYS B 797 -2.12 -41.05 36.31
C LYS B 797 -2.42 -42.47 36.78
N ASP B 798 -1.78 -42.90 37.85
CA ASP B 798 -2.06 -44.22 38.43
C ASP B 798 -2.92 -44.06 39.68
N SER B 799 -3.72 -43.00 39.67
CA SER B 799 -4.63 -42.68 40.76
C SER B 799 -6.07 -43.11 40.50
N GLY B 800 -6.55 -42.99 39.26
CA GLY B 800 -7.83 -43.55 38.90
C GLY B 800 -7.69 -44.97 38.40
N SER B 801 -8.79 -45.73 38.56
CA SER B 801 -8.87 -47.16 38.26
C SER B 801 -7.78 -47.94 39.00
N LYS B 802 -7.92 -47.97 40.33
CA LYS B 802 -6.89 -48.50 41.22
C LYS B 802 -6.83 -50.03 41.16
N GLU B 803 -6.07 -50.60 42.09
CA GLU B 803 -5.87 -52.04 42.15
C GLU B 803 -7.14 -52.77 42.54
N LYS B 804 -7.69 -53.56 41.61
CA LYS B 804 -8.90 -54.33 41.84
C LYS B 804 -8.67 -55.47 42.83
N THR B 805 -9.74 -56.19 43.16
CA THR B 805 -9.67 -57.27 44.14
C THR B 805 -8.82 -58.44 43.66
N SER B 806 -7.61 -58.55 44.22
CA SER B 806 -6.70 -59.65 43.91
C SER B 806 -6.41 -60.36 45.22
N ALA B 807 -6.73 -61.65 45.27
CA ALA B 807 -6.74 -62.43 46.50
C ALA B 807 -5.36 -62.60 47.12
N LEU B 808 -5.31 -63.01 48.38
CA LEU B 808 -4.06 -63.11 49.11
C LEU B 808 -3.21 -64.25 48.58
N SER B 809 -1.94 -63.93 48.27
CA SER B 809 -1.02 -64.93 47.78
C SER B 809 -0.59 -65.87 48.89
N LEU B 810 -0.04 -67.01 48.49
CA LEU B 810 0.47 -68.01 49.42
C LEU B 810 1.88 -67.67 49.90
N SER B 811 2.51 -66.66 49.30
CA SER B 811 3.85 -66.23 49.70
C SER B 811 3.83 -65.64 51.10
N ASN B 812 2.75 -64.97 51.48
CA ASN B 812 2.55 -64.53 52.85
C ASN B 812 2.13 -65.66 53.77
N VAL B 813 1.82 -66.84 53.22
CA VAL B 813 1.31 -67.95 54.01
C VAL B 813 2.34 -69.07 54.10
N ALA B 814 3.24 -69.16 53.10
CA ALA B 814 4.21 -70.24 53.03
C ALA B 814 5.27 -70.16 54.14
N GLY B 815 5.73 -68.96 54.48
CA GLY B 815 6.63 -68.82 55.60
C GLY B 815 5.98 -69.12 56.94
N VAL B 816 4.67 -69.01 57.02
CA VAL B 816 3.93 -69.37 58.22
C VAL B 816 3.75 -70.88 58.31
N PHE B 817 3.52 -71.51 57.15
CA PHE B 817 3.55 -72.96 57.04
C PHE B 817 4.90 -73.53 57.44
N TYR B 818 5.98 -72.83 57.08
CA TYR B 818 7.33 -73.31 57.38
C TYR B 818 7.60 -73.32 58.89
N ILE B 819 7.23 -72.23 59.58
CA ILE B 819 7.44 -72.22 61.03
C ILE B 819 6.45 -73.14 61.73
N LEU B 820 5.29 -73.41 61.11
CA LEU B 820 4.39 -74.44 61.63
C LEU B 820 5.03 -75.82 61.59
N VAL B 821 5.59 -76.21 60.43
CA VAL B 821 6.23 -77.51 60.28
C VAL B 821 7.47 -77.62 61.18
N GLY B 822 8.20 -76.51 61.33
CA GLY B 822 9.35 -76.50 62.22
C GLY B 822 8.96 -76.67 63.68
N GLY B 823 7.88 -76.02 64.11
CA GLY B 823 7.40 -76.22 65.46
C GLY B 823 6.86 -77.62 65.69
N LEU B 824 6.24 -78.21 64.67
CA LEU B 824 5.77 -79.60 64.76
C LEU B 824 6.94 -80.56 64.93
N GLY B 825 7.99 -80.40 64.13
CA GLY B 825 9.15 -81.27 64.25
C GLY B 825 9.90 -81.07 65.55
N LEU B 826 9.98 -79.82 66.02
CA LEU B 826 10.61 -79.53 67.31
C LEU B 826 9.83 -80.19 68.45
N ALA B 827 8.50 -80.10 68.41
CA ALA B 827 7.68 -80.71 69.45
C ALA B 827 7.76 -82.22 69.41
N MET B 828 7.84 -82.80 68.21
CA MET B 828 8.00 -84.26 68.07
C MET B 828 9.32 -84.73 68.68
N LEU B 829 10.42 -84.05 68.34
CA LEU B 829 11.72 -84.47 68.86
C LEU B 829 11.83 -84.24 70.37
N VAL B 830 11.26 -83.15 70.88
CA VAL B 830 11.28 -82.90 72.33
C VAL B 830 10.44 -83.94 73.07
N ALA B 831 9.28 -84.31 72.52
CA ALA B 831 8.44 -85.33 73.13
C ALA B 831 9.12 -86.69 73.11
N LEU B 832 9.83 -87.02 72.02
CA LEU B 832 10.55 -88.28 71.94
C LEU B 832 11.70 -88.34 72.93
N ILE B 833 12.48 -87.27 73.08
CA ILE B 833 13.61 -87.33 74.00
C ILE B 833 13.13 -87.31 75.46
N GLU B 834 12.02 -86.61 75.75
CA GLU B 834 11.49 -86.63 77.10
C GLU B 834 10.86 -87.97 77.45
N PHE B 835 10.22 -88.64 76.48
CA PHE B 835 9.73 -89.98 76.75
C PHE B 835 10.87 -90.98 76.89
N CYS B 836 11.98 -90.76 76.16
CA CYS B 836 13.15 -91.61 76.33
C CYS B 836 13.76 -91.43 77.71
N TYR B 837 13.81 -90.19 78.21
CA TYR B 837 14.30 -89.93 79.56
C TYR B 837 13.37 -90.53 80.61
N LYS B 838 12.06 -90.45 80.38
CA LYS B 838 11.10 -91.02 81.32
C LYS B 838 11.17 -92.54 81.32
N SER B 839 11.41 -93.14 80.15
CA SER B 839 11.52 -94.59 80.06
C SER B 839 12.82 -95.08 80.70
N ARG B 840 13.90 -94.31 80.55
CA ARG B 840 15.15 -94.65 81.22
C ARG B 840 15.03 -94.52 82.74
N ALA B 841 14.28 -93.51 83.19
CA ALA B 841 14.07 -93.34 84.63
C ALA B 841 13.15 -94.42 85.19
N GLU B 842 12.21 -94.90 84.38
CA GLU B 842 11.31 -95.96 84.83
C GLU B 842 12.01 -97.32 84.82
N ALA B 843 12.95 -97.52 83.89
CA ALA B 843 13.67 -98.78 83.84
C ALA B 843 14.76 -98.83 84.89
N LYS B 844 15.37 -97.68 85.21
CA LYS B 844 16.48 -97.68 86.15
C LYS B 844 15.98 -97.65 87.60
N ARG B 845 15.04 -96.78 87.92
CA ARG B 845 14.60 -96.57 89.30
C ARG B 845 13.37 -97.39 89.66
N MET B 846 12.72 -98.04 88.69
CA MET B 846 11.54 -98.84 88.97
C MET B 846 11.52 -100.11 88.15
N PHE C 24 56.88 53.50 -14.54
CA PHE C 24 56.26 52.55 -13.62
C PHE C 24 56.38 53.03 -12.17
N PRO C 25 55.23 53.21 -11.51
CA PRO C 25 55.25 53.54 -10.08
C PRO C 25 55.77 52.36 -9.28
N ASN C 26 56.73 52.54 -8.33
CA ASN C 26 57.47 53.70 -7.70
C ASN C 26 56.55 54.57 -6.82
N THR C 27 55.25 54.28 -6.83
CA THR C 27 54.30 54.79 -5.84
C THR C 27 53.11 53.83 -5.87
N ILE C 28 53.01 52.97 -4.86
CA ILE C 28 51.91 52.01 -4.77
C ILE C 28 51.18 52.29 -3.47
N SER C 29 50.03 52.95 -3.57
CA SER C 29 49.20 53.26 -2.42
C SER C 29 47.98 52.34 -2.43
N ILE C 30 47.75 51.66 -1.31
CA ILE C 30 46.61 50.77 -1.15
C ILE C 30 45.69 51.37 -0.08
N GLY C 31 44.56 50.71 0.14
CA GLY C 31 43.56 51.19 1.07
C GLY C 31 43.26 50.18 2.14
N GLY C 32 42.93 50.68 3.33
CA GLY C 32 42.63 49.82 4.46
C GLY C 32 41.26 50.09 5.05
N LEU C 33 40.38 49.11 4.98
CA LEU C 33 39.03 49.20 5.53
C LEU C 33 38.99 48.38 6.81
N PHE C 34 38.98 49.05 7.94
CA PHE C 34 39.00 48.39 9.24
C PHE C 34 37.74 48.71 10.02
N MET C 35 37.03 47.67 10.43
CA MET C 35 35.81 47.78 11.20
C MET C 35 36.16 47.78 12.69
N ARG C 36 35.14 47.59 13.53
CA ARG C 36 35.39 47.41 14.95
C ARG C 36 36.07 46.07 15.21
N ASN C 37 36.79 46.00 16.34
CA ASN C 37 37.57 44.83 16.77
C ASN C 37 38.60 44.44 15.71
N THR C 38 39.27 45.44 15.14
CA THR C 38 40.30 45.24 14.14
C THR C 38 41.61 45.90 14.58
N VAL C 39 41.93 45.81 15.88
CA VAL C 39 43.12 46.47 16.40
C VAL C 39 44.37 45.69 16.06
N GLN C 40 44.40 44.40 16.43
CA GLN C 40 45.55 43.56 16.14
C GLN C 40 45.72 43.34 14.64
N GLU C 41 44.63 43.33 13.89
CA GLU C 41 44.71 43.23 12.44
C GLU C 41 45.33 44.49 11.83
N HIS C 42 44.99 45.66 12.36
CA HIS C 42 45.62 46.91 11.92
C HIS C 42 47.11 46.92 12.27
N SER C 43 47.46 46.41 13.46
CA SER C 43 48.85 46.33 13.86
C SER C 43 49.64 45.38 12.96
N ALA C 44 49.06 44.23 12.63
CA ALA C 44 49.72 43.28 11.73
C ALA C 44 49.81 43.81 10.31
N PHE C 45 48.82 44.60 9.88
CA PHE C 45 48.87 45.25 8.57
C PHE C 45 50.03 46.24 8.50
N ARG C 46 50.12 47.12 9.50
CA ARG C 46 51.20 48.10 9.54
C ARG C 46 52.56 47.42 9.68
N PHE C 47 52.62 46.33 10.44
CA PHE C 47 53.88 45.62 10.64
C PHE C 47 54.30 44.86 9.38
N ALA C 48 53.34 44.36 8.60
CA ALA C 48 53.68 43.71 7.33
C ALA C 48 54.16 44.73 6.30
N VAL C 49 53.54 45.92 6.30
CA VAL C 49 54.02 47.00 5.44
C VAL C 49 55.43 47.43 5.85
N GLN C 50 55.70 47.45 7.15
CA GLN C 50 57.03 47.81 7.64
C GLN C 50 58.06 46.74 7.29
N LEU C 51 57.67 45.47 7.35
CA LEU C 51 58.57 44.40 6.92
C LEU C 51 58.85 44.44 5.43
N TYR C 52 57.85 44.83 4.63
CA TYR C 52 58.08 44.91 3.19
C TYR C 52 58.94 46.10 2.82
N ASN C 53 58.80 47.21 3.55
CA ASN C 53 59.57 48.41 3.21
C ASN C 53 61.02 48.35 3.71
N THR C 54 61.35 47.43 4.61
CA THR C 54 62.68 47.34 5.20
C THR C 54 63.38 46.05 4.80
N ASN C 55 63.31 45.69 3.52
CA ASN C 55 63.95 44.47 3.02
C ASN C 55 65.43 44.66 2.71
N GLN C 56 65.81 45.86 2.25
CA GLN C 56 67.17 46.21 1.83
C GLN C 56 67.70 45.26 0.75
N ASN C 57 66.95 45.21 -0.34
CA ASN C 57 67.25 44.34 -1.48
C ASN C 57 66.52 44.91 -2.68
N THR C 58 67.21 45.00 -3.81
CA THR C 58 66.67 45.55 -5.04
C THR C 58 65.92 44.53 -5.89
N THR C 59 65.71 43.32 -5.38
CA THR C 59 65.06 42.29 -6.17
C THR C 59 63.65 42.01 -5.65
N GLU C 60 63.54 41.66 -4.38
CA GLU C 60 62.23 41.40 -3.78
C GLU C 60 61.52 42.69 -3.36
N LYS C 61 62.24 43.79 -3.23
CA LYS C 61 61.67 45.10 -2.94
C LYS C 61 62.02 46.02 -4.11
N PRO C 62 61.19 46.06 -5.15
CA PRO C 62 61.51 46.91 -6.31
C PRO C 62 60.87 48.27 -6.25
N PHE C 63 60.00 48.51 -5.27
CA PHE C 63 59.31 49.79 -5.15
C PHE C 63 59.09 50.08 -3.67
N HIS C 64 58.32 51.13 -3.40
CA HIS C 64 57.92 51.51 -2.04
C HIS C 64 56.41 51.40 -1.93
N LEU C 65 55.94 50.82 -0.83
CA LEU C 65 54.53 50.56 -0.62
C LEU C 65 53.96 51.60 0.36
N ASN C 66 52.88 52.26 -0.06
CA ASN C 66 52.16 53.20 0.78
C ASN C 66 50.75 52.69 1.03
N TYR C 67 50.08 53.31 2.00
CA TYR C 67 48.74 52.88 2.38
C TYR C 67 48.01 54.04 3.03
N HIS C 68 46.68 53.96 3.02
CA HIS C 68 45.82 54.88 3.73
C HIS C 68 44.75 54.09 4.47
N VAL C 69 44.48 54.46 5.71
CA VAL C 69 43.61 53.70 6.60
C VAL C 69 42.36 54.52 6.90
N ASP C 70 41.19 53.92 6.66
CA ASP C 70 39.91 54.50 7.06
C ASP C 70 39.24 53.55 8.02
N HIS C 71 39.05 54.00 9.26
CA HIS C 71 38.43 53.19 10.29
C HIS C 71 36.91 53.33 10.20
N LEU C 72 36.23 52.19 10.05
CA LEU C 72 34.77 52.18 9.94
C LEU C 72 34.18 52.20 11.35
N ASP C 73 33.32 53.20 11.61
CA ASP C 73 32.67 53.29 12.91
C ASP C 73 31.48 52.36 13.00
N SER C 74 30.65 52.31 11.96
CA SER C 74 29.46 51.50 11.95
C SER C 74 29.51 50.47 10.82
N SER C 75 28.68 49.45 10.95
CA SER C 75 28.60 48.38 9.96
C SER C 75 27.64 48.70 8.83
N ASN C 76 27.01 49.87 8.85
CA ASN C 76 26.03 50.22 7.83
C ASN C 76 26.71 50.50 6.48
N SER C 77 25.91 50.41 5.42
CA SER C 77 26.42 50.59 4.07
C SER C 77 26.76 52.05 3.75
N PHE C 78 26.24 52.99 4.53
CA PHE C 78 26.50 54.41 4.27
C PHE C 78 27.95 54.77 4.55
N SER C 79 28.46 54.37 5.73
CA SER C 79 29.84 54.67 6.08
C SER C 79 30.81 53.86 5.22
N VAL C 80 30.45 52.63 4.87
CA VAL C 80 31.27 51.80 4.00
C VAL C 80 31.34 52.40 2.60
N THR C 81 30.21 52.94 2.12
CA THR C 81 30.18 53.58 0.81
C THR C 81 31.01 54.87 0.81
N ASN C 82 30.94 55.64 1.91
CA ASN C 82 31.74 56.85 2.03
C ASN C 82 33.24 56.53 2.07
N ALA C 83 33.61 55.48 2.81
CA ALA C 83 35.01 55.08 2.89
C ALA C 83 35.51 54.56 1.55
N PHE C 84 34.68 53.81 0.82
CA PHE C 84 35.09 53.29 -0.48
C PHE C 84 35.22 54.42 -1.50
N CYS C 85 34.31 55.39 -1.47
CA CYS C 85 34.43 56.51 -2.39
C CYS C 85 35.60 57.42 -2.03
N SER C 86 35.95 57.50 -0.74
CA SER C 86 37.15 58.21 -0.35
C SER C 86 38.40 57.51 -0.84
N GLN C 87 38.42 56.17 -0.77
CA GLN C 87 39.57 55.42 -1.29
C GLN C 87 39.64 55.49 -2.82
N PHE C 88 38.50 55.59 -3.49
CA PHE C 88 38.52 55.68 -4.95
C PHE C 88 38.91 57.08 -5.41
N SER C 89 38.44 58.12 -4.72
CA SER C 89 38.84 59.48 -5.06
C SER C 89 40.28 59.77 -4.67
N ARG C 90 40.81 59.06 -3.67
CA ARG C 90 42.24 59.19 -3.36
C ARG C 90 43.09 58.56 -4.44
N GLY C 91 42.69 57.41 -4.95
CA GLY C 91 43.41 56.74 -6.02
C GLY C 91 44.28 55.63 -5.49
N VAL C 92 43.81 54.38 -5.59
CA VAL C 92 44.52 53.23 -5.09
C VAL C 92 44.59 52.17 -6.19
N TYR C 93 45.30 51.08 -5.90
CA TYR C 93 45.37 49.94 -6.79
C TYR C 93 44.74 48.68 -6.21
N ALA C 94 44.68 48.57 -4.88
CA ALA C 94 44.05 47.44 -4.22
C ALA C 94 43.55 47.91 -2.87
N ILE C 95 42.51 47.25 -2.37
CA ILE C 95 41.87 47.62 -1.12
C ILE C 95 41.78 46.38 -0.23
N PHE C 96 42.50 46.38 0.88
CA PHE C 96 42.40 45.35 1.88
C PHE C 96 41.36 45.75 2.92
N GLY C 97 40.43 44.85 3.21
CA GLY C 97 39.32 45.25 4.05
C GLY C 97 38.64 44.07 4.73
N PHE C 98 37.62 44.43 5.52
CA PHE C 98 36.79 43.50 6.25
C PHE C 98 35.33 43.75 5.87
N TYR C 99 34.49 42.75 6.11
CA TYR C 99 33.05 42.92 5.91
C TYR C 99 32.29 41.96 6.79
N ASP C 100 31.04 42.31 7.05
CA ASP C 100 30.08 41.49 7.77
C ASP C 100 28.90 41.20 6.84
N GLN C 101 27.82 40.67 7.42
CA GLN C 101 26.59 40.45 6.66
C GLN C 101 25.98 41.75 6.18
N MET C 102 26.16 42.83 6.94
CA MET C 102 25.55 44.10 6.57
C MET C 102 26.31 44.78 5.44
N SER C 103 27.60 44.47 5.26
CA SER C 103 28.43 45.12 4.27
C SER C 103 29.03 44.15 3.26
N MET C 104 28.43 42.97 3.10
CA MET C 104 28.95 42.01 2.14
C MET C 104 28.63 42.44 0.71
N ASN C 105 27.33 42.61 0.41
CA ASN C 105 26.90 42.94 -0.94
C ASN C 105 27.37 44.32 -1.36
N THR C 106 27.50 45.25 -0.41
CA THR C 106 27.97 46.60 -0.74
C THR C 106 29.40 46.57 -1.25
N LEU C 107 30.29 45.88 -0.54
CA LEU C 107 31.68 45.80 -0.98
C LEU C 107 31.82 44.99 -2.25
N THR C 108 31.08 43.87 -2.38
CA THR C 108 31.20 43.07 -3.60
C THR C 108 30.66 43.81 -4.82
N SER C 109 29.57 44.57 -4.66
CA SER C 109 29.01 45.30 -5.79
C SER C 109 29.86 46.48 -6.18
N PHE C 110 30.32 47.28 -5.20
CA PHE C 110 31.15 48.43 -5.54
C PHE C 110 32.54 48.03 -6.02
N CYS C 111 33.00 46.82 -5.68
CA CYS C 111 34.31 46.42 -6.16
C CYS C 111 34.22 45.62 -7.45
N GLY C 112 33.06 45.05 -7.77
CA GLY C 112 32.88 44.44 -9.07
C GLY C 112 32.39 45.39 -10.14
N ALA C 113 31.80 46.52 -9.76
CA ALA C 113 31.31 47.47 -10.74
C ALA C 113 32.42 48.40 -11.22
N LEU C 114 33.24 48.91 -10.30
CA LEU C 114 34.31 49.82 -10.65
C LEU C 114 35.62 49.12 -10.97
N HIS C 115 35.60 47.79 -11.05
CA HIS C 115 36.76 46.94 -11.39
C HIS C 115 37.93 47.14 -10.45
N THR C 116 37.63 47.38 -9.18
CA THR C 116 38.65 47.55 -8.15
C THR C 116 38.82 46.23 -7.40
N SER C 117 40.05 45.73 -7.36
CA SER C 117 40.34 44.46 -6.70
C SER C 117 40.29 44.64 -5.19
N PHE C 118 39.60 43.73 -4.51
CA PHE C 118 39.36 43.82 -3.07
C PHE C 118 39.86 42.56 -2.40
N VAL C 119 40.83 42.71 -1.50
CA VAL C 119 41.41 41.60 -0.75
C VAL C 119 40.78 41.58 0.64
N THR C 120 40.41 40.40 1.12
CA THR C 120 39.78 40.27 2.42
C THR C 120 40.12 38.95 3.12
N PRO C 121 40.30 39.00 4.44
CA PRO C 121 40.40 37.76 5.23
C PRO C 121 39.09 37.33 5.90
N SER C 122 37.96 37.92 5.53
CA SER C 122 36.69 37.68 6.21
C SER C 122 36.08 36.36 5.74
N PHE C 123 34.82 36.13 6.09
CA PHE C 123 34.15 34.89 5.76
C PHE C 123 33.88 34.79 4.26
N PRO C 124 33.97 33.59 3.69
CA PRO C 124 33.75 33.44 2.24
C PRO C 124 32.29 33.63 1.88
N THR C 125 32.06 34.26 0.73
CA THR C 125 30.71 34.56 0.29
C THR C 125 30.03 33.31 -0.26
N ASP C 126 28.70 33.34 -0.26
CA ASP C 126 27.92 32.22 -0.77
C ASP C 126 27.93 32.21 -2.29
N ALA C 127 27.64 33.34 -2.93
CA ALA C 127 27.59 33.41 -4.37
C ALA C 127 29.00 33.49 -4.96
N ASP C 128 29.09 33.24 -6.26
CA ASP C 128 30.36 33.33 -6.98
C ASP C 128 30.44 34.68 -7.66
N VAL C 129 31.35 35.53 -7.21
CA VAL C 129 31.46 36.90 -7.70
C VAL C 129 32.84 37.13 -8.28
N GLN C 130 33.08 38.35 -8.77
CA GLN C 130 34.37 38.73 -9.33
C GLN C 130 34.99 39.83 -8.46
N PHE C 131 36.30 40.05 -8.70
CA PHE C 131 37.11 41.10 -8.07
C PHE C 131 37.18 40.97 -6.55
N VAL C 132 36.99 39.77 -6.01
CA VAL C 132 37.03 39.53 -4.58
C VAL C 132 38.05 38.43 -4.33
N ILE C 133 39.09 38.75 -3.58
CA ILE C 133 40.18 37.83 -3.28
C ILE C 133 40.08 37.49 -1.79
N GLN C 134 39.63 36.28 -1.51
CA GLN C 134 39.34 35.86 -0.14
C GLN C 134 40.53 35.09 0.41
N MET C 135 41.04 35.54 1.55
CA MET C 135 42.18 34.89 2.17
C MET C 135 41.77 33.74 3.08
N ARG C 136 40.66 33.88 3.79
CA ARG C 136 40.18 32.82 4.65
C ARG C 136 39.61 31.70 3.79
N PRO C 137 40.13 30.48 3.89
CA PRO C 137 39.66 29.40 3.03
C PRO C 137 38.29 28.90 3.46
N ALA C 138 37.67 28.14 2.56
CA ALA C 138 36.38 27.52 2.86
C ALA C 138 36.56 26.42 3.88
N LEU C 139 35.50 26.17 4.66
CA LEU C 139 35.57 25.24 5.76
C LEU C 139 34.66 24.03 5.60
N LYS C 140 33.67 24.08 4.72
CA LYS C 140 32.62 23.05 4.69
C LYS C 140 33.13 21.70 4.20
N GLY C 141 34.20 21.66 3.41
CA GLY C 141 34.72 20.39 2.93
C GLY C 141 35.35 19.57 4.05
N ALA C 142 36.17 20.22 4.89
CA ALA C 142 36.75 19.55 6.04
C ALA C 142 35.69 19.16 7.07
N ILE C 143 34.64 19.98 7.20
CA ILE C 143 33.55 19.67 8.13
C ILE C 143 32.81 18.42 7.68
N LEU C 144 32.44 18.36 6.39
CA LEU C 144 31.74 17.18 5.89
C LEU C 144 32.65 15.95 5.84
N SER C 145 33.96 16.15 5.66
CA SER C 145 34.87 15.01 5.68
C SER C 145 35.02 14.46 7.09
N LEU C 146 35.07 15.32 8.10
CA LEU C 146 35.12 14.82 9.48
C LEU C 146 33.78 14.23 9.91
N LEU C 147 32.67 14.71 9.36
CA LEU C 147 31.39 14.08 9.62
C LEU C 147 31.32 12.68 9.01
N SER C 148 31.85 12.52 7.80
CA SER C 148 31.88 11.19 7.20
C SER C 148 32.88 10.28 7.88
N TYR C 149 33.95 10.85 8.45
CA TYR C 149 34.95 10.03 9.14
C TYR C 149 34.48 9.60 10.52
N TYR C 150 33.79 10.48 11.24
CA TYR C 150 33.28 10.13 12.57
C TYR C 150 31.95 9.39 12.52
N LYS C 151 31.34 9.28 11.32
CA LYS C 151 30.11 8.52 11.08
C LYS C 151 28.94 9.03 11.92
N TRP C 152 28.74 10.35 11.91
CA TRP C 152 27.63 10.92 12.67
C TRP C 152 26.36 10.91 11.84
N GLU C 153 25.26 10.49 12.45
CA GLU C 153 23.97 10.45 11.79
C GLU C 153 22.86 11.12 12.61
N LYS C 154 23.16 11.59 13.82
CA LYS C 154 22.16 12.21 14.68
C LYS C 154 22.89 13.17 15.60
N PHE C 155 22.79 14.47 15.32
CA PHE C 155 23.55 15.44 16.10
C PHE C 155 22.84 16.79 16.10
N VAL C 156 23.40 17.70 16.88
CA VAL C 156 22.85 19.04 17.09
C VAL C 156 23.78 20.04 16.43
N TYR C 157 23.19 21.08 15.82
CA TYR C 157 23.92 22.06 15.03
C TYR C 157 23.51 23.47 15.47
N LEU C 158 24.37 24.10 16.26
CA LEU C 158 24.17 25.49 16.63
C LEU C 158 24.82 26.36 15.57
N TYR C 159 24.13 27.44 15.18
CA TYR C 159 24.69 28.32 14.16
C TYR C 159 24.20 29.75 14.36
N ASP C 160 25.03 30.69 13.93
CA ASP C 160 24.64 32.07 13.72
C ASP C 160 24.63 32.37 12.23
N THR C 161 24.42 33.63 11.88
CA THR C 161 24.34 34.05 10.50
C THR C 161 25.52 34.89 10.06
N GLU C 162 26.42 35.25 10.99
CA GLU C 162 27.40 36.29 10.75
C GLU C 162 28.61 35.83 9.93
N ARG C 163 28.68 34.55 9.54
CA ARG C 163 29.80 34.09 8.72
C ARG C 163 29.34 33.29 7.50
N GLY C 164 28.20 33.64 6.93
CA GLY C 164 27.75 33.05 5.68
C GLY C 164 26.75 31.93 5.91
N PHE C 165 26.12 31.54 4.80
CA PHE C 165 25.13 30.47 4.81
C PHE C 165 25.57 29.25 4.00
N SER C 166 26.83 29.22 3.54
CA SER C 166 27.30 28.08 2.76
C SER C 166 27.44 26.82 3.62
N VAL C 167 27.87 27.00 4.87
CA VAL C 167 28.04 25.87 5.77
C VAL C 167 26.69 25.27 6.15
N LEU C 168 25.69 26.13 6.38
CA LEU C 168 24.35 25.67 6.71
C LEU C 168 23.72 24.88 5.57
N GLN C 169 23.85 25.40 4.34
CA GLN C 169 23.33 24.69 3.18
C GLN C 169 24.10 23.40 2.91
N ALA C 170 25.39 23.38 3.22
CA ALA C 170 26.17 22.14 3.06
C ALA C 170 25.74 21.08 4.07
N ILE C 171 25.49 21.47 5.32
CA ILE C 171 25.01 20.54 6.33
C ILE C 171 23.63 20.01 5.97
N MET C 172 22.75 20.89 5.47
CA MET C 172 21.42 20.45 5.05
C MET C 172 21.47 19.50 3.87
N GLU C 173 22.32 19.79 2.88
CA GLU C 173 22.45 18.92 1.71
C GLU C 173 23.06 17.57 2.09
N ALA C 174 24.03 17.57 3.01
CA ALA C 174 24.59 16.31 3.46
C ALA C 174 23.62 15.50 4.30
N ALA C 175 22.74 16.18 5.06
CA ALA C 175 21.70 15.46 5.78
C ALA C 175 20.65 14.90 4.84
N VAL C 176 20.43 15.56 3.70
CA VAL C 176 19.54 14.99 2.68
C VAL C 176 20.18 13.76 2.04
N GLN C 177 21.45 13.88 1.64
CA GLN C 177 22.08 12.82 0.85
C GLN C 177 22.41 11.60 1.71
N ASN C 178 22.92 11.81 2.92
CA ASN C 178 23.42 10.71 3.74
C ASN C 178 22.44 10.28 4.81
N ASN C 179 21.21 10.83 4.81
CA ASN C 179 20.12 10.49 5.73
C ASN C 179 20.53 10.70 7.19
N TRP C 180 20.78 11.96 7.52
CA TRP C 180 21.20 12.35 8.85
C TRP C 180 20.06 13.03 9.61
N GLN C 181 20.22 13.14 10.92
CA GLN C 181 19.22 13.76 11.79
C GLN C 181 19.88 14.96 12.46
N VAL C 182 19.71 16.13 11.85
CA VAL C 182 20.33 17.37 12.30
C VAL C 182 19.28 18.19 13.04
N THR C 183 19.55 18.50 14.30
CA THR C 183 18.69 19.36 15.09
C THR C 183 19.37 20.72 15.19
N ALA C 184 18.88 21.68 14.42
CA ALA C 184 19.56 22.96 14.26
C ALA C 184 18.92 24.05 15.11
N ARG C 185 19.76 24.97 15.59
CA ARG C 185 19.31 26.16 16.29
C ARG C 185 20.01 27.39 15.73
N SER C 186 19.24 28.35 15.23
CA SER C 186 19.75 29.66 14.90
C SER C 186 19.88 30.47 16.18
N VAL C 187 21.10 30.61 16.68
CA VAL C 187 21.36 31.26 17.96
C VAL C 187 22.01 32.63 17.77
N GLY C 188 21.84 33.24 16.59
CA GLY C 188 22.46 34.52 16.33
C GLY C 188 21.76 35.69 17.00
N ASN C 189 20.47 35.56 17.25
CA ASN C 189 19.67 36.63 17.84
C ASN C 189 19.44 36.45 19.33
N ILE C 190 20.05 35.45 19.95
CA ILE C 190 19.79 35.15 21.35
C ILE C 190 20.80 35.87 22.22
N LYS C 191 20.30 36.63 23.20
CA LYS C 191 21.15 37.35 24.15
C LYS C 191 21.08 36.80 25.56
N ASP C 192 19.99 36.16 25.94
CA ASP C 192 19.84 35.61 27.29
C ASP C 192 20.39 34.19 27.33
N VAL C 193 21.18 33.89 28.36
CA VAL C 193 21.81 32.58 28.48
C VAL C 193 20.84 31.51 28.97
N GLN C 194 19.67 31.91 29.48
CA GLN C 194 18.66 30.94 29.88
C GLN C 194 18.12 30.18 28.68
N GLU C 195 18.09 30.81 27.51
CA GLU C 195 17.70 30.13 26.28
C GLU C 195 18.73 29.06 25.91
N PHE C 196 20.02 29.37 26.07
CA PHE C 196 21.06 28.37 25.87
C PHE C 196 20.92 27.21 26.84
N ARG C 197 20.59 27.52 28.10
CA ARG C 197 20.42 26.47 29.11
C ARG C 197 19.24 25.57 28.78
N ARG C 198 18.11 26.14 28.35
CA ARG C 198 16.96 25.29 28.04
C ARG C 198 17.15 24.52 26.74
N ILE C 199 17.93 25.06 25.80
CA ILE C 199 18.26 24.30 24.60
C ILE C 199 19.14 23.10 24.95
N ILE C 200 20.12 23.30 25.84
CA ILE C 200 20.97 22.19 26.27
C ILE C 200 20.16 21.16 27.06
N GLU C 201 19.22 21.62 27.89
CA GLU C 201 18.37 20.69 28.63
C GLU C 201 17.42 19.94 27.71
N GLU C 202 16.94 20.59 26.65
CA GLU C 202 16.08 19.91 25.69
C GLU C 202 16.84 18.87 24.88
N MET C 203 18.09 19.17 24.53
CA MET C 203 18.90 18.17 23.84
C MET C 203 19.33 17.04 24.76
N ASP C 204 19.41 17.32 26.07
CA ASP C 204 19.60 16.24 27.03
C ASP C 204 18.35 15.38 27.13
N ARG C 205 17.16 15.98 27.04
CA ARG C 205 15.93 15.21 27.03
C ARG C 205 15.76 14.39 25.76
N ARG C 206 16.42 14.76 24.67
CA ARG C 206 16.45 13.96 23.46
C ARG C 206 17.61 12.98 23.44
N GLN C 207 18.40 12.92 24.53
CA GLN C 207 19.60 12.09 24.65
C GLN C 207 20.59 12.33 23.53
N GLU C 208 20.95 13.61 23.33
CA GLU C 208 21.91 13.99 22.31
C GLU C 208 23.31 14.09 22.91
N LYS C 209 24.29 13.59 22.17
CA LYS C 209 25.66 13.56 22.65
C LYS C 209 26.65 14.21 21.70
N ARG C 210 26.21 14.68 20.53
CA ARG C 210 27.11 15.15 19.48
C ARG C 210 26.69 16.53 19.02
N TYR C 211 27.64 17.46 19.00
CA TYR C 211 27.36 18.87 18.77
C TYR C 211 28.30 19.44 17.72
N LEU C 212 27.79 20.40 16.95
CA LEU C 212 28.56 21.13 15.96
C LEU C 212 28.15 22.59 16.04
N ILE C 213 29.09 23.46 16.38
CA ILE C 213 28.80 24.86 16.68
C ILE C 213 29.53 25.70 15.65
N ASP C 214 28.79 26.28 14.71
CA ASP C 214 29.33 27.22 13.73
C ASP C 214 28.90 28.62 14.16
N CYS C 215 29.65 29.20 15.09
CA CYS C 215 29.33 30.50 15.65
C CYS C 215 30.60 31.32 15.83
N GLU C 216 30.44 32.53 16.34
CA GLU C 216 31.57 33.40 16.61
C GLU C 216 32.29 32.95 17.88
N VAL C 217 33.48 33.52 18.10
CA VAL C 217 34.37 33.07 19.18
C VAL C 217 33.77 33.42 20.54
N GLU C 218 33.21 34.63 20.66
CA GLU C 218 32.59 35.04 21.92
C GLU C 218 31.33 34.22 22.21
N ARG C 219 30.58 33.87 21.18
CA ARG C 219 29.38 33.05 21.37
C ARG C 219 29.74 31.62 21.74
N ILE C 220 30.80 31.08 21.14
CA ILE C 220 31.28 29.74 21.51
C ILE C 220 31.79 29.74 22.95
N ASN C 221 32.48 30.81 23.36
CA ASN C 221 32.93 30.93 24.75
C ASN C 221 31.75 31.03 25.71
N THR C 222 30.68 31.73 25.30
CA THR C 222 29.48 31.84 26.13
C THR C 222 28.78 30.50 26.28
N ILE C 223 28.66 29.75 25.18
CA ILE C 223 28.02 28.43 25.21
C ILE C 223 28.83 27.46 26.06
N LEU C 224 30.17 27.51 25.95
CA LEU C 224 30.99 26.63 26.77
C LEU C 224 30.96 27.02 28.25
N GLU C 225 30.87 28.33 28.55
CA GLU C 225 30.67 28.75 29.94
C GLU C 225 29.32 28.28 30.48
N GLN C 226 28.29 28.26 29.63
CA GLN C 226 27.00 27.73 30.09
C GLN C 226 27.04 26.22 30.26
N VAL C 227 27.86 25.53 29.47
CA VAL C 227 28.06 24.09 29.68
C VAL C 227 28.77 23.83 31.01
N VAL C 228 29.78 24.64 31.34
CA VAL C 228 30.51 24.45 32.58
C VAL C 228 29.66 24.82 33.80
N ILE C 229 28.95 25.96 33.73
CA ILE C 229 28.14 26.41 34.86
C ILE C 229 26.92 25.52 35.04
N LEU C 230 26.28 25.12 33.95
CA LEU C 230 25.16 24.18 34.04
C LEU C 230 25.63 22.82 34.52
N GLY C 231 26.81 22.39 34.08
CA GLY C 231 27.45 21.20 34.58
C GLY C 231 26.82 19.92 34.09
N LYS C 232 27.51 18.81 34.36
CA LYS C 232 27.13 17.44 33.97
C LYS C 232 26.94 17.35 32.45
N HIS C 233 27.85 17.99 31.72
CA HIS C 233 27.80 17.99 30.26
C HIS C 233 29.19 17.87 29.65
N SER C 234 30.10 17.17 30.34
CA SER C 234 31.46 16.99 29.85
C SER C 234 31.77 15.55 29.52
N ARG C 235 31.63 14.63 30.48
CA ARG C 235 32.00 13.24 30.26
C ARG C 235 30.94 12.55 29.40
N GLY C 236 31.37 11.99 28.27
CA GLY C 236 30.45 11.38 27.34
C GLY C 236 29.91 12.30 26.27
N TYR C 237 30.58 13.43 26.02
CA TYR C 237 30.11 14.43 25.07
C TYR C 237 31.25 14.82 24.14
N HIS C 238 30.89 15.29 22.95
CA HIS C 238 31.87 15.72 21.96
C HIS C 238 31.37 17.00 21.33
N TYR C 239 32.19 18.05 21.36
CA TYR C 239 31.85 19.36 20.82
C TYR C 239 32.81 19.67 19.68
N MET C 240 32.33 19.55 18.44
CA MET C 240 33.10 19.92 17.28
C MET C 240 32.89 21.42 17.04
N LEU C 241 33.94 22.20 17.25
CA LEU C 241 33.87 23.65 17.12
C LEU C 241 34.35 24.02 15.73
N ALA C 242 33.42 24.27 14.82
CA ALA C 242 33.73 24.59 13.43
C ALA C 242 34.05 26.08 13.32
N ASN C 243 35.25 26.43 13.78
CA ASN C 243 35.69 27.82 13.76
C ASN C 243 37.21 27.84 13.76
N LEU C 244 37.76 28.82 13.06
CA LEU C 244 39.21 28.94 12.92
C LEU C 244 39.86 29.69 14.07
N GLY C 245 39.08 30.21 15.01
CA GLY C 245 39.66 30.89 16.16
C GLY C 245 39.89 29.96 17.32
N PHE C 246 40.52 28.82 17.07
CA PHE C 246 40.68 27.79 18.09
C PHE C 246 41.67 28.21 19.17
N THR C 247 42.61 29.10 18.84
CA THR C 247 43.54 29.61 19.83
C THR C 247 42.87 30.58 20.81
N ASP C 248 41.73 31.15 20.44
CA ASP C 248 41.06 32.14 21.26
C ASP C 248 39.86 31.58 22.01
N ILE C 249 39.50 30.32 21.79
CA ILE C 249 38.37 29.71 22.49
C ILE C 249 38.82 29.30 23.89
N LEU C 250 38.17 29.87 24.90
CA LEU C 250 38.43 29.51 26.29
C LEU C 250 37.77 28.19 26.58
N LEU C 251 38.54 27.09 26.44
CA LEU C 251 38.03 25.74 26.64
C LEU C 251 38.74 25.02 27.78
N GLU C 252 39.34 25.77 28.70
CA GLU C 252 40.15 25.15 29.76
C GLU C 252 39.29 24.43 30.78
N ARG C 253 38.15 25.02 31.16
CA ARG C 253 37.25 24.37 32.11
C ARG C 253 36.50 23.19 31.50
N VAL C 254 36.39 23.15 30.16
CA VAL C 254 35.76 22.01 29.51
C VAL C 254 36.69 20.80 29.54
N MET C 255 38.00 21.05 29.44
CA MET C 255 38.98 19.97 29.43
C MET C 255 39.12 19.29 30.78
N HIS C 256 38.74 19.98 31.86
CA HIS C 256 38.83 19.42 33.20
C HIS C 256 37.59 18.63 33.60
N GLY C 257 36.70 18.31 32.66
CA GLY C 257 35.51 17.55 32.98
C GLY C 257 35.43 16.22 32.27
N GLY C 258 36.19 16.07 31.19
CA GLY C 258 36.22 14.85 30.42
C GLY C 258 35.61 14.91 29.04
N ALA C 259 35.50 16.10 28.44
CA ALA C 259 34.96 16.27 27.10
C ALA C 259 36.11 16.40 26.10
N ASN C 260 35.92 15.84 24.91
CA ASN C 260 36.88 16.08 23.84
C ASN C 260 36.31 17.09 22.84
N ILE C 261 37.20 17.86 22.22
CA ILE C 261 36.83 18.95 21.34
C ILE C 261 37.64 18.81 20.05
N THR C 262 36.93 18.78 18.91
CA THR C 262 37.55 18.78 17.60
C THR C 262 37.57 20.20 17.07
N GLY C 263 38.77 20.79 16.95
CA GLY C 263 38.93 22.15 16.52
C GLY C 263 39.57 22.25 15.15
N PHE C 264 39.84 23.49 14.75
CA PHE C 264 40.38 23.78 13.43
C PHE C 264 41.39 24.90 13.53
N GLN C 265 42.57 24.70 12.92
CA GLN C 265 43.57 25.75 12.80
C GLN C 265 44.16 25.72 11.40
N ILE C 266 44.53 26.90 10.91
CA ILE C 266 45.26 27.05 9.66
C ILE C 266 46.64 27.64 9.86
N VAL C 267 47.01 27.97 11.10
CA VAL C 267 48.31 28.55 11.40
C VAL C 267 49.13 27.48 12.13
N ASN C 268 50.13 26.94 11.45
CA ASN C 268 50.99 25.90 12.02
C ASN C 268 52.20 26.56 12.68
N ASN C 269 52.40 26.24 13.96
CA ASN C 269 53.56 26.76 14.69
C ASN C 269 54.86 26.08 14.30
N GLU C 270 54.79 24.90 13.68
CA GLU C 270 55.99 24.22 13.19
C GLU C 270 56.51 24.82 11.88
N ASN C 271 55.70 25.65 11.22
CA ASN C 271 56.17 26.43 10.08
C ASN C 271 57.20 27.45 10.58
N PRO C 272 58.43 27.43 10.08
CA PRO C 272 59.45 28.37 10.61
C PRO C 272 59.19 29.82 10.29
N MET C 273 58.45 30.12 9.20
CA MET C 273 58.09 31.50 8.91
C MET C 273 57.14 32.05 9.96
N VAL C 274 56.25 31.20 10.49
CA VAL C 274 55.32 31.60 11.53
C VAL C 274 56.06 31.93 12.83
N GLN C 275 57.02 31.09 13.22
CA GLN C 275 57.74 31.37 14.46
C GLN C 275 58.74 32.52 14.29
N GLN C 276 59.23 32.75 13.06
CA GLN C 276 60.00 33.97 12.82
C GLN C 276 59.12 35.21 12.92
N PHE C 277 57.88 35.12 12.46
CA PHE C 277 56.94 36.23 12.65
C PHE C 277 56.60 36.44 14.11
N ILE C 278 56.56 35.35 14.90
CA ILE C 278 56.34 35.47 16.34
C ILE C 278 57.53 36.16 17.01
N GLN C 279 58.75 35.76 16.65
CA GLN C 279 59.95 36.37 17.23
C GLN C 279 60.10 37.83 16.81
N ARG C 280 59.63 38.19 15.62
CA ARG C 280 59.61 39.59 15.22
C ARG C 280 58.38 40.33 15.73
N TRP C 281 57.39 39.62 16.26
CA TRP C 281 56.13 40.23 16.69
C TRP C 281 56.11 40.58 18.16
N VAL C 282 56.69 39.74 19.02
CA VAL C 282 56.64 39.96 20.46
C VAL C 282 57.57 41.08 20.92
N ARG C 283 58.48 41.53 20.07
CA ARG C 283 59.41 42.60 20.41
C ARG C 283 58.89 43.98 20.02
N LEU C 284 57.61 44.10 19.71
CA LEU C 284 57.04 45.38 19.32
C LEU C 284 56.56 46.14 20.54
N ASP C 285 56.41 47.46 20.37
CA ASP C 285 55.94 48.32 21.45
C ASP C 285 54.42 48.40 21.46
N GLU C 286 53.87 48.72 22.64
CA GLU C 286 52.43 48.86 22.78
C GLU C 286 51.92 50.14 22.13
N ARG C 287 52.78 51.17 22.06
CA ARG C 287 52.35 52.47 21.55
C ARG C 287 52.11 52.42 20.04
N GLU C 288 53.06 51.87 19.28
CA GLU C 288 52.94 51.84 17.83
C GLU C 288 52.23 50.59 17.30
N PHE C 289 52.14 49.53 18.12
CA PHE C 289 51.48 48.30 17.71
C PHE C 289 50.73 47.74 18.91
N PRO C 290 49.50 48.20 19.15
CA PRO C 290 48.72 47.69 20.27
C PRO C 290 48.22 46.28 20.02
N GLU C 291 47.87 45.60 21.12
CA GLU C 291 47.37 44.22 21.14
C GLU C 291 48.34 43.24 20.48
N ALA C 292 49.63 43.41 20.73
CA ALA C 292 50.65 42.58 20.12
C ALA C 292 51.32 41.63 21.10
N LYS C 293 51.52 42.06 22.34
CA LYS C 293 52.19 41.27 23.36
C LYS C 293 51.23 40.64 24.36
N ASN C 294 50.14 41.33 24.68
CA ASN C 294 49.18 40.89 25.69
C ASN C 294 48.05 40.05 25.11
N ALA C 295 48.26 39.44 23.94
CA ALA C 295 47.23 38.62 23.31
C ALA C 295 47.90 37.62 22.39
N PRO C 296 47.33 36.42 22.25
CA PRO C 296 47.84 35.47 21.25
C PRO C 296 47.59 35.96 19.83
N LEU C 297 48.38 35.42 18.91
CA LEU C 297 48.26 35.81 17.51
C LEU C 297 47.01 35.18 16.91
N LYS C 298 46.06 36.02 16.50
CA LYS C 298 44.85 35.52 15.87
C LYS C 298 45.15 35.05 14.45
N TYR C 299 44.22 34.25 13.91
CA TYR C 299 44.39 33.74 12.55
C TYR C 299 44.18 34.86 11.52
N THR C 300 43.37 35.86 11.87
CA THR C 300 43.11 36.98 10.96
C THR C 300 44.36 37.81 10.72
N SER C 301 45.23 37.93 11.71
CA SER C 301 46.47 38.67 11.53
C SER C 301 47.43 37.90 10.61
N ALA C 302 47.45 36.57 10.72
CA ALA C 302 48.26 35.76 9.83
C ALA C 302 47.70 35.82 8.40
N LEU C 303 46.38 35.85 8.26
CA LEU C 303 45.78 36.04 6.94
C LEU C 303 46.07 37.42 6.37
N THR C 304 46.17 38.43 7.24
CA THR C 304 46.55 39.78 6.81
C THR C 304 47.98 39.80 6.29
N HIS C 305 48.90 39.15 7.02
CA HIS C 305 50.29 39.09 6.59
C HIS C 305 50.44 38.30 5.29
N ASP C 306 49.70 37.20 5.15
CA ASP C 306 49.72 36.44 3.91
C ASP C 306 49.11 37.22 2.75
N ALA C 307 48.10 38.06 3.04
CA ALA C 307 47.52 38.91 2.01
C ALA C 307 48.51 39.97 1.54
N ILE C 308 49.29 40.52 2.48
CA ILE C 308 50.33 41.48 2.11
C ILE C 308 51.41 40.79 1.25
N LEU C 309 51.72 39.52 1.57
CA LEU C 309 52.65 38.76 0.75
C LEU C 309 52.10 38.51 -0.65
N VAL C 310 50.81 38.22 -0.76
CA VAL C 310 50.17 38.00 -2.07
C VAL C 310 50.16 39.28 -2.89
N ILE C 311 49.84 40.42 -2.27
CA ILE C 311 49.84 41.71 -2.96
C ILE C 311 51.25 42.07 -3.44
N ALA C 312 52.26 41.79 -2.60
CA ALA C 312 53.65 42.05 -2.98
C ALA C 312 54.08 41.19 -4.16
N GLU C 313 53.72 39.90 -4.13
CA GLU C 313 54.05 39.00 -5.24
C GLU C 313 53.30 39.40 -6.51
N ALA C 314 52.07 39.90 -6.37
CA ALA C 314 51.30 40.31 -7.53
C ALA C 314 51.89 41.55 -8.19
N PHE C 315 52.31 42.54 -7.39
CA PHE C 315 52.91 43.72 -8.01
C PHE C 315 54.32 43.44 -8.52
N ARG C 316 55.03 42.49 -7.92
CA ARG C 316 56.30 42.06 -8.51
C ARG C 316 56.09 41.36 -9.85
N TYR C 317 55.02 40.56 -9.96
CA TYR C 317 54.71 39.93 -11.24
C TYR C 317 54.24 40.95 -12.26
N LEU C 318 53.55 42.00 -11.83
CA LEU C 318 53.17 43.07 -12.74
C LEU C 318 54.37 43.86 -13.22
N ARG C 319 55.39 44.03 -12.37
CA ARG C 319 56.59 44.72 -12.82
C ARG C 319 57.42 43.84 -13.74
N ARG C 320 57.48 42.52 -13.46
CA ARG C 320 58.28 41.62 -14.29
C ARG C 320 57.68 41.44 -15.68
N GLN C 321 56.37 41.60 -15.83
CA GLN C 321 55.71 41.43 -17.11
C GLN C 321 55.43 42.74 -17.81
N ARG C 322 55.88 43.86 -17.23
CA ARG C 322 55.81 45.21 -17.82
C ARG C 322 54.38 45.64 -18.13
N VAL C 323 53.44 45.29 -17.27
CA VAL C 323 52.02 45.57 -17.48
C VAL C 323 51.68 46.88 -16.79
N ASP C 324 50.96 47.76 -17.49
CA ASP C 324 50.61 49.05 -16.94
C ASP C 324 49.57 48.92 -15.83
N VAL C 325 49.73 49.76 -14.80
CA VAL C 325 48.75 49.86 -13.74
C VAL C 325 48.10 51.24 -13.66
N SER C 326 48.67 52.25 -14.28
CA SER C 326 48.11 53.60 -14.21
C SER C 326 46.92 53.75 -15.15
N ALA C 331 41.27 57.85 -10.32
CA ALA C 331 40.91 59.26 -10.28
C ALA C 331 39.52 59.49 -10.87
N GLY C 332 38.70 60.28 -10.18
CA GLY C 332 37.36 60.56 -10.63
C GLY C 332 36.31 60.34 -9.57
N ASP C 333 35.05 60.21 -9.98
CA ASP C 333 33.94 60.04 -9.05
C ASP C 333 33.56 58.57 -8.98
N CYS C 334 33.10 58.15 -7.80
CA CYS C 334 32.65 56.77 -7.61
C CYS C 334 31.23 56.55 -8.12
N LEU C 335 30.47 57.61 -8.36
CA LEU C 335 29.08 57.53 -8.80
C LEU C 335 28.87 58.22 -10.14
N ALA C 336 29.81 58.02 -11.07
CA ALA C 336 29.67 58.60 -12.39
C ALA C 336 28.64 57.84 -13.21
N ASN C 337 27.98 58.55 -14.11
CA ASN C 337 26.93 57.98 -14.95
C ASN C 337 27.29 58.22 -16.42
N PRO C 338 27.85 57.23 -17.14
CA PRO C 338 28.20 55.87 -16.69
C PRO C 338 29.51 55.82 -15.92
N ALA C 339 29.84 54.64 -15.38
CA ALA C 339 31.02 54.50 -14.53
C ALA C 339 32.31 54.61 -15.34
N VAL C 340 32.41 53.81 -16.41
CA VAL C 340 33.58 53.66 -17.28
C VAL C 340 34.80 53.31 -16.43
N PRO C 341 34.92 52.08 -15.95
CA PRO C 341 36.09 51.71 -15.14
C PRO C 341 37.33 51.54 -15.99
N TRP C 342 38.48 51.73 -15.35
CA TRP C 342 39.75 51.58 -16.04
C TRP C 342 40.08 50.09 -16.19
N SER C 343 40.32 49.67 -17.43
CA SER C 343 40.31 48.26 -17.80
C SER C 343 41.57 47.50 -17.40
N GLN C 344 42.61 48.18 -16.92
CA GLN C 344 43.84 47.50 -16.56
C GLN C 344 43.71 46.66 -15.30
N GLY C 345 42.77 47.00 -14.41
CA GLY C 345 42.68 46.35 -13.12
C GLY C 345 42.24 44.90 -13.20
N ILE C 346 41.53 44.55 -14.28
CA ILE C 346 41.19 43.16 -14.57
C ILE C 346 42.45 42.31 -14.66
N ASP C 347 43.48 42.84 -15.34
CA ASP C 347 44.78 42.17 -15.37
C ASP C 347 45.37 42.09 -13.97
N ILE C 348 45.18 43.15 -13.18
CA ILE C 348 45.58 43.13 -11.78
C ILE C 348 44.77 42.09 -11.01
N GLU C 349 43.50 41.92 -11.37
CA GLU C 349 42.71 40.81 -10.83
C GLU C 349 43.30 39.48 -11.24
N ARG C 350 43.77 39.39 -12.50
CA ARG C 350 44.51 38.22 -12.94
C ARG C 350 45.79 38.06 -12.16
N ALA C 351 46.43 39.19 -11.82
CA ALA C 351 47.64 39.15 -11.01
C ALA C 351 47.32 38.73 -9.58
N LEU C 352 46.06 38.86 -9.16
CA LEU C 352 45.68 38.37 -7.85
C LEU C 352 45.04 36.98 -7.94
N LYS C 353 44.94 36.42 -9.15
CA LYS C 353 44.38 35.09 -9.27
C LYS C 353 45.40 34.02 -9.67
N MET C 354 46.66 34.38 -9.83
CA MET C 354 47.69 33.41 -10.18
C MET C 354 48.87 33.41 -9.19
N VAL C 355 48.69 34.02 -8.02
CA VAL C 355 49.75 34.02 -7.00
C VAL C 355 49.83 32.65 -6.37
N GLN C 356 50.99 32.01 -6.49
CA GLN C 356 51.28 30.73 -5.85
C GLN C 356 52.47 30.95 -4.92
N VAL C 357 52.21 31.13 -3.63
CA VAL C 357 53.27 31.40 -2.67
C VAL C 357 53.15 30.44 -1.49
N GLN C 358 54.10 30.57 -0.57
CA GLN C 358 54.13 29.80 0.66
C GLN C 358 54.14 30.78 1.83
N GLY C 359 52.96 31.03 2.39
CA GLY C 359 52.84 31.94 3.51
C GLY C 359 52.57 31.23 4.82
N MET C 360 52.07 31.98 5.81
CA MET C 360 51.87 31.45 7.16
C MET C 360 50.79 30.39 7.22
N THR C 361 49.86 30.36 6.27
CA THR C 361 48.85 29.32 6.18
C THR C 361 49.25 28.21 5.21
N GLY C 362 50.51 28.15 4.82
CA GLY C 362 50.97 27.13 3.91
C GLY C 362 50.93 27.56 2.46
N ASN C 363 50.53 26.67 1.57
CA ASN C 363 50.44 27.00 0.15
C ASN C 363 49.26 27.93 -0.10
N ILE C 364 49.48 28.93 -0.95
CA ILE C 364 48.46 29.92 -1.30
C ILE C 364 48.35 29.98 -2.81
N GLN C 365 47.19 29.60 -3.32
CA GLN C 365 46.79 29.80 -4.71
C GLN C 365 45.38 30.34 -4.73
N PHE C 366 44.87 30.61 -5.94
CA PHE C 366 43.51 31.10 -6.11
C PHE C 366 42.92 30.53 -7.39
N ASP C 367 41.59 30.41 -7.39
CA ASP C 367 40.85 29.96 -8.56
C ASP C 367 40.44 31.16 -9.40
N THR C 368 39.51 30.95 -10.33
CA THR C 368 39.00 32.05 -11.14
C THR C 368 37.94 32.88 -10.42
N TYR C 369 37.57 32.50 -9.19
CA TYR C 369 36.63 33.29 -8.40
C TYR C 369 37.28 33.89 -7.16
N GLY C 370 38.57 33.66 -6.95
CA GLY C 370 39.25 34.20 -5.78
C GLY C 370 39.12 33.38 -4.53
N ARG C 371 38.73 32.11 -4.62
CA ARG C 371 38.65 31.24 -3.47
C ARG C 371 39.94 30.45 -3.31
N ARG C 372 40.19 30.00 -2.08
CA ARG C 372 41.43 29.30 -1.78
C ARG C 372 41.42 27.88 -2.31
N THR C 373 42.58 27.42 -2.77
CA THR C 373 42.76 26.05 -3.24
C THR C 373 44.18 25.61 -2.87
N ASN C 374 44.41 24.29 -2.97
CA ASN C 374 45.72 23.65 -2.74
C ASN C 374 46.24 23.90 -1.32
N TYR C 375 45.30 24.03 -0.37
CA TYR C 375 45.63 24.43 0.99
C TYR C 375 45.46 23.26 1.94
N THR C 376 45.70 23.54 3.22
CA THR C 376 45.75 22.52 4.27
C THR C 376 45.17 23.09 5.56
N ILE C 377 44.22 22.37 6.15
CA ILE C 377 43.61 22.75 7.42
C ILE C 377 44.05 21.76 8.48
N ASP C 378 44.72 22.26 9.52
CA ASP C 378 45.17 21.42 10.62
C ASP C 378 44.03 21.19 11.60
N VAL C 379 43.85 19.93 12.00
CA VAL C 379 42.77 19.54 12.90
C VAL C 379 43.38 18.98 14.18
N TYR C 380 42.99 19.55 15.32
CA TYR C 380 43.50 19.16 16.62
C TYR C 380 42.38 18.54 17.45
N GLU C 381 42.67 17.42 18.09
CA GLU C 381 41.76 16.80 19.05
C GLU C 381 42.35 16.91 20.44
N MET C 382 41.54 17.37 21.39
CA MET C 382 41.96 17.53 22.77
C MET C 382 41.11 16.61 23.63
N LYS C 383 41.54 15.36 23.76
CA LYS C 383 40.86 14.36 24.56
C LYS C 383 41.36 14.44 26.00
N VAL C 384 40.87 13.51 26.83
CA VAL C 384 41.24 13.48 28.23
C VAL C 384 42.70 13.05 28.41
N SER C 385 43.28 12.37 27.41
CA SER C 385 44.70 12.07 27.41
C SER C 385 45.56 13.29 27.06
N GLY C 386 44.97 14.35 26.52
CA GLY C 386 45.68 15.56 26.17
C GLY C 386 45.36 16.02 24.77
N SER C 387 46.19 16.93 24.27
CA SER C 387 46.00 17.53 22.95
C SER C 387 46.90 16.86 21.94
N ARG C 388 46.42 16.74 20.70
CA ARG C 388 47.21 16.15 19.63
C ARG C 388 46.70 16.68 18.30
N LYS C 389 47.57 16.57 17.29
CA LYS C 389 47.24 16.94 15.92
C LYS C 389 46.73 15.69 15.21
N ALA C 390 45.41 15.56 15.08
CA ALA C 390 44.79 14.32 14.66
C ALA C 390 44.81 14.14 13.15
N GLY C 391 45.23 15.13 12.38
CA GLY C 391 45.31 15.00 10.95
C GLY C 391 45.11 16.33 10.27
N TYR C 392 45.34 16.32 8.97
CA TYR C 392 45.22 17.52 8.15
C TYR C 392 44.19 17.24 7.06
N TRP C 393 43.61 18.30 6.50
CA TRP C 393 42.60 18.16 5.47
C TRP C 393 43.15 18.69 4.14
N ASN C 394 42.81 17.97 3.06
CA ASN C 394 43.13 18.41 1.71
C ASN C 394 41.88 18.21 0.86
N GLU C 395 41.60 19.20 0.00
CA GLU C 395 40.42 19.11 -0.84
C GLU C 395 40.60 18.11 -1.98
N TYR C 396 41.84 17.75 -2.32
CA TYR C 396 42.06 16.81 -3.41
C TYR C 396 41.77 15.38 -2.98
N GLU C 397 42.54 14.86 -2.03
CA GLU C 397 42.41 13.45 -1.68
C GLU C 397 41.29 13.22 -0.66
N ARG C 398 41.51 13.69 0.57
CA ARG C 398 40.69 13.38 1.74
C ARG C 398 41.29 14.14 2.92
N PHE C 399 40.54 14.29 4.01
CA PHE C 399 41.15 14.44 5.33
C PHE C 399 42.06 13.26 5.60
N VAL C 400 43.36 13.51 5.67
CA VAL C 400 44.34 12.47 5.99
C VAL C 400 44.65 12.55 7.48
N PRO C 401 44.29 11.54 8.27
CA PRO C 401 44.62 11.54 9.70
C PRO C 401 45.94 10.83 9.97
N PHE C 402 46.51 11.15 11.14
CA PHE C 402 47.70 10.45 11.62
C PHE C 402 47.71 10.44 13.15
N ILE C 419 38.85 -2.55 36.00
CA ILE C 419 37.61 -2.82 35.26
C ILE C 419 36.42 -2.76 36.21
N VAL C 420 35.44 -1.95 35.84
CA VAL C 420 34.25 -1.73 36.66
C VAL C 420 33.38 -2.98 36.62
N VAL C 421 33.20 -3.62 37.77
CA VAL C 421 32.35 -4.78 37.92
C VAL C 421 31.25 -4.40 38.91
N THR C 422 30.00 -4.50 38.47
CA THR C 422 28.88 -4.11 39.32
C THR C 422 28.02 -5.32 39.69
N THR C 423 27.36 -5.21 40.84
CA THR C 423 26.51 -6.25 41.38
C THR C 423 25.59 -5.63 42.42
N ILE C 424 24.79 -6.47 43.07
CA ILE C 424 23.89 -6.05 44.13
C ILE C 424 24.01 -7.03 45.28
N LEU C 425 23.78 -6.54 46.50
CA LEU C 425 23.90 -7.35 47.71
C LEU C 425 22.76 -8.36 47.76
N GLU C 426 23.05 -9.60 47.38
CA GLU C 426 22.10 -10.69 47.45
C GLU C 426 22.80 -11.94 47.94
N SER C 427 22.13 -12.67 48.84
CA SER C 427 22.66 -13.91 49.41
C SER C 427 22.25 -15.10 48.54
N PRO C 428 23.14 -16.09 48.36
CA PRO C 428 24.53 -16.14 48.84
C PRO C 428 25.50 -15.61 47.79
N TYR C 429 25.02 -14.77 46.87
CA TYR C 429 25.83 -14.37 45.73
C TYR C 429 26.88 -13.34 46.15
N VAL C 430 26.44 -12.22 46.71
CA VAL C 430 27.32 -11.15 47.18
C VAL C 430 26.90 -10.79 48.59
N MET C 431 27.79 -11.02 49.55
CA MET C 431 27.55 -10.66 50.94
C MET C 431 28.77 -9.96 51.50
N TYR C 432 28.55 -9.16 52.53
CA TYR C 432 29.64 -8.46 53.20
C TYR C 432 30.26 -9.35 54.26
N LYS C 433 31.51 -9.04 54.61
CA LYS C 433 32.21 -9.81 55.63
C LYS C 433 31.76 -9.37 57.03
N LYS C 434 32.25 -10.10 58.04
CA LYS C 434 31.95 -9.76 59.42
C LYS C 434 32.67 -8.48 59.83
N ASN C 435 34.00 -8.48 59.74
CA ASN C 435 34.79 -7.27 59.99
C ASN C 435 35.08 -6.54 58.67
N HIS C 436 33.99 -6.19 57.99
CA HIS C 436 34.09 -5.56 56.67
C HIS C 436 34.65 -4.14 56.76
N GLU C 437 34.45 -3.47 57.89
CA GLU C 437 35.00 -2.13 58.06
C GLU C 437 36.49 -2.13 58.37
N GLN C 438 37.05 -3.28 58.74
CA GLN C 438 38.46 -3.40 59.08
C GLN C 438 39.35 -3.68 57.87
N LEU C 439 38.79 -3.62 56.66
CA LEU C 439 39.55 -3.88 55.45
C LEU C 439 39.19 -2.85 54.39
N GLU C 440 39.74 -3.06 53.18
CA GLU C 440 39.51 -2.14 52.08
C GLU C 440 39.60 -2.90 50.77
N GLY C 441 39.18 -2.22 49.69
CA GLY C 441 39.26 -2.77 48.35
C GLY C 441 38.19 -3.79 48.06
N ASN C 442 38.51 -4.77 47.20
CA ASN C 442 37.56 -5.81 46.84
C ASN C 442 37.42 -6.88 47.91
N GLU C 443 38.25 -6.84 48.96
CA GLU C 443 38.23 -7.86 50.01
C GLU C 443 37.07 -7.67 50.99
N ARG C 444 36.31 -6.59 50.88
CA ARG C 444 35.18 -6.36 51.78
C ARG C 444 34.03 -7.33 51.55
N TYR C 445 33.90 -7.86 50.34
CA TYR C 445 32.75 -8.66 49.97
C TYR C 445 33.13 -10.12 49.81
N GLU C 446 32.10 -10.97 49.77
CA GLU C 446 32.27 -12.41 49.68
C GLU C 446 31.00 -13.04 49.16
N GLY C 447 31.11 -14.26 48.64
CA GLY C 447 29.96 -15.01 48.21
C GLY C 447 30.25 -15.76 46.92
N TYR C 448 29.16 -16.09 46.22
CA TYR C 448 29.27 -16.91 45.02
C TYR C 448 29.80 -16.12 43.84
N CYS C 449 29.20 -14.95 43.57
CA CYS C 449 29.60 -14.16 42.42
C CYS C 449 30.97 -13.52 42.63
N VAL C 450 31.39 -13.33 43.89
CA VAL C 450 32.73 -12.84 44.17
C VAL C 450 33.77 -13.86 43.74
N ASP C 451 33.56 -15.13 44.12
CA ASP C 451 34.45 -16.21 43.69
C ASP C 451 34.38 -16.44 42.19
N LEU C 452 33.19 -16.25 41.60
CA LEU C 452 33.03 -16.35 40.16
C LEU C 452 33.84 -15.27 39.43
N ALA C 453 33.78 -14.04 39.92
CA ALA C 453 34.56 -12.95 39.33
C ALA C 453 36.04 -13.15 39.53
N TYR C 454 36.45 -13.74 40.67
CA TYR C 454 37.87 -14.04 40.87
C TYR C 454 38.34 -15.12 39.91
N GLU C 455 37.50 -16.11 39.61
CA GLU C 455 37.89 -17.13 38.65
C GLU C 455 37.88 -16.59 37.22
N ILE C 456 36.98 -15.66 36.90
CA ILE C 456 37.00 -15.00 35.60
C ILE C 456 38.27 -14.17 35.44
N ALA C 457 38.67 -13.45 36.49
CA ALA C 457 39.91 -12.69 36.45
C ALA C 457 41.14 -13.60 36.42
N LYS C 458 41.03 -14.81 36.98
CA LYS C 458 42.13 -15.75 36.89
C LYS C 458 42.27 -16.31 35.49
N HIS C 459 41.15 -16.62 34.84
CA HIS C 459 41.19 -17.13 33.47
C HIS C 459 41.35 -16.05 32.42
N VAL C 460 41.31 -14.77 32.80
CA VAL C 460 41.61 -13.69 31.87
C VAL C 460 42.91 -12.97 32.20
N ARG C 461 43.11 -12.52 33.44
CA ARG C 461 44.35 -11.86 33.80
C ARG C 461 44.28 -10.35 33.69
N ILE C 462 43.11 -9.79 34.00
CA ILE C 462 42.91 -8.34 33.99
C ILE C 462 42.29 -7.95 35.33
N LYS C 463 42.88 -6.94 35.96
CA LYS C 463 42.41 -6.43 37.25
C LYS C 463 41.04 -5.80 37.10
N TYR C 464 40.25 -5.87 38.17
CA TYR C 464 38.86 -5.47 38.15
C TYR C 464 38.58 -4.53 39.33
N LYS C 465 37.30 -4.17 39.48
CA LYS C 465 36.86 -3.31 40.57
C LYS C 465 35.41 -3.62 40.87
N LEU C 466 35.16 -4.15 42.07
CA LEU C 466 33.80 -4.53 42.47
C LEU C 466 33.05 -3.29 42.93
N SER C 467 31.99 -2.93 42.21
CA SER C 467 31.16 -1.78 42.53
C SER C 467 29.75 -2.25 42.88
N ILE C 468 29.00 -1.40 43.57
CA ILE C 468 27.66 -1.71 44.02
C ILE C 468 26.68 -0.76 43.32
N VAL C 469 25.58 -1.31 42.82
CA VAL C 469 24.56 -0.48 42.17
C VAL C 469 23.81 0.33 43.22
N GLY C 470 23.62 1.64 43.02
CA GLY C 470 23.04 2.47 44.10
C GLY C 470 21.54 2.31 44.31
N ASP C 471 20.74 2.26 43.24
CA ASP C 471 19.29 2.37 43.40
C ASP C 471 18.63 1.09 43.89
N GLY C 472 19.34 -0.03 43.90
CA GLY C 472 18.77 -1.26 44.39
C GLY C 472 17.83 -1.96 43.43
N LYS C 473 17.71 -1.46 42.21
CA LYS C 473 16.88 -2.08 41.18
C LYS C 473 17.73 -2.96 40.29
N TYR C 474 17.13 -4.04 39.78
CA TYR C 474 17.86 -4.99 38.95
C TYR C 474 17.98 -4.47 37.52
N GLY C 475 16.85 -4.31 36.85
CA GLY C 475 16.83 -3.71 35.53
C GLY C 475 15.43 -3.57 35.00
N ALA C 476 15.08 -2.38 34.51
CA ALA C 476 13.73 -2.12 34.01
C ALA C 476 13.78 -0.89 33.11
N ARG C 477 12.77 -0.79 32.25
CA ARG C 477 12.58 0.35 31.36
C ARG C 477 11.18 0.90 31.58
N ASP C 478 11.10 2.17 31.98
CA ASP C 478 9.81 2.82 32.10
C ASP C 478 9.23 3.07 30.71
N PRO C 479 7.91 2.94 30.59
CA PRO C 479 7.26 3.16 29.30
C PRO C 479 7.24 4.63 28.90
N GLU C 480 7.27 5.53 29.89
CA GLU C 480 7.23 6.95 29.61
C GLU C 480 8.62 7.49 29.25
N THR C 481 9.58 7.34 30.18
CA THR C 481 10.89 7.94 30.00
C THR C 481 11.77 7.17 29.02
N LYS C 482 11.48 5.87 28.82
CA LYS C 482 12.30 4.96 28.00
C LYS C 482 13.76 4.94 28.46
N ILE C 483 13.95 4.89 29.77
CA ILE C 483 15.28 4.93 30.37
C ILE C 483 15.46 3.67 31.20
N TRP C 484 16.50 2.90 30.88
CA TRP C 484 16.83 1.71 31.65
C TRP C 484 17.46 2.09 32.97
N ASN C 485 17.08 1.40 34.04
CA ASN C 485 17.60 1.69 35.37
C ASN C 485 18.43 0.52 35.89
N GLY C 486 19.11 0.77 37.02
CA GLY C 486 19.89 -0.26 37.66
C GLY C 486 21.18 -0.59 36.93
N MET C 487 21.58 -1.87 36.99
CA MET C 487 22.80 -2.31 36.35
C MET C 487 22.70 -2.25 34.83
N VAL C 488 21.48 -2.43 34.30
CA VAL C 488 21.26 -2.26 32.87
C VAL C 488 21.53 -0.82 32.44
N GLY C 489 21.03 0.14 33.22
CA GLY C 489 21.32 1.54 32.95
C GLY C 489 22.77 1.90 33.18
N GLU C 490 23.44 1.19 34.09
CA GLU C 490 24.87 1.41 34.27
C GLU C 490 25.67 0.90 33.09
N LEU C 491 25.25 -0.21 32.48
CA LEU C 491 25.95 -0.74 31.31
C LEU C 491 25.65 0.07 30.05
N VAL C 492 24.41 0.53 29.89
CA VAL C 492 24.04 1.27 28.68
C VAL C 492 24.64 2.67 28.70
N TYR C 493 24.46 3.40 29.80
CA TYR C 493 24.92 4.77 29.89
C TYR C 493 26.37 4.89 30.33
N GLY C 494 27.17 3.83 30.20
CA GLY C 494 28.60 3.91 30.44
C GLY C 494 29.01 4.01 31.89
N ARG C 495 28.09 3.87 32.84
CA ARG C 495 28.46 3.92 34.25
C ARG C 495 29.14 2.64 34.71
N ALA C 496 29.04 1.56 33.94
CA ALA C 496 29.70 0.30 34.24
C ALA C 496 30.37 -0.23 32.97
N ASP C 497 31.25 -1.20 33.16
CA ASP C 497 31.97 -1.84 32.06
C ASP C 497 31.57 -3.29 31.86
N ILE C 498 31.44 -4.06 32.94
CA ILE C 498 31.00 -5.44 32.86
C ILE C 498 30.26 -5.75 34.15
N ALA C 499 29.30 -6.67 34.08
CA ALA C 499 28.44 -6.99 35.21
C ALA C 499 28.42 -8.50 35.41
N VAL C 500 28.77 -8.94 36.61
CA VAL C 500 28.64 -10.34 37.01
C VAL C 500 27.62 -10.35 38.15
N ALA C 501 26.39 -10.72 37.82
CA ALA C 501 25.28 -10.68 38.77
C ALA C 501 24.19 -11.61 38.26
N PRO C 502 23.34 -12.13 39.14
CA PRO C 502 22.19 -12.91 38.67
C PRO C 502 21.14 -12.03 38.00
N LEU C 503 21.35 -11.72 36.73
CA LEU C 503 20.38 -10.99 35.92
C LEU C 503 19.74 -11.96 34.93
N THR C 504 18.42 -11.90 34.82
CA THR C 504 17.69 -12.83 33.95
C THR C 504 17.87 -12.45 32.50
N ILE C 505 18.31 -13.41 31.69
CA ILE C 505 18.52 -13.19 30.27
C ILE C 505 17.16 -13.20 29.58
N THR C 506 16.71 -12.03 29.14
CA THR C 506 15.43 -11.89 28.45
C THR C 506 15.66 -11.30 27.06
N LEU C 507 14.59 -11.34 26.26
CA LEU C 507 14.64 -10.75 24.92
C LEU C 507 14.71 -9.24 24.97
N VAL C 508 14.00 -8.62 25.90
CA VAL C 508 13.98 -7.17 25.99
C VAL C 508 15.29 -6.60 26.52
N ARG C 509 16.12 -7.43 27.17
CA ARG C 509 17.42 -6.99 27.63
C ARG C 509 18.54 -7.35 26.66
N GLU C 510 18.31 -8.32 25.77
CA GLU C 510 19.32 -8.67 24.79
C GLU C 510 19.47 -7.59 23.72
N GLU C 511 18.39 -6.84 23.45
CA GLU C 511 18.41 -5.85 22.38
C GLU C 511 19.23 -4.61 22.74
N VAL C 512 19.62 -4.44 24.00
CA VAL C 512 20.43 -3.31 24.42
C VAL C 512 21.82 -3.73 24.88
N ILE C 513 21.95 -4.88 25.55
CA ILE C 513 23.22 -5.39 26.02
C ILE C 513 23.31 -6.87 25.69
N ASP C 514 24.54 -7.38 25.64
CA ASP C 514 24.79 -8.76 25.26
C ASP C 514 24.94 -9.66 26.48
N PHE C 515 24.89 -10.96 26.24
CA PHE C 515 25.04 -11.95 27.30
C PHE C 515 25.81 -13.15 26.79
N SER C 516 26.55 -13.78 27.70
CA SER C 516 27.27 -15.00 27.39
C SER C 516 26.35 -16.20 27.60
N LYS C 517 26.90 -17.40 27.54
CA LYS C 517 26.11 -18.60 27.78
C LYS C 517 25.76 -18.71 29.27
N PRO C 518 24.59 -19.24 29.61
CA PRO C 518 24.18 -19.27 31.02
C PRO C 518 25.01 -20.24 31.85
N PHE C 519 25.37 -19.81 33.05
CA PHE C 519 26.14 -20.61 33.98
C PHE C 519 25.28 -21.43 34.93
N MET C 520 24.03 -21.02 35.16
CA MET C 520 23.16 -21.72 36.09
C MET C 520 21.73 -21.63 35.59
N SER C 521 21.17 -22.76 35.18
CA SER C 521 19.78 -22.83 34.77
C SER C 521 18.90 -23.10 35.98
N LEU C 522 17.66 -22.61 35.92
CA LEU C 522 16.74 -22.70 37.05
C LEU C 522 15.31 -22.57 36.55
N GLY C 523 14.37 -22.72 37.48
CA GLY C 523 12.97 -22.62 37.16
C GLY C 523 12.16 -22.16 38.35
N ILE C 524 10.85 -22.14 38.16
CA ILE C 524 9.92 -21.71 39.20
C ILE C 524 9.67 -22.87 40.14
N SER C 525 9.79 -22.62 41.44
CA SER C 525 9.77 -23.65 42.46
C SER C 525 8.49 -23.55 43.30
N ILE C 526 8.33 -24.55 44.16
CA ILE C 526 7.19 -24.64 45.08
C ILE C 526 7.74 -24.77 46.50
N MET C 527 7.31 -23.86 47.38
CA MET C 527 7.71 -23.88 48.78
C MET C 527 6.52 -24.28 49.64
N ILE C 528 6.72 -25.27 50.50
CA ILE C 528 5.70 -25.72 51.44
C ILE C 528 6.24 -25.58 52.86
N LYS C 529 5.41 -25.96 53.82
CA LYS C 529 5.73 -25.81 55.23
C LYS C 529 6.58 -26.94 55.79
N LYS C 530 6.83 -27.99 55.00
CA LYS C 530 7.61 -29.19 55.33
C LYS C 530 7.15 -29.84 56.64
N PRO C 531 6.00 -30.53 56.65
CA PRO C 531 5.49 -31.09 57.90
C PRO C 531 6.32 -32.29 58.35
N GLN C 532 6.60 -32.34 59.65
CA GLN C 532 7.38 -33.41 60.23
C GLN C 532 6.47 -34.49 60.80
N LYS C 533 7.09 -35.58 61.27
CA LYS C 533 6.35 -36.69 61.86
C LYS C 533 6.26 -36.49 63.39
N SER C 534 5.47 -35.49 63.77
CA SER C 534 5.28 -35.14 65.17
C SER C 534 4.23 -36.08 65.78
N LYS C 535 4.67 -37.29 66.10
CA LYS C 535 3.79 -38.30 66.66
C LYS C 535 4.03 -38.42 68.16
N PRO C 536 3.10 -38.00 69.00
CA PRO C 536 3.28 -38.17 70.45
C PRO C 536 3.03 -39.59 70.92
N GLY C 537 3.10 -39.81 72.23
CA GLY C 537 3.09 -41.14 72.80
C GLY C 537 1.76 -41.58 73.37
N VAL C 538 1.61 -41.42 74.69
CA VAL C 538 0.42 -41.88 75.40
C VAL C 538 -0.83 -41.14 74.94
N PHE C 539 -0.67 -39.88 74.51
CA PHE C 539 -1.79 -39.07 74.03
C PHE C 539 -2.38 -39.61 72.72
N SER C 540 -1.60 -40.34 71.93
CA SER C 540 -2.11 -40.90 70.68
C SER C 540 -2.80 -42.25 70.88
N PHE C 541 -2.70 -42.84 72.07
CA PHE C 541 -3.36 -44.11 72.32
C PHE C 541 -4.88 -43.94 72.43
N LEU C 542 -5.32 -42.89 73.13
CA LEU C 542 -6.73 -42.61 73.29
C LEU C 542 -7.32 -41.82 72.13
N ASP C 543 -6.65 -41.81 70.98
CA ASP C 543 -7.15 -41.12 69.79
C ASP C 543 -8.46 -41.69 69.24
N PRO C 544 -8.52 -42.96 68.75
CA PRO C 544 -9.49 -43.27 67.70
C PRO C 544 -10.95 -43.32 68.15
N LEU C 545 -11.23 -43.50 69.44
CA LEU C 545 -12.62 -43.42 69.85
C LEU C 545 -12.93 -42.02 70.37
N ALA C 546 -12.35 -41.69 71.53
CA ALA C 546 -12.55 -40.43 72.26
C ALA C 546 -11.67 -40.41 73.50
N TYR C 547 -11.73 -39.34 74.27
CA TYR C 547 -11.20 -39.32 75.63
C TYR C 547 -12.30 -39.27 76.67
N GLU C 548 -13.57 -39.41 76.27
CA GLU C 548 -14.69 -39.32 77.19
C GLU C 548 -15.66 -40.50 77.12
N ILE C 549 -15.64 -41.29 76.05
CA ILE C 549 -16.51 -42.47 75.98
C ILE C 549 -15.99 -43.56 76.91
N TRP C 550 -14.66 -43.60 77.10
CA TRP C 550 -14.02 -44.61 77.95
C TRP C 550 -14.48 -44.52 79.40
N MET C 551 -14.70 -43.30 79.90
CA MET C 551 -15.18 -43.14 81.28
C MET C 551 -16.59 -43.67 81.44
N CYS C 552 -17.46 -43.44 80.45
CA CYS C 552 -18.80 -43.99 80.48
C CYS C 552 -18.79 -45.52 80.36
N ILE C 553 -17.83 -46.06 79.60
CA ILE C 553 -17.70 -47.51 79.50
C ILE C 553 -17.25 -48.12 80.82
N VAL C 554 -16.32 -47.47 81.52
CA VAL C 554 -15.88 -47.96 82.83
C VAL C 554 -17.00 -47.80 83.86
N PHE C 555 -17.81 -46.76 83.74
CA PHE C 555 -18.94 -46.58 84.65
C PHE C 555 -20.00 -47.65 84.43
N ALA C 556 -20.27 -47.99 83.17
CA ALA C 556 -21.17 -49.10 82.89
C ALA C 556 -20.59 -50.44 83.33
N TYR C 557 -19.25 -50.57 83.26
CA TYR C 557 -18.56 -51.76 83.75
C TYR C 557 -18.78 -51.96 85.25
N ILE C 558 -18.53 -50.90 86.04
CA ILE C 558 -18.71 -51.04 87.48
C ILE C 558 -20.19 -51.14 87.84
N GLY C 559 -21.07 -50.55 87.02
CA GLY C 559 -22.50 -50.70 87.25
C GLY C 559 -22.98 -52.12 87.04
N VAL C 560 -22.50 -52.77 85.97
CA VAL C 560 -22.87 -54.15 85.70
C VAL C 560 -22.26 -55.08 86.76
N SER C 561 -21.08 -54.73 87.28
CA SER C 561 -20.52 -55.53 88.39
C SER C 561 -21.35 -55.37 89.66
N VAL C 562 -21.88 -54.16 89.90
CA VAL C 562 -22.81 -53.95 91.01
C VAL C 562 -24.08 -54.76 90.81
N VAL C 563 -24.57 -54.83 89.56
CA VAL C 563 -25.75 -55.65 89.24
C VAL C 563 -25.47 -57.13 89.52
N LEU C 564 -24.28 -57.60 89.14
CA LEU C 564 -23.94 -59.01 89.35
C LEU C 564 -23.80 -59.35 90.82
N PHE C 565 -23.15 -58.48 91.60
CA PHE C 565 -23.01 -58.72 93.03
C PHE C 565 -24.35 -58.53 93.76
N LEU C 566 -25.25 -57.72 93.20
CA LEU C 566 -26.60 -57.61 93.73
C LEU C 566 -27.37 -58.90 93.55
N VAL C 567 -27.54 -59.32 92.29
CA VAL C 567 -28.47 -60.40 91.99
C VAL C 567 -27.88 -61.76 92.37
N SER C 568 -26.55 -61.91 92.30
CA SER C 568 -25.92 -63.17 92.68
C SER C 568 -26.01 -63.42 94.18
N ARG C 569 -26.06 -62.36 94.99
CA ARG C 569 -26.22 -62.49 96.43
C ARG C 569 -27.67 -62.38 96.87
N PHE C 570 -28.61 -62.25 95.94
CA PHE C 570 -30.02 -62.07 96.27
C PHE C 570 -30.87 -63.28 95.96
N SER C 571 -30.48 -64.09 94.97
CA SER C 571 -31.20 -65.32 94.64
C SER C 571 -30.95 -66.39 95.68
N PRO C 594 -22.64 -68.98 96.83
CA PRO C 594 -22.54 -69.17 95.39
C PRO C 594 -21.10 -69.02 94.91
N ASN C 595 -20.88 -69.25 93.61
CA ASN C 595 -19.55 -69.09 93.05
C ASN C 595 -19.21 -67.61 92.86
N GLU C 596 -20.22 -66.77 92.60
CA GLU C 596 -20.04 -65.33 92.54
C GLU C 596 -20.50 -64.64 93.82
N PHE C 597 -20.24 -65.27 94.98
CA PHE C 597 -20.70 -64.73 96.26
C PHE C 597 -19.95 -63.47 96.65
N GLY C 598 -18.71 -63.31 96.21
CA GLY C 598 -17.90 -62.18 96.57
C GLY C 598 -17.98 -61.03 95.57
N ILE C 599 -17.55 -59.85 96.03
CA ILE C 599 -17.51 -58.69 95.16
C ILE C 599 -16.40 -58.82 94.12
N PHE C 600 -15.29 -59.48 94.48
CA PHE C 600 -14.21 -59.66 93.52
C PHE C 600 -14.58 -60.70 92.46
N ASN C 601 -15.37 -61.72 92.84
CA ASN C 601 -15.83 -62.70 91.85
C ASN C 601 -16.75 -62.06 90.83
N SER C 602 -17.65 -61.19 91.30
CA SER C 602 -18.56 -60.49 90.40
C SER C 602 -17.81 -59.51 89.50
N LEU C 603 -16.84 -58.78 90.07
CA LEU C 603 -16.05 -57.84 89.29
C LEU C 603 -15.16 -58.55 88.29
N TRP C 604 -14.64 -59.73 88.65
CA TRP C 604 -13.77 -60.48 87.76
C TRP C 604 -14.56 -61.13 86.64
N PHE C 605 -15.78 -61.59 86.92
CA PHE C 605 -16.63 -62.08 85.84
C PHE C 605 -17.11 -60.94 84.94
N SER C 606 -17.31 -59.75 85.51
CA SER C 606 -17.65 -58.59 84.67
C SER C 606 -16.48 -58.19 83.79
N LEU C 607 -15.25 -58.33 84.29
CA LEU C 607 -14.07 -58.04 83.48
C LEU C 607 -13.87 -59.10 82.41
N GLY C 608 -14.16 -60.37 82.72
CA GLY C 608 -14.12 -61.41 81.73
C GLY C 608 -15.20 -61.26 80.67
N ALA C 609 -16.36 -60.73 81.05
CA ALA C 609 -17.41 -60.47 80.08
C ALA C 609 -17.12 -59.24 79.24
N PHE C 610 -16.35 -58.29 79.79
CA PHE C 610 -16.00 -57.11 79.01
C PHE C 610 -14.98 -57.41 77.93
N MET C 611 -14.06 -58.33 78.20
CA MET C 611 -13.11 -58.72 77.16
C MET C 611 -13.65 -59.97 76.47
N GLN C 612 -12.89 -60.50 75.51
CA GLN C 612 -13.32 -61.65 74.72
C GLN C 612 -13.15 -62.97 75.46
N GLN C 613 -11.95 -63.22 75.98
CA GLN C 613 -11.57 -64.54 76.44
C GLN C 613 -12.05 -64.81 77.86
N GLY C 614 -11.46 -65.85 78.46
CA GLY C 614 -11.69 -66.19 79.84
C GLY C 614 -11.52 -67.67 80.11
N ASP C 616 -13.80 -68.66 82.21
CA ASP C 616 -13.31 -68.83 83.57
C ASP C 616 -14.35 -69.53 84.44
N ILE C 617 -15.29 -68.75 84.97
CA ILE C 617 -16.36 -69.27 85.82
C ILE C 617 -17.69 -68.91 85.18
N SER C 618 -18.42 -69.93 84.73
CA SER C 618 -19.70 -69.72 84.08
C SER C 618 -20.82 -69.84 85.09
N PRO C 619 -21.68 -68.83 85.25
CA PRO C 619 -22.82 -68.95 86.16
C PRO C 619 -23.89 -69.87 85.60
N ARG C 620 -24.87 -70.17 86.45
CA ARG C 620 -25.95 -71.08 86.09
C ARG C 620 -27.33 -70.43 86.16
N SER C 621 -27.40 -69.20 86.66
CA SER C 621 -28.69 -68.55 86.85
C SER C 621 -29.23 -67.98 85.53
N LEU C 622 -30.55 -67.81 85.48
CA LEU C 622 -31.18 -67.11 84.36
C LEU C 622 -30.76 -65.64 84.34
N SER C 623 -30.76 -65.00 85.51
CA SER C 623 -30.52 -63.58 85.61
C SER C 623 -29.07 -63.23 85.29
N GLY C 624 -28.12 -64.00 85.82
CA GLY C 624 -26.72 -63.76 85.51
C GLY C 624 -26.40 -64.00 84.06
N ARG C 625 -27.03 -65.01 83.46
CA ARG C 625 -26.82 -65.29 82.04
C ARG C 625 -27.39 -64.18 81.17
N ILE C 626 -28.55 -63.64 81.54
CA ILE C 626 -29.11 -62.58 80.68
C ILE C 626 -28.38 -61.25 80.91
N VAL C 627 -27.85 -61.01 82.11
CA VAL C 627 -27.01 -59.82 82.32
C VAL C 627 -25.71 -59.93 81.52
N GLY C 628 -25.13 -61.14 81.48
CA GLY C 628 -23.97 -61.36 80.63
C GLY C 628 -24.27 -61.20 79.16
N GLY C 629 -25.44 -61.69 78.71
CA GLY C 629 -25.82 -61.53 77.32
C GLY C 629 -26.10 -60.10 76.92
N VAL C 630 -26.57 -59.28 77.87
CA VAL C 630 -26.74 -57.86 77.58
C VAL C 630 -25.39 -57.15 77.54
N TRP C 631 -24.56 -57.34 78.57
CA TRP C 631 -23.28 -56.66 78.69
C TRP C 631 -22.23 -57.11 77.68
N TRP C 632 -22.38 -58.29 77.11
CA TRP C 632 -21.31 -58.99 76.42
C TRP C 632 -21.34 -58.82 74.91
N PHE C 633 -22.50 -58.90 74.28
CA PHE C 633 -22.64 -58.51 72.88
C PHE C 633 -22.39 -57.01 72.70
N PHE C 634 -22.79 -56.22 73.70
CA PHE C 634 -22.46 -54.81 73.86
C PHE C 634 -20.98 -54.52 73.62
N THR C 635 -20.12 -55.07 74.48
CA THR C 635 -18.69 -54.83 74.35
C THR C 635 -18.08 -55.56 73.17
N LEU C 636 -18.70 -56.65 72.69
CA LEU C 636 -18.31 -57.25 71.41
C LEU C 636 -18.39 -56.25 70.26
N ILE C 637 -19.56 -55.61 70.13
CA ILE C 637 -19.76 -54.62 69.07
C ILE C 637 -18.86 -53.41 69.28
N ILE C 638 -18.62 -53.03 70.55
CA ILE C 638 -17.79 -51.85 70.82
C ILE C 638 -16.34 -52.10 70.45
N ILE C 639 -15.77 -53.26 70.83
CA ILE C 639 -14.36 -53.47 70.47
C ILE C 639 -14.20 -53.83 69.01
N SER C 640 -15.24 -54.39 68.36
CA SER C 640 -15.21 -54.53 66.91
C SER C 640 -15.21 -53.16 66.24
N SER C 641 -15.98 -52.22 66.80
CA SER C 641 -15.98 -50.85 66.31
C SER C 641 -14.65 -50.17 66.54
N TYR C 642 -13.98 -50.49 67.65
CA TYR C 642 -12.64 -49.97 67.92
C TYR C 642 -11.64 -50.48 66.89
N THR C 643 -11.73 -51.77 66.55
CA THR C 643 -10.87 -52.36 65.54
C THR C 643 -11.10 -51.73 64.17
N ALA C 644 -12.37 -51.57 63.78
CA ALA C 644 -12.71 -50.96 62.51
C ALA C 644 -12.31 -49.50 62.47
N ASN C 645 -12.41 -48.80 63.59
CA ASN C 645 -12.09 -47.38 63.64
C ASN C 645 -10.58 -47.15 63.55
N LEU C 646 -9.81 -47.99 64.23
CA LEU C 646 -8.35 -47.88 64.12
C LEU C 646 -7.88 -48.29 62.74
N ALA C 647 -8.58 -49.26 62.11
CA ALA C 647 -8.29 -49.60 60.73
C ALA C 647 -8.59 -48.45 59.79
N ALA C 648 -9.67 -47.72 60.05
CA ALA C 648 -10.00 -46.55 59.24
C ALA C 648 -8.97 -45.44 59.43
N PHE C 649 -8.49 -45.25 60.66
CA PHE C 649 -7.49 -44.22 60.91
C PHE C 649 -6.16 -44.56 60.25
N LEU C 650 -5.75 -45.84 60.30
CA LEU C 650 -4.53 -46.23 59.61
C LEU C 650 -4.70 -46.23 58.09
N THR C 651 -5.94 -46.40 57.60
CA THR C 651 -6.20 -46.24 56.18
C THR C 651 -6.05 -44.78 55.76
N VAL C 652 -6.50 -43.86 56.61
CA VAL C 652 -6.26 -42.44 56.38
C VAL C 652 -4.76 -42.13 56.45
N GLU C 653 -4.02 -42.86 57.30
CA GLU C 653 -2.59 -42.61 57.48
C GLU C 653 -1.77 -42.91 56.22
N ARG C 654 -2.22 -43.83 55.37
CA ARG C 654 -1.53 -44.11 54.12
C ARG C 654 -2.20 -43.47 52.91
N MET C 655 -2.96 -42.40 53.10
CA MET C 655 -3.62 -41.74 51.98
C MET C 655 -2.68 -40.80 51.23
N VAL C 656 -3.28 -39.91 50.43
CA VAL C 656 -2.69 -39.07 49.39
C VAL C 656 -1.39 -38.39 49.80
N SER C 657 -0.35 -38.56 48.98
CA SER C 657 0.96 -37.96 49.19
C SER C 657 0.86 -36.44 49.11
N PRO C 658 1.85 -35.72 49.71
CA PRO C 658 1.87 -34.26 49.57
C PRO C 658 2.09 -33.75 48.15
N ILE C 659 2.05 -32.43 48.00
CA ILE C 659 2.01 -31.80 46.69
C ILE C 659 3.36 -31.94 46.00
N GLU C 660 3.34 -32.43 44.76
CA GLU C 660 4.56 -32.62 43.98
C GLU C 660 4.50 -32.02 42.59
N SER C 661 3.38 -31.40 42.21
CA SER C 661 3.25 -30.81 40.88
C SER C 661 2.27 -29.65 40.95
N ALA C 662 2.26 -28.85 39.88
CA ALA C 662 1.33 -27.74 39.79
C ALA C 662 -0.10 -28.21 39.54
N GLU C 663 -0.25 -29.37 38.89
CA GLU C 663 -1.56 -29.97 38.73
C GLU C 663 -2.13 -30.44 40.06
N ASP C 664 -1.25 -30.79 41.02
CA ASP C 664 -1.72 -31.06 42.38
C ASP C 664 -2.22 -29.79 43.06
N LEU C 665 -1.62 -28.65 42.73
CA LEU C 665 -2.12 -27.37 43.26
C LEU C 665 -3.45 -27.01 42.63
N ALA C 666 -3.61 -27.29 41.33
CA ALA C 666 -4.87 -27.01 40.66
C ALA C 666 -5.97 -27.98 41.07
N LYS C 667 -5.61 -29.17 41.56
CA LYS C 667 -6.60 -30.16 41.94
C LYS C 667 -7.20 -29.90 43.32
N GLN C 668 -6.62 -29.01 44.12
CA GLN C 668 -7.13 -28.73 45.45
C GLN C 668 -7.48 -27.26 45.58
N THR C 669 -8.17 -26.96 46.69
CA THR C 669 -8.50 -25.58 47.03
C THR C 669 -8.32 -25.27 48.51
N GLU C 670 -7.94 -26.25 49.32
CA GLU C 670 -7.83 -26.02 50.76
C GLU C 670 -6.55 -25.26 51.11
N ILE C 671 -5.45 -25.58 50.44
CA ILE C 671 -4.16 -24.95 50.71
C ILE C 671 -3.96 -23.85 49.67
N ALA C 672 -4.00 -22.61 50.12
CA ALA C 672 -3.81 -21.48 49.22
C ALA C 672 -2.32 -21.24 48.98
N TYR C 673 -2.02 -20.38 48.02
CA TYR C 673 -0.64 -20.12 47.62
C TYR C 673 -0.58 -18.75 46.96
N GLY C 674 0.63 -18.19 46.94
CA GLY C 674 0.82 -16.87 46.37
C GLY C 674 2.22 -16.70 45.82
N THR C 675 2.43 -15.58 45.13
CA THR C 675 3.71 -15.19 44.57
C THR C 675 4.07 -13.79 45.08
N LEU C 676 5.13 -13.22 44.52
CA LEU C 676 5.48 -11.84 44.81
C LEU C 676 4.56 -10.90 44.05
N ASP C 677 4.30 -9.73 44.64
CA ASP C 677 3.33 -8.79 44.08
C ASP C 677 3.81 -8.14 42.77
N SER C 678 5.11 -8.11 42.51
CA SER C 678 5.63 -7.48 41.31
C SER C 678 6.83 -8.25 40.80
N GLY C 679 6.94 -8.36 39.48
CA GLY C 679 8.08 -9.03 38.88
C GLY C 679 7.70 -9.90 37.69
N SER C 680 8.69 -10.48 37.03
CA SER C 680 8.45 -11.36 35.89
C SER C 680 7.89 -12.71 36.31
N THR C 681 7.98 -13.06 37.60
CA THR C 681 7.36 -14.30 38.08
C THR C 681 5.83 -14.20 37.99
N LYS C 682 5.27 -13.09 38.44
CA LYS C 682 3.83 -12.87 38.27
C LYS C 682 3.47 -12.60 36.83
N GLU C 683 4.40 -12.02 36.06
CA GLU C 683 4.15 -11.76 34.64
C GLU C 683 4.17 -13.05 33.83
N PHE C 684 4.80 -14.11 34.36
CA PHE C 684 4.73 -15.42 33.72
C PHE C 684 3.32 -15.97 33.77
N PHE C 685 2.67 -15.91 34.94
CA PHE C 685 1.30 -16.38 35.05
C PHE C 685 0.32 -15.42 34.38
N ARG C 686 0.65 -14.13 34.36
CA ARG C 686 -0.22 -13.15 33.71
C ARG C 686 -0.21 -13.31 32.19
N ARG C 687 0.95 -13.58 31.61
CA ARG C 687 1.07 -13.79 30.17
C ARG C 687 1.08 -15.26 29.79
N SER C 688 0.55 -16.14 30.62
CA SER C 688 0.54 -17.56 30.33
C SER C 688 -0.52 -17.92 29.32
N LYS C 689 -0.30 -19.04 28.62
CA LYS C 689 -1.27 -19.58 27.67
C LYS C 689 -1.75 -20.97 28.07
N ILE C 690 -1.08 -21.64 29.01
CA ILE C 690 -1.50 -22.97 29.44
C ILE C 690 -2.63 -22.82 30.45
N ALA C 691 -3.72 -23.56 30.23
CA ALA C 691 -4.97 -23.35 30.96
C ALA C 691 -4.86 -23.69 32.44
N VAL C 692 -3.93 -24.57 32.80
CA VAL C 692 -3.69 -24.86 34.22
C VAL C 692 -3.07 -23.64 34.90
N TYR C 693 -2.04 -23.07 34.28
CA TYR C 693 -1.43 -21.86 34.81
C TYR C 693 -2.36 -20.66 34.67
N GLU C 694 -3.25 -20.69 33.68
CA GLU C 694 -4.30 -19.67 33.58
C GLU C 694 -5.27 -19.75 34.74
N LYS C 695 -5.62 -20.97 35.16
CA LYS C 695 -6.45 -21.13 36.35
C LYS C 695 -5.71 -20.71 37.61
N MET C 696 -4.39 -20.94 37.64
CA MET C 696 -3.58 -20.48 38.76
C MET C 696 -3.57 -18.96 38.86
N TRP C 697 -3.39 -18.28 37.72
CA TRP C 697 -3.44 -16.81 37.70
C TRP C 697 -4.84 -16.29 37.97
N SER C 698 -5.87 -17.06 37.59
CA SER C 698 -7.24 -16.68 37.93
C SER C 698 -7.48 -16.74 39.43
N TYR C 699 -6.94 -17.77 40.09
CA TYR C 699 -7.06 -17.87 41.53
C TYR C 699 -6.23 -16.80 42.25
N MET C 700 -5.04 -16.49 41.73
CA MET C 700 -4.21 -15.48 42.35
C MET C 700 -4.73 -14.07 42.12
N LYS C 701 -5.43 -13.84 41.01
CA LYS C 701 -5.93 -12.50 40.71
C LYS C 701 -7.27 -12.22 41.37
N SER C 702 -8.01 -13.25 41.76
CA SER C 702 -9.34 -13.09 42.36
C SER C 702 -9.38 -13.60 43.79
N ALA C 703 -8.25 -13.65 44.48
CA ALA C 703 -8.19 -14.20 45.82
C ALA C 703 -8.71 -13.19 46.85
N GLU C 704 -9.23 -13.73 47.95
CA GLU C 704 -9.75 -12.92 49.06
C GLU C 704 -9.21 -13.49 50.37
N PRO C 705 -8.28 -12.82 51.04
CA PRO C 705 -7.63 -11.55 50.66
C PRO C 705 -6.50 -11.74 49.67
N SER C 706 -5.63 -10.74 49.55
CA SER C 706 -4.54 -10.79 48.59
C SER C 706 -3.46 -11.78 49.03
N VAL C 707 -3.08 -12.68 48.13
CA VAL C 707 -2.02 -13.65 48.41
C VAL C 707 -0.64 -13.11 48.13
N PHE C 708 -0.53 -11.88 47.64
CA PHE C 708 0.75 -11.33 47.24
C PHE C 708 1.42 -10.65 48.43
N THR C 709 2.73 -10.86 48.56
CA THR C 709 3.51 -10.28 49.64
C THR C 709 4.42 -9.19 49.11
N LYS C 710 4.85 -8.30 50.00
CA LYS C 710 5.74 -7.22 49.63
C LYS C 710 7.17 -7.72 49.41
N THR C 711 7.68 -8.49 50.35
CA THR C 711 9.04 -9.01 50.29
C THR C 711 9.03 -10.53 50.25
N THR C 712 10.22 -11.09 50.01
CA THR C 712 10.38 -12.54 50.01
C THR C 712 10.29 -13.09 51.43
N ALA C 713 10.89 -12.39 52.39
CA ALA C 713 10.81 -12.79 53.79
C ALA C 713 9.40 -12.68 54.35
N ASP C 714 8.58 -11.81 53.77
CA ASP C 714 7.16 -11.81 54.08
C ASP C 714 6.50 -13.12 53.66
N GLY C 715 6.88 -13.64 52.49
CA GLY C 715 6.41 -14.96 52.10
C GLY C 715 6.95 -16.07 52.97
N VAL C 716 8.19 -15.92 53.45
CA VAL C 716 8.78 -16.90 54.36
C VAL C 716 8.00 -16.94 55.67
N ALA C 717 7.67 -15.77 56.21
CA ALA C 717 6.87 -15.70 57.44
C ALA C 717 5.44 -16.14 57.20
N ARG C 718 4.92 -15.97 55.98
CA ARG C 718 3.57 -16.44 55.67
C ARG C 718 3.52 -17.95 55.59
N VAL C 719 4.58 -18.57 55.07
CA VAL C 719 4.62 -20.03 54.98
C VAL C 719 4.88 -20.64 56.35
N ARG C 720 5.85 -20.11 57.08
CA ARG C 720 6.26 -20.70 58.36
C ARG C 720 5.23 -20.53 59.47
N LYS C 721 4.26 -19.63 59.31
CA LYS C 721 3.19 -19.47 60.27
C LYS C 721 1.87 -20.05 59.80
N SER C 722 1.91 -21.02 58.88
CA SER C 722 0.71 -21.56 58.27
C SER C 722 0.37 -22.97 58.74
N LYS C 723 1.35 -23.72 59.25
CA LYS C 723 1.22 -25.12 59.67
C LYS C 723 0.69 -26.01 58.54
N GLY C 724 1.17 -25.76 57.33
CA GLY C 724 0.77 -26.56 56.19
C GLY C 724 -0.48 -26.10 55.49
N LYS C 725 -0.82 -24.82 55.56
CA LYS C 725 -2.05 -24.31 54.97
C LYS C 725 -1.80 -23.32 53.83
N PHE C 726 -0.56 -22.86 53.66
CA PHE C 726 -0.26 -21.87 52.63
C PHE C 726 1.09 -22.20 52.01
N ALA C 727 1.21 -21.95 50.71
CA ALA C 727 2.42 -22.17 49.95
C ALA C 727 2.90 -20.88 49.31
N PHE C 728 4.09 -20.94 48.72
CA PHE C 728 4.68 -19.80 48.03
C PHE C 728 5.45 -20.29 46.82
N LEU C 729 5.39 -19.51 45.74
CA LEU C 729 6.04 -19.83 44.48
C LEU C 729 7.19 -18.85 44.26
N LEU C 730 8.35 -19.39 43.88
CA LEU C 730 9.56 -18.59 43.74
C LEU C 730 10.54 -19.34 42.83
N GLU C 731 11.74 -18.79 42.70
CA GLU C 731 12.79 -19.44 41.94
C GLU C 731 13.34 -20.65 42.68
N SER C 732 14.00 -21.54 41.95
CA SER C 732 14.48 -22.78 42.54
C SER C 732 15.72 -22.56 43.40
N THR C 733 16.61 -21.66 42.97
CA THR C 733 17.84 -21.41 43.72
C THR C 733 17.56 -20.74 45.04
N MET C 734 16.65 -19.76 45.06
CA MET C 734 16.27 -19.09 46.29
C MET C 734 15.54 -20.04 47.23
N ASN C 735 14.70 -20.92 46.68
CA ASN C 735 13.99 -21.91 47.49
C ASN C 735 14.96 -22.90 48.12
N GLU C 736 15.94 -23.37 47.35
CA GLU C 736 16.91 -24.31 47.91
C GLU C 736 17.85 -23.64 48.90
N TYR C 737 18.17 -22.36 48.70
CA TYR C 737 19.00 -21.65 49.66
C TYR C 737 18.26 -21.44 50.97
N ILE C 738 16.99 -21.04 50.90
CA ILE C 738 16.19 -20.92 52.12
C ILE C 738 15.92 -22.29 52.75
N GLU C 739 15.91 -23.35 51.94
CA GLU C 739 15.84 -24.70 52.48
C GLU C 739 17.09 -25.07 53.23
N GLN C 740 18.25 -24.55 52.82
CA GLN C 740 19.51 -24.83 53.50
C GLN C 740 19.85 -23.79 54.58
N ARG C 741 18.84 -23.16 55.17
CA ARG C 741 19.04 -22.23 56.27
C ARG C 741 18.18 -22.64 57.47
N LYS C 742 18.59 -22.15 58.64
CA LYS C 742 17.84 -22.40 59.86
C LYS C 742 16.48 -21.70 59.81
N PRO C 743 15.45 -22.26 60.47
CA PRO C 743 15.34 -23.47 61.29
C PRO C 743 15.18 -24.78 60.51
N CYS C 744 15.56 -24.81 59.23
CA CYS C 744 15.50 -26.00 58.37
C CYS C 744 14.09 -26.55 58.26
N ASP C 745 13.12 -25.65 58.16
CA ASP C 745 11.70 -26.00 58.25
C ASP C 745 10.98 -25.93 56.90
N THR C 746 11.73 -25.87 55.80
CA THR C 746 11.15 -25.83 54.47
C THR C 746 11.77 -26.91 53.61
N MET C 747 11.13 -27.17 52.47
CA MET C 747 11.65 -28.12 51.50
C MET C 747 11.13 -27.73 50.11
N LYS C 748 11.89 -28.12 49.09
CA LYS C 748 11.55 -27.81 47.71
C LYS C 748 10.99 -29.07 47.03
N VAL C 749 9.80 -28.95 46.47
CA VAL C 749 9.14 -30.07 45.80
C VAL C 749 8.88 -29.70 44.34
N GLY C 750 8.72 -30.72 43.52
CA GLY C 750 8.41 -30.55 42.11
C GLY C 750 9.61 -30.18 41.28
N GLY C 751 9.46 -30.35 39.97
CA GLY C 751 10.47 -29.95 39.02
C GLY C 751 10.36 -28.48 38.67
N ASN C 752 11.28 -28.03 37.82
CA ASN C 752 11.27 -26.65 37.36
C ASN C 752 10.12 -26.42 36.39
N LEU C 753 9.48 -25.26 36.51
CA LEU C 753 8.31 -24.97 35.69
C LEU C 753 8.65 -24.28 34.38
N ASP C 754 9.78 -23.58 34.32
CA ASP C 754 10.21 -22.93 33.09
C ASP C 754 11.72 -23.02 32.97
N SER C 755 12.24 -22.59 31.82
CA SER C 755 13.67 -22.64 31.52
C SER C 755 14.25 -21.25 31.73
N LYS C 756 14.58 -20.93 32.98
CA LYS C 756 15.22 -19.67 33.34
C LYS C 756 16.71 -19.89 33.55
N GLY C 757 17.48 -18.83 33.40
CA GLY C 757 18.92 -18.91 33.54
C GLY C 757 19.60 -17.57 33.65
N TYR C 758 20.65 -17.49 34.46
CA TYR C 758 21.40 -16.26 34.61
C TYR C 758 22.70 -16.33 33.81
N GLY C 759 23.15 -15.18 33.31
CA GLY C 759 24.38 -15.12 32.54
C GLY C 759 25.18 -13.88 32.89
N VAL C 760 26.37 -13.80 32.30
CA VAL C 760 27.24 -12.65 32.51
C VAL C 760 26.81 -11.54 31.57
N ALA C 761 26.61 -10.35 32.13
CA ALA C 761 26.12 -9.20 31.37
C ALA C 761 27.30 -8.40 30.82
N THR C 762 27.23 -8.06 29.54
CA THR C 762 28.21 -7.26 28.85
C THR C 762 27.51 -6.32 27.87
N PRO C 763 28.08 -5.14 27.63
CA PRO C 763 27.46 -4.24 26.65
C PRO C 763 27.55 -4.77 25.23
N LYS C 764 26.67 -4.25 24.38
CA LYS C 764 26.61 -4.69 22.98
C LYS C 764 27.83 -4.19 22.22
N GLY C 765 28.42 -5.08 21.42
CA GLY C 765 29.61 -4.72 20.68
C GLY C 765 30.87 -4.65 21.50
N SER C 766 30.94 -5.38 22.60
CA SER C 766 32.12 -5.39 23.45
C SER C 766 33.14 -6.39 22.93
N ALA C 767 34.42 -6.01 23.04
CA ALA C 767 35.49 -6.86 22.56
C ALA C 767 35.81 -8.02 23.50
N LEU C 768 35.51 -7.87 24.79
CA LEU C 768 35.86 -8.89 25.77
C LEU C 768 34.78 -9.95 25.92
N GLY C 769 33.66 -9.82 25.21
CA GLY C 769 32.51 -10.68 25.42
C GLY C 769 32.78 -12.11 25.00
N THR C 770 33.50 -12.30 23.89
CA THR C 770 33.85 -13.63 23.43
C THR C 770 34.88 -14.32 24.34
N PRO C 771 35.97 -13.67 24.83
CA PRO C 771 36.79 -14.38 25.84
C PRO C 771 36.09 -14.59 27.17
N VAL C 772 35.18 -13.70 27.57
CA VAL C 772 34.38 -13.95 28.77
C VAL C 772 33.49 -15.17 28.59
N ASN C 773 32.89 -15.33 27.41
CA ASN C 773 32.03 -16.49 27.16
C ASN C 773 32.87 -17.77 27.07
N LEU C 774 34.08 -17.68 26.52
CA LEU C 774 34.99 -18.83 26.51
C LEU C 774 35.39 -19.21 27.92
N ALA C 775 35.62 -18.24 28.80
CA ALA C 775 35.95 -18.53 30.18
C ALA C 775 34.77 -19.14 30.93
N VAL C 776 33.55 -18.68 30.62
CA VAL C 776 32.35 -19.26 31.23
C VAL C 776 32.17 -20.70 30.79
N LEU C 777 32.38 -20.99 29.50
CA LEU C 777 32.28 -22.37 29.02
C LEU C 777 33.40 -23.25 29.59
N LYS C 778 34.58 -22.69 29.80
CA LYS C 778 35.68 -23.44 30.41
C LYS C 778 35.39 -23.75 31.87
N LEU C 779 34.80 -22.80 32.60
CA LEU C 779 34.43 -23.05 33.99
C LEU C 779 33.24 -24.01 34.09
N SER C 780 32.36 -24.01 33.10
CA SER C 780 31.23 -24.93 33.12
C SER C 780 31.66 -26.35 32.80
N GLU C 781 32.55 -26.54 31.83
CA GLU C 781 33.01 -27.89 31.51
C GLU C 781 33.93 -28.46 32.58
N GLN C 782 34.65 -27.59 33.30
CA GLN C 782 35.49 -28.06 34.40
C GLN C 782 34.68 -28.45 35.63
N GLY C 783 33.42 -28.04 35.72
CA GLY C 783 32.61 -28.38 36.86
C GLY C 783 32.90 -27.57 38.10
N ILE C 784 33.68 -26.49 37.97
CA ILE C 784 34.01 -25.66 39.12
C ILE C 784 32.80 -24.84 39.58
N LEU C 785 31.85 -24.59 38.67
CA LEU C 785 30.59 -23.98 39.04
C LEU C 785 29.82 -24.88 40.00
N ASP C 786 29.81 -26.19 39.75
CA ASP C 786 29.16 -27.12 40.67
C ASP C 786 29.93 -27.24 41.97
N LYS C 787 31.25 -27.05 41.93
CA LYS C 787 32.04 -27.04 43.16
C LYS C 787 31.70 -25.85 44.03
N LEU C 788 31.60 -24.67 43.42
CA LEU C 788 31.18 -23.50 44.19
C LEU C 788 29.71 -23.58 44.61
N LYS C 789 28.89 -24.31 43.84
CA LYS C 789 27.51 -24.52 44.23
C LYS C 789 27.41 -25.42 45.45
N ASN C 790 28.23 -26.47 45.50
CA ASN C 790 28.29 -27.31 46.69
C ASN C 790 28.92 -26.59 47.86
N LYS C 791 29.81 -25.63 47.58
CA LYS C 791 30.44 -24.85 48.64
C LYS C 791 29.46 -23.88 49.29
N TRP C 792 28.70 -23.16 48.47
CA TRP C 792 27.92 -22.03 48.97
C TRP C 792 26.43 -22.34 49.18
N TRP C 793 25.94 -23.49 48.70
CA TRP C 793 24.59 -23.92 49.02
C TRP C 793 24.55 -25.12 49.97
N TYR C 794 25.47 -26.07 49.81
CA TYR C 794 25.43 -27.24 50.68
C TYR C 794 26.40 -27.12 51.85
N ASP C 795 27.64 -26.67 51.60
CA ASP C 795 28.62 -26.62 52.68
C ASP C 795 28.43 -25.40 53.56
N LYS C 796 28.07 -24.27 52.97
CA LYS C 796 27.89 -23.04 53.72
C LYS C 796 26.61 -23.07 54.56
N GLY C 797 25.62 -23.86 54.14
CA GLY C 797 24.31 -23.84 54.78
C GLY C 797 24.31 -24.42 56.18
N GLU C 798 23.23 -24.11 56.90
CA GLU C 798 23.08 -24.46 58.31
C GLU C 798 22.17 -25.66 58.51
N CYS C 799 21.94 -26.46 57.47
CA CYS C 799 21.09 -27.64 57.53
C CYS C 799 21.96 -28.86 57.24
N GLY C 800 21.49 -30.02 57.67
CA GLY C 800 22.15 -31.28 57.39
C GLY C 800 21.85 -31.79 56.00
N ALA C 801 22.05 -33.10 55.79
CA ALA C 801 21.69 -33.69 54.48
C ALA C 801 20.20 -33.70 54.23
N LYS C 802 19.78 -33.19 53.08
CA LYS C 802 18.37 -33.21 52.73
C LYS C 802 17.93 -34.67 52.75
N ASP C 803 17.85 -35.25 53.94
CA ASP C 803 17.48 -36.65 54.14
C ASP C 803 16.29 -37.12 53.31
N SER C 804 16.58 -37.66 52.13
CA SER C 804 15.59 -38.20 51.21
C SER C 804 14.37 -37.28 51.02
N GLY C 805 13.18 -37.89 51.04
CA GLY C 805 11.94 -37.14 50.87
C GLY C 805 11.24 -36.99 52.21
N SER C 806 11.55 -35.91 52.91
CA SER C 806 10.97 -35.60 54.22
C SER C 806 11.04 -36.80 55.17
N LYS C 807 12.25 -37.19 55.52
CA LYS C 807 12.46 -38.31 56.43
C LYS C 807 13.04 -39.53 55.74
N ASP C 808 12.26 -40.60 55.69
CA ASP C 808 12.70 -41.84 55.06
C ASP C 808 11.56 -42.52 54.32
N LYS C 809 10.88 -43.42 55.01
CA LYS C 809 9.76 -44.14 54.43
C LYS C 809 8.92 -44.75 55.55
N THR C 810 7.68 -44.30 55.66
CA THR C 810 6.77 -44.81 56.68
C THR C 810 6.69 -46.32 56.65
N SER C 811 7.85 -46.95 56.53
CA SER C 811 7.89 -48.41 56.48
C SER C 811 6.65 -49.02 57.13
N ALA C 812 6.39 -48.66 58.38
CA ALA C 812 5.28 -49.23 59.12
C ALA C 812 4.83 -48.22 60.19
N LEU C 813 4.00 -48.69 61.12
CA LEU C 813 3.50 -47.83 62.19
C LEU C 813 4.59 -47.55 63.22
N SER C 814 4.57 -46.35 63.77
CA SER C 814 5.55 -45.94 64.76
C SER C 814 5.36 -46.68 66.08
N LEU C 815 6.37 -46.59 66.92
CA LEU C 815 6.43 -47.33 68.17
C LEU C 815 5.83 -46.54 69.34
N SER C 816 5.34 -45.31 69.08
CA SER C 816 4.97 -44.41 70.15
C SER C 816 3.70 -44.87 70.88
N ASN C 817 2.71 -45.36 70.13
CA ASN C 817 1.55 -46.00 70.73
C ASN C 817 1.96 -47.23 71.52
N VAL C 818 2.87 -48.03 70.96
CA VAL C 818 3.36 -49.23 71.60
C VAL C 818 4.15 -48.87 72.86
N ALA C 819 4.92 -47.77 72.79
CA ALA C 819 5.68 -47.33 73.96
C ALA C 819 4.76 -46.82 75.07
N GLY C 820 3.66 -46.15 74.71
CA GLY C 820 2.72 -45.69 75.72
C GLY C 820 1.97 -46.83 76.39
N VAL C 821 1.60 -47.85 75.61
CA VAL C 821 0.90 -48.98 76.22
C VAL C 821 1.90 -49.84 77.02
N PHE C 822 3.16 -49.87 76.59
CA PHE C 822 4.24 -50.41 77.43
C PHE C 822 4.33 -49.67 78.76
N TYR C 823 4.22 -48.34 78.73
CA TYR C 823 4.33 -47.54 79.95
C TYR C 823 3.18 -47.83 80.90
N ILE C 824 1.94 -47.88 80.38
CA ILE C 824 0.81 -48.15 81.26
C ILE C 824 0.83 -49.61 81.74
N LEU C 825 1.41 -50.52 80.95
CA LEU C 825 1.52 -51.91 81.37
C LEU C 825 2.54 -52.07 82.49
N VAL C 826 3.69 -51.40 82.37
CA VAL C 826 4.71 -51.45 83.42
C VAL C 826 4.20 -50.76 84.69
N GLY C 827 3.43 -49.68 84.54
CA GLY C 827 2.85 -49.01 85.70
C GLY C 827 1.85 -49.88 86.44
N GLY C 828 0.94 -50.51 85.69
CA GLY C 828 0.01 -51.44 86.31
C GLY C 828 0.69 -52.67 86.89
N LEU C 829 1.79 -53.11 86.26
CA LEU C 829 2.55 -54.25 86.74
C LEU C 829 3.18 -53.95 88.09
N GLY C 830 3.86 -52.80 88.20
CA GLY C 830 4.44 -52.40 89.46
C GLY C 830 3.42 -52.11 90.55
N LEU C 831 2.27 -51.54 90.16
CA LEU C 831 1.22 -51.27 91.12
C LEU C 831 0.63 -52.57 91.68
N ALA C 832 0.32 -53.53 90.81
CA ALA C 832 -0.23 -54.79 91.26
C ALA C 832 0.81 -55.62 92.01
N MET C 833 2.09 -55.46 91.67
CA MET C 833 3.15 -56.15 92.41
C MET C 833 3.28 -55.62 93.83
N MET C 834 3.24 -54.30 94.00
CA MET C 834 3.33 -53.74 95.35
C MET C 834 2.05 -54.02 96.15
N VAL C 835 0.89 -54.05 95.50
CA VAL C 835 -0.35 -54.44 96.17
C VAL C 835 -0.29 -55.89 96.63
N ALA C 836 0.25 -56.78 95.78
CA ALA C 836 0.43 -58.19 96.15
C ALA C 836 1.39 -58.33 97.33
N LEU C 837 2.47 -57.54 97.33
CA LEU C 837 3.45 -57.60 98.40
C LEU C 837 2.84 -57.12 99.73
N ILE C 838 2.10 -56.02 99.71
CA ILE C 838 1.55 -55.51 100.97
C ILE C 838 0.40 -56.39 101.46
N GLU C 839 -0.37 -57.01 100.55
CA GLU C 839 -1.47 -57.85 101.04
C GLU C 839 -0.93 -59.19 101.54
N PHE C 840 0.20 -59.66 100.99
CA PHE C 840 0.82 -60.85 101.56
C PHE C 840 1.46 -60.54 102.91
N CYS C 841 2.01 -59.33 103.06
CA CYS C 841 2.54 -58.90 104.34
C CYS C 841 1.43 -58.81 105.40
N TYR C 842 0.27 -58.28 104.99
CA TYR C 842 -0.88 -58.18 105.88
C TYR C 842 -1.43 -59.55 106.25
N LYS C 843 -1.51 -60.45 105.28
CA LYS C 843 -2.00 -61.81 105.54
C LYS C 843 -1.03 -62.58 106.44
N SER C 844 0.27 -62.35 106.26
CA SER C 844 1.27 -63.00 107.09
C SER C 844 1.24 -62.46 108.51
N ARG C 845 1.03 -61.16 108.66
CA ARG C 845 0.91 -60.57 109.99
C ARG C 845 -0.38 -61.00 110.68
N ALA C 846 -1.42 -61.29 109.88
CA ALA C 846 -2.68 -61.76 110.45
C ALA C 846 -2.58 -63.21 110.88
N GLU C 847 -1.96 -64.05 110.04
CA GLU C 847 -1.95 -65.49 110.31
C GLU C 847 -0.88 -65.87 111.33
N SER C 848 0.28 -65.20 111.28
CA SER C 848 1.38 -65.56 112.17
C SER C 848 1.12 -65.07 113.59
N LYS C 849 0.42 -63.94 113.74
CA LYS C 849 0.09 -63.38 115.04
C LYS C 849 -1.35 -63.68 115.43
N ARG C 850 -1.99 -64.64 114.76
CA ARG C 850 -3.37 -65.09 114.99
C ARG C 850 -4.40 -63.95 114.92
N SER D 26 2.63 70.35 -4.89
CA SER D 26 3.16 69.25 -5.68
C SER D 26 4.29 68.53 -4.94
N ILE D 27 4.14 67.22 -4.77
CA ILE D 27 5.10 66.40 -4.04
C ILE D 27 5.83 65.53 -5.05
N GLN D 28 7.15 65.70 -5.13
CA GLN D 28 7.99 64.87 -5.99
C GLN D 28 8.50 63.69 -5.19
N ILE D 29 8.22 62.48 -5.67
CA ILE D 29 8.66 61.25 -5.03
C ILE D 29 9.53 60.47 -6.01
N GLY D 30 10.18 59.43 -5.51
CA GLY D 30 11.06 58.61 -6.31
C GLY D 30 10.48 57.22 -6.52
N GLY D 31 10.79 56.63 -7.67
CA GLY D 31 10.27 55.32 -8.01
C GLY D 31 11.29 54.40 -8.65
N LEU D 32 11.46 53.22 -8.06
CA LEU D 32 12.41 52.22 -8.54
C LEU D 32 11.65 50.96 -8.94
N PHE D 33 11.98 50.42 -10.11
CA PHE D 33 11.33 49.22 -10.63
C PHE D 33 12.35 48.39 -11.39
N PRO D 34 12.34 47.07 -11.21
CA PRO D 34 13.26 46.21 -11.96
C PRO D 34 12.88 46.10 -13.42
N ARG D 35 13.89 45.83 -14.24
CA ARG D 35 13.68 45.63 -15.67
C ARG D 35 12.99 44.29 -15.89
N GLY D 36 11.68 44.32 -16.10
CA GLY D 36 10.90 43.10 -16.26
C GLY D 36 9.63 43.12 -15.46
N ALA D 37 9.53 44.06 -14.53
CA ALA D 37 8.32 44.21 -13.69
C ALA D 37 7.35 45.11 -14.43
N ASP D 38 6.54 44.51 -15.29
CA ASP D 38 5.61 45.27 -16.13
C ASP D 38 4.22 45.35 -15.51
N GLN D 39 3.74 44.25 -14.93
CA GLN D 39 2.42 44.25 -14.30
C GLN D 39 2.39 45.13 -13.07
N GLU D 40 3.50 45.18 -12.33
CA GLU D 40 3.59 46.04 -11.15
C GLU D 40 3.56 47.51 -11.53
N TYR D 41 4.27 47.88 -12.61
CA TYR D 41 4.24 49.26 -13.07
C TYR D 41 2.90 49.62 -13.69
N SER D 42 2.21 48.65 -14.29
CA SER D 42 0.87 48.89 -14.82
C SER D 42 -0.12 49.16 -13.69
N ALA D 43 -0.06 48.34 -12.63
CA ALA D 43 -0.90 48.58 -11.47
C ALA D 43 -0.52 49.87 -10.75
N PHE D 44 0.75 50.25 -10.80
CA PHE D 44 1.18 51.54 -10.25
C PHE D 44 0.57 52.69 -11.03
N ARG D 45 0.51 52.58 -12.36
CA ARG D 45 -0.14 53.60 -13.18
C ARG D 45 -1.64 53.67 -12.89
N VAL D 46 -2.28 52.51 -12.73
CA VAL D 46 -3.71 52.47 -12.40
C VAL D 46 -3.97 53.10 -11.04
N GLY D 47 -3.10 52.85 -10.07
CA GLY D 47 -3.24 53.46 -8.75
C GLY D 47 -2.97 54.94 -8.74
N MET D 48 -2.06 55.41 -9.61
CA MET D 48 -1.80 56.84 -9.69
C MET D 48 -2.95 57.58 -10.37
N VAL D 49 -3.57 56.95 -11.37
CA VAL D 49 -4.73 57.59 -12.01
C VAL D 49 -5.94 57.55 -11.10
N GLN D 50 -6.15 56.44 -10.39
CA GLN D 50 -7.38 56.27 -9.61
C GLN D 50 -7.36 57.11 -8.33
N PHE D 51 -6.22 57.20 -7.67
CA PHE D 51 -6.12 57.90 -6.38
C PHE D 51 -5.58 59.31 -6.52
N SER D 52 -5.92 60.00 -7.60
CA SER D 52 -5.56 61.41 -7.71
C SER D 52 -6.49 62.24 -6.82
N THR D 53 -5.93 63.27 -6.19
CA THR D 53 -6.65 64.08 -5.23
C THR D 53 -6.87 65.49 -5.79
N SER D 54 -7.46 66.36 -4.98
CA SER D 54 -7.73 67.75 -5.33
C SER D 54 -6.83 68.73 -4.63
N GLU D 55 -6.24 68.36 -3.49
CA GLU D 55 -5.43 69.27 -2.71
C GLU D 55 -4.00 69.39 -3.21
N PHE D 56 -3.50 68.40 -3.95
CA PHE D 56 -2.10 68.35 -4.35
C PHE D 56 -1.99 67.40 -5.55
N ARG D 57 -0.74 67.07 -5.92
CA ARG D 57 -0.48 66.19 -7.04
C ARG D 57 0.89 65.56 -6.85
N LEU D 58 0.95 64.24 -6.93
CA LEU D 58 2.22 63.53 -6.80
C LEU D 58 3.00 63.60 -8.11
N THR D 59 4.31 63.39 -8.00
CA THR D 59 5.15 63.35 -9.19
C THR D 59 6.17 62.22 -9.04
N PRO D 60 5.88 61.03 -9.56
CA PRO D 60 6.84 59.93 -9.47
C PRO D 60 7.97 60.05 -10.48
N HIS D 61 9.19 59.88 -9.99
CA HIS D 61 10.37 59.84 -10.85
C HIS D 61 10.75 58.38 -11.05
N ILE D 62 10.37 57.82 -12.19
CA ILE D 62 10.50 56.40 -12.45
C ILE D 62 11.92 56.09 -12.91
N ASP D 63 12.56 55.12 -12.27
CA ASP D 63 13.88 54.64 -12.65
C ASP D 63 13.83 53.14 -12.83
N ASN D 64 14.04 52.68 -14.08
CA ASN D 64 13.99 51.27 -14.41
C ASN D 64 15.41 50.74 -14.50
N LEU D 65 15.95 50.35 -13.34
CA LEU D 65 17.30 49.82 -13.24
C LEU D 65 17.25 48.43 -12.62
N GLU D 66 18.44 47.85 -12.43
CA GLU D 66 18.54 46.52 -11.84
C GLU D 66 18.27 46.59 -10.33
N VAL D 67 18.10 45.41 -9.73
CA VAL D 67 17.82 45.32 -8.32
C VAL D 67 18.84 44.45 -7.58
N ALA D 68 19.52 43.52 -8.27
CA ALA D 68 20.52 42.70 -7.60
C ALA D 68 21.85 43.44 -7.46
N ASN D 69 22.22 44.22 -8.47
CA ASN D 69 23.46 44.99 -8.43
C ASN D 69 23.23 46.22 -7.56
N SER D 70 23.91 46.27 -6.42
CA SER D 70 23.72 47.38 -5.48
C SER D 70 24.34 48.68 -5.98
N PHE D 71 25.24 48.61 -6.97
CA PHE D 71 25.82 49.82 -7.54
C PHE D 71 24.78 50.62 -8.31
N ALA D 72 23.96 49.94 -9.12
CA ALA D 72 22.88 50.62 -9.83
C ALA D 72 21.79 51.09 -8.87
N VAL D 73 21.58 50.36 -7.77
CA VAL D 73 20.64 50.80 -6.74
C VAL D 73 21.12 52.07 -6.07
N THR D 74 22.43 52.14 -5.78
CA THR D 74 23.00 53.34 -5.18
C THR D 74 22.96 54.52 -6.15
N ASN D 75 23.18 54.26 -7.44
CA ASN D 75 23.08 55.30 -8.45
C ASN D 75 21.66 55.84 -8.58
N ALA D 76 20.67 54.95 -8.62
CA ALA D 76 19.28 55.39 -8.70
C ALA D 76 18.84 56.09 -7.43
N PHE D 77 19.36 55.67 -6.28
CA PHE D 77 19.03 56.33 -5.02
C PHE D 77 19.61 57.73 -4.97
N CYS D 78 20.87 57.90 -5.42
CA CYS D 78 21.47 59.23 -5.41
C CYS D 78 20.87 60.12 -6.50
N SER D 79 20.38 59.53 -7.59
CA SER D 79 19.69 60.31 -8.60
C SER D 79 18.33 60.79 -8.09
N GLN D 80 17.63 59.95 -7.32
CA GLN D 80 16.39 60.37 -6.70
C GLN D 80 16.63 61.37 -5.58
N PHE D 81 17.76 61.27 -4.88
CA PHE D 81 18.07 62.19 -3.80
C PHE D 81 18.55 63.53 -4.32
N SER D 82 19.19 63.56 -5.50
CA SER D 82 19.58 64.83 -6.09
C SER D 82 18.38 65.62 -6.58
N ARG D 83 17.28 64.93 -6.89
CA ARG D 83 16.04 65.62 -7.23
C ARG D 83 15.32 66.16 -6.01
N GLY D 84 15.72 65.77 -4.79
CA GLY D 84 15.11 66.25 -3.59
C GLY D 84 13.70 65.72 -3.37
N VAL D 85 13.58 64.41 -3.17
CA VAL D 85 12.29 63.77 -3.02
C VAL D 85 11.99 63.59 -1.54
N TYR D 86 10.72 63.35 -1.23
CA TYR D 86 10.26 63.15 0.14
C TYR D 86 10.06 61.69 0.49
N ALA D 87 9.76 60.84 -0.49
CA ALA D 87 9.57 59.42 -0.25
C ALA D 87 9.98 58.66 -1.51
N ILE D 88 10.37 57.40 -1.32
CA ILE D 88 10.84 56.55 -2.40
C ILE D 88 10.08 55.24 -2.35
N PHE D 89 9.35 54.93 -3.42
CA PHE D 89 8.74 53.64 -3.60
C PHE D 89 9.62 52.77 -4.49
N GLY D 90 9.81 51.52 -4.10
CA GLY D 90 10.66 50.65 -4.88
C GLY D 90 10.77 49.28 -4.25
N PHE D 91 11.39 48.38 -5.00
CA PHE D 91 11.63 47.02 -4.54
C PHE D 91 13.04 46.94 -3.96
N TYR D 92 13.40 45.77 -3.44
CA TYR D 92 14.78 45.48 -3.08
C TYR D 92 15.02 43.98 -3.17
N ASP D 93 16.24 43.61 -3.55
CA ASP D 93 16.64 42.23 -3.65
C ASP D 93 16.96 41.69 -2.25
N LYS D 94 17.13 40.36 -2.16
CA LYS D 94 17.47 39.74 -0.88
C LYS D 94 18.88 40.11 -0.44
N LYS D 95 19.78 40.34 -1.39
CA LYS D 95 21.16 40.66 -1.01
C LYS D 95 21.35 42.16 -0.81
N SER D 96 20.50 42.99 -1.42
CA SER D 96 20.65 44.44 -1.36
C SER D 96 19.68 45.08 -0.37
N VAL D 97 19.23 44.31 0.62
CA VAL D 97 18.35 44.85 1.65
C VAL D 97 19.12 45.78 2.58
N ASN D 98 20.40 45.48 2.83
CA ASN D 98 21.19 46.27 3.77
C ASN D 98 21.51 47.65 3.22
N THR D 99 21.70 47.76 1.90
CA THR D 99 21.93 49.05 1.26
C THR D 99 20.69 49.95 1.39
N ILE D 100 19.51 49.37 1.17
CA ILE D 100 18.26 50.12 1.28
C ILE D 100 18.03 50.58 2.72
N THR D 101 18.22 49.67 3.68
CA THR D 101 17.99 50.02 5.08
C THR D 101 19.00 51.03 5.59
N SER D 102 20.25 50.92 5.14
CA SER D 102 21.29 51.88 5.56
C SER D 102 21.04 53.26 4.99
N PHE D 103 20.85 53.35 3.67
CA PHE D 103 20.67 54.67 3.04
C PHE D 103 19.30 55.27 3.33
N CYS D 104 18.33 54.49 3.82
CA CYS D 104 17.05 55.07 4.20
C CYS D 104 16.93 55.31 5.70
N GLY D 105 17.78 54.71 6.52
CA GLY D 105 17.77 55.01 7.94
C GLY D 105 18.75 56.11 8.30
N THR D 106 19.83 56.24 7.54
CA THR D 106 20.80 57.30 7.83
C THR D 106 20.29 58.65 7.37
N LEU D 107 19.82 58.73 6.12
CA LEU D 107 19.30 59.98 5.58
C LEU D 107 17.87 60.28 6.00
N HIS D 108 17.24 59.35 6.75
CA HIS D 108 15.91 59.52 7.34
C HIS D 108 14.83 59.75 6.28
N VAL D 109 14.98 59.08 5.14
CA VAL D 109 14.05 59.16 4.02
C VAL D 109 13.22 57.88 4.02
N SER D 110 11.89 58.04 3.99
CA SER D 110 10.98 56.90 4.07
C SER D 110 11.03 56.08 2.79
N PHE D 111 10.83 54.77 2.94
CA PHE D 111 10.88 53.83 1.83
C PHE D 111 9.74 52.84 1.97
N ILE D 112 8.82 52.85 1.01
CA ILE D 112 7.67 51.96 0.99
C ILE D 112 7.94 50.86 -0.03
N THR D 113 7.72 49.61 0.39
CA THR D 113 8.06 48.46 -0.44
C THR D 113 7.00 47.35 -0.37
N PRO D 114 6.77 46.66 -1.47
CA PRO D 114 5.98 45.42 -1.44
C PRO D 114 6.79 44.14 -1.26
N SER D 115 8.09 44.22 -0.99
CA SER D 115 8.94 43.05 -0.98
C SER D 115 8.81 42.29 0.34
N PHE D 116 9.70 41.33 0.55
CA PHE D 116 9.59 40.41 1.68
C PHE D 116 9.91 41.12 2.99
N PRO D 117 9.33 40.66 4.11
CA PRO D 117 9.64 41.27 5.41
C PRO D 117 11.07 41.00 5.84
N THR D 118 11.68 42.01 6.46
CA THR D 118 13.06 41.91 6.91
C THR D 118 13.13 41.22 8.27
N ASP D 119 14.36 41.00 8.73
CA ASP D 119 14.64 40.38 10.02
C ASP D 119 15.24 41.47 10.91
N GLY D 120 14.37 42.19 11.62
CA GLY D 120 14.82 43.27 12.47
C GLY D 120 13.94 44.50 12.34
N THR D 121 14.23 45.53 13.13
CA THR D 121 13.45 46.75 13.17
C THR D 121 14.31 47.86 12.57
N HIS D 122 14.13 48.12 11.28
CA HIS D 122 14.86 49.20 10.65
C HIS D 122 13.96 50.42 10.53
N PRO D 123 14.44 51.61 10.86
CA PRO D 123 13.61 52.82 10.71
C PRO D 123 13.41 53.18 9.25
N PHE D 124 12.30 53.89 9.01
CA PHE D 124 11.89 54.42 7.71
C PHE D 124 11.73 53.33 6.65
N VAL D 125 11.29 52.16 7.07
CA VAL D 125 11.03 51.04 6.15
C VAL D 125 9.58 50.65 6.36
N ILE D 126 8.71 51.12 5.47
CA ILE D 126 7.31 50.73 5.44
C ILE D 126 7.15 49.63 4.41
N GLN D 127 6.59 48.50 4.81
CA GLN D 127 6.52 47.33 3.96
C GLN D 127 5.07 46.90 3.77
N MET D 128 4.80 46.29 2.61
CA MET D 128 3.45 45.88 2.26
C MET D 128 3.20 44.38 2.35
N ARG D 129 4.23 43.57 2.44
CA ARG D 129 3.94 42.14 2.54
C ARG D 129 3.93 41.71 3.99
N PRO D 130 2.86 41.07 4.46
CA PRO D 130 2.83 40.60 5.85
C PRO D 130 3.71 39.37 6.08
N ASP D 131 3.72 38.86 7.31
CA ASP D 131 4.54 37.72 7.64
C ASP D 131 3.92 36.44 7.07
N LEU D 132 4.79 35.57 6.55
CA LEU D 132 4.36 34.28 6.01
C LEU D 132 4.70 33.11 6.92
N LYS D 133 5.66 33.28 7.83
CA LYS D 133 6.15 32.16 8.63
C LYS D 133 5.11 31.71 9.65
N GLY D 134 4.43 32.66 10.30
CA GLY D 134 3.46 32.30 11.31
C GLY D 134 2.24 31.60 10.75
N ALA D 135 1.77 32.05 9.59
CA ALA D 135 0.66 31.38 8.91
C ALA D 135 1.04 29.97 8.46
N LEU D 136 2.28 29.79 8.02
CA LEU D 136 2.73 28.48 7.56
C LEU D 136 2.88 27.51 8.73
N LEU D 137 3.40 28.00 9.86
CA LEU D 137 3.48 27.15 11.05
C LEU D 137 2.09 26.83 11.60
N SER D 138 1.16 27.77 11.51
CA SER D 138 -0.22 27.50 11.91
C SER D 138 -0.86 26.47 11.00
N LEU D 139 -0.53 26.51 9.70
CA LEU D 139 -1.08 25.53 8.76
C LEU D 139 -0.53 24.14 9.02
N ILE D 140 0.77 24.03 9.34
CA ILE D 140 1.34 22.72 9.66
C ILE D 140 0.77 22.18 10.97
N GLU D 141 0.66 23.05 11.99
CA GLU D 141 0.08 22.63 13.27
C GLU D 141 -1.41 22.31 13.16
N TYR D 142 -2.11 22.88 12.18
CA TYR D 142 -3.47 22.45 11.90
C TYR D 142 -3.47 21.11 11.17
N TYR D 143 -2.46 20.86 10.34
CA TYR D 143 -2.40 19.59 9.62
C TYR D 143 -1.69 18.50 10.41
N GLN D 144 -1.00 18.86 11.50
CA GLN D 144 -0.36 17.94 12.45
C GLN D 144 0.66 17.03 11.77
N TRP D 145 1.72 17.64 11.27
CA TRP D 145 2.76 16.94 10.55
C TRP D 145 3.96 16.64 11.45
N ASP D 146 4.74 15.64 11.04
CA ASP D 146 5.96 15.27 11.75
C ASP D 146 7.17 15.05 10.85
N LYS D 147 6.99 14.78 9.56
CA LYS D 147 8.11 14.57 8.65
C LYS D 147 7.69 15.03 7.27
N PHE D 148 8.39 16.03 6.73
CA PHE D 148 8.03 16.59 5.43
C PHE D 148 9.27 17.18 4.77
N ALA D 149 9.12 17.48 3.48
CA ALA D 149 10.19 18.09 2.70
C ALA D 149 9.87 19.55 2.44
N TYR D 150 10.93 20.34 2.20
CA TYR D 150 10.84 21.80 2.12
C TYR D 150 11.77 22.25 1.00
N LEU D 151 11.21 22.43 -0.19
CA LEU D 151 11.98 22.89 -1.35
C LEU D 151 11.94 24.41 -1.36
N TYR D 152 13.06 25.04 -1.03
CA TYR D 152 13.10 26.49 -0.88
C TYR D 152 14.01 27.12 -1.93
N ASP D 153 13.81 28.41 -2.14
CA ASP D 153 14.61 29.22 -3.03
C ASP D 153 15.38 30.25 -2.20
N SER D 154 16.62 30.52 -2.61
CA SER D 154 17.52 31.38 -1.84
C SER D 154 17.59 32.80 -2.40
N ASP D 155 16.46 33.34 -2.88
CA ASP D 155 16.46 34.68 -3.46
C ASP D 155 15.55 35.65 -2.71
N ARG D 156 15.00 35.26 -1.55
CA ARG D 156 14.28 36.18 -0.68
C ARG D 156 14.74 36.01 0.76
N GLY D 157 16.04 35.78 0.97
CA GLY D 157 16.55 35.53 2.30
C GLY D 157 16.28 34.10 2.74
N LEU D 158 16.70 33.81 3.97
CA LEU D 158 16.54 32.49 4.56
C LEU D 158 15.82 32.57 5.90
N SER D 159 14.97 33.60 6.07
CA SER D 159 14.27 33.79 7.34
C SER D 159 13.22 32.73 7.57
N THR D 160 12.48 32.35 6.51
CA THR D 160 11.45 31.33 6.64
C THR D 160 12.05 29.97 6.94
N LEU D 161 13.23 29.68 6.37
CA LEU D 161 13.92 28.42 6.65
C LEU D 161 14.34 28.34 8.11
N GLN D 162 14.89 29.42 8.65
CA GLN D 162 15.30 29.45 10.05
C GLN D 162 14.09 29.34 10.97
N ALA D 163 12.98 29.99 10.59
CA ALA D 163 11.78 29.92 11.41
C ALA D 163 11.19 28.51 11.43
N VAL D 164 11.13 27.85 10.27
CA VAL D 164 10.54 26.51 10.25
C VAL D 164 11.49 25.48 10.87
N LEU D 165 12.81 25.71 10.80
CA LEU D 165 13.73 24.78 11.48
C LEU D 165 13.67 24.95 12.99
N ASP D 166 13.57 26.19 13.48
CA ASP D 166 13.46 26.42 14.91
C ASP D 166 12.16 25.86 15.47
N SER D 167 11.03 26.12 14.81
CA SER D 167 9.77 25.59 15.30
C SER D 167 9.63 24.09 15.05
N ALA D 168 10.33 23.55 14.06
CA ALA D 168 10.29 22.11 13.84
C ALA D 168 11.10 21.36 14.88
N ALA D 169 12.24 21.92 15.27
CA ALA D 169 13.02 21.30 16.33
C ALA D 169 12.37 21.52 17.69
N GLU D 170 11.64 22.63 17.85
CA GLU D 170 10.88 22.83 19.08
C GLU D 170 9.65 21.95 19.14
N LYS D 171 9.14 21.50 17.99
CA LYS D 171 7.97 20.63 17.96
C LYS D 171 8.31 19.21 17.54
N LYS D 172 9.61 18.88 17.46
CA LYS D 172 10.13 17.54 17.14
C LYS D 172 9.62 17.03 15.79
N TRP D 173 10.02 17.73 14.74
CA TRP D 173 9.64 17.40 13.37
C TRP D 173 10.88 16.96 12.58
N GLN D 174 10.65 16.52 11.35
CA GLN D 174 11.71 16.04 10.47
C GLN D 174 11.62 16.77 9.14
N VAL D 175 12.43 17.81 8.98
CA VAL D 175 12.41 18.66 7.79
C VAL D 175 13.53 18.23 6.85
N THR D 176 13.18 17.91 5.62
CA THR D 176 14.14 17.64 4.56
C THR D 176 14.19 18.90 3.69
N ALA D 177 15.07 19.83 4.05
CA ALA D 177 15.11 21.15 3.44
C ALA D 177 16.16 21.18 2.33
N ILE D 178 15.73 21.50 1.11
CA ILE D 178 16.60 21.46 -0.06
C ILE D 178 16.51 22.79 -0.80
N ASN D 179 17.67 23.41 -1.06
CA ASN D 179 17.73 24.59 -1.90
C ASN D 179 17.58 24.18 -3.36
N VAL D 180 16.97 25.07 -4.14
CA VAL D 180 16.69 24.76 -5.54
C VAL D 180 17.15 25.93 -6.39
N GLY D 181 17.54 27.03 -5.75
CA GLY D 181 17.89 28.23 -6.49
C GLY D 181 19.24 28.19 -7.15
N ASN D 182 20.12 27.27 -6.75
CA ASN D 182 21.47 27.19 -7.30
C ASN D 182 21.53 26.42 -8.61
N ILE D 183 20.39 25.97 -9.14
CA ILE D 183 20.36 25.19 -10.37
C ILE D 183 20.10 26.13 -11.54
N ASN D 184 20.97 26.07 -12.54
CA ASN D 184 20.85 26.91 -13.72
C ASN D 184 19.66 26.50 -14.59
N ASN D 185 19.38 27.33 -15.58
CA ASN D 185 18.27 27.07 -16.50
C ASN D 185 18.63 26.12 -17.62
N ASP D 186 19.91 25.77 -17.77
CA ASP D 186 20.36 24.96 -18.90
C ASP D 186 20.21 23.47 -18.65
N LYS D 187 20.40 23.01 -17.41
CA LYS D 187 20.34 21.59 -17.10
C LYS D 187 19.36 21.34 -15.97
N LYS D 188 18.23 22.03 -15.99
CA LYS D 188 17.22 21.87 -14.95
C LYS D 188 16.17 20.82 -15.34
N ASP D 189 16.63 19.66 -15.78
CA ASP D 189 15.74 18.52 -15.97
C ASP D 189 16.29 17.24 -15.34
N GLU D 190 17.60 17.01 -15.41
CA GLU D 190 18.18 15.84 -14.78
C GLU D 190 18.45 16.09 -13.30
N THR D 191 18.74 17.34 -12.94
CA THR D 191 18.91 17.69 -11.54
C THR D 191 17.59 17.55 -10.78
N TYR D 192 16.48 17.94 -11.40
CA TYR D 192 15.18 17.75 -10.77
C TYR D 192 14.79 16.28 -10.71
N ARG D 193 15.21 15.49 -11.70
CA ARG D 193 14.95 14.05 -11.67
C ARG D 193 15.72 13.38 -10.54
N SER D 194 16.99 13.74 -10.37
CA SER D 194 17.77 13.22 -9.24
C SER D 194 17.24 13.76 -7.91
N LEU D 195 16.68 14.96 -7.91
CA LEU D 195 16.08 15.55 -6.71
C LEU D 195 14.87 14.74 -6.25
N PHE D 196 13.92 14.50 -7.16
CA PHE D 196 12.75 13.71 -6.79
C PHE D 196 13.05 12.22 -6.69
N GLN D 197 14.19 11.75 -7.19
CA GLN D 197 14.62 10.40 -6.87
C GLN D 197 15.18 10.31 -5.46
N ASP D 198 15.89 11.36 -5.02
CA ASP D 198 16.39 11.39 -3.64
C ASP D 198 15.27 11.63 -2.65
N LEU D 199 14.19 12.30 -3.07
CA LEU D 199 13.04 12.49 -2.18
C LEU D 199 12.24 11.21 -1.95
N GLU D 200 12.46 10.18 -2.77
CA GLU D 200 11.79 8.89 -2.57
C GLU D 200 12.58 7.95 -1.67
N LEU D 201 13.72 8.40 -1.13
CA LEU D 201 14.48 7.54 -0.23
C LEU D 201 13.81 7.40 1.12
N LYS D 202 13.36 8.52 1.70
CA LYS D 202 12.63 8.50 2.95
C LYS D 202 11.12 8.44 2.74
N LYS D 203 10.68 8.26 1.49
CA LYS D 203 9.27 8.22 1.07
C LYS D 203 8.55 9.49 1.50
N GLU D 204 9.06 10.62 1.01
CA GLU D 204 8.50 11.92 1.36
C GLU D 204 7.18 12.14 0.61
N ARG D 205 6.11 12.36 1.36
CA ARG D 205 4.78 12.52 0.80
C ARG D 205 4.34 13.98 0.73
N ARG D 206 4.87 14.84 1.59
CA ARG D 206 4.34 16.18 1.80
C ARG D 206 5.47 17.18 1.64
N VAL D 207 5.35 18.05 0.63
CA VAL D 207 6.42 18.95 0.21
C VAL D 207 5.90 20.38 0.23
N ILE D 208 6.62 21.27 0.90
CA ILE D 208 6.31 22.69 0.91
C ILE D 208 7.22 23.39 -0.10
N LEU D 209 6.60 24.07 -1.06
CA LEU D 209 7.32 24.79 -2.12
C LEU D 209 7.40 26.27 -1.75
N ASP D 210 8.59 26.73 -1.34
CA ASP D 210 8.82 28.13 -1.06
C ASP D 210 9.63 28.70 -2.22
N CYS D 211 8.93 29.08 -3.28
CA CYS D 211 9.55 29.65 -4.47
C CYS D 211 8.70 30.81 -4.98
N GLU D 212 9.32 31.62 -5.84
CA GLU D 212 8.65 32.76 -6.44
C GLU D 212 7.74 32.29 -7.57
N ARG D 213 7.00 33.24 -8.16
CA ARG D 213 5.96 32.93 -9.15
C ARG D 213 6.51 32.40 -10.48
N ASP D 214 7.82 32.43 -10.69
CA ASP D 214 8.43 31.85 -11.88
C ASP D 214 8.93 30.43 -11.66
N LYS D 215 9.46 30.14 -10.47
CA LYS D 215 10.01 28.82 -10.22
C LYS D 215 8.94 27.81 -9.82
N VAL D 216 7.82 28.28 -9.25
CA VAL D 216 6.74 27.39 -8.85
C VAL D 216 6.12 26.71 -10.06
N ASN D 217 5.93 27.47 -11.15
CA ASN D 217 5.38 26.89 -12.38
C ASN D 217 6.32 25.86 -12.98
N ASP D 218 7.63 26.11 -12.91
CA ASP D 218 8.61 25.14 -13.41
C ASP D 218 8.61 23.87 -12.58
N ILE D 219 8.52 24.01 -11.25
CA ILE D 219 8.49 22.84 -10.38
C ILE D 219 7.21 22.04 -10.59
N VAL D 220 6.08 22.72 -10.78
CA VAL D 220 4.82 22.03 -11.04
C VAL D 220 4.86 21.32 -12.39
N ASP D 221 5.45 21.95 -13.41
CA ASP D 221 5.59 21.31 -14.71
C ASP D 221 6.49 20.08 -14.64
N GLN D 222 7.57 20.14 -13.86
CA GLN D 222 8.43 18.97 -13.74
C GLN D 222 7.79 17.86 -12.91
N VAL D 223 6.98 18.21 -11.92
CA VAL D 223 6.22 17.22 -11.16
C VAL D 223 5.21 16.50 -12.06
N ILE D 224 4.52 17.27 -12.90
CA ILE D 224 3.57 16.68 -13.84
C ILE D 224 4.28 15.83 -14.90
N THR D 225 5.48 16.24 -15.31
CA THR D 225 6.25 15.46 -16.27
C THR D 225 6.71 14.14 -15.68
N ILE D 226 7.18 14.15 -14.43
CA ILE D 226 7.56 12.89 -13.78
C ILE D 226 6.38 12.18 -13.15
N GLY D 227 5.22 12.82 -13.07
CA GLY D 227 4.02 12.17 -12.59
C GLY D 227 3.99 11.94 -11.08
N LYS D 228 3.95 13.02 -10.31
CA LYS D 228 3.87 12.95 -8.86
C LYS D 228 2.80 13.91 -8.34
N HIS D 229 1.62 13.89 -8.95
CA HIS D 229 0.51 14.71 -8.51
C HIS D 229 -0.78 13.90 -8.43
N VAL D 230 -0.65 12.59 -8.21
CA VAL D 230 -1.79 11.72 -7.97
C VAL D 230 -2.23 11.84 -6.53
N LYS D 231 -3.38 11.27 -6.19
CA LYS D 231 -3.89 11.31 -4.83
C LYS D 231 -2.97 10.52 -3.90
N GLY D 232 -2.45 11.19 -2.88
CA GLY D 232 -1.52 10.59 -1.94
C GLY D 232 -0.40 11.53 -1.55
N TYR D 233 -0.19 12.57 -2.35
CA TYR D 233 0.81 13.59 -2.06
C TYR D 233 0.12 14.89 -1.67
N HIS D 234 0.82 15.69 -0.88
CA HIS D 234 0.32 16.98 -0.43
C HIS D 234 1.34 18.06 -0.74
N TYR D 235 0.85 19.22 -1.17
CA TYR D 235 1.73 20.33 -1.55
C TYR D 235 1.20 21.63 -0.98
N ILE D 236 2.11 22.52 -0.60
CA ILE D 236 1.77 23.85 -0.10
C ILE D 236 2.50 24.86 -0.95
N ILE D 237 1.75 25.71 -1.66
CA ILE D 237 2.36 26.78 -2.44
C ILE D 237 2.61 27.93 -1.48
N ALA D 238 3.81 27.98 -0.90
CA ALA D 238 4.14 28.92 0.17
C ALA D 238 4.42 30.29 -0.42
N ASN D 239 3.35 31.03 -0.68
CA ASN D 239 3.43 32.41 -1.13
C ASN D 239 2.17 33.15 -0.71
N LEU D 240 2.00 34.34 -1.28
CA LEU D 240 0.78 35.11 -1.06
C LEU D 240 -0.15 35.09 -2.27
N GLY D 241 0.42 35.06 -3.48
CA GLY D 241 -0.38 34.93 -4.68
C GLY D 241 -0.62 33.49 -5.06
N PHE D 242 -1.50 32.82 -4.33
CA PHE D 242 -1.77 31.40 -4.58
C PHE D 242 -2.46 31.17 -5.91
N THR D 243 -3.31 32.11 -6.34
CA THR D 243 -4.00 31.99 -7.61
C THR D 243 -3.21 32.56 -8.78
N ASP D 244 -1.96 32.97 -8.54
CA ASP D 244 -1.14 33.52 -9.62
C ASP D 244 -0.58 32.43 -10.52
N GLY D 245 -0.19 31.30 -9.95
CA GLY D 245 0.33 30.21 -10.75
C GLY D 245 -0.74 29.51 -11.55
N ASP D 246 -0.30 28.64 -12.44
CA ASP D 246 -1.21 27.87 -13.30
C ASP D 246 -1.65 26.65 -12.51
N LEU D 247 -2.85 26.71 -11.94
CA LEU D 247 -3.39 25.61 -11.14
C LEU D 247 -4.36 24.74 -11.92
N LEU D 248 -4.61 25.06 -13.19
CA LEU D 248 -5.46 24.21 -14.01
C LEU D 248 -4.77 22.91 -14.41
N LYS D 249 -3.45 22.82 -14.26
CA LYS D 249 -2.70 21.62 -14.62
C LYS D 249 -2.51 20.67 -13.46
N ILE D 250 -2.71 21.11 -12.22
CA ILE D 250 -2.68 20.23 -11.06
C ILE D 250 -4.03 20.25 -10.36
N GLN D 251 -5.11 20.45 -11.12
CA GLN D 251 -6.44 20.47 -10.54
C GLN D 251 -7.07 19.08 -10.55
N PHE D 252 -7.05 18.41 -11.69
CA PHE D 252 -7.68 17.10 -11.85
C PHE D 252 -6.75 15.95 -11.52
N GLY D 253 -5.59 16.22 -10.92
CA GLY D 253 -4.63 15.17 -10.63
C GLY D 253 -5.00 14.31 -9.45
N GLY D 254 -5.49 14.92 -8.38
CA GLY D 254 -5.86 14.21 -7.18
C GLY D 254 -5.03 14.56 -5.96
N ALA D 255 -3.84 15.13 -6.14
CA ALA D 255 -3.02 15.58 -5.03
C ALA D 255 -3.62 16.86 -4.47
N ASN D 256 -3.88 16.87 -3.17
CA ASN D 256 -4.47 18.04 -2.53
C ASN D 256 -3.44 19.16 -2.37
N VAL D 257 -3.88 20.40 -2.58
CA VAL D 257 -2.99 21.55 -2.71
C VAL D 257 -3.49 22.63 -1.75
N SER D 258 -2.63 23.08 -0.85
CA SER D 258 -2.95 24.18 0.03
C SER D 258 -2.10 25.40 -0.31
N GLY D 259 -2.55 26.56 0.17
CA GLY D 259 -1.80 27.78 -0.05
C GLY D 259 -2.41 28.94 0.70
N PHE D 260 -1.77 30.09 0.57
CA PHE D 260 -2.18 31.30 1.28
C PHE D 260 -2.52 32.39 0.28
N GLN D 261 -3.58 33.14 0.56
CA GLN D 261 -4.05 34.19 -0.31
C GLN D 261 -4.21 35.48 0.48
N ILE D 262 -3.76 36.58 -0.13
CA ILE D 262 -3.87 37.89 0.49
C ILE D 262 -4.94 38.76 -0.16
N VAL D 263 -5.35 38.46 -1.40
CA VAL D 263 -6.35 39.24 -2.11
C VAL D 263 -7.57 38.35 -2.27
N ASP D 264 -8.60 38.61 -1.47
CA ASP D 264 -9.85 37.85 -1.56
C ASP D 264 -10.67 38.36 -2.73
N TYR D 265 -10.92 37.49 -3.70
CA TYR D 265 -11.67 37.88 -4.90
C TYR D 265 -13.16 38.01 -4.64
N ASP D 266 -13.66 37.58 -3.48
CA ASP D 266 -15.08 37.64 -3.17
C ASP D 266 -15.51 38.99 -2.62
N ASP D 267 -14.58 39.92 -2.40
CA ASP D 267 -14.94 41.24 -1.91
C ASP D 267 -15.52 42.09 -3.03
N SER D 268 -16.24 43.14 -2.63
CA SER D 268 -16.87 44.02 -3.61
C SER D 268 -15.85 44.94 -4.27
N LEU D 269 -14.95 45.52 -3.49
CA LEU D 269 -13.94 46.44 -4.04
C LEU D 269 -12.94 45.68 -4.91
N VAL D 270 -12.60 44.45 -4.53
CA VAL D 270 -11.70 43.63 -5.33
C VAL D 270 -12.38 43.25 -6.65
N SER D 271 -13.68 42.95 -6.60
CA SER D 271 -14.41 42.62 -7.82
C SER D 271 -14.53 43.82 -8.74
N LYS D 272 -14.73 45.01 -8.17
CA LYS D 272 -14.76 46.23 -8.98
C LYS D 272 -13.40 46.53 -9.58
N PHE D 273 -12.32 46.27 -8.84
CA PHE D 273 -10.98 46.48 -9.38
C PHE D 273 -10.65 45.49 -10.49
N ILE D 274 -11.13 44.24 -10.37
CA ILE D 274 -10.92 43.27 -11.44
C ILE D 274 -11.76 43.63 -12.66
N GLU D 275 -12.99 44.11 -12.45
CA GLU D 275 -13.83 44.57 -13.56
C GLU D 275 -13.26 45.81 -14.25
N ARG D 276 -12.53 46.65 -13.52
CA ARG D 276 -11.81 47.76 -14.12
C ARG D 276 -10.43 47.38 -14.64
N TRP D 277 -9.95 46.19 -14.30
CA TRP D 277 -8.61 45.74 -14.68
C TRP D 277 -8.61 44.92 -15.96
N SER D 278 -9.51 43.95 -16.07
CA SER D 278 -9.50 43.02 -17.20
C SER D 278 -9.96 43.66 -18.50
N THR D 279 -10.64 44.81 -18.42
CA THR D 279 -11.10 45.52 -19.61
C THR D 279 -10.06 46.47 -20.18
N LEU D 280 -8.82 46.42 -19.70
CA LEU D 280 -7.80 47.34 -20.15
C LEU D 280 -7.05 46.78 -21.35
N GLU D 281 -6.52 47.69 -22.16
CA GLU D 281 -5.75 47.30 -23.34
C GLU D 281 -4.38 46.81 -22.95
N GLU D 282 -3.96 45.70 -23.56
CA GLU D 282 -2.65 45.13 -23.23
C GLU D 282 -1.51 45.97 -23.79
N LYS D 283 -1.72 46.61 -24.95
CA LYS D 283 -0.69 47.45 -25.52
C LYS D 283 -0.50 48.74 -24.72
N GLU D 284 -1.56 49.22 -24.07
CA GLU D 284 -1.44 50.40 -23.22
C GLU D 284 -0.92 50.04 -21.82
N TYR D 285 -1.35 48.90 -21.29
CA TYR D 285 -0.92 48.43 -19.98
C TYR D 285 -0.53 46.97 -20.11
N PRO D 286 0.76 46.63 -20.09
CA PRO D 286 1.17 45.23 -20.24
C PRO D 286 0.87 44.43 -18.98
N GLY D 287 0.41 43.20 -19.18
CA GLY D 287 0.06 42.32 -18.07
C GLY D 287 -1.22 42.71 -17.36
N ALA D 288 -2.21 43.22 -18.10
CA ALA D 288 -3.46 43.65 -17.50
C ALA D 288 -4.68 42.91 -18.02
N HIS D 289 -4.56 42.13 -19.10
CA HIS D 289 -5.69 41.40 -19.65
C HIS D 289 -5.75 40.00 -19.06
N THR D 290 -5.95 39.96 -17.75
CA THR D 290 -6.11 38.72 -16.99
C THR D 290 -7.32 38.83 -16.09
N ALA D 291 -7.85 37.67 -15.69
CA ALA D 291 -8.91 37.64 -14.70
C ALA D 291 -8.37 37.75 -13.29
N THR D 292 -7.11 37.44 -13.07
CA THR D 292 -6.45 37.55 -11.78
C THR D 292 -5.38 38.64 -11.85
N ILE D 293 -4.69 38.83 -10.73
CA ILE D 293 -3.62 39.82 -10.64
C ILE D 293 -2.62 39.34 -9.61
N LYS D 294 -1.34 39.63 -9.85
CA LYS D 294 -0.28 39.22 -8.94
C LYS D 294 -0.37 40.01 -7.62
N TYR D 295 0.21 39.42 -6.58
CA TYR D 295 0.07 40.01 -5.25
C TYR D 295 0.94 41.24 -5.08
N THR D 296 2.10 41.30 -5.74
CA THR D 296 2.94 42.48 -5.69
C THR D 296 2.28 43.68 -6.35
N SER D 297 1.51 43.45 -7.42
CA SER D 297 0.77 44.53 -8.07
C SER D 297 -0.33 45.06 -7.16
N ALA D 298 -1.00 44.17 -6.43
CA ALA D 298 -2.03 44.59 -5.50
C ALA D 298 -1.44 45.34 -4.31
N LEU D 299 -0.25 44.92 -3.85
CA LEU D 299 0.40 45.65 -2.77
C LEU D 299 0.91 47.01 -3.24
N THR D 300 1.30 47.11 -4.50
CA THR D 300 1.63 48.41 -5.08
C THR D 300 0.40 49.32 -5.14
N TYR D 301 -0.74 48.76 -5.59
CA TYR D 301 -1.98 49.51 -5.66
C TYR D 301 -2.47 49.94 -4.28
N ASP D 302 -2.18 49.16 -3.25
CA ASP D 302 -2.52 49.57 -1.90
C ASP D 302 -1.53 50.59 -1.33
N ALA D 303 -0.25 50.46 -1.69
CA ALA D 303 0.76 51.39 -1.18
C ALA D 303 0.59 52.79 -1.77
N VAL D 304 0.10 52.87 -3.01
CA VAL D 304 -0.22 54.18 -3.59
C VAL D 304 -1.34 54.85 -2.79
N GLN D 305 -2.35 54.06 -2.40
CA GLN D 305 -3.43 54.58 -1.56
C GLN D 305 -2.92 55.00 -0.19
N VAL D 306 -1.98 54.25 0.37
CA VAL D 306 -1.39 54.59 1.68
C VAL D 306 -0.62 55.90 1.60
N MET D 307 0.19 56.08 0.55
CA MET D 307 0.94 57.32 0.38
C MET D 307 0.03 58.51 0.11
N THR D 308 -1.06 58.28 -0.65
CA THR D 308 -2.01 59.35 -0.91
C THR D 308 -2.75 59.75 0.36
N GLU D 309 -3.10 58.78 1.20
CA GLU D 309 -3.79 59.08 2.45
C GLU D 309 -2.87 59.79 3.43
N ALA D 310 -1.58 59.43 3.45
CA ALA D 310 -0.63 60.09 4.34
C ALA D 310 -0.36 61.52 3.89
N PHE D 311 -0.21 61.74 2.58
CA PHE D 311 -0.01 63.10 2.09
C PHE D 311 -1.26 63.95 2.26
N ARG D 312 -2.45 63.33 2.18
CA ARG D 312 -3.68 64.05 2.48
C ARG D 312 -3.80 64.37 3.95
N ASN D 313 -3.26 63.52 4.83
CA ASN D 313 -3.22 63.83 6.24
C ASN D 313 -2.25 64.98 6.54
N LEU D 314 -1.15 65.07 5.79
CA LEU D 314 -0.29 66.24 5.90
C LEU D 314 -0.98 67.50 5.38
N ARG D 315 -1.74 67.37 4.30
CA ARG D 315 -2.47 68.51 3.76
C ARG D 315 -3.64 68.92 4.66
N LYS D 316 -4.15 68.02 5.48
CA LYS D 316 -5.23 68.33 6.40
C LYS D 316 -4.76 68.78 7.77
N GLN D 317 -3.49 68.54 8.10
CA GLN D 317 -2.92 68.96 9.37
C GLN D 317 -2.21 70.31 9.28
N ARG D 318 -2.20 70.92 8.09
CA ARG D 318 -1.59 72.23 7.82
C ARG D 318 -0.11 72.25 8.16
N ILE D 319 0.62 71.27 7.65
CA ILE D 319 2.05 71.14 7.87
C ILE D 319 2.75 71.37 6.54
N GLU D 320 3.49 72.48 6.45
CA GLU D 320 4.15 72.87 5.22
C GLU D 320 5.60 72.41 5.26
N ILE D 321 5.93 71.40 4.47
CA ILE D 321 7.29 70.89 4.34
C ILE D 321 7.83 71.10 2.93
N SER D 322 7.25 72.04 2.19
CA SER D 322 7.58 72.23 0.79
C SER D 322 8.98 72.82 0.63
N ARG D 323 9.73 72.28 -0.33
CA ARG D 323 11.09 72.72 -0.60
C ARG D 323 11.34 72.55 -2.09
N ARG D 324 12.62 72.60 -2.48
CA ARG D 324 12.99 72.49 -3.88
C ARG D 324 13.97 71.34 -4.09
N GLY D 325 14.52 71.23 -5.30
CA GLY D 325 15.47 70.18 -5.61
C GLY D 325 16.91 70.53 -5.25
N ASN D 326 17.15 70.81 -3.98
CA ASN D 326 18.47 71.16 -3.47
C ASN D 326 18.78 70.38 -2.20
N ALA D 327 18.52 69.07 -2.24
CA ALA D 327 18.79 68.21 -1.09
C ALA D 327 20.27 67.92 -0.91
N GLY D 328 21.10 68.20 -1.91
CA GLY D 328 22.52 68.01 -1.79
C GLY D 328 22.99 66.65 -2.26
N ASP D 329 24.27 66.40 -2.02
CA ASP D 329 24.88 65.14 -2.41
C ASP D 329 24.47 64.03 -1.45
N CYS D 330 24.35 62.82 -1.99
CA CYS D 330 23.98 61.66 -1.17
C CYS D 330 25.14 61.17 -0.31
N LEU D 331 26.36 61.61 -0.59
CA LEU D 331 27.54 61.20 0.14
C LEU D 331 28.11 62.36 0.97
N ALA D 332 27.22 63.14 1.59
CA ALA D 332 27.66 64.26 2.42
C ALA D 332 28.31 63.75 3.69
N ASN D 333 29.38 64.43 4.11
CA ASN D 333 30.17 63.99 5.26
C ASN D 333 30.38 65.18 6.18
N PRO D 334 29.69 65.26 7.33
CA PRO D 334 28.61 64.36 7.75
C PRO D 334 27.26 64.74 7.15
N ALA D 335 26.49 63.76 6.70
CA ALA D 335 25.17 64.02 6.13
C ALA D 335 24.21 64.33 7.25
N VAL D 336 23.94 65.62 7.46
CA VAL D 336 23.01 66.02 8.52
C VAL D 336 21.58 65.77 8.05
N PRO D 337 20.73 65.16 8.89
CA PRO D 337 19.34 64.91 8.48
C PRO D 337 18.52 66.18 8.50
N TRP D 338 17.33 66.09 7.92
CA TRP D 338 16.32 67.13 8.00
C TRP D 338 15.13 66.59 8.78
N GLY D 339 14.71 67.33 9.81
CA GLY D 339 13.83 66.79 10.84
C GLY D 339 12.41 66.51 10.40
N GLN D 340 11.93 67.22 9.37
CA GLN D 340 10.54 67.08 8.93
C GLN D 340 10.24 65.74 8.28
N GLY D 341 11.27 64.96 7.94
CA GLY D 341 11.04 63.60 7.50
C GLY D 341 10.68 62.67 8.64
N VAL D 342 11.11 63.02 9.87
CA VAL D 342 10.83 62.20 11.05
C VAL D 342 9.34 62.18 11.34
N GLU D 343 8.64 63.28 11.07
CA GLU D 343 7.18 63.29 11.18
C GLU D 343 6.55 62.42 10.09
N ILE D 344 7.19 62.32 8.92
CA ILE D 344 6.58 61.64 7.78
C ILE D 344 6.43 60.15 8.04
N GLU D 345 7.46 59.51 8.61
CA GLU D 345 7.32 58.15 9.10
C GLU D 345 6.27 58.06 10.21
N ARG D 346 6.24 59.06 11.09
CA ARG D 346 5.18 59.16 12.08
C ARG D 346 3.84 59.43 11.43
N ALA D 347 3.82 60.00 10.23
CA ALA D 347 2.61 60.03 9.44
C ALA D 347 2.28 58.65 8.89
N LEU D 348 3.29 57.93 8.39
CA LEU D 348 3.05 56.67 7.71
C LEU D 348 2.62 55.58 8.69
N LYS D 349 3.11 55.62 9.91
CA LYS D 349 2.62 54.72 10.94
C LYS D 349 1.23 55.10 11.45
N GLN D 350 0.75 56.30 11.13
CA GLN D 350 -0.57 56.75 11.56
C GLN D 350 -1.64 56.53 10.48
N VAL D 351 -1.43 55.59 9.57
CA VAL D 351 -2.36 55.32 8.47
C VAL D 351 -2.98 53.96 8.67
N GLN D 352 -4.31 53.90 8.70
CA GLN D 352 -5.06 52.65 8.78
C GLN D 352 -6.20 52.74 7.77
N VAL D 353 -6.04 52.05 6.64
CA VAL D 353 -6.99 52.16 5.54
C VAL D 353 -7.48 50.79 5.12
N GLU D 354 -8.27 50.73 4.05
CA GLU D 354 -8.78 49.47 3.52
C GLU D 354 -8.45 49.39 2.03
N GLY D 355 -7.70 48.37 1.65
CA GLY D 355 -7.34 48.17 0.26
C GLY D 355 -7.54 46.73 -0.20
N LEU D 356 -6.85 46.34 -1.28
CA LEU D 356 -7.01 45.00 -1.84
C LEU D 356 -6.47 43.92 -0.91
N SER D 357 -5.53 44.26 -0.02
CA SER D 357 -5.08 43.33 1.01
C SER D 357 -5.87 43.45 2.30
N GLY D 358 -7.07 44.04 2.23
CA GLY D 358 -7.90 44.17 3.42
C GLY D 358 -7.53 45.36 4.28
N ASN D 359 -7.48 45.14 5.59
CA ASN D 359 -7.15 46.21 6.52
C ASN D 359 -5.65 46.47 6.50
N ILE D 360 -5.28 47.76 6.57
CA ILE D 360 -3.89 48.19 6.57
C ILE D 360 -3.68 49.01 7.83
N LYS D 361 -2.97 48.45 8.80
CA LYS D 361 -2.59 49.14 10.02
C LYS D 361 -1.15 48.77 10.34
N PHE D 362 -0.42 49.74 10.90
CA PHE D 362 1.02 49.62 11.07
C PHE D 362 1.40 49.72 12.54
N ASP D 363 2.60 49.25 12.85
CA ASP D 363 3.17 49.36 14.18
C ASP D 363 4.16 50.52 14.22
N GLN D 364 4.90 50.63 15.33
CA GLN D 364 5.92 51.67 15.44
C GLN D 364 7.17 51.34 14.63
N ASN D 365 7.34 50.08 14.22
CA ASN D 365 8.51 49.71 13.45
C ASN D 365 8.29 49.94 11.96
N GLY D 366 7.19 49.44 11.42
CA GLY D 366 6.91 49.58 10.00
C GLY D 366 6.27 48.35 9.39
N LYS D 367 6.09 47.31 10.20
CA LYS D 367 5.43 46.10 9.73
C LYS D 367 3.92 46.30 9.70
N ARG D 368 3.21 45.30 9.19
CA ARG D 368 1.77 45.34 9.08
C ARG D 368 1.13 44.59 10.24
N ILE D 369 0.15 45.22 10.89
CA ILE D 369 -0.60 44.60 11.96
C ILE D 369 -2.07 44.61 11.58
N ASN D 370 -2.82 43.69 12.20
CA ASN D 370 -4.27 43.52 12.03
C ASN D 370 -4.62 43.25 10.56
N TYR D 371 -4.06 42.17 10.04
CA TYR D 371 -4.30 41.74 8.67
C TYR D 371 -4.97 40.38 8.68
N THR D 372 -5.30 39.89 7.48
CA THR D 372 -6.05 38.64 7.33
C THR D 372 -5.54 37.90 6.11
N ILE D 373 -5.13 36.65 6.30
CA ILE D 373 -4.65 35.78 5.22
C ILE D 373 -5.63 34.63 5.07
N ASN D 374 -6.24 34.52 3.89
CA ASN D 374 -7.13 33.39 3.64
C ASN D 374 -6.30 32.15 3.33
N ILE D 375 -6.78 31.00 3.79
CA ILE D 375 -6.12 29.73 3.54
C ILE D 375 -6.94 29.01 2.46
N MET D 376 -6.34 28.81 1.29
CA MET D 376 -7.03 28.26 0.15
C MET D 376 -6.63 26.81 -0.06
N GLU D 377 -7.61 25.98 -0.41
CA GLU D 377 -7.39 24.60 -0.80
C GLU D 377 -7.98 24.37 -2.18
N LEU D 378 -7.25 23.65 -3.02
CA LEU D 378 -7.67 23.41 -4.39
C LEU D 378 -8.61 22.20 -4.42
N LYS D 379 -9.87 22.45 -4.74
CA LYS D 379 -10.86 21.40 -4.89
C LYS D 379 -10.96 21.00 -6.36
N THR D 380 -11.97 20.19 -6.69
CA THR D 380 -12.16 19.79 -8.07
C THR D 380 -12.66 20.96 -8.92
N ASN D 381 -13.64 21.70 -8.41
CA ASN D 381 -14.14 22.87 -9.11
C ASN D 381 -13.16 24.04 -9.11
N GLY D 382 -12.20 24.05 -8.19
CA GLY D 382 -11.21 25.09 -8.14
C GLY D 382 -10.82 25.42 -6.70
N PRO D 383 -10.29 26.63 -6.50
CA PRO D 383 -9.89 27.03 -5.15
C PRO D 383 -11.09 27.39 -4.28
N ARG D 384 -10.99 27.01 -3.00
CA ARG D 384 -12.06 27.25 -2.05
C ARG D 384 -11.46 27.64 -0.71
N LYS D 385 -12.01 28.69 -0.11
CA LYS D 385 -11.52 29.17 1.18
C LYS D 385 -12.02 28.28 2.30
N ILE D 386 -11.09 27.80 3.12
CA ILE D 386 -11.44 26.99 4.28
C ILE D 386 -11.38 27.77 5.59
N GLY D 387 -10.82 28.97 5.57
CA GLY D 387 -10.68 29.75 6.78
C GLY D 387 -9.70 30.89 6.57
N TYR D 388 -9.51 31.63 7.66
CA TYR D 388 -8.61 32.78 7.63
C TYR D 388 -7.65 32.70 8.81
N TRP D 389 -6.62 33.54 8.75
CA TRP D 389 -5.59 33.59 9.79
C TRP D 389 -5.24 35.05 10.04
N SER D 390 -5.05 35.38 11.32
CA SER D 390 -4.56 36.69 11.71
C SER D 390 -3.48 36.52 12.78
N GLU D 391 -2.93 37.63 13.26
CA GLU D 391 -1.92 37.57 14.32
C GLU D 391 -2.51 37.72 15.70
N VAL D 392 -3.71 38.29 15.83
CA VAL D 392 -4.34 38.39 17.14
C VAL D 392 -5.05 37.09 17.52
N ASP D 393 -5.31 36.22 16.56
CA ASP D 393 -5.98 34.95 16.78
C ASP D 393 -5.18 33.82 16.16
N LYS D 394 -5.69 32.60 16.31
CA LYS D 394 -5.14 31.44 15.64
C LYS D 394 -5.88 31.25 14.31
N MET D 395 -5.69 30.10 13.69
CA MET D 395 -6.39 29.78 12.44
C MET D 395 -7.86 29.51 12.73
N VAL D 396 -8.73 30.39 12.27
CA VAL D 396 -10.17 30.27 12.44
C VAL D 396 -10.74 29.53 11.24
N VAL D 397 -11.49 28.46 11.49
CA VAL D 397 -12.09 27.70 10.41
C VAL D 397 -13.30 28.41 9.82
N THR D 398 -13.80 27.89 8.72
CA THR D 398 -14.97 28.44 8.04
C THR D 398 -15.75 27.28 7.43
N LEU D 399 -16.96 27.04 7.92
CA LEU D 399 -17.80 25.96 7.41
C LEU D 399 -19.08 26.53 6.82
N VAL D 416 -24.54 2.69 18.08
CA VAL D 416 -25.42 1.55 18.27
C VAL D 416 -25.71 1.35 19.75
N VAL D 417 -26.99 1.41 20.11
CA VAL D 417 -27.41 1.31 21.50
C VAL D 417 -27.53 -0.16 21.87
N VAL D 418 -26.67 -0.62 22.78
CA VAL D 418 -26.68 -2.00 23.24
C VAL D 418 -27.17 -2.00 24.68
N THR D 419 -28.38 -2.50 24.88
CA THR D 419 -28.98 -2.51 26.21
C THR D 419 -28.80 -3.86 26.89
N THR D 420 -28.69 -3.83 28.22
CA THR D 420 -28.50 -5.01 29.03
C THR D 420 -28.92 -4.69 30.46
N ILE D 421 -28.75 -5.66 31.35
CA ILE D 421 -29.12 -5.52 32.76
C ILE D 421 -28.03 -6.17 33.60
N LEU D 422 -27.82 -5.63 34.80
CA LEU D 422 -26.81 -6.14 35.74
C LEU D 422 -27.27 -7.49 36.26
N GLU D 423 -26.73 -8.57 35.69
CA GLU D 423 -27.00 -9.91 36.18
C GLU D 423 -25.69 -10.68 36.29
N SER D 424 -25.52 -11.38 37.40
CA SER D 424 -24.30 -12.17 37.52
C SER D 424 -24.51 -13.54 36.91
N PRO D 425 -23.51 -14.09 36.20
CA PRO D 425 -22.21 -13.49 35.88
C PRO D 425 -22.20 -12.83 34.51
N TYR D 426 -23.39 -12.45 34.01
CA TYR D 426 -23.49 -11.94 32.65
C TYR D 426 -22.95 -10.53 32.55
N VAL D 427 -23.51 -9.61 33.34
CA VAL D 427 -23.04 -8.23 33.42
C VAL D 427 -22.87 -7.88 34.89
N MET D 428 -21.64 -7.62 35.30
CA MET D 428 -21.32 -7.34 36.69
C MET D 428 -20.57 -6.01 36.80
N MET D 429 -20.72 -5.39 37.96
CA MET D 429 -20.04 -4.12 38.23
C MET D 429 -18.56 -4.35 38.46
N LYS D 430 -17.74 -3.36 38.08
CA LYS D 430 -16.31 -3.45 38.33
C LYS D 430 -16.00 -3.02 39.75
N LYS D 431 -14.74 -3.22 40.15
CA LYS D 431 -14.29 -2.76 41.46
C LYS D 431 -14.18 -1.25 41.50
N ASN D 432 -13.36 -0.68 40.62
CA ASN D 432 -13.26 0.77 40.48
C ASN D 432 -14.17 1.29 39.37
N HIS D 433 -15.46 0.99 39.54
CA HIS D 433 -16.46 1.35 38.53
C HIS D 433 -16.69 2.85 38.47
N GLU D 434 -16.55 3.54 39.60
CA GLU D 434 -16.71 4.99 39.60
C GLU D 434 -15.50 5.70 39.01
N MET D 435 -14.33 5.05 39.00
CA MET D 435 -13.11 5.64 38.47
C MET D 435 -12.89 5.31 37.00
N LEU D 436 -13.86 4.68 36.34
CA LEU D 436 -13.77 4.36 34.92
C LEU D 436 -14.93 5.00 34.17
N GLU D 437 -14.84 4.95 32.85
CA GLU D 437 -15.86 5.55 31.99
C GLU D 437 -15.99 4.72 30.72
N GLY D 438 -17.11 4.91 30.02
CA GLY D 438 -17.36 4.22 28.78
C GLY D 438 -17.85 2.80 28.96
N ASN D 439 -17.36 1.89 28.12
CA ASN D 439 -17.76 0.49 28.16
C ASN D 439 -16.86 -0.36 29.05
N GLU D 440 -15.78 0.21 29.59
CA GLU D 440 -14.90 -0.52 30.49
C GLU D 440 -15.43 -0.59 31.92
N ARG D 441 -16.56 0.05 32.21
CA ARG D 441 -17.12 0.05 33.56
C ARG D 441 -17.75 -1.29 33.91
N TYR D 442 -18.06 -2.11 32.93
CA TYR D 442 -18.80 -3.35 33.14
C TYR D 442 -17.97 -4.53 32.68
N GLU D 443 -18.30 -5.72 33.21
CA GLU D 443 -17.58 -6.94 32.87
C GLU D 443 -18.47 -8.14 33.16
N GLY D 444 -18.20 -9.23 32.45
CA GLY D 444 -18.92 -10.47 32.64
C GLY D 444 -19.02 -11.24 31.33
N TYR D 445 -20.05 -12.08 31.25
CA TYR D 445 -20.21 -12.96 30.09
C TYR D 445 -20.72 -12.19 28.87
N CYS D 446 -21.80 -11.44 29.04
CA CYS D 446 -22.41 -10.74 27.91
C CYS D 446 -21.55 -9.60 27.41
N VAL D 447 -20.66 -9.07 28.25
CA VAL D 447 -19.73 -8.03 27.82
C VAL D 447 -18.73 -8.60 26.82
N ASP D 448 -18.14 -9.75 27.14
CA ASP D 448 -17.24 -10.41 26.21
C ASP D 448 -17.98 -10.96 25.00
N LEU D 449 -19.25 -11.33 25.17
CA LEU D 449 -20.06 -11.75 24.03
C LEU D 449 -20.31 -10.61 23.06
N ALA D 450 -20.62 -9.41 23.59
CA ALA D 450 -20.79 -8.24 22.74
C ALA D 450 -19.47 -7.82 22.11
N ALA D 451 -18.36 -8.02 22.82
CA ALA D 451 -17.05 -7.76 22.24
C ALA D 451 -16.76 -8.70 21.07
N GLU D 452 -17.16 -9.97 21.19
CA GLU D 452 -17.00 -10.91 20.08
C GLU D 452 -17.93 -10.59 18.92
N ILE D 453 -19.15 -10.11 19.21
CA ILE D 453 -20.06 -9.69 18.15
C ILE D 453 -19.50 -8.48 17.41
N ALA D 454 -18.96 -7.51 18.14
CA ALA D 454 -18.36 -6.33 17.49
C ALA D 454 -17.06 -6.68 16.78
N LYS D 455 -16.38 -7.75 17.20
CA LYS D 455 -15.18 -8.18 16.50
C LYS D 455 -15.51 -8.89 15.19
N HIS D 456 -16.50 -9.80 15.21
CA HIS D 456 -16.87 -10.52 14.01
C HIS D 456 -17.87 -9.78 13.14
N CYS D 457 -18.33 -8.61 13.55
CA CYS D 457 -19.26 -7.83 12.75
C CYS D 457 -18.77 -6.42 12.43
N GLY D 458 -17.83 -5.88 13.20
CA GLY D 458 -17.22 -4.61 12.89
C GLY D 458 -18.13 -3.40 13.07
N PHE D 459 -18.50 -3.11 14.31
CA PHE D 459 -19.33 -1.95 14.59
C PHE D 459 -19.06 -1.46 16.01
N LYS D 460 -19.20 -0.16 16.20
CA LYS D 460 -19.09 0.43 17.52
C LYS D 460 -20.36 0.16 18.32
N TYR D 461 -20.19 -0.05 19.62
CA TYR D 461 -21.30 -0.40 20.49
C TYR D 461 -21.35 0.58 21.67
N LYS D 462 -22.45 0.52 22.41
CA LYS D 462 -22.64 1.37 23.58
C LYS D 462 -23.42 0.57 24.61
N LEU D 463 -22.75 0.12 25.66
CA LEU D 463 -23.37 -0.71 26.68
C LEU D 463 -24.23 0.17 27.59
N THR D 464 -25.55 0.04 27.47
CA THR D 464 -26.49 0.85 28.24
C THR D 464 -27.29 -0.02 29.18
N ILE D 465 -27.84 0.61 30.21
CA ILE D 465 -28.60 -0.07 31.25
C ILE D 465 -30.08 0.30 31.08
N VAL D 466 -30.95 -0.70 31.19
CA VAL D 466 -32.38 -0.44 31.14
C VAL D 466 -32.81 0.31 32.40
N GLY D 467 -33.78 1.21 32.24
CA GLY D 467 -34.19 2.09 33.32
C GLY D 467 -34.93 1.41 34.44
N ASP D 468 -36.05 0.76 34.13
CA ASP D 468 -36.89 0.16 35.16
C ASP D 468 -36.34 -1.16 35.70
N GLY D 469 -35.34 -1.74 35.04
CA GLY D 469 -34.84 -3.03 35.48
C GLY D 469 -35.75 -4.19 35.18
N LYS D 470 -36.66 -4.05 34.23
CA LYS D 470 -37.59 -5.10 33.84
C LYS D 470 -37.12 -5.74 32.54
N TYR D 471 -37.46 -7.02 32.37
CA TYR D 471 -37.01 -7.75 31.19
C TYR D 471 -37.92 -7.45 30.00
N GLY D 472 -39.20 -7.81 30.10
CA GLY D 472 -40.16 -7.49 29.07
C GLY D 472 -41.52 -8.08 29.34
N ALA D 473 -42.56 -7.26 29.19
CA ALA D 473 -43.93 -7.69 29.45
C ALA D 473 -44.89 -6.76 28.74
N ARG D 474 -46.04 -7.30 28.36
CA ARG D 474 -47.11 -6.57 27.71
C ARG D 474 -48.33 -6.59 28.62
N ASP D 475 -48.78 -5.40 29.04
CA ASP D 475 -49.98 -5.32 29.85
C ASP D 475 -51.21 -5.59 28.99
N ALA D 476 -52.23 -6.19 29.60
CA ALA D 476 -53.46 -6.49 28.87
C ALA D 476 -54.27 -5.23 28.61
N ASP D 477 -54.11 -4.20 29.44
CA ASP D 477 -54.87 -2.96 29.28
C ASP D 477 -54.19 -2.02 28.29
N THR D 478 -52.94 -1.66 28.56
CA THR D 478 -52.25 -0.66 27.75
C THR D 478 -51.74 -1.22 26.43
N LYS D 479 -51.52 -2.54 26.36
CA LYS D 479 -50.89 -3.22 25.21
C LYS D 479 -49.53 -2.60 24.87
N ILE D 480 -48.75 -2.32 25.91
CA ILE D 480 -47.46 -1.67 25.77
C ILE D 480 -46.39 -2.58 26.36
N TRP D 481 -45.40 -2.94 25.55
CA TRP D 481 -44.26 -3.71 26.02
C TRP D 481 -43.33 -2.82 26.81
N ASN D 482 -42.79 -3.36 27.90
CA ASN D 482 -41.85 -2.63 28.74
C ASN D 482 -40.48 -3.31 28.72
N GLY D 483 -39.54 -2.72 29.45
CA GLY D 483 -38.21 -3.28 29.53
C GLY D 483 -37.42 -3.08 28.25
N MET D 484 -36.46 -3.97 28.02
CA MET D 484 -35.65 -3.93 26.80
C MET D 484 -36.48 -4.29 25.58
N VAL D 485 -37.56 -5.07 25.77
CA VAL D 485 -38.52 -5.32 24.70
C VAL D 485 -39.18 -4.03 24.26
N GLY D 486 -39.64 -3.22 25.22
CA GLY D 486 -40.19 -1.91 24.89
C GLY D 486 -39.15 -0.95 24.35
N GLU D 487 -37.90 -1.11 24.75
CA GLU D 487 -36.82 -0.28 24.18
C GLU D 487 -36.57 -0.63 22.72
N LEU D 488 -36.69 -1.91 22.36
CA LEU D 488 -36.49 -2.30 20.97
C LEU D 488 -37.72 -1.99 20.11
N VAL D 489 -38.91 -2.11 20.69
CA VAL D 489 -40.13 -1.83 19.92
C VAL D 489 -40.28 -0.33 19.68
N TYR D 490 -40.18 0.47 20.73
CA TYR D 490 -40.36 1.91 20.64
C TYR D 490 -39.09 2.63 20.21
N GLY D 491 -38.07 1.91 19.76
CA GLY D 491 -36.89 2.53 19.17
C GLY D 491 -35.92 3.13 20.16
N LYS D 492 -36.06 2.85 21.45
CA LYS D 492 -35.13 3.41 22.43
C LYS D 492 -33.78 2.72 22.38
N ALA D 493 -33.73 1.46 21.91
CA ALA D 493 -32.51 0.70 21.82
C ALA D 493 -32.34 0.17 20.41
N ASP D 494 -31.14 -0.31 20.11
CA ASP D 494 -30.81 -0.88 18.81
C ASP D 494 -30.71 -2.39 18.82
N ILE D 495 -29.99 -2.97 19.79
CA ILE D 495 -29.87 -4.41 19.91
C ILE D 495 -29.72 -4.74 21.39
N ALA D 496 -30.22 -5.91 21.79
CA ALA D 496 -30.19 -6.34 23.18
C ALA D 496 -29.39 -7.64 23.27
N ILE D 497 -28.25 -7.58 23.95
CA ILE D 497 -27.44 -8.74 24.24
C ILE D 497 -27.56 -9.00 25.74
N ALA D 498 -28.51 -9.86 26.10
CA ALA D 498 -28.85 -10.13 27.49
C ALA D 498 -29.63 -11.44 27.53
N PRO D 499 -29.63 -12.12 28.69
CA PRO D 499 -30.46 -13.33 28.80
C PRO D 499 -31.95 -13.04 28.86
N LEU D 500 -32.56 -12.83 27.69
CA LEU D 500 -34.00 -12.65 27.57
C LEU D 500 -34.59 -13.93 26.99
N THR D 501 -35.65 -14.43 27.60
CA THR D 501 -36.24 -15.71 27.20
C THR D 501 -37.01 -15.54 25.90
N ILE D 502 -36.65 -16.34 24.90
CA ILE D 502 -37.31 -16.31 23.59
C ILE D 502 -38.67 -16.99 23.73
N THR D 503 -39.74 -16.19 23.65
CA THR D 503 -41.10 -16.71 23.69
C THR D 503 -41.82 -16.39 22.39
N LEU D 504 -43.01 -16.96 22.24
CA LEU D 504 -43.80 -16.74 21.04
C LEU D 504 -44.38 -15.34 21.01
N VAL D 505 -44.81 -14.83 22.16
CA VAL D 505 -45.43 -13.51 22.22
C VAL D 505 -44.40 -12.40 22.00
N ARG D 506 -43.12 -12.68 22.21
CA ARG D 506 -42.08 -11.71 21.91
C ARG D 506 -41.67 -11.77 20.45
N GLU D 507 -41.94 -12.89 19.77
CA GLU D 507 -41.65 -13.00 18.35
C GLU D 507 -42.60 -12.16 17.51
N GLU D 508 -43.79 -11.87 18.05
CA GLU D 508 -44.81 -11.14 17.29
C GLU D 508 -44.44 -9.67 17.05
N VAL D 509 -43.50 -9.12 17.83
CA VAL D 509 -43.10 -7.73 17.69
C VAL D 509 -41.65 -7.58 17.25
N ILE D 510 -40.75 -8.43 17.74
CA ILE D 510 -39.34 -8.36 17.38
C ILE D 510 -38.87 -9.73 16.94
N ASP D 511 -37.63 -9.79 16.47
CA ASP D 511 -37.04 -11.02 15.96
C ASP D 511 -36.00 -11.55 16.93
N PHE D 512 -35.63 -12.82 16.73
CA PHE D 512 -34.65 -13.48 17.58
C PHE D 512 -33.72 -14.34 16.73
N SER D 513 -32.48 -14.46 17.18
CA SER D 513 -31.49 -15.28 16.50
C SER D 513 -31.55 -16.70 17.04
N LYS D 514 -30.60 -17.53 16.62
CA LYS D 514 -30.51 -18.87 17.18
C LYS D 514 -29.98 -18.82 18.60
N PRO D 515 -30.45 -19.70 19.48
CA PRO D 515 -30.04 -19.64 20.90
C PRO D 515 -28.60 -20.06 21.08
N PHE D 516 -27.79 -19.17 21.66
CA PHE D 516 -26.40 -19.47 21.92
C PHE D 516 -26.21 -20.35 23.15
N MET D 517 -27.13 -20.28 24.11
CA MET D 517 -26.99 -21.05 25.34
C MET D 517 -28.32 -21.73 25.64
N SER D 518 -28.33 -23.05 25.56
CA SER D 518 -29.50 -23.84 25.90
C SER D 518 -29.51 -24.15 27.39
N LEU D 519 -30.71 -24.22 27.96
CA LEU D 519 -30.86 -24.44 29.39
C LEU D 519 -32.23 -25.03 29.64
N GLY D 520 -32.50 -25.32 30.91
CA GLY D 520 -33.77 -25.90 31.30
C GLY D 520 -34.04 -25.67 32.77
N ILE D 521 -35.05 -26.38 33.27
CA ILE D 521 -35.42 -26.31 34.68
C ILE D 521 -34.68 -27.42 35.42
N SER D 522 -33.97 -27.05 36.48
CA SER D 522 -33.22 -28.00 37.29
C SER D 522 -33.73 -27.96 38.74
N ILE D 523 -33.11 -28.80 39.56
CA ILE D 523 -33.49 -28.96 40.96
C ILE D 523 -32.36 -28.44 41.82
N MET D 524 -32.65 -27.44 42.65
CA MET D 524 -31.67 -26.90 43.59
C MET D 524 -31.88 -27.53 44.96
N ILE D 525 -30.91 -28.34 45.39
CA ILE D 525 -30.89 -28.91 46.73
C ILE D 525 -29.54 -28.58 47.36
N LYS D 526 -29.47 -28.78 48.67
CA LYS D 526 -28.23 -28.53 49.37
C LYS D 526 -27.28 -29.73 49.23
N LYS D 527 -26.03 -29.51 49.60
CA LYS D 527 -25.05 -30.59 49.58
C LYS D 527 -25.35 -31.56 50.71
N PRO D 528 -25.44 -32.87 50.45
CA PRO D 528 -25.71 -33.81 51.54
C PRO D 528 -24.52 -34.01 52.46
N GLN D 529 -24.60 -33.42 53.64
CA GLN D 529 -23.55 -33.54 54.64
C GLN D 529 -23.86 -34.72 55.57
N LYS D 530 -23.02 -34.89 56.58
CA LYS D 530 -23.24 -35.95 57.54
C LYS D 530 -24.34 -35.57 58.52
N SER D 531 -25.30 -36.47 58.68
CA SER D 531 -26.37 -36.29 59.65
C SER D 531 -26.22 -37.36 60.72
N LYS D 532 -26.65 -37.03 61.93
CA LYS D 532 -26.46 -37.89 63.11
C LYS D 532 -27.30 -39.16 62.99
N PRO D 533 -26.67 -40.33 62.85
CA PRO D 533 -27.45 -41.56 62.61
C PRO D 533 -28.15 -42.08 63.86
N GLY D 534 -27.48 -42.06 65.01
CA GLY D 534 -28.07 -42.47 66.26
C GLY D 534 -28.22 -43.97 66.43
N VAL D 535 -29.40 -44.37 66.95
CA VAL D 535 -29.67 -45.75 67.34
C VAL D 535 -29.62 -46.69 66.14
N PHE D 536 -29.93 -46.16 64.96
CA PHE D 536 -29.86 -46.92 63.71
C PHE D 536 -28.45 -47.39 63.36
N SER D 537 -27.40 -46.83 63.99
CA SER D 537 -26.05 -47.33 63.80
C SER D 537 -25.81 -48.68 64.46
N PHE D 538 -26.71 -49.12 65.36
CA PHE D 538 -26.54 -50.44 65.96
C PHE D 538 -26.81 -51.54 64.94
N LEU D 539 -27.72 -51.30 64.00
CA LEU D 539 -28.02 -52.26 62.94
C LEU D 539 -27.77 -51.68 61.55
N ASP D 540 -26.89 -50.69 61.43
CA ASP D 540 -26.61 -50.10 60.14
C ASP D 540 -25.83 -51.02 59.19
N PRO D 541 -24.64 -51.57 59.52
CA PRO D 541 -23.88 -52.27 58.49
C PRO D 541 -24.36 -53.69 58.24
N LEU D 542 -24.11 -54.14 57.01
CA LEU D 542 -24.12 -55.53 56.52
C LEU D 542 -25.51 -56.16 56.41
N ALA D 543 -26.53 -55.55 56.99
CA ALA D 543 -27.84 -56.20 57.08
C ALA D 543 -28.89 -55.21 57.52
N TYR D 544 -30.09 -55.32 56.96
CA TYR D 544 -31.28 -54.69 57.49
C TYR D 544 -32.32 -55.71 57.94
N GLU D 545 -32.30 -56.90 57.35
CA GLU D 545 -33.24 -57.96 57.69
C GLU D 545 -32.54 -59.23 58.13
N ILE D 546 -31.26 -59.41 57.80
CA ILE D 546 -30.57 -60.67 58.07
C ILE D 546 -30.25 -60.89 59.55
N TRP D 547 -30.39 -59.85 60.39
CA TRP D 547 -30.21 -60.03 61.82
C TRP D 547 -31.30 -60.94 62.39
N MET D 548 -32.54 -60.79 61.92
CA MET D 548 -33.62 -61.68 62.32
C MET D 548 -33.37 -63.10 61.82
N CYS D 549 -32.73 -63.23 60.67
CA CYS D 549 -32.33 -64.55 60.17
C CYS D 549 -31.27 -65.18 61.07
N ILE D 550 -30.35 -64.36 61.58
CA ILE D 550 -29.34 -64.85 62.52
C ILE D 550 -29.99 -65.30 63.82
N VAL D 551 -30.98 -64.55 64.30
CA VAL D 551 -31.70 -64.91 65.52
C VAL D 551 -32.51 -66.19 65.32
N PHE D 552 -33.13 -66.34 64.15
CA PHE D 552 -33.91 -67.55 63.84
C PHE D 552 -33.01 -68.77 63.74
N ALA D 553 -31.83 -68.61 63.12
CA ALA D 553 -30.86 -69.69 63.08
C ALA D 553 -30.30 -70.01 64.45
N TYR D 554 -30.19 -68.99 65.32
CA TYR D 554 -29.78 -69.20 66.69
C TYR D 554 -30.78 -70.05 67.46
N ILE D 555 -32.07 -69.74 67.31
CA ILE D 555 -33.11 -70.53 67.95
C ILE D 555 -33.16 -71.95 67.38
N GLY D 556 -32.95 -72.08 66.06
CA GLY D 556 -32.97 -73.40 65.44
C GLY D 556 -31.82 -74.28 65.88
N VAL D 557 -30.60 -73.72 65.93
CA VAL D 557 -29.43 -74.45 66.39
C VAL D 557 -29.56 -74.78 67.87
N SER D 558 -30.20 -73.90 68.65
CA SER D 558 -30.45 -74.18 70.06
C SER D 558 -31.42 -75.36 70.23
N VAL D 559 -32.48 -75.40 69.42
CA VAL D 559 -33.45 -76.49 69.50
C VAL D 559 -32.82 -77.81 69.05
N VAL D 560 -32.00 -77.78 68.00
CA VAL D 560 -31.34 -79.00 67.54
C VAL D 560 -30.31 -79.48 68.56
N LEU D 561 -29.57 -78.56 69.19
CA LEU D 561 -28.58 -78.94 70.19
C LEU D 561 -29.25 -79.49 71.44
N PHE D 562 -30.41 -78.95 71.82
CA PHE D 562 -31.16 -79.51 72.94
C PHE D 562 -31.77 -80.87 72.59
N LEU D 563 -32.17 -81.06 71.33
CA LEU D 563 -32.74 -82.34 70.94
C LEU D 563 -31.67 -83.42 70.89
N VAL D 564 -30.43 -83.04 70.56
CA VAL D 564 -29.35 -84.01 70.58
C VAL D 564 -28.89 -84.29 72.01
N SER D 565 -28.71 -83.23 72.81
CA SER D 565 -28.13 -83.37 74.15
C SER D 565 -29.08 -83.97 75.17
N ARG D 566 -30.39 -83.89 74.96
CA ARG D 566 -31.36 -84.32 75.95
C ARG D 566 -32.28 -85.40 75.40
N PHE D 567 -31.72 -86.36 74.69
CA PHE D 567 -32.50 -87.50 74.19
C PHE D 567 -31.75 -88.82 74.27
N SER D 568 -30.61 -88.86 74.97
CA SER D 568 -29.78 -90.06 75.06
C SER D 568 -30.42 -91.23 75.82
N PRO D 569 -31.25 -91.03 76.88
CA PRO D 569 -31.90 -92.28 77.32
C PRO D 569 -33.14 -92.61 76.49
N ASN D 590 -25.87 -83.48 82.11
CA ASN D 590 -24.86 -82.45 82.37
C ASN D 590 -25.02 -81.29 81.38
N GLU D 591 -24.86 -81.59 80.09
CA GLU D 591 -25.01 -80.59 79.04
C GLU D 591 -26.46 -80.43 78.59
N PHE D 592 -27.40 -81.16 79.19
CA PHE D 592 -28.80 -81.04 78.85
C PHE D 592 -29.39 -79.78 79.49
N GLY D 593 -30.67 -79.55 79.21
CA GLY D 593 -31.34 -78.35 79.69
C GLY D 593 -31.60 -77.39 78.56
N ILE D 594 -32.85 -76.90 78.45
CA ILE D 594 -33.22 -76.06 77.33
C ILE D 594 -32.58 -74.68 77.45
N PHE D 595 -32.57 -74.11 78.66
CA PHE D 595 -31.88 -72.84 78.83
C PHE D 595 -30.37 -73.04 78.88
N ASN D 596 -29.91 -74.22 79.33
CA ASN D 596 -28.48 -74.51 79.30
C ASN D 596 -27.98 -74.62 77.86
N SER D 597 -28.74 -75.30 77.00
CA SER D 597 -28.36 -75.40 75.60
C SER D 597 -28.50 -74.05 74.89
N LEU D 598 -29.51 -73.27 75.28
CA LEU D 598 -29.68 -71.93 74.71
C LEU D 598 -28.52 -71.00 75.08
N TRP D 599 -28.10 -71.04 76.35
CA TRP D 599 -27.02 -70.18 76.78
C TRP D 599 -25.66 -70.70 76.30
N PHE D 600 -25.56 -72.01 76.03
CA PHE D 600 -24.35 -72.51 75.40
C PHE D 600 -24.28 -72.12 73.93
N SER D 601 -25.42 -72.04 73.25
CA SER D 601 -25.43 -71.51 71.89
C SER D 601 -25.11 -70.01 71.89
N LEU D 602 -25.55 -69.30 72.93
CA LEU D 602 -25.18 -67.90 73.09
C LEU D 602 -23.68 -67.75 73.33
N GLY D 603 -23.10 -68.64 74.15
CA GLY D 603 -21.66 -68.69 74.33
C GLY D 603 -20.91 -69.08 73.08
N ALA D 604 -21.52 -69.89 72.23
CA ALA D 604 -20.93 -70.18 70.94
C ALA D 604 -21.03 -69.00 69.97
N PHE D 605 -22.01 -68.12 70.16
CA PHE D 605 -22.17 -66.98 69.26
C PHE D 605 -21.03 -65.98 69.41
N MET D 606 -20.89 -65.39 70.58
CA MET D 606 -19.78 -64.49 70.82
C MET D 606 -18.62 -65.30 71.41
N ARG D 607 -17.64 -64.62 72.00
CA ARG D 607 -16.38 -65.31 72.29
C ARG D 607 -16.44 -66.17 73.55
N GLN D 608 -16.66 -65.56 74.71
CA GLN D 608 -16.67 -66.30 75.98
C GLN D 608 -17.91 -67.18 76.22
N ILE D 612 -17.38 -75.24 79.50
CA ILE D 612 -18.40 -76.27 79.28
C ILE D 612 -18.37 -76.70 77.80
N SER D 613 -18.56 -77.99 77.55
CA SER D 613 -18.53 -78.54 76.20
C SER D 613 -19.29 -79.86 76.18
N PRO D 614 -20.00 -80.15 75.09
CA PRO D 614 -20.69 -81.44 74.99
C PRO D 614 -19.72 -82.58 74.75
N ARG D 615 -20.06 -83.76 75.27
CA ARG D 615 -19.24 -84.94 75.09
C ARG D 615 -19.96 -86.05 74.32
N SER D 616 -21.08 -85.72 73.67
CA SER D 616 -21.83 -86.71 72.90
C SER D 616 -21.29 -86.91 71.50
N LEU D 617 -20.27 -86.14 71.11
CA LEU D 617 -19.53 -86.17 69.84
C LEU D 617 -20.41 -86.04 68.60
N SER D 618 -21.64 -85.58 68.73
CA SER D 618 -22.51 -85.34 67.59
C SER D 618 -23.11 -83.94 67.61
N GLY D 619 -23.53 -83.45 68.78
CA GLY D 619 -23.94 -82.06 68.91
C GLY D 619 -22.77 -81.10 68.92
N ARG D 620 -21.57 -81.61 69.22
CA ARG D 620 -20.37 -80.79 69.10
C ARG D 620 -20.09 -80.44 67.65
N ILE D 621 -20.52 -81.28 66.71
CA ILE D 621 -20.43 -80.92 65.29
C ILE D 621 -21.32 -79.73 64.98
N VAL D 622 -22.52 -79.72 65.55
CA VAL D 622 -23.44 -78.58 65.42
C VAL D 622 -22.82 -77.33 66.03
N GLY D 623 -22.20 -77.47 67.21
CA GLY D 623 -21.56 -76.34 67.85
C GLY D 623 -20.37 -75.82 67.05
N GLY D 624 -19.60 -76.72 66.45
CA GLY D 624 -18.45 -76.29 65.66
C GLY D 624 -18.84 -75.60 64.37
N VAL D 625 -19.90 -76.09 63.71
CA VAL D 625 -20.31 -75.43 62.47
C VAL D 625 -21.00 -74.10 62.77
N TRP D 626 -21.76 -74.01 63.88
CA TRP D 626 -22.31 -72.74 64.33
C TRP D 626 -21.20 -71.76 64.74
N TRP D 627 -20.12 -72.28 65.27
CA TRP D 627 -19.03 -71.48 65.81
C TRP D 627 -18.17 -70.91 64.68
N PHE D 628 -17.88 -71.73 63.67
CA PHE D 628 -17.28 -71.23 62.44
C PHE D 628 -18.20 -70.24 61.73
N PHE D 629 -19.51 -70.51 61.74
CA PHE D 629 -20.52 -69.65 61.14
C PHE D 629 -20.50 -68.25 61.76
N THR D 630 -20.59 -68.16 63.07
CA THR D 630 -20.56 -66.85 63.72
C THR D 630 -19.17 -66.22 63.70
N LEU D 631 -18.10 -67.00 63.55
CA LEU D 631 -16.78 -66.39 63.38
C LEU D 631 -16.68 -65.71 62.03
N ILE D 632 -17.23 -66.33 60.99
CA ILE D 632 -17.33 -65.69 59.68
C ILE D 632 -18.21 -64.45 59.75
N ILE D 633 -19.29 -64.51 60.53
CA ILE D 633 -20.19 -63.36 60.67
C ILE D 633 -19.47 -62.18 61.32
N ILE D 634 -18.76 -62.43 62.42
CA ILE D 634 -18.11 -61.31 63.11
C ILE D 634 -16.90 -60.80 62.33
N SER D 635 -16.24 -61.66 61.55
CA SER D 635 -15.18 -61.19 60.65
C SER D 635 -15.75 -60.28 59.57
N SER D 636 -16.88 -60.69 58.97
CA SER D 636 -17.53 -59.86 57.96
C SER D 636 -18.09 -58.58 58.56
N TYR D 637 -18.51 -58.62 59.82
CA TYR D 637 -19.02 -57.43 60.49
C TYR D 637 -17.91 -56.43 60.72
N THR D 638 -16.75 -56.90 61.18
CA THR D 638 -15.59 -56.03 61.35
C THR D 638 -15.16 -55.44 60.00
N ALA D 639 -15.19 -56.27 58.95
CA ALA D 639 -14.79 -55.81 57.62
C ALA D 639 -15.74 -54.76 57.06
N ASN D 640 -17.05 -54.98 57.18
CA ASN D 640 -18.01 -54.03 56.63
C ASN D 640 -18.08 -52.76 57.47
N LEU D 641 -17.86 -52.88 58.79
CA LEU D 641 -17.84 -51.67 59.60
C LEU D 641 -16.59 -50.84 59.32
N ALA D 642 -15.46 -51.50 59.01
CA ALA D 642 -14.29 -50.78 58.53
C ALA D 642 -14.54 -50.15 57.17
N ALA D 643 -15.34 -50.81 56.33
CA ALA D 643 -15.68 -50.26 55.02
C ALA D 643 -16.56 -49.02 55.16
N PHE D 644 -17.49 -49.03 56.12
CA PHE D 644 -18.28 -47.83 56.38
C PHE D 644 -17.43 -46.71 56.98
N LEU D 645 -16.57 -47.02 57.94
CA LEU D 645 -15.76 -45.99 58.56
C LEU D 645 -14.61 -45.51 57.68
N THR D 646 -14.34 -46.18 56.56
CA THR D 646 -13.22 -45.80 55.71
C THR D 646 -13.61 -44.73 54.70
N VAL D 647 -14.57 -45.02 53.84
CA VAL D 647 -14.86 -44.15 52.70
C VAL D 647 -15.72 -42.97 53.13
N GLU D 648 -16.91 -43.26 53.66
CA GLU D 648 -17.92 -42.27 54.08
C GLU D 648 -18.30 -41.34 52.92
N ARG D 649 -18.79 -41.96 51.85
CA ARG D 649 -19.26 -41.24 50.67
C ARG D 649 -20.78 -41.12 50.78
N MET D 650 -21.24 -39.99 51.32
CA MET D 650 -22.67 -39.74 51.44
C MET D 650 -23.27 -39.45 50.08
N VAL D 651 -24.51 -39.93 49.88
CA VAL D 651 -25.19 -39.78 48.61
C VAL D 651 -26.42 -38.91 48.83
N SER D 652 -26.97 -38.41 47.72
CA SER D 652 -28.16 -37.57 47.79
C SER D 652 -29.41 -38.44 47.74
N PRO D 653 -30.43 -38.08 48.52
CA PRO D 653 -31.68 -38.88 48.47
C PRO D 653 -32.49 -38.63 47.22
N ILE D 654 -32.44 -37.42 46.67
CA ILE D 654 -33.22 -37.06 45.50
C ILE D 654 -32.30 -37.07 44.29
N GLU D 655 -32.69 -37.83 43.26
CA GLU D 655 -31.89 -37.97 42.05
C GLU D 655 -32.60 -37.44 40.80
N SER D 656 -33.83 -37.89 40.56
CA SER D 656 -34.56 -37.55 39.35
C SER D 656 -35.73 -36.63 39.67
N ALA D 657 -36.46 -36.26 38.61
CA ALA D 657 -37.65 -35.43 38.76
C ALA D 657 -38.82 -36.21 39.34
N GLU D 658 -38.89 -37.52 39.08
CA GLU D 658 -39.95 -38.35 39.65
C GLU D 658 -39.75 -38.59 41.14
N ASP D 659 -38.55 -38.30 41.67
CA ASP D 659 -38.30 -38.43 43.10
C ASP D 659 -39.11 -37.42 43.91
N LEU D 660 -39.46 -36.28 43.30
CA LEU D 660 -40.30 -35.30 43.99
C LEU D 660 -41.72 -35.82 44.15
N SER D 661 -42.26 -36.47 43.11
CA SER D 661 -43.59 -37.06 43.21
C SER D 661 -43.60 -38.37 43.99
N LYS D 662 -42.45 -39.04 44.11
CA LYS D 662 -42.39 -40.31 44.81
C LYS D 662 -42.48 -40.17 46.32
N GLN D 663 -42.15 -39.00 46.87
CA GLN D 663 -42.18 -38.78 48.30
C GLN D 663 -42.99 -37.52 48.60
N THR D 664 -43.21 -37.28 49.89
CA THR D 664 -43.89 -36.07 50.34
C THR D 664 -43.27 -35.43 51.57
N GLU D 665 -42.20 -36.01 52.13
CA GLU D 665 -41.60 -35.44 53.33
C GLU D 665 -40.75 -34.22 53.01
N ILE D 666 -39.94 -34.30 51.96
CA ILE D 666 -39.10 -33.19 51.55
C ILE D 666 -39.90 -32.32 50.60
N ALA D 667 -40.18 -31.09 51.01
CA ALA D 667 -41.00 -30.19 50.21
C ALA D 667 -40.19 -29.57 49.08
N TYR D 668 -40.90 -28.96 48.14
CA TYR D 668 -40.26 -28.30 47.01
C TYR D 668 -41.17 -27.17 46.54
N GLY D 669 -40.56 -26.08 46.08
CA GLY D 669 -41.33 -24.93 45.65
C GLY D 669 -40.69 -24.20 44.50
N THR D 670 -41.48 -23.31 43.90
CA THR D 670 -41.04 -22.44 42.81
C THR D 670 -41.25 -20.98 43.21
N LEU D 671 -40.99 -20.09 42.27
CA LEU D 671 -41.16 -18.66 42.52
C LEU D 671 -42.63 -18.30 42.41
N ASP D 672 -43.04 -17.26 43.14
CA ASP D 672 -44.45 -16.85 43.19
C ASP D 672 -44.95 -16.28 41.87
N SER D 673 -44.07 -15.72 41.05
CA SER D 673 -44.47 -15.12 39.78
C SER D 673 -43.42 -15.41 38.72
N GLY D 674 -43.88 -15.67 37.50
CA GLY D 674 -42.99 -15.96 36.40
C GLY D 674 -43.50 -17.05 35.48
N SER D 675 -42.78 -17.30 34.37
CA SER D 675 -43.17 -18.34 33.43
C SER D 675 -42.86 -19.74 33.93
N THR D 676 -42.04 -19.86 34.98
CA THR D 676 -41.73 -21.17 35.54
C THR D 676 -42.97 -21.80 36.16
N LYS D 677 -43.71 -21.04 36.96
CA LYS D 677 -44.96 -21.54 37.52
C LYS D 677 -46.04 -21.69 36.45
N GLU D 678 -45.97 -20.88 35.39
CA GLU D 678 -46.90 -21.02 34.28
C GLU D 678 -46.64 -22.31 33.49
N PHE D 679 -45.39 -22.78 33.49
CA PHE D 679 -45.07 -24.06 32.86
C PHE D 679 -45.76 -25.22 33.59
N PHE D 680 -45.75 -25.18 34.92
CA PHE D 680 -46.44 -26.23 35.67
C PHE D 680 -47.95 -26.04 35.63
N ARG D 681 -48.42 -24.80 35.50
CA ARG D 681 -49.85 -24.55 35.43
C ARG D 681 -50.43 -24.99 34.09
N ARG D 682 -49.66 -24.88 33.01
CA ARG D 682 -50.14 -25.22 31.68
C ARG D 682 -49.68 -26.60 31.23
N SER D 683 -49.09 -27.39 32.10
CA SER D 683 -48.58 -28.70 31.72
C SER D 683 -49.71 -29.71 31.56
N LYS D 684 -49.49 -30.71 30.72
CA LYS D 684 -50.43 -31.79 30.51
C LYS D 684 -49.90 -33.14 30.97
N ILE D 685 -48.64 -33.22 31.38
CA ILE D 685 -48.06 -34.46 31.89
C ILE D 685 -48.58 -34.69 33.30
N ALA D 686 -49.01 -35.93 33.56
CA ALA D 686 -49.63 -36.26 34.85
C ALA D 686 -48.65 -36.16 36.02
N VAL D 687 -47.35 -36.34 35.75
CA VAL D 687 -46.34 -36.14 36.79
C VAL D 687 -46.27 -34.65 37.16
N PHE D 688 -46.17 -33.78 36.16
CA PHE D 688 -46.15 -32.35 36.43
C PHE D 688 -47.53 -31.85 36.86
N ASP D 689 -48.59 -32.55 36.47
CA ASP D 689 -49.92 -32.23 37.00
C ASP D 689 -50.00 -32.52 38.49
N LYS D 690 -49.42 -33.64 38.93
CA LYS D 690 -49.36 -33.95 40.35
C LYS D 690 -48.47 -32.97 41.09
N MET D 691 -47.39 -32.51 40.43
CA MET D 691 -46.53 -31.49 41.03
C MET D 691 -47.26 -30.17 41.22
N TRP D 692 -48.02 -29.73 40.20
CA TRP D 692 -48.79 -28.50 40.31
C TRP D 692 -49.95 -28.66 41.30
N THR D 693 -50.50 -29.87 41.43
CA THR D 693 -51.55 -30.10 42.42
C THR D 693 -50.97 -30.04 43.84
N TYR D 694 -49.77 -30.58 44.03
CA TYR D 694 -49.14 -30.55 45.35
C TYR D 694 -48.69 -29.15 45.72
N MET D 695 -48.18 -28.39 44.75
CA MET D 695 -47.69 -27.04 45.04
C MET D 695 -48.82 -26.01 45.10
N ARG D 696 -49.94 -26.26 44.43
CA ARG D 696 -51.06 -25.32 44.46
C ARG D 696 -51.89 -25.45 45.73
N SER D 697 -51.80 -26.59 46.42
CA SER D 697 -52.49 -26.81 47.68
C SER D 697 -51.50 -26.96 48.84
N ALA D 698 -50.35 -26.31 48.75
CA ALA D 698 -49.30 -26.49 49.73
C ALA D 698 -49.61 -25.70 51.01
N GLU D 699 -49.38 -26.35 52.15
CA GLU D 699 -49.54 -25.73 53.45
C GLU D 699 -48.23 -25.86 54.22
N PRO D 700 -47.50 -24.76 54.51
CA PRO D 700 -47.84 -23.38 54.14
C PRO D 700 -47.41 -23.02 52.72
N SER D 701 -47.32 -21.72 52.44
CA SER D 701 -46.98 -21.25 51.10
C SER D 701 -45.51 -21.54 50.80
N VAL D 702 -45.26 -22.32 49.76
CA VAL D 702 -43.90 -22.67 49.37
C VAL D 702 -43.28 -21.65 48.43
N PHE D 703 -44.04 -20.65 47.99
CA PHE D 703 -43.55 -19.65 47.06
C PHE D 703 -42.77 -18.57 47.80
N VAL D 704 -41.64 -18.18 47.24
CA VAL D 704 -40.78 -17.18 47.85
C VAL D 704 -40.85 -15.89 47.05
N ARG D 705 -40.35 -14.81 47.66
CA ARG D 705 -40.41 -13.50 47.03
C ARG D 705 -39.36 -13.36 45.93
N THR D 706 -38.09 -13.49 46.28
CA THR D 706 -37.00 -13.30 45.34
C THR D 706 -36.20 -14.59 45.19
N THR D 707 -35.15 -14.53 44.37
CA THR D 707 -34.27 -15.67 44.16
C THR D 707 -33.42 -15.92 45.41
N ALA D 708 -32.86 -14.85 45.98
CA ALA D 708 -32.07 -14.97 47.20
C ALA D 708 -32.93 -15.39 48.39
N GLU D 709 -34.22 -15.05 48.36
CA GLU D 709 -35.14 -15.55 49.37
C GLU D 709 -35.29 -17.07 49.26
N GLY D 710 -35.34 -17.59 48.04
CA GLY D 710 -35.34 -19.04 47.85
C GLY D 710 -34.04 -19.69 48.26
N VAL D 711 -32.91 -19.00 48.03
CA VAL D 711 -31.61 -19.51 48.46
C VAL D 711 -31.55 -19.59 49.98
N ALA D 712 -32.04 -18.56 50.66
CA ALA D 712 -32.07 -18.57 52.13
C ALA D 712 -33.08 -19.58 52.65
N ARG D 713 -34.15 -19.85 51.91
CA ARG D 713 -35.12 -20.85 52.34
C ARG D 713 -34.55 -22.26 52.20
N VAL D 714 -33.76 -22.50 51.15
CA VAL D 714 -33.15 -23.83 50.99
C VAL D 714 -32.00 -24.01 51.99
N ARG D 715 -31.17 -22.98 52.18
CA ARG D 715 -30.03 -23.09 53.10
C ARG D 715 -30.44 -23.21 54.56
N LYS D 716 -31.66 -22.82 54.91
CA LYS D 716 -32.17 -22.98 56.27
C LYS D 716 -33.12 -24.16 56.39
N SER D 717 -33.08 -25.11 55.45
CA SER D 717 -34.00 -26.24 55.44
C SER D 717 -33.40 -27.53 55.98
N LYS D 718 -32.06 -27.66 55.94
CA LYS D 718 -31.32 -28.84 56.40
C LYS D 718 -31.79 -30.11 55.69
N GLY D 719 -32.07 -30.00 54.41
CA GLY D 719 -32.51 -31.14 53.63
C GLY D 719 -34.00 -31.43 53.69
N LYS D 720 -34.84 -30.41 53.81
CA LYS D 720 -36.28 -30.60 53.91
C LYS D 720 -37.07 -29.84 52.84
N TYR D 721 -36.45 -28.87 52.15
CA TYR D 721 -37.14 -28.05 51.18
C TYR D 721 -36.20 -27.70 50.04
N ALA D 722 -36.68 -27.87 48.81
CA ALA D 722 -35.92 -27.57 47.61
C ALA D 722 -36.62 -26.51 46.76
N TYR D 723 -35.88 -25.99 45.78
CA TYR D 723 -36.34 -24.91 44.94
C TYR D 723 -36.06 -25.22 43.47
N LEU D 724 -36.98 -24.81 42.60
CA LEU D 724 -36.88 -25.05 41.17
C LEU D 724 -36.65 -23.72 40.46
N LEU D 725 -35.76 -23.72 39.47
CA LEU D 725 -35.40 -22.52 38.73
C LEU D 725 -34.70 -22.94 37.44
N GLU D 726 -34.17 -21.95 36.72
CA GLU D 726 -33.38 -22.22 35.53
C GLU D 726 -32.06 -22.88 35.91
N SER D 727 -31.52 -23.68 34.96
CA SER D 727 -30.36 -24.50 35.26
C SER D 727 -29.08 -23.66 35.35
N THR D 728 -28.99 -22.59 34.55
CA THR D 728 -27.78 -21.77 34.54
C THR D 728 -27.61 -21.00 35.84
N MET D 729 -28.69 -20.38 36.31
CA MET D 729 -28.65 -19.68 37.59
C MET D 729 -28.43 -20.64 38.75
N ASN D 730 -29.00 -21.85 38.65
CA ASN D 730 -28.79 -22.89 39.66
C ASN D 730 -27.33 -23.30 39.73
N GLU D 731 -26.69 -23.52 38.58
CA GLU D 731 -25.28 -23.89 38.57
C GLU D 731 -24.39 -22.73 38.99
N TYR D 732 -24.81 -21.49 38.71
CA TYR D 732 -24.03 -20.34 39.15
C TYR D 732 -24.08 -20.18 40.66
N ILE D 733 -25.26 -20.38 41.26
CA ILE D 733 -25.35 -20.38 42.72
C ILE D 733 -24.61 -21.58 43.31
N GLU D 734 -24.58 -22.70 42.58
CA GLU D 734 -23.79 -23.86 43.00
C GLU D 734 -22.30 -23.57 43.01
N GLN D 735 -21.84 -22.70 42.10
CA GLN D 735 -20.43 -22.37 42.01
C GLN D 735 -20.07 -21.08 42.76
N ARG D 736 -20.75 -20.79 43.87
CA ARG D 736 -20.39 -19.67 44.72
C ARG D 736 -20.27 -20.15 46.17
N LYS D 737 -19.68 -19.29 47.00
CA LYS D 737 -19.52 -19.57 48.42
C LYS D 737 -20.89 -19.60 49.11
N PRO D 738 -21.07 -20.39 50.17
CA PRO D 738 -20.14 -21.32 50.85
C PRO D 738 -20.03 -22.70 50.21
N CYS D 739 -20.39 -22.83 48.93
CA CYS D 739 -20.33 -24.09 48.16
C CYS D 739 -21.15 -25.19 48.84
N ASP D 740 -22.37 -24.84 49.23
CA ASP D 740 -23.21 -25.71 50.05
C ASP D 740 -24.40 -26.33 49.33
N THR D 741 -24.59 -26.02 48.06
CA THR D 741 -25.73 -26.54 47.29
C THR D 741 -25.22 -27.31 46.08
N MET D 742 -26.12 -28.05 45.45
CA MET D 742 -25.79 -28.78 44.23
C MET D 742 -27.04 -28.95 43.37
N LYS D 743 -26.82 -29.16 42.08
CA LYS D 743 -27.89 -29.37 41.12
C LYS D 743 -27.93 -30.83 40.71
N VAL D 744 -29.14 -31.39 40.66
CA VAL D 744 -29.33 -32.79 40.27
C VAL D 744 -30.32 -32.84 39.12
N GLY D 745 -30.29 -33.95 38.39
CA GLY D 745 -31.23 -34.20 37.33
C GLY D 745 -30.94 -33.43 36.06
N GLY D 746 -31.54 -33.90 34.96
CA GLY D 746 -31.43 -33.22 33.69
C GLY D 746 -32.39 -32.05 33.58
N ASN D 747 -32.35 -31.42 32.42
CA ASN D 747 -33.23 -30.28 32.17
C ASN D 747 -34.66 -30.76 31.94
N LEU D 748 -35.62 -30.02 32.48
CA LEU D 748 -37.02 -30.41 32.40
C LEU D 748 -37.73 -29.86 31.17
N ASP D 749 -37.24 -28.78 30.58
CA ASP D 749 -37.82 -28.22 29.37
C ASP D 749 -36.71 -27.76 28.44
N SER D 750 -37.11 -27.20 27.31
CA SER D 750 -36.19 -26.71 26.29
C SER D 750 -36.21 -25.18 26.31
N LYS D 751 -35.29 -24.59 27.05
CA LYS D 751 -35.14 -23.14 27.12
C LYS D 751 -33.82 -22.73 26.46
N GLY D 752 -33.79 -21.48 26.00
CA GLY D 752 -32.61 -20.98 25.34
C GLY D 752 -32.62 -19.47 25.17
N TYR D 753 -31.50 -18.82 25.48
CA TYR D 753 -31.41 -17.38 25.28
C TYR D 753 -30.73 -17.10 23.95
N GLY D 754 -31.23 -16.09 23.24
CA GLY D 754 -30.65 -15.69 21.98
C GLY D 754 -30.63 -14.17 21.86
N ILE D 755 -29.96 -13.71 20.81
CA ILE D 755 -29.83 -12.27 20.58
C ILE D 755 -31.12 -11.74 19.97
N ALA D 756 -31.65 -10.68 20.56
CA ALA D 756 -32.89 -10.07 20.11
C ALA D 756 -32.58 -8.91 19.16
N THR D 757 -33.33 -8.82 18.08
CA THR D 757 -33.26 -7.72 17.13
C THR D 757 -34.68 -7.31 16.74
N PRO D 758 -34.88 -6.02 16.41
CA PRO D 758 -36.19 -5.61 15.93
C PRO D 758 -36.52 -6.21 14.57
N LYS D 759 -37.81 -6.31 14.29
CA LYS D 759 -38.28 -6.87 13.04
C LYS D 759 -38.00 -5.90 11.89
N GLY D 760 -37.56 -6.45 10.76
CA GLY D 760 -37.20 -5.62 9.64
C GLY D 760 -35.83 -4.98 9.74
N SER D 761 -34.94 -5.55 10.53
CA SER D 761 -33.58 -5.05 10.67
C SER D 761 -32.65 -5.79 9.73
N SER D 762 -31.62 -5.07 9.25
CA SER D 762 -30.67 -5.64 8.31
C SER D 762 -29.56 -6.42 9.01
N LEU D 763 -29.27 -6.13 10.27
CA LEU D 763 -28.14 -6.74 10.96
C LEU D 763 -28.46 -8.11 11.53
N GLY D 764 -29.72 -8.56 11.48
CA GLY D 764 -30.11 -9.78 12.17
C GLY D 764 -29.48 -11.03 11.57
N ALA D 765 -29.40 -11.09 10.24
CA ALA D 765 -28.74 -12.22 9.60
C ALA D 765 -27.22 -12.26 9.81
N ALA D 766 -26.45 -11.14 9.72
CA ALA D 766 -25.04 -11.26 10.13
C ALA D 766 -24.83 -11.52 11.61
N VAL D 767 -25.73 -11.04 12.48
CA VAL D 767 -25.65 -11.41 13.90
C VAL D 767 -25.89 -12.89 14.08
N ASN D 768 -26.83 -13.46 13.32
CA ASN D 768 -27.09 -14.90 13.38
C ASN D 768 -25.88 -15.70 12.87
N LEU D 769 -25.24 -15.21 11.80
CA LEU D 769 -24.03 -15.87 11.31
C LEU D 769 -22.89 -15.78 12.32
N ALA D 770 -22.77 -14.66 13.03
CA ALA D 770 -21.73 -14.53 14.05
C ALA D 770 -22.00 -15.43 15.25
N VAL D 771 -23.27 -15.60 15.62
CA VAL D 771 -23.64 -16.50 16.71
C VAL D 771 -23.35 -17.94 16.32
N LEU D 772 -23.66 -18.32 15.08
CA LEU D 772 -23.34 -19.66 14.60
C LEU D 772 -21.84 -19.89 14.51
N LYS D 773 -21.07 -18.86 14.14
CA LYS D 773 -19.62 -18.98 14.09
C LYS D 773 -19.02 -19.14 15.48
N LEU D 774 -19.55 -18.40 16.46
CA LEU D 774 -19.07 -18.55 17.84
C LEU D 774 -19.53 -19.88 18.44
N ALA D 775 -20.64 -20.42 17.96
CA ALA D 775 -21.09 -21.71 18.48
C ALA D 775 -20.26 -22.85 17.92
N GLU D 776 -19.91 -22.79 16.63
CA GLU D 776 -19.17 -23.89 16.03
C GLU D 776 -17.72 -23.91 16.47
N GLN D 777 -17.15 -22.74 16.79
CA GLN D 777 -15.76 -22.69 17.25
C GLN D 777 -15.62 -23.03 18.72
N GLY D 778 -16.71 -23.15 19.46
CA GLY D 778 -16.63 -23.52 20.86
C GLY D 778 -16.13 -22.43 21.78
N ALA D 779 -16.08 -21.18 21.30
CA ALA D 779 -15.67 -20.07 22.15
C ALA D 779 -16.73 -19.75 23.20
N LEU D 780 -17.99 -20.05 22.90
CA LEU D 780 -19.05 -19.89 23.88
C LEU D 780 -18.85 -20.85 25.05
N ASP D 781 -18.44 -22.08 24.77
CA ASP D 781 -18.13 -23.02 25.84
C ASP D 781 -16.87 -22.62 26.60
N LYS D 782 -15.93 -21.96 25.92
CA LYS D 782 -14.74 -21.46 26.60
C LYS D 782 -15.10 -20.35 27.59
N LEU D 783 -15.96 -19.43 27.16
CA LEU D 783 -16.41 -18.40 28.08
C LEU D 783 -17.33 -18.95 29.16
N LYS D 784 -18.03 -20.05 28.87
CA LYS D 784 -18.86 -20.69 29.89
C LYS D 784 -17.98 -21.35 30.96
N ASN D 785 -16.88 -21.98 30.55
CA ASN D 785 -15.93 -22.52 31.53
C ASN D 785 -15.17 -21.41 32.24
N LYS D 786 -15.03 -20.25 31.60
CA LYS D 786 -14.34 -19.13 32.23
C LYS D 786 -15.20 -18.49 33.32
N TRP D 787 -16.44 -18.13 33.00
CA TRP D 787 -17.25 -17.31 33.88
C TRP D 787 -18.12 -18.10 34.86
N TRP D 788 -18.17 -19.41 34.73
CA TRP D 788 -18.82 -20.26 35.73
C TRP D 788 -17.84 -21.14 36.50
N TYR D 789 -17.03 -21.91 35.81
CA TYR D 789 -16.11 -22.83 36.49
C TYR D 789 -14.86 -22.13 36.98
N ASP D 790 -14.26 -21.27 36.16
CA ASP D 790 -13.00 -20.65 36.54
C ASP D 790 -13.23 -19.42 37.42
N LYS D 791 -14.28 -18.65 37.14
CA LYS D 791 -14.55 -17.44 37.90
C LYS D 791 -15.16 -17.76 39.26
N GLY D 792 -15.83 -18.91 39.39
CA GLY D 792 -16.50 -19.25 40.62
C GLY D 792 -15.54 -19.55 41.77
N GLU D 793 -16.11 -19.50 42.98
CA GLU D 793 -15.35 -19.67 44.21
C GLU D 793 -15.40 -21.11 44.74
N CYS D 794 -15.86 -22.04 43.92
CA CYS D 794 -15.93 -23.46 44.29
C CYS D 794 -14.91 -24.20 43.44
N GLY D 795 -14.07 -25.00 44.09
CA GLY D 795 -13.15 -25.86 43.38
C GLY D 795 -13.89 -26.93 42.60
N ALA D 796 -14.70 -27.73 43.32
CA ALA D 796 -15.75 -28.61 42.79
C ALA D 796 -15.23 -29.80 41.98
N LYS D 797 -13.92 -29.91 41.79
CA LYS D 797 -13.34 -31.09 41.16
C LYS D 797 -12.75 -31.99 42.22
N ASP D 798 -13.53 -32.99 42.64
CA ASP D 798 -13.24 -33.87 43.79
C ASP D 798 -12.97 -33.04 45.04
N SER D 799 -13.95 -32.20 45.37
CA SER D 799 -13.85 -31.35 46.55
C SER D 799 -14.11 -32.12 47.84
N GLY D 800 -14.58 -33.36 47.73
CA GLY D 800 -14.83 -34.20 48.88
C GLY D 800 -13.54 -34.82 49.40
N SER D 801 -12.77 -34.03 50.17
CA SER D 801 -11.46 -34.43 50.67
C SER D 801 -11.51 -35.68 51.55
N LYS D 802 -10.34 -36.29 51.77
CA LYS D 802 -10.30 -37.70 52.13
C LYS D 802 -9.97 -37.97 53.59
N GLU D 803 -9.33 -37.01 54.28
CA GLU D 803 -8.94 -37.22 55.67
C GLU D 803 -10.13 -37.39 56.60
N LYS D 804 -10.89 -36.32 56.81
CA LYS D 804 -12.06 -36.19 57.68
C LYS D 804 -11.91 -36.90 59.02
N THR D 805 -10.83 -36.65 59.77
CA THR D 805 -10.47 -37.52 60.89
C THR D 805 -11.24 -37.21 62.17
N SER D 806 -12.57 -37.18 62.08
CA SER D 806 -13.40 -37.28 63.27
C SER D 806 -13.31 -38.71 63.76
N ALA D 807 -12.66 -38.91 64.91
CA ALA D 807 -12.29 -40.23 65.45
C ALA D 807 -13.55 -41.06 65.67
N LEU D 808 -14.41 -40.71 66.62
CA LEU D 808 -15.68 -41.40 66.80
C LEU D 808 -16.61 -40.52 67.62
N SER D 809 -17.81 -40.30 67.10
CA SER D 809 -18.83 -39.60 67.86
C SER D 809 -19.57 -40.58 68.76
N LEU D 810 -20.38 -40.04 69.67
CA LEU D 810 -21.16 -40.85 70.60
C LEU D 810 -22.51 -41.25 70.00
N SER D 811 -22.74 -40.88 68.73
CA SER D 811 -24.01 -41.19 68.07
C SER D 811 -24.17 -42.68 67.83
N ASN D 812 -23.09 -43.35 67.45
CA ASN D 812 -23.13 -44.80 67.29
C ASN D 812 -23.03 -45.54 68.63
N VAL D 813 -22.81 -44.82 69.73
CA VAL D 813 -22.57 -45.46 71.01
C VAL D 813 -23.76 -45.28 71.94
N ALA D 814 -24.48 -44.16 71.83
CA ALA D 814 -25.58 -43.86 72.73
C ALA D 814 -26.79 -44.75 72.51
N GLY D 815 -27.09 -45.12 71.26
CA GLY D 815 -28.14 -46.09 71.01
C GLY D 815 -27.84 -47.48 71.52
N VAL D 816 -26.57 -47.81 71.69
CA VAL D 816 -26.18 -49.09 72.26
C VAL D 816 -26.20 -49.02 73.79
N PHE D 817 -25.85 -47.84 74.32
CA PHE D 817 -26.06 -47.56 75.75
C PHE D 817 -27.54 -47.68 76.12
N TYR D 818 -28.43 -47.26 75.22
CA TYR D 818 -29.87 -47.33 75.49
C TYR D 818 -30.35 -48.77 75.64
N ILE D 819 -29.97 -49.64 74.73
CA ILE D 819 -30.39 -51.03 74.83
C ILE D 819 -29.63 -51.75 75.95
N LEU D 820 -28.44 -51.25 76.32
CA LEU D 820 -27.75 -51.74 77.51
C LEU D 820 -28.55 -51.47 78.77
N VAL D 821 -28.96 -50.22 78.98
CA VAL D 821 -29.71 -49.84 80.19
C VAL D 821 -31.09 -50.51 80.18
N GLY D 822 -31.68 -50.66 79.00
CA GLY D 822 -32.95 -51.36 78.90
C GLY D 822 -32.86 -52.84 79.26
N GLY D 823 -31.80 -53.51 78.80
CA GLY D 823 -31.58 -54.90 79.18
C GLY D 823 -31.26 -55.05 80.66
N LEU D 824 -30.53 -54.08 81.23
CA LEU D 824 -30.25 -54.10 82.66
C LEU D 824 -31.53 -53.97 83.48
N GLY D 825 -32.39 -53.02 83.11
CA GLY D 825 -33.66 -52.86 83.83
C GLY D 825 -34.59 -54.04 83.65
N LEU D 826 -34.60 -54.63 82.45
CA LEU D 826 -35.39 -55.83 82.20
C LEU D 826 -34.91 -56.99 83.06
N ALA D 827 -33.58 -57.19 83.14
CA ALA D 827 -33.04 -58.27 83.95
C ALA D 827 -33.29 -58.03 85.43
N MET D 828 -33.22 -56.77 85.88
CA MET D 828 -33.55 -56.43 87.27
C MET D 828 -34.99 -56.79 87.61
N LEU D 829 -35.95 -56.35 86.78
CA LEU D 829 -37.35 -56.61 87.07
C LEU D 829 -37.69 -58.10 86.97
N VAL D 830 -37.07 -58.81 86.01
CA VAL D 830 -37.32 -60.24 85.87
C VAL D 830 -36.77 -61.02 87.06
N ALA D 831 -35.55 -60.67 87.50
CA ALA D 831 -34.97 -61.33 88.68
C ALA D 831 -35.78 -61.05 89.94
N LEU D 832 -36.28 -59.81 90.07
CA LEU D 832 -37.08 -59.46 91.23
C LEU D 832 -38.43 -60.19 91.24
N ILE D 833 -39.09 -60.30 90.08
CA ILE D 833 -40.38 -60.98 90.09
C ILE D 833 -40.20 -62.49 90.24
N GLU D 834 -39.09 -63.05 89.74
CA GLU D 834 -38.83 -64.47 89.93
C GLU D 834 -38.53 -64.80 91.39
N PHE D 835 -37.71 -63.98 92.06
CA PHE D 835 -37.43 -64.22 93.47
C PHE D 835 -38.66 -63.95 94.32
N CYS D 836 -39.50 -63.00 93.90
CA CYS D 836 -40.74 -62.71 94.61
C CYS D 836 -41.72 -63.87 94.51
N TYR D 837 -41.85 -64.45 93.32
CA TYR D 837 -42.75 -65.59 93.15
C TYR D 837 -42.21 -66.83 93.85
N LYS D 838 -40.88 -66.97 93.88
CA LYS D 838 -40.27 -68.09 94.59
C LYS D 838 -40.48 -67.99 96.09
N SER D 839 -40.31 -66.78 96.64
CA SER D 839 -40.54 -66.56 98.06
C SER D 839 -42.02 -66.70 98.41
N ARG D 840 -42.90 -66.29 97.50
CA ARG D 840 -44.34 -66.43 97.72
C ARG D 840 -44.76 -67.90 97.72
N ALA D 841 -44.19 -68.68 96.80
CA ALA D 841 -44.49 -70.12 96.76
C ALA D 841 -43.91 -70.85 97.97
N GLU D 842 -42.74 -70.40 98.45
CA GLU D 842 -42.14 -71.02 99.62
C GLU D 842 -42.91 -70.66 100.89
N ALA D 843 -43.50 -69.46 100.92
CA ALA D 843 -44.30 -69.06 102.08
C ALA D 843 -45.67 -69.73 102.05
N LYS D 844 -46.24 -69.94 100.85
CA LYS D 844 -47.56 -70.52 100.75
C LYS D 844 -47.53 -72.04 100.90
N ARG D 845 -46.43 -72.67 100.50
CA ARG D 845 -46.35 -74.12 100.58
C ARG D 845 -46.14 -74.59 102.01
N MET D 846 -45.31 -73.88 102.77
CA MET D 846 -44.96 -74.16 104.17
C MET D 846 -44.43 -75.58 104.40
N UNK E 1 -56.14 -79.20 78.21
CA UNK E 1 -56.43 -78.18 77.20
C UNK E 1 -55.17 -77.83 76.40
N UNK E 2 -54.08 -78.55 76.68
CA UNK E 2 -52.83 -78.29 75.98
C UNK E 2 -52.84 -78.90 74.58
N UNK E 3 -53.56 -80.00 74.39
CA UNK E 3 -53.62 -80.64 73.07
C UNK E 3 -54.45 -79.82 72.10
N UNK E 4 -55.57 -79.27 72.56
CA UNK E 4 -56.39 -78.40 71.71
C UNK E 4 -55.67 -77.09 71.40
N UNK E 5 -54.91 -76.57 72.37
CA UNK E 5 -54.12 -75.36 72.14
C UNK E 5 -52.99 -75.63 71.15
N UNK E 6 -52.39 -76.82 71.23
CA UNK E 6 -51.34 -77.18 70.27
C UNK E 6 -51.92 -77.39 68.87
N UNK E 7 -53.13 -77.93 68.78
CA UNK E 7 -53.78 -78.10 67.48
C UNK E 7 -54.18 -76.75 66.88
N UNK E 8 -54.64 -75.82 67.73
CA UNK E 8 -54.96 -74.48 67.24
C UNK E 8 -53.70 -73.72 66.83
N UNK E 9 -52.59 -73.93 67.55
CA UNK E 9 -51.33 -73.32 67.17
C UNK E 9 -50.80 -73.90 65.86
N UNK E 10 -51.00 -75.21 65.64
CA UNK E 10 -50.61 -75.82 64.38
C UNK E 10 -51.47 -75.32 63.23
N UNK E 11 -52.77 -75.10 63.48
CA UNK E 11 -53.65 -74.54 62.46
C UNK E 11 -53.28 -73.10 62.12
N UNK E 12 -52.93 -72.30 63.15
CA UNK E 12 -52.48 -70.94 62.91
C UNK E 12 -51.14 -70.89 62.19
N UNK E 13 -50.25 -71.85 62.47
CA UNK E 13 -48.97 -71.91 61.78
C UNK E 13 -49.15 -72.32 60.32
N UNK E 14 -50.07 -73.25 60.06
CA UNK E 14 -50.37 -73.63 58.67
C UNK E 14 -51.03 -72.48 57.91
N UNK E 15 -51.90 -71.72 58.59
CA UNK E 15 -52.52 -70.57 57.94
C UNK E 15 -51.52 -69.46 57.67
N UNK E 16 -50.57 -69.25 58.58
CA UNK E 16 -49.53 -68.25 58.35
C UNK E 16 -48.54 -68.71 57.29
N UNK E 17 -48.32 -70.01 57.16
CA UNK E 17 -47.44 -70.52 56.11
C UNK E 17 -48.11 -70.43 54.74
N UNK E 18 -49.43 -70.63 54.69
CA UNK E 18 -50.14 -70.45 53.43
C UNK E 18 -50.28 -68.97 53.08
N UNK E 19 -50.38 -68.11 54.10
CA UNK E 19 -50.52 -66.67 53.85
C UNK E 19 -49.18 -66.00 53.62
N UNK E 20 -48.29 -66.06 54.60
CA UNK E 20 -46.99 -65.40 54.51
C UNK E 20 -45.92 -66.38 54.02
N UNK E 21 -36.53 -65.41 42.75
CA UNK E 21 -35.61 -66.53 42.69
C UNK E 21 -36.36 -67.84 42.45
N UNK E 22 -35.80 -68.66 41.55
CA UNK E 22 -36.46 -69.94 41.23
C UNK E 22 -36.07 -71.03 42.22
N UNK E 23 -34.78 -71.09 42.60
CA UNK E 23 -34.33 -72.13 43.53
C UNK E 23 -34.88 -71.90 44.93
N UNK E 24 -35.00 -70.64 45.34
CA UNK E 24 -35.58 -70.33 46.64
C UNK E 24 -37.07 -70.64 46.67
N UNK E 25 -37.77 -70.39 45.56
CA UNK E 25 -39.19 -70.72 45.49
C UNK E 25 -39.40 -72.23 45.47
N UNK E 26 -38.51 -72.96 44.80
CA UNK E 26 -38.60 -74.42 44.81
C UNK E 26 -38.28 -74.99 46.19
N UNK E 27 -37.34 -74.38 46.90
CA UNK E 27 -37.03 -74.81 48.26
C UNK E 27 -38.18 -74.50 49.21
N UNK E 28 -38.84 -73.36 49.02
CA UNK E 28 -40.01 -73.03 49.83
C UNK E 28 -41.18 -73.96 49.54
N UNK E 29 -41.35 -74.36 48.28
CA UNK E 29 -42.41 -75.30 47.93
C UNK E 29 -42.13 -76.69 48.50
N UNK E 30 -40.86 -77.11 48.46
CA UNK E 30 -40.48 -78.39 49.07
C UNK E 30 -40.63 -78.35 50.59
N UNK E 31 -40.35 -77.20 51.20
CA UNK E 31 -40.54 -77.04 52.64
C UNK E 31 -42.02 -77.08 53.00
N UNK E 32 -42.87 -76.47 52.16
CA UNK E 32 -44.31 -76.52 52.41
C UNK E 32 -44.85 -77.93 52.24
N UNK E 33 -44.32 -78.68 51.26
CA UNK E 33 -44.74 -80.06 51.06
C UNK E 33 -44.30 -80.96 52.21
N UNK E 34 -43.07 -80.76 52.70
CA UNK E 34 -42.59 -81.53 53.84
C UNK E 34 -43.35 -81.17 55.12
N UNK E 35 -43.72 -79.89 55.27
CA UNK E 35 -44.50 -79.47 56.43
C UNK E 35 -45.92 -80.02 56.38
N UNK E 36 -46.51 -80.10 55.18
CA UNK E 36 -47.82 -80.70 55.04
C UNK E 36 -47.79 -82.20 55.30
N UNK E 37 -46.73 -82.87 54.85
CA UNK E 37 -46.58 -84.30 55.12
C UNK E 37 -46.37 -84.57 56.61
N UNK E 38 -45.58 -83.71 57.28
CA UNK E 38 -45.35 -83.87 58.71
C UNK E 38 -46.63 -83.56 59.50
N UNK E 39 -47.41 -82.58 59.06
CA UNK E 39 -48.67 -82.28 59.71
C UNK E 39 -49.69 -83.40 59.52
N UNK E 40 -49.70 -84.02 58.34
CA UNK E 40 -50.58 -85.16 58.10
C UNK E 40 -50.17 -86.37 58.94
N UNK E 41 -48.86 -86.61 59.08
CA UNK E 41 -48.39 -87.71 59.91
C UNK E 41 -48.68 -87.46 61.39
N UNK E 42 -48.53 -86.21 61.84
CA UNK E 42 -48.85 -85.88 63.23
C UNK E 42 -50.36 -85.96 63.49
N UNK E 43 -51.18 -85.60 62.50
CA UNK E 43 -52.62 -85.73 62.65
C UNK E 43 -53.04 -87.20 62.68
N UNK E 44 -52.38 -88.04 61.88
CA UNK E 44 -52.66 -89.48 61.92
C UNK E 44 -52.24 -90.10 63.25
N UNK E 45 -51.10 -89.65 63.79
CA UNK E 45 -50.65 -90.14 65.10
C UNK E 45 -51.59 -89.67 66.21
N UNK E 46 -52.08 -88.43 66.13
CA UNK E 46 -53.01 -87.93 67.13
C UNK E 46 -54.36 -88.62 67.04
N UNK E 47 -54.79 -88.96 65.82
CA UNK E 47 -56.04 -89.69 65.65
C UNK E 47 -55.91 -91.12 66.18
N UNK E 48 -54.76 -91.76 65.96
CA UNK E 48 -54.52 -93.09 66.52
C UNK E 48 -54.45 -93.05 68.04
N UNK E 49 -53.85 -92.00 68.60
CA UNK E 49 -53.77 -91.86 70.05
C UNK E 49 -55.15 -91.60 70.66
N UNK E 50 -55.97 -90.79 69.99
CA UNK E 50 -57.32 -90.53 70.49
C UNK E 50 -58.23 -91.75 70.31
N UNK E 51 -57.94 -92.59 69.32
CA UNK E 51 -58.71 -93.82 69.16
C UNK E 51 -58.32 -94.86 70.19
N UNK E 52 -57.03 -94.99 70.48
CA UNK E 52 -56.55 -95.99 71.42
C UNK E 52 -56.62 -95.53 72.88
N UNK E 53 -56.86 -94.25 73.14
CA UNK E 53 -56.91 -93.72 74.49
C UNK E 53 -58.31 -93.70 75.08
N UNK E 54 -59.31 -93.28 74.29
CA UNK E 54 -60.68 -93.22 74.77
C UNK E 54 -61.32 -94.60 74.80
N UNK E 55 -49.83 -103.20 73.49
CA UNK E 55 -50.93 -102.37 73.01
C UNK E 55 -50.62 -100.89 73.19
N UNK E 56 -50.61 -100.43 74.44
CA UNK E 56 -50.32 -99.03 74.71
C UNK E 56 -48.85 -98.71 74.51
N UNK E 57 -47.97 -99.70 74.69
CA UNK E 57 -46.54 -99.48 74.54
C UNK E 57 -46.17 -99.25 73.08
N UNK E 58 -46.76 -100.03 72.17
CA UNK E 58 -46.50 -99.86 70.75
C UNK E 58 -47.08 -98.56 70.23
N UNK E 59 -48.24 -98.16 70.76
CA UNK E 59 -48.84 -96.88 70.39
C UNK E 59 -48.00 -95.70 70.89
N UNK E 60 -47.46 -95.83 72.11
CA UNK E 60 -46.59 -94.78 72.64
C UNK E 60 -45.27 -94.69 71.88
N UNK E 61 -44.73 -95.85 71.46
CA UNK E 61 -43.50 -95.86 70.68
C UNK E 61 -43.72 -95.27 69.29
N UNK E 62 -44.88 -95.57 68.68
CA UNK E 62 -45.21 -94.99 67.39
C UNK E 62 -45.44 -93.48 67.48
N UNK E 63 -46.06 -93.04 68.59
CA UNK E 63 -46.27 -91.61 68.80
C UNK E 63 -44.95 -90.89 69.03
N UNK E 64 -44.01 -91.53 69.75
CA UNK E 64 -42.70 -90.93 69.98
C UNK E 64 -41.88 -90.87 68.71
N UNK E 65 -41.96 -91.91 67.86
CA UNK E 65 -41.26 -91.90 66.58
C UNK E 65 -41.86 -90.86 65.64
N UNK E 66 -43.19 -90.71 65.66
CA UNK E 66 -43.84 -89.68 64.85
C UNK E 66 -43.49 -88.29 65.35
N UNK E 67 -43.35 -88.12 66.66
CA UNK E 67 -42.95 -86.82 67.21
C UNK E 67 -41.52 -86.48 66.85
N UNK E 68 -40.63 -87.48 66.87
CA UNK E 68 -39.23 -87.24 66.49
C UNK E 68 -39.11 -86.92 65.00
N UNK E 69 -39.85 -87.64 64.15
CA UNK E 69 -39.83 -87.37 62.72
C UNK E 69 -40.46 -86.01 62.41
N UNK E 70 -41.51 -85.64 63.14
CA UNK E 70 -42.12 -84.33 62.95
C UNK E 70 -41.19 -83.21 63.44
N UNK E 71 -40.42 -83.46 64.49
CA UNK E 71 -39.47 -82.46 64.97
C UNK E 71 -38.33 -82.27 63.97
N UNK E 72 -37.84 -83.37 63.39
CA UNK E 72 -36.79 -83.27 62.37
C UNK E 72 -37.30 -82.59 61.11
N UNK E 73 -38.52 -82.92 60.68
CA UNK E 73 -39.11 -82.28 59.51
C UNK E 73 -39.41 -80.81 59.76
N UNK E 74 -39.80 -80.46 60.99
CA UNK E 74 -40.06 -79.07 61.32
C UNK E 74 -38.77 -78.26 61.39
N UNK E 75 -37.68 -78.88 61.87
CA UNK E 75 -36.39 -78.19 61.88
C UNK E 75 -35.88 -77.96 60.47
N UNK E 76 -36.01 -78.97 59.60
CA UNK E 76 -35.60 -78.80 58.21
C UNK E 76 -36.48 -77.79 57.48
N UNK E 77 -37.79 -77.78 57.78
CA UNK E 77 -38.69 -76.83 57.14
C UNK E 77 -38.45 -75.41 57.64
N UNK E 78 -38.08 -75.25 58.92
CA UNK E 78 -37.75 -73.93 59.44
C UNK E 78 -36.45 -73.42 58.85
N UNK E 79 -35.47 -74.32 58.65
CA UNK E 79 -34.22 -73.92 58.00
C UNK E 79 -34.45 -73.51 56.56
N UNK E 80 -35.28 -74.27 55.83
CA UNK E 80 -35.57 -73.93 54.44
C UNK E 80 -36.43 -72.66 54.35
N UNK E 81 -37.31 -72.42 55.32
CA UNK E 81 -38.10 -71.19 55.32
C UNK E 81 -37.24 -69.99 55.63
N UNK E 82 -36.25 -70.15 56.52
CA UNK E 82 -35.32 -69.05 56.78
C UNK E 82 -34.44 -68.78 55.56
N UNK E 83 -34.04 -69.84 54.85
CA UNK E 83 -33.25 -69.66 53.63
C UNK E 83 -34.08 -69.02 52.52
N UNK E 84 -35.38 -69.31 52.46
CA UNK E 84 -36.24 -68.68 51.47
C UNK E 84 -36.54 -67.23 51.82
N UNK E 85 -36.70 -66.93 53.10
CA UNK E 85 -36.89 -65.55 53.54
C UNK E 85 -35.63 -64.71 53.38
N UNK E 86 -34.46 -65.32 53.49
CA UNK E 86 -33.22 -64.60 53.23
C UNK E 86 -33.01 -64.40 51.74
N UNK E 87 -32.90 -65.50 51.00
CA UNK E 87 -32.69 -65.43 49.57
C UNK E 87 -34.02 -65.45 48.83
N UNK E 88 -44.09 -62.59 56.65
CA UNK E 88 -42.65 -62.77 56.62
C UNK E 88 -42.14 -63.36 57.92
N UNK E 89 -41.94 -62.49 58.92
CA UNK E 89 -41.43 -62.93 60.22
C UNK E 89 -42.48 -63.69 61.02
N UNK E 90 -43.77 -63.49 60.73
CA UNK E 90 -44.82 -64.18 61.46
C UNK E 90 -44.83 -65.66 61.15
N UNK E 91 -44.51 -66.03 59.91
CA UNK E 91 -44.48 -67.44 59.53
C UNK E 91 -43.33 -68.18 60.22
N UNK E 92 -42.15 -67.56 60.28
CA UNK E 92 -41.02 -68.18 60.96
C UNK E 92 -41.23 -68.21 62.47
N UNK E 93 -41.91 -67.18 63.00
CA UNK E 93 -42.23 -67.17 64.43
C UNK E 93 -43.24 -68.26 64.77
N UNK E 94 -44.21 -68.49 63.89
CA UNK E 94 -45.18 -69.56 64.11
C UNK E 94 -44.52 -70.94 63.96
N UNK E 95 -43.57 -71.07 63.04
CA UNK E 95 -42.84 -72.32 62.90
C UNK E 95 -41.96 -72.60 64.12
N UNK E 96 -41.33 -71.56 64.67
CA UNK E 96 -40.52 -71.73 65.86
C UNK E 96 -41.38 -72.05 67.09
N UNK E 97 -42.55 -71.43 67.20
CA UNK E 97 -43.46 -71.74 68.30
C UNK E 97 -44.03 -73.14 68.16
N UNK E 98 -44.28 -73.59 66.93
CA UNK E 98 -44.75 -74.96 66.71
C UNK E 98 -43.67 -75.98 67.02
N UNK E 99 -42.41 -75.66 66.70
CA UNK E 99 -41.30 -76.54 67.05
C UNK E 99 -41.09 -76.59 68.57
N UNK E 100 -41.26 -75.47 69.25
CA UNK E 100 -41.14 -75.44 70.70
C UNK E 100 -42.27 -76.23 71.37
N UNK E 101 -43.49 -76.09 70.84
CA UNK E 101 -44.62 -76.86 71.37
C UNK E 101 -44.46 -78.35 71.09
N UNK E 102 -43.88 -78.70 69.93
CA UNK E 102 -43.62 -80.10 69.63
C UNK E 102 -42.54 -80.68 70.53
N UNK E 103 -41.52 -79.87 70.86
CA UNK E 103 -40.48 -80.34 71.78
C UNK E 103 -41.03 -80.50 73.20
N UNK E 104 -41.90 -79.58 73.62
CA UNK E 104 -42.53 -79.71 74.93
C UNK E 104 -43.45 -80.92 75.00
N UNK E 105 -44.20 -81.17 73.92
CA UNK E 105 -45.05 -82.35 73.86
C UNK E 105 -44.24 -83.64 73.82
N UNK E 106 -43.08 -83.61 73.17
CA UNK E 106 -42.20 -84.78 73.14
C UNK E 106 -41.61 -85.05 74.53
N UNK E 107 -41.26 -83.98 75.25
CA UNK E 107 -40.76 -84.15 76.61
C UNK E 107 -41.84 -84.67 77.54
N UNK E 108 -43.08 -84.18 77.37
CA UNK E 108 -44.19 -84.67 78.18
C UNK E 108 -44.53 -86.12 77.86
N UNK E 109 -44.44 -86.51 76.58
CA UNK E 109 -44.68 -87.90 76.20
C UNK E 109 -43.57 -88.81 76.70
N UNK E 110 -42.32 -88.32 76.72
CA UNK E 110 -41.22 -89.11 77.27
C UNK E 110 -41.38 -89.30 78.78
N UNK E 111 -41.83 -88.24 79.48
CA UNK E 111 -42.09 -88.37 80.92
C UNK E 111 -43.25 -89.31 81.20
N UNK E 112 -44.30 -89.26 80.37
CA UNK E 112 -45.44 -90.14 80.57
C UNK E 112 -45.10 -91.59 80.24
N UNK E 113 -44.24 -91.82 79.23
CA UNK E 113 -43.81 -93.17 78.91
C UNK E 113 -42.85 -93.72 79.94
N UNK E 114 -42.03 -92.87 80.55
CA UNK E 114 -41.17 -93.32 81.64
C UNK E 114 -41.98 -93.59 82.89
N UNK E 115 -43.07 -92.86 83.10
CA UNK E 115 -43.94 -93.13 84.24
C UNK E 115 -44.77 -94.40 84.03
N UNK E 116 -45.18 -94.66 82.79
CA UNK E 116 -45.98 -95.84 82.49
C UNK E 116 -45.14 -97.11 82.38
N UNK E 117 -43.82 -97.00 82.25
CA UNK E 117 -42.96 -98.16 82.13
C UNK E 117 -42.78 -98.85 83.47
N ARG F 6 -8.11 -107.86 65.51
CA ARG F 6 -6.73 -108.31 65.63
C ARG F 6 -6.01 -108.21 64.29
N GLY F 7 -6.05 -109.31 63.52
CA GLY F 7 -5.39 -109.32 62.22
C GLY F 7 -6.11 -108.51 61.16
N VAL F 8 -7.39 -108.23 61.35
CA VAL F 8 -8.16 -107.47 60.37
C VAL F 8 -7.70 -106.01 60.34
N GLN F 9 -7.48 -105.42 61.52
CA GLN F 9 -7.00 -104.05 61.59
C GLN F 9 -5.56 -103.93 61.09
N MET F 10 -4.72 -104.94 61.35
CA MET F 10 -3.35 -104.94 60.86
C MET F 10 -3.31 -105.07 59.34
N LEU F 11 -4.18 -105.93 58.77
CA LEU F 11 -4.23 -106.08 57.31
C LEU F 11 -4.80 -104.83 56.66
N LEU F 12 -5.77 -104.17 57.29
CA LEU F 12 -6.30 -102.91 56.77
C LEU F 12 -5.26 -101.81 56.81
N THR F 13 -4.46 -101.76 57.89
CA THR F 13 -3.37 -100.80 57.98
C THR F 13 -2.30 -101.07 56.93
N THR F 14 -2.01 -102.35 56.67
CA THR F 14 -1.02 -102.72 55.67
C THR F 14 -1.47 -102.35 54.26
N VAL F 15 -2.74 -102.63 53.93
CA VAL F 15 -3.20 -102.29 52.58
C VAL F 15 -3.42 -100.78 52.44
N GLY F 16 -3.67 -100.08 53.55
CA GLY F 16 -3.72 -98.62 53.49
C GLY F 16 -2.36 -98.00 53.25
N ALA F 17 -1.32 -98.56 53.90
CA ALA F 17 0.05 -98.11 53.65
C ALA F 17 0.50 -98.44 52.23
N PHE F 18 0.08 -99.59 51.71
CA PHE F 18 0.42 -99.97 50.34
C PHE F 18 -0.26 -99.07 49.32
N ALA F 19 -1.55 -98.74 49.55
CA ALA F 19 -2.26 -97.84 48.65
C ALA F 19 -1.71 -96.42 48.75
N ALA F 20 -1.29 -96.00 49.94
CA ALA F 20 -0.67 -94.69 50.08
C ALA F 20 0.67 -94.61 49.37
N PHE F 21 1.46 -95.70 49.45
CA PHE F 21 2.74 -95.74 48.73
C PHE F 21 2.53 -95.76 47.22
N SER F 22 1.49 -96.46 46.75
CA SER F 22 1.19 -96.50 45.32
C SER F 22 0.71 -95.16 44.80
N LEU F 23 -0.14 -94.47 45.57
CA LEU F 23 -0.59 -93.14 45.15
C LEU F 23 0.53 -92.11 45.26
N MET F 24 1.47 -92.30 46.20
CA MET F 24 2.64 -91.42 46.26
C MET F 24 3.55 -91.64 45.05
N THR F 25 3.70 -92.90 44.63
CA THR F 25 4.46 -93.20 43.42
C THR F 25 3.80 -92.61 42.18
N ILE F 26 2.46 -92.68 42.12
CA ILE F 26 1.73 -92.08 41.00
C ILE F 26 1.82 -90.56 41.03
N ALA F 27 1.94 -89.96 42.22
CA ALA F 27 2.13 -88.52 42.30
C ALA F 27 3.53 -88.12 41.90
N VAL F 28 4.51 -88.99 42.17
CA VAL F 28 5.87 -88.77 41.69
C VAL F 28 5.93 -88.89 40.16
N GLY F 29 5.16 -89.82 39.59
CA GLY F 29 5.25 -90.13 38.17
C GLY F 29 4.89 -89.04 37.18
N THR F 30 3.61 -88.66 37.08
CA THR F 30 3.18 -87.68 36.09
C THR F 30 1.86 -87.09 36.52
N ASP F 31 1.42 -86.07 35.75
CA ASP F 31 0.10 -85.43 35.85
C ASP F 31 -0.13 -84.79 37.22
N TYR F 32 0.93 -84.21 37.79
CA TYR F 32 0.80 -83.59 39.11
C TYR F 32 0.05 -82.27 39.05
N TRP F 33 0.36 -81.45 38.05
CA TRP F 33 -0.27 -80.14 37.92
C TRP F 33 -0.66 -79.90 36.47
N LEU F 34 -1.36 -78.79 36.24
CA LEU F 34 -1.80 -78.40 34.91
C LEU F 34 -1.57 -76.91 34.77
N TYR F 35 -0.97 -76.51 33.65
CA TYR F 35 -0.68 -75.10 33.41
C TYR F 35 -0.77 -74.83 31.91
N SER F 36 -1.56 -73.82 31.56
CA SER F 36 -1.76 -73.46 30.16
C SER F 36 -0.56 -72.68 29.66
N ARG F 37 0.20 -73.27 28.73
CA ARG F 37 1.35 -72.61 28.15
C ARG F 37 0.91 -71.77 26.94
N GLY F 38 1.87 -71.20 26.23
CA GLY F 38 1.57 -70.39 25.06
C GLY F 38 1.27 -71.20 23.82
N VAL F 57 -2.09 -72.95 24.96
CA VAL F 57 -2.44 -74.37 25.00
C VAL F 57 -2.11 -74.94 26.38
N MET F 58 -2.90 -75.92 26.81
CA MET F 58 -2.71 -76.52 28.12
C MET F 58 -1.52 -77.47 28.12
N THR F 59 -0.94 -77.65 29.29
CA THR F 59 0.23 -78.52 29.47
C THR F 59 0.24 -79.08 30.88
N HIS F 60 0.51 -80.37 31.00
CA HIS F 60 0.61 -81.04 32.28
C HIS F 60 2.07 -81.16 32.71
N SER F 61 2.27 -81.39 34.00
CA SER F 61 3.60 -81.54 34.57
C SER F 61 3.55 -82.50 35.74
N GLY F 62 4.65 -83.21 35.94
CA GLY F 62 4.76 -84.15 37.04
C GLY F 62 6.00 -83.94 37.87
N LEU F 63 6.35 -82.66 38.08
CA LEU F 63 7.47 -82.13 38.86
C LEU F 63 8.84 -82.49 38.30
N TRP F 64 8.92 -83.18 37.16
CA TRP F 64 10.19 -83.46 36.50
C TRP F 64 10.22 -82.93 35.08
N ARG F 65 9.17 -83.17 34.30
CA ARG F 65 9.10 -82.73 32.92
C ARG F 65 7.69 -82.28 32.60
N THR F 66 7.57 -81.39 31.62
CA THR F 66 6.27 -80.88 31.18
C THR F 66 5.93 -81.46 29.81
N CYS F 67 4.64 -81.77 29.62
CA CYS F 67 4.14 -82.33 28.37
C CYS F 67 2.91 -81.55 27.93
N CYS F 68 2.91 -81.08 26.69
CA CYS F 68 1.79 -80.32 26.16
C CYS F 68 0.61 -81.23 25.87
N LEU F 69 -0.57 -80.63 25.78
CA LEU F 69 -1.80 -81.38 25.51
C LEU F 69 -1.90 -81.73 24.04
N PHE F 73 5.86 -80.16 18.36
CA PHE F 73 4.47 -79.73 18.47
C PHE F 73 3.76 -80.49 19.59
N LYS F 74 2.54 -80.94 19.30
CA LYS F 74 1.76 -81.68 20.29
C LYS F 74 2.30 -83.10 20.42
N GLY F 75 2.61 -83.50 21.65
CA GLY F 75 3.17 -84.81 21.94
C GLY F 75 4.59 -84.78 22.44
N LEU F 76 5.31 -83.68 22.24
CA LEU F 76 6.68 -83.58 22.70
C LEU F 76 6.74 -83.32 24.20
N CYS F 77 7.81 -83.82 24.83
CA CYS F 77 8.01 -83.66 26.26
C CYS F 77 9.46 -83.27 26.52
N LYS F 78 9.67 -82.43 27.53
CA LYS F 78 11.01 -82.00 27.90
C LYS F 78 11.01 -81.63 29.37
N GLN F 79 12.19 -81.75 29.97
CA GLN F 79 12.37 -81.43 31.39
C GLN F 79 12.32 -79.92 31.57
N ILE F 80 11.17 -79.42 32.03
CA ILE F 80 10.96 -77.99 32.20
C ILE F 80 11.17 -77.56 33.65
N ASP F 81 11.90 -78.36 34.44
CA ASP F 81 12.16 -78.04 35.84
C ASP F 81 13.48 -77.27 35.98
N HIS F 82 13.56 -76.16 35.26
CA HIS F 82 14.75 -75.31 35.30
C HIS F 82 14.70 -74.44 36.56
N PHE F 83 15.70 -74.58 37.41
CA PHE F 83 15.76 -73.80 38.65
C PHE F 83 16.07 -72.31 38.43
N PRO F 84 16.97 -71.88 37.53
CA PRO F 84 17.00 -70.46 37.18
C PRO F 84 15.94 -70.13 36.12
N GLU F 85 15.88 -68.86 35.76
CA GLU F 85 14.93 -68.39 34.76
C GLU F 85 15.39 -68.77 33.35
N ASP F 92 16.78 -61.71 48.13
CA ASP F 92 17.46 -62.25 49.30
C ASP F 92 17.83 -63.72 49.09
N THR F 93 18.49 -64.31 50.09
CA THR F 93 18.89 -65.70 50.01
C THR F 93 17.73 -66.67 50.24
N ALA F 94 16.63 -66.19 50.81
CA ALA F 94 15.47 -67.05 51.05
C ALA F 94 14.81 -67.46 49.74
N GLU F 95 14.83 -66.58 48.73
CA GLU F 95 14.29 -66.93 47.42
C GLU F 95 15.14 -68.00 46.74
N TYR F 96 16.47 -67.89 46.87
CA TYR F 96 17.35 -68.93 46.34
C TYR F 96 17.18 -70.24 47.08
N PHE F 97 16.95 -70.19 48.40
CA PHE F 97 16.73 -71.41 49.17
C PHE F 97 15.40 -72.07 48.79
N LEU F 98 14.35 -71.27 48.60
CA LEU F 98 13.07 -71.82 48.16
C LEU F 98 13.13 -72.39 46.76
N ARG F 99 13.88 -71.74 45.86
CA ARG F 99 14.09 -72.27 44.52
C ARG F 99 14.90 -73.57 44.55
N ALA F 100 15.88 -73.66 45.45
CA ALA F 100 16.67 -74.87 45.59
C ALA F 100 15.84 -76.02 46.15
N VAL F 101 14.92 -75.73 47.07
CA VAL F 101 14.03 -76.77 47.59
C VAL F 101 13.03 -77.19 46.52
N ARG F 102 12.49 -76.24 45.75
CA ARG F 102 11.53 -76.58 44.70
C ARG F 102 12.20 -77.31 43.54
N ALA F 103 13.51 -77.10 43.35
CA ALA F 103 14.24 -77.85 42.33
C ALA F 103 14.48 -79.28 42.81
N SER F 104 14.29 -80.23 41.89
CA SER F 104 14.62 -81.65 42.03
C SER F 104 13.81 -82.39 43.10
N SER F 105 12.82 -81.72 43.70
CA SER F 105 11.84 -82.30 44.63
C SER F 105 12.53 -82.95 45.85
N ILE F 106 13.17 -82.09 46.64
CA ILE F 106 13.93 -82.56 47.79
C ILE F 106 13.00 -83.11 48.86
N PHE F 107 11.89 -82.40 49.13
CA PHE F 107 10.96 -82.85 50.16
C PHE F 107 10.17 -84.11 49.79
N PRO F 108 9.46 -84.20 48.65
CA PRO F 108 8.57 -85.37 48.48
C PRO F 108 9.30 -86.66 48.16
N ILE F 109 10.50 -86.60 47.56
CA ILE F 109 11.27 -87.81 47.30
C ILE F 109 11.76 -88.42 48.61
N LEU F 110 12.31 -87.58 49.51
CA LEU F 110 12.69 -88.07 50.82
C LEU F 110 11.49 -88.49 51.65
N SER F 111 10.34 -87.84 51.43
CA SER F 111 9.11 -88.28 52.08
C SER F 111 8.68 -89.67 51.61
N VAL F 112 8.81 -89.94 50.31
CA VAL F 112 8.45 -91.25 49.78
C VAL F 112 9.43 -92.31 50.23
N ILE F 113 10.72 -91.95 50.36
CA ILE F 113 11.71 -92.88 50.89
C ILE F 113 11.43 -93.20 52.35
N LEU F 114 11.01 -92.19 53.13
CA LEU F 114 10.63 -92.44 54.52
C LEU F 114 9.33 -93.26 54.62
N LEU F 115 8.41 -93.08 53.67
CA LEU F 115 7.21 -93.91 53.64
C LEU F 115 7.55 -95.37 53.30
N PHE F 116 8.48 -95.58 52.39
CA PHE F 116 8.92 -96.93 52.06
C PHE F 116 9.66 -97.58 53.23
N MET F 117 10.44 -96.77 53.97
CA MET F 117 11.11 -97.27 55.16
C MET F 117 10.13 -97.61 56.27
N GLY F 118 9.07 -96.81 56.40
CA GLY F 118 8.03 -97.12 57.37
C GLY F 118 7.23 -98.35 56.98
N GLY F 119 7.00 -98.54 55.69
CA GLY F 119 6.35 -99.77 55.24
C GLY F 119 7.20 -101.00 55.45
N LEU F 120 8.52 -100.88 55.24
CA LEU F 120 9.43 -101.98 55.52
C LEU F 120 9.50 -102.28 57.02
N CYS F 121 9.44 -101.22 57.85
CA CYS F 121 9.43 -101.43 59.29
C CYS F 121 8.13 -102.07 59.76
N ILE F 122 7.01 -101.71 59.14
CA ILE F 122 5.73 -102.33 59.49
C ILE F 122 5.68 -103.78 59.02
N ALA F 123 6.33 -104.09 57.88
CA ALA F 123 6.42 -105.46 57.43
C ALA F 123 7.35 -106.29 58.31
N ALA F 124 8.42 -105.68 58.84
CA ALA F 124 9.30 -106.39 59.75
C ALA F 124 8.67 -106.55 61.12
N SER F 125 7.76 -105.65 61.50
CA SER F 125 7.06 -105.76 62.78
C SER F 125 5.80 -106.61 62.70
N GLU F 126 5.31 -106.90 61.48
CA GLU F 126 4.14 -107.75 61.35
C GLU F 126 4.46 -109.21 61.66
N PHE F 127 5.60 -109.70 61.18
CA PHE F 127 6.04 -111.06 61.43
C PHE F 127 7.18 -111.06 62.44
N TYR F 128 7.13 -112.02 63.37
CA TYR F 128 8.13 -112.22 64.43
C TYR F 128 8.30 -110.96 65.29
N LYS F 129 7.21 -110.60 65.97
CA LYS F 129 7.18 -109.42 66.83
C LYS F 129 7.95 -109.73 68.11
N THR F 130 9.26 -109.52 68.05
CA THR F 130 10.13 -109.74 69.19
C THR F 130 10.15 -108.54 70.15
N ARG F 131 10.53 -107.38 69.63
CA ARG F 131 10.54 -106.16 70.44
C ARG F 131 9.20 -105.45 70.26
N HIS F 132 8.55 -105.10 71.38
CA HIS F 132 7.25 -104.44 71.37
C HIS F 132 7.35 -102.93 71.43
N ASN F 133 8.45 -102.36 70.96
CA ASN F 133 8.63 -100.91 70.96
C ASN F 133 9.07 -100.34 69.62
N ILE F 134 9.36 -101.18 68.63
CA ILE F 134 9.74 -100.69 67.32
C ILE F 134 8.55 -100.16 66.54
N ILE F 135 7.33 -100.59 66.90
CA ILE F 135 6.13 -100.10 66.23
C ILE F 135 5.89 -98.63 66.54
N LEU F 136 6.27 -98.18 67.74
CA LEU F 136 6.13 -96.76 68.08
C LEU F 136 7.09 -95.90 67.26
N SER F 137 8.33 -96.35 67.09
CA SER F 137 9.28 -95.60 66.27
C SER F 137 8.89 -95.64 64.80
N ALA F 138 8.33 -96.76 64.35
CA ALA F 138 7.84 -96.86 62.96
C ALA F 138 6.65 -95.92 62.74
N GLY F 139 5.74 -95.85 63.70
CA GLY F 139 4.63 -94.92 63.58
C GLY F 139 5.04 -93.47 63.66
N ILE F 140 6.06 -93.17 64.49
CA ILE F 140 6.59 -91.81 64.57
C ILE F 140 7.26 -91.41 63.27
N PHE F 141 8.02 -92.33 62.66
CA PHE F 141 8.60 -92.09 61.35
C PHE F 141 7.54 -91.95 60.27
N PHE F 142 6.44 -92.68 60.40
CA PHE F 142 5.36 -92.61 59.42
C PHE F 142 4.62 -91.28 59.50
N VAL F 143 4.38 -90.79 60.73
CA VAL F 143 3.74 -89.49 60.92
C VAL F 143 4.67 -88.36 60.46
N SER F 144 5.97 -88.49 60.73
CA SER F 144 6.93 -87.50 60.25
C SER F 144 7.03 -87.50 58.73
N ALA F 145 6.91 -88.67 58.10
CA ALA F 145 6.90 -88.76 56.65
C ALA F 145 5.65 -88.12 56.07
N GLY F 146 4.51 -88.30 56.73
CA GLY F 146 3.29 -87.62 56.30
C GLY F 146 3.38 -86.11 56.44
N LEU F 147 3.97 -85.65 57.54
CA LEU F 147 4.14 -84.21 57.75
C LEU F 147 5.12 -83.61 56.74
N SER F 148 6.17 -84.35 56.41
CA SER F 148 7.11 -83.89 55.38
C SER F 148 6.48 -83.89 54.00
N ASN F 149 5.59 -84.85 53.72
CA ASN F 149 4.88 -84.86 52.44
C ASN F 149 3.91 -83.68 52.35
N ILE F 150 3.26 -83.35 53.46
CA ILE F 150 2.37 -82.20 53.48
C ILE F 150 3.16 -80.90 53.32
N ILE F 151 4.35 -80.84 53.93
CA ILE F 151 5.21 -79.68 53.80
C ILE F 151 5.72 -79.55 52.36
N GLY F 152 6.03 -80.67 51.71
CA GLY F 152 6.43 -80.63 50.32
C GLY F 152 5.29 -80.25 49.38
N ILE F 153 4.06 -80.64 49.74
CA ILE F 153 2.90 -80.20 48.98
C ILE F 153 2.71 -78.69 49.12
N ILE F 154 2.98 -78.16 50.32
CA ILE F 154 2.91 -76.72 50.55
C ILE F 154 3.99 -76.00 49.76
N VAL F 155 5.18 -76.59 49.67
CA VAL F 155 6.27 -75.99 48.90
C VAL F 155 5.94 -75.99 47.40
N TYR F 156 5.39 -77.10 46.90
CA TYR F 156 5.05 -77.16 45.48
C TYR F 156 3.86 -76.26 45.14
N ILE F 157 2.97 -76.02 46.11
CA ILE F 157 1.88 -75.08 45.88
C ILE F 157 2.40 -73.65 45.94
N SER F 158 3.42 -73.38 46.77
CA SER F 158 3.97 -72.04 46.88
C SER F 158 4.81 -71.69 45.66
N ALA F 159 5.53 -72.66 45.11
CA ALA F 159 6.41 -72.44 43.96
C ALA F 159 5.66 -72.41 42.64
N ASN F 160 4.33 -72.54 42.65
CA ASN F 160 3.57 -72.52 41.41
C ASN F 160 3.49 -71.12 40.82
N ALA F 161 3.61 -70.08 41.66
CA ALA F 161 3.58 -68.71 41.18
C ALA F 161 4.92 -68.33 40.55
N TYR F 174 -5.37 -72.09 33.89
CA TYR F 174 -4.86 -72.33 35.24
C TYR F 174 -5.74 -73.33 35.98
N SER F 175 -5.22 -74.53 36.17
CA SER F 175 -5.98 -75.61 36.80
C SER F 175 -5.01 -76.48 37.59
N TYR F 176 -5.46 -77.69 37.95
CA TYR F 176 -4.65 -78.62 38.74
C TYR F 176 -4.73 -80.01 38.12
N GLY F 177 -3.69 -80.81 38.36
CA GLY F 177 -3.66 -82.18 37.89
C GLY F 177 -4.37 -83.13 38.84
N TRP F 178 -4.45 -84.39 38.40
CA TRP F 178 -5.12 -85.40 39.21
C TRP F 178 -4.18 -86.05 40.22
N SER F 179 -2.87 -86.06 39.94
CA SER F 179 -1.93 -86.64 40.89
C SER F 179 -1.75 -85.79 42.13
N PHE F 180 -2.05 -84.49 42.07
CA PHE F 180 -2.07 -83.67 43.27
C PHE F 180 -3.19 -84.10 44.20
N TYR F 181 -4.39 -84.34 43.65
CA TYR F 181 -5.49 -84.88 44.44
C TYR F 181 -5.21 -86.28 44.93
N PHE F 182 -4.49 -87.08 44.12
CA PHE F 182 -4.11 -88.43 44.56
C PHE F 182 -3.10 -88.38 45.70
N GLY F 183 -2.17 -87.43 45.66
CA GLY F 183 -1.23 -87.27 46.76
C GLY F 183 -1.90 -86.75 48.02
N ALA F 184 -2.90 -85.88 47.86
CA ALA F 184 -3.69 -85.43 48.99
C ALA F 184 -4.49 -86.57 49.61
N LEU F 185 -5.08 -87.42 48.77
CA LEU F 185 -5.82 -88.59 49.26
C LEU F 185 -4.89 -89.59 49.93
N SER F 186 -3.67 -89.73 49.41
CA SER F 186 -2.68 -90.59 50.05
C SER F 186 -2.23 -90.02 51.38
N PHE F 187 -2.18 -88.70 51.50
CA PHE F 187 -1.91 -88.07 52.80
C PHE F 187 -3.04 -88.32 53.79
N ILE F 188 -4.28 -88.33 53.31
CA ILE F 188 -5.42 -88.65 54.18
C ILE F 188 -5.36 -90.10 54.64
N ILE F 189 -5.07 -91.02 53.71
CA ILE F 189 -4.96 -92.44 54.05
C ILE F 189 -3.75 -92.67 54.97
N ALA F 190 -2.69 -91.90 54.80
CA ALA F 190 -1.51 -92.03 55.66
C ALA F 190 -1.82 -91.53 57.08
N GLU F 191 -2.59 -90.45 57.20
CA GLU F 191 -2.99 -89.97 58.52
C GLU F 191 -3.89 -90.97 59.22
N MET F 192 -4.85 -91.54 58.49
CA MET F 192 -5.74 -92.55 59.08
C MET F 192 -4.98 -93.82 59.43
N VAL F 193 -3.99 -94.18 58.63
CA VAL F 193 -3.20 -95.38 58.90
C VAL F 193 -2.28 -95.17 60.10
N GLY F 194 -1.77 -93.94 60.26
CA GLY F 194 -1.00 -93.63 61.45
C GLY F 194 -1.83 -93.65 62.71
N VAL F 195 -3.07 -93.15 62.63
CA VAL F 195 -4.00 -93.23 63.76
C VAL F 195 -4.32 -94.68 64.10
N LEU F 196 -4.55 -95.52 63.08
CA LEU F 196 -4.84 -96.93 63.32
C LEU F 196 -3.63 -97.66 63.89
N ALA F 197 -2.43 -97.29 63.43
CA ALA F 197 -1.21 -97.93 63.92
C ALA F 197 -0.93 -97.57 65.37
N VAL F 198 -1.09 -96.30 65.73
CA VAL F 198 -0.87 -95.93 67.13
C VAL F 198 -2.00 -96.42 68.02
N HIS F 199 -3.21 -96.62 67.47
CA HIS F 199 -4.29 -97.21 68.24
C HIS F 199 -4.01 -98.68 68.54
N MET F 200 -3.53 -99.43 67.54
CA MET F 200 -3.14 -100.81 67.79
C MET F 200 -1.92 -100.90 68.71
N PHE F 201 -1.02 -99.91 68.65
CA PHE F 201 0.13 -99.93 69.55
C PHE F 201 -0.28 -99.67 70.99
N ILE F 202 -1.20 -98.73 71.23
CA ILE F 202 -1.60 -98.47 72.60
C ILE F 202 -2.49 -99.60 73.12
N ASP F 203 -3.22 -100.28 72.23
CA ASP F 203 -3.98 -101.46 72.65
C ASP F 203 -3.05 -102.61 73.01
N ARG F 204 -1.97 -102.80 72.25
CA ARG F 204 -1.00 -103.84 72.59
C ARG F 204 -0.24 -103.50 73.86
N HIS F 205 0.04 -102.21 74.09
CA HIS F 205 0.70 -101.80 75.32
C HIS F 205 -0.21 -101.98 76.54
N LYS F 206 -1.50 -101.68 76.38
CA LYS F 206 -2.45 -101.91 77.46
C LYS F 206 -2.65 -103.40 77.72
N GLN F 207 -2.62 -104.22 76.68
CA GLN F 207 -2.71 -105.67 76.85
C GLN F 207 -1.47 -106.21 77.57
N LEU F 208 -0.29 -105.69 77.23
CA LEU F 208 0.93 -106.12 77.91
C LEU F 208 0.96 -105.65 79.36
N ARG F 209 0.42 -104.46 79.63
CA ARG F 209 0.35 -103.97 81.01
C ARG F 209 -0.68 -104.74 81.82
N ALA F 210 -1.76 -105.20 81.19
CA ALA F 210 -2.74 -106.03 81.90
C ALA F 210 -2.22 -107.43 82.13
N THR F 211 -1.42 -107.96 81.19
CA THR F 211 -0.83 -109.28 81.36
C THR F 211 0.38 -109.28 82.28
N ALA F 212 0.98 -108.10 82.51
CA ALA F 212 2.14 -108.04 83.42
C ALA F 212 1.71 -108.15 84.88
N ARG F 213 0.48 -107.78 85.20
CA ARG F 213 -0.02 -107.86 86.56
C ARG F 213 -0.69 -109.20 86.83
N UNK G 1 27.10 -76.64 92.16
CA UNK G 1 27.74 -75.49 91.51
C UNK G 1 26.68 -74.51 90.99
N UNK G 2 25.64 -74.30 91.80
CA UNK G 2 24.57 -73.39 91.41
C UNK G 2 24.84 -71.96 91.85
N UNK G 3 25.46 -71.79 93.03
CA UNK G 3 25.71 -70.44 93.55
C UNK G 3 26.81 -69.74 92.77
N UNK G 4 27.88 -70.46 92.41
CA UNK G 4 28.94 -69.87 91.61
C UNK G 4 28.46 -69.57 90.19
N UNK G 5 27.59 -70.42 89.64
CA UNK G 5 27.01 -70.15 88.33
C UNK G 5 26.07 -68.95 88.38
N UNK G 6 25.33 -68.78 89.48
CA UNK G 6 24.46 -67.62 89.62
C UNK G 6 25.26 -66.34 89.78
N UNK G 7 26.39 -66.41 90.50
CA UNK G 7 27.25 -65.23 90.64
C UNK G 7 27.92 -64.88 89.32
N UNK G 8 28.33 -65.89 88.54
CA UNK G 8 28.92 -65.63 87.23
C UNK G 8 27.88 -65.07 86.26
N UNK G 9 26.63 -65.54 86.36
CA UNK G 9 25.56 -65.01 85.54
C UNK G 9 25.22 -63.57 85.92
N UNK G 10 25.28 -63.25 87.23
CA UNK G 10 25.06 -61.88 87.67
C UNK G 10 26.19 -60.96 87.20
N UNK G 11 27.43 -61.45 87.22
CA UNK G 11 28.56 -60.66 86.74
C UNK G 11 28.49 -60.44 85.23
N UNK G 12 28.10 -61.48 84.48
CA UNK G 12 27.92 -61.32 83.04
C UNK G 12 26.75 -60.42 82.70
N UNK G 13 25.69 -60.43 83.52
CA UNK G 13 24.57 -59.54 83.30
C UNK G 13 24.94 -58.09 83.59
N UNK G 14 25.74 -57.86 84.64
CA UNK G 14 26.23 -56.51 84.92
C UNK G 14 27.18 -56.03 83.83
N UNK G 15 27.99 -56.93 83.27
CA UNK G 15 28.88 -56.58 82.17
C UNK G 15 28.09 -56.25 80.91
N UNK G 16 27.03 -57.00 80.62
CA UNK G 16 26.19 -56.71 79.46
C UNK G 16 25.38 -55.44 79.66
N UNK G 17 25.04 -55.12 80.92
CA UNK G 17 24.33 -53.87 81.19
C UNK G 17 25.27 -52.67 81.05
N UNK G 18 26.52 -52.82 81.47
CA UNK G 18 27.49 -51.75 81.28
C UNK G 18 27.91 -51.60 79.82
N UNK G 19 27.85 -52.68 79.05
CA UNK G 19 28.26 -52.62 77.65
C UNK G 19 27.18 -51.97 76.79
N UNK G 20 26.00 -52.57 76.73
CA UNK G 20 24.92 -52.04 75.91
C UNK G 20 23.65 -51.81 76.74
N UNK G 21 16.09 -40.38 73.19
CA UNK G 21 15.19 -39.67 74.08
C UNK G 21 15.82 -39.44 75.45
N UNK G 22 15.63 -38.24 76.00
CA UNK G 22 16.20 -37.91 77.29
C UNK G 22 15.47 -38.63 78.42
N UNK G 23 14.15 -38.79 78.30
CA UNK G 23 13.40 -39.54 79.31
C UNK G 23 13.75 -41.03 79.27
N UNK G 24 14.03 -41.56 78.08
CA UNK G 24 14.46 -42.95 77.97
C UNK G 24 15.86 -43.14 78.56
N UNK G 25 16.73 -42.14 78.38
CA UNK G 25 18.05 -42.20 78.99
C UNK G 25 17.98 -42.09 80.51
N UNK G 26 17.07 -41.26 81.03
CA UNK G 26 16.88 -41.16 82.47
C UNK G 26 16.28 -42.43 83.05
N UNK G 27 15.37 -43.07 82.31
CA UNK G 27 14.80 -44.34 82.76
C UNK G 27 15.83 -45.46 82.73
N UNK G 28 16.72 -45.45 81.73
CA UNK G 28 17.79 -46.44 81.67
C UNK G 28 18.81 -46.22 82.79
N UNK G 29 19.07 -44.96 83.13
CA UNK G 29 19.97 -44.66 84.25
C UNK G 29 19.35 -45.07 85.58
N UNK G 30 18.04 -44.86 85.74
CA UNK G 30 17.35 -45.30 86.94
C UNK G 30 17.32 -46.82 87.04
N UNK G 31 17.16 -47.50 85.89
CA UNK G 31 17.22 -48.96 85.87
C UNK G 31 18.60 -49.48 86.21
N UNK G 32 19.65 -48.79 85.73
CA UNK G 32 21.01 -49.19 86.05
C UNK G 32 21.32 -48.96 87.53
N UNK G 33 20.82 -47.86 88.10
CA UNK G 33 21.04 -47.59 89.51
C UNK G 33 20.29 -48.58 90.39
N UNK G 34 19.06 -48.93 90.02
CA UNK G 34 18.29 -49.92 90.77
C UNK G 34 18.91 -51.31 90.64
N UNK G 35 19.46 -51.63 89.46
CA UNK G 35 20.13 -52.91 89.28
C UNK G 35 21.43 -52.98 90.08
N UNK G 36 22.16 -51.86 90.17
CA UNK G 36 23.37 -51.82 90.98
C UNK G 36 23.05 -51.95 92.46
N UNK G 37 21.95 -51.31 92.91
CA UNK G 37 21.54 -51.44 94.30
C UNK G 37 21.07 -52.85 94.63
N UNK G 38 20.37 -53.49 93.69
CA UNK G 38 19.92 -54.87 93.90
C UNK G 38 21.10 -55.84 93.89
N UNK G 39 22.09 -55.60 93.03
CA UNK G 39 23.27 -56.45 93.01
C UNK G 39 24.10 -56.28 94.26
N UNK G 40 24.17 -55.05 94.79
CA UNK G 40 24.88 -54.81 96.05
C UNK G 40 24.17 -55.46 97.22
N UNK G 41 22.83 -55.40 97.23
CA UNK G 41 22.06 -56.05 98.29
C UNK G 41 22.17 -57.56 98.22
N UNK G 42 22.17 -58.12 97.01
CA UNK G 42 22.33 -59.57 96.85
C UNK G 42 23.74 -60.01 97.23
N UNK G 43 24.75 -59.19 96.93
CA UNK G 43 26.12 -59.52 97.32
C UNK G 43 26.29 -59.45 98.83
N UNK G 44 25.66 -58.47 99.48
CA UNK G 44 25.71 -58.38 100.94
C UNK G 44 24.98 -59.54 101.60
N UNK G 45 23.85 -59.95 101.02
CA UNK G 45 23.12 -61.10 101.55
C UNK G 45 23.90 -62.40 101.35
N UNK G 46 24.57 -62.54 100.22
CA UNK G 46 25.38 -63.73 99.98
C UNK G 46 26.62 -63.76 100.88
N UNK G 47 27.20 -62.58 101.16
CA UNK G 47 28.32 -62.51 102.09
C UNK G 47 27.89 -62.83 103.51
N UNK G 48 26.70 -62.37 103.91
CA UNK G 48 26.18 -62.70 105.23
C UNK G 48 25.85 -64.19 105.35
N UNK G 49 25.33 -64.79 104.28
CA UNK G 49 25.04 -66.22 104.28
C UNK G 49 26.32 -67.05 104.31
N UNK G 50 27.36 -66.60 103.61
CA UNK G 50 28.64 -67.31 103.63
C UNK G 50 29.35 -67.13 104.97
N UNK G 51 29.14 -66.00 105.64
CA UNK G 51 29.73 -65.80 106.96
C UNK G 51 29.01 -66.64 108.01
N UNK G 52 27.68 -66.71 107.93
CA UNK G 52 26.90 -67.49 108.88
C UNK G 52 26.89 -68.98 108.57
N UNK G 53 27.35 -69.38 107.38
CA UNK G 53 27.36 -70.79 106.99
C UNK G 53 28.60 -71.54 107.45
N UNK G 54 29.79 -71.02 107.15
CA UNK G 54 31.03 -71.67 107.54
C UNK G 54 31.33 -71.42 109.02
N UNK G 55 19.15 -66.81 115.07
CA UNK G 55 20.45 -66.97 114.44
C UNK G 55 20.29 -67.38 112.97
N UNK G 56 20.10 -68.68 112.75
CA UNK G 56 19.91 -69.17 111.39
C UNK G 56 18.54 -68.80 110.84
N UNK G 57 17.53 -68.71 111.72
CA UNK G 57 16.19 -68.36 111.26
C UNK G 57 16.09 -66.90 110.85
N UNK G 58 16.74 -66.01 111.62
CA UNK G 58 16.75 -64.59 111.25
C UNK G 58 17.58 -64.36 110.00
N UNK G 59 18.67 -65.12 109.83
CA UNK G 59 19.47 -65.02 108.61
C UNK G 59 18.69 -65.55 107.40
N UNK G 60 17.90 -66.60 107.59
CA UNK G 60 17.07 -67.12 106.51
C UNK G 60 15.95 -66.15 106.15
N UNK G 61 15.38 -65.48 107.16
CA UNK G 61 14.34 -64.47 106.89
C UNK G 61 14.92 -63.26 106.17
N UNK G 62 16.12 -62.82 106.57
CA UNK G 62 16.78 -61.72 105.88
C UNK G 62 17.16 -62.09 104.45
N UNK G 63 17.58 -63.35 104.24
CA UNK G 63 17.92 -63.80 102.90
C UNK G 63 16.67 -63.91 102.02
N UNK G 64 15.55 -64.34 102.59
CA UNK G 64 14.30 -64.42 101.84
C UNK G 64 13.77 -63.03 101.49
N UNK G 65 13.88 -62.08 102.42
CA UNK G 65 13.46 -60.71 102.14
C UNK G 65 14.36 -60.06 101.10
N UNK G 66 15.67 -60.33 101.17
CA UNK G 66 16.60 -59.81 100.17
C UNK G 66 16.36 -60.45 98.80
N UNK G 67 15.97 -61.73 98.78
CA UNK G 67 15.67 -62.39 97.51
C UNK G 67 14.39 -61.84 96.89
N UNK G 68 13.38 -61.56 97.72
CA UNK G 68 12.15 -60.98 97.22
C UNK G 68 12.38 -59.56 96.70
N UNK G 69 13.17 -58.76 97.42
CA UNK G 69 13.49 -57.40 96.98
C UNK G 69 14.32 -57.42 95.71
N UNK G 70 15.26 -58.36 95.60
CA UNK G 70 16.08 -58.47 94.39
C UNK G 70 15.26 -58.95 93.21
N UNK G 71 14.29 -59.84 93.43
CA UNK G 71 13.43 -60.29 92.34
C UNK G 71 12.52 -59.18 91.86
N UNK G 72 11.97 -58.39 92.79
CA UNK G 72 11.13 -57.26 92.40
C UNK G 72 11.93 -56.18 91.68
N UNK G 73 13.15 -55.91 92.16
CA UNK G 73 14.01 -54.93 91.50
C UNK G 73 14.48 -55.43 90.14
N UNK G 74 14.69 -56.73 90.00
CA UNK G 74 15.09 -57.29 88.70
C UNK G 74 13.94 -57.25 87.71
N UNK G 75 12.71 -57.48 88.17
CA UNK G 75 11.54 -57.37 87.30
C UNK G 75 11.33 -55.93 86.85
N UNK G 76 11.47 -54.98 87.79
CA UNK G 76 11.33 -53.57 87.45
C UNK G 76 12.45 -53.09 86.53
N UNK G 77 13.67 -53.62 86.73
CA UNK G 77 14.80 -53.26 85.87
C UNK G 77 14.65 -53.83 84.48
N UNK G 78 14.11 -55.06 84.37
CA UNK G 78 13.85 -55.64 83.06
C UNK G 78 12.75 -54.89 82.33
N UNK G 79 11.73 -54.45 83.05
CA UNK G 79 10.65 -53.66 82.44
C UNK G 79 11.16 -52.31 81.97
N UNK G 80 11.97 -51.64 82.80
CA UNK G 80 12.52 -50.35 82.39
C UNK G 80 13.55 -50.49 81.28
N UNK G 81 14.28 -51.61 81.24
CA UNK G 81 15.22 -51.85 80.16
C UNK G 81 14.50 -52.12 78.85
N UNK G 82 13.37 -52.83 78.90
CA UNK G 82 12.57 -53.03 77.69
C UNK G 82 11.96 -51.71 77.23
N UNK G 83 11.52 -50.86 78.16
CA UNK G 83 10.99 -49.56 77.80
C UNK G 83 12.06 -48.64 77.24
N UNK G 84 13.30 -48.76 77.73
CA UNK G 84 14.39 -47.95 77.18
C UNK G 84 14.83 -48.47 75.81
N UNK G 85 14.81 -49.79 75.61
CA UNK G 85 15.11 -50.37 74.31
C UNK G 85 14.03 -50.03 73.28
N UNK G 86 12.78 -49.86 73.72
CA UNK G 86 11.75 -49.37 72.82
C UNK G 86 11.96 -47.88 72.58
N UNK G 87 11.91 -47.08 73.64
CA UNK G 87 12.09 -45.64 73.51
C UNK G 87 13.57 -45.28 73.49
N UNK G 88 22.09 -55.00 72.81
CA UNK G 88 20.67 -54.73 72.70
C UNK G 88 19.85 -55.85 73.32
N UNK G 89 19.61 -56.91 72.55
CA UNK G 89 18.82 -58.04 73.02
C UNK G 89 19.59 -58.92 74.00
N UNK G 90 20.93 -58.86 73.97
CA UNK G 90 21.74 -59.70 74.85
C UNK G 90 21.61 -59.25 76.30
N UNK G 91 21.50 -57.94 76.53
CA UNK G 91 21.35 -57.43 77.89
C UNK G 91 20.00 -57.80 78.48
N UNK G 92 18.95 -57.73 77.66
CA UNK G 92 17.62 -58.12 78.14
C UNK G 92 17.53 -59.63 78.34
N UNK G 93 18.22 -60.41 77.50
CA UNK G 93 18.25 -61.85 77.69
C UNK G 93 19.02 -62.23 78.95
N UNK G 94 20.10 -61.50 79.24
CA UNK G 94 20.86 -61.73 80.47
C UNK G 94 20.05 -61.32 81.70
N UNK G 95 19.27 -60.24 81.59
CA UNK G 95 18.41 -59.84 82.70
C UNK G 95 17.29 -60.85 82.92
N UNK G 96 16.75 -61.42 81.84
CA UNK G 96 15.71 -62.44 82.00
C UNK G 96 16.27 -63.73 82.59
N UNK G 97 17.49 -64.11 82.17
CA UNK G 97 18.13 -65.29 82.75
C UNK G 97 18.50 -65.06 84.21
N UNK G 98 18.88 -63.82 84.56
CA UNK G 98 19.17 -63.49 85.95
C UNK G 98 17.90 -63.51 86.80
N UNK G 99 16.78 -63.05 86.24
CA UNK G 99 15.50 -63.12 86.96
C UNK G 99 15.04 -64.56 87.14
N UNK G 100 15.26 -65.40 86.13
CA UNK G 100 14.90 -66.82 86.24
C UNK G 100 15.77 -67.53 87.27
N UNK G 101 17.07 -67.21 87.30
CA UNK G 101 17.96 -67.80 88.29
C UNK G 101 17.63 -67.30 89.69
N UNK G 102 17.22 -66.04 89.82
CA UNK G 102 16.81 -65.51 91.11
C UNK G 102 15.51 -66.15 91.60
N UNK G 103 14.59 -66.43 90.67
CA UNK G 103 13.36 -67.11 91.05
C UNK G 103 13.62 -68.55 91.46
N UNK G 104 14.52 -69.23 90.74
CA UNK G 104 14.89 -70.60 91.12
C UNK G 104 15.61 -70.63 92.47
N UNK G 105 16.47 -69.63 92.72
CA UNK G 105 17.15 -69.55 94.01
C UNK G 105 16.19 -69.21 95.14
N UNK G 106 15.16 -68.40 94.86
CA UNK G 106 14.15 -68.09 95.86
C UNK G 106 13.29 -69.31 96.18
N UNK G 107 12.97 -70.10 95.15
CA UNK G 107 12.22 -71.34 95.39
C UNK G 107 13.06 -72.35 96.16
N UNK G 108 14.35 -72.45 95.84
CA UNK G 108 15.23 -73.36 96.57
C UNK G 108 15.43 -72.90 98.01
N UNK G 109 15.51 -71.59 98.24
CA UNK G 109 15.63 -71.08 99.60
C UNK G 109 14.35 -71.28 100.40
N UNK G 110 13.19 -71.18 99.75
CA UNK G 110 11.92 -71.46 100.42
C UNK G 110 11.81 -72.94 100.76
N UNK G 111 12.27 -73.82 99.86
CA UNK G 111 12.28 -75.25 100.15
C UNK G 111 13.27 -75.60 101.25
N UNK G 112 14.41 -74.92 101.29
CA UNK G 112 15.39 -75.17 102.34
C UNK G 112 14.91 -74.66 103.70
N UNK G 113 14.21 -73.53 103.71
CA UNK G 113 13.64 -73.03 104.96
C UNK G 113 12.47 -73.88 105.43
N UNK G 114 11.73 -74.49 104.50
CA UNK G 114 10.67 -75.39 104.90
C UNK G 114 11.22 -76.73 105.38
N UNK G 115 12.36 -77.18 104.83
CA UNK G 115 12.92 -78.46 105.22
C UNK G 115 13.72 -78.36 106.52
N UNK G 116 14.43 -77.26 106.72
CA UNK G 116 15.26 -77.10 107.91
C UNK G 116 14.47 -76.78 109.17
N UNK G 117 13.22 -76.37 109.04
CA UNK G 117 12.39 -76.05 110.21
C UNK G 117 11.88 -77.32 110.88
N ARG H 6 -20.59 -53.63 111.84
CA ARG H 6 -22.04 -53.58 111.99
C ARG H 6 -22.55 -52.15 111.89
N GLY H 7 -22.56 -51.45 113.02
CA GLY H 7 -23.03 -50.08 113.05
C GLY H 7 -22.10 -49.09 112.39
N VAL H 8 -20.80 -49.40 112.34
CA VAL H 8 -19.86 -48.52 111.63
C VAL H 8 -20.11 -48.57 110.14
N GLN H 9 -20.47 -49.75 109.62
CA GLN H 9 -20.85 -49.86 108.21
C GLN H 9 -22.16 -49.14 107.91
N MET H 10 -23.10 -49.16 108.86
CA MET H 10 -24.35 -48.42 108.68
C MET H 10 -24.11 -46.92 108.69
N LEU H 11 -23.23 -46.43 109.57
CA LEU H 11 -22.92 -45.01 109.61
C LEU H 11 -22.15 -44.58 108.36
N LEU H 12 -21.26 -45.45 107.86
CA LEU H 12 -20.54 -45.17 106.62
C LEU H 12 -21.48 -45.14 105.43
N THR H 13 -22.46 -46.05 105.39
CA THR H 13 -23.46 -46.06 104.32
C THR H 13 -24.34 -44.82 104.39
N THR H 14 -24.69 -44.38 105.61
CA THR H 14 -25.50 -43.18 105.76
C THR H 14 -24.76 -41.92 105.32
N VAL H 15 -23.49 -41.78 105.71
CA VAL H 15 -22.74 -40.59 105.30
C VAL H 15 -22.38 -40.66 103.81
N GLY H 16 -22.27 -41.87 103.26
CA GLY H 16 -22.06 -41.99 101.82
C GLY H 16 -23.29 -41.62 101.03
N ALA H 17 -24.47 -42.00 101.52
CA ALA H 17 -25.71 -41.60 100.87
C ALA H 17 -25.93 -40.09 100.98
N PHE H 18 -25.56 -39.52 102.13
CA PHE H 18 -25.68 -38.05 102.30
C PHE H 18 -24.72 -37.31 101.40
N ALA H 19 -23.48 -37.80 101.27
CA ALA H 19 -22.52 -37.15 100.38
C ALA H 19 -22.90 -37.33 98.92
N ALA H 20 -23.49 -38.48 98.56
CA ALA H 20 -23.95 -38.70 97.21
C ALA H 20 -25.13 -37.80 96.86
N PHE H 21 -26.05 -37.60 97.81
CA PHE H 21 -27.17 -36.69 97.59
C PHE H 21 -26.69 -35.23 97.50
N SER H 22 -25.68 -34.87 98.30
CA SER H 22 -25.14 -33.52 98.24
C SER H 22 -24.41 -33.26 96.92
N LEU H 23 -23.65 -34.25 96.44
CA LEU H 23 -22.96 -34.09 95.17
C LEU H 23 -23.94 -34.14 93.99
N MET H 24 -25.05 -34.88 94.12
CA MET H 24 -26.08 -34.86 93.09
C MET H 24 -26.77 -33.50 93.04
N THR H 25 -27.01 -32.90 94.22
CA THR H 25 -27.57 -31.55 94.27
C THR H 25 -26.62 -30.52 93.67
N ILE H 26 -25.32 -30.68 93.93
CA ILE H 26 -24.32 -29.79 93.36
C ILE H 26 -24.20 -29.99 91.85
N ALA H 27 -24.42 -31.22 91.37
CA ALA H 27 -24.37 -31.47 89.93
C ALA H 27 -25.60 -30.90 89.23
N VAL H 28 -26.75 -30.94 89.90
CA VAL H 28 -27.94 -30.29 89.34
C VAL H 28 -27.77 -28.77 89.37
N GLY H 29 -27.11 -28.23 90.40
CA GLY H 29 -27.02 -26.80 90.63
C GLY H 29 -26.33 -25.96 89.57
N THR H 30 -25.01 -26.11 89.42
CA THR H 30 -24.27 -25.24 88.50
C THR H 30 -22.99 -25.94 88.08
N ASP H 31 -22.34 -25.36 87.06
CA ASP H 31 -21.01 -25.75 86.55
C ASP H 31 -20.98 -27.20 86.06
N TYR H 32 -22.05 -27.63 85.40
CA TYR H 32 -22.10 -29.00 84.89
C TYR H 32 -21.24 -29.15 83.64
N TRP H 33 -21.41 -28.25 82.67
CA TRP H 33 -20.64 -28.29 81.43
C TRP H 33 -20.11 -26.91 81.12
N LEU H 34 -19.15 -26.85 80.21
CA LEU H 34 -18.54 -25.59 79.82
C LEU H 34 -18.24 -25.63 78.33
N TYR H 35 -18.45 -24.51 77.65
CA TYR H 35 -18.20 -24.44 76.21
C TYR H 35 -17.88 -22.99 75.84
N SER H 36 -16.97 -22.82 74.88
CA SER H 36 -16.61 -21.50 74.40
C SER H 36 -17.69 -21.01 73.44
N ARG H 37 -18.35 -19.91 73.79
CA ARG H 37 -19.43 -19.36 72.98
C ARG H 37 -18.85 -18.44 71.90
N GLY H 38 -19.73 -17.73 71.20
CA GLY H 38 -19.31 -16.82 70.14
C GLY H 38 -18.81 -15.49 70.67
N VAL H 57 -15.37 -16.44 73.49
CA VAL H 57 -15.21 -16.41 74.94
C VAL H 57 -15.83 -17.65 75.56
N MET H 58 -15.27 -18.09 76.69
CA MET H 58 -15.74 -19.26 77.38
C MET H 58 -17.06 -18.97 78.10
N THR H 59 -17.82 -20.04 78.37
CA THR H 59 -19.09 -19.92 79.05
C THR H 59 -19.38 -21.19 79.83
N HIS H 60 -19.79 -21.05 81.08
CA HIS H 60 -20.12 -22.17 81.93
C HIS H 60 -21.62 -22.45 81.88
N SER H 61 -21.98 -23.68 82.23
CA SER H 61 -23.37 -24.11 82.21
C SER H 61 -23.60 -25.14 83.31
N GLY H 62 -24.80 -25.10 83.90
CA GLY H 62 -25.15 -26.02 84.94
C GLY H 62 -26.48 -26.71 84.70
N LEU H 63 -26.76 -27.00 83.43
CA LEU H 63 -27.95 -27.68 82.90
C LEU H 63 -29.26 -26.93 83.15
N TRP H 64 -29.22 -25.70 83.67
CA TRP H 64 -30.39 -24.84 83.81
C TRP H 64 -30.24 -23.54 83.06
N ARG H 65 -29.09 -22.87 83.18
CA ARG H 65 -28.82 -21.64 82.47
C ARG H 65 -27.31 -21.52 82.27
N THR H 66 -26.93 -20.82 81.20
CA THR H 66 -25.53 -20.61 80.88
C THR H 66 -25.10 -19.20 81.27
N CYS H 67 -23.84 -19.07 81.67
CA CYS H 67 -23.27 -17.79 82.07
C CYS H 67 -21.95 -17.59 81.34
N CYS H 68 -21.82 -16.45 80.66
CA CYS H 68 -20.60 -16.13 79.94
C CYS H 68 -19.49 -15.73 80.91
N LEU H 69 -18.27 -15.70 80.40
CA LEU H 69 -17.11 -15.36 81.21
C LEU H 69 -17.09 -13.85 81.53
N PHE H 73 -22.55 -7.95 78.63
CA PHE H 73 -21.11 -8.22 78.67
C PHE H 73 -20.80 -9.39 79.59
N LYS H 74 -19.64 -9.32 80.25
CA LYS H 74 -19.22 -10.38 81.15
C LYS H 74 -20.01 -10.30 82.46
N GLY H 75 -20.62 -11.41 82.84
CA GLY H 75 -21.41 -11.50 84.05
C GLY H 75 -22.87 -11.79 83.81
N LEU H 76 -23.36 -11.64 82.58
CA LEU H 76 -24.76 -11.90 82.27
C LEU H 76 -25.04 -13.39 82.24
N CYS H 77 -26.27 -13.75 82.61
CA CYS H 77 -26.70 -15.14 82.63
C CYS H 77 -28.09 -15.25 82.03
N LYS H 78 -28.30 -16.29 81.23
CA LYS H 78 -29.59 -16.53 80.60
C LYS H 78 -29.79 -18.02 80.40
N GLN H 79 -31.05 -18.42 80.30
CA GLN H 79 -31.40 -19.82 80.11
C GLN H 79 -31.11 -20.21 78.67
N ILE H 80 -29.95 -20.81 78.45
CA ILE H 80 -29.53 -21.20 77.11
C ILE H 80 -29.76 -22.70 76.85
N ASP H 81 -30.65 -23.32 77.62
CA ASP H 81 -30.98 -24.74 77.43
C ASP H 81 -32.20 -24.88 76.51
N HIS H 82 -32.09 -24.25 75.34
CA HIS H 82 -33.17 -24.27 74.36
C HIS H 82 -33.03 -25.50 73.48
N PHE H 83 -34.02 -26.39 73.55
CA PHE H 83 -34.04 -27.59 72.73
C PHE H 83 -34.29 -27.33 71.24
N PRO H 84 -35.15 -26.40 70.81
CA PRO H 84 -35.13 -26.00 69.39
C PRO H 84 -34.02 -24.99 69.14
N GLU H 85 -33.88 -24.62 67.87
CA GLU H 85 -32.87 -23.65 67.45
C GLU H 85 -33.39 -22.23 67.59
N ASP H 92 -35.10 -37.89 62.03
CA ASP H 92 -36.26 -38.70 62.37
C ASP H 92 -36.87 -38.26 63.70
N THR H 93 -37.92 -38.97 64.12
CA THR H 93 -38.58 -38.66 65.39
C THR H 93 -37.75 -39.05 66.60
N ALA H 94 -36.73 -39.91 66.42
CA ALA H 94 -35.84 -40.25 67.51
C ALA H 94 -35.00 -39.06 67.95
N GLU H 95 -34.64 -38.18 67.02
CA GLU H 95 -33.95 -36.95 67.38
C GLU H 95 -34.86 -36.02 68.18
N TYR H 96 -36.15 -35.98 67.82
CA TYR H 96 -37.11 -35.18 68.58
C TYR H 96 -37.31 -35.73 69.99
N PHE H 97 -37.37 -37.06 70.13
CA PHE H 97 -37.52 -37.65 71.46
C PHE H 97 -36.25 -37.47 72.29
N LEU H 98 -35.08 -37.53 71.64
CA LEU H 98 -33.83 -37.28 72.36
C LEU H 98 -33.72 -35.84 72.81
N ARG H 99 -34.15 -34.88 71.97
CA ARG H 99 -34.18 -33.48 72.37
C ARG H 99 -35.19 -33.23 73.47
N ALA H 100 -36.32 -33.95 73.44
CA ALA H 100 -37.33 -33.81 74.50
C ALA H 100 -36.83 -34.36 75.83
N VAL H 101 -36.06 -35.46 75.79
CA VAL H 101 -35.47 -35.97 77.02
C VAL H 101 -34.37 -35.04 77.53
N ARG H 102 -33.54 -34.51 76.62
CA ARG H 102 -32.45 -33.63 77.03
C ARG H 102 -32.95 -32.27 77.49
N ALA H 103 -34.15 -31.88 77.09
CA ALA H 103 -34.73 -30.63 77.56
C ALA H 103 -35.13 -30.75 79.02
N SER H 104 -34.68 -29.78 79.83
CA SER H 104 -35.00 -29.59 81.25
C SER H 104 -34.53 -30.74 82.16
N SER H 105 -33.70 -31.65 81.62
CA SER H 105 -33.02 -32.71 82.36
C SER H 105 -33.99 -33.62 83.11
N ILE H 106 -34.80 -34.33 82.32
CA ILE H 106 -35.88 -35.15 82.89
C ILE H 106 -35.31 -36.34 83.66
N PHE H 107 -34.34 -37.04 83.08
CA PHE H 107 -33.74 -38.21 83.70
C PHE H 107 -32.95 -37.94 85.00
N PRO H 108 -32.03 -36.96 85.10
CA PRO H 108 -31.29 -36.85 86.37
C PRO H 108 -32.10 -36.27 87.51
N ILE H 109 -33.15 -35.48 87.22
CA ILE H 109 -34.02 -34.98 88.29
C ILE H 109 -34.82 -36.12 88.91
N LEU H 110 -35.39 -37.00 88.07
CA LEU H 110 -36.08 -38.18 88.58
C LEU H 110 -35.12 -39.14 89.25
N SER H 111 -33.87 -39.20 88.75
CA SER H 111 -32.85 -40.01 89.41
C SER H 111 -32.52 -39.47 90.80
N VAL H 112 -32.46 -38.15 90.95
CA VAL H 112 -32.18 -37.55 92.25
C VAL H 112 -33.36 -37.71 93.20
N ILE H 113 -34.58 -37.69 92.65
CA ILE H 113 -35.77 -37.96 93.46
C ILE H 113 -35.77 -39.40 93.95
N LEU H 114 -35.36 -40.34 93.09
CA LEU H 114 -35.25 -41.73 93.51
C LEU H 114 -34.12 -41.94 94.51
N LEU H 115 -33.02 -41.17 94.38
CA LEU H 115 -31.95 -41.21 95.37
C LEU H 115 -32.42 -40.69 96.72
N PHE H 116 -33.21 -39.62 96.72
CA PHE H 116 -33.75 -39.08 97.97
C PHE H 116 -34.75 -40.04 98.59
N MET H 117 -35.52 -40.74 97.76
CA MET H 117 -36.46 -41.74 98.28
C MET H 117 -35.72 -42.93 98.87
N GLY H 118 -34.63 -43.37 98.22
CA GLY H 118 -33.82 -44.44 98.79
C GLY H 118 -33.11 -44.04 100.07
N GLY H 119 -32.67 -42.77 100.15
CA GLY H 119 -32.07 -42.29 101.38
C GLY H 119 -33.07 -42.17 102.52
N LEU H 120 -34.30 -41.75 102.19
CA LEU H 120 -35.35 -41.71 103.20
C LEU H 120 -35.75 -43.11 103.65
N CYS H 121 -35.73 -44.08 102.74
CA CYS H 121 -36.00 -45.46 103.10
C CYS H 121 -34.89 -46.04 103.98
N ILE H 122 -33.64 -45.67 103.69
CA ILE H 122 -32.52 -46.13 104.52
C ILE H 122 -32.57 -45.48 105.89
N ALA H 123 -33.02 -44.23 105.95
CA ALA H 123 -33.17 -43.56 107.24
C ALA H 123 -34.33 -44.14 108.04
N ALA H 124 -35.40 -44.57 107.37
CA ALA H 124 -36.51 -45.21 108.06
C ALA H 124 -36.17 -46.63 108.48
N SER H 125 -35.24 -47.28 107.77
CA SER H 125 -34.83 -48.63 108.11
C SER H 125 -33.67 -48.66 109.11
N GLU H 126 -32.99 -47.53 109.31
CA GLU H 126 -31.89 -47.50 110.29
C GLU H 126 -32.41 -47.60 111.71
N PHE H 127 -33.39 -46.78 112.08
CA PHE H 127 -34.01 -46.82 113.38
C PHE H 127 -35.37 -47.51 113.28
N TYR H 128 -35.67 -48.33 114.29
CA TYR H 128 -36.89 -49.15 114.37
C TYR H 128 -37.03 -50.06 113.15
N LYS H 129 -36.05 -50.95 112.99
CA LYS H 129 -36.02 -51.88 111.86
C LYS H 129 -36.94 -53.06 112.18
N THR H 130 -38.23 -52.86 111.89
CA THR H 130 -39.23 -53.90 112.11
C THR H 130 -39.33 -54.85 110.93
N ARG H 131 -39.38 -54.29 109.71
CA ARG H 131 -39.47 -55.10 108.51
C ARG H 131 -38.06 -55.54 108.10
N HIS H 132 -37.89 -56.84 107.86
CA HIS H 132 -36.61 -57.40 107.45
C HIS H 132 -36.46 -57.49 105.94
N ASN H 133 -37.20 -56.68 105.19
CA ASN H 133 -37.11 -56.67 103.74
C ASN H 133 -37.13 -55.28 103.14
N ILE H 134 -37.26 -54.23 103.96
CA ILE H 134 -37.29 -52.87 103.43
C ILE H 134 -35.91 -52.39 102.98
N ILE H 135 -34.85 -52.93 103.59
CA ILE H 135 -33.49 -52.55 103.19
C ILE H 135 -33.16 -53.09 101.80
N LEU H 136 -33.71 -54.25 101.44
CA LEU H 136 -33.49 -54.81 100.11
C LEU H 136 -34.18 -53.97 99.04
N SER H 137 -35.41 -53.54 99.30
CA SER H 137 -36.11 -52.67 98.34
C SER H 137 -35.45 -51.31 98.25
N ALA H 138 -34.94 -50.80 99.38
CA ALA H 138 -34.20 -49.54 99.38
C ALA H 138 -32.92 -49.65 98.57
N GLY H 139 -32.18 -50.75 98.73
CA GLY H 139 -30.97 -50.95 97.95
C GLY H 139 -31.24 -51.16 96.48
N ILE H 140 -32.34 -51.85 96.14
CA ILE H 140 -32.71 -52.06 94.76
C ILE H 140 -33.10 -50.75 94.09
N PHE H 141 -33.87 -49.91 94.80
CA PHE H 141 -34.20 -48.59 94.29
C PHE H 141 -32.97 -47.70 94.19
N PHE H 142 -32.00 -47.88 95.09
CA PHE H 142 -30.79 -47.06 95.06
C PHE H 142 -29.91 -47.44 93.88
N VAL H 143 -29.79 -48.74 93.58
CA VAL H 143 -29.02 -49.20 92.43
C VAL H 143 -29.71 -48.80 91.13
N SER H 144 -31.04 -48.88 91.09
CA SER H 144 -31.78 -48.43 89.90
C SER H 144 -31.67 -46.92 89.72
N ALA H 145 -31.63 -46.16 90.81
CA ALA H 145 -31.41 -44.71 90.72
C ALA H 145 -30.01 -44.40 90.22
N GLY H 146 -29.01 -45.19 90.64
CA GLY H 146 -27.67 -45.01 90.11
C GLY H 146 -27.59 -45.32 88.62
N LEU H 147 -28.27 -46.38 88.19
CA LEU H 147 -28.28 -46.75 86.78
C LEU H 147 -28.99 -45.71 85.93
N SER H 148 -30.09 -45.15 86.44
CA SER H 148 -30.77 -44.06 85.76
C SER H 148 -29.93 -42.79 85.75
N ASN H 149 -29.14 -42.56 86.79
CA ASN H 149 -28.23 -41.42 86.82
C ASN H 149 -27.12 -41.57 85.78
N ILE H 150 -26.61 -42.81 85.61
CA ILE H 150 -25.59 -43.05 84.60
C ILE H 150 -26.16 -42.93 83.20
N ILE H 151 -27.42 -43.37 83.02
CA ILE H 151 -28.08 -43.24 81.72
C ILE H 151 -28.33 -41.77 81.40
N GLY H 152 -28.75 -40.98 82.39
CA GLY H 152 -28.92 -39.56 82.19
C GLY H 152 -27.63 -38.83 81.95
N ILE H 153 -26.53 -39.29 82.56
CA ILE H 153 -25.22 -38.72 82.29
C ILE H 153 -24.79 -39.03 80.86
N ILE H 154 -25.13 -40.23 80.37
CA ILE H 154 -24.81 -40.58 78.98
C ILE H 154 -25.63 -39.74 78.01
N VAL H 155 -26.90 -39.49 78.34
CA VAL H 155 -27.74 -38.64 77.49
C VAL H 155 -27.24 -37.19 77.50
N TYR H 156 -26.84 -36.70 78.68
CA TYR H 156 -26.34 -35.34 78.78
C TYR H 156 -24.98 -35.18 78.09
N ILE H 157 -24.18 -36.25 78.05
CA ILE H 157 -22.94 -36.19 77.29
C ILE H 157 -23.21 -36.28 75.79
N SER H 158 -24.27 -36.98 75.39
CA SER H 158 -24.58 -37.12 73.98
C SER H 158 -25.20 -35.85 73.40
N ALA H 159 -26.03 -35.17 74.18
CA ALA H 159 -26.76 -34.01 73.70
C ALA H 159 -25.92 -32.74 73.63
N ASN H 160 -24.66 -32.78 74.06
CA ASN H 160 -23.83 -31.58 74.04
C ASN H 160 -23.37 -31.25 72.62
N ALA H 161 -23.11 -32.26 71.80
CA ALA H 161 -22.67 -32.04 70.43
C ALA H 161 -23.86 -31.90 69.49
N TYR H 174 -13.17 -26.36 74.21
CA TYR H 174 -13.99 -27.52 74.46
C TYR H 174 -13.54 -28.24 75.74
N SER H 175 -14.32 -28.12 76.79
CA SER H 175 -13.98 -28.70 78.09
C SER H 175 -15.26 -29.16 78.76
N TYR H 176 -15.17 -29.50 80.05
CA TYR H 176 -16.31 -29.95 80.82
C TYR H 176 -16.24 -29.37 82.22
N GLY H 177 -17.40 -29.14 82.83
CA GLY H 177 -17.47 -28.58 84.15
C GLY H 177 -17.11 -29.57 85.24
N TRP H 178 -16.88 -29.04 86.44
CA TRP H 178 -16.48 -29.88 87.56
C TRP H 178 -17.66 -30.65 88.15
N SER H 179 -18.88 -30.17 87.93
CA SER H 179 -20.05 -30.89 88.45
C SER H 179 -20.31 -32.18 87.71
N PHE H 180 -19.83 -32.32 86.47
CA PHE H 180 -19.89 -33.61 85.78
C PHE H 180 -19.02 -34.64 86.48
N TYR H 181 -17.79 -34.27 86.84
CA TYR H 181 -16.92 -35.16 87.59
C TYR H 181 -17.45 -35.41 88.99
N PHE H 182 -18.12 -34.42 89.59
CA PHE H 182 -18.75 -34.62 90.89
C PHE H 182 -19.92 -35.59 90.81
N GLY H 183 -20.70 -35.50 89.74
CA GLY H 183 -21.78 -36.47 89.54
C GLY H 183 -21.27 -37.86 89.26
N ALA H 184 -20.15 -37.95 88.55
CA ALA H 184 -19.50 -39.24 88.31
C ALA H 184 -19.00 -39.85 89.61
N LEU H 185 -18.36 -39.03 90.46
CA LEU H 185 -17.89 -39.50 91.75
C LEU H 185 -19.05 -39.88 92.67
N SER H 186 -20.17 -39.16 92.57
CA SER H 186 -21.36 -39.52 93.33
C SER H 186 -21.96 -40.83 92.84
N PHE H 187 -21.88 -41.09 91.54
CA PHE H 187 -22.31 -42.38 91.00
C PHE H 187 -21.41 -43.52 91.51
N ILE H 188 -20.11 -43.28 91.61
CA ILE H 188 -19.19 -44.29 92.11
C ILE H 188 -19.45 -44.57 93.60
N ILE H 189 -19.59 -43.52 94.40
CA ILE H 189 -19.86 -43.68 95.83
C ILE H 189 -21.26 -44.28 96.06
N ALA H 190 -22.21 -43.99 95.17
CA ALA H 190 -23.54 -44.59 95.27
C ALA H 190 -23.50 -46.08 94.95
N GLU H 191 -22.68 -46.48 93.97
CA GLU H 191 -22.51 -47.89 93.67
C GLU H 191 -21.86 -48.62 94.84
N MET H 192 -20.83 -48.00 95.44
CA MET H 192 -20.17 -48.61 96.59
C MET H 192 -21.09 -48.68 97.80
N VAL H 193 -21.94 -47.67 97.98
CA VAL H 193 -22.89 -47.66 99.09
C VAL H 193 -23.98 -48.70 98.88
N GLY H 194 -24.39 -48.93 97.63
CA GLY H 194 -25.33 -49.99 97.36
C GLY H 194 -24.74 -51.36 97.60
N VAL H 195 -23.46 -51.54 97.25
CA VAL H 195 -22.74 -52.79 97.54
C VAL H 195 -22.66 -53.02 99.05
N LEU H 196 -22.32 -51.97 99.81
CA LEU H 196 -22.23 -52.10 101.27
C LEU H 196 -23.60 -52.34 101.90
N ALA H 197 -24.65 -51.74 101.33
CA ALA H 197 -25.99 -51.92 101.86
C ALA H 197 -26.50 -53.34 101.63
N VAL H 198 -26.29 -53.87 100.42
CA VAL H 198 -26.72 -55.25 100.19
C VAL H 198 -25.81 -56.25 100.90
N HIS H 199 -24.56 -55.87 101.19
CA HIS H 199 -23.70 -56.72 102.00
C HIS H 199 -24.20 -56.79 103.44
N MET H 200 -24.60 -55.65 104.00
CA MET H 200 -25.21 -55.66 105.33
C MET H 200 -26.54 -56.40 105.33
N PHE H 201 -27.30 -56.32 104.23
CA PHE H 201 -28.58 -57.03 104.17
C PHE H 201 -28.38 -58.54 104.10
N ILE H 202 -27.38 -59.01 103.34
CA ILE H 202 -27.18 -60.45 103.27
C ILE H 202 -26.53 -60.95 104.56
N ASP H 203 -25.77 -60.10 105.25
CA ASP H 203 -25.25 -60.49 106.57
C ASP H 203 -26.38 -60.61 107.59
N ARG H 204 -27.34 -59.68 107.54
CA ARG H 204 -28.50 -59.77 108.43
C ARG H 204 -29.38 -60.98 108.08
N HIS H 205 -29.49 -61.30 106.78
CA HIS H 205 -30.25 -62.46 106.37
C HIS H 205 -29.58 -63.76 106.79
N LYS H 206 -28.24 -63.81 106.71
CA LYS H 206 -27.51 -64.99 107.17
C LYS H 206 -27.57 -65.12 108.69
N GLN H 207 -27.58 -64.00 109.42
CA GLN H 207 -27.73 -64.06 110.87
C GLN H 207 -29.13 -64.53 111.24
N LEU H 208 -30.15 -64.10 110.50
CA LEU H 208 -31.52 -64.55 110.76
C LEU H 208 -31.69 -66.03 110.40
N ARG H 209 -31.01 -66.48 109.35
CA ARG H 209 -31.07 -67.89 108.97
C ARG H 209 -30.31 -68.77 109.96
N ALA H 210 -29.25 -68.24 110.56
CA ALA H 210 -28.53 -68.98 111.60
C ALA H 210 -29.32 -69.02 112.90
N THR H 211 -30.04 -67.93 113.23
CA THR H 211 -30.88 -67.91 114.42
C THR H 211 -32.18 -68.68 114.23
N ALA H 212 -32.60 -68.92 112.98
CA ALA H 212 -33.83 -69.68 112.74
C ALA H 212 -33.60 -71.17 112.92
N ARG H 213 -32.37 -71.63 112.74
CA ARG H 213 -32.05 -73.05 112.89
C ARG H 213 -31.63 -73.37 114.32
N GLU I 1 -67.18 -1.19 -75.80
CA GLU I 1 -66.98 -1.75 -74.48
C GLU I 1 -65.86 -2.78 -74.48
N VAL I 2 -65.66 -3.44 -73.33
CA VAL I 2 -64.62 -4.46 -73.22
C VAL I 2 -65.09 -5.72 -73.93
N LYS I 3 -64.25 -6.26 -74.81
CA LYS I 3 -64.60 -7.45 -75.57
C LYS I 3 -63.39 -8.35 -75.69
N LEU I 4 -63.56 -9.64 -75.40
CA LEU I 4 -62.51 -10.63 -75.52
C LEU I 4 -63.04 -11.81 -76.31
N LEU I 5 -62.25 -12.28 -77.27
CA LEU I 5 -62.66 -13.37 -78.15
C LEU I 5 -61.55 -14.41 -78.21
N GLU I 6 -61.86 -15.63 -77.82
CA GLU I 6 -60.92 -16.74 -77.86
C GLU I 6 -61.10 -17.54 -79.15
N SER I 7 -59.99 -18.08 -79.65
CA SER I 7 -60.01 -18.84 -80.88
C SER I 7 -58.89 -19.87 -80.84
N GLY I 8 -59.00 -20.87 -81.73
CA GLY I 8 -58.05 -21.96 -81.79
C GLY I 8 -58.48 -23.22 -81.09
N GLY I 9 -59.66 -23.24 -80.48
CA GLY I 9 -60.14 -24.41 -79.77
C GLY I 9 -60.73 -25.45 -80.70
N GLY I 10 -61.17 -26.54 -80.10
CA GLY I 10 -61.74 -27.65 -80.84
C GLY I 10 -61.22 -29.00 -80.40
N LEU I 11 -60.64 -29.75 -81.32
CA LEU I 11 -60.12 -31.09 -81.05
C LEU I 11 -58.62 -31.13 -81.30
N VAL I 12 -57.92 -31.95 -80.52
CA VAL I 12 -56.48 -32.12 -80.64
C VAL I 12 -56.12 -33.55 -80.28
N GLN I 13 -55.08 -34.08 -80.92
CA GLN I 13 -54.65 -35.44 -80.65
C GLN I 13 -53.84 -35.50 -79.35
N PRO I 14 -53.80 -36.66 -78.70
CA PRO I 14 -53.05 -36.79 -77.44
C PRO I 14 -51.55 -36.85 -77.70
N GLY I 15 -50.79 -36.03 -76.99
CA GLY I 15 -49.36 -35.98 -77.12
C GLY I 15 -48.83 -34.89 -78.01
N GLY I 16 -49.69 -34.21 -78.75
CA GLY I 16 -49.30 -33.13 -79.63
C GLY I 16 -49.24 -31.80 -78.92
N SER I 17 -49.27 -30.74 -79.72
CA SER I 17 -49.23 -29.37 -79.21
C SER I 17 -50.51 -28.64 -79.60
N LEU I 18 -50.81 -27.57 -78.87
CA LEU I 18 -52.00 -26.78 -79.12
C LEU I 18 -51.72 -25.33 -78.76
N LYS I 19 -52.22 -24.42 -79.60
CA LYS I 19 -52.04 -22.99 -79.40
C LYS I 19 -53.41 -22.31 -79.49
N LEU I 20 -53.79 -21.64 -78.41
CA LEU I 20 -55.05 -20.91 -78.35
C LEU I 20 -54.77 -19.42 -78.25
N SER I 21 -55.47 -18.63 -79.06
CA SER I 21 -55.29 -17.18 -79.08
C SER I 21 -56.50 -16.52 -78.44
N CYS I 22 -56.29 -15.32 -77.91
CA CYS I 22 -57.34 -14.54 -77.28
C CYS I 22 -57.14 -13.07 -77.64
N ALA I 23 -57.99 -12.55 -78.52
CA ALA I 23 -57.89 -11.17 -78.94
C ALA I 23 -58.76 -10.28 -78.06
N ALA I 24 -58.28 -9.07 -77.80
CA ALA I 24 -58.98 -8.10 -76.99
C ALA I 24 -59.30 -6.86 -77.81
N SER I 25 -60.41 -6.20 -77.47
CA SER I 25 -60.84 -5.00 -78.16
C SER I 25 -61.65 -4.15 -77.19
N GLY I 26 -61.45 -2.83 -77.27
CA GLY I 26 -62.14 -1.89 -76.42
C GLY I 26 -61.36 -1.44 -75.20
N PHE I 27 -60.17 -1.97 -74.99
CA PHE I 27 -59.35 -1.59 -73.85
C PHE I 27 -57.88 -1.70 -74.25
N ASP I 28 -57.00 -1.32 -73.32
CA ASP I 28 -55.55 -1.35 -73.56
C ASP I 28 -54.99 -2.61 -72.90
N PHE I 29 -54.51 -3.54 -73.73
CA PHE I 29 -53.89 -4.75 -73.21
C PHE I 29 -52.46 -4.53 -72.74
N SER I 30 -51.86 -3.40 -73.09
CA SER I 30 -50.47 -3.11 -72.73
C SER I 30 -50.32 -2.58 -71.31
N GLU I 31 -51.41 -2.42 -70.57
CA GLU I 31 -51.34 -1.96 -69.19
C GLU I 31 -52.10 -2.91 -68.27
N TYR I 32 -53.12 -3.57 -68.81
CA TYR I 32 -53.96 -4.47 -68.03
C TYR I 32 -53.42 -5.89 -68.09
N TRP I 33 -53.39 -6.54 -66.93
CA TRP I 33 -52.92 -7.91 -66.84
C TRP I 33 -53.99 -8.87 -67.37
N MET I 34 -53.55 -10.06 -67.77
CA MET I 34 -54.44 -11.08 -68.29
C MET I 34 -54.32 -12.34 -67.45
N SER I 35 -55.36 -13.18 -67.53
CA SER I 35 -55.36 -14.44 -66.80
C SER I 35 -56.03 -15.50 -67.64
N TRP I 36 -55.71 -16.76 -67.35
CA TRP I 36 -56.31 -17.91 -68.01
C TRP I 36 -56.74 -18.90 -66.93
N VAL I 37 -57.96 -19.40 -67.05
CA VAL I 37 -58.53 -20.33 -66.08
C VAL I 37 -59.26 -21.43 -66.82
N ARG I 38 -59.06 -22.67 -66.38
CA ARG I 38 -59.70 -23.83 -66.99
C ARG I 38 -60.93 -24.24 -66.18
N GLN I 39 -61.81 -24.98 -66.83
CA GLN I 39 -63.02 -25.48 -66.19
C GLN I 39 -63.36 -26.83 -66.79
N ALA I 40 -63.42 -27.85 -65.94
CA ALA I 40 -63.79 -29.19 -66.40
C ALA I 40 -65.29 -29.27 -66.66
N PRO I 41 -65.72 -30.24 -67.46
CA PRO I 41 -67.16 -30.36 -67.76
C PRO I 41 -67.91 -30.94 -66.56
N GLY I 42 -68.81 -30.14 -66.00
CA GLY I 42 -69.58 -30.54 -64.83
C GLY I 42 -68.90 -30.30 -63.51
N LYS I 43 -67.65 -29.83 -63.50
CA LYS I 43 -66.91 -29.55 -62.29
C LYS I 43 -66.67 -28.04 -62.16
N GLY I 44 -65.99 -27.66 -61.09
CA GLY I 44 -65.68 -26.27 -60.85
C GLY I 44 -64.54 -25.77 -61.71
N LEU I 45 -64.30 -24.46 -61.62
CA LEU I 45 -63.24 -23.84 -62.40
C LEU I 45 -61.88 -24.09 -61.75
N GLU I 46 -60.83 -23.81 -62.51
CA GLU I 46 -59.46 -23.97 -62.04
C GLU I 46 -58.58 -22.96 -62.74
N TRP I 47 -57.93 -22.09 -61.96
CA TRP I 47 -57.09 -21.05 -62.53
C TRP I 47 -55.79 -21.65 -63.06
N ILE I 48 -55.55 -21.46 -64.36
CA ILE I 48 -54.36 -22.00 -65.00
C ILE I 48 -53.17 -21.09 -64.69
N GLY I 49 -53.36 -19.79 -64.85
CA GLY I 49 -52.28 -18.87 -64.55
C GLY I 49 -52.66 -17.43 -64.85
N GLU I 50 -51.69 -16.55 -64.68
CA GLU I 50 -51.85 -15.13 -64.96
C GLU I 50 -50.55 -14.60 -65.54
N ILE I 51 -50.66 -13.51 -66.29
CA ILE I 51 -49.51 -12.90 -66.94
C ILE I 51 -49.71 -11.38 -66.95
N ASN I 52 -48.62 -10.65 -66.81
CA ASN I 52 -48.63 -9.19 -66.73
C ASN I 52 -48.61 -8.58 -68.12
N PRO I 53 -48.61 -7.25 -68.21
CA PRO I 53 -48.60 -6.61 -69.54
C PRO I 53 -47.22 -6.56 -70.17
N ASP I 54 -46.17 -6.41 -69.35
CA ASP I 54 -44.82 -6.26 -69.86
C ASP I 54 -44.11 -7.59 -70.15
N SER I 55 -44.80 -8.71 -69.90
CA SER I 55 -44.27 -10.07 -70.10
C SER I 55 -42.97 -10.30 -69.30
N SER I 56 -43.01 -9.92 -68.03
CA SER I 56 -41.86 -10.06 -67.15
C SER I 56 -42.06 -11.10 -66.05
N SER I 57 -43.31 -11.39 -65.67
CA SER I 57 -43.61 -12.40 -64.66
C SER I 57 -44.91 -13.07 -65.02
N ILE I 58 -44.84 -14.34 -65.39
CA ILE I 58 -46.01 -15.15 -65.72
C ILE I 58 -46.15 -16.24 -64.67
N ASP I 59 -47.16 -16.11 -63.83
CA ASP I 59 -47.39 -17.05 -62.73
C ASP I 59 -48.38 -18.12 -63.17
N TYR I 60 -48.25 -19.31 -62.59
CA TYR I 60 -49.14 -20.42 -62.89
C TYR I 60 -49.32 -21.26 -61.63
N THR I 61 -50.11 -22.33 -61.78
CA THR I 61 -50.31 -23.26 -60.67
C THR I 61 -49.06 -24.12 -60.48
N PRO I 62 -48.81 -24.64 -59.29
CA PRO I 62 -47.60 -25.46 -59.09
C PRO I 62 -47.71 -26.88 -59.61
N SER I 63 -48.88 -27.30 -60.08
CA SER I 63 -49.09 -28.67 -60.52
C SER I 63 -49.31 -28.79 -62.03
N LEU I 64 -49.25 -27.68 -62.76
CA LEU I 64 -49.44 -27.68 -64.21
C LEU I 64 -48.43 -26.76 -64.88
N LYS I 65 -47.16 -26.85 -64.45
CA LYS I 65 -46.12 -25.96 -64.97
C LYS I 65 -45.41 -26.53 -66.18
N ASP I 66 -45.32 -27.85 -66.29
CA ASP I 66 -44.56 -28.48 -67.37
C ASP I 66 -45.35 -28.63 -68.66
N LYS I 67 -46.62 -28.19 -68.70
CA LYS I 67 -47.45 -28.36 -69.88
C LYS I 67 -48.21 -27.11 -70.29
N ILE I 68 -47.89 -25.95 -69.71
CA ILE I 68 -48.59 -24.70 -70.00
C ILE I 68 -47.56 -23.61 -70.23
N ILE I 69 -47.79 -22.78 -71.25
CA ILE I 69 -46.94 -21.62 -71.54
C ILE I 69 -47.86 -20.46 -71.88
N ILE I 70 -47.65 -19.32 -71.23
CA ILE I 70 -48.48 -18.13 -71.43
C ILE I 70 -47.62 -17.03 -72.02
N SER I 71 -48.10 -16.43 -73.11
CA SER I 71 -47.42 -15.29 -73.73
C SER I 71 -48.47 -14.26 -74.12
N ARG I 72 -48.02 -13.08 -74.52
CA ARG I 72 -48.95 -12.01 -74.90
C ARG I 72 -48.28 -11.13 -75.94
N ASP I 73 -49.10 -10.35 -76.64
CA ASP I 73 -48.63 -9.39 -77.63
C ASP I 73 -49.41 -8.10 -77.43
N ASN I 74 -48.72 -7.06 -76.96
CA ASN I 74 -49.38 -5.77 -76.72
C ASN I 74 -49.60 -4.99 -78.01
N ALA I 75 -48.79 -5.26 -79.04
CA ALA I 75 -48.99 -4.59 -80.32
C ALA I 75 -50.23 -5.12 -81.03
N LYS I 76 -50.47 -6.42 -80.96
CA LYS I 76 -51.68 -7.02 -81.47
C LYS I 76 -52.76 -7.17 -80.40
N LYS I 77 -52.41 -6.95 -79.13
CA LYS I 77 -53.30 -7.06 -77.97
C LYS I 77 -53.95 -8.44 -77.88
N THR I 78 -53.14 -9.48 -78.09
CA THR I 78 -53.63 -10.85 -78.13
C THR I 78 -52.78 -11.73 -77.23
N LEU I 79 -53.43 -12.46 -76.34
CA LEU I 79 -52.74 -13.43 -75.50
C LEU I 79 -52.70 -14.80 -76.19
N TYR I 80 -51.70 -15.60 -75.81
CA TYR I 80 -51.49 -16.91 -76.42
C TYR I 80 -51.20 -17.92 -75.33
N LEU I 81 -51.87 -19.07 -75.41
CA LEU I 81 -51.66 -20.18 -74.50
C LEU I 81 -51.19 -21.39 -75.30
N GLN I 82 -50.07 -21.97 -74.89
CA GLN I 82 -49.47 -23.10 -75.58
C GLN I 82 -49.45 -24.30 -74.63
N LEU I 83 -50.03 -25.41 -75.08
CA LEU I 83 -50.06 -26.65 -74.32
C LEU I 83 -49.32 -27.73 -75.10
N SER I 84 -48.51 -28.51 -74.39
CA SER I 84 -47.75 -29.60 -74.99
C SER I 84 -47.99 -30.87 -74.20
N LYS I 85 -48.06 -31.99 -74.94
CA LYS I 85 -48.32 -33.34 -74.41
C LYS I 85 -49.63 -33.39 -73.63
N VAL I 86 -50.71 -33.15 -74.37
CA VAL I 86 -52.04 -33.12 -73.77
C VAL I 86 -52.48 -34.52 -73.36
N ARG I 87 -53.26 -34.59 -72.30
CA ARG I 87 -53.76 -35.84 -71.74
C ARG I 87 -55.28 -35.86 -71.80
N SER I 88 -55.88 -36.87 -71.15
CA SER I 88 -57.33 -36.98 -71.12
C SER I 88 -57.96 -35.90 -70.24
N GLU I 89 -57.20 -35.35 -69.29
CA GLU I 89 -57.68 -34.27 -68.44
C GLU I 89 -57.67 -32.91 -69.14
N ASP I 90 -57.09 -32.83 -70.33
CA ASP I 90 -57.03 -31.58 -71.08
C ASP I 90 -58.34 -31.25 -71.80
N THR I 91 -59.29 -32.18 -71.83
CA THR I 91 -60.59 -31.94 -72.44
C THR I 91 -61.42 -31.06 -71.50
N ALA I 92 -61.26 -29.75 -71.63
CA ALA I 92 -61.91 -28.81 -70.73
C ALA I 92 -62.13 -27.50 -71.47
N LEU I 93 -62.84 -26.58 -70.81
CA LEU I 93 -63.09 -25.25 -71.37
C LEU I 93 -62.14 -24.26 -70.73
N TYR I 94 -61.22 -23.72 -71.53
CA TYR I 94 -60.32 -22.68 -71.08
C TYR I 94 -60.98 -21.33 -71.29
N TYR I 95 -60.59 -20.36 -70.47
CA TYR I 95 -61.17 -19.03 -70.53
C TYR I 95 -60.11 -18.00 -70.21
N CYS I 96 -59.89 -17.08 -71.16
CA CYS I 96 -59.04 -15.92 -70.92
C CYS I 96 -59.88 -14.79 -70.34
N ALA I 97 -59.30 -14.07 -69.39
CA ALA I 97 -60.02 -13.04 -68.65
C ALA I 97 -59.10 -11.86 -68.38
N ARG I 98 -59.70 -10.69 -68.12
CA ARG I 98 -59.01 -9.47 -67.73
C ARG I 98 -58.54 -9.56 -66.28
N PRO I 99 -57.89 -8.52 -65.75
CA PRO I 99 -57.45 -8.57 -64.35
C PRO I 99 -58.61 -8.57 -63.37
N ARG I 100 -58.84 -9.71 -62.72
CA ARG I 100 -59.96 -9.84 -61.79
C ARG I 100 -59.52 -9.67 -60.35
N MET I 106 -63.25 -3.41 -63.38
CA MET I 106 -62.84 -3.78 -64.72
C MET I 106 -62.71 -5.28 -64.90
N ASP I 107 -63.32 -6.07 -64.01
CA ASP I 107 -63.26 -7.52 -64.12
C ASP I 107 -64.22 -8.00 -65.21
N TYR I 108 -63.66 -8.67 -66.22
CA TYR I 108 -64.47 -9.20 -67.32
C TYR I 108 -63.77 -10.44 -67.87
N TRP I 109 -64.55 -11.47 -68.15
CA TRP I 109 -64.03 -12.75 -68.62
C TRP I 109 -64.48 -12.99 -70.05
N GLY I 110 -63.56 -13.48 -70.88
CA GLY I 110 -63.86 -13.80 -72.25
C GLY I 110 -64.62 -15.11 -72.36
N GLN I 111 -64.98 -15.44 -73.62
CA GLN I 111 -65.81 -16.62 -73.87
C GLN I 111 -65.07 -17.93 -73.67
N GLY I 112 -63.78 -17.97 -73.99
CA GLY I 112 -63.01 -19.19 -73.85
C GLY I 112 -63.24 -20.15 -75.01
N THR I 113 -62.48 -21.25 -74.98
CA THR I 113 -62.56 -22.27 -76.02
C THR I 113 -62.51 -23.64 -75.38
N SER I 114 -63.18 -24.60 -76.01
CA SER I 114 -63.23 -25.98 -75.52
C SER I 114 -62.18 -26.82 -76.25
N VAL I 115 -61.45 -27.62 -75.48
CA VAL I 115 -60.41 -28.49 -76.02
C VAL I 115 -60.76 -29.92 -75.66
N THR I 116 -60.93 -30.76 -76.67
CA THR I 116 -61.27 -32.17 -76.49
C THR I 116 -60.12 -33.02 -77.02
N VAL I 117 -59.56 -33.87 -76.18
CA VAL I 117 -58.46 -34.73 -76.57
C VAL I 117 -58.99 -36.09 -77.03
N ASN I 135 -57.86 -23.69 -44.50
CA ASN I 135 -58.65 -24.08 -45.67
C ASN I 135 -60.02 -23.40 -45.66
N ILE I 136 -60.39 -22.83 -46.80
CA ILE I 136 -61.67 -22.14 -46.96
C ILE I 136 -62.57 -23.02 -47.81
N VAL I 137 -63.75 -23.34 -47.28
CA VAL I 137 -64.74 -24.16 -47.97
C VAL I 137 -65.97 -23.29 -48.23
N LEU I 138 -66.29 -23.09 -49.50
CA LEU I 138 -67.44 -22.29 -49.90
C LEU I 138 -68.57 -23.23 -50.30
N THR I 139 -69.66 -23.21 -49.54
CA THR I 139 -70.82 -24.05 -49.79
C THR I 139 -71.98 -23.18 -50.25
N GLN I 140 -72.61 -23.56 -51.35
CA GLN I 140 -73.74 -22.83 -51.90
C GLN I 140 -75.05 -23.38 -51.33
N SER I 141 -76.08 -22.54 -51.36
CA SER I 141 -77.38 -22.91 -50.83
C SER I 141 -78.49 -22.21 -51.60
N PRO I 142 -79.41 -22.95 -52.25
CA PRO I 142 -79.43 -24.42 -52.33
C PRO I 142 -78.68 -24.95 -53.54
N ALA I 143 -78.79 -26.25 -53.81
CA ALA I 143 -78.15 -26.82 -54.98
C ALA I 143 -78.93 -26.53 -56.25
N SER I 144 -80.25 -26.59 -56.18
CA SER I 144 -81.11 -26.30 -57.31
C SER I 144 -82.41 -25.70 -56.82
N LEU I 145 -82.91 -24.70 -57.54
CA LEU I 145 -84.15 -24.02 -57.17
C LEU I 145 -84.86 -23.56 -58.43
N ALA I 146 -86.19 -23.47 -58.35
CA ALA I 146 -87.03 -23.06 -59.46
C ALA I 146 -87.81 -21.82 -59.04
N VAL I 147 -87.59 -20.71 -59.74
CA VAL I 147 -88.25 -19.44 -59.46
C VAL I 147 -88.99 -19.00 -60.70
N SER I 148 -90.14 -18.37 -60.51
CA SER I 148 -90.96 -17.91 -61.62
C SER I 148 -90.38 -16.60 -62.18
N LEU I 149 -90.97 -16.14 -63.28
CA LEU I 149 -90.52 -14.91 -63.92
C LEU I 149 -91.01 -13.69 -63.15
N GLY I 150 -90.13 -12.69 -63.03
CA GLY I 150 -90.47 -11.48 -62.32
C GLY I 150 -90.44 -11.57 -60.82
N GLN I 151 -89.84 -12.61 -60.26
CA GLN I 151 -89.77 -12.81 -58.83
C GLN I 151 -88.39 -12.40 -58.32
N ARG I 152 -88.15 -12.64 -57.03
CA ARG I 152 -86.88 -12.34 -56.39
C ARG I 152 -86.35 -13.63 -55.75
N ALA I 153 -85.20 -14.09 -56.22
CA ALA I 153 -84.58 -15.31 -55.73
C ALA I 153 -83.41 -14.97 -54.81
N THR I 154 -83.13 -15.86 -53.86
CA THR I 154 -82.05 -15.68 -52.91
C THR I 154 -81.14 -16.89 -52.93
N ILE I 155 -79.84 -16.66 -53.01
CA ILE I 155 -78.84 -17.72 -52.99
C ILE I 155 -77.81 -17.39 -51.92
N SER I 156 -77.64 -18.30 -50.97
CA SER I 156 -76.72 -18.10 -49.86
C SER I 156 -75.41 -18.84 -50.10
N CYS I 157 -74.37 -18.38 -49.42
CA CYS I 157 -73.04 -18.99 -49.51
C CYS I 157 -72.38 -18.91 -48.15
N ARG I 158 -71.85 -20.05 -47.69
CA ARG I 158 -71.20 -20.16 -46.40
C ARG I 158 -69.72 -20.44 -46.58
N ALA I 159 -68.89 -19.67 -45.90
CA ALA I 159 -67.44 -19.83 -45.95
C ALA I 159 -66.94 -20.46 -44.65
N SER I 160 -65.97 -21.37 -44.77
CA SER I 160 -65.44 -22.04 -43.59
C SER I 160 -64.49 -21.15 -42.81
N GLU I 161 -63.73 -20.29 -43.48
CA GLU I 161 -62.80 -19.38 -42.85
C GLU I 161 -63.28 -17.94 -43.06
N SER I 162 -62.62 -17.01 -42.37
CA SER I 162 -62.97 -15.60 -42.47
C SER I 162 -62.44 -15.03 -43.78
N VAL I 163 -63.35 -14.54 -44.62
CA VAL I 163 -63.00 -13.96 -45.90
C VAL I 163 -62.98 -12.43 -45.84
N ASP I 164 -63.28 -11.85 -44.69
CA ASP I 164 -63.29 -10.41 -44.53
C ASP I 164 -61.87 -9.90 -44.30
N SER I 165 -61.50 -8.86 -45.05
CA SER I 165 -60.18 -8.27 -44.94
C SER I 165 -60.29 -6.78 -45.21
N TYR I 166 -59.89 -5.98 -44.21
CA TYR I 166 -59.88 -4.51 -44.26
C TYR I 166 -61.25 -3.92 -44.57
N GLY I 167 -62.30 -4.55 -44.02
CA GLY I 167 -63.65 -4.04 -44.15
C GLY I 167 -64.40 -4.49 -45.38
N SER I 168 -63.72 -4.97 -46.41
CA SER I 168 -64.37 -5.40 -47.65
C SER I 168 -64.32 -6.91 -47.77
N SER I 169 -65.43 -7.50 -48.19
CA SER I 169 -65.53 -8.93 -48.40
C SER I 169 -65.18 -9.23 -49.86
N PHE I 170 -63.98 -9.75 -50.08
CA PHE I 170 -63.49 -10.01 -51.44
C PHE I 170 -64.05 -11.34 -51.95
N VAL I 171 -65.31 -11.28 -52.37
CA VAL I 171 -66.01 -12.43 -52.93
C VAL I 171 -66.76 -11.96 -54.18
N HIS I 172 -66.62 -12.71 -55.27
CA HIS I 172 -67.27 -12.40 -56.53
C HIS I 172 -68.34 -13.44 -56.85
N TRP I 173 -69.45 -12.97 -57.40
CA TRP I 173 -70.57 -13.81 -57.78
C TRP I 173 -70.73 -13.75 -59.30
N TYR I 174 -70.63 -14.91 -59.94
CA TYR I 174 -70.71 -15.03 -61.39
C TYR I 174 -71.80 -16.02 -61.78
N GLN I 175 -72.20 -15.98 -63.05
CA GLN I 175 -73.24 -16.86 -63.59
C GLN I 175 -72.73 -17.45 -64.89
N GLN I 176 -72.63 -18.77 -64.94
CA GLN I 176 -72.17 -19.50 -66.12
C GLN I 176 -73.29 -20.40 -66.63
N LYS I 177 -73.56 -20.32 -67.91
CA LYS I 177 -74.59 -21.14 -68.55
C LYS I 177 -73.97 -22.25 -69.37
N PRO I 178 -74.79 -23.15 -69.92
CA PRO I 178 -74.23 -24.21 -70.78
C PRO I 178 -73.81 -23.67 -72.14
N GLY I 179 -72.51 -23.59 -72.37
CA GLY I 179 -71.97 -22.99 -73.57
C GLY I 179 -71.60 -21.53 -73.44
N GLN I 180 -71.96 -20.88 -72.33
CA GLN I 180 -71.64 -19.49 -72.09
C GLN I 180 -70.65 -19.38 -70.93
N PRO I 181 -69.77 -18.38 -70.97
CA PRO I 181 -68.75 -18.26 -69.93
C PRO I 181 -69.30 -17.55 -68.70
N PRO I 182 -68.62 -17.65 -67.56
CA PRO I 182 -69.11 -16.97 -66.36
C PRO I 182 -68.84 -15.48 -66.36
N LYS I 183 -69.88 -14.68 -66.53
CA LYS I 183 -69.73 -13.23 -66.48
C LYS I 183 -69.71 -12.77 -65.03
N LEU I 184 -68.78 -11.86 -64.73
CA LEU I 184 -68.63 -11.33 -63.38
C LEU I 184 -69.80 -10.41 -63.06
N LEU I 185 -70.79 -10.95 -62.33
CA LEU I 185 -72.01 -10.19 -62.06
C LEU I 185 -71.83 -9.26 -60.87
N ILE I 186 -71.44 -9.80 -59.72
CA ILE I 186 -71.33 -9.02 -58.49
C ILE I 186 -69.87 -9.06 -58.03
N PHE I 187 -69.33 -7.89 -57.71
CA PHE I 187 -67.96 -7.76 -57.24
C PHE I 187 -67.94 -7.17 -55.83
N LEU I 188 -67.10 -7.77 -54.98
CA LEU I 188 -66.84 -7.35 -53.60
C LEU I 188 -68.08 -7.37 -52.71
N ALA I 189 -69.09 -8.15 -53.08
CA ALA I 189 -70.32 -8.44 -52.33
C ALA I 189 -71.20 -7.23 -52.06
N SER I 190 -70.88 -6.05 -52.60
CA SER I 190 -71.70 -4.87 -52.40
C SER I 190 -71.81 -3.98 -53.63
N LYS I 191 -71.22 -4.36 -54.76
CA LYS I 191 -71.21 -3.52 -55.95
C LYS I 191 -71.64 -4.34 -57.16
N LEU I 192 -72.42 -3.70 -58.03
CA LEU I 192 -72.87 -4.31 -59.28
C LEU I 192 -71.91 -3.93 -60.40
N GLU I 193 -71.62 -4.91 -61.26
CA GLU I 193 -70.68 -4.68 -62.35
C GLU I 193 -71.33 -3.85 -63.45
N SER I 194 -70.49 -3.18 -64.24
CA SER I 194 -70.98 -2.38 -65.35
C SER I 194 -71.46 -3.28 -66.48
N GLY I 195 -72.46 -2.81 -67.22
CA GLY I 195 -73.07 -3.57 -68.28
C GLY I 195 -74.24 -4.43 -67.85
N VAL I 196 -74.14 -5.09 -66.70
CA VAL I 196 -75.25 -5.86 -66.16
C VAL I 196 -76.29 -4.90 -65.60
N PRO I 197 -77.59 -5.16 -65.81
CA PRO I 197 -78.60 -4.22 -65.31
C PRO I 197 -78.81 -4.33 -63.81
N ALA I 198 -79.65 -3.46 -63.26
CA ALA I 198 -79.93 -3.45 -61.82
C ALA I 198 -80.97 -4.51 -61.50
N ARG I 199 -80.52 -5.77 -61.55
CA ARG I 199 -81.38 -6.91 -61.25
C ARG I 199 -80.73 -7.89 -60.28
N PHE I 200 -79.51 -7.62 -59.83
CA PHE I 200 -78.81 -8.50 -58.90
C PHE I 200 -78.12 -7.66 -57.83
N SER I 201 -78.35 -8.00 -56.57
CA SER I 201 -77.74 -7.31 -55.45
C SER I 201 -77.06 -8.33 -54.55
N GLY I 202 -76.18 -7.84 -53.68
CA GLY I 202 -75.45 -8.70 -52.77
C GLY I 202 -75.40 -8.11 -51.37
N SER I 203 -75.34 -9.01 -50.39
CA SER I 203 -75.23 -8.63 -49.00
C SER I 203 -74.59 -9.77 -48.22
N GLY I 204 -74.46 -9.60 -46.92
CA GLY I 204 -73.94 -10.62 -46.05
C GLY I 204 -72.92 -10.08 -45.07
N SER I 205 -72.46 -10.98 -44.21
CA SER I 205 -71.50 -10.63 -43.16
C SER I 205 -70.63 -11.84 -42.85
N ARG I 206 -69.36 -11.77 -43.30
CA ARG I 206 -68.17 -12.35 -42.67
C ARG I 206 -68.15 -13.87 -42.48
N THR I 207 -69.30 -14.51 -42.57
CA THR I 207 -69.45 -15.96 -42.69
C THR I 207 -70.54 -16.35 -43.65
N ASP I 208 -71.49 -15.46 -43.95
CA ASP I 208 -72.63 -15.78 -44.81
C ASP I 208 -72.83 -14.67 -45.81
N PHE I 209 -72.74 -15.00 -47.10
CA PHE I 209 -73.04 -14.08 -48.17
C PHE I 209 -74.37 -14.47 -48.81
N THR I 210 -75.03 -13.49 -49.44
CA THR I 210 -76.35 -13.71 -50.02
C THR I 210 -76.50 -12.84 -51.26
N LEU I 211 -76.81 -13.48 -52.38
CA LEU I 211 -77.10 -12.81 -53.63
C LEU I 211 -78.60 -12.85 -53.89
N THR I 212 -79.18 -11.70 -54.23
CA THR I 212 -80.60 -11.57 -54.48
C THR I 212 -80.82 -11.16 -55.92
N ILE I 213 -81.84 -11.72 -56.55
CA ILE I 213 -82.19 -11.44 -57.95
C ILE I 213 -83.61 -10.90 -57.98
N ASP I 214 -83.76 -9.66 -58.45
CA ASP I 214 -85.06 -9.01 -58.52
C ASP I 214 -85.05 -7.94 -59.61
N PRO I 215 -85.86 -8.08 -60.68
CA PRO I 215 -86.79 -9.19 -60.94
C PRO I 215 -86.14 -10.36 -61.66
N VAL I 216 -86.81 -11.50 -61.70
CA VAL I 216 -86.26 -12.71 -62.31
C VAL I 216 -86.69 -12.75 -63.78
N GLU I 217 -85.70 -12.85 -64.67
CA GLU I 217 -85.93 -12.96 -66.09
C GLU I 217 -85.70 -14.40 -66.54
N ALA I 218 -86.11 -14.68 -67.78
CA ALA I 218 -85.96 -16.03 -68.33
C ALA I 218 -84.54 -16.31 -68.81
N ASP I 219 -83.76 -15.26 -69.14
CA ASP I 219 -82.41 -15.48 -69.64
C ASP I 219 -81.41 -15.73 -68.52
N ASP I 220 -81.80 -15.51 -67.27
CA ASP I 220 -80.91 -15.69 -66.13
C ASP I 220 -80.84 -17.14 -65.64
N ALA I 221 -81.43 -18.08 -66.38
CA ALA I 221 -81.39 -19.48 -65.98
C ALA I 221 -80.02 -20.09 -66.25
N ALA I 222 -79.13 -20.03 -65.26
CA ALA I 222 -77.79 -20.55 -65.40
C ALA I 222 -77.33 -21.06 -64.03
N THR I 223 -76.03 -21.33 -63.91
CA THR I 223 -75.43 -21.79 -62.68
C THR I 223 -74.68 -20.63 -62.02
N TYR I 224 -75.09 -20.28 -60.81
CA TYR I 224 -74.45 -19.22 -60.05
C TYR I 224 -73.32 -19.79 -59.21
N TYR I 225 -72.24 -19.01 -59.09
CA TYR I 225 -71.06 -19.44 -58.37
C TYR I 225 -70.46 -18.27 -57.60
N CYS I 226 -70.20 -18.48 -56.32
CA CYS I 226 -69.54 -17.49 -55.48
C CYS I 226 -68.12 -17.96 -55.19
N GLN I 227 -67.14 -17.12 -55.51
CA GLN I 227 -65.74 -17.46 -55.37
C GLN I 227 -65.01 -16.39 -54.58
N GLN I 228 -64.25 -16.80 -53.58
CA GLN I 228 -63.46 -15.90 -52.76
C GLN I 228 -61.98 -16.15 -52.98
N THR I 229 -61.22 -15.08 -53.18
CA THR I 229 -59.79 -15.13 -53.43
C THR I 229 -59.05 -14.27 -52.41
N ASN I 230 -59.46 -14.36 -51.14
CA ASN I 230 -58.87 -13.57 -50.06
C ASN I 230 -57.46 -14.05 -49.72
N GLU I 231 -57.29 -15.37 -49.59
CA GLU I 231 -55.98 -15.95 -49.30
C GLU I 231 -55.84 -17.24 -50.10
N ASP I 232 -54.68 -17.87 -49.96
CA ASP I 232 -54.43 -19.13 -50.65
C ASP I 232 -55.15 -20.27 -49.93
N PRO I 233 -55.82 -21.18 -50.65
CA PRO I 233 -55.96 -21.22 -52.11
C PRO I 233 -57.22 -20.52 -52.61
N TYR I 234 -57.18 -20.01 -53.84
CA TYR I 234 -58.33 -19.35 -54.45
C TYR I 234 -59.34 -20.42 -54.84
N THR I 235 -60.35 -20.61 -54.01
CA THR I 235 -61.37 -21.64 -54.23
C THR I 235 -62.51 -21.08 -55.07
N PHE I 236 -63.40 -21.99 -55.48
CA PHE I 236 -64.57 -21.64 -56.27
C PHE I 236 -65.80 -22.25 -55.64
N GLY I 237 -66.97 -21.80 -56.09
CA GLY I 237 -68.22 -22.29 -55.54
C GLY I 237 -68.61 -23.65 -56.06
N GLY I 238 -69.60 -24.24 -55.40
CA GLY I 238 -70.08 -25.56 -55.81
C GLY I 238 -71.00 -25.55 -57.01
N GLY I 239 -71.59 -24.39 -57.32
CA GLY I 239 -72.49 -24.29 -58.46
C GLY I 239 -73.94 -24.50 -58.08
N THR I 240 -74.75 -23.47 -58.28
CA THR I 240 -76.19 -23.53 -57.97
C THR I 240 -76.96 -23.14 -59.23
N LYS I 241 -77.67 -24.11 -59.81
CA LYS I 241 -78.42 -23.86 -61.02
C LYS I 241 -79.71 -23.10 -60.71
N LEU I 242 -80.12 -22.27 -61.65
CA LEU I 242 -81.35 -21.48 -61.53
C LEU I 242 -82.34 -21.96 -62.58
N GLU I 243 -83.52 -22.37 -62.15
CA GLU I 243 -84.58 -22.83 -63.05
C GLU I 243 -85.67 -21.77 -63.14
N ILE I 244 -86.12 -21.52 -64.37
CA ILE I 244 -87.19 -20.56 -64.63
C ILE I 244 -88.49 -21.33 -64.77
N LYS I 245 -89.45 -21.03 -63.90
CA LYS I 245 -90.74 -21.70 -63.95
C LYS I 245 -91.58 -21.18 -65.11
N ARG I 246 -92.52 -22.01 -65.56
CA ARG I 246 -93.38 -21.65 -66.68
C ARG I 246 -94.76 -22.28 -66.52
N GLU J 2 9.10 18.07 -82.18
CA GLU J 2 8.52 18.04 -80.84
C GLU J 2 7.51 19.17 -80.67
N ILE J 3 7.18 19.48 -79.41
CA ILE J 3 6.24 20.55 -79.11
C ILE J 3 6.93 21.88 -79.36
N GLN J 4 6.49 22.59 -80.39
CA GLN J 4 7.07 23.87 -80.78
C GLN J 4 6.35 25.01 -80.08
N MET J 5 7.11 25.80 -79.33
CA MET J 5 6.57 26.98 -78.65
C MET J 5 6.88 28.22 -79.48
N THR J 6 5.95 29.18 -79.43
CA THR J 6 6.09 30.38 -80.23
C THR J 6 5.45 31.55 -79.50
N GLN J 7 5.93 32.75 -79.84
CA GLN J 7 5.39 33.99 -79.29
C GLN J 7 5.40 35.05 -80.37
N THR J 8 4.24 35.67 -80.62
CA THR J 8 4.14 36.64 -81.70
C THR J 8 4.78 37.98 -81.31
N THR J 9 4.59 38.42 -80.08
CA THR J 9 5.13 39.69 -79.64
C THR J 9 6.63 39.55 -79.39
N SER J 10 7.43 40.33 -80.12
CA SER J 10 8.88 40.32 -79.97
C SER J 10 9.41 41.51 -79.18
N SER J 11 8.76 42.68 -79.29
CA SER J 11 9.16 43.86 -78.55
C SER J 11 7.90 44.62 -78.15
N LEU J 12 7.70 44.81 -76.86
CA LEU J 12 6.53 45.48 -76.33
C LEU J 12 6.91 46.86 -75.81
N SER J 13 6.00 47.81 -76.00
CA SER J 13 6.19 49.18 -75.57
C SER J 13 5.14 49.52 -74.51
N ALA J 14 5.59 49.99 -73.35
CA ALA J 14 4.69 50.35 -72.26
C ALA J 14 5.35 51.43 -71.43
N SER J 15 4.57 52.01 -70.53
CA SER J 15 5.01 53.07 -69.64
C SER J 15 4.99 52.58 -68.20
N LEU J 16 5.31 53.49 -67.28
CA LEU J 16 5.33 53.17 -65.86
C LEU J 16 3.90 53.19 -65.32
N GLY J 17 3.43 52.03 -64.88
CA GLY J 17 2.09 51.90 -64.33
C GLY J 17 1.05 51.32 -65.27
N ASP J 18 1.45 50.59 -66.29
CA ASP J 18 0.53 50.02 -67.26
C ASP J 18 0.38 48.52 -67.04
N ARG J 19 -0.85 48.02 -67.18
CA ARG J 19 -1.14 46.59 -67.07
C ARG J 19 -0.85 45.96 -68.42
N VAL J 20 0.38 45.47 -68.59
CA VAL J 20 0.86 44.94 -69.86
C VAL J 20 0.67 43.43 -69.85
N THR J 21 0.21 42.89 -70.98
CA THR J 21 0.00 41.47 -71.15
C THR J 21 0.92 40.92 -72.22
N ILE J 22 1.46 39.73 -71.98
CA ILE J 22 2.32 39.03 -72.92
C ILE J 22 1.74 37.63 -73.12
N SER J 23 1.33 37.33 -74.35
CA SER J 23 0.69 36.06 -74.66
C SER J 23 1.69 35.07 -75.22
N CYS J 24 1.32 33.79 -75.18
CA CYS J 24 2.17 32.71 -75.67
C CYS J 24 1.30 31.56 -76.13
N ARG J 25 1.74 30.88 -77.18
CA ARG J 25 1.04 29.74 -77.75
C ARG J 25 1.98 28.56 -77.86
N ALA J 26 1.41 27.36 -77.91
CA ALA J 26 2.16 26.12 -78.00
C ALA J 26 1.61 25.27 -79.15
N SER J 27 2.31 24.16 -79.41
CA SER J 27 1.90 23.26 -80.48
C SER J 27 0.68 22.44 -80.10
N GLN J 28 0.47 22.20 -78.81
CA GLN J 28 -0.66 21.42 -78.34
C GLN J 28 -1.03 21.89 -76.94
N ASP J 29 -1.97 21.19 -76.31
CA ASP J 29 -2.38 21.51 -74.96
C ASP J 29 -1.35 20.99 -73.97
N ILE J 30 -0.89 21.87 -73.06
CA ILE J 30 0.09 21.51 -72.05
C ILE J 30 -0.50 21.37 -70.67
N SER J 31 -1.82 21.62 -70.53
CA SER J 31 -2.57 21.53 -69.27
C SER J 31 -1.99 22.45 -68.20
N ASN J 32 -1.68 23.69 -68.64
CA ASN J 32 -1.14 24.78 -67.82
C ASN J 32 0.17 24.41 -67.12
N TYR J 33 0.96 23.53 -67.71
CA TYR J 33 2.26 23.16 -67.16
C TYR J 33 3.36 24.00 -67.79
N LEU J 34 3.21 25.31 -67.66
CA LEU J 34 4.15 26.27 -68.22
C LEU J 34 4.51 27.31 -67.17
N SER J 35 5.70 27.87 -67.31
CA SER J 35 6.20 28.88 -66.38
C SER J 35 6.65 30.11 -67.17
N TRP J 36 6.66 31.25 -66.48
CA TRP J 36 7.09 32.51 -67.04
C TRP J 36 8.26 33.02 -66.22
N TYR J 37 9.36 33.38 -66.90
CA TYR J 37 10.58 33.80 -66.23
C TYR J 37 11.06 35.12 -66.80
N GLN J 38 11.78 35.88 -65.98
CA GLN J 38 12.35 37.16 -66.38
C GLN J 38 13.87 37.06 -66.37
N GLN J 39 14.49 37.68 -67.38
CA GLN J 39 15.93 37.66 -67.54
C GLN J 39 16.41 39.10 -67.75
N LYS J 40 17.34 39.53 -66.90
CA LYS J 40 17.83 40.90 -66.99
C LYS J 40 18.77 41.08 -68.18
N PRO J 41 19.17 42.32 -68.48
CA PRO J 41 20.04 42.54 -69.64
C PRO J 41 21.46 42.04 -69.46
N ASP J 42 21.91 41.80 -68.23
CA ASP J 42 23.23 41.23 -68.02
C ASP J 42 23.28 39.75 -68.34
N GLY J 43 22.13 39.06 -68.30
CA GLY J 43 22.10 37.64 -68.61
C GLY J 43 21.50 36.81 -67.49
N THR J 44 21.40 37.39 -66.30
CA THR J 44 20.86 36.69 -65.15
C THR J 44 19.35 36.52 -65.29
N VAL J 45 18.87 35.30 -65.12
CA VAL J 45 17.47 34.96 -65.30
C VAL J 45 16.91 34.45 -63.98
N LYS J 46 15.70 34.87 -63.64
CA LYS J 46 14.99 34.41 -62.46
C LYS J 46 13.55 34.05 -62.85
N LEU J 47 12.89 33.30 -61.97
CA LEU J 47 11.53 32.86 -62.22
C LEU J 47 10.54 33.93 -61.76
N LEU J 48 9.42 34.04 -62.47
CA LEU J 48 8.39 35.02 -62.16
C LEU J 48 7.07 34.37 -61.77
N ILE J 49 6.55 33.45 -62.60
CA ILE J 49 5.26 32.83 -62.37
C ILE J 49 5.38 31.33 -62.64
N TYR J 50 4.92 30.52 -61.70
CA TYR J 50 4.97 29.07 -61.80
C TYR J 50 3.56 28.50 -61.98
N TYR J 51 3.48 27.45 -62.81
CA TYR J 51 2.27 26.72 -63.17
C TYR J 51 1.18 27.59 -63.78
N THR J 52 1.55 28.71 -64.40
CA THR J 52 0.73 29.64 -65.19
C THR J 52 -0.34 30.38 -64.38
N SER J 53 -0.49 30.10 -63.08
CA SER J 53 -1.47 30.82 -62.26
C SER J 53 -0.96 31.21 -60.89
N ARG J 54 0.14 30.67 -60.42
CA ARG J 54 0.64 30.95 -59.08
C ARG J 54 1.90 31.80 -59.15
N LEU J 55 2.27 32.36 -58.00
CA LEU J 55 3.46 33.18 -57.87
C LEU J 55 4.47 32.48 -56.96
N HIS J 56 5.75 32.60 -57.30
CA HIS J 56 6.80 31.96 -56.52
C HIS J 56 7.18 32.83 -55.32
N SER J 57 7.77 32.19 -54.32
CA SER J 57 8.21 32.89 -53.12
C SER J 57 9.45 33.71 -53.45
N GLY J 58 9.34 35.03 -53.34
CA GLY J 58 10.41 35.95 -53.66
C GLY J 58 10.06 36.96 -54.73
N VAL J 59 9.05 36.69 -55.55
CA VAL J 59 8.61 37.63 -56.58
C VAL J 59 7.55 38.54 -55.98
N PRO J 60 7.36 39.75 -56.50
CA PRO J 60 6.34 40.65 -55.95
C PRO J 60 4.95 40.24 -56.38
N SER J 61 3.95 40.93 -55.81
CA SER J 61 2.55 40.68 -56.10
C SER J 61 2.04 41.48 -57.29
N ARG J 62 2.92 42.13 -58.05
CA ARG J 62 2.48 42.94 -59.18
C ARG J 62 2.23 42.10 -60.43
N PHE J 63 2.83 40.91 -60.53
CA PHE J 63 2.69 40.07 -61.70
C PHE J 63 1.72 38.93 -61.43
N SER J 64 1.10 38.43 -62.50
CA SER J 64 0.16 37.33 -62.42
C SER J 64 0.11 36.63 -63.76
N GLY J 65 -0.67 35.56 -63.85
CA GLY J 65 -0.79 34.81 -65.09
C GLY J 65 -2.17 34.21 -65.24
N SER J 66 -2.53 33.92 -66.49
CA SER J 66 -3.80 33.30 -66.81
C SER J 66 -3.66 32.57 -68.14
N GLY J 67 -4.75 32.01 -68.62
CA GLY J 67 -4.78 31.29 -69.87
C GLY J 67 -5.20 29.86 -69.70
N SER J 68 -5.46 29.21 -70.84
CA SER J 68 -5.93 27.83 -70.85
C SER J 68 -5.59 27.21 -72.20
N GLY J 69 -5.70 25.88 -72.24
CA GLY J 69 -5.47 25.10 -73.45
C GLY J 69 -4.05 25.21 -73.95
N ILE J 70 -3.88 25.89 -75.08
CA ILE J 70 -2.56 26.20 -75.60
C ILE J 70 -2.22 27.68 -75.50
N ASP J 71 -3.16 28.53 -75.12
CA ASP J 71 -2.95 29.98 -75.10
C ASP J 71 -2.79 30.42 -73.65
N TYR J 72 -1.58 30.84 -73.28
CA TYR J 72 -1.30 31.35 -71.94
C TYR J 72 -0.93 32.83 -72.03
N SER J 73 -0.93 33.50 -70.89
CA SER J 73 -0.62 34.92 -70.86
C SER J 73 -0.11 35.31 -69.49
N LEU J 74 0.91 36.16 -69.47
CA LEU J 74 1.39 36.80 -68.25
C LEU J 74 0.92 38.25 -68.23
N THR J 75 0.69 38.78 -67.03
CA THR J 75 0.12 40.11 -66.87
C THR J 75 0.87 40.85 -65.78
N ILE J 76 1.16 42.13 -66.03
CA ILE J 76 1.79 43.01 -65.06
C ILE J 76 0.86 44.19 -64.80
N ASN J 77 0.59 44.47 -63.53
CA ASN J 77 -0.31 45.56 -63.19
C ASN J 77 0.35 46.91 -63.38
N ASN J 78 1.62 47.04 -62.98
CA ASN J 78 2.34 48.30 -63.11
C ASN J 78 3.80 48.00 -63.40
N LEU J 79 4.32 48.58 -64.49
CA LEU J 79 5.71 48.38 -64.86
C LEU J 79 6.61 49.27 -64.01
N GLU J 80 7.72 48.70 -63.57
CA GLU J 80 8.69 49.40 -62.74
C GLU J 80 10.03 49.49 -63.48
N GLN J 81 11.00 50.14 -62.83
CA GLN J 81 12.33 50.25 -63.40
C GLN J 81 13.06 48.91 -63.39
N GLU J 82 12.81 48.10 -62.36
CA GLU J 82 13.37 46.76 -62.30
C GLU J 82 12.59 45.76 -63.16
N ASP J 83 11.43 46.14 -63.66
CA ASP J 83 10.63 45.28 -64.52
C ASP J 83 11.07 45.28 -65.98
N PHE J 84 12.02 46.14 -66.34
CA PHE J 84 12.53 46.17 -67.70
C PHE J 84 13.45 44.97 -67.94
N ALA J 85 12.88 43.88 -68.44
CA ALA J 85 13.61 42.65 -68.64
C ALA J 85 12.99 41.86 -69.77
N THR J 86 13.63 40.75 -70.11
CA THR J 86 13.14 39.85 -71.16
C THR J 86 12.27 38.78 -70.52
N TYR J 87 11.03 38.66 -70.99
CA TYR J 87 10.10 37.66 -70.48
C TYR J 87 10.10 36.45 -71.41
N PHE J 88 10.28 35.26 -70.81
CA PHE J 88 10.35 34.02 -71.56
C PHE J 88 9.39 33.00 -70.97
N CYS J 89 8.73 32.25 -71.85
CA CYS J 89 7.83 31.18 -71.44
C CYS J 89 8.52 29.83 -71.64
N GLN J 90 8.33 28.94 -70.67
CA GLN J 90 8.96 27.63 -70.69
C GLN J 90 7.90 26.56 -70.47
N GLN J 91 7.80 25.63 -71.41
CA GLN J 91 6.85 24.53 -71.32
C GLN J 91 7.53 23.32 -70.71
N GLY J 92 6.76 22.57 -69.92
CA GLY J 92 7.29 21.40 -69.25
C GLY J 92 6.44 20.16 -69.45
N ASN J 93 5.90 19.99 -70.66
CA ASN J 93 5.01 18.88 -70.94
C ASN J 93 5.77 17.60 -71.27
N THR J 94 6.59 17.64 -72.32
CA THR J 94 7.33 16.47 -72.78
C THR J 94 8.77 16.84 -73.06
N LEU J 95 9.66 15.85 -72.99
CA LEU J 95 11.06 16.08 -73.31
C LEU J 95 11.27 16.05 -74.81
N PRO J 96 12.07 16.97 -75.37
CA PRO J 96 12.84 18.04 -74.73
C PRO J 96 12.00 19.29 -74.46
N LEU J 97 12.25 19.94 -73.33
CA LEU J 97 11.48 21.11 -72.90
C LEU J 97 11.88 22.29 -73.76
N THR J 98 11.09 22.58 -74.79
CA THR J 98 11.35 23.70 -75.67
C THR J 98 10.82 24.98 -75.05
N PHE J 99 11.69 25.98 -74.92
CA PHE J 99 11.31 27.26 -74.36
C PHE J 99 10.69 28.15 -75.44
N GLY J 100 10.13 29.27 -74.99
CA GLY J 100 9.52 30.20 -75.91
C GLY J 100 10.53 31.04 -76.65
N ALA J 101 10.02 31.86 -77.56
CA ALA J 101 10.88 32.78 -78.32
C ALA J 101 11.34 33.93 -77.44
N GLY J 102 10.46 34.46 -76.61
CA GLY J 102 10.83 35.54 -75.70
C GLY J 102 10.49 36.91 -76.21
N THR J 103 9.99 37.77 -75.33
CA THR J 103 9.69 39.16 -75.65
C THR J 103 10.54 40.07 -74.78
N LYS J 104 10.76 41.29 -75.28
CA LYS J 104 11.57 42.28 -74.59
C LYS J 104 10.75 43.53 -74.34
N LEU J 105 10.63 43.93 -73.08
CA LEU J 105 9.89 45.13 -72.75
C LEU J 105 10.70 46.37 -73.10
N GLU J 106 9.99 47.49 -73.28
CA GLU J 106 10.62 48.75 -73.63
C GLU J 106 9.81 49.89 -73.05
N LEU J 107 10.50 50.94 -72.63
CA LEU J 107 9.85 52.12 -72.05
C LEU J 107 9.48 53.10 -73.15
N LYS J 108 8.23 53.55 -73.12
CA LYS J 108 7.76 54.52 -74.10
C LYS J 108 8.14 55.93 -73.70
N ARG J 109 8.66 56.69 -74.66
CA ARG J 109 9.09 58.06 -74.42
C ARG J 109 8.70 58.90 -75.62
N ALA J 110 9.20 60.13 -75.67
CA ALA J 110 8.90 61.03 -76.78
C ALA J 110 9.69 60.61 -78.01
N ASP J 111 9.06 60.75 -79.17
CA ASP J 111 9.68 60.38 -80.45
C ASP J 111 10.75 61.42 -80.79
N ALA J 112 12.00 61.09 -80.52
CA ALA J 112 13.12 61.99 -80.75
C ALA J 112 13.72 61.75 -82.12
N ALA J 113 14.16 62.82 -82.76
CA ALA J 113 14.80 62.70 -84.06
C ALA J 113 16.22 62.14 -83.90
N PRO J 114 16.71 61.37 -84.87
CA PRO J 114 18.03 60.75 -84.72
C PRO J 114 19.14 61.76 -85.00
N THR J 115 19.95 62.03 -83.97
CA THR J 115 21.11 62.90 -84.11
C THR J 115 22.19 62.13 -84.86
N VAL J 116 22.47 62.54 -86.10
CA VAL J 116 23.40 61.83 -86.98
C VAL J 116 24.71 62.60 -87.03
N SER J 117 25.82 61.85 -86.98
CA SER J 117 27.14 62.44 -87.07
C SER J 117 28.02 61.52 -87.92
N ILE J 118 28.55 62.05 -89.02
CA ILE J 118 29.39 61.30 -89.94
C ILE J 118 30.85 61.69 -89.70
N PHE J 119 31.72 60.69 -89.62
CA PHE J 119 33.14 60.91 -89.41
C PHE J 119 33.94 60.16 -90.47
N PRO J 120 34.91 60.80 -91.11
CA PRO J 120 35.73 60.10 -92.11
C PRO J 120 36.84 59.33 -91.43
N PRO J 121 37.63 58.58 -92.20
CA PRO J 121 38.73 57.82 -91.60
C PRO J 121 39.90 58.72 -91.24
N SER J 122 40.68 58.24 -90.28
CA SER J 122 41.87 58.96 -89.83
C SER J 122 43.03 58.73 -90.80
N SER J 123 44.08 59.55 -90.62
CA SER J 123 45.26 59.40 -91.47
C SER J 123 46.07 58.16 -91.11
N GLU J 124 46.02 57.75 -89.83
CA GLU J 124 46.72 56.53 -89.44
C GLU J 124 46.05 55.29 -89.98
N GLN J 125 44.72 55.32 -90.14
CA GLN J 125 44.04 54.20 -90.78
C GLN J 125 44.28 54.19 -92.29
N LEU J 126 44.37 55.37 -92.90
CA LEU J 126 44.68 55.46 -94.33
C LEU J 126 46.13 55.08 -94.63
N THR J 127 47.02 55.22 -93.65
CA THR J 127 48.41 54.77 -93.83
C THR J 127 48.52 53.25 -93.85
N SER J 128 47.53 52.54 -93.28
CA SER J 128 47.53 51.09 -93.32
C SER J 128 46.88 50.53 -94.57
N GLY J 129 46.11 51.34 -95.30
CA GLY J 129 45.49 50.92 -96.54
C GLY J 129 43.98 50.80 -96.49
N GLY J 130 43.35 51.11 -95.35
CA GLY J 130 41.91 51.02 -95.21
C GLY J 130 41.30 52.36 -94.87
N ALA J 131 39.97 52.41 -94.98
CA ALA J 131 39.22 53.62 -94.64
C ALA J 131 37.83 53.22 -94.18
N SER J 132 37.50 53.54 -92.94
CA SER J 132 36.22 53.18 -92.33
C SER J 132 35.47 54.46 -91.98
N VAL J 133 34.53 54.84 -92.84
CA VAL J 133 33.66 55.97 -92.55
C VAL J 133 32.62 55.55 -91.52
N VAL J 134 32.50 56.32 -90.45
CA VAL J 134 31.60 56.00 -89.34
C VAL J 134 30.40 56.93 -89.39
N CYS J 135 29.24 56.42 -88.98
CA CYS J 135 28.01 57.19 -88.91
C CYS J 135 27.29 56.82 -87.63
N PHE J 136 27.27 57.74 -86.67
CA PHE J 136 26.61 57.50 -85.40
C PHE J 136 25.27 58.22 -85.35
N LEU J 137 24.20 57.46 -85.12
CA LEU J 137 22.86 58.00 -84.99
C LEU J 137 22.40 57.75 -83.56
N ASN J 138 22.54 58.76 -82.72
CA ASN J 138 22.24 58.64 -81.30
C ASN J 138 21.00 59.46 -80.94
N ASN J 139 20.42 59.13 -79.79
CA ASN J 139 19.28 59.85 -79.18
C ASN J 139 18.06 59.83 -80.09
N PHE J 140 17.62 58.61 -80.41
CA PHE J 140 16.47 58.40 -81.27
C PHE J 140 15.45 57.53 -80.54
N TYR J 141 14.19 57.71 -80.92
CA TYR J 141 13.09 56.95 -80.34
C TYR J 141 11.98 56.87 -81.37
N PRO J 142 11.53 55.65 -81.74
CA PRO J 142 11.98 54.34 -81.27
C PRO J 142 13.20 53.83 -82.03
N LYS J 143 13.45 52.52 -81.95
CA LYS J 143 14.61 51.91 -82.60
C LYS J 143 14.39 51.66 -84.08
N ASP J 144 13.21 51.96 -84.62
CA ASP J 144 12.95 51.79 -86.05
C ASP J 144 13.60 52.91 -86.83
N ILE J 145 14.71 52.60 -87.52
CA ILE J 145 15.42 53.58 -88.33
C ILE J 145 16.15 52.84 -89.44
N ASN J 146 16.38 53.54 -90.55
CA ASN J 146 17.08 52.97 -91.70
C ASN J 146 18.31 53.81 -92.03
N VAL J 147 19.32 53.15 -92.57
CA VAL J 147 20.58 53.81 -92.92
C VAL J 147 20.87 53.57 -94.39
N LYS J 148 21.43 54.60 -95.03
CA LYS J 148 21.79 54.52 -96.45
C LYS J 148 23.13 55.19 -96.66
N TRP J 149 24.05 54.52 -97.35
CA TRP J 149 25.36 55.05 -97.67
C TRP J 149 25.40 55.47 -99.14
N LYS J 150 26.12 56.55 -99.42
CA LYS J 150 26.25 57.05 -100.79
C LYS J 150 27.69 57.50 -101.01
N ILE J 151 28.30 57.01 -102.08
CA ILE J 151 29.66 57.39 -102.46
C ILE J 151 29.55 58.19 -103.75
N ASP J 152 29.62 59.52 -103.63
CA ASP J 152 29.47 60.47 -104.74
C ASP J 152 28.14 60.30 -105.46
N GLY J 153 27.08 60.11 -104.68
CA GLY J 153 25.74 59.94 -105.21
C GLY J 153 25.33 58.51 -105.49
N SER J 154 26.29 57.60 -105.65
CA SER J 154 25.98 56.20 -105.92
C SER J 154 25.83 55.45 -104.61
N GLU J 155 24.72 54.73 -104.47
CA GLU J 155 24.44 53.98 -103.26
C GLU J 155 25.27 52.70 -103.24
N ARG J 156 25.95 52.45 -102.14
CA ARG J 156 26.80 51.27 -101.96
C ARG J 156 26.23 50.41 -100.84
N GLN J 157 26.08 49.11 -101.12
CA GLN J 157 25.58 48.16 -100.13
C GLN J 157 26.65 47.22 -99.58
N ASN J 158 27.79 47.10 -100.25
CA ASN J 158 28.86 46.22 -99.81
C ASN J 158 29.74 46.94 -98.80
N GLY J 159 30.24 46.19 -97.82
CA GLY J 159 31.11 46.76 -96.80
C GLY J 159 30.41 47.60 -95.77
N VAL J 160 29.10 47.41 -95.58
CA VAL J 160 28.32 48.17 -94.62
C VAL J 160 28.03 47.29 -93.42
N LEU J 161 28.43 47.74 -92.23
CA LEU J 161 28.19 47.03 -90.99
C LEU J 161 27.30 47.89 -90.09
N ASN J 162 26.26 47.28 -89.53
CA ASN J 162 25.32 47.98 -88.66
C ASN J 162 25.34 47.37 -87.27
N SER J 163 25.36 48.24 -86.26
CA SER J 163 25.38 47.81 -84.86
C SER J 163 24.34 48.61 -84.09
N TRP J 164 23.38 47.90 -83.50
CA TRP J 164 22.33 48.52 -82.70
C TRP J 164 22.59 48.26 -81.22
N THR J 165 22.31 49.28 -80.41
CA THR J 165 22.51 49.20 -78.96
C THR J 165 21.16 49.11 -78.26
N ASP J 166 21.22 48.80 -76.98
CA ASP J 166 20.00 48.68 -76.17
C ASP J 166 19.50 50.06 -75.78
N GLN J 167 18.30 50.08 -75.19
CA GLN J 167 17.71 51.33 -74.72
C GLN J 167 18.43 51.81 -73.47
N ASP J 168 18.75 53.09 -73.44
CA ASP J 168 19.42 53.67 -72.28
C ASP J 168 18.45 53.82 -71.12
N SER J 169 18.96 53.59 -69.91
CA SER J 169 18.15 53.67 -68.70
C SER J 169 18.03 55.08 -68.15
N LYS J 170 18.61 56.08 -68.82
CA LYS J 170 18.56 57.46 -68.36
C LYS J 170 17.62 58.32 -69.18
N ASP J 171 17.79 58.36 -70.49
CA ASP J 171 16.98 59.19 -71.36
C ASP J 171 15.98 58.41 -72.19
N SER J 172 15.97 57.07 -72.08
CA SER J 172 15.09 56.15 -72.81
C SER J 172 15.23 56.32 -74.32
N THR J 173 16.46 56.46 -74.79
CA THR J 173 16.77 56.63 -76.21
C THR J 173 17.62 55.46 -76.70
N TYR J 174 18.06 55.54 -77.94
CA TYR J 174 18.84 54.48 -78.56
C TYR J 174 19.95 55.08 -79.41
N SER J 175 20.93 54.24 -79.73
CA SER J 175 22.05 54.62 -80.57
C SER J 175 22.35 53.52 -81.57
N MET J 176 22.75 53.93 -82.77
CA MET J 176 23.09 53.00 -83.84
C MET J 176 24.39 53.44 -84.49
N SER J 177 25.18 52.47 -84.93
CA SER J 177 26.47 52.73 -85.56
C SER J 177 26.51 52.08 -86.93
N SER J 178 26.91 52.85 -87.94
CA SER J 178 27.10 52.34 -89.29
C SER J 178 28.56 52.52 -89.69
N THR J 179 29.13 51.47 -90.28
CA THR J 179 30.54 51.49 -90.66
C THR J 179 30.66 51.10 -92.14
N LEU J 180 31.27 51.97 -92.92
CA LEU J 180 31.55 51.71 -94.33
C LEU J 180 33.05 51.55 -94.48
N THR J 181 33.51 50.31 -94.63
CA THR J 181 34.92 49.99 -94.70
C THR J 181 35.31 49.69 -96.15
N LEU J 182 36.30 50.42 -96.66
CA LEU J 182 36.78 50.23 -98.02
C LEU J 182 38.31 50.35 -98.02
N THR J 183 38.89 50.15 -99.20
CA THR J 183 40.33 50.23 -99.36
C THR J 183 40.77 51.68 -99.52
N LYS J 184 42.09 51.89 -99.64
CA LYS J 184 42.61 53.23 -99.82
C LYS J 184 42.37 53.74 -101.23
N ASP J 185 42.46 52.85 -102.23
CA ASP J 185 42.23 53.26 -103.61
C ASP J 185 40.75 53.54 -103.87
N GLU J 186 39.86 52.85 -103.15
CA GLU J 186 38.43 53.14 -103.28
C GLU J 186 38.06 54.43 -102.55
N TYR J 187 38.78 54.77 -101.48
CA TYR J 187 38.50 56.01 -100.76
C TYR J 187 39.10 57.21 -101.47
N GLU J 188 40.24 57.05 -102.15
CA GLU J 188 40.85 58.16 -102.86
C GLU J 188 40.14 58.45 -104.17
N ARG J 189 39.43 57.48 -104.73
CA ARG J 189 38.70 57.66 -105.97
C ARG J 189 37.36 58.36 -105.78
N HIS J 190 36.93 58.56 -104.54
CA HIS J 190 35.68 59.24 -104.24
C HIS J 190 35.95 60.45 -103.37
N ASN J 191 35.21 61.53 -103.62
CA ASN J 191 35.38 62.79 -102.91
C ASN J 191 34.28 63.01 -101.89
N SER J 192 33.03 62.91 -102.28
CA SER J 192 31.89 63.17 -101.42
C SER J 192 31.30 61.85 -100.94
N TYR J 193 31.18 61.70 -99.62
CA TYR J 193 30.53 60.56 -99.00
C TYR J 193 29.38 61.05 -98.14
N THR J 194 28.22 60.41 -98.27
CA THR J 194 27.01 60.87 -97.60
C THR J 194 26.34 59.71 -96.87
N CYS J 195 25.78 60.01 -95.70
CA CYS J 195 25.01 59.05 -94.92
C CYS J 195 23.62 59.61 -94.66
N GLU J 196 22.60 58.84 -95.03
CA GLU J 196 21.22 59.24 -94.87
C GLU J 196 20.54 58.37 -93.82
N ALA J 197 19.89 59.03 -92.86
CA ALA J 197 19.18 58.36 -91.78
C ALA J 197 17.69 58.61 -91.94
N THR J 198 16.91 57.54 -92.06
CA THR J 198 15.47 57.60 -92.19
C THR J 198 14.83 57.23 -90.87
N HIS J 199 14.08 58.16 -90.28
CA HIS J 199 13.40 57.95 -89.02
C HIS J 199 11.90 58.12 -89.20
N LYS J 200 11.17 57.83 -88.12
CA LYS J 200 9.71 57.97 -88.18
C LYS J 200 9.28 59.42 -88.00
N THR J 201 10.13 60.23 -87.36
CA THR J 201 9.77 61.62 -87.09
C THR J 201 9.86 62.51 -88.32
N SER J 202 10.68 62.13 -89.31
CA SER J 202 10.85 62.91 -90.52
C SER J 202 10.74 61.98 -91.73
N THR J 203 9.84 62.31 -92.65
CA THR J 203 9.68 61.50 -93.85
C THR J 203 10.88 61.62 -94.78
N SER J 204 11.54 62.78 -94.80
CA SER J 204 12.76 62.94 -95.58
C SER J 204 13.96 62.48 -94.75
N PRO J 205 14.89 61.72 -95.33
CA PRO J 205 16.03 61.25 -94.55
C PRO J 205 17.04 62.36 -94.31
N ILE J 206 17.52 62.44 -93.07
CA ILE J 206 18.55 63.41 -92.72
C ILE J 206 19.88 62.96 -93.32
N VAL J 207 20.42 63.77 -94.21
CA VAL J 207 21.64 63.43 -94.95
C VAL J 207 22.79 64.25 -94.41
N LYS J 208 23.89 63.59 -94.09
CA LYS J 208 25.13 64.25 -93.67
C LYS J 208 26.21 63.86 -94.67
N SER J 209 26.77 64.86 -95.35
CA SER J 209 27.75 64.62 -96.41
C SER J 209 29.06 65.30 -96.07
N PHE J 210 30.14 64.74 -96.64
CA PHE J 210 31.47 65.29 -96.43
C PHE J 210 32.25 65.16 -97.73
N ASN J 211 33.11 66.15 -97.98
CA ASN J 211 33.91 66.21 -99.19
C ASN J 211 35.36 65.83 -98.86
N ARG J 212 36.22 65.90 -99.88
CA ARG J 212 37.63 65.59 -99.71
C ARG J 212 38.51 66.75 -100.13
N GLN K 22 20.66 35.40 -51.01
CA GLN K 22 19.85 35.00 -52.17
C GLN K 22 20.62 34.01 -53.05
N ALA K 23 19.87 33.14 -53.74
CA ALA K 23 20.48 32.15 -54.61
C ALA K 23 20.94 32.81 -55.91
N GLN K 24 22.19 32.57 -56.28
CA GLN K 24 22.77 33.12 -57.50
C GLN K 24 23.59 32.07 -58.21
N LEU K 25 23.45 31.99 -59.52
CA LEU K 25 24.20 31.06 -60.35
C LEU K 25 25.01 31.83 -61.37
N LYS K 26 26.24 31.37 -61.61
CA LYS K 26 27.18 32.02 -62.51
C LYS K 26 27.80 30.98 -63.42
N GLU K 27 27.67 31.19 -64.73
CA GLU K 27 28.25 30.30 -65.72
C GLU K 27 29.53 30.90 -66.29
N SER K 28 30.55 30.06 -66.46
CA SER K 28 31.83 30.51 -66.97
C SER K 28 32.40 29.46 -67.91
N GLY K 29 33.21 29.90 -68.87
CA GLY K 29 33.82 29.02 -69.82
C GLY K 29 35.12 29.58 -70.37
N PRO K 30 35.72 28.87 -71.33
CA PRO K 30 36.96 29.37 -71.94
C PRO K 30 36.70 30.47 -72.94
N GLY K 31 35.54 30.46 -73.56
CA GLY K 31 35.18 31.47 -74.55
C GLY K 31 35.65 31.18 -75.96
N LEU K 32 36.95 30.97 -76.13
CA LEU K 32 37.55 30.66 -77.42
C LEU K 32 38.06 29.23 -77.40
N VAL K 33 37.52 28.40 -78.30
CA VAL K 33 37.92 27.00 -78.40
C VAL K 33 38.08 26.64 -79.87
N ALA K 34 38.99 25.72 -80.14
CA ALA K 34 39.22 25.28 -81.50
C ALA K 34 38.14 24.31 -81.96
N PRO K 35 38.05 24.04 -83.25
CA PRO K 35 37.04 23.08 -83.73
C PRO K 35 37.44 21.65 -83.42
N SER K 36 36.40 20.82 -83.24
CA SER K 36 36.52 19.39 -82.90
C SER K 36 37.33 19.17 -81.61
N GLN K 37 37.08 20.02 -80.62
CA GLN K 37 37.79 19.93 -79.35
C GLN K 37 36.82 19.85 -78.18
N SER K 38 37.34 19.84 -76.96
CA SER K 38 36.51 19.76 -75.77
C SER K 38 36.14 21.17 -75.28
N LEU K 39 35.16 21.22 -74.39
CA LEU K 39 34.70 22.49 -73.84
C LEU K 39 34.15 22.22 -72.45
N SER K 40 34.77 22.82 -71.43
CA SER K 40 34.39 22.62 -70.03
C SER K 40 33.77 23.91 -69.51
N ILE K 41 32.48 23.85 -69.19
CA ILE K 41 31.74 24.98 -68.64
C ILE K 41 31.52 24.73 -67.16
N THR K 42 31.76 25.77 -66.35
CA THR K 42 31.64 25.68 -64.90
C THR K 42 30.49 26.56 -64.44
N CYS K 43 29.53 25.95 -63.74
CA CYS K 43 28.38 26.67 -63.19
C CYS K 43 28.48 26.63 -61.67
N THR K 44 28.67 27.81 -61.07
CA THR K 44 28.78 27.94 -59.63
C THR K 44 27.46 28.47 -59.08
N VAL K 45 26.85 27.71 -58.16
CA VAL K 45 25.57 28.09 -57.57
C VAL K 45 25.80 28.39 -56.10
N SER K 46 25.00 29.33 -55.58
CA SER K 46 25.10 29.74 -54.19
C SER K 46 23.71 30.14 -53.70
N GLY K 47 23.57 30.22 -52.38
CA GLY K 47 22.30 30.53 -51.75
C GLY K 47 21.40 29.33 -51.53
N PHE K 48 21.80 28.15 -51.99
CA PHE K 48 21.01 26.93 -51.84
C PHE K 48 21.98 25.75 -51.76
N SER K 49 21.42 24.55 -51.78
CA SER K 49 22.22 23.32 -51.75
C SER K 49 21.93 22.50 -52.99
N LEU K 50 22.99 21.90 -53.54
CA LEU K 50 22.90 21.09 -54.74
C LEU K 50 22.71 19.61 -54.46
N THR K 51 22.32 19.25 -53.22
CA THR K 51 22.10 17.86 -52.89
C THR K 51 20.63 17.45 -52.97
N ASN K 52 19.70 18.43 -52.98
CA ASN K 52 18.27 18.14 -53.01
C ASN K 52 17.58 18.72 -54.23
N TYR K 53 18.27 19.48 -55.07
CA TYR K 53 17.70 20.04 -56.28
C TYR K 53 18.49 19.58 -57.50
N GLY K 54 17.88 19.69 -58.67
CA GLY K 54 18.53 19.28 -59.90
C GLY K 54 19.00 20.45 -60.73
N VAL K 55 19.96 20.20 -61.61
CA VAL K 55 20.55 21.24 -62.45
C VAL K 55 20.16 20.95 -63.89
N HIS K 56 20.05 22.00 -64.70
CA HIS K 56 19.77 21.88 -66.12
C HIS K 56 20.66 22.82 -66.90
N TRP K 57 21.32 22.29 -67.92
CA TRP K 57 22.18 23.06 -68.82
C TRP K 57 21.46 23.23 -70.14
N VAL K 58 21.45 24.46 -70.66
CA VAL K 58 20.73 24.80 -71.88
C VAL K 58 21.61 25.70 -72.73
N ARG K 59 21.40 25.64 -74.04
CA ARG K 59 22.11 26.48 -74.99
C ARG K 59 21.19 27.57 -75.52
N GLN K 60 21.80 28.60 -76.10
CA GLN K 60 21.06 29.72 -76.66
C GLN K 60 21.79 30.26 -77.88
N PRO K 61 21.27 30.03 -79.08
CA PRO K 61 21.91 30.56 -80.29
C PRO K 61 21.56 32.02 -80.48
N PRO K 62 22.45 32.82 -81.05
CA PRO K 62 22.16 34.24 -81.27
C PRO K 62 21.18 34.41 -82.42
N GLY K 63 19.99 34.94 -82.11
CA GLY K 63 18.96 35.15 -83.09
C GLY K 63 18.05 33.97 -83.34
N LYS K 64 18.25 32.85 -82.65
CA LYS K 64 17.43 31.66 -82.79
C LYS K 64 16.80 31.31 -81.43
N GLY K 65 16.09 30.18 -81.40
CA GLY K 65 15.44 29.77 -80.18
C GLY K 65 16.38 29.05 -79.23
N LEU K 66 16.06 29.15 -77.94
CA LEU K 66 16.84 28.49 -76.91
C LEU K 66 16.47 27.01 -76.84
N GLU K 67 17.47 26.15 -76.83
CA GLU K 67 17.28 24.71 -76.79
C GLU K 67 17.88 24.15 -75.51
N TRP K 68 17.20 23.15 -74.95
CA TRP K 68 17.65 22.49 -73.73
C TRP K 68 18.69 21.44 -74.08
N LEU K 69 19.89 21.57 -73.51
CA LEU K 69 20.96 20.61 -73.77
C LEU K 69 20.79 19.35 -72.93
N GLY K 70 20.69 19.49 -71.62
CA GLY K 70 20.51 18.35 -70.76
C GLY K 70 20.20 18.76 -69.34
N VAL K 71 20.09 17.76 -68.47
CA VAL K 71 19.77 18.00 -67.07
C VAL K 71 20.33 16.84 -66.25
N ILE K 72 20.66 17.13 -65.00
CA ILE K 72 21.06 16.13 -64.02
C ILE K 72 20.20 16.32 -62.78
N TRP K 73 19.91 15.21 -62.11
CA TRP K 73 19.05 15.21 -60.93
C TRP K 73 19.89 15.26 -59.66
N ALA K 74 19.22 15.42 -58.52
CA ALA K 74 19.91 15.45 -57.23
C ALA K 74 20.35 14.06 -56.81
N GLY K 75 19.70 13.02 -57.32
CA GLY K 75 20.03 11.65 -56.99
C GLY K 75 20.99 10.97 -57.94
N GLY K 76 21.55 11.69 -58.90
CA GLY K 76 22.52 11.14 -59.82
C GLY K 76 22.00 10.79 -61.20
N SER K 77 20.69 10.89 -61.43
CA SER K 77 20.13 10.63 -62.74
C SER K 77 20.39 11.81 -63.68
N THR K 78 20.78 11.49 -64.91
CA THR K 78 21.12 12.50 -65.90
C THR K 78 20.51 12.12 -67.25
N ASN K 79 19.97 13.13 -67.94
CA ASN K 79 19.40 12.95 -69.27
C ASN K 79 19.86 14.10 -70.16
N TYR K 80 19.78 13.89 -71.46
CA TYR K 80 20.21 14.88 -72.44
C TYR K 80 19.21 14.93 -73.58
N ASN K 81 19.50 15.77 -74.57
CA ASN K 81 18.67 15.88 -75.75
C ASN K 81 18.89 14.67 -76.66
N SER K 82 17.94 14.45 -77.57
CA SER K 82 18.00 13.28 -78.44
C SER K 82 18.98 13.46 -79.60
N ALA K 83 19.29 14.70 -79.98
CA ALA K 83 20.12 14.94 -81.15
C ALA K 83 21.61 14.89 -80.84
N LEU K 84 22.03 15.25 -79.63
CA LEU K 84 23.44 15.30 -79.25
C LEU K 84 23.65 14.65 -77.89
N MET K 85 23.09 13.45 -77.71
CA MET K 85 23.26 12.74 -76.44
C MET K 85 24.66 12.17 -76.32
N SER K 86 25.33 11.91 -77.44
CA SER K 86 26.70 11.40 -77.46
C SER K 86 27.73 12.51 -77.57
N ARG K 87 27.39 13.72 -77.11
CA ARG K 87 28.30 14.85 -77.18
C ARG K 87 28.38 15.67 -75.90
N VAL K 88 27.50 15.45 -74.93
CA VAL K 88 27.45 16.25 -73.71
C VAL K 88 27.51 15.33 -72.50
N SER K 89 28.25 15.76 -71.49
CA SER K 89 28.35 15.06 -70.22
C SER K 89 28.31 16.07 -69.09
N ILE K 90 27.90 15.62 -67.91
CA ILE K 90 27.72 16.50 -66.77
C ILE K 90 28.29 15.83 -65.52
N SER K 91 29.07 16.58 -64.75
CA SER K 91 29.56 16.15 -63.44
C SER K 91 29.25 17.24 -62.43
N LYS K 92 29.33 16.88 -61.14
CA LYS K 92 28.96 17.83 -60.10
C LYS K 92 29.87 17.65 -58.90
N ASP K 93 30.04 18.74 -58.16
CA ASP K 93 30.77 18.74 -56.90
C ASP K 93 29.95 19.53 -55.89
N ASN K 94 29.38 18.82 -54.91
CA ASN K 94 28.49 19.46 -53.96
C ASN K 94 29.24 20.25 -52.89
N SER K 95 30.52 19.98 -52.71
CA SER K 95 31.31 20.73 -51.74
C SER K 95 31.56 22.16 -52.24
N LYS K 96 31.89 22.31 -53.51
CA LYS K 96 32.03 23.62 -54.12
C LYS K 96 30.76 24.12 -54.78
N SER K 97 29.71 23.27 -54.81
CA SER K 97 28.42 23.55 -55.48
C SER K 97 28.63 23.93 -56.95
N GLN K 98 29.47 23.14 -57.62
CA GLN K 98 29.85 23.43 -59.00
C GLN K 98 29.34 22.34 -59.92
N VAL K 99 28.98 22.74 -61.13
CA VAL K 99 28.51 21.82 -62.17
C VAL K 99 29.42 21.97 -63.37
N PHE K 100 30.06 20.88 -63.77
CA PHE K 100 30.98 20.87 -64.91
C PHE K 100 30.30 20.20 -66.09
N LEU K 101 30.10 20.97 -67.16
CA LEU K 101 29.51 20.47 -68.39
C LEU K 101 30.60 20.32 -69.44
N LYS K 102 30.75 19.10 -69.96
CA LYS K 102 31.77 18.77 -70.95
C LYS K 102 31.09 18.56 -72.30
N MET K 103 31.55 19.29 -73.31
CA MET K 103 31.00 19.19 -74.66
C MET K 103 32.15 19.01 -75.64
N ASN K 104 32.05 17.96 -76.46
CA ASN K 104 33.05 17.65 -77.47
C ASN K 104 32.40 17.65 -78.85
N SER K 105 33.23 17.41 -79.87
CA SER K 105 32.84 17.41 -81.29
C SER K 105 32.18 18.72 -81.70
N LEU K 106 32.82 19.82 -81.33
CA LEU K 106 32.27 21.15 -81.62
C LEU K 106 32.46 21.49 -83.09
N GLN K 107 31.52 22.26 -83.63
CA GLN K 107 31.55 22.71 -85.02
C GLN K 107 31.62 24.24 -85.05
N THR K 108 31.50 24.79 -86.27
CA THR K 108 31.54 26.23 -86.44
C THR K 108 30.28 26.93 -85.95
N ASP K 109 29.18 26.20 -85.76
CA ASP K 109 27.94 26.77 -85.27
C ASP K 109 27.80 26.65 -83.75
N ASP K 110 28.91 26.64 -83.02
CA ASP K 110 28.90 26.54 -81.57
C ASP K 110 29.15 27.88 -80.89
N THR K 111 29.13 28.97 -81.67
CA THR K 111 29.29 30.32 -81.14
C THR K 111 27.94 30.76 -80.57
N VAL K 112 27.65 30.28 -79.36
CA VAL K 112 26.36 30.44 -78.72
C VAL K 112 26.57 30.88 -77.27
N MET K 113 25.48 30.93 -76.51
CA MET K 113 25.54 31.16 -75.08
C MET K 113 25.12 29.89 -74.35
N TYR K 114 25.64 29.72 -73.13
CA TYR K 114 25.34 28.57 -72.31
C TYR K 114 24.80 29.05 -70.97
N TYR K 115 23.70 28.45 -70.51
CA TYR K 115 23.07 28.83 -69.27
C TYR K 115 22.82 27.59 -68.41
N CYS K 116 22.80 27.79 -67.10
CA CYS K 116 22.52 26.73 -66.14
C CYS K 116 21.45 27.21 -65.17
N ALA K 117 20.52 26.30 -64.85
CA ALA K 117 19.38 26.65 -64.02
C ALA K 117 19.11 25.52 -63.02
N ARG K 118 18.34 25.85 -61.99
CA ARG K 118 17.93 24.89 -60.98
C ARG K 118 16.47 24.51 -61.19
N GLU K 119 16.19 23.22 -61.01
CA GLU K 119 14.86 22.66 -61.26
C GLU K 119 14.16 22.37 -59.94
N ASP K 120 12.82 22.42 -59.97
CA ASP K 120 12.01 22.19 -58.79
C ASP K 120 10.65 21.67 -59.18
N TYR K 121 9.92 21.13 -58.19
CA TYR K 121 8.56 20.64 -58.35
C TYR K 121 7.62 21.55 -57.58
N ASP K 122 6.82 22.31 -58.32
CA ASP K 122 5.85 23.25 -57.74
C ASP K 122 4.51 23.06 -58.44
N TYR K 123 4.07 21.79 -58.51
CA TYR K 123 2.99 21.18 -59.29
C TYR K 123 3.35 21.10 -60.77
N ASP K 124 4.57 21.48 -61.14
CA ASP K 124 5.11 21.29 -62.49
C ASP K 124 6.62 21.34 -62.38
N TRP K 125 7.29 20.71 -63.35
CA TRP K 125 8.75 20.76 -63.40
C TRP K 125 9.19 22.14 -63.86
N HIS K 126 9.57 22.99 -62.90
CA HIS K 126 9.84 24.40 -63.18
C HIS K 126 11.32 24.69 -63.00
N PHE K 127 11.79 25.73 -63.68
CA PHE K 127 13.16 26.22 -63.55
C PHE K 127 13.11 27.52 -62.77
N ASP K 128 13.59 27.49 -61.52
CA ASP K 128 13.45 28.60 -60.60
C ASP K 128 14.64 29.55 -60.64
N VAL K 129 15.84 29.07 -60.30
CA VAL K 129 17.03 29.89 -60.19
C VAL K 129 17.95 29.55 -61.34
N TRP K 130 18.13 30.49 -62.27
CA TRP K 130 18.98 30.32 -63.43
C TRP K 130 20.27 31.13 -63.27
N GLY K 131 21.11 31.09 -64.29
CA GLY K 131 22.39 31.78 -64.24
C GLY K 131 22.54 32.89 -65.25
N ALA K 132 23.76 33.43 -65.38
CA ALA K 132 24.00 34.51 -66.32
C ALA K 132 24.27 34.00 -67.73
N GLY K 133 24.97 32.87 -67.84
CA GLY K 133 25.30 32.32 -69.14
C GLY K 133 26.57 32.92 -69.72
N THR K 134 27.40 32.05 -70.28
CA THR K 134 28.67 32.46 -70.86
C THR K 134 28.65 32.25 -72.36
N THR K 135 29.39 33.11 -73.07
CA THR K 135 29.46 33.08 -74.53
C THR K 135 30.64 32.22 -74.96
N VAL K 136 30.37 31.21 -75.78
CA VAL K 136 31.40 30.33 -76.32
C VAL K 136 31.46 30.55 -77.82
N THR K 137 32.64 30.89 -78.32
CA THR K 137 32.89 31.09 -79.74
C THR K 137 33.88 30.04 -80.22
N VAL K 138 33.41 29.14 -81.09
CA VAL K 138 34.23 28.04 -81.60
C VAL K 138 34.78 28.46 -82.95
N SER K 139 36.08 28.72 -83.00
CA SER K 139 36.74 29.11 -84.24
C SER K 139 38.20 28.68 -84.18
N SER K 140 38.78 28.44 -85.36
CA SER K 140 40.17 28.02 -85.48
C SER K 140 41.10 29.19 -85.77
N ALA K 141 40.61 30.42 -85.67
CA ALA K 141 41.44 31.59 -85.92
C ALA K 141 42.40 31.84 -84.76
N LYS K 142 43.44 32.62 -85.04
CA LYS K 142 44.44 32.95 -84.04
C LYS K 142 44.09 34.26 -83.35
N THR K 143 44.48 34.37 -82.08
CA THR K 143 44.21 35.56 -81.30
C THR K 143 45.21 36.66 -81.68
N THR K 144 44.68 37.81 -82.11
CA THR K 144 45.52 38.92 -82.53
C THR K 144 45.14 40.17 -81.76
N PRO K 145 46.09 41.11 -81.58
CA PRO K 145 45.76 42.34 -80.87
C PRO K 145 44.99 43.29 -81.76
N PRO K 146 44.12 44.12 -81.21
CA PRO K 146 43.32 45.04 -82.01
C PRO K 146 44.15 46.25 -82.44
N SER K 147 43.61 46.99 -83.41
CA SER K 147 44.23 48.22 -83.91
C SER K 147 43.27 49.36 -83.64
N VAL K 148 43.73 50.36 -82.89
CA VAL K 148 42.91 51.48 -82.44
C VAL K 148 43.16 52.66 -83.37
N TYR K 149 42.08 53.30 -83.82
CA TYR K 149 42.15 54.48 -84.65
C TYR K 149 41.19 55.55 -84.14
N PRO K 150 41.57 56.83 -84.19
CA PRO K 150 40.68 57.89 -83.73
C PRO K 150 39.73 58.34 -84.82
N LEU K 151 38.71 59.09 -84.40
CA LEU K 151 37.70 59.62 -85.31
C LEU K 151 37.18 60.93 -84.74
N ALA K 152 37.55 62.04 -85.38
CA ALA K 152 37.13 63.39 -85.05
C ALA K 152 36.06 63.87 -86.02
N PRO K 153 35.44 65.02 -85.75
CA PRO K 153 34.40 65.52 -86.65
C PRO K 153 34.94 66.13 -87.93
N GLY K 154 36.22 66.47 -88.00
CA GLY K 154 36.79 67.08 -89.18
C GLY K 154 36.64 68.59 -89.18
N SER K 155 35.41 69.06 -89.39
CA SER K 155 35.15 70.50 -89.36
C SER K 155 35.10 70.99 -87.91
N ALA K 156 35.69 72.14 -87.65
CA ALA K 156 35.74 72.72 -86.32
C ALA K 156 34.56 73.62 -86.01
N ALA K 157 33.46 73.48 -86.75
CA ALA K 157 32.26 74.29 -86.50
C ALA K 157 31.54 73.78 -85.26
N GLN K 158 31.37 74.66 -84.28
CA GLN K 158 30.69 74.32 -83.02
C GLN K 158 29.19 74.32 -83.29
N THR K 159 28.67 73.15 -83.64
CA THR K 159 27.24 73.02 -83.90
C THR K 159 26.42 73.03 -82.60
N ASN K 160 27.03 72.62 -81.49
CA ASN K 160 26.36 72.59 -80.21
C ASN K 160 27.40 72.70 -79.10
N SER K 161 26.92 72.67 -77.86
CA SER K 161 27.81 72.71 -76.71
C SER K 161 28.49 71.37 -76.45
N MET K 162 28.02 70.29 -77.08
CA MET K 162 28.59 68.96 -76.90
C MET K 162 29.17 68.49 -78.23
N VAL K 163 30.44 68.10 -78.21
CA VAL K 163 31.12 67.57 -79.39
C VAL K 163 31.43 66.10 -79.15
N THR K 164 31.31 65.31 -80.22
CA THR K 164 31.47 63.87 -80.14
C THR K 164 32.76 63.43 -80.83
N LEU K 165 33.46 62.49 -80.20
CA LEU K 165 34.63 61.85 -80.74
C LEU K 165 34.44 60.34 -80.69
N GLY K 166 35.27 59.61 -81.42
CA GLY K 166 35.13 58.18 -81.48
C GLY K 166 36.45 57.46 -81.60
N CYS K 167 36.42 56.18 -81.24
CA CYS K 167 37.58 55.29 -81.33
C CYS K 167 37.13 53.98 -81.95
N LEU K 168 37.82 53.54 -82.99
CA LEU K 168 37.50 52.31 -83.71
C LEU K 168 38.61 51.30 -83.50
N VAL K 169 38.27 50.15 -82.92
CA VAL K 169 39.20 49.05 -82.71
C VAL K 169 38.87 47.99 -83.76
N LYS K 170 39.73 47.87 -84.76
CA LYS K 170 39.53 46.94 -85.86
C LYS K 170 40.63 45.89 -85.87
N GLY K 171 40.27 44.67 -86.27
CA GLY K 171 41.24 43.60 -86.38
C GLY K 171 41.56 42.97 -85.04
N TYR K 172 40.55 42.42 -84.38
CA TYR K 172 40.71 41.82 -83.05
C TYR K 172 40.24 40.39 -83.09
N PHE K 173 40.79 39.59 -82.17
CA PHE K 173 40.42 38.19 -82.02
C PHE K 173 40.83 37.73 -80.63
N PRO K 174 39.92 37.18 -79.82
CA PRO K 174 38.48 37.00 -80.09
C PRO K 174 37.63 37.99 -79.30
N GLU K 175 36.31 37.85 -79.42
CA GLU K 175 35.38 38.72 -78.70
C GLU K 175 35.29 38.29 -77.24
N PRO K 176 35.11 39.26 -76.31
CA PRO K 176 35.03 40.71 -76.46
C PRO K 176 36.21 41.44 -75.81
N VAL K 177 36.20 42.77 -75.93
CA VAL K 177 37.20 43.63 -75.32
C VAL K 177 36.51 44.61 -74.39
N THR K 178 37.31 45.39 -73.67
CA THR K 178 36.80 46.40 -72.74
C THR K 178 37.32 47.76 -73.18
N VAL K 179 36.40 48.66 -73.53
CA VAL K 179 36.74 49.99 -74.01
C VAL K 179 36.23 51.01 -73.00
N THR K 180 37.15 51.81 -72.47
CA THR K 180 36.81 52.86 -71.51
C THR K 180 37.35 54.20 -72.00
N TRP K 181 36.84 55.28 -71.42
CA TRP K 181 37.22 56.63 -71.78
C TRP K 181 37.82 57.32 -70.56
N ASN K 182 39.12 57.64 -70.65
CA ASN K 182 39.90 58.30 -69.59
C ASN K 182 39.86 57.50 -68.29
N SER K 183 40.07 56.19 -68.40
CA SER K 183 40.06 55.22 -67.29
C SER K 183 38.74 55.26 -66.52
N GLY K 184 37.64 55.40 -67.25
CA GLY K 184 36.32 55.41 -66.65
C GLY K 184 35.93 56.70 -65.96
N SER K 185 36.68 57.78 -66.17
CA SER K 185 36.33 59.05 -65.53
C SER K 185 35.27 59.81 -66.32
N LEU K 186 35.40 59.85 -67.64
CA LEU K 186 34.43 60.53 -68.51
C LEU K 186 33.33 59.54 -68.85
N SER K 187 32.18 59.68 -68.17
CA SER K 187 31.05 58.79 -68.38
C SER K 187 29.80 59.56 -68.78
N SER K 188 29.98 60.72 -69.41
CA SER K 188 28.87 61.55 -69.87
C SER K 188 28.68 61.34 -71.36
N GLY K 189 27.58 60.68 -71.73
CA GLY K 189 27.30 60.45 -73.13
C GLY K 189 28.19 59.42 -73.79
N VAL K 190 28.68 58.44 -73.05
CA VAL K 190 29.54 57.40 -73.60
C VAL K 190 28.66 56.39 -74.34
N HIS K 191 28.88 56.26 -75.64
CA HIS K 191 28.10 55.37 -76.49
C HIS K 191 29.01 54.25 -76.99
N THR K 192 29.11 53.18 -76.21
CA THR K 192 29.88 52.01 -76.62
C THR K 192 29.00 51.08 -77.45
N PHE K 193 29.48 50.76 -78.66
CA PHE K 193 28.68 49.91 -79.54
C PHE K 193 29.23 48.49 -79.56
N PRO K 194 28.40 47.53 -79.96
CA PRO K 194 28.89 46.14 -80.05
C PRO K 194 29.78 45.94 -81.26
N ALA K 195 30.53 44.86 -81.23
CA ALA K 195 31.47 44.52 -82.29
C ALA K 195 30.81 43.66 -83.36
N VAL K 196 31.37 43.72 -84.56
CA VAL K 196 30.93 42.93 -85.68
C VAL K 196 32.10 42.07 -86.15
N LEU K 197 31.78 41.05 -86.94
CA LEU K 197 32.79 40.11 -87.42
C LEU K 197 32.88 40.18 -88.94
N GLN K 198 34.10 40.23 -89.45
CA GLN K 198 34.35 40.27 -90.89
C GLN K 198 35.71 39.65 -91.14
N SER K 199 35.72 38.56 -91.94
CA SER K 199 36.93 37.80 -92.30
C SER K 199 37.69 37.32 -91.06
N ASP K 200 36.92 36.83 -90.07
CA ASP K 200 37.39 36.43 -88.74
C ASP K 200 38.13 37.57 -88.03
N LEU K 201 37.65 38.80 -88.21
CA LEU K 201 38.24 39.98 -87.57
C LEU K 201 37.14 40.77 -86.89
N TYR K 202 37.38 41.17 -85.65
CA TYR K 202 36.41 41.91 -84.87
C TYR K 202 36.59 43.41 -85.08
N THR K 203 35.47 44.12 -85.24
CA THR K 203 35.47 45.56 -85.43
C THR K 203 34.47 46.18 -84.46
N LEU K 204 34.97 47.00 -83.54
CA LEU K 204 34.14 47.65 -82.53
C LEU K 204 34.37 49.15 -82.56
N SER K 205 33.38 49.90 -82.11
CA SER K 205 33.44 51.35 -82.08
C SER K 205 32.93 51.86 -80.74
N SER K 206 33.53 52.96 -80.29
CA SER K 206 33.12 53.62 -79.07
C SER K 206 33.03 55.13 -79.34
N SER K 207 32.07 55.78 -78.69
CA SER K 207 31.84 57.20 -78.90
C SER K 207 31.71 57.91 -77.57
N VAL K 208 32.29 59.10 -77.48
CA VAL K 208 32.25 59.92 -76.28
C VAL K 208 31.74 61.31 -76.66
N THR K 209 30.89 61.87 -75.80
CA THR K 209 30.30 63.19 -76.01
C THR K 209 30.80 64.12 -74.91
N VAL K 210 31.80 64.92 -75.23
CA VAL K 210 32.42 65.83 -74.26
C VAL K 210 31.94 67.24 -74.55
N PRO K 211 32.31 68.23 -73.73
CA PRO K 211 31.89 69.61 -74.01
C PRO K 211 32.70 70.21 -75.17
N SER K 212 32.18 71.31 -75.69
CA SER K 212 32.86 72.00 -76.79
C SER K 212 34.10 72.72 -76.33
N SER K 213 34.11 73.21 -75.08
CA SER K 213 35.29 73.85 -74.52
C SER K 213 36.26 72.85 -73.90
N THR K 214 35.81 71.62 -73.63
CA THR K 214 36.71 70.61 -73.08
C THR K 214 37.59 70.02 -74.18
N TRP K 215 37.06 69.90 -75.40
CA TRP K 215 37.83 69.36 -76.51
C TRP K 215 38.33 70.48 -77.38
N PRO K 216 39.64 70.57 -77.67
CA PRO K 216 40.70 69.65 -77.21
C PRO K 216 41.50 70.21 -76.04
N SER K 217 40.84 70.97 -75.16
CA SER K 217 41.54 71.53 -74.01
C SER K 217 41.80 70.47 -72.94
N GLU K 218 40.95 69.46 -72.86
CA GLU K 218 41.10 68.38 -71.89
C GLU K 218 41.50 67.10 -72.61
N THR K 219 42.37 66.32 -71.99
CA THR K 219 42.86 65.09 -72.60
C THR K 219 41.79 64.00 -72.50
N VAL K 220 41.33 63.53 -73.65
CA VAL K 220 40.37 62.45 -73.73
C VAL K 220 41.08 61.25 -74.37
N THR K 221 41.41 60.26 -73.54
CA THR K 221 42.15 59.08 -73.99
C THR K 221 41.27 57.85 -73.84
N CYS K 222 41.14 57.09 -74.92
CA CYS K 222 40.38 55.84 -74.90
C CYS K 222 41.31 54.67 -74.67
N ASN K 223 40.94 53.80 -73.73
CA ASN K 223 41.74 52.64 -73.37
C ASN K 223 40.98 51.39 -73.77
N VAL K 224 41.61 50.57 -74.61
CA VAL K 224 41.03 49.31 -75.09
C VAL K 224 41.88 48.18 -74.55
N ALA K 225 41.23 47.26 -73.83
CA ALA K 225 41.88 46.08 -73.26
C ALA K 225 41.29 44.83 -73.89
N HIS K 226 42.11 44.08 -74.62
CA HIS K 226 41.70 42.84 -75.23
C HIS K 226 42.11 41.68 -74.33
N PRO K 227 41.16 40.93 -73.77
CA PRO K 227 41.54 39.85 -72.85
C PRO K 227 42.02 38.59 -73.54
N ALA K 228 41.82 38.46 -74.86
CA ALA K 228 42.33 37.30 -75.57
C ALA K 228 43.84 37.34 -75.69
N SER K 229 44.39 38.49 -76.07
CA SER K 229 45.83 38.70 -76.09
C SER K 229 46.31 39.57 -74.94
N SER K 230 45.39 40.04 -74.09
CA SER K 230 45.65 40.94 -72.95
C SER K 230 46.36 42.21 -73.40
N THR K 231 45.91 42.78 -74.52
CA THR K 231 46.55 43.93 -75.12
C THR K 231 45.89 45.21 -74.62
N LYS K 232 46.69 46.12 -74.08
CA LYS K 232 46.22 47.40 -73.56
C LYS K 232 46.70 48.50 -74.51
N VAL K 233 45.77 49.21 -75.13
CA VAL K 233 46.08 50.25 -76.10
C VAL K 233 45.39 51.53 -75.67
N ASP K 234 46.17 52.59 -75.46
CA ASP K 234 45.66 53.90 -75.11
C ASP K 234 45.83 54.84 -76.30
N LYS K 235 44.74 55.50 -76.68
CA LYS K 235 44.74 56.40 -77.83
C LYS K 235 44.00 57.67 -77.47
N LYS K 236 44.71 58.79 -77.45
CA LYS K 236 44.13 60.08 -77.12
C LYS K 236 43.26 60.60 -78.26
N UNK L 1 69.90 43.72 -28.98
CA UNK L 1 68.84 44.62 -29.37
C UNK L 1 67.63 43.85 -29.91
N UNK L 2 66.44 44.22 -29.43
CA UNK L 2 65.22 43.56 -29.86
C UNK L 2 64.90 43.92 -31.31
N UNK L 3 64.53 42.92 -32.10
CA UNK L 3 64.24 43.11 -33.51
C UNK L 3 62.86 42.56 -33.82
N UNK L 4 62.03 43.36 -34.48
CA UNK L 4 60.69 42.97 -34.90
C UNK L 4 60.72 42.76 -36.41
N UNK L 5 61.05 41.54 -36.82
CA UNK L 5 61.15 41.21 -38.24
C UNK L 5 59.75 40.93 -38.77
N UNK L 6 59.25 41.83 -39.62
CA UNK L 6 57.91 41.67 -40.17
C UNK L 6 57.94 40.73 -41.38
N UNK L 7 56.75 40.45 -41.90
CA UNK L 7 56.62 39.60 -43.07
C UNK L 7 56.93 40.40 -44.35
N UNK L 8 56.86 39.73 -45.49
CA UNK L 8 57.13 40.39 -46.76
C UNK L 8 55.97 41.28 -47.18
N UNK L 9 56.22 42.09 -48.21
CA UNK L 9 55.19 42.97 -48.74
C UNK L 9 54.12 42.16 -49.47
N UNK L 10 52.87 42.47 -49.18
CA UNK L 10 51.74 41.69 -49.69
C UNK L 10 51.10 42.40 -50.86
N UNK L 11 50.75 41.64 -51.89
CA UNK L 11 49.99 42.13 -53.03
C UNK L 11 48.76 41.23 -53.19
N UNK L 12 47.63 41.68 -52.65
CA UNK L 12 46.42 40.89 -52.62
C UNK L 12 45.36 41.49 -53.53
N UNK L 13 44.31 40.72 -53.76
CA UNK L 13 43.19 41.19 -54.58
C UNK L 13 42.19 41.93 -53.69
N UNK L 14 41.10 42.38 -54.32
CA UNK L 14 40.05 43.07 -53.57
C UNK L 14 39.22 42.08 -52.78
N UNK L 15 38.76 42.52 -51.60
CA UNK L 15 37.92 41.76 -50.67
C UNK L 15 38.57 40.44 -50.25
N UNK L 16 39.89 40.45 -50.06
CA UNK L 16 40.62 39.26 -49.66
C UNK L 16 41.15 39.44 -48.23
N UNK L 17 41.87 38.42 -47.75
CA UNK L 17 42.44 38.43 -46.42
C UNK L 17 43.96 38.37 -46.51
N UNK L 18 44.61 39.12 -45.63
CA UNK L 18 46.07 39.20 -45.59
C UNK L 18 46.55 38.86 -44.19
N UNK L 19 47.52 37.95 -44.11
CA UNK L 19 48.08 37.50 -42.84
C UNK L 19 49.52 37.99 -42.75
N UNK L 20 49.75 39.04 -41.97
CA UNK L 20 51.07 39.60 -41.78
C UNK L 20 51.62 39.14 -40.44
N UNK L 21 52.76 38.46 -40.47
CA UNK L 21 53.40 37.94 -39.26
C UNK L 21 54.62 38.77 -38.92
N UNK L 22 54.93 38.83 -37.63
CA UNK L 22 56.09 39.56 -37.13
C UNK L 22 56.75 38.75 -36.04
N UNK L 23 58.01 38.39 -36.25
CA UNK L 23 58.79 37.62 -35.29
C UNK L 23 59.61 38.56 -34.42
N UNK L 24 59.55 38.36 -33.11
CA UNK L 24 60.30 39.16 -32.15
C UNK L 24 61.57 38.41 -31.74
N UNK L 25 62.68 39.13 -31.71
CA UNK L 25 63.97 38.56 -31.38
C UNK L 25 64.65 39.41 -30.32
N UNK L 26 65.43 38.74 -29.47
CA UNK L 26 66.19 39.32 -28.35
C UNK L 26 65.28 40.08 -27.37
N UNK L 27 64.08 39.57 -27.15
CA UNK L 27 63.14 40.16 -26.21
C UNK L 27 62.15 39.08 -25.77
N UNK L 28 61.47 39.37 -24.66
CA UNK L 28 60.42 38.50 -24.17
C UNK L 28 59.13 38.79 -24.94
N UNK L 29 58.55 37.74 -25.55
CA UNK L 29 57.34 37.94 -26.35
C UNK L 29 56.12 38.17 -25.48
N UNK L 30 56.07 37.52 -24.31
CA UNK L 30 54.90 37.59 -23.45
C UNK L 30 54.93 38.75 -22.48
N UNK L 31 56.04 39.45 -22.34
CA UNK L 31 56.18 40.53 -21.37
C UNK L 31 56.13 41.91 -21.99
N UNK L 32 55.72 42.02 -23.26
CA UNK L 32 55.61 43.31 -23.93
C UNK L 32 54.45 43.27 -24.90
N UNK L 33 53.74 44.39 -25.00
CA UNK L 33 52.58 44.46 -25.88
C UNK L 33 53.02 44.56 -27.33
N UNK L 34 52.32 43.83 -28.20
CA UNK L 34 52.56 43.90 -29.64
C UNK L 34 51.40 44.64 -30.29
N UNK L 35 51.69 45.76 -30.94
CA UNK L 35 50.68 46.58 -31.56
C UNK L 35 50.89 46.64 -33.06
N UNK L 36 49.81 46.85 -33.80
CA UNK L 36 49.86 47.00 -35.25
C UNK L 36 49.44 48.42 -35.61
N UNK L 37 50.23 49.06 -36.48
CA UNK L 37 49.97 50.43 -36.89
C UNK L 37 49.95 50.51 -38.40
N UNK L 38 48.85 50.99 -38.96
CA UNK L 38 48.71 51.15 -40.39
C UNK L 38 48.89 52.63 -40.77
N UNK L 39 49.74 52.88 -41.75
CA UNK L 39 50.02 54.23 -42.21
C UNK L 39 49.78 54.30 -43.71
N UNK L 40 48.92 55.22 -44.12
CA UNK L 40 48.61 55.39 -45.53
C UNK L 40 49.71 56.22 -46.22
N UNK L 41 49.53 56.47 -47.51
CA UNK L 41 50.51 57.21 -48.28
C UNK L 41 50.46 58.69 -47.92
N UNK L 42 51.57 59.18 -47.35
CA UNK L 42 51.73 60.56 -46.88
C UNK L 42 50.65 60.97 -45.88
N UNK L 43 50.29 60.05 -44.99
CA UNK L 43 49.27 60.27 -43.98
C UNK L 43 49.82 59.89 -42.61
N UNK L 44 48.95 59.98 -41.60
CA UNK L 44 49.32 59.63 -40.24
C UNK L 44 49.14 58.14 -39.99
N UNK L 45 49.76 57.66 -38.93
CA UNK L 45 49.67 56.26 -38.53
C UNK L 45 48.57 56.08 -37.52
N UNK L 46 47.77 55.02 -37.71
CA UNK L 46 46.64 54.72 -36.83
C UNK L 46 46.91 53.39 -36.15
N UNK L 47 46.77 53.37 -34.83
CA UNK L 47 46.94 52.15 -34.05
C UNK L 47 45.77 51.21 -34.31
N UNK L 48 46.02 50.11 -35.01
CA UNK L 48 44.95 49.18 -35.35
C UNK L 48 44.50 48.37 -34.14
N UNK L 49 45.42 47.60 -33.55
CA UNK L 49 45.08 46.78 -32.39
C UNK L 49 46.36 46.53 -31.58
N UNK L 50 46.15 46.04 -30.36
CA UNK L 50 47.24 45.68 -29.46
C UNK L 50 46.93 44.33 -28.85
N UNK L 51 48.00 43.60 -28.51
CA UNK L 51 47.84 42.25 -27.96
C UNK L 51 48.91 42.01 -26.91
N UNK L 52 48.49 41.51 -25.76
CA UNK L 52 49.40 41.06 -24.71
C UNK L 52 49.54 39.55 -24.79
N UNK L 53 50.74 39.07 -25.07
CA UNK L 53 50.99 37.65 -25.28
C UNK L 53 51.13 36.86 -23.99
N UNK L 54 51.01 37.51 -22.82
CA UNK L 54 50.99 36.78 -21.57
C UNK L 54 49.72 35.96 -21.44
N UNK L 55 48.60 36.48 -21.95
CA UNK L 55 47.36 35.72 -22.02
C UNK L 55 46.64 35.95 -23.34
N UNK L 56 47.34 36.51 -24.34
CA UNK L 56 46.80 36.90 -25.64
C UNK L 56 45.59 37.83 -25.52
N UNK L 57 45.64 38.75 -24.56
CA UNK L 57 44.56 39.71 -24.36
C UNK L 57 44.60 40.75 -25.46
N UNK L 58 43.50 40.87 -26.20
CA UNK L 58 43.43 41.73 -27.37
C UNK L 58 42.66 42.99 -27.06
N UNK L 59 43.02 44.06 -27.75
CA UNK L 59 42.30 45.33 -27.68
C UNK L 59 42.36 45.97 -29.05
N UNK L 60 41.24 45.95 -29.78
CA UNK L 60 41.17 46.44 -31.14
C UNK L 60 40.45 47.78 -31.18
N UNK L 61 40.73 48.54 -32.24
CA UNK L 61 40.06 49.82 -32.43
C UNK L 61 38.63 49.62 -32.89
N UNK L 62 37.82 50.67 -32.73
CA UNK L 62 36.42 50.61 -33.15
C UNK L 62 36.28 50.70 -34.66
N UNK L 63 37.25 51.33 -35.34
CA UNK L 63 37.19 51.44 -36.80
C UNK L 63 37.47 50.12 -37.48
N UNK L 64 38.32 49.28 -36.89
CA UNK L 64 38.64 47.97 -37.43
C UNK L 64 37.87 46.85 -36.75
N UNK L 65 36.61 47.11 -36.39
CA UNK L 65 35.78 46.11 -35.72
C UNK L 65 35.40 45.01 -36.71
N UNK L 66 35.67 43.77 -36.32
CA UNK L 66 35.44 42.54 -37.09
C UNK L 66 36.16 42.52 -38.43
N UNK L 67 37.24 43.29 -38.58
CA UNK L 67 38.04 43.31 -39.81
C UNK L 67 39.49 42.94 -39.58
N UNK L 68 40.02 43.17 -38.39
CA UNK L 68 41.39 42.83 -38.04
C UNK L 68 41.39 41.93 -36.81
N UNK L 69 42.20 40.87 -36.87
CA UNK L 69 42.31 39.91 -35.79
C UNK L 69 43.77 39.70 -35.45
N UNK L 70 44.09 39.68 -34.16
CA UNK L 70 45.46 39.48 -33.69
C UNK L 70 45.58 38.11 -33.05
N UNK L 71 46.74 37.48 -33.24
CA UNK L 71 47.02 36.18 -32.64
C UNK L 71 48.49 36.14 -32.25
N UNK L 72 48.79 35.30 -31.26
CA UNK L 72 50.14 35.18 -30.73
C UNK L 72 50.60 33.73 -30.78
N UNK L 73 51.89 33.55 -31.06
CA UNK L 73 52.51 32.23 -31.07
C UNK L 73 53.72 32.30 -30.14
N UNK L 74 53.57 31.73 -28.93
CA UNK L 74 54.65 31.76 -27.96
C UNK L 74 55.75 30.76 -28.30
N UNK L 75 55.42 29.68 -29.01
CA UNK L 75 56.44 28.72 -29.42
C UNK L 75 57.34 29.29 -30.51
N UNK L 76 56.78 30.13 -31.39
CA UNK L 76 57.56 30.80 -32.42
C UNK L 76 57.78 32.28 -32.13
N UNK L 77 57.13 32.81 -31.07
CA UNK L 77 57.18 34.22 -30.66
C UNK L 77 56.79 35.15 -31.81
N UNK L 78 55.67 34.83 -32.45
CA UNK L 78 55.22 35.54 -33.64
C UNK L 78 53.85 36.16 -33.40
N UNK L 79 53.73 37.45 -33.71
CA UNK L 79 52.45 38.14 -33.68
C UNK L 79 51.88 38.18 -35.09
N UNK L 80 50.69 37.63 -35.27
CA UNK L 80 50.05 37.52 -36.57
C UNK L 80 48.83 38.43 -36.61
N UNK L 81 48.71 39.20 -37.68
CA UNK L 81 47.56 40.09 -37.90
C UNK L 81 46.87 39.65 -39.18
N UNK L 82 45.60 39.27 -39.04
CA UNK L 82 44.78 38.81 -40.16
C UNK L 82 43.75 39.89 -40.48
N UNK L 83 43.77 40.39 -41.71
CA UNK L 83 42.85 41.41 -42.17
C UNK L 83 41.91 40.80 -43.20
N UNK L 84 40.62 40.80 -42.91
CA UNK L 84 39.61 40.27 -43.81
C UNK L 84 38.90 41.42 -44.51
N UNK L 85 38.44 41.13 -45.74
CA UNK L 85 37.73 42.07 -46.62
C UNK L 85 38.55 43.34 -46.87
N UNK L 86 39.72 43.14 -47.47
CA UNK L 86 40.62 44.26 -47.75
C UNK L 86 40.10 45.08 -48.93
N UNK L 87 40.16 46.41 -48.77
CA UNK L 87 39.70 47.32 -49.81
C UNK L 87 40.85 48.19 -50.30
N UNK L 88 40.54 49.15 -51.18
CA UNK L 88 41.57 50.04 -51.70
C UNK L 88 42.10 51.00 -50.63
N UNK L 89 41.30 51.31 -49.62
CA UNK L 89 41.77 52.12 -48.50
C UNK L 89 42.67 51.34 -47.55
N UNK L 90 42.64 50.01 -47.62
CA UNK L 90 43.47 49.17 -46.76
C UNK L 90 44.88 48.98 -47.30
N UNK L 91 45.15 49.41 -48.52
CA UNK L 91 46.49 49.33 -49.09
C UNK L 91 47.38 50.36 -48.42
N UNK L 92 48.21 49.93 -47.49
CA UNK L 92 48.97 50.84 -46.64
C UNK L 92 50.20 50.11 -46.11
N UNK L 93 51.03 50.83 -45.36
CA UNK L 93 52.20 50.23 -44.72
C UNK L 93 51.83 49.83 -43.30
N UNK L 94 51.90 48.53 -43.02
CA UNK L 94 51.64 48.00 -41.70
C UNK L 94 52.97 47.82 -40.97
N UNK L 95 53.00 48.22 -39.70
CA UNK L 95 54.20 48.14 -38.88
C UNK L 95 53.86 47.53 -37.54
N UNK L 96 54.67 46.56 -37.10
CA UNK L 96 54.56 46.02 -35.76
C UNK L 96 55.35 46.88 -34.79
N UNK L 97 54.87 46.94 -33.55
CA UNK L 97 55.48 47.79 -32.53
C UNK L 97 55.50 47.04 -31.20
N UNK L 98 56.69 46.78 -30.70
CA UNK L 98 56.85 46.25 -29.36
C UNK L 98 56.85 47.39 -28.36
N UNK L 99 55.81 47.46 -27.53
CA UNK L 99 55.61 48.58 -26.62
C UNK L 99 55.47 48.04 -25.20
N UNK L 100 56.34 48.49 -24.30
CA UNK L 100 56.13 48.27 -22.89
C UNK L 100 54.95 49.12 -22.42
N UNK L 101 54.16 48.59 -21.51
CA UNK L 101 52.93 49.27 -21.12
C UNK L 101 53.16 50.27 -20.00
N UNK L 102 54.15 50.04 -19.14
CA UNK L 102 54.45 50.93 -18.02
C UNK L 102 55.89 51.41 -18.14
N UNK L 103 56.10 52.60 -18.73
CA UNK L 103 55.04 53.46 -19.24
C UNK L 103 54.79 53.20 -20.71
N UNK L 104 53.65 53.69 -21.20
CA UNK L 104 53.21 53.41 -22.58
C UNK L 104 54.09 54.18 -23.56
N UNK L 105 54.95 53.45 -24.26
CA UNK L 105 55.81 54.05 -25.28
C UNK L 105 56.18 52.96 -26.27
N UNK L 106 56.21 53.35 -27.55
CA UNK L 106 56.56 52.45 -28.64
C UNK L 106 58.08 52.46 -28.78
N UNK L 107 58.73 51.51 -28.11
CA UNK L 107 60.19 51.47 -28.10
C UNK L 107 60.75 50.96 -29.42
N UNK L 108 60.40 49.73 -29.79
CA UNK L 108 60.89 49.10 -31.01
C UNK L 108 59.81 49.12 -32.07
N UNK L 109 60.21 49.32 -33.32
CA UNK L 109 59.31 49.31 -34.46
C UNK L 109 59.81 48.32 -35.51
N UNK L 110 58.88 47.85 -36.34
CA UNK L 110 59.20 46.88 -37.38
C UNK L 110 59.64 47.60 -38.65
N UNK L 111 59.73 46.86 -39.75
CA UNK L 111 60.18 47.40 -41.02
C UNK L 111 59.07 48.07 -41.83
N UNK L 112 57.82 48.01 -41.34
CA UNK L 112 56.63 48.64 -41.94
C UNK L 112 56.41 48.15 -43.38
N UNK L 113 56.10 46.86 -43.47
CA UNK L 113 55.88 46.22 -44.77
C UNK L 113 54.60 46.73 -45.41
N UNK L 114 54.63 46.88 -46.74
CA UNK L 114 53.50 47.44 -47.47
C UNK L 114 52.55 46.34 -47.94
N UNK L 115 51.26 46.67 -47.95
CA UNK L 115 50.23 45.78 -48.46
C UNK L 115 49.40 46.55 -49.47
N UNK L 116 49.32 46.02 -50.69
CA UNK L 116 48.60 46.64 -51.78
C UNK L 116 47.44 45.73 -52.18
N UNK L 117 46.22 46.24 -52.04
CA UNK L 117 45.01 45.50 -52.41
C UNK L 117 44.57 45.99 -53.78
N UNK L 118 44.94 45.26 -54.83
CA UNK L 118 44.62 45.64 -56.19
C UNK L 118 44.53 44.39 -57.05
N UNK L 119 43.68 44.46 -58.08
CA UNK L 119 43.48 43.34 -58.99
C UNK L 119 44.51 43.29 -60.11
N UNK L 120 45.47 44.21 -60.14
CA UNK L 120 46.48 44.21 -61.19
C UNK L 120 47.49 43.10 -60.96
N UNK L 121 48.04 42.59 -62.06
CA UNK L 121 48.99 41.49 -61.99
C UNK L 121 50.38 42.00 -61.61
N UNK L 122 51.19 41.08 -61.09
CA UNK L 122 52.56 41.43 -60.71
C UNK L 122 53.44 41.57 -61.93
N UNK L 123 54.15 42.68 -62.03
CA UNK L 123 55.04 42.97 -63.15
C UNK L 123 56.45 43.20 -62.63
N UNK L 124 57.42 42.55 -63.25
CA UNK L 124 58.81 42.73 -62.87
C UNK L 124 59.31 44.10 -63.29
N UNK L 125 60.21 44.66 -62.49
CA UNK L 125 60.73 46.00 -62.74
C UNK L 125 61.71 45.98 -63.90
N UNK L 126 61.35 46.66 -64.99
CA UNK L 126 62.24 46.81 -66.13
C UNK L 126 63.33 47.81 -65.78
N UNK L 127 64.55 47.32 -65.59
CA UNK L 127 65.67 48.14 -65.14
C UNK L 127 66.53 48.52 -66.34
N UNK L 128 66.87 49.80 -66.43
CA UNK L 128 67.72 50.33 -67.49
C UNK L 128 68.79 51.21 -66.87
N UNK L 129 70.04 50.99 -67.26
CA UNK L 129 71.16 51.78 -66.76
C UNK L 129 71.41 52.96 -67.69
N UNK L 130 71.37 54.17 -67.12
CA UNK L 130 71.57 55.41 -67.86
C UNK L 130 72.88 56.03 -67.40
N UNK L 131 73.87 56.04 -68.29
CA UNK L 131 75.18 56.64 -68.03
C UNK L 131 75.33 57.90 -68.87
N UNK L 132 76.52 58.50 -68.78
CA UNK L 132 76.82 59.70 -69.54
C UNK L 132 77.03 59.36 -71.00
N UNK L 133 76.62 60.29 -71.88
CA UNK L 133 76.78 60.10 -73.31
C UNK L 133 78.22 60.37 -73.73
N UNK L 134 78.51 60.11 -75.01
CA UNK L 134 79.84 60.35 -75.54
C UNK L 134 80.11 61.84 -75.73
N UNK L 135 79.06 62.63 -75.92
CA UNK L 135 79.20 64.08 -76.07
C UNK L 135 79.26 64.82 -74.74
N UNK L 136 79.03 64.13 -73.63
CA UNK L 136 79.07 64.78 -72.31
C UNK L 136 80.51 65.05 -71.90
N UNK L 137 80.67 66.05 -71.02
CA UNK L 137 81.98 66.44 -70.54
C UNK L 137 82.30 65.74 -69.23
N UNK L 138 83.58 65.39 -69.06
CA UNK L 138 84.04 64.71 -67.85
C UNK L 138 84.25 65.74 -66.75
N UNK L 139 83.42 65.70 -65.71
CA UNK L 139 83.51 66.60 -64.58
C UNK L 139 84.20 65.88 -63.42
N UNK L 140 84.23 66.55 -62.25
CA UNK L 140 84.82 65.94 -61.07
C UNK L 140 83.95 64.81 -60.51
N UNK L 141 82.64 64.91 -60.70
CA UNK L 141 81.71 63.88 -60.26
C UNK L 141 80.89 63.38 -61.45
N UNK L 142 80.83 62.06 -61.60
CA UNK L 142 80.06 61.42 -62.66
C UNK L 142 78.82 60.80 -62.05
N UNK L 143 77.65 61.18 -62.57
CA UNK L 143 76.37 60.74 -62.03
C UNK L 143 75.71 59.77 -63.00
N UNK L 144 75.65 58.51 -62.62
CA UNK L 144 74.91 57.50 -63.36
C UNK L 144 73.56 57.26 -62.70
N UNK L 145 72.71 56.49 -63.36
CA UNK L 145 71.38 56.23 -62.80
C UNK L 145 70.89 54.86 -63.25
N UNK L 146 69.92 54.35 -62.51
CA UNK L 146 69.21 53.12 -62.86
C UNK L 146 67.72 53.41 -62.74
N UNK L 147 67.00 53.25 -63.85
CA UNK L 147 65.58 53.55 -63.92
C UNK L 147 64.81 52.24 -63.97
N UNK L 148 63.91 52.05 -63.01
CA UNK L 148 63.04 50.87 -62.95
C UNK L 148 61.64 51.31 -63.34
N UNK L 149 61.22 50.94 -64.54
CA UNK L 149 59.90 51.29 -65.06
C UNK L 149 59.06 50.03 -65.23
N UNK L 150 57.74 50.24 -65.18
CA UNK L 150 56.71 49.21 -65.39
C UNK L 150 56.84 48.08 -64.36
N UNK L 151 56.72 48.46 -63.09
CA UNK L 151 56.82 47.53 -61.98
C UNK L 151 55.48 47.45 -61.26
N UNK L 152 55.21 46.28 -60.69
CA UNK L 152 53.99 46.05 -59.93
C UNK L 152 54.27 44.97 -58.89
N UNK L 153 54.27 45.34 -57.60
CA UNK L 153 54.00 46.68 -57.12
C UNK L 153 55.27 47.51 -56.99
N UNK L 154 55.17 48.66 -56.34
CA UNK L 154 56.28 49.60 -56.20
C UNK L 154 57.27 49.21 -55.12
N UNK L 155 57.07 48.08 -54.42
CA UNK L 155 58.01 47.62 -53.40
C UNK L 155 59.26 47.08 -54.08
N UNK L 156 60.33 47.89 -54.08
CA UNK L 156 61.57 47.48 -54.70
C UNK L 156 62.73 48.21 -54.01
N UNK L 157 63.91 47.61 -54.09
CA UNK L 157 65.10 48.16 -53.45
C UNK L 157 66.23 48.23 -54.47
N UNK L 158 66.85 49.41 -54.58
CA UNK L 158 67.96 49.64 -55.50
C UNK L 158 69.22 49.87 -54.68
N UNK L 159 70.27 49.08 -54.98
CA UNK L 159 71.54 49.18 -54.28
C UNK L 159 72.64 49.48 -55.30
N UNK L 160 73.54 50.38 -54.93
CA UNK L 160 74.65 50.78 -55.80
C UNK L 160 75.91 50.06 -55.33
N UNK L 161 76.38 49.10 -56.16
CA UNK L 161 77.58 48.30 -55.92
C UNK L 161 77.53 47.55 -54.60
N UNK L 162 76.43 46.79 -54.42
CA UNK L 162 76.12 46.02 -53.20
C UNK L 162 76.12 46.91 -51.96
N UNK L 163 75.34 48.00 -52.03
CA UNK L 163 75.13 49.00 -50.96
C UNK L 163 76.43 49.63 -50.49
N UNK L 164 77.40 49.83 -51.38
CA UNK L 164 78.63 50.51 -51.00
C UNK L 164 78.56 52.00 -51.24
N UNK L 165 77.89 52.43 -52.31
CA UNK L 165 77.73 53.84 -52.65
C UNK L 165 76.32 54.26 -52.27
N UNK L 166 76.16 54.63 -50.99
CA UNK L 166 74.86 55.07 -50.47
C UNK L 166 74.84 56.50 -49.97
N UNK L 167 75.98 57.07 -49.61
CA UNK L 167 76.01 58.45 -49.14
C UNK L 167 75.81 59.46 -50.27
N UNK L 168 76.13 59.08 -51.51
CA UNK L 168 75.96 59.94 -52.67
C UNK L 168 74.86 59.44 -53.61
N UNK L 169 73.96 58.60 -53.11
CA UNK L 169 72.88 58.04 -53.91
C UNK L 169 71.57 58.72 -53.55
N UNK L 170 70.74 58.96 -54.57
CA UNK L 170 69.44 59.60 -54.39
C UNK L 170 68.41 58.85 -55.22
N UNK L 171 67.37 58.34 -54.57
CA UNK L 171 66.30 57.60 -55.23
C UNK L 171 65.06 58.48 -55.29
N UNK L 172 64.58 58.76 -56.50
CA UNK L 172 63.39 59.58 -56.66
C UNK L 172 62.14 58.79 -56.29
N UNK L 173 61.04 59.52 -56.12
CA UNK L 173 59.77 58.90 -55.77
C UNK L 173 59.18 58.17 -56.97
N UNK L 174 58.59 57.01 -56.72
CA UNK L 174 57.99 56.23 -57.78
C UNK L 174 56.68 56.84 -58.24
N UNK L 175 56.52 56.98 -59.55
CA UNK L 175 55.31 57.53 -60.15
C UNK L 175 54.43 56.41 -60.67
N UNK L 176 53.13 56.57 -60.49
CA UNK L 176 52.14 55.58 -60.92
C UNK L 176 51.53 56.05 -62.25
N UNK L 177 52.01 55.46 -63.35
CA UNK L 177 51.51 55.78 -64.68
C UNK L 177 51.02 54.50 -65.34
N UNK L 178 49.76 54.53 -65.79
CA UNK L 178 49.07 53.40 -66.44
C UNK L 178 49.09 52.14 -65.57
N UNK L 179 48.87 52.35 -64.26
CA UNK L 179 48.98 51.32 -63.21
C UNK L 179 50.34 50.63 -63.23
N UNK L 180 51.41 51.41 -63.45
CA UNK L 180 52.77 50.91 -63.47
C UNK L 180 53.67 51.84 -62.68
N UNK L 181 54.60 51.27 -61.93
CA UNK L 181 55.51 52.04 -61.12
C UNK L 181 56.75 52.43 -61.93
N UNK L 182 57.17 53.68 -61.79
CA UNK L 182 58.34 54.18 -62.49
C UNK L 182 59.18 54.99 -61.52
N UNK L 183 60.34 54.45 -61.15
CA UNK L 183 61.24 55.13 -60.22
C UNK L 183 62.64 55.15 -60.81
N UNK L 184 63.52 55.92 -60.19
CA UNK L 184 64.90 56.03 -60.63
C UNK L 184 65.79 56.26 -59.43
N UNK L 185 66.99 55.66 -59.46
CA UNK L 185 67.97 55.83 -58.41
C UNK L 185 69.29 56.23 -59.05
N UNK L 186 69.77 57.43 -58.73
CA UNK L 186 71.00 57.96 -59.27
C UNK L 186 72.12 57.89 -58.24
N UNK L 187 73.34 57.76 -58.73
CA UNK L 187 74.53 57.73 -57.89
C UNK L 187 75.60 58.58 -58.54
N UNK L 188 76.14 59.53 -57.78
CA UNK L 188 77.18 60.44 -58.25
C UNK L 188 78.50 60.06 -57.59
N UNK L 189 79.34 59.35 -58.33
CA UNK L 189 80.64 58.90 -57.83
C UNK L 189 81.73 59.81 -58.37
N UNK L 190 82.97 59.49 -58.01
CA UNK L 190 84.11 60.27 -58.46
C UNK L 190 84.47 59.92 -59.90
N UNK L 191 85.19 60.83 -60.55
CA UNK L 191 85.64 60.57 -61.92
C UNK L 191 86.76 59.56 -61.98
N UNK L 192 87.51 59.38 -60.89
CA UNK L 192 88.57 58.38 -60.84
C UNK L 192 88.04 56.97 -60.58
N UNK L 193 86.77 56.84 -60.19
CA UNK L 193 86.15 55.54 -59.96
C UNK L 193 85.10 55.20 -61.01
N UNK L 194 84.99 56.00 -62.07
CA UNK L 194 84.03 55.74 -63.14
C UNK L 194 84.61 56.25 -64.45
N UNK L 195 84.79 55.36 -65.42
CA UNK L 195 84.41 53.94 -65.33
C UNK L 195 85.63 53.07 -65.03
N UNK L 196 86.56 53.61 -64.23
CA UNK L 196 87.75 52.85 -63.85
C UNK L 196 87.41 51.72 -62.88
N UNK L 197 86.35 51.89 -62.09
CA UNK L 197 85.88 50.85 -61.18
C UNK L 197 84.52 50.36 -61.65
N UNK L 198 84.20 49.11 -61.30
CA UNK L 198 82.94 48.50 -61.71
C UNK L 198 81.79 49.05 -60.88
N UNK L 199 80.82 49.67 -61.55
CA UNK L 199 79.64 50.24 -60.90
C UNK L 199 78.41 49.49 -61.41
N UNK L 200 77.85 48.63 -60.57
CA UNK L 200 76.70 47.82 -60.91
C UNK L 200 75.56 48.12 -59.96
N UNK L 201 74.38 48.38 -60.51
CA UNK L 201 73.17 48.63 -59.73
C UNK L 201 72.35 47.37 -59.66
N UNK L 202 71.97 46.98 -58.44
CA UNK L 202 71.18 45.78 -58.19
C UNK L 202 69.79 46.20 -57.74
N UNK L 203 68.78 45.82 -58.53
CA UNK L 203 67.38 46.11 -58.22
C UNK L 203 66.70 44.81 -57.81
N UNK L 204 66.11 44.80 -56.62
CA UNK L 204 65.41 43.65 -56.08
C UNK L 204 63.94 44.01 -55.94
N UNK L 205 63.08 43.24 -56.60
CA UNK L 205 61.63 43.41 -56.56
C UNK L 205 61.03 42.18 -55.88
N UNK L 206 60.49 42.38 -54.68
CA UNK L 206 59.90 41.29 -53.92
C UNK L 206 58.53 40.87 -54.43
N UNK L 207 57.88 41.71 -55.23
CA UNK L 207 56.59 41.33 -55.81
C UNK L 207 56.75 40.27 -56.88
N UNK L 208 57.78 40.40 -57.72
CA UNK L 208 58.12 39.39 -58.71
C UNK L 208 59.34 38.58 -58.33
N UNK L 209 59.96 38.90 -57.18
CA UNK L 209 61.17 38.24 -56.66
C UNK L 209 62.32 38.27 -57.67
N UNK L 210 62.48 39.40 -58.34
CA UNK L 210 63.49 39.55 -59.39
C UNK L 210 64.70 40.29 -58.85
N UNK L 211 65.89 39.83 -59.23
CA UNK L 211 67.14 40.46 -58.85
C UNK L 211 67.91 40.78 -60.12
N UNK L 212 67.83 42.03 -60.57
CA UNK L 212 68.41 42.45 -61.83
C UNK L 212 69.65 43.30 -61.56
N UNK L 213 70.78 42.88 -62.13
CA UNK L 213 72.04 43.60 -62.00
C UNK L 213 72.35 44.26 -63.34
N UNK L 214 72.55 45.58 -63.30
CA UNK L 214 72.85 46.37 -64.49
C UNK L 214 74.19 47.07 -64.30
N UNK L 215 75.14 46.81 -65.20
CA UNK L 215 76.46 47.41 -65.12
C UNK L 215 76.48 48.74 -65.84
N UNK L 216 76.88 49.79 -65.13
CA UNK L 216 76.97 51.12 -65.70
C UNK L 216 78.26 51.25 -66.50
N UNK L 217 78.13 51.32 -67.82
CA UNK L 217 79.27 51.43 -68.72
C UNK L 217 79.14 52.71 -69.55
N UNK L 218 80.26 53.40 -69.72
CA UNK L 218 80.29 54.64 -70.49
C UNK L 218 80.19 54.36 -71.99
N UNK M 1 36.58 59.18 -28.31
CA UNK M 1 38.03 59.06 -28.36
C UNK M 1 38.69 60.44 -28.29
N UNK M 2 39.85 60.51 -27.64
CA UNK M 2 40.58 61.76 -27.53
C UNK M 2 41.26 62.09 -28.85
N UNK M 3 41.03 63.29 -29.36
CA UNK M 3 41.62 63.75 -30.60
C UNK M 3 42.86 64.59 -30.29
N UNK M 4 44.01 64.13 -30.79
CA UNK M 4 45.28 64.83 -30.60
C UNK M 4 45.38 65.89 -31.70
N UNK M 5 44.95 67.11 -31.38
CA UNK M 5 44.91 68.20 -32.36
C UNK M 5 46.27 68.87 -32.39
N UNK M 6 47.03 68.60 -33.45
CA UNK M 6 48.31 69.27 -33.69
C UNK M 6 48.05 70.45 -34.61
N UNK M 7 48.18 71.66 -34.07
CA UNK M 7 47.84 72.86 -34.83
C UNK M 7 48.88 73.21 -35.89
N UNK M 8 50.11 72.73 -35.74
CA UNK M 8 51.18 73.01 -36.68
C UNK M 8 51.40 71.78 -37.56
N UNK M 9 50.85 71.83 -38.79
CA UNK M 9 51.05 70.72 -39.71
C UNK M 9 52.46 70.74 -40.31
N UNK M 10 52.99 71.92 -40.60
CA UNK M 10 54.35 72.08 -41.09
C UNK M 10 55.02 73.22 -40.34
N UNK M 11 56.23 72.96 -39.84
CA UNK M 11 56.98 73.93 -39.05
C UNK M 11 58.28 74.23 -39.76
N UNK M 12 58.48 75.50 -40.12
CA UNK M 12 59.71 75.93 -40.77
C UNK M 12 60.75 76.30 -39.72
N UNK M 13 61.98 75.85 -39.93
CA UNK M 13 63.07 76.12 -38.99
C UNK M 13 64.36 76.25 -39.78
N UNK M 14 65.44 76.60 -39.07
CA UNK M 14 66.75 76.79 -39.66
C UNK M 14 67.76 75.88 -38.96
N UNK M 15 69.00 75.94 -39.42
CA UNK M 15 70.05 75.12 -38.84
C UNK M 15 70.48 75.66 -37.48
N UNK M 16 70.69 74.75 -36.53
CA UNK M 16 71.11 75.02 -35.15
C UNK M 16 70.18 75.98 -34.42
N UNK M 17 68.87 75.90 -34.68
CA UNK M 17 67.89 76.78 -34.07
C UNK M 17 66.96 75.98 -33.16
N UNK M 18 66.09 76.72 -32.47
CA UNK M 18 65.11 76.14 -31.57
C UNK M 18 63.73 76.18 -32.24
N UNK M 19 63.15 75.02 -32.46
CA UNK M 19 61.84 74.91 -33.09
C UNK M 19 60.89 74.17 -32.16
N UNK M 20 59.69 74.72 -32.00
CA UNK M 20 58.70 74.16 -31.07
C UNK M 20 57.46 73.72 -31.85
N UNK M 21 57.12 72.44 -31.72
CA UNK M 21 55.90 71.89 -32.30
C UNK M 21 54.86 71.72 -31.21
N UNK M 22 53.68 72.30 -31.43
CA UNK M 22 52.62 72.33 -30.43
C UNK M 22 51.48 71.38 -30.82
N UNK M 23 50.83 70.84 -29.80
CA UNK M 23 49.67 69.97 -29.97
C UNK M 23 48.68 70.23 -28.86
N UNK M 24 47.40 70.23 -29.19
CA UNK M 24 46.33 70.55 -28.25
C UNK M 24 45.59 69.27 -27.87
N UNK M 25 45.31 69.12 -26.58
CA UNK M 25 44.60 67.95 -26.07
C UNK M 25 43.14 68.28 -25.84
N UNK M 26 42.27 67.28 -26.03
CA UNK M 26 40.84 67.45 -25.85
C UNK M 26 40.32 66.78 -24.59
N UNK M 27 41.19 66.14 -23.81
CA UNK M 27 40.76 65.43 -22.60
C UNK M 27 41.91 65.51 -21.59
N UNK M 28 41.86 64.66 -20.57
CA UNK M 28 42.88 64.63 -19.53
C UNK M 28 44.16 64.03 -20.10
N UNK M 29 45.21 64.86 -20.20
CA UNK M 29 46.50 64.48 -20.75
C UNK M 29 47.61 64.96 -19.83
N UNK M 30 47.48 64.65 -18.54
CA UNK M 30 48.43 65.15 -17.54
C UNK M 30 49.79 64.49 -17.66
N UNK M 31 49.81 63.15 -17.76
CA UNK M 31 51.07 62.42 -17.83
C UNK M 31 51.14 61.39 -18.93
N UNK M 32 50.02 61.00 -19.54
CA UNK M 32 50.00 59.94 -20.54
C UNK M 32 50.05 60.55 -21.94
N UNK M 33 51.22 61.09 -22.28
CA UNK M 33 51.48 61.64 -23.60
C UNK M 33 52.93 61.40 -23.98
N UNK M 34 53.14 60.91 -25.20
CA UNK M 34 54.48 60.62 -25.70
C UNK M 34 54.70 61.37 -27.00
N UNK M 35 55.97 61.48 -27.40
CA UNK M 35 56.35 62.17 -28.62
C UNK M 35 57.38 61.35 -29.38
N UNK M 36 57.11 61.09 -30.66
CA UNK M 36 58.00 60.30 -31.50
C UNK M 36 58.31 61.08 -32.78
N UNK M 37 59.35 60.63 -33.48
CA UNK M 37 59.76 61.23 -34.75
C UNK M 37 59.95 60.13 -35.78
N UNK M 38 59.24 60.26 -36.90
CA UNK M 38 59.31 59.29 -38.00
C UNK M 38 59.97 59.98 -39.20
N UNK M 39 61.10 59.44 -39.65
CA UNK M 39 61.81 60.00 -40.78
C UNK M 39 61.15 59.60 -42.09
N UNK M 40 61.71 60.07 -43.21
CA UNK M 40 61.16 59.76 -44.52
C UNK M 40 61.49 58.32 -44.89
N UNK M 41 60.44 57.53 -45.17
CA UNK M 41 60.52 56.11 -45.51
C UNK M 41 61.25 55.29 -44.46
N UNK M 42 61.04 55.63 -43.19
CA UNK M 42 61.68 54.93 -42.08
C UNK M 42 60.65 54.67 -40.99
N UNK M 43 61.00 53.77 -40.08
CA UNK M 43 60.12 53.43 -38.98
C UNK M 43 60.10 54.54 -37.94
N UNK M 44 59.07 54.54 -37.11
CA UNK M 44 58.91 55.55 -36.08
C UNK M 44 59.74 55.20 -34.85
N UNK M 45 60.48 56.19 -34.35
CA UNK M 45 61.31 56.05 -33.17
C UNK M 45 60.83 57.01 -32.10
N UNK M 46 60.64 56.50 -30.88
CA UNK M 46 60.15 57.32 -29.78
C UNK M 46 61.24 58.27 -29.30
N UNK M 47 60.85 59.52 -29.05
CA UNK M 47 61.78 60.56 -28.59
C UNK M 47 61.60 60.91 -27.12
N UNK M 48 60.38 61.26 -26.73
CA UNK M 48 60.08 61.67 -25.35
C UNK M 48 58.98 60.80 -24.79
N UNK M 49 59.21 60.24 -23.61
CA UNK M 49 58.28 59.34 -22.95
C UNK M 49 57.62 60.04 -21.78
N UNK M 50 56.30 59.86 -21.65
CA UNK M 50 55.46 60.40 -20.57
C UNK M 50 55.52 61.93 -20.48
N UNK M 51 55.79 62.59 -21.62
CA UNK M 51 55.82 64.03 -21.85
C UNK M 51 56.86 64.79 -21.03
N UNK M 52 57.70 64.12 -20.25
CA UNK M 52 58.70 64.82 -19.45
C UNK M 52 60.05 64.10 -19.40
N UNK M 53 60.22 62.99 -20.10
CA UNK M 53 61.46 62.22 -20.06
C UNK M 53 61.82 61.77 -21.47
N UNK M 54 63.06 62.06 -21.88
CA UNK M 54 63.52 61.64 -23.19
C UNK M 54 63.81 60.14 -23.20
N UNK M 55 63.89 59.59 -24.41
CA UNK M 55 64.15 58.17 -24.57
C UNK M 55 65.63 57.87 -24.36
N UNK M 56 65.97 56.59 -24.37
CA UNK M 56 67.37 56.19 -24.20
C UNK M 56 68.16 56.47 -25.48
N UNK M 57 69.37 57.00 -25.28
CA UNK M 57 70.31 57.39 -26.34
C UNK M 57 69.71 58.40 -27.32
N UNK M 58 68.85 59.29 -26.84
CA UNK M 58 68.24 60.29 -27.68
C UNK M 58 69.03 61.59 -27.65
N UNK M 59 68.61 62.54 -28.48
CA UNK M 59 69.28 63.84 -28.54
C UNK M 59 68.91 64.69 -27.32
N UNK M 60 69.91 65.38 -26.79
CA UNK M 60 69.70 66.23 -25.63
C UNK M 60 69.08 67.57 -26.00
N UNK M 61 69.12 67.96 -27.27
CA UNK M 61 68.52 69.22 -27.68
C UNK M 61 67.00 69.16 -27.72
N UNK M 62 66.42 67.97 -27.79
CA UNK M 62 64.97 67.81 -27.82
C UNK M 62 64.44 67.66 -26.40
N UNK M 63 63.45 68.49 -26.07
CA UNK M 63 62.79 68.44 -24.77
C UNK M 63 61.30 68.63 -24.98
N UNK M 64 60.53 68.46 -23.92
CA UNK M 64 59.08 68.56 -23.99
C UNK M 64 58.56 69.35 -22.81
N UNK M 65 57.41 69.99 -23.02
CA UNK M 65 56.75 70.77 -21.99
C UNK M 65 55.24 70.61 -22.13
N UNK M 66 54.60 70.11 -21.08
CA UNK M 66 53.17 69.86 -21.10
C UNK M 66 52.65 69.76 -19.69
N UNK M 67 51.44 70.30 -19.46
CA UNK M 67 50.74 70.08 -18.20
C UNK M 67 49.24 70.09 -18.50
N UNK M 68 48.71 68.90 -18.85
CA UNK M 68 47.28 68.56 -18.88
C UNK M 68 46.43 69.30 -19.91
N UNK M 69 47.00 70.28 -20.61
CA UNK M 69 46.26 71.06 -21.59
C UNK M 69 46.83 70.94 -23.00
N UNK M 70 48.13 71.18 -23.16
CA UNK M 70 48.78 71.17 -24.46
C UNK M 70 50.23 70.75 -24.30
N UNK M 71 50.78 70.17 -25.36
CA UNK M 71 52.16 69.69 -25.37
C UNK M 71 52.97 70.51 -26.37
N UNK M 72 54.25 70.72 -26.03
CA UNK M 72 55.17 71.45 -26.90
C UNK M 72 56.51 70.74 -26.90
N UNK M 73 56.91 70.23 -28.06
CA UNK M 73 58.21 69.60 -28.24
C UNK M 73 59.17 70.61 -28.83
N UNK M 74 60.23 70.94 -28.10
CA UNK M 74 61.16 71.98 -28.49
C UNK M 74 62.54 71.38 -28.76
N UNK M 75 63.07 71.62 -29.96
CA UNK M 75 64.41 71.23 -30.33
C UNK M 75 65.29 72.47 -30.33
N UNK M 76 66.17 72.57 -29.34
CA UNK M 76 67.01 73.76 -29.19
C UNK M 76 68.11 73.83 -30.24
N UNK M 77 68.54 72.68 -30.77
CA UNK M 77 69.60 72.64 -31.78
C UNK M 77 69.10 71.77 -32.93
N UNK M 78 68.50 72.41 -33.93
CA UNK M 78 67.97 71.70 -35.09
C UNK M 78 69.11 71.27 -36.01
N UNK M 79 69.04 70.02 -36.45
CA UNK M 79 70.04 69.44 -37.34
C UNK M 79 69.41 69.08 -38.67
N UNK M 80 70.25 68.70 -39.63
CA UNK M 80 69.75 68.28 -40.94
C UNK M 80 69.06 66.93 -40.88
N UNK M 81 69.50 66.05 -39.98
CA UNK M 81 68.84 64.76 -39.79
C UNK M 81 67.59 64.86 -38.95
N UNK M 82 67.34 66.00 -38.31
CA UNK M 82 66.17 66.19 -37.46
C UNK M 82 64.92 66.55 -38.24
N UNK M 83 65.02 66.72 -39.56
CA UNK M 83 63.85 67.02 -40.39
C UNK M 83 63.03 65.75 -40.55
N UNK M 84 62.03 65.58 -39.68
CA UNK M 84 61.19 64.39 -39.70
C UNK M 84 59.80 64.77 -39.24
N UNK M 85 58.88 63.83 -39.38
CA UNK M 85 57.49 64.04 -38.96
C UNK M 85 57.36 63.73 -37.47
N UNK M 86 57.04 64.76 -36.69
CA UNK M 86 56.81 64.60 -35.27
C UNK M 86 55.37 64.16 -35.03
N UNK M 87 55.18 63.27 -34.06
CA UNK M 87 53.86 62.74 -33.75
C UNK M 87 53.71 62.62 -32.24
N UNK M 88 52.71 63.30 -31.70
CA UNK M 88 52.35 63.16 -30.29
C UNK M 88 51.24 62.12 -30.15
N UNK M 89 51.40 61.24 -29.17
CA UNK M 89 50.48 60.14 -28.94
C UNK M 89 49.89 60.25 -27.54
N UNK M 90 48.56 60.25 -27.46
CA UNK M 90 47.83 60.36 -26.20
C UNK M 90 47.41 58.95 -25.76
N UNK M 91 48.09 58.43 -24.75
CA UNK M 91 47.81 57.11 -24.21
C UNK M 91 47.02 57.18 -22.91
N UNK M 92 46.08 58.13 -22.83
CA UNK M 92 45.30 58.31 -21.61
C UNK M 92 44.25 57.20 -21.45
N UNK M 93 43.63 56.78 -22.55
CA UNK M 93 42.63 55.72 -22.51
C UNK M 93 42.69 54.91 -23.80
N UNK M 94 41.97 53.80 -23.81
CA UNK M 94 41.90 52.93 -24.97
C UNK M 94 40.83 53.44 -25.94
N UNK M 95 41.16 53.54 -27.23
CA UNK M 95 42.47 53.19 -27.77
C UNK M 95 43.36 54.42 -27.90
N UNK M 96 44.64 54.18 -28.18
CA UNK M 96 45.58 55.29 -28.31
C UNK M 96 45.41 55.98 -29.66
N UNK M 97 45.57 57.30 -29.66
CA UNK M 97 45.52 58.10 -30.86
C UNK M 97 46.80 58.90 -31.01
N UNK M 98 47.19 59.15 -32.26
CA UNK M 98 48.40 59.88 -32.56
C UNK M 98 48.06 61.21 -33.22
N UNK M 99 49.06 62.09 -33.28
CA UNK M 99 48.88 63.40 -33.88
C UNK M 99 48.78 63.28 -35.40
N UNK M 100 48.24 64.33 -36.03
CA UNK M 100 48.00 64.29 -37.46
C UNK M 100 49.30 64.47 -38.25
N UNK M 101 49.93 65.63 -38.12
CA UNK M 101 51.14 65.92 -38.89
C UNK M 101 51.91 67.05 -38.21
N UNK M 102 53.23 66.92 -38.20
CA UNK M 102 54.12 67.99 -37.76
C UNK M 102 55.41 67.86 -38.56
N UNK M 103 55.49 68.62 -39.65
CA UNK M 103 56.62 68.54 -40.57
C UNK M 103 57.65 69.58 -40.21
N UNK M 104 58.86 69.13 -39.87
CA UNK M 104 59.96 70.04 -39.57
C UNK M 104 60.66 70.42 -40.86
N UNK M 105 60.48 71.67 -41.28
CA UNK M 105 61.06 72.17 -42.53
C UNK M 105 62.34 72.92 -42.21
N UNK M 106 63.45 72.47 -42.80
CA UNK M 106 64.75 73.09 -42.59
C UNK M 106 64.98 74.12 -43.69
N UNK M 107 64.81 75.39 -43.36
CA UNK M 107 64.99 76.49 -44.31
C UNK M 107 66.47 76.84 -44.38
N UNK M 108 67.09 76.59 -45.52
CA UNK M 108 68.51 76.87 -45.73
C UNK M 108 68.67 77.92 -46.82
N UNK M 109 69.92 78.17 -47.21
CA UNK M 109 70.20 79.14 -48.25
C UNK M 109 69.83 78.57 -49.62
N UNK M 110 69.68 79.47 -50.58
CA UNK M 110 69.32 79.07 -51.94
C UNK M 110 70.50 78.43 -52.65
N UNK M 111 70.24 77.34 -53.36
CA UNK M 111 71.26 76.59 -54.07
C UNK M 111 70.77 76.30 -55.48
N UNK M 112 71.67 76.42 -56.45
CA UNK M 112 71.33 76.10 -57.83
C UNK M 112 71.22 74.61 -58.02
N UNK M 113 70.26 74.20 -58.86
CA UNK M 113 70.00 72.78 -59.08
C UNK M 113 71.06 72.19 -60.02
N UNK M 114 71.78 71.20 -59.53
CA UNK M 114 72.74 70.48 -60.35
C UNK M 114 71.97 69.52 -61.25
N UNK M 115 72.00 69.78 -62.55
CA UNK M 115 71.20 69.05 -63.52
C UNK M 115 72.04 67.97 -64.20
N UNK M 116 71.46 66.79 -64.35
CA UNK M 116 72.08 65.68 -65.07
C UNK M 116 71.06 65.10 -66.03
N UNK M 117 71.39 65.09 -67.32
CA UNK M 117 70.48 64.64 -68.37
C UNK M 117 70.92 63.28 -68.89
N UNK M 118 69.94 62.43 -69.19
CA UNK M 118 70.19 61.09 -69.73
C UNK M 118 69.20 60.83 -70.84
N UNK M 119 69.68 60.28 -71.94
CA UNK M 119 68.84 59.99 -73.10
C UNK M 119 68.20 58.62 -72.93
N UNK M 120 67.57 58.12 -74.00
CA UNK M 120 66.95 56.81 -73.96
C UNK M 120 68.00 55.71 -74.01
N UNK M 121 67.74 54.63 -73.27
CA UNK M 121 68.67 53.50 -73.24
C UNK M 121 68.51 52.65 -74.50
N UNK M 122 69.47 51.75 -74.71
CA UNK M 122 69.41 50.85 -75.85
C UNK M 122 68.33 49.78 -75.65
N UNK M 123 68.26 49.21 -74.45
CA UNK M 123 67.21 48.25 -74.14
C UNK M 123 65.84 48.93 -74.03
N UNK M 124 65.83 50.22 -73.69
CA UNK M 124 64.57 50.96 -73.67
C UNK M 124 64.08 51.24 -75.08
N UNK M 125 65.00 51.61 -75.99
CA UNK M 125 64.64 51.83 -77.38
C UNK M 125 64.31 50.53 -78.10
N UNK M 126 64.86 49.41 -77.63
CA UNK M 126 64.49 48.11 -78.18
C UNK M 126 63.08 47.71 -77.75
N UNK M 127 62.59 48.25 -76.63
CA UNK M 127 61.25 47.99 -76.14
C UNK M 127 60.24 49.03 -76.61
N UNK M 128 60.55 49.75 -77.70
CA UNK M 128 59.68 50.75 -78.34
C UNK M 128 59.29 51.88 -77.39
N UNK M 129 60.24 52.31 -76.55
CA UNK M 129 60.01 53.41 -75.63
C UNK M 129 61.25 54.29 -75.60
N UNK M 130 61.09 55.49 -75.06
CA UNK M 130 62.20 56.43 -74.93
C UNK M 130 61.92 57.34 -73.74
N UNK M 131 62.76 57.26 -72.72
CA UNK M 131 62.60 58.04 -71.49
C UNK M 131 63.79 58.96 -71.34
N UNK M 132 63.61 60.24 -71.66
CA UNK M 132 64.63 61.25 -71.44
C UNK M 132 64.51 61.73 -69.99
N UNK M 133 65.54 61.50 -69.20
CA UNK M 133 65.51 61.80 -67.78
C UNK M 133 66.35 63.04 -67.48
N UNK M 134 65.88 63.85 -66.54
CA UNK M 134 66.59 65.03 -66.07
C UNK M 134 66.51 65.05 -64.56
N UNK M 135 67.63 64.83 -63.90
CA UNK M 135 67.70 64.80 -62.44
C UNK M 135 68.31 66.11 -61.94
N UNK M 136 67.56 66.85 -61.14
CA UNK M 136 68.02 68.09 -60.54
C UNK M 136 68.29 67.79 -59.06
N UNK M 137 69.56 67.58 -58.72
CA UNK M 137 69.97 67.29 -57.37
C UNK M 137 70.49 68.55 -56.68
N UNK M 138 70.29 68.60 -55.36
CA UNK M 138 70.70 69.70 -54.48
C UNK M 138 70.10 71.03 -54.93
N UNK M 139 68.77 71.08 -54.95
CA UNK M 139 68.03 72.26 -55.33
C UNK M 139 67.42 72.91 -54.10
N UNK M 140 67.57 74.23 -53.99
CA UNK M 140 67.03 74.98 -52.87
C UNK M 140 66.54 76.32 -53.39
N UNK M 141 65.25 76.61 -53.26
CA UNK M 141 64.26 75.73 -52.62
C UNK M 141 63.61 74.80 -53.64
N UNK M 142 62.52 74.13 -53.21
CA UNK M 142 61.84 73.16 -54.06
C UNK M 142 61.03 73.83 -55.17
N UNK M 143 60.75 75.12 -55.05
CA UNK M 143 59.98 75.83 -56.07
C UNK M 143 60.84 76.04 -57.31
N UNK M 144 60.57 75.29 -58.37
CA UNK M 144 61.32 75.39 -59.60
C UNK M 144 60.44 74.94 -60.76
N UNK M 145 60.86 75.28 -61.97
CA UNK M 145 60.14 74.93 -63.19
C UNK M 145 61.04 74.12 -64.10
N UNK M 146 60.47 73.14 -64.77
CA UNK M 146 61.19 72.27 -65.69
C UNK M 146 60.54 72.36 -67.06
N UNK M 147 61.37 72.51 -68.10
CA UNK M 147 60.91 72.60 -69.48
C UNK M 147 61.67 71.60 -70.34
N UNK M 148 60.93 70.86 -71.15
CA UNK M 148 61.52 69.91 -72.10
C UNK M 148 61.44 70.48 -73.51
N UNK M 149 62.52 70.35 -74.26
CA UNK M 149 62.60 70.88 -75.62
C UNK M 149 63.08 69.77 -76.55
N UNK M 150 62.20 69.37 -77.46
CA UNK M 150 62.52 68.42 -78.52
C UNK M 150 62.67 69.20 -79.82
N UNK M 151 63.86 69.10 -80.44
CA UNK M 151 64.24 69.83 -81.65
C UNK M 151 64.03 71.33 -81.48
N UNK M 152 64.47 71.85 -80.32
CA UNK M 152 64.28 73.24 -79.88
C UNK M 152 62.81 73.66 -79.90
N UNK M 153 61.91 72.74 -79.58
CA UNK M 153 60.48 73.02 -79.48
C UNK M 153 59.98 72.58 -78.12
N UNK M 154 59.29 73.49 -77.43
CA UNK M 154 58.84 73.21 -76.07
C UNK M 154 57.70 72.21 -76.08
N UNK M 155 57.89 71.09 -75.38
CA UNK M 155 56.90 70.03 -75.28
C UNK M 155 56.59 69.78 -73.81
N UNK M 156 55.33 70.05 -73.43
CA UNK M 156 54.88 69.86 -72.06
C UNK M 156 54.08 68.58 -71.86
N UNK M 157 53.80 67.84 -72.93
CA UNK M 157 53.03 66.61 -72.82
C UNK M 157 53.94 65.43 -72.47
N UNK M 158 53.37 64.46 -71.75
CA UNK M 158 54.02 63.20 -71.34
C UNK M 158 55.29 63.44 -70.52
N UNK M 159 55.27 64.47 -69.67
CA UNK M 159 56.39 64.77 -68.78
C UNK M 159 55.95 64.54 -67.34
N UNK M 160 56.61 63.62 -66.67
CA UNK M 160 56.30 63.28 -65.28
C UNK M 160 57.39 63.86 -64.37
N UNK M 161 56.98 64.69 -63.42
CA UNK M 161 57.89 65.33 -62.49
C UNK M 161 57.67 64.77 -61.09
N UNK M 162 58.72 64.22 -60.51
CA UNK M 162 58.70 63.66 -59.15
C UNK M 162 59.69 64.44 -58.30
N UNK M 163 59.16 65.13 -57.28
CA UNK M 163 59.99 65.94 -56.39
C UNK M 163 60.28 65.16 -55.12
N UNK M 164 61.56 65.04 -54.79
CA UNK M 164 61.98 64.33 -53.59
C UNK M 164 61.81 65.22 -52.36
N UNK M 165 62.02 64.62 -51.19
CA UNK M 165 61.89 65.33 -49.92
C UNK M 165 63.21 66.02 -49.59
N UNK M 166 63.30 66.59 -48.39
CA UNK M 166 64.52 67.26 -47.95
C UNK M 166 65.59 66.23 -47.62
N UNK M 167 66.82 66.50 -48.05
CA UNK M 167 67.93 65.59 -47.80
C UNK M 167 68.36 65.66 -46.34
N UNK M 168 68.89 64.54 -45.85
CA UNK M 168 69.35 64.46 -44.47
C UNK M 168 70.79 64.94 -44.29
N UNK M 169 71.48 65.29 -45.37
CA UNK M 169 72.86 65.75 -45.30
C UNK M 169 73.03 67.23 -45.62
N UNK M 170 72.30 67.75 -46.60
CA UNK M 170 72.44 69.14 -47.01
C UNK M 170 71.15 69.94 -46.93
N UNK M 171 70.04 69.30 -46.54
CA UNK M 171 68.71 69.92 -46.39
C UNK M 171 68.22 70.60 -47.67
N UNK M 172 68.51 69.98 -48.81
CA UNK M 172 68.07 70.50 -50.10
C UNK M 172 67.03 69.58 -50.71
N UNK M 173 66.48 69.98 -51.85
CA UNK M 173 65.46 69.22 -52.55
C UNK M 173 66.02 68.64 -53.84
N UNK M 174 65.40 67.57 -54.30
CA UNK M 174 65.78 66.91 -55.55
C UNK M 174 64.53 66.66 -56.38
N UNK M 175 64.71 66.67 -57.70
CA UNK M 175 63.60 66.48 -58.63
C UNK M 175 64.04 65.59 -59.77
N UNK M 176 63.07 64.90 -60.38
CA UNK M 176 63.32 64.05 -61.53
C UNK M 176 62.21 64.27 -62.54
N UNK M 177 62.58 64.73 -63.73
CA UNK M 177 61.65 64.97 -64.82
C UNK M 177 61.91 63.94 -65.91
N UNK M 178 60.92 63.09 -66.17
CA UNK M 178 61.02 62.03 -67.17
C UNK M 178 60.06 62.33 -68.31
N UNK M 179 60.59 62.46 -69.52
CA UNK M 179 59.80 62.60 -70.74
C UNK M 179 59.77 61.25 -71.42
N UNK M 180 58.62 60.58 -71.37
CA UNK M 180 58.44 59.24 -71.92
C UNK M 180 57.62 59.33 -73.19
N UNK M 181 58.20 58.88 -74.30
CA UNK M 181 57.54 58.87 -75.60
C UNK M 181 57.87 57.58 -76.32
N UNK M 182 57.38 57.46 -77.56
CA UNK M 182 57.64 56.29 -78.38
C UNK M 182 59.04 56.37 -78.97
N UNK M 183 59.46 55.25 -79.56
CA UNK M 183 60.78 55.19 -80.19
C UNK M 183 60.78 55.97 -81.50
N UNK M 184 59.70 55.88 -82.27
CA UNK M 184 59.62 56.60 -83.53
C UNK M 184 59.44 58.11 -83.32
N UNK M 185 58.85 58.50 -82.19
CA UNK M 185 58.72 59.93 -81.89
C UNK M 185 60.07 60.52 -81.48
N UNK M 186 60.90 59.73 -80.80
CA UNK M 186 62.24 60.21 -80.42
C UNK M 186 63.21 60.14 -81.58
N UNK M 187 63.02 59.19 -82.50
CA UNK M 187 63.87 59.10 -83.68
C UNK M 187 63.56 60.21 -84.69
N UNK M 188 62.40 60.86 -84.57
CA UNK M 188 62.03 61.97 -85.44
C UNK M 188 62.62 63.30 -85.00
N UNK M 189 63.40 63.31 -83.92
CA UNK M 189 64.06 64.52 -83.45
C UNK M 189 65.53 64.20 -83.16
N UNK M 190 66.34 65.26 -83.10
CA UNK M 190 67.76 65.13 -82.86
C UNK M 190 68.20 65.76 -81.55
N UNK M 191 67.84 67.03 -81.33
CA UNK M 191 68.26 67.75 -80.13
C UNK M 191 67.21 67.60 -79.05
N UNK M 192 67.67 67.24 -77.84
CA UNK M 192 66.80 67.11 -76.67
C UNK M 192 67.42 67.90 -75.54
N UNK M 193 66.68 68.88 -75.02
CA UNK M 193 67.20 69.78 -74.00
C UNK M 193 66.24 69.84 -72.81
N UNK M 194 66.82 70.01 -71.62
CA UNK M 194 66.07 70.21 -70.39
C UNK M 194 66.51 71.51 -69.75
N UNK M 195 65.55 72.39 -69.49
CA UNK M 195 65.81 73.70 -68.90
C UNK M 195 65.17 73.76 -67.52
N UNK M 196 65.99 73.93 -66.50
CA UNK M 196 65.53 74.03 -65.11
C UNK M 196 65.68 75.48 -64.66
N UNK M 197 64.56 76.14 -64.38
CA UNK M 197 64.55 77.52 -63.93
C UNK M 197 64.21 77.54 -62.44
N UNK M 198 65.09 78.17 -61.65
CA UNK M 198 64.91 78.24 -60.21
C UNK M 198 65.13 79.68 -59.76
N UNK M 199 65.00 79.92 -58.46
CA UNK M 199 65.18 81.25 -57.90
C UNK M 199 66.65 81.58 -57.62
N UNK M 200 67.57 80.63 -57.81
CA UNK M 200 68.97 80.89 -57.55
C UNK M 200 69.61 81.74 -58.65
N UNK M 201 69.06 81.74 -59.85
CA UNK M 201 69.61 82.51 -60.95
C UNK M 201 68.50 82.85 -61.94
N UNK M 202 68.68 83.95 -62.66
CA UNK M 202 67.70 84.36 -63.65
C UNK M 202 67.79 83.50 -64.91
N UNK M 203 68.97 82.97 -65.21
CA UNK M 203 69.16 82.11 -66.37
C UNK M 203 68.93 80.66 -65.99
N UNK M 204 68.07 79.99 -66.74
CA UNK M 204 67.76 78.60 -66.46
C UNK M 204 68.90 77.69 -66.89
N UNK M 205 69.19 76.68 -66.09
CA UNK M 205 70.23 75.71 -66.41
C UNK M 205 69.73 74.79 -67.52
N UNK M 206 70.42 74.82 -68.66
CA UNK M 206 70.03 74.07 -69.84
C UNK M 206 71.03 72.95 -70.09
N UNK M 207 70.54 71.72 -70.18
CA UNK M 207 71.36 70.55 -70.50
C UNK M 207 70.80 69.94 -71.77
N UNK M 208 71.62 69.92 -72.82
CA UNK M 208 71.18 69.46 -74.14
C UNK M 208 72.02 68.28 -74.60
N UNK M 209 71.42 67.48 -75.48
CA UNK M 209 72.07 66.33 -76.06
C UNK M 209 71.58 66.13 -77.49
N UNK M 210 72.38 65.45 -78.29
CA UNK M 210 72.08 65.19 -79.69
C UNK M 210 71.85 63.69 -79.90
N UNK M 211 70.87 63.37 -80.74
CA UNK M 211 70.58 61.97 -81.03
C UNK M 211 71.62 61.34 -81.95
N UNK M 212 72.32 62.16 -82.73
CA UNK M 212 73.37 61.64 -83.59
C UNK M 212 74.60 61.25 -82.78
N UNK M 213 75.15 62.19 -82.02
CA UNK M 213 76.32 61.93 -81.19
C UNK M 213 76.28 62.75 -79.91
N GLU N 2 2.93 81.76 -10.50
CA GLU N 2 3.01 80.35 -10.85
C GLU N 2 4.09 80.10 -11.89
N ILE N 3 4.26 78.85 -12.29
CA ILE N 3 5.24 78.49 -13.32
C ILE N 3 4.71 78.92 -14.67
N GLN N 4 5.42 79.82 -15.33
CA GLN N 4 5.03 80.33 -16.64
C GLN N 4 5.89 79.70 -17.72
N MET N 5 5.25 79.16 -18.75
CA MET N 5 5.93 78.59 -19.89
C MET N 5 6.04 79.63 -21.00
N THR N 6 7.09 79.50 -21.80
CA THR N 6 7.33 80.45 -22.89
C THR N 6 8.06 79.75 -24.02
N GLN N 7 7.88 80.31 -25.22
CA GLN N 7 8.56 79.83 -26.41
C GLN N 7 8.90 81.03 -27.29
N THR N 8 10.19 81.18 -27.59
CA THR N 8 10.62 82.34 -28.38
C THR N 8 10.26 82.20 -29.85
N THR N 9 10.37 80.99 -30.39
CA THR N 9 10.04 80.76 -31.80
C THR N 9 8.52 80.75 -31.97
N SER N 10 7.99 81.77 -32.65
CA SER N 10 6.56 81.85 -32.91
C SER N 10 6.17 81.28 -34.27
N SER N 11 7.07 81.33 -35.25
CA SER N 11 6.80 80.77 -36.57
C SER N 11 8.12 80.34 -37.18
N LEU N 12 8.24 79.06 -37.50
CA LEU N 12 9.44 78.51 -38.09
C LEU N 12 9.18 78.09 -39.53
N SER N 13 10.16 78.32 -40.39
CA SER N 13 10.08 77.98 -41.81
C SER N 13 10.95 76.77 -42.09
N ALA N 14 10.41 75.83 -42.87
CA ALA N 14 11.14 74.61 -43.19
C ALA N 14 10.68 74.09 -44.54
N SER N 15 11.39 73.10 -45.05
CA SER N 15 11.09 72.45 -46.31
C SER N 15 10.89 70.96 -46.07
N LEU N 16 10.71 70.21 -47.16
CA LEU N 16 10.47 68.78 -47.08
C LEU N 16 11.81 68.06 -46.88
N GLY N 17 11.98 67.46 -45.70
CA GLY N 17 13.17 66.69 -45.40
C GLY N 17 14.23 67.38 -44.58
N ASP N 18 13.84 68.31 -43.70
CA ASP N 18 14.79 69.02 -42.86
C ASP N 18 14.58 68.66 -41.39
N ARG N 19 15.67 68.60 -40.65
CA ARG N 19 15.63 68.34 -39.21
C ARG N 19 15.36 69.66 -38.50
N VAL N 20 14.09 69.91 -38.18
CA VAL N 20 13.65 71.18 -37.61
C VAL N 20 13.56 71.03 -36.10
N THR N 21 14.10 72.00 -35.37
CA THR N 21 14.10 71.98 -33.92
C THR N 21 13.20 73.08 -33.37
N ILE N 22 12.51 72.77 -32.27
CA ILE N 22 11.65 73.72 -31.58
C ILE N 22 12.00 73.69 -30.10
N SER N 23 12.36 74.84 -29.56
CA SER N 23 12.82 74.94 -28.17
C SER N 23 11.69 75.44 -27.27
N CYS N 24 11.87 75.23 -25.97
CA CYS N 24 10.90 75.66 -24.97
C CYS N 24 11.62 75.89 -23.65
N ARG N 25 11.23 76.94 -22.95
CA ARG N 25 11.80 77.31 -21.66
C ARG N 25 10.69 77.51 -20.65
N ALA N 26 11.03 77.35 -19.38
CA ALA N 26 10.08 77.45 -18.28
C ALA N 26 10.59 78.43 -17.23
N SER N 27 9.75 78.66 -16.21
CA SER N 27 10.12 79.57 -15.14
C SER N 27 11.05 78.93 -14.12
N GLN N 28 10.98 77.60 -13.96
CA GLN N 28 11.82 76.91 -13.00
C GLN N 28 12.12 75.51 -13.54
N ASP N 29 12.69 74.68 -12.68
CA ASP N 29 13.01 73.31 -13.07
C ASP N 29 11.76 72.45 -13.05
N ILE N 30 11.56 71.67 -14.11
CA ILE N 30 10.41 70.79 -14.24
C ILE N 30 10.79 69.32 -14.17
N SER N 31 12.08 69.00 -14.13
CA SER N 31 12.63 67.64 -14.05
C SER N 31 12.16 66.77 -15.21
N ASN N 32 12.16 67.38 -16.41
CA ASN N 32 11.79 66.78 -17.68
C ASN N 32 10.36 66.21 -17.68
N TYR N 33 9.47 66.80 -16.88
CA TYR N 33 8.07 66.39 -16.86
C TYR N 33 7.23 67.27 -17.79
N LEU N 34 7.64 67.27 -19.06
CA LEU N 34 6.99 68.07 -20.09
C LEU N 34 6.63 67.18 -21.26
N SER N 35 5.63 67.59 -22.03
CA SER N 35 5.17 66.84 -23.18
C SER N 35 5.08 67.76 -24.38
N TRP N 36 5.20 67.17 -25.56
CA TRP N 36 5.09 67.88 -26.83
C TRP N 36 3.90 67.31 -27.59
N TYR N 37 2.91 68.16 -27.87
CA TYR N 37 1.68 67.75 -28.53
C TYR N 37 1.53 68.48 -29.85
N GLN N 38 0.81 67.86 -30.78
CA GLN N 38 0.56 68.42 -32.09
C GLN N 38 -0.92 68.74 -32.25
N GLN N 39 -1.20 69.84 -32.94
CA GLN N 39 -2.56 70.30 -33.18
C GLN N 39 -2.65 70.76 -34.62
N LYS N 40 -3.50 70.10 -35.40
CA LYS N 40 -3.63 70.43 -36.82
C LYS N 40 -4.47 71.69 -37.00
N PRO N 41 -4.62 72.15 -38.25
CA PRO N 41 -5.41 73.37 -38.49
C PRO N 41 -6.91 73.19 -38.28
N ASP N 42 -7.42 71.96 -38.35
CA ASP N 42 -8.84 71.74 -38.12
C ASP N 42 -9.22 71.86 -36.65
N GLY N 43 -8.28 71.64 -35.74
CA GLY N 43 -8.55 71.73 -34.32
C GLY N 43 -8.28 70.43 -33.58
N THR N 44 -7.95 69.38 -34.32
CA THR N 44 -7.68 68.08 -33.71
C THR N 44 -6.31 68.10 -33.05
N VAL N 45 -6.26 67.80 -31.76
CA VAL N 45 -5.04 67.82 -30.98
C VAL N 45 -4.64 66.38 -30.66
N LYS N 46 -3.37 66.06 -30.86
CA LYS N 46 -2.82 64.75 -30.54
C LYS N 46 -1.50 64.92 -29.83
N LEU N 47 -1.07 63.85 -29.14
CA LEU N 47 0.18 63.85 -28.40
C LEU N 47 1.29 63.23 -29.24
N LEU N 48 2.47 63.83 -29.17
CA LEU N 48 3.62 63.37 -29.95
C LEU N 48 4.72 62.78 -29.07
N ILE N 49 5.17 63.51 -28.05
CA ILE N 49 6.28 63.07 -27.21
C ILE N 49 5.87 63.23 -25.75
N TYR N 50 6.12 62.20 -24.95
CA TYR N 50 5.80 62.20 -23.53
C TYR N 50 7.07 62.12 -22.69
N TYR N 51 7.07 62.87 -21.59
CA TYR N 51 8.15 62.97 -20.61
C TYR N 51 9.47 63.42 -21.21
N THR N 52 9.43 64.22 -22.28
CA THR N 52 10.52 64.94 -22.94
C THR N 52 11.55 64.06 -23.62
N SER N 53 11.46 62.73 -23.51
CA SER N 53 12.39 61.85 -24.18
C SER N 53 11.76 60.64 -24.84
N ARG N 54 10.50 60.30 -24.51
CA ARG N 54 9.85 59.12 -25.03
C ARG N 54 8.78 59.51 -26.05
N LEU N 55 8.44 58.54 -26.89
CA LEU N 55 7.39 58.71 -27.89
C LEU N 55 6.21 57.80 -27.52
N HIS N 56 5.00 58.28 -27.81
CA HIS N 56 3.79 57.51 -27.53
C HIS N 56 3.59 56.44 -28.59
N SER N 57 2.83 55.41 -28.23
CA SER N 57 2.55 54.31 -29.15
C SER N 57 1.59 54.78 -30.23
N GLY N 58 2.02 54.66 -31.49
CA GLY N 58 1.24 55.10 -32.62
C GLY N 58 1.86 56.23 -33.41
N VAL N 59 2.80 56.96 -32.80
CA VAL N 59 3.49 58.06 -33.48
C VAL N 59 4.73 57.49 -34.18
N PRO N 60 5.13 58.04 -35.32
CA PRO N 60 6.30 57.50 -36.02
C PRO N 60 7.59 57.94 -35.35
N SER N 61 8.69 57.35 -35.83
CA SER N 61 10.02 57.63 -35.30
C SER N 61 10.67 58.84 -35.95
N ARG N 62 9.92 59.64 -36.72
CA ARG N 62 10.50 60.82 -37.35
C ARG N 62 10.72 61.95 -36.35
N PHE N 63 10.00 61.95 -35.23
CA PHE N 63 10.15 62.96 -34.20
C PHE N 63 10.89 62.41 -33.00
N SER N 64 11.54 63.30 -32.26
CA SER N 64 12.27 62.95 -31.05
C SER N 64 12.35 64.17 -30.15
N GLY N 65 12.85 63.97 -28.94
CA GLY N 65 12.96 65.05 -27.98
C GLY N 65 14.23 64.95 -27.17
N SER N 66 14.67 66.11 -26.68
CA SER N 66 15.85 66.19 -25.84
C SER N 66 15.72 67.43 -24.96
N GLY N 67 16.75 67.67 -24.16
CA GLY N 67 16.79 68.83 -23.29
C GLY N 67 16.89 68.43 -21.82
N SER N 68 17.17 69.44 -21.00
CA SER N 68 17.34 69.24 -19.57
C SER N 68 17.10 70.54 -18.84
N GLY N 69 16.96 70.42 -17.52
CA GLY N 69 16.77 71.57 -16.64
C GLY N 69 15.50 72.33 -16.90
N ILE N 70 15.64 73.53 -17.46
CA ILE N 70 14.48 74.32 -17.91
C ILE N 70 14.39 74.41 -19.42
N ASP N 71 15.39 73.94 -20.15
CA ASP N 71 15.41 74.07 -21.61
C ASP N 71 15.11 72.71 -22.24
N TYR N 72 13.95 72.59 -22.87
CA TYR N 72 13.57 71.38 -23.57
C TYR N 72 13.48 71.68 -25.07
N SER N 73 13.50 70.63 -25.88
CA SER N 73 13.48 70.80 -27.32
C SER N 73 12.91 69.56 -27.99
N LEU N 74 12.16 69.77 -29.05
CA LEU N 74 11.71 68.71 -29.93
C LEU N 74 12.39 68.84 -31.29
N THR N 75 12.58 67.71 -31.96
CA THR N 75 13.32 67.68 -33.21
C THR N 75 12.64 66.74 -34.20
N ILE N 76 12.41 67.22 -35.42
CA ILE N 76 11.85 66.42 -36.49
C ILE N 76 12.96 66.12 -37.49
N ASN N 77 13.10 64.85 -37.86
CA ASN N 77 14.18 64.45 -38.77
C ASN N 77 13.86 64.87 -40.20
N ASN N 78 12.66 64.59 -40.67
CA ASN N 78 12.25 64.96 -42.02
C ASN N 78 10.78 65.35 -42.00
N LEU N 79 10.49 66.59 -42.40
CA LEU N 79 9.12 67.09 -42.40
C LEU N 79 8.37 66.52 -43.59
N GLU N 80 7.10 66.20 -43.37
CA GLU N 80 6.22 65.65 -44.39
C GLU N 80 5.08 66.62 -44.66
N GLN N 81 4.15 66.21 -45.52
CA GLN N 81 2.99 67.05 -45.83
C GLN N 81 2.01 67.09 -44.65
N GLU N 82 1.85 65.97 -43.96
CA GLU N 82 0.96 65.90 -42.81
C GLU N 82 1.58 66.46 -41.53
N ASP N 83 2.87 66.80 -41.56
CA ASP N 83 3.54 67.32 -40.38
C ASP N 83 3.35 68.83 -40.19
N PHE N 84 2.71 69.51 -41.14
CA PHE N 84 2.49 70.95 -41.05
C PHE N 84 1.36 71.21 -40.06
N ALA N 85 1.74 71.46 -38.81
CA ALA N 85 0.77 71.70 -37.74
C ALA N 85 1.42 72.56 -36.67
N THR N 86 0.68 72.76 -35.58
CA THR N 86 1.16 73.54 -34.45
C THR N 86 1.70 72.62 -33.36
N TYR N 87 2.94 72.85 -32.97
CA TYR N 87 3.57 72.09 -31.89
C TYR N 87 3.51 72.90 -30.60
N PHE N 88 3.07 72.25 -29.53
CA PHE N 88 2.87 72.91 -28.24
C PHE N 88 3.59 72.12 -27.15
N CYS N 89 4.23 72.83 -26.23
CA CYS N 89 4.87 72.23 -25.08
C CYS N 89 4.01 72.44 -23.84
N GLN N 90 3.79 71.37 -23.09
CA GLN N 90 2.90 71.40 -21.93
C GLN N 90 3.63 70.86 -20.72
N GLN N 91 3.69 71.66 -19.65
CA GLN N 91 4.32 71.26 -18.41
C GLN N 91 3.27 70.74 -17.44
N GLY N 92 3.69 69.82 -16.57
CA GLY N 92 2.78 69.23 -15.61
C GLY N 92 3.36 69.10 -14.22
N ASN N 93 4.20 70.06 -13.84
CA ASN N 93 4.86 69.99 -12.54
C ASN N 93 3.95 70.44 -11.41
N THR N 94 3.47 71.68 -11.48
CA THR N 94 2.66 72.28 -10.42
C THR N 94 1.31 72.70 -10.98
N LEU N 95 0.27 72.51 -10.18
CA LEU N 95 -1.06 72.93 -10.58
C LEU N 95 -1.20 74.45 -10.40
N PRO N 96 -1.86 75.15 -11.36
CA PRO N 96 -2.49 74.68 -12.59
C PRO N 96 -1.49 74.48 -13.72
N LEU N 97 -1.79 73.55 -14.62
CA LEU N 97 -0.88 73.21 -15.72
C LEU N 97 -0.91 74.33 -16.74
N THR N 98 0.15 75.14 -16.76
CA THR N 98 0.27 76.23 -17.72
C THR N 98 0.97 75.73 -18.98
N PHE N 99 0.23 75.71 -20.09
CA PHE N 99 0.78 75.24 -21.35
C PHE N 99 1.63 76.33 -22.00
N GLY N 100 2.44 75.92 -22.97
CA GLY N 100 3.32 76.85 -23.65
C GLY N 100 2.58 77.69 -24.67
N ALA N 101 3.34 78.60 -25.30
CA ALA N 101 2.78 79.47 -26.31
C ALA N 101 2.49 78.72 -27.61
N GLY N 102 3.35 77.78 -27.97
CA GLY N 102 3.13 77.00 -29.17
C GLY N 102 3.69 77.65 -30.42
N THR N 103 4.42 76.88 -31.22
CA THR N 103 4.98 77.36 -32.48
C THR N 103 4.18 76.81 -33.65
N LYS N 104 4.31 77.50 -34.79
CA LYS N 104 3.59 77.13 -36.01
C LYS N 104 4.61 76.92 -37.12
N LEU N 105 4.61 75.72 -37.70
CA LEU N 105 5.52 75.42 -38.79
C LEU N 105 5.03 76.09 -40.08
N GLU N 106 5.96 76.27 -41.01
CA GLU N 106 5.65 76.90 -42.29
C GLU N 106 6.47 76.22 -43.38
N LEU N 107 5.84 76.05 -44.54
CA LEU N 107 6.49 75.44 -45.69
C LEU N 107 7.23 76.50 -46.49
N LYS N 108 8.47 76.19 -46.85
CA LYS N 108 9.30 77.12 -47.59
C LYS N 108 8.95 77.08 -49.07
N ARG N 109 8.89 78.25 -49.70
CA ARG N 109 8.60 78.37 -51.11
C ARG N 109 9.36 79.57 -51.66
N ALA N 110 9.18 79.84 -52.96
CA ALA N 110 9.84 80.98 -53.57
C ALA N 110 9.19 82.29 -53.15
N ASP N 111 10.01 83.32 -53.01
CA ASP N 111 9.53 84.63 -52.56
C ASP N 111 8.79 85.29 -53.72
N ALA N 112 7.48 85.10 -53.76
CA ALA N 112 6.63 85.64 -54.81
C ALA N 112 6.06 86.99 -54.40
N ALA N 113 5.88 87.87 -55.39
CA ALA N 113 5.29 89.17 -55.14
C ALA N 113 3.78 89.04 -54.96
N PRO N 114 3.17 89.94 -54.19
CA PRO N 114 1.73 89.85 -53.93
C PRO N 114 0.92 90.42 -55.09
N THR N 115 0.09 89.59 -55.68
CA THR N 115 -0.84 90.01 -56.73
C THR N 115 -1.96 90.80 -56.06
N VAL N 116 -2.02 92.10 -56.33
CA VAL N 116 -2.94 93.02 -55.66
C VAL N 116 -4.05 93.39 -56.63
N SER N 117 -5.28 93.41 -56.13
CA SER N 117 -6.44 93.81 -56.92
C SER N 117 -7.36 94.66 -56.05
N ILE N 118 -7.69 95.85 -56.54
CA ILE N 118 -8.54 96.79 -55.82
C ILE N 118 -9.93 96.74 -56.44
N PHE N 119 -10.96 96.72 -55.60
CA PHE N 119 -12.35 96.65 -56.04
C PHE N 119 -13.16 97.72 -55.33
N PRO N 120 -13.93 98.52 -56.06
CA PRO N 120 -14.77 99.55 -55.41
C PRO N 120 -16.09 98.96 -54.97
N PRO N 121 -16.92 99.73 -54.26
CA PRO N 121 -18.20 99.22 -53.81
C PRO N 121 -19.23 99.17 -54.93
N SER N 122 -20.21 98.31 -54.76
CA SER N 122 -21.26 98.14 -55.75
C SER N 122 -22.36 99.19 -55.54
N SER N 123 -23.31 99.21 -56.47
CA SER N 123 -24.42 100.15 -56.37
C SER N 123 -25.40 99.74 -55.30
N GLU N 124 -25.53 98.43 -55.04
CA GLU N 124 -26.44 97.96 -53.99
C GLU N 124 -25.90 98.31 -52.61
N GLN N 125 -24.59 98.33 -52.43
CA GLN N 125 -24.01 98.76 -51.17
C GLN N 125 -24.06 100.28 -51.04
N LEU N 126 -23.87 101.01 -52.15
CA LEU N 126 -23.91 102.46 -52.12
C LEU N 126 -25.33 102.99 -51.92
N THR N 127 -26.35 102.22 -52.30
CA THR N 127 -27.72 102.64 -52.07
C THR N 127 -28.12 102.52 -50.60
N SER N 128 -27.41 101.72 -49.81
CA SER N 128 -27.69 101.59 -48.39
C SER N 128 -27.05 102.71 -47.57
N GLY N 129 -26.04 103.39 -48.12
CA GLY N 129 -25.38 104.48 -47.42
C GLY N 129 -23.94 104.22 -47.05
N GLY N 130 -23.40 103.03 -47.36
CA GLY N 130 -22.02 102.71 -47.04
C GLY N 130 -21.22 102.39 -48.30
N ALA N 131 -19.90 102.30 -48.12
CA ALA N 131 -19.01 101.96 -49.21
C ALA N 131 -17.79 101.25 -48.63
N SER N 132 -17.57 100.01 -49.05
CA SER N 132 -16.46 99.19 -48.56
C SER N 132 -15.55 98.88 -49.74
N VAL N 133 -14.44 99.61 -49.85
CA VAL N 133 -13.44 99.33 -50.87
C VAL N 133 -12.62 98.14 -50.43
N VAL N 134 -12.48 97.15 -51.32
CA VAL N 134 -11.79 95.90 -51.02
C VAL N 134 -10.45 95.88 -51.72
N CYS N 135 -9.47 95.23 -51.09
CA CYS N 135 -8.13 95.08 -51.66
C CYS N 135 -7.67 93.65 -51.37
N PHE N 136 -7.57 92.84 -52.41
CA PHE N 136 -7.15 91.45 -52.27
C PHE N 136 -5.71 91.29 -52.76
N LEU N 137 -4.84 90.88 -51.84
CA LEU N 137 -3.43 90.62 -52.16
C LEU N 137 -3.20 89.12 -51.99
N ASN N 138 -3.17 88.40 -53.10
CA ASN N 138 -3.09 86.95 -53.09
C ASN N 138 -1.78 86.49 -53.72
N ASN N 139 -1.43 85.24 -53.43
CA ASN N 139 -0.28 84.53 -54.02
C ASN N 139 1.04 85.25 -53.68
N PHE N 140 1.31 85.34 -52.38
CA PHE N 140 2.51 85.98 -51.87
C PHE N 140 3.23 85.03 -50.94
N TYR N 141 4.54 85.24 -50.80
CA TYR N 141 5.38 84.47 -49.90
C TYR N 141 6.58 85.32 -49.53
N PRO N 142 6.90 85.46 -48.24
CA PRO N 142 6.22 84.89 -47.06
C PRO N 142 5.02 85.71 -46.60
N LYS N 143 4.59 85.50 -45.36
CA LYS N 143 3.42 86.17 -44.83
C LYS N 143 3.67 87.62 -44.42
N ASP N 144 4.93 88.06 -44.42
CA ASP N 144 5.25 89.43 -44.03
C ASP N 144 4.85 90.39 -45.15
N ILE N 145 3.80 91.18 -44.92
CA ILE N 145 3.32 92.14 -45.90
C ILE N 145 2.62 93.27 -45.16
N ASN N 146 2.65 94.45 -45.75
CA ASN N 146 2.01 95.63 -45.19
C ASN N 146 1.07 96.25 -46.22
N VAL N 147 0.01 96.89 -45.73
CA VAL N 147 -0.99 97.50 -46.58
C VAL N 147 -1.15 98.97 -46.18
N LYS N 148 -1.48 99.79 -47.17
CA LYS N 148 -1.71 101.21 -46.95
C LYS N 148 -2.84 101.69 -47.84
N TRP N 149 -3.79 102.42 -47.25
CA TRP N 149 -4.91 102.99 -48.00
C TRP N 149 -4.70 104.49 -48.14
N LYS N 150 -5.11 105.03 -49.30
CA LYS N 150 -4.98 106.45 -49.58
C LYS N 150 -6.26 106.94 -50.24
N ILE N 151 -6.80 108.05 -49.74
CA ILE N 151 -8.01 108.67 -50.28
C ILE N 151 -7.58 109.99 -50.88
N ASP N 152 -7.39 110.01 -52.20
CA ASP N 152 -6.93 111.17 -52.98
C ASP N 152 -5.60 111.71 -52.45
N GLY N 153 -4.68 110.81 -52.14
CA GLY N 153 -3.38 111.16 -51.62
C GLY N 153 -3.28 111.21 -50.11
N SER N 154 -4.41 111.27 -49.41
CA SER N 154 -4.42 111.32 -47.96
C SER N 154 -4.52 109.90 -47.40
N GLU N 155 -3.54 109.51 -46.60
CA GLU N 155 -3.52 108.18 -46.01
C GLU N 155 -4.54 108.11 -44.87
N ARG N 156 -5.37 107.07 -44.89
CA ARG N 156 -6.42 106.88 -43.91
C ARG N 156 -6.10 105.67 -43.04
N GLN N 157 -6.19 105.85 -41.72
CA GLN N 157 -5.96 104.77 -40.78
C GLN N 157 -7.22 104.26 -40.09
N ASN N 158 -8.30 105.03 -40.11
CA ASN N 158 -9.55 104.63 -39.50
C ASN N 158 -10.42 103.87 -40.49
N GLY N 159 -11.18 102.90 -39.96
CA GLY N 159 -12.06 102.10 -40.80
C GLY N 159 -11.33 101.09 -41.67
N VAL N 160 -10.14 100.68 -41.27
CA VAL N 160 -9.33 99.73 -42.03
C VAL N 160 -9.38 98.39 -41.33
N LEU N 161 -9.87 97.37 -42.03
CA LEU N 161 -9.91 96.01 -41.52
C LEU N 161 -8.98 95.13 -42.35
N ASN N 162 -8.24 94.25 -41.70
CA ASN N 162 -7.28 93.38 -42.35
C ASN N 162 -7.54 91.94 -41.93
N SER N 163 -7.62 91.04 -42.91
CA SER N 163 -7.84 89.62 -42.66
C SER N 163 -6.82 88.82 -43.44
N TRP N 164 -5.94 88.13 -42.73
CA TRP N 164 -4.93 87.27 -43.33
C TRP N 164 -5.44 85.84 -43.38
N THR N 165 -5.16 85.15 -44.48
CA THR N 165 -5.59 83.78 -44.67
C THR N 165 -4.44 82.82 -44.33
N ASP N 166 -4.76 81.53 -44.32
CA ASP N 166 -3.76 80.51 -44.01
C ASP N 166 -2.98 80.12 -45.26
N GLN N 167 -1.84 79.46 -45.03
CA GLN N 167 -1.02 78.98 -46.13
C GLN N 167 -1.67 77.78 -46.79
N ASP N 168 -1.87 77.85 -48.10
CA ASP N 168 -2.53 76.78 -48.82
C ASP N 168 -1.60 75.57 -48.98
N SER N 169 -2.19 74.39 -49.05
CA SER N 169 -1.43 73.15 -49.20
C SER N 169 -1.16 72.79 -50.64
N LYS N 170 -1.50 73.67 -51.58
CA LYS N 170 -1.27 73.42 -53.00
C LYS N 170 -0.21 74.34 -53.60
N ASP N 171 -0.26 75.64 -53.30
CA ASP N 171 0.67 76.60 -53.86
C ASP N 171 1.68 77.13 -52.84
N SER N 172 1.46 76.87 -51.54
CA SER N 172 2.29 77.36 -50.43
C SER N 172 2.42 78.88 -50.45
N THR N 173 1.30 79.56 -50.68
CA THR N 173 1.26 81.01 -50.75
C THR N 173 0.32 81.55 -49.67
N TYR N 174 0.06 82.85 -49.71
CA TYR N 174 -0.79 83.50 -48.73
C TYR N 174 -1.72 84.48 -49.43
N SER N 175 -2.81 84.80 -48.73
CA SER N 175 -3.79 85.76 -49.22
C SER N 175 -4.18 86.69 -48.07
N MET N 176 -4.46 87.94 -48.43
CA MET N 176 -4.84 88.95 -47.46
C MET N 176 -5.95 89.81 -48.06
N SER N 177 -6.90 90.22 -47.22
CA SER N 177 -8.02 91.04 -47.64
C SER N 177 -8.08 92.28 -46.76
N SER N 178 -8.01 93.45 -47.38
CA SER N 178 -8.15 94.72 -46.69
C SER N 178 -9.48 95.35 -47.07
N THR N 179 -10.13 95.97 -46.09
CA THR N 179 -11.44 96.58 -46.30
C THR N 179 -11.43 97.97 -45.71
N LEU N 180 -11.77 98.96 -46.54
CA LEU N 180 -11.90 100.35 -46.11
C LEU N 180 -13.38 100.72 -46.19
N THR N 181 -14.02 100.84 -45.03
CA THR N 181 -15.46 101.11 -44.95
C THR N 181 -15.67 102.57 -44.58
N LEU N 182 -16.49 103.27 -45.37
CA LEU N 182 -16.83 104.66 -45.13
C LEU N 182 -18.30 104.86 -45.46
N THR N 183 -18.78 106.09 -45.22
CA THR N 183 -20.17 106.43 -45.48
C THR N 183 -20.36 106.78 -46.96
N LYS N 184 -21.60 107.08 -47.33
CA LYS N 184 -21.89 107.44 -48.72
C LYS N 184 -21.43 108.85 -49.03
N ASP N 185 -21.60 109.78 -48.09
CA ASP N 185 -21.15 111.15 -48.29
C ASP N 185 -19.63 111.27 -48.27
N GLU N 186 -18.96 110.41 -47.51
CA GLU N 186 -17.50 110.38 -47.51
C GLU N 186 -16.96 109.76 -48.80
N TYR N 187 -17.66 108.77 -49.34
CA TYR N 187 -17.24 108.16 -50.60
C TYR N 187 -17.53 109.06 -51.79
N GLU N 188 -18.59 109.87 -51.71
CA GLU N 188 -18.89 110.80 -52.78
C GLU N 188 -17.98 112.01 -52.76
N ARG N 189 -17.35 112.30 -51.63
CA ARG N 189 -16.43 113.42 -51.50
C ARG N 189 -15.00 113.07 -51.89
N HIS N 190 -14.78 111.86 -52.41
CA HIS N 190 -13.45 111.44 -52.84
C HIS N 190 -13.54 110.83 -54.22
N ASN N 191 -12.51 111.05 -55.03
CA ASN N 191 -12.47 110.57 -56.40
C ASN N 191 -11.52 109.39 -56.57
N SER N 192 -10.26 109.55 -56.17
CA SER N 192 -9.24 108.53 -56.36
C SER N 192 -8.96 107.82 -55.04
N TYR N 193 -9.12 106.50 -55.04
CA TYR N 193 -8.78 105.67 -53.90
C TYR N 193 -7.69 104.68 -54.32
N THR N 194 -6.63 104.61 -53.52
CA THR N 194 -5.45 103.82 -53.88
C THR N 194 -5.09 102.88 -52.74
N CYS N 195 -4.63 101.68 -53.10
CA CYS N 195 -4.15 100.70 -52.15
C CYS N 195 -2.72 100.31 -52.51
N GLU N 196 -1.82 100.42 -51.54
CA GLU N 196 -0.41 100.11 -51.74
C GLU N 196 -0.02 98.92 -50.88
N ALA N 197 0.64 97.95 -51.49
CA ALA N 197 1.09 96.74 -50.83
C ALA N 197 2.60 96.74 -50.79
N THR N 198 3.16 96.58 -49.59
CA THR N 198 4.61 96.53 -49.38
C THR N 198 5.00 95.11 -49.00
N HIS N 199 5.83 94.48 -49.81
CA HIS N 199 6.30 93.11 -49.60
C HIS N 199 7.82 93.09 -49.63
N LYS N 200 8.38 91.91 -49.37
CA LYS N 200 9.83 91.77 -49.36
C LYS N 200 10.38 91.62 -50.76
N THR N 201 9.52 91.31 -51.73
CA THR N 201 9.98 91.07 -53.11
C THR N 201 10.32 92.37 -53.83
N SER N 202 9.76 93.50 -53.41
CA SER N 202 10.01 94.78 -54.06
C SER N 202 10.11 95.87 -53.02
N THR N 203 11.10 96.76 -53.19
CA THR N 203 11.26 97.88 -52.25
C THR N 203 10.17 98.92 -52.45
N SER N 204 9.70 99.11 -53.68
CA SER N 204 8.61 100.04 -53.94
C SER N 204 7.28 99.33 -53.76
N PRO N 205 6.29 99.97 -53.12
CA PRO N 205 5.01 99.29 -52.91
C PRO N 205 4.17 99.26 -54.18
N ILE N 206 3.57 98.11 -54.45
CA ILE N 206 2.67 97.97 -55.59
C ILE N 206 1.38 98.72 -55.30
N VAL N 207 1.09 99.74 -56.09
CA VAL N 207 -0.04 100.63 -55.87
C VAL N 207 -1.08 100.38 -56.95
N LYS N 208 -2.33 100.22 -56.54
CA LYS N 208 -3.45 100.07 -57.44
C LYS N 208 -4.49 101.12 -57.06
N SER N 209 -4.85 101.99 -58.01
CA SER N 209 -5.74 103.10 -57.74
C SER N 209 -6.98 103.00 -58.63
N PHE N 210 -8.04 103.68 -58.20
CA PHE N 210 -9.29 103.72 -58.94
C PHE N 210 -9.87 105.11 -58.81
N ASN N 211 -10.47 105.59 -59.91
CA ASN N 211 -11.07 106.92 -59.98
C ASN N 211 -12.58 106.80 -60.05
N ARG N 212 -13.24 107.96 -60.01
CA ARG N 212 -14.70 108.00 -60.08
C ARG N 212 -15.17 108.75 -61.31
N GLN O 22 -10.21 53.42 -31.63
CA GLN O 22 -9.47 54.64 -31.36
C GLN O 22 -10.30 55.59 -30.49
N ALA O 23 -9.62 56.32 -29.61
CA ALA O 23 -10.29 57.26 -28.72
C ALA O 23 -10.40 58.62 -29.38
N GLN O 24 -11.58 59.24 -29.25
CA GLN O 24 -11.85 60.55 -29.82
C GLN O 24 -12.64 61.38 -28.81
N LEU O 25 -12.59 62.70 -28.97
CA LEU O 25 -13.34 63.61 -28.12
C LEU O 25 -13.84 64.79 -28.95
N LYS O 26 -15.10 65.16 -28.74
CA LYS O 26 -15.72 66.25 -29.46
C LYS O 26 -16.45 67.17 -28.49
N GLU O 27 -16.17 68.46 -28.56
CA GLU O 27 -16.78 69.46 -27.70
C GLU O 27 -17.88 70.19 -28.45
N SER O 28 -19.01 70.40 -27.77
CA SER O 28 -20.15 71.09 -28.35
C SER O 28 -20.75 72.03 -27.32
N GLY O 29 -21.43 73.07 -27.80
CA GLY O 29 -22.03 74.05 -26.94
C GLY O 29 -22.97 74.97 -27.67
N PRO O 30 -23.37 76.07 -27.02
CA PRO O 30 -24.26 77.02 -27.70
C PRO O 30 -23.55 77.88 -28.73
N GLY O 31 -22.30 78.24 -28.50
CA GLY O 31 -21.54 79.06 -29.43
C GLY O 31 -21.70 80.55 -29.24
N LEU O 32 -22.94 81.03 -29.16
CA LEU O 32 -23.25 82.44 -28.98
C LEU O 32 -24.18 82.59 -27.78
N VAL O 33 -23.77 83.40 -26.81
CA VAL O 33 -24.57 83.65 -25.62
C VAL O 33 -24.34 85.09 -25.17
N ALA O 34 -25.32 85.63 -24.45
CA ALA O 34 -25.22 86.98 -23.95
C ALA O 34 -24.33 87.03 -22.71
N PRO O 35 -23.88 88.22 -22.32
CA PRO O 35 -23.05 88.33 -21.12
C PRO O 35 -23.88 88.17 -19.86
N SER O 36 -23.17 87.87 -18.76
CA SER O 36 -23.75 87.62 -17.42
C SER O 36 -24.76 86.49 -17.45
N GLN O 37 -24.44 85.43 -18.20
CA GLN O 37 -25.32 84.27 -18.30
C GLN O 37 -24.54 82.98 -18.09
N SER O 38 -25.21 81.84 -18.20
CA SER O 38 -24.57 80.56 -18.02
C SER O 38 -24.02 80.04 -19.34
N LEU O 39 -23.23 78.97 -19.26
CA LEU O 39 -22.65 78.35 -20.44
C LEU O 39 -22.43 76.88 -20.15
N SER O 40 -23.13 76.02 -20.88
CA SER O 40 -23.04 74.57 -20.68
C SER O 40 -22.38 73.95 -21.91
N ILE O 41 -21.24 73.31 -21.70
CA ILE O 41 -20.47 72.65 -22.75
C ILE O 41 -20.52 71.16 -22.52
N THR O 42 -20.71 70.39 -23.59
CA THR O 42 -20.78 68.94 -23.54
C THR O 42 -19.63 68.36 -24.33
N CYS O 43 -18.81 67.55 -23.68
CA CYS O 43 -17.67 66.88 -24.31
C CYS O 43 -17.99 65.39 -24.39
N THR O 44 -18.13 64.88 -25.60
CA THR O 44 -18.43 63.48 -25.84
C THR O 44 -17.14 62.75 -26.22
N VAL O 45 -16.80 61.72 -25.45
CA VAL O 45 -15.60 60.94 -25.69
C VAL O 45 -15.98 59.52 -26.09
N SER O 46 -15.07 58.88 -26.82
CA SER O 46 -15.30 57.54 -27.33
C SER O 46 -13.96 56.83 -27.45
N GLY O 47 -14.02 55.51 -27.62
CA GLY O 47 -12.84 54.68 -27.70
C GLY O 47 -12.26 54.25 -26.37
N PHE O 48 -12.82 54.73 -25.26
CA PHE O 48 -12.33 54.38 -23.93
C PHE O 48 -13.49 54.53 -22.95
N SER O 49 -13.18 54.40 -21.67
CA SER O 49 -14.17 54.54 -20.61
C SER O 49 -13.77 55.67 -19.67
N LEU O 50 -14.77 56.34 -19.10
CA LEU O 50 -14.55 57.47 -18.20
C LEU O 50 -14.75 57.10 -16.73
N THR O 51 -14.80 55.80 -16.42
CA THR O 51 -14.97 55.38 -15.04
C THR O 51 -13.67 55.29 -14.25
N ASN O 52 -12.56 54.99 -14.93
CA ASN O 52 -11.28 54.82 -14.27
C ASN O 52 -10.23 55.85 -14.69
N TYR O 53 -10.63 56.93 -15.34
CA TYR O 53 -9.72 57.98 -15.75
C TYR O 53 -10.34 59.34 -15.45
N GLY O 54 -9.48 60.34 -15.32
CA GLY O 54 -9.90 61.71 -15.07
C GLY O 54 -9.94 62.52 -16.35
N VAL O 55 -10.77 63.56 -16.34
CA VAL O 55 -10.98 64.41 -17.51
C VAL O 55 -10.75 65.86 -17.12
N HIS O 56 -9.94 66.56 -17.91
CA HIS O 56 -9.64 67.97 -17.71
C HIS O 56 -10.22 68.79 -18.85
N TRP O 57 -10.59 70.03 -18.54
CA TRP O 57 -11.09 70.98 -19.52
C TRP O 57 -10.17 72.19 -19.54
N VAL O 58 -9.92 72.72 -20.73
CA VAL O 58 -8.99 73.82 -20.93
C VAL O 58 -9.61 74.81 -21.92
N ARG O 59 -9.21 76.08 -21.79
CA ARG O 59 -9.62 77.13 -22.71
C ARG O 59 -8.44 77.59 -23.55
N GLN O 60 -8.75 78.31 -24.62
CA GLN O 60 -7.73 78.81 -25.53
C GLN O 60 -8.19 80.10 -26.20
N PRO O 61 -7.53 81.21 -25.91
CA PRO O 61 -7.86 82.47 -26.60
C PRO O 61 -7.15 82.55 -27.93
N PRO O 62 -7.73 83.26 -28.90
CA PRO O 62 -7.08 83.38 -30.22
C PRO O 62 -5.88 84.31 -30.16
N GLY O 63 -4.71 83.77 -30.45
CA GLY O 63 -3.49 84.55 -30.43
C GLY O 63 -2.83 84.69 -29.07
N LYS O 64 -3.38 84.06 -28.03
CA LYS O 64 -2.83 84.12 -26.69
C LYS O 64 -2.45 82.72 -26.23
N GLY O 65 -2.03 82.62 -24.98
CA GLY O 65 -1.65 81.32 -24.43
C GLY O 65 -2.83 80.52 -23.95
N LEU O 66 -2.74 79.21 -24.15
CA LEU O 66 -3.80 78.30 -23.71
C LEU O 66 -3.71 78.08 -22.21
N GLU O 67 -4.86 78.08 -21.55
CA GLU O 67 -4.95 77.94 -20.11
C GLU O 67 -5.86 76.77 -19.75
N TRP O 68 -5.47 76.00 -18.74
CA TRP O 68 -6.28 74.90 -18.23
C TRP O 68 -7.36 75.45 -17.32
N LEU O 69 -8.62 75.13 -17.63
CA LEU O 69 -9.74 75.59 -16.83
C LEU O 69 -9.88 74.77 -15.54
N GLY O 70 -9.88 73.45 -15.67
CA GLY O 70 -10.00 72.62 -14.48
C GLY O 70 -9.86 71.16 -14.83
N VAL O 71 -10.09 70.31 -13.83
CA VAL O 71 -9.98 68.87 -14.00
C VAL O 71 -10.88 68.20 -12.98
N ILE O 72 -11.34 66.99 -13.31
CA ILE O 72 -12.11 66.16 -12.39
C ILE O 72 -11.55 64.74 -12.48
N TRP O 73 -11.47 64.09 -11.32
CA TRP O 73 -10.88 62.76 -11.22
C TRP O 73 -11.93 61.69 -11.44
N ALA O 74 -11.48 60.44 -11.57
CA ALA O 74 -12.40 59.33 -11.74
C ALA O 74 -13.10 58.96 -10.43
N GLY O 75 -12.50 59.33 -9.30
CA GLY O 75 -13.05 59.04 -7.99
C GLY O 75 -13.87 60.15 -7.37
N GLY O 76 -14.34 61.11 -8.17
CA GLY O 76 -15.16 62.19 -7.65
C GLY O 76 -14.42 63.43 -7.25
N SER O 77 -13.09 63.41 -7.25
CA SER O 77 -12.31 64.60 -6.91
C SER O 77 -12.29 65.56 -8.08
N THR O 78 -12.35 66.86 -7.78
CA THR O 78 -12.37 67.89 -8.80
C THR O 78 -11.64 69.13 -8.31
N ASN O 79 -10.84 69.72 -9.20
CA ASN O 79 -10.10 70.94 -8.91
C ASN O 79 -10.24 71.91 -10.07
N TYR O 80 -10.02 73.19 -9.79
CA TYR O 80 -10.16 74.23 -10.80
C TYR O 80 -8.92 75.12 -10.75
N ASN O 81 -8.87 76.08 -11.67
CA ASN O 81 -7.76 77.02 -11.74
C ASN O 81 -7.87 78.04 -10.61
N SER O 82 -6.75 78.69 -10.30
CA SER O 82 -6.70 79.63 -9.19
C SER O 82 -7.32 80.98 -9.53
N ALA O 83 -7.49 81.30 -10.81
CA ALA O 83 -8.01 82.60 -11.20
C ALA O 83 -9.53 82.65 -11.29
N LEU O 84 -10.18 81.55 -11.68
CA LEU O 84 -11.62 81.51 -11.87
C LEU O 84 -12.21 80.26 -11.23
N MET O 85 -11.86 80.03 -9.97
CA MET O 85 -12.34 78.85 -9.26
C MET O 85 -13.82 78.97 -8.93
N SER O 86 -14.32 80.20 -8.75
CA SER O 86 -15.72 80.45 -8.45
C SER O 86 -16.54 80.76 -9.69
N ARG O 87 -16.13 80.22 -10.85
CA ARG O 87 -16.83 80.47 -12.10
C ARG O 87 -17.05 79.22 -12.95
N VAL O 88 -16.55 78.07 -12.54
CA VAL O 88 -16.65 76.85 -13.33
C VAL O 88 -17.09 75.69 -12.44
N SER O 89 -17.83 74.76 -13.04
CA SER O 89 -18.26 73.53 -12.39
C SER O 89 -18.25 72.40 -13.41
N ILE O 90 -18.06 71.18 -12.92
CA ILE O 90 -17.87 70.02 -13.78
C ILE O 90 -18.77 68.88 -13.30
N SER O 91 -19.38 68.17 -14.23
CA SER O 91 -20.12 66.94 -13.97
C SER O 91 -19.85 65.96 -15.10
N LYS O 92 -20.26 64.72 -14.90
CA LYS O 92 -19.99 63.70 -15.91
C LYS O 92 -21.11 62.67 -15.91
N ASP O 93 -21.37 62.13 -17.10
CA ASP O 93 -22.31 61.04 -17.31
C ASP O 93 -21.54 59.89 -17.93
N ASN O 94 -21.28 58.85 -17.14
CA ASN O 94 -20.50 57.71 -17.63
C ASN O 94 -21.30 56.81 -18.55
N SER O 95 -22.63 56.88 -18.48
CA SER O 95 -23.47 56.09 -19.39
C SER O 95 -23.38 56.63 -20.81
N LYS O 96 -23.32 57.95 -20.96
CA LYS O 96 -23.14 58.57 -22.27
C LYS O 96 -21.69 58.92 -22.56
N SER O 97 -20.78 58.70 -21.60
CA SER O 97 -19.36 59.07 -21.68
C SER O 97 -19.17 60.56 -22.00
N GLN O 98 -19.98 61.40 -21.35
CA GLN O 98 -19.99 62.82 -21.63
C GLN O 98 -19.58 63.60 -20.39
N VAL O 99 -19.04 64.79 -20.63
CA VAL O 99 -18.62 65.69 -19.56
C VAL O 99 -19.34 67.02 -19.75
N PHE O 100 -20.01 67.48 -18.69
CA PHE O 100 -20.75 68.74 -18.71
C PHE O 100 -20.00 69.78 -17.93
N LEU O 101 -19.58 70.84 -18.61
CA LEU O 101 -18.87 71.96 -17.98
C LEU O 101 -19.80 73.16 -17.93
N LYS O 102 -20.08 73.65 -16.72
CA LYS O 102 -20.97 74.78 -16.50
C LYS O 102 -20.11 76.00 -16.17
N MET O 103 -20.29 77.07 -16.94
CA MET O 103 -19.53 78.31 -16.76
C MET O 103 -20.50 79.46 -16.65
N ASN O 104 -20.41 80.21 -15.56
CA ASN O 104 -21.24 81.38 -15.32
C ASN O 104 -20.35 82.62 -15.25
N SER O 105 -21.01 83.79 -15.17
CA SER O 105 -20.37 85.12 -15.12
C SER O 105 -19.45 85.34 -16.32
N LEU O 106 -20.00 85.12 -17.52
CA LEU O 106 -19.24 85.29 -18.75
C LEU O 106 -19.04 86.77 -19.04
N GLN O 107 -17.82 87.11 -19.45
CA GLN O 107 -17.44 88.49 -19.74
C GLN O 107 -17.31 88.66 -21.25
N THR O 108 -16.87 89.86 -21.66
CA THR O 108 -16.71 90.15 -23.08
C THR O 108 -15.49 89.47 -23.68
N ASP O 109 -14.52 89.07 -22.85
CA ASP O 109 -13.33 88.39 -23.31
C ASP O 109 -13.47 86.87 -23.32
N ASP O 110 -14.70 86.36 -23.42
CA ASP O 110 -14.96 84.93 -23.42
C ASP O 110 -15.09 84.37 -24.84
N THR O 111 -14.75 85.16 -25.86
CA THR O 111 -14.77 84.70 -27.25
C THR O 111 -13.52 83.87 -27.49
N VAL O 112 -13.58 82.61 -27.07
CA VAL O 112 -12.43 81.71 -27.05
C VAL O 112 -12.85 80.36 -27.59
N MET O 113 -11.93 79.39 -27.49
CA MET O 113 -12.23 78.00 -27.78
C MET O 113 -12.10 77.18 -26.50
N TYR O 114 -12.82 76.07 -26.45
CA TYR O 114 -12.81 75.18 -25.29
C TYR O 114 -12.51 73.76 -25.76
N TYR O 115 -11.62 73.07 -25.04
CA TYR O 115 -11.25 71.71 -25.37
C TYR O 115 -11.25 70.85 -24.11
N CYS O 116 -11.37 69.55 -24.29
CA CYS O 116 -11.37 68.59 -23.20
C CYS O 116 -10.42 67.45 -23.51
N ALA O 117 -9.78 66.92 -22.45
CA ALA O 117 -8.79 65.87 -22.61
C ALA O 117 -8.87 64.90 -21.43
N ARG O 118 -8.26 63.74 -21.61
CA ARG O 118 -8.15 62.74 -20.56
C ARG O 118 -6.73 62.72 -20.03
N GLU O 119 -6.58 62.30 -18.77
CA GLU O 119 -5.30 62.29 -18.08
C GLU O 119 -4.75 60.87 -18.02
N ASP O 120 -3.43 60.76 -17.98
CA ASP O 120 -2.75 59.47 -17.89
C ASP O 120 -1.43 59.64 -17.17
N TYR O 121 -0.90 58.52 -16.69
CA TYR O 121 0.39 58.48 -15.99
C TYR O 121 1.34 57.60 -16.79
N ASP O 122 2.35 58.23 -17.38
CA ASP O 122 3.34 57.56 -18.21
C ASP O 122 4.74 58.02 -17.81
N TYR O 123 5.00 57.94 -16.50
CA TYR O 123 6.09 58.50 -15.68
C TYR O 123 5.89 60.00 -15.46
N ASP O 124 4.82 60.58 -16.00
CA ASP O 124 4.44 61.97 -15.73
C ASP O 124 2.95 62.09 -16.02
N TRP O 125 2.33 63.08 -15.38
CA TRP O 125 0.91 63.34 -15.63
C TRP O 125 0.76 64.02 -16.98
N HIS O 126 0.17 63.32 -17.94
CA HIS O 126 0.09 63.80 -19.32
C HIS O 126 -1.34 63.75 -19.82
N PHE O 127 -1.60 64.49 -20.88
CA PHE O 127 -2.90 64.50 -21.56
C PHE O 127 -2.78 63.61 -22.79
N ASP O 128 -3.53 62.50 -22.79
CA ASP O 128 -3.40 61.48 -23.82
C ASP O 128 -4.32 61.73 -25.02
N VAL O 129 -5.63 61.77 -24.80
CA VAL O 129 -6.60 61.96 -25.88
C VAL O 129 -7.32 63.27 -25.63
N TRP O 130 -7.04 64.27 -26.47
CA TRP O 130 -7.64 65.58 -26.35
C TRP O 130 -8.88 65.65 -27.26
N GLY O 131 -9.45 66.83 -27.39
CA GLY O 131 -10.63 67.03 -28.20
C GLY O 131 -10.46 68.05 -29.31
N ALA O 132 -11.51 68.25 -30.10
CA ALA O 132 -11.46 69.23 -31.19
C ALA O 132 -11.69 70.65 -30.67
N GLY O 133 -12.54 70.80 -29.68
CA GLY O 133 -12.81 72.13 -29.11
C GLY O 133 -13.88 72.87 -29.89
N THR O 134 -14.69 73.63 -29.15
CA THR O 134 -15.76 74.42 -29.72
C THR O 134 -15.50 75.90 -29.45
N THR O 135 -15.95 76.75 -30.38
CA THR O 135 -15.74 78.18 -30.28
C THR O 135 -16.96 78.81 -29.63
N VAL O 136 -16.73 79.57 -28.56
CA VAL O 136 -17.79 80.28 -27.84
C VAL O 136 -17.51 81.77 -27.97
N THR O 137 -18.51 82.51 -28.46
CA THR O 137 -18.43 83.95 -28.59
C THR O 137 -19.49 84.58 -27.69
N VAL O 138 -19.05 85.29 -26.66
CA VAL O 138 -19.95 85.91 -25.69
C VAL O 138 -20.16 87.35 -26.11
N SER O 139 -21.38 87.66 -26.56
CA SER O 139 -21.72 89.01 -26.99
C SER O 139 -23.21 89.24 -26.79
N SER O 140 -23.57 90.49 -26.57
CA SER O 140 -24.97 90.88 -26.39
C SER O 140 -25.60 91.39 -27.69
N ALA O 141 -24.97 91.17 -28.83
CA ALA O 141 -25.50 91.62 -30.10
C ALA O 141 -26.63 90.69 -30.56
N LYS O 142 -27.42 91.19 -31.50
CA LYS O 142 -28.54 90.44 -32.04
C LYS O 142 -28.14 89.71 -33.31
N THR O 143 -28.75 88.54 -33.52
CA THR O 143 -28.46 87.74 -34.70
C THR O 143 -29.22 88.30 -35.90
N THR O 144 -28.50 88.58 -36.98
CA THR O 144 -29.07 89.14 -38.18
C THR O 144 -28.59 88.37 -39.40
N PRO O 145 -29.33 88.43 -40.51
CA PRO O 145 -28.89 87.73 -41.72
C PRO O 145 -27.79 88.51 -42.41
N PRO O 146 -26.90 87.84 -43.13
CA PRO O 146 -25.81 88.52 -43.82
C PRO O 146 -26.27 89.10 -45.15
N SER O 147 -25.43 89.95 -45.74
CA SER O 147 -25.70 90.57 -47.02
C SER O 147 -24.58 90.17 -47.98
N VAL O 148 -24.95 89.54 -49.10
CA VAL O 148 -24.00 89.01 -50.07
C VAL O 148 -23.93 89.98 -51.24
N TYR O 149 -22.71 90.39 -51.59
CA TYR O 149 -22.46 91.25 -52.74
C TYR O 149 -21.41 90.62 -53.66
N PRO O 150 -21.55 90.79 -54.97
CA PRO O 150 -20.57 90.22 -55.89
C PRO O 150 -19.30 91.07 -55.97
N LEU O 151 -18.25 90.45 -56.50
CA LEU O 151 -16.96 91.13 -56.68
C LEU O 151 -16.30 90.54 -57.92
N ALA O 152 -16.38 91.26 -59.03
CA ALA O 152 -15.75 90.86 -60.27
C ALA O 152 -14.45 91.64 -60.48
N PRO O 153 -13.64 91.24 -61.47
CA PRO O 153 -12.40 91.98 -61.74
C PRO O 153 -12.63 93.31 -62.43
N GLY O 154 -13.82 93.55 -62.99
CA GLY O 154 -14.10 94.79 -63.67
C GLY O 154 -13.77 94.73 -65.15
N SER O 155 -12.48 94.68 -65.47
CA SER O 155 -12.04 94.59 -66.86
C SER O 155 -12.21 93.17 -67.37
N ALA O 156 -12.74 93.03 -68.58
CA ALA O 156 -12.96 91.74 -69.20
C ALA O 156 -11.76 91.26 -70.01
N ALA O 157 -10.60 91.87 -69.82
CA ALA O 157 -9.39 91.46 -70.55
C ALA O 157 -8.88 90.14 -69.99
N GLN O 158 -8.81 89.13 -70.86
CA GLN O 158 -8.37 87.79 -70.46
C GLN O 158 -6.85 87.80 -70.31
N THR O 159 -6.40 88.14 -69.10
CA THR O 159 -4.97 88.12 -68.81
C THR O 159 -4.44 86.70 -68.66
N ASN O 160 -5.31 85.76 -68.29
CA ASN O 160 -4.92 84.37 -68.14
C ASN O 160 -6.13 83.50 -68.44
N SER O 161 -5.90 82.19 -68.46
CA SER O 161 -6.98 81.24 -68.70
C SER O 161 -7.88 81.05 -67.49
N MET O 162 -7.47 81.52 -66.31
CA MET O 162 -8.26 81.41 -65.10
C MET O 162 -8.71 82.80 -64.68
N VAL O 163 -10.02 82.98 -64.52
CA VAL O 163 -10.60 84.23 -64.06
C VAL O 163 -11.12 84.03 -62.64
N THR O 164 -10.87 85.02 -61.79
CA THR O 164 -11.23 84.97 -60.39
C THR O 164 -12.41 85.87 -60.10
N LEU O 165 -13.37 85.33 -59.35
CA LEU O 165 -14.54 86.08 -58.88
C LEU O 165 -14.63 85.94 -57.37
N GLY O 166 -15.49 86.76 -56.76
CA GLY O 166 -15.62 86.71 -55.32
C GLY O 166 -16.98 87.15 -54.84
N CYS O 167 -17.25 86.80 -53.58
CA CYS O 167 -18.47 87.17 -52.89
C CYS O 167 -18.12 87.71 -51.52
N LEU O 168 -18.69 88.88 -51.18
CA LEU O 168 -18.46 89.52 -49.90
C LEU O 168 -19.74 89.43 -49.07
N VAL O 169 -19.65 88.75 -47.94
CA VAL O 169 -20.77 88.61 -47.01
C VAL O 169 -20.51 89.56 -45.86
N LYS O 170 -21.23 90.67 -45.82
CA LYS O 170 -21.05 91.71 -44.81
C LYS O 170 -22.31 91.82 -43.97
N GLY O 171 -22.13 92.11 -42.68
CA GLY O 171 -23.25 92.32 -41.79
C GLY O 171 -23.86 91.01 -41.30
N TYR O 172 -23.02 90.16 -40.70
CA TYR O 172 -23.45 88.86 -40.20
C TYR O 172 -23.25 88.81 -38.69
N PHE O 173 -24.12 88.04 -38.04
CA PHE O 173 -24.05 87.85 -36.59
C PHE O 173 -24.76 86.55 -36.22
N PRO O 174 -24.06 85.60 -35.58
CA PRO O 174 -22.64 85.64 -35.21
C PRO O 174 -21.78 84.79 -36.14
N GLU O 175 -20.50 84.66 -35.80
CA GLU O 175 -19.60 83.84 -36.57
C GLU O 175 -19.82 82.36 -36.24
N PRO O 176 -19.64 81.46 -37.23
CA PRO O 176 -19.30 81.64 -38.65
C PRO O 176 -20.43 81.24 -39.59
N VAL O 177 -20.17 81.40 -40.89
CA VAL O 177 -21.11 81.01 -41.93
C VAL O 177 -20.41 80.04 -42.87
N THR O 178 -21.21 79.29 -43.63
CA THR O 178 -20.72 78.31 -44.58
C THR O 178 -20.89 78.90 -45.98
N VAL O 179 -19.77 79.19 -46.64
CA VAL O 179 -19.75 79.79 -47.96
C VAL O 179 -19.21 78.77 -48.94
N THR O 180 -20.04 78.33 -49.88
CA THR O 180 -19.66 77.38 -50.90
C THR O 180 -19.93 77.96 -52.28
N TRP O 181 -19.40 77.29 -53.30
CA TRP O 181 -19.55 77.71 -54.70
C TRP O 181 -20.29 76.62 -55.46
N ASN O 182 -21.53 76.93 -55.87
CA ASN O 182 -22.41 76.03 -56.63
C ASN O 182 -22.65 74.71 -55.90
N SER O 183 -23.03 74.82 -54.62
CA SER O 183 -23.36 73.69 -53.73
C SER O 183 -22.21 72.70 -53.61
N GLY O 184 -20.98 73.23 -53.52
CA GLY O 184 -19.81 72.39 -53.36
C GLY O 184 -19.33 71.69 -54.62
N SER O 185 -19.88 72.02 -55.78
CA SER O 185 -19.44 71.38 -57.01
C SER O 185 -18.17 72.03 -57.56
N LEU O 186 -18.10 73.37 -57.53
CA LEU O 186 -16.94 74.10 -58.01
C LEU O 186 -15.97 74.25 -56.84
N SER O 187 -14.92 73.43 -56.84
CA SER O 187 -13.92 73.44 -55.77
C SER O 187 -12.51 73.61 -56.34
N SER O 188 -12.39 74.26 -57.49
CA SER O 188 -11.10 74.47 -58.13
C SER O 188 -10.64 75.90 -57.83
N GLY O 189 -9.60 76.04 -57.01
CA GLY O 189 -9.05 77.34 -56.70
C GLY O 189 -9.92 78.18 -55.79
N VAL O 190 -10.59 77.55 -54.82
CA VAL O 190 -11.46 78.28 -53.90
C VAL O 190 -10.61 78.86 -52.78
N HIS O 191 -10.52 80.19 -52.74
CA HIS O 191 -9.73 80.90 -51.73
C HIS O 191 -10.70 81.69 -50.85
N THR O 192 -11.23 81.02 -49.83
CA THR O 192 -12.15 81.67 -48.89
C THR O 192 -11.36 82.36 -47.79
N PHE O 193 -11.61 83.65 -47.60
CA PHE O 193 -10.89 84.39 -46.58
C PHE O 193 -11.65 84.36 -45.26
N PRO O 194 -10.95 84.54 -44.14
CA PRO O 194 -11.64 84.56 -42.85
C PRO O 194 -12.42 85.84 -42.64
N ALA O 195 -13.30 85.81 -41.65
CA ALA O 195 -14.16 86.94 -41.33
C ALA O 195 -13.51 87.85 -40.30
N VAL O 196 -13.87 89.13 -40.36
CA VAL O 196 -13.42 90.14 -39.41
C VAL O 196 -14.65 90.74 -38.74
N LEU O 197 -14.43 91.41 -37.61
CA LEU O 197 -15.49 91.97 -36.81
C LEU O 197 -15.38 93.48 -36.78
N GLN O 198 -16.50 94.17 -37.01
CA GLN O 198 -16.56 95.62 -36.99
C GLN O 198 -17.97 96.03 -36.58
N SER O 199 -18.07 96.75 -35.45
CA SER O 199 -19.34 97.22 -34.88
C SER O 199 -20.32 96.06 -34.64
N ASP O 200 -19.77 94.95 -34.10
CA ASP O 200 -20.47 93.67 -33.91
C ASP O 200 -21.08 93.15 -35.21
N LEU O 201 -20.37 93.34 -36.33
CA LEU O 201 -20.80 92.87 -37.63
C LEU O 201 -19.67 92.09 -38.28
N TYR O 202 -19.98 90.90 -38.80
CA TYR O 202 -19.00 90.06 -39.44
C TYR O 202 -18.90 90.37 -40.92
N THR O 203 -17.67 90.43 -41.42
CA THR O 203 -17.40 90.67 -42.83
C THR O 203 -16.43 89.60 -43.33
N LEU O 204 -16.88 88.81 -44.29
CA LEU O 204 -16.08 87.73 -44.85
C LEU O 204 -16.05 87.84 -46.37
N SER O 205 -15.01 87.28 -46.97
CA SER O 205 -14.85 87.27 -48.41
C SER O 205 -14.48 85.87 -48.88
N SER O 206 -15.02 85.49 -50.03
CA SER O 206 -14.73 84.20 -50.65
C SER O 206 -14.34 84.44 -52.10
N SER O 207 -13.36 83.67 -52.58
CA SER O 207 -12.86 83.84 -53.93
C SER O 207 -12.80 82.49 -54.62
N VAL O 208 -13.19 82.47 -55.90
CA VAL O 208 -13.18 81.27 -56.72
C VAL O 208 -12.44 81.57 -58.01
N THR O 209 -11.78 80.55 -58.55
CA THR O 209 -10.99 80.67 -59.78
C THR O 209 -11.58 79.70 -60.81
N VAL O 210 -12.36 80.22 -61.74
CA VAL O 210 -12.98 79.41 -62.78
C VAL O 210 -12.24 79.61 -64.09
N PRO O 211 -12.59 78.91 -65.16
CA PRO O 211 -11.90 79.11 -66.44
C PRO O 211 -12.38 80.38 -67.13
N SER O 212 -11.60 80.80 -68.14
CA SER O 212 -11.95 81.99 -68.89
C SER O 212 -13.13 81.74 -69.83
N SER O 213 -13.28 80.51 -70.32
CA SER O 213 -14.40 80.16 -71.18
C SER O 213 -15.63 79.73 -70.39
N THR O 214 -15.47 79.40 -69.10
CA THR O 214 -16.63 79.01 -68.29
C THR O 214 -17.47 80.22 -67.90
N TRP O 215 -16.82 81.38 -67.72
CA TRP O 215 -17.54 82.60 -67.38
C TRP O 215 -17.56 83.54 -68.57
N PRO O 216 -18.72 84.11 -68.93
CA PRO O 216 -20.02 83.94 -68.28
C PRO O 216 -20.89 82.89 -68.99
N SER O 217 -20.28 81.79 -69.42
CA SER O 217 -21.03 80.73 -70.09
C SER O 217 -21.71 79.80 -69.09
N GLU O 218 -21.07 79.57 -67.94
CA GLU O 218 -21.60 78.68 -66.91
C GLU O 218 -21.95 79.48 -65.67
N THR O 219 -23.03 79.09 -64.99
CA THR O 219 -23.48 79.81 -63.81
C THR O 219 -22.69 79.36 -62.58
N VAL O 220 -21.94 80.28 -62.01
CA VAL O 220 -21.20 80.05 -60.77
C VAL O 220 -21.86 80.88 -59.69
N THR O 221 -22.63 80.21 -58.82
CA THR O 221 -23.43 80.88 -57.80
C THR O 221 -22.85 80.53 -56.43
N CYS O 222 -22.57 81.57 -55.65
CA CYS O 222 -22.06 81.38 -54.29
C CYS O 222 -23.23 81.28 -53.31
N ASN O 223 -23.19 80.26 -52.46
CA ASN O 223 -24.22 80.00 -51.47
C ASN O 223 -23.63 80.24 -50.09
N VAL O 224 -24.21 81.20 -49.36
CA VAL O 224 -23.77 81.54 -48.01
C VAL O 224 -24.89 81.19 -47.05
N ALA O 225 -24.60 80.31 -46.10
CA ALA O 225 -25.56 79.88 -45.08
C ALA O 225 -25.07 80.37 -43.72
N HIS O 226 -25.83 81.29 -43.13
CA HIS O 226 -25.55 81.78 -41.79
C HIS O 226 -26.30 80.91 -40.79
N PRO O 227 -25.62 80.15 -39.93
CA PRO O 227 -26.34 79.23 -39.03
C PRO O 227 -26.91 79.91 -37.80
N ALA O 228 -26.55 81.16 -37.53
CA ALA O 228 -27.12 81.86 -36.38
C ALA O 228 -28.57 82.26 -36.66
N SER O 229 -28.85 82.71 -37.88
CA SER O 229 -30.22 82.97 -38.32
C SER O 229 -30.68 81.98 -39.37
N SER O 230 -29.83 81.02 -39.76
CA SER O 230 -30.10 80.01 -40.79
C SER O 230 -30.49 80.66 -42.12
N THR O 231 -29.81 81.74 -42.46
CA THR O 231 -30.11 82.51 -43.67
C THR O 231 -29.30 81.97 -44.82
N LYS O 232 -29.99 81.49 -45.86
CA LYS O 232 -29.35 80.94 -47.05
C LYS O 232 -29.50 81.94 -48.18
N VAL O 233 -28.38 82.49 -48.65
CA VAL O 233 -28.36 83.48 -49.72
C VAL O 233 -27.54 82.93 -50.88
N ASP O 234 -28.16 82.89 -52.06
CA ASP O 234 -27.50 82.46 -53.28
C ASP O 234 -27.30 83.65 -54.19
N LYS O 235 -26.05 83.89 -54.59
CA LYS O 235 -25.70 85.04 -55.43
C LYS O 235 -24.90 84.54 -56.62
N LYS O 236 -25.47 84.69 -57.81
CA LYS O 236 -24.81 84.27 -59.04
C LYS O 236 -23.82 85.33 -59.51
C1 NAG P . -44.77 16.61 -30.71
C2 NAG P . -43.86 17.34 -29.77
C3 NAG P . -44.70 18.28 -28.87
C4 NAG P . -46.03 18.72 -29.51
C5 NAG P . -46.06 18.66 -31.06
C6 NAG P . -45.56 19.92 -31.73
C7 NAG P . -41.84 16.77 -28.51
C8 NAG P . -41.14 15.73 -27.69
N2 NAG P . -43.06 16.45 -28.95
O3 NAG P . -43.92 19.43 -28.52
O4 NAG P . -47.13 18.07 -28.87
O5 NAG P . -45.35 17.54 -31.63
O6 NAG P . -46.61 20.63 -32.37
O7 NAG P . -41.32 17.84 -28.76
C1 NAG P . -48.20 17.43 -29.65
C2 NAG P . -48.93 16.39 -28.79
C3 NAG P . -50.04 15.69 -29.60
C4 NAG P . -50.96 16.71 -30.27
C5 NAG P . -50.14 17.76 -31.03
C6 NAG P . -51.00 18.87 -31.60
C7 NAG P . -47.24 14.53 -28.75
C8 NAG P . -46.44 13.66 -27.83
N2 NAG P . -48.05 15.43 -28.15
O3 NAG P . -50.77 14.83 -28.74
O4 NAG P . -51.80 16.05 -31.20
O5 NAG P . -49.17 18.37 -30.19
O6 NAG P . -51.52 18.53 -32.87
O7 NAG P . -47.16 14.41 -29.98
C1 BMA P . -53.16 15.94 -30.72
C2 BMA P . -54.11 16.45 -31.82
C3 BMA P . -55.58 16.12 -31.45
C4 BMA P . -55.75 14.65 -31.01
C5 BMA P . -54.77 14.34 -29.87
C6 BMA P . -54.84 12.91 -29.39
O2 BMA P . -53.85 15.81 -33.06
O3 BMA P . -56.45 16.40 -32.52
O4 BMA P . -57.07 14.43 -30.57
O5 BMA P . -53.43 14.58 -30.35
O6 BMA P . -53.95 12.75 -28.30
C1 NAG Q . -24.20 -4.35 -57.51
C2 NAG Q . -24.34 -5.85 -57.74
C3 NAG Q . -23.44 -6.63 -56.78
C4 NAG Q . -22.00 -6.11 -56.84
C5 NAG Q . -21.96 -4.59 -56.70
C6 NAG Q . -20.59 -3.99 -56.95
C7 NAG Q . -26.56 -6.41 -58.63
C8 NAG Q . -27.96 -6.85 -58.28
N2 NAG Q . -25.72 -6.27 -57.59
O3 NAG Q . -23.47 -8.01 -57.09
O4 NAG Q . -21.25 -6.72 -55.78
O5 NAG Q . -22.84 -3.98 -57.65
O6 NAG Q . -19.93 -4.65 -58.03
O7 NAG Q . -26.22 -6.18 -59.78
C1 NAG Q . -20.20 -7.55 -56.30
C2 NAG Q . -19.03 -7.49 -55.33
C3 NAG Q . -17.86 -8.32 -55.86
C4 NAG Q . -18.30 -9.75 -56.22
C5 NAG Q . -19.58 -9.75 -57.06
C6 NAG Q . -20.18 -11.12 -57.22
C7 NAG Q . -18.95 -5.42 -54.01
C8 NAG Q . -18.42 -4.03 -53.93
N2 NAG Q . -18.60 -6.12 -55.10
O3 NAG Q . -16.83 -8.36 -54.88
O4 NAG Q . -17.26 -10.34 -57.00
O5 NAG Q . -20.60 -8.91 -56.47
O6 NAG Q . -19.46 -11.91 -58.15
O7 NAG Q . -19.66 -5.90 -53.13
C1 BMA Q . -16.60 -11.49 -56.42
C2 BMA Q . -15.17 -11.07 -55.94
C3 BMA Q . -14.45 -12.32 -55.38
C4 BMA Q . -15.31 -13.07 -54.34
C5 BMA Q . -16.73 -13.34 -54.89
C6 BMA Q . -17.66 -13.99 -53.89
O2 BMA Q . -15.23 -10.15 -54.86
O3 BMA Q . -13.18 -11.98 -54.82
O4 BMA Q . -14.69 -14.31 -54.01
O5 BMA Q . -17.32 -12.08 -55.32
O6 BMA Q . -17.23 -15.34 -53.70
C1 NAG R . -53.66 -4.23 -33.36
C2 NAG R . -54.22 -5.19 -31.98
C3 NAG R . -55.53 -4.69 -31.40
C4 NAG R . -55.35 -3.29 -30.83
C5 NAG R . -54.14 -2.62 -31.46
C6 NAG R . -52.86 -3.02 -30.71
C7 NAG R . -54.81 -7.03 -33.43
C8 NAG R . -56.25 -7.43 -33.37
N2 NAG R . -54.28 -6.60 -32.29
O3 NAG R . -55.98 -5.57 -30.37
O4 NAG R . -56.52 -2.51 -31.07
O5 NAG R . -54.08 -2.94 -32.87
O6 NAG R . -52.15 -1.85 -30.31
O7 NAG R . -54.15 -7.12 -34.46
C1 NAG R . -56.99 -2.00 -29.81
C2 NAG R . -57.50 -0.57 -29.98
C3 NAG R . -57.98 -0.01 -28.64
C4 NAG R . -58.93 -0.99 -27.95
C5 NAG R . -58.34 -2.40 -27.92
C6 NAG R . -59.33 -3.39 -27.31
C7 NAG R . -56.26 1.50 -30.08
C8 NAG R . -54.83 1.92 -29.90
N2 NAG R . -56.45 0.26 -30.51
O3 NAG R . -58.66 1.23 -28.87
O4 NAG R . -59.18 -0.55 -26.61
O5 NAG R . -58.02 -2.81 -29.24
O6 NAG R . -58.97 -4.72 -27.69
O7 NAG R . -57.18 2.26 -29.86
C1 NAG S . 5.28 -3.37 -18.27
C2 NAG S . 4.01 -3.49 -17.43
C3 NAG S . 3.97 -4.86 -16.74
C4 NAG S . 4.13 -5.99 -17.74
C5 NAG S . 5.36 -5.78 -18.65
C6 NAG S . 5.41 -6.75 -19.81
C7 NAG S . 2.74 -1.86 -16.12
C8 NAG S . 2.82 -0.78 -15.09
N2 NAG S . 3.91 -2.42 -16.46
O3 NAG S . 2.75 -5.00 -16.03
O4 NAG S . 4.16 -7.25 -17.07
O5 NAG S . 5.33 -4.46 -19.23
O6 NAG S . 6.73 -6.86 -20.32
O7 NAG S . 1.68 -2.23 -16.60
C1 NAG S . 5.32 -7.51 -16.24
C2 NAG S . 4.91 -8.02 -14.85
C3 NAG S . 6.16 -8.40 -14.03
C4 NAG S . 7.02 -9.39 -14.80
C5 NAG S . 7.36 -8.83 -16.18
C6 NAG S . 8.12 -9.81 -17.04
C7 NAG S . 3.16 -7.33 -13.28
C8 NAG S . 2.44 -6.16 -12.64
N2 NAG S . 4.13 -7.02 -14.14
O3 NAG S . 5.76 -8.97 -12.79
O4 NAG S . 8.21 -9.67 -14.08
O5 NAG S . 6.16 -8.50 -16.89
O6 NAG S . 9.21 -9.19 -17.72
O7 NAG S . 2.85 -8.49 -13.03
C1 NAG T . 67.26 39.50 -2.87
C2 NAG T . 68.57 38.76 -2.63
C3 NAG T . 68.75 37.66 -3.69
C4 NAG T . 67.46 36.93 -4.06
C5 NAG T . 66.16 37.37 -3.35
C6 NAG T . 65.66 36.33 -2.36
C7 NAG T . 70.23 40.43 -3.53
C8 NAG T . 71.44 41.22 -3.16
N2 NAG T . 69.73 39.64 -2.56
O3 NAG T . 69.72 36.73 -3.22
O4 NAG T . 67.23 37.03 -5.46
O5 NAG T . 66.20 38.62 -2.64
O6 NAG T . 65.80 35.02 -2.88
O7 NAG T . 69.72 40.52 -4.65
C1 NAG T . 67.32 35.71 -6.05
C2 NAG T . 65.99 35.34 -6.70
C3 NAG T . 66.10 33.95 -7.34
C4 NAG T . 67.28 33.90 -8.31
C5 NAG T . 68.57 34.38 -7.65
C6 NAG T . 69.70 34.56 -8.63
C7 NAG T . 63.84 36.20 -5.89
C8 NAG T . 62.81 36.12 -4.80
N2 NAG T . 64.90 35.38 -5.75
O3 NAG T . 64.88 33.66 -8.03
O4 NAG T . 67.44 32.57 -8.83
O5 NAG T . 68.37 35.67 -7.04
O6 NAG T . 69.51 33.76 -9.79
O7 NAG T . 63.73 36.96 -6.84
C1 BMA T . 67.72 31.56 -7.84
C2 BMA T . 66.77 30.34 -8.04
C3 BMA T . 67.15 29.20 -7.08
C4 BMA T . 68.66 28.88 -7.12
C5 BMA T . 69.47 30.17 -6.89
C6 BMA T . 70.96 29.96 -6.99
O2 BMA T . 66.87 29.84 -9.36
O3 BMA T . 66.40 28.02 -7.36
O4 BMA T . 68.98 27.93 -6.12
O5 BMA T . 69.08 31.13 -7.90
O6 BMA T . 71.29 29.70 -8.35
C1 NAG U . 48.14 21.63 -5.20
C2 NAG U . 49.55 22.23 -5.01
C3 NAG U . 50.22 21.66 -3.75
C4 NAG U . 50.13 20.13 -3.72
C5 NAG U . 48.70 19.66 -4.01
C6 NAG U . 48.15 18.74 -2.95
C7 NAG U . 51.03 23.00 -6.81
C8 NAG U . 51.84 22.61 -8.00
N2 NAG U . 50.39 22.02 -6.18
O3 NAG U . 49.61 22.20 -2.59
O4 NAG U . 51.02 19.57 -4.69
O5 NAG U . 47.82 20.79 -4.09
O6 NAG U . 47.35 17.71 -3.52
O7 NAG U . 50.96 24.18 -6.44
C1 NAG U . 52.36 19.48 -4.15
C2 NAG U . 53.00 18.16 -4.59
C3 NAG U . 54.45 18.06 -4.09
C4 NAG U . 55.25 19.29 -4.48
C5 NAG U . 54.52 20.57 -4.04
C6 NAG U . 55.19 21.84 -4.51
C7 NAG U . 51.91 16.59 -2.95
C8 NAG U . 51.09 15.33 -2.86
N2 NAG U . 52.22 16.98 -4.20
O3 NAG U . 55.07 16.89 -4.64
O4 NAG U . 56.53 19.25 -3.84
O5 NAG U . 53.19 20.58 -4.58
O6 NAG U . 55.68 21.71 -5.83
O7 NAG U . 52.27 17.19 -1.94
C1 BMA U . 57.62 19.09 -4.78
C2 BMA U . 58.92 18.86 -3.95
C3 BMA U . 60.09 18.53 -4.86
C4 BMA U . 59.74 17.44 -5.91
C5 BMA U . 58.46 17.84 -6.67
C6 BMA U . 58.02 16.80 -7.68
O2 BMA U . 58.76 17.76 -3.06
O3 BMA U . 61.25 18.14 -4.13
O4 BMA U . 60.80 17.27 -6.82
O5 BMA U . 57.40 18.02 -5.69
O6 BMA U . 57.19 17.44 -8.64
C1 NAG V . 35.70 11.74 21.46
C2 NAG V . 34.63 11.05 22.29
C3 NAG V . 34.28 9.70 21.67
C4 NAG V . 33.95 9.84 20.17
C5 NAG V . 34.95 10.75 19.43
C6 NAG V . 34.49 11.12 18.04
C7 NAG V . 34.27 11.26 24.71
C8 NAG V . 34.86 11.03 26.07
N2 NAG V . 35.04 10.90 23.67
O3 NAG V . 33.18 9.11 22.35
O4 NAG V . 33.78 8.59 19.49
O5 NAG V . 35.20 11.97 20.14
O6 NAG V . 35.51 11.79 17.32
O7 NAG V . 33.16 11.75 24.55
C1 NAG V . 34.45 7.26 19.64
C2 NAG V . 36.01 7.31 19.45
C3 NAG V . 36.71 6.48 20.52
C4 NAG V . 36.07 5.11 20.65
C5 NAG V . 34.58 5.23 21.00
C6 NAG V . 34.25 4.74 22.38
C7 NAG V . 37.37 7.41 17.41
C8 NAG V . 37.62 6.80 16.06
N2 NAG V . 36.38 6.85 18.12
O3 NAG V . 36.65 7.17 21.76
O4 NAG V . 36.22 4.42 19.40
O5 NAG V . 34.15 6.59 20.93
O6 NAG V . 35.37 4.87 23.25
O7 NAG V . 38.04 8.34 17.83
C1 BMA V . 35.83 3.04 19.47
C2 BMA V . 35.06 2.73 18.16
C3 BMA V . 34.77 1.22 18.06
C4 BMA V . 36.01 0.36 18.33
C5 BMA V . 36.64 0.76 19.69
C6 BMA V . 37.91 -0.01 20.01
O2 BMA V . 35.83 3.07 17.03
O3 BMA V . 34.21 0.89 16.79
O4 BMA V . 35.67 -1.02 18.36
O5 BMA V . 36.96 2.18 19.64
O6 BMA V . 38.34 0.38 21.31
C1 NAG W . -5.95 15.91 1.39
C2 NAG W . -6.85 17.07 1.88
C3 NAG W . -8.17 16.57 2.54
C4 NAG W . -8.21 15.06 2.76
C5 NAG W . -7.57 14.20 1.64
C6 NAG W . -8.60 13.50 0.79
C7 NAG W . -5.56 18.27 3.79
C8 NAG W . -5.39 17.04 4.66
N2 NAG W . -6.20 18.17 2.59
O3 NAG W . -9.27 16.98 1.74
O4 NAG W . -7.60 14.73 4.00
O5 NAG W . -6.74 14.96 0.75
O6 NAG W . -9.20 12.40 1.46
O7 NAG W . -5.11 19.34 4.16
C1 NAG W . -8.23 13.62 4.64
C2 NAG W . -7.15 12.80 5.35
C3 NAG W . -7.39 12.75 6.87
C4 NAG W . -8.81 12.30 7.20
C5 NAG W . -9.84 12.97 6.31
C6 NAG W . -11.00 13.56 7.06
C7 NAG W . -5.92 10.79 4.67
C8 NAG W . -6.03 9.41 4.10
N2 NAG W . -7.07 11.45 4.80
O3 NAG W . -7.14 14.04 7.43
O4 NAG W . -8.92 10.88 7.06
O5 NAG W . -9.21 14.05 5.60
O6 NAG W . -11.62 12.59 7.90
O7 NAG W . -4.84 11.26 5.02
OAA ZK1 X . -26.93 -32.97 9.68
OAB ZK1 X . -24.53 -34.32 9.38
OAC ZK1 X . -22.05 -36.92 12.48
OAD ZK1 X . -23.39 -34.85 12.51
OAE ZK1 X . -21.78 -35.25 10.70
FAF ZK1 X . -29.11 -38.36 15.32
FAG ZK1 X . -30.50 -37.23 14.01
FAH ZK1 X . -29.99 -39.32 13.51
CAI ZK1 X . -26.14 -37.79 12.22
CAJ ZK1 X . -28.53 -36.42 12.51
CAK ZK1 X . -25.11 -40.74 14.98
CAL ZK1 X . -26.07 -41.88 13.14
CAM ZK1 X . -26.18 -39.63 14.93
CAN ZK1 X . -27.19 -40.84 12.98
CAO ZK1 X . -24.08 -36.74 10.62
NAP ZK1 X . -27.70 -34.71 11.09
OAQ ZK1 X . -25.59 -41.95 14.46
CAR ZK1 X . -27.13 -38.33 13.02
CAS ZK1 X . -28.35 -37.63 13.17
CAT ZK1 X . -26.73 -34.20 10.33
CAU ZK1 X . -25.53 -34.88 10.18
CAV ZK1 X . -27.51 -35.88 11.72
CAW ZK1 X . -26.32 -36.55 11.56
NAX ZK1 X . -26.85 -39.60 13.66
NAY ZK1 X . -25.34 -36.04 10.79
CAZ ZK1 X . -29.51 -38.16 14.03
PBA ZK1 X . -22.76 -35.90 11.63
C1 NAG Y . -39.05 -18.20 -21.57
C2 NAG Y . -40.23 -17.82 -20.64
C3 NAG Y . -40.49 -18.92 -19.62
C4 NAG Y . -40.67 -20.28 -20.31
C5 NAG Y . -39.43 -20.56 -21.16
C6 NAG Y . -39.49 -21.88 -21.89
C7 NAG Y . -40.65 -15.43 -20.27
C8 NAG Y . -40.27 -14.21 -19.49
N2 NAG Y . -39.98 -16.55 -19.98
O3 NAG Y . -41.66 -18.61 -18.87
O4 NAG Y . -40.81 -21.31 -19.33
O5 NAG Y . -39.27 -19.52 -22.14
O6 NAG Y . -39.21 -22.97 -21.03
O7 NAG Y . -41.52 -15.41 -21.14
OAA ZK1 Z . 26.64 -33.55 20.31
OAB ZK1 Z . 28.19 -35.65 21.25
OAC ZK1 Z . 27.95 -38.75 24.72
OAD ZK1 Z . 26.86 -36.54 24.60
OAE ZK1 Z . 29.12 -36.86 23.67
FAF ZK1 Z . 20.04 -37.46 23.01
FAG ZK1 Z . 20.11 -35.88 21.47
FAH ZK1 Z . 20.10 -38.01 20.85
CAI ZK1 Z . 24.23 -38.10 22.26
CAJ ZK1 Z . 22.70 -35.99 21.32
CAK ZK1 Z . 20.96 -40.44 24.67
CAL ZK1 Z . 20.73 -41.34 22.43
CAM ZK1 Z . 22.14 -39.57 24.25
CAN ZK1 Z . 21.91 -40.49 21.93
CAO ZK1 Z . 27.03 -37.96 22.24
NAP ZK1 Z . 24.70 -34.79 20.82
OAQ ZK1 Z . 20.68 -41.54 23.82
CAR ZK1 Z . 22.85 -38.19 22.28
CAS ZK1 Z . 22.07 -37.12 21.81
CAT ZK1 Z . 26.02 -34.71 20.81
CAU ZK1 Z . 26.80 -35.76 21.27
CAV ZK1 Z . 24.11 -35.90 21.30
CAW ZK1 Z . 24.87 -36.94 21.77
NAX ZK1 Z . 22.28 -39.42 22.82
NAY ZK1 Z . 26.22 -36.86 21.75
CAZ ZK1 Z . 20.54 -37.13 21.79
PBA ZK1 Z . 27.78 -37.51 23.89
C1 NAG AA . 10.53 -11.51 -48.36
C2 NAG AA . 10.74 -12.89 -48.96
C3 NAG AA . 12.15 -13.39 -48.64
C4 NAG AA . 13.20 -12.38 -49.08
C5 NAG AA . 12.90 -11.01 -48.49
C6 NAG AA . 13.83 -9.92 -48.99
C7 NAG AA . 8.64 -14.13 -49.17
C8 NAG AA . 7.71 -15.12 -48.52
N2 NAG AA . 9.74 -13.83 -48.47
O3 NAG AA . 12.37 -14.64 -49.28
O4 NAG AA . 14.50 -12.80 -48.66
O5 NAG AA . 11.57 -10.61 -48.83
O6 NAG AA . 14.05 -10.04 -50.39
O7 NAG AA . 8.39 -13.62 -50.25
OAA ZK1 BA . 16.31 -9.73 36.45
OAB ZK1 BA . 13.76 -9.06 37.35
OAC ZK1 BA . 10.39 -11.29 39.71
OAD ZK1 BA . 12.16 -12.16 38.22
OAE ZK1 BA . 11.04 -10.02 37.70
FAF ZK1 BA . 17.19 -14.91 42.42
FAG ZK1 BA . 18.84 -13.57 41.76
FAH ZK1 BA . 17.80 -13.15 43.67
CAI ZK1 BA . 14.54 -11.60 41.31
CAJ ZK1 BA . 17.07 -12.25 40.38
CAK ZK1 BA . 13.60 -14.51 44.80
CAL ZK1 BA . 14.26 -12.50 45.78
CAM ZK1 BA . 14.22 -14.18 43.44
CAN ZK1 BA . 14.94 -11.98 44.51
CAO ZK1 BA . 12.83 -9.98 39.78
NAP ZK1 BA . 16.65 -10.97 38.43
OAQ ZK1 BA . 14.29 -13.89 45.86
CAR ZK1 BA . 15.37 -12.41 42.09
CAS ZK1 BA . 16.65 -12.73 41.62
CAT ZK1 BA . 15.86 -10.21 37.69
CAU ZK1 BA . 14.59 -9.88 38.14
CAV ZK1 BA . 16.22 -11.44 39.61
CAW ZK1 BA . 14.96 -11.11 40.06
NAX ZK1 BA . 14.84 -12.87 43.37
NAY ZK1 BA . 14.16 -10.32 39.32
CAZ ZK1 BA . 17.64 -13.61 42.39
PBA ZK1 BA . 11.55 -10.91 38.81
OAA ZK1 CA . -37.26 -13.15 29.50
OAB ZK1 CA . -39.21 -13.45 31.44
OAC ZK1 CA . -39.70 -16.56 34.99
OAD ZK1 CA . -38.82 -16.65 32.69
OAE ZK1 CA . -40.90 -15.40 33.18
FAF ZK1 CA . -31.81 -16.37 34.31
FAG ZK1 CA . -31.36 -14.63 33.01
FAH ZK1 CA . -31.59 -14.31 35.19
CAI ZK1 CA . -35.84 -14.71 34.58
CAJ ZK1 CA . -33.91 -14.40 32.60
CAK ZK1 CA . -33.37 -17.07 37.87
CAL ZK1 CA . -33.29 -14.80 38.49
CAM ZK1 CA . -34.10 -16.78 36.55
CAN ZK1 CA . -34.05 -14.34 37.25
CAO ZK1 CA . -38.55 -14.24 34.02
NAP ZK1 CA . -35.62 -13.78 31.07
OAQ ZK1 CA . -32.55 -15.99 38.25
CAR ZK1 CA . -34.50 -14.95 34.87
CAS ZK1 CA . -33.53 -14.79 33.88
CAT ZK1 CA . -36.89 -13.55 30.79
CAU ZK1 CA . -37.86 -13.71 31.77
CAV ZK1 CA . -35.26 -14.16 32.31
CAW ZK1 CA . -36.23 -14.31 33.27
NAX ZK1 CA . -34.20 -15.36 36.24
NAY ZK1 CA . -37.53 -14.08 32.99
CAZ ZK1 CA . -32.04 -15.03 34.12
PBA ZK1 CA . -39.54 -15.78 33.70
C1 NAG DA . -8.68 45.32 13.41
C2 NAG DA . -9.07 45.82 14.80
C3 NAG DA . -10.57 45.69 15.00
C4 NAG DA . -11.34 46.37 13.87
C5 NAG DA . -10.87 45.85 12.52
C6 NAG DA . -11.50 46.57 11.35
C7 NAG DA . -7.25 45.61 16.43
C8 NAG DA . -6.63 44.75 17.49
N2 NAG DA . -8.34 45.12 15.83
O3 NAG DA . -10.94 46.26 16.26
O4 NAG DA . -12.74 46.13 14.01
O5 NAG DA . -9.45 46.02 12.40
O6 NAG DA . -11.62 47.96 11.61
O7 NAG DA . -6.79 46.71 16.14
#